data_6U0T
#
_entry.id   6U0T
#
_cell.length_a   1.00
_cell.length_b   1.00
_cell.length_c   1.00
_cell.angle_alpha   90.00
_cell.angle_beta   90.00
_cell.angle_gamma   90.00
#
_symmetry.space_group_name_H-M   'P 1'
#
loop_
_entity.id
_entity.type
_entity.pdbx_description
1 polymer 'Tubulin alpha chain'
2 polymer 'Tubulin beta chain'
3 polymer 'RIB43A protein'
4 non-polymer "GUANOSINE-5'-TRIPHOSPHATE"
5 non-polymer 'MAGNESIUM ION'
6 non-polymer "GUANOSINE-5'-DIPHOSPHATE"
#
loop_
_entity_poly.entity_id
_entity_poly.type
_entity_poly.pdbx_seq_one_letter_code
_entity_poly.pdbx_strand_id
1 'polypeptide(L)'
;MREVISIHVGQGGIQVGNACWELFCLEHGIQPDGQMPSDKTIGGGDDAFNTFFSETGAGKHVPRAVFLDLEPTVIDEVRT
GTYRQLFHPEQLISGKEDAANNFARGHYTIGKEIVDLCLDRIRKLADNCTGLQGFLVFNSVGGGTGSGLGSLLLERLSVD
YGKKSKLGFTIYPSPQVSTAVVEPYNSILSTHSLLEHTDVAVMLDNEAIYDICRRNLDIERPTYTNLNRLIAQVISSLTA
SLRFDGALNVDITEFQTNLVPYPRIHFMLSSYAPIISAEKAYHEQLSVAEITNSAFEPANMMAKCDPRHGKYMACSMMYR
GDVVPKDVNASIATIKTKRTIQFVDWCPTGFKVGINYQPPTVVPGGDLAKVMRAVCMISNSTAIAEVFSRLDHKFDLMYA
KRAFVHWYVGEGMEEGEFSEAREDLAALEKDYEEVGIETAEGEGEEEGY
;
C,D,E,F,G,H
2 'polypeptide(L)'
;MREIVHIQGGQCGNQIGAKFWEVISDEHGIDPTGTYHGDSDLQLERINVYYNEATGGRYVPRAILMDLEPGTMDSVRAGP
FGQLFRPDNFVFGQTGAGNNWAKGHYTEGAELIDSVLDVVRKEAEGCDCLQGFQITHSLGGGTGSGMGTLLISKVREEYP
DRIMETFSVVPSPKVSDTVVEPYNATLSVHQLVENADECMVIDNEALYDICFRTLKLTTPTYGDLNHLVSAAMSGVTCCL
RFPGQLNSDLRKLAVNLIPFPRLHFFMIGFAPLTSRGSQQYRALTVPELTQQMFDAKNMMCAADPRHGRYLTASALFRGR
MSTKEVDEQMLNVQNKNSSYFVEWIPNNIKSSICDIPPKGLKMAVTFVGNSTAIQEMFKRVAEQFTAMFRRKAFLHWYTG
EGMDEMEFTEAESNMNDLVSEYQQYQDATAEEEGEFEEEEGEN
;
B,I,J,K,L,M
3 'polypeptide(L)'
;MKRVKESYFREHPHWSDINGCSGAKEFEGEDLAYDARIKYQKETQKQWIEQQIREKKMREEAERNEERAYATQTLELNRM
RGMLEDDFNRKKASIRQAVKEENQQLDKQKRDLEKQSNNEKLNYERTEIDMVKTRGQKRPFP
;
A
#
loop_
_chem_comp.id
_chem_comp.type
_chem_comp.name
_chem_comp.formula
GDP RNA linking GUANOSINE-5'-DIPHOSPHATE 'C10 H15 N5 O11 P2'
GTP non-polymer GUANOSINE-5'-TRIPHOSPHATE 'C10 H16 N5 O14 P3'
MG non-polymer 'MAGNESIUM ION' 'Mg 2'
#
# COMPACT_ATOMS: atom_id res chain seq x y z
N MET A 1 -28.09 29.23 -14.02
CA MET A 1 -28.79 28.70 -12.85
C MET A 1 -28.80 29.72 -11.71
N ARG A 2 -29.12 30.97 -12.06
CA ARG A 2 -29.27 32.03 -11.07
C ARG A 2 -30.10 33.14 -11.73
N GLU A 3 -31.29 33.39 -11.19
CA GLU A 3 -32.24 34.27 -11.85
C GLU A 3 -33.13 34.92 -10.79
N VAL A 4 -33.91 35.91 -11.24
CA VAL A 4 -34.81 36.67 -10.39
C VAL A 4 -36.20 36.63 -11.01
N ILE A 5 -37.16 37.24 -10.30
CA ILE A 5 -38.52 37.40 -10.78
C ILE A 5 -38.95 38.83 -10.44
N SER A 6 -39.20 39.62 -11.48
CA SER A 6 -39.52 41.03 -11.31
C SER A 6 -41.02 41.23 -11.46
N ILE A 7 -41.64 41.85 -10.47
CA ILE A 7 -43.05 42.20 -10.51
C ILE A 7 -43.16 43.72 -10.64
N HIS A 8 -44.11 44.18 -11.45
CA HIS A 8 -44.36 45.60 -11.64
C HIS A 8 -45.84 45.86 -11.43
N VAL A 9 -46.24 46.04 -10.18
CA VAL A 9 -47.63 46.34 -9.88
C VAL A 9 -47.82 47.85 -9.94
N GLY A 10 -49.07 48.27 -10.00
CA GLY A 10 -49.39 49.67 -10.01
C GLY A 10 -49.14 50.35 -11.34
N GLN A 11 -48.96 51.66 -11.31
CA GLN A 11 -48.77 52.46 -12.52
C GLN A 11 -47.33 52.84 -12.77
N GLY A 12 -46.62 53.33 -11.74
CA GLY A 12 -45.23 53.68 -11.93
C GLY A 12 -44.39 52.44 -12.17
N GLY A 13 -44.78 51.35 -11.50
CA GLY A 13 -44.05 50.11 -11.65
C GLY A 13 -43.96 49.66 -13.09
N ILE A 14 -45.09 49.67 -13.81
CA ILE A 14 -45.07 49.20 -15.19
C ILE A 14 -44.24 50.13 -16.06
N GLN A 15 -44.19 51.43 -15.72
CA GLN A 15 -43.39 52.36 -16.50
C GLN A 15 -41.91 52.08 -16.33
N VAL A 16 -41.45 52.02 -15.08
CA VAL A 16 -40.03 51.75 -14.84
C VAL A 16 -39.67 50.36 -15.35
N GLY A 17 -40.63 49.43 -15.32
CA GLY A 17 -40.37 48.12 -15.90
C GLY A 17 -40.23 48.18 -17.41
N ASN A 18 -41.03 49.01 -18.06
CA ASN A 18 -40.87 49.20 -19.50
C ASN A 18 -39.47 49.69 -19.82
N ALA A 19 -39.02 50.73 -19.11
CA ALA A 19 -37.68 51.25 -19.35
C ALA A 19 -36.61 50.23 -19.02
N CYS A 20 -36.82 49.46 -17.95
CA CYS A 20 -35.81 48.50 -17.51
C CYS A 20 -35.70 47.32 -18.48
N TRP A 21 -36.83 46.86 -19.00
CA TRP A 21 -36.79 45.80 -20.00
C TRP A 21 -36.19 46.32 -21.30
N GLU A 22 -36.45 47.58 -21.64
CA GLU A 22 -35.75 48.19 -22.75
C GLU A 22 -34.24 48.06 -22.57
N LEU A 23 -33.74 48.50 -21.42
CA LEU A 23 -32.30 48.49 -21.18
C LEU A 23 -31.75 47.06 -21.19
N PHE A 24 -32.44 46.13 -20.52
CA PHE A 24 -31.96 44.75 -20.47
C PHE A 24 -31.91 44.13 -21.85
N CYS A 25 -33.01 44.21 -22.60
CA CYS A 25 -33.03 43.71 -23.96
C CYS A 25 -31.94 44.33 -24.81
N LEU A 26 -31.62 45.60 -24.59
CA LEU A 26 -30.67 46.26 -25.47
C LEU A 26 -29.23 45.93 -25.13
N GLU A 27 -28.91 45.70 -23.85
CA GLU A 27 -27.52 45.32 -23.56
C GLU A 27 -27.26 43.86 -23.91
N HIS A 28 -28.25 42.99 -23.69
CA HIS A 28 -28.08 41.56 -23.92
C HIS A 28 -28.13 41.18 -25.38
N GLY A 29 -28.11 42.15 -26.29
CA GLY A 29 -28.27 41.85 -27.70
C GLY A 29 -29.60 41.20 -28.03
N ILE A 30 -30.63 41.51 -27.27
CA ILE A 30 -31.95 40.94 -27.48
C ILE A 30 -32.81 41.94 -28.24
N GLN A 31 -33.33 41.52 -29.37
CA GLN A 31 -34.13 42.44 -30.15
C GLN A 31 -35.50 42.63 -29.50
N PRO A 32 -36.15 43.76 -29.78
CA PRO A 32 -37.51 43.96 -29.25
C PRO A 32 -38.51 42.94 -29.75
N ASP A 33 -38.16 42.14 -30.75
CA ASP A 33 -39.03 41.05 -31.18
C ASP A 33 -38.86 39.81 -30.31
N GLY A 34 -37.87 39.79 -29.44
CA GLY A 34 -37.58 38.61 -28.65
C GLY A 34 -36.57 37.67 -29.25
N GLN A 35 -36.03 37.99 -30.42
CA GLN A 35 -35.08 37.13 -31.12
C GLN A 35 -33.72 37.80 -31.14
N MET A 36 -32.70 37.08 -30.69
CA MET A 36 -31.34 37.54 -30.90
C MET A 36 -31.10 37.62 -32.41
N PRO A 37 -30.45 38.68 -32.91
CA PRO A 37 -30.32 38.85 -34.36
C PRO A 37 -29.67 37.65 -35.02
N ALA A 48 -25.91 35.07 -20.97
CA ALA A 48 -26.20 35.91 -19.83
C ALA A 48 -27.67 36.05 -19.50
N PHE A 49 -28.59 35.71 -20.41
CA PHE A 49 -29.99 36.05 -20.21
C PHE A 49 -30.73 35.06 -19.33
N ASN A 50 -30.09 34.00 -18.89
CA ASN A 50 -30.76 33.08 -17.97
C ASN A 50 -31.13 33.77 -16.66
N THR A 51 -30.47 34.89 -16.34
CA THR A 51 -30.82 35.61 -15.13
C THR A 51 -32.17 36.29 -15.25
N PHE A 52 -32.50 36.81 -16.44
CA PHE A 52 -33.73 37.54 -16.65
C PHE A 52 -34.65 36.87 -17.65
N PHE A 53 -34.14 36.57 -18.85
CA PHE A 53 -34.98 36.03 -19.89
C PHE A 53 -34.98 34.51 -19.83
N SER A 54 -35.69 33.89 -20.77
CA SER A 54 -35.74 32.44 -20.86
C SER A 54 -36.05 32.05 -22.30
N GLU A 55 -35.40 31.01 -22.78
CA GLU A 55 -35.62 30.56 -24.14
C GLU A 55 -36.86 29.69 -24.23
N THR A 56 -37.66 29.92 -25.27
CA THR A 56 -38.89 29.15 -25.49
C THR A 56 -38.59 27.84 -26.22
N GLY A 57 -37.62 27.10 -25.71
CA GLY A 57 -37.19 25.89 -26.40
C GLY A 57 -36.25 26.14 -27.55
N ALA A 58 -36.58 27.11 -28.40
CA ALA A 58 -35.74 27.48 -29.53
C ALA A 58 -36.28 28.77 -30.12
N GLY A 59 -35.40 29.52 -30.77
CA GLY A 59 -35.80 30.69 -31.53
C GLY A 59 -35.76 32.02 -30.80
N LYS A 60 -36.70 32.26 -29.89
CA LYS A 60 -36.87 33.57 -29.30
C LYS A 60 -36.80 33.49 -27.79
N HIS A 61 -36.62 34.65 -27.16
CA HIS A 61 -36.58 34.79 -25.71
C HIS A 61 -37.92 35.32 -25.22
N VAL A 62 -38.20 35.06 -23.94
CA VAL A 62 -39.35 35.65 -23.27
C VAL A 62 -38.90 36.11 -21.89
N PRO A 63 -39.42 37.22 -21.38
CA PRO A 63 -38.96 37.74 -20.10
C PRO A 63 -39.63 37.06 -18.91
N ARG A 64 -38.93 37.12 -17.78
CA ARG A 64 -39.47 36.67 -16.49
C ARG A 64 -40.05 37.88 -15.78
N ALA A 65 -41.36 38.06 -15.89
CA ALA A 65 -42.01 39.20 -15.27
C ALA A 65 -43.51 38.97 -15.22
N VAL A 66 -44.17 39.72 -14.34
CA VAL A 66 -45.62 39.82 -14.34
C VAL A 66 -45.98 41.29 -14.23
N PHE A 67 -46.93 41.73 -15.05
CA PHE A 67 -47.31 43.13 -15.15
C PHE A 67 -48.73 43.29 -14.66
N LEU A 68 -48.90 43.77 -13.44
CA LEU A 68 -50.23 43.95 -12.88
C LEU A 68 -50.69 45.38 -13.05
N ASP A 69 -51.99 45.54 -13.29
CA ASP A 69 -52.65 46.82 -13.11
C ASP A 69 -54.15 46.60 -13.15
N LEU A 70 -54.89 47.60 -12.71
CA LEU A 70 -56.34 47.57 -12.77
C LEU A 70 -56.90 48.54 -13.79
N GLU A 71 -56.18 49.60 -14.12
CA GLU A 71 -56.54 50.43 -15.26
C GLU A 71 -55.90 49.85 -16.51
N PRO A 72 -56.67 49.27 -17.42
CA PRO A 72 -56.08 48.61 -18.60
C PRO A 72 -55.34 49.55 -19.53
N THR A 73 -55.22 50.83 -19.15
CA THR A 73 -54.60 51.81 -20.03
C THR A 73 -53.16 51.45 -20.35
N VAL A 74 -52.30 51.36 -19.34
CA VAL A 74 -50.88 51.18 -19.59
C VAL A 74 -50.58 49.77 -20.08
N ILE A 75 -51.26 48.77 -19.54
CA ILE A 75 -51.04 47.41 -20.01
C ILE A 75 -51.47 47.28 -21.48
N ASP A 76 -52.51 47.99 -21.89
CA ASP A 76 -52.85 48.01 -23.30
C ASP A 76 -51.80 48.75 -24.11
N GLU A 77 -51.34 49.89 -23.60
CA GLU A 77 -50.33 50.66 -24.31
C GLU A 77 -49.05 49.86 -24.54
N VAL A 78 -48.73 48.95 -23.63
CA VAL A 78 -47.58 48.08 -23.86
C VAL A 78 -47.99 46.86 -24.68
N ARG A 79 -49.28 46.52 -24.68
CA ARG A 79 -49.76 45.40 -25.48
C ARG A 79 -49.73 45.72 -26.97
N THR A 80 -49.71 47.00 -27.34
CA THR A 80 -49.66 47.40 -28.74
C THR A 80 -48.56 48.43 -29.00
N GLY A 81 -47.61 48.56 -28.09
CA GLY A 81 -46.51 49.49 -28.26
C GLY A 81 -45.42 48.92 -29.15
N THR A 82 -44.16 49.08 -28.73
CA THR A 82 -43.04 48.53 -29.48
C THR A 82 -42.71 47.11 -29.08
N TYR A 83 -43.18 46.65 -27.92
CA TYR A 83 -42.86 45.33 -27.40
C TYR A 83 -44.08 44.41 -27.41
N ARG A 84 -45.02 44.65 -28.33
CA ARG A 84 -46.23 43.85 -28.39
C ARG A 84 -45.94 42.36 -28.54
N GLN A 85 -44.76 42.02 -29.04
CA GLN A 85 -44.40 40.63 -29.35
C GLN A 85 -43.22 40.15 -28.52
N LEU A 86 -43.15 40.55 -27.26
CA LEU A 86 -42.09 40.12 -26.36
C LEU A 86 -42.60 39.38 -25.15
N PHE A 87 -43.62 39.91 -24.47
CA PHE A 87 -44.10 39.31 -23.24
C PHE A 87 -45.15 38.25 -23.52
N HIS A 88 -45.17 37.24 -22.67
CA HIS A 88 -46.22 36.22 -22.73
C HIS A 88 -47.55 36.86 -22.37
N PRO A 89 -48.57 36.79 -23.23
CA PRO A 89 -49.81 37.54 -22.97
C PRO A 89 -50.55 37.11 -21.72
N GLU A 90 -50.06 36.11 -21.00
CA GLU A 90 -50.68 35.73 -19.73
C GLU A 90 -50.01 36.42 -18.55
N GLN A 91 -48.90 37.12 -18.78
CA GLN A 91 -48.20 37.84 -17.72
C GLN A 91 -48.62 39.29 -17.60
N LEU A 92 -49.60 39.73 -18.35
CA LEU A 92 -50.08 41.10 -18.32
C LEU A 92 -51.54 41.07 -17.85
N ILE A 93 -51.74 41.34 -16.57
CA ILE A 93 -53.04 41.19 -15.93
C ILE A 93 -53.63 42.58 -15.70
N SER A 94 -54.67 42.90 -16.47
CA SER A 94 -55.38 44.17 -16.35
C SER A 94 -56.83 43.87 -16.01
N GLY A 95 -57.31 44.46 -14.91
CA GLY A 95 -58.68 44.27 -14.48
C GLY A 95 -59.67 45.09 -15.29
N LYS A 96 -60.76 45.47 -14.64
CA LYS A 96 -61.81 46.25 -15.30
C LYS A 96 -61.93 47.65 -14.72
N GLU A 97 -62.13 47.78 -13.41
CA GLU A 97 -62.28 49.07 -12.78
C GLU A 97 -60.93 49.60 -12.32
N ASP A 98 -60.95 50.80 -11.75
CA ASP A 98 -59.72 51.51 -11.41
C ASP A 98 -59.51 51.54 -9.91
N ALA A 99 -58.28 51.84 -9.51
CA ALA A 99 -57.93 51.85 -8.11
C ALA A 99 -58.42 53.11 -7.41
N ALA A 100 -58.31 54.26 -8.07
CA ALA A 100 -58.81 55.54 -7.57
C ALA A 100 -58.12 55.97 -6.28
N ASN A 101 -56.82 55.70 -6.17
CA ASN A 101 -55.96 56.31 -5.16
C ASN A 101 -56.35 55.98 -3.73
N ASN A 102 -57.38 55.16 -3.52
CA ASN A 102 -57.77 54.76 -2.17
C ASN A 102 -57.33 53.33 -1.94
N PHE A 103 -56.58 53.13 -0.85
CA PHE A 103 -55.94 51.85 -0.60
C PHE A 103 -56.93 50.69 -0.60
N ALA A 104 -58.03 50.85 0.13
CA ALA A 104 -58.97 49.73 0.31
C ALA A 104 -59.55 49.25 -1.00
N ARG A 105 -59.55 50.10 -2.03
CA ARG A 105 -60.07 49.68 -3.32
C ARG A 105 -59.21 48.58 -3.94
N GLY A 106 -57.91 48.60 -3.68
CA GLY A 106 -57.03 47.60 -4.27
C GLY A 106 -56.52 46.60 -3.26
N HIS A 107 -57.18 46.49 -2.12
CA HIS A 107 -56.74 45.61 -1.05
C HIS A 107 -57.87 44.79 -0.43
N TYR A 108 -59.13 45.14 -0.66
CA TYR A 108 -60.22 44.38 -0.08
C TYR A 108 -61.27 43.95 -1.10
N THR A 109 -61.57 44.80 -2.08
CA THR A 109 -62.67 44.53 -3.01
C THR A 109 -62.18 44.00 -4.36
N ILE A 110 -61.36 44.77 -5.06
CA ILE A 110 -61.00 44.41 -6.43
C ILE A 110 -60.03 43.24 -6.44
N GLY A 111 -58.86 43.42 -5.83
CA GLY A 111 -57.86 42.37 -5.80
C GLY A 111 -58.31 41.09 -5.13
N LYS A 112 -59.42 41.15 -4.39
CA LYS A 112 -59.89 40.03 -3.57
C LYS A 112 -59.85 38.70 -4.32
N GLU A 113 -59.99 38.72 -5.65
CA GLU A 113 -59.88 37.51 -6.45
C GLU A 113 -58.81 37.59 -7.53
N ILE A 114 -58.39 38.79 -7.93
CA ILE A 114 -57.32 38.92 -8.92
C ILE A 114 -56.01 38.39 -8.35
N VAL A 115 -55.84 38.45 -7.02
CA VAL A 115 -54.64 37.89 -6.41
C VAL A 115 -54.54 36.40 -6.67
N ASP A 116 -55.67 35.71 -6.81
CA ASP A 116 -55.63 34.28 -7.09
C ASP A 116 -54.94 34.01 -8.43
N LEU A 117 -55.39 34.69 -9.48
CA LEU A 117 -54.78 34.49 -10.80
C LEU A 117 -53.32 34.93 -10.78
N CYS A 118 -53.03 36.09 -10.18
CA CYS A 118 -51.66 36.57 -10.19
C CYS A 118 -50.72 35.61 -9.46
N LEU A 119 -51.16 35.10 -8.31
CA LEU A 119 -50.32 34.17 -7.55
C LEU A 119 -50.17 32.84 -8.27
N ASP A 120 -51.21 32.39 -8.97
CA ASP A 120 -51.06 31.16 -9.73
C ASP A 120 -50.06 31.35 -10.86
N ARG A 121 -50.03 32.54 -11.47
CA ARG A 121 -49.02 32.79 -12.50
C ARG A 121 -47.63 32.89 -11.91
N ILE A 122 -47.51 33.50 -10.72
CA ILE A 122 -46.22 33.52 -10.04
C ILE A 122 -45.75 32.10 -9.73
N ARG A 123 -46.67 31.25 -9.30
CA ARG A 123 -46.31 29.86 -9.01
C ARG A 123 -45.85 29.14 -10.27
N LYS A 124 -46.56 29.36 -11.38
CA LYS A 124 -46.17 28.73 -12.63
C LYS A 124 -44.82 29.25 -13.11
N LEU A 125 -44.50 30.51 -12.84
CA LEU A 125 -43.17 31.02 -13.17
C LEU A 125 -42.11 30.38 -12.30
N ALA A 126 -42.31 30.40 -10.98
CA ALA A 126 -41.30 29.85 -10.06
C ALA A 126 -41.08 28.37 -10.30
N ASP A 127 -42.09 27.66 -10.81
CA ASP A 127 -41.91 26.25 -11.13
C ASP A 127 -40.87 26.07 -12.22
N ASN A 128 -40.71 27.06 -13.10
CA ASN A 128 -39.76 26.96 -14.20
C ASN A 128 -38.38 27.51 -13.83
N CYS A 129 -38.30 28.41 -12.86
CA CYS A 129 -37.01 28.94 -12.44
C CYS A 129 -36.15 27.83 -11.83
N THR A 130 -34.85 27.89 -12.09
CA THR A 130 -33.92 26.86 -11.64
C THR A 130 -33.01 27.30 -10.51
N GLY A 131 -32.60 28.56 -10.49
CA GLY A 131 -31.76 29.08 -9.43
C GLY A 131 -32.29 30.38 -8.85
N LEU A 132 -33.61 30.48 -8.74
CA LEU A 132 -34.26 31.71 -8.30
C LEU A 132 -33.64 32.23 -7.02
N GLN A 133 -33.36 33.53 -7.00
CA GLN A 133 -32.77 34.17 -5.83
C GLN A 133 -33.78 34.99 -5.05
N GLY A 134 -34.44 35.94 -5.69
CA GLY A 134 -35.36 36.80 -4.97
C GLY A 134 -36.31 37.50 -5.92
N PHE A 135 -37.13 38.37 -5.34
CA PHE A 135 -38.15 39.10 -6.09
C PHE A 135 -37.80 40.58 -6.12
N LEU A 136 -38.11 41.23 -7.24
CA LEU A 136 -37.91 42.66 -7.42
C LEU A 136 -39.26 43.27 -7.75
N VAL A 137 -39.95 43.82 -6.75
CA VAL A 137 -41.26 44.38 -6.94
C VAL A 137 -41.13 45.88 -7.19
N PHE A 138 -42.18 46.47 -7.75
CA PHE A 138 -42.21 47.89 -8.07
C PHE A 138 -43.59 48.42 -7.78
N ASN A 139 -43.69 49.43 -6.93
CA ASN A 139 -45.00 49.93 -6.54
C ASN A 139 -44.93 51.39 -6.11
N SER A 140 -45.58 52.26 -6.88
CA SER A 140 -45.73 53.64 -6.45
C SER A 140 -46.76 53.70 -5.34
N VAL A 141 -46.29 53.78 -4.09
CA VAL A 141 -47.21 53.68 -2.96
C VAL A 141 -48.17 54.86 -2.92
N GLY A 142 -47.82 55.97 -3.55
CA GLY A 142 -48.73 57.10 -3.60
C GLY A 142 -50.04 56.78 -4.28
N GLY A 143 -50.07 55.76 -5.13
CA GLY A 143 -51.27 55.39 -5.83
C GLY A 143 -52.11 54.41 -5.05
N GLY A 144 -53.14 53.91 -5.72
CA GLY A 144 -54.07 52.99 -5.08
C GLY A 144 -53.72 51.52 -5.30
N THR A 145 -53.55 51.12 -6.56
CA THR A 145 -53.35 49.70 -6.84
C THR A 145 -51.94 49.25 -6.47
N GLY A 146 -50.93 50.06 -6.81
CA GLY A 146 -49.58 49.76 -6.37
C GLY A 146 -49.43 49.69 -4.87
N SER A 147 -50.30 50.38 -4.13
CA SER A 147 -50.29 50.29 -2.68
C SER A 147 -51.04 49.04 -2.20
N GLY A 148 -52.34 48.98 -2.48
CA GLY A 148 -53.17 47.89 -2.01
C GLY A 148 -52.76 46.55 -2.55
N LEU A 149 -52.86 46.39 -3.87
CA LEU A 149 -52.51 45.12 -4.50
C LEU A 149 -51.06 44.76 -4.22
N GLY A 150 -50.18 45.77 -4.17
CA GLY A 150 -48.78 45.50 -3.92
C GLY A 150 -48.54 44.91 -2.54
N SER A 151 -49.12 45.54 -1.51
CA SER A 151 -48.97 45.01 -0.17
C SER A 151 -49.63 43.65 -0.03
N LEU A 152 -50.75 43.44 -0.72
CA LEU A 152 -51.43 42.16 -0.61
C LEU A 152 -50.59 41.05 -1.25
N LEU A 153 -50.01 41.32 -2.42
CA LEU A 153 -49.09 40.35 -3.01
C LEU A 153 -47.87 40.11 -2.13
N LEU A 154 -47.33 41.17 -1.52
CA LEU A 154 -46.21 41.00 -0.60
C LEU A 154 -46.58 40.02 0.51
N GLU A 155 -47.72 40.23 1.15
CA GLU A 155 -48.13 39.33 2.22
C GLU A 155 -48.37 37.93 1.70
N ARG A 156 -48.96 37.81 0.51
CA ARG A 156 -49.26 36.49 -0.03
C ARG A 156 -47.99 35.71 -0.33
N LEU A 157 -46.98 36.38 -0.88
CA LEU A 157 -45.72 35.70 -1.15
C LEU A 157 -44.99 35.37 0.14
N SER A 158 -45.06 36.26 1.14
CA SER A 158 -44.37 35.98 2.40
C SER A 158 -45.01 34.83 3.15
N VAL A 159 -46.32 34.62 2.99
CA VAL A 159 -46.97 33.47 3.60
C VAL A 159 -46.93 32.23 2.70
N ASP A 160 -46.57 32.40 1.42
CA ASP A 160 -46.58 31.30 0.47
C ASP A 160 -45.20 30.65 0.36
N TYR A 161 -44.19 31.43 -0.02
CA TYR A 161 -42.85 30.90 -0.25
C TYR A 161 -41.97 30.98 1.00
N GLY A 162 -41.80 32.18 1.53
CA GLY A 162 -41.06 32.32 2.77
C GLY A 162 -39.60 32.73 2.59
N LYS A 163 -38.71 31.74 2.61
CA LYS A 163 -37.28 32.00 2.71
C LYS A 163 -36.77 32.90 1.59
N LYS A 164 -37.44 32.88 0.43
CA LYS A 164 -36.98 33.67 -0.71
C LYS A 164 -37.00 35.16 -0.36
N SER A 165 -35.92 35.86 -0.71
CA SER A 165 -35.82 37.26 -0.39
C SER A 165 -36.85 38.08 -1.16
N LYS A 166 -37.13 39.27 -0.65
CA LYS A 166 -38.08 40.19 -1.28
C LYS A 166 -37.50 41.60 -1.21
N LEU A 167 -37.06 42.12 -2.34
CA LEU A 167 -36.63 43.50 -2.44
C LEU A 167 -37.80 44.39 -2.83
N GLY A 168 -37.51 45.63 -3.21
CA GLY A 168 -38.53 46.55 -3.65
C GLY A 168 -37.93 47.87 -4.08
N PHE A 169 -38.59 48.55 -5.02
CA PHE A 169 -38.15 49.86 -5.50
C PHE A 169 -39.38 50.76 -5.50
N THR A 170 -39.66 51.38 -4.35
CA THR A 170 -40.90 52.10 -4.14
C THR A 170 -40.71 53.57 -4.48
N ILE A 171 -41.66 54.13 -5.21
CA ILE A 171 -41.62 55.54 -5.59
C ILE A 171 -42.52 56.28 -4.60
N TYR A 172 -41.94 56.69 -3.47
CA TYR A 172 -42.71 57.37 -2.46
C TYR A 172 -43.20 58.73 -2.95
N PRO A 173 -44.15 59.34 -2.23
CA PRO A 173 -44.48 60.74 -2.49
C PRO A 173 -43.30 61.66 -2.22
N SER A 174 -43.14 62.65 -3.10
CA SER A 174 -42.07 63.62 -2.96
C SER A 174 -42.23 64.39 -1.65
N PRO A 175 -41.18 65.05 -1.21
CA PRO A 175 -41.30 65.93 -0.03
C PRO A 175 -42.24 67.10 -0.28
N GLN A 176 -41.98 67.87 -1.34
CA GLN A 176 -42.70 69.12 -1.57
C GLN A 176 -43.69 69.02 -2.73
N VAL A 177 -43.25 68.63 -3.92
CA VAL A 177 -44.12 68.69 -5.09
C VAL A 177 -45.25 67.70 -4.93
N SER A 178 -46.43 68.07 -5.47
CA SER A 178 -47.66 67.34 -5.24
C SER A 178 -48.09 66.61 -6.51
N THR A 179 -48.41 65.33 -6.37
CA THR A 179 -49.01 64.55 -7.45
C THR A 179 -50.35 63.95 -7.08
N ALA A 180 -50.78 64.06 -5.83
CA ALA A 180 -52.10 63.64 -5.37
C ALA A 180 -52.29 64.22 -3.98
N VAL A 181 -53.53 64.22 -3.51
CA VAL A 181 -53.84 64.78 -2.20
C VAL A 181 -54.06 63.71 -1.15
N VAL A 182 -54.50 62.51 -1.52
CA VAL A 182 -54.71 61.44 -0.57
C VAL A 182 -53.45 60.59 -0.40
N GLU A 183 -52.32 61.05 -0.93
CA GLU A 183 -51.11 60.23 -0.92
C GLU A 183 -50.58 59.87 0.47
N PRO A 184 -50.82 60.64 1.55
CA PRO A 184 -50.32 60.15 2.85
C PRO A 184 -51.06 58.93 3.36
N TYR A 185 -52.36 58.81 3.11
CA TYR A 185 -53.11 57.67 3.62
C TYR A 185 -52.61 56.36 3.01
N ASN A 186 -52.75 56.21 1.70
CA ASN A 186 -52.39 54.97 1.04
C ASN A 186 -50.89 54.76 0.96
N SER A 187 -50.09 55.69 1.45
CA SER A 187 -48.67 55.43 1.64
C SER A 187 -48.39 54.88 3.01
N ILE A 188 -49.02 55.46 4.04
CA ILE A 188 -48.83 54.95 5.40
C ILE A 188 -49.38 53.54 5.52
N LEU A 189 -50.51 53.25 4.88
CA LEU A 189 -51.06 51.90 4.95
C LEU A 189 -50.10 50.88 4.34
N SER A 190 -49.57 51.18 3.16
CA SER A 190 -48.62 50.25 2.55
C SER A 190 -47.32 50.18 3.31
N THR A 191 -46.91 51.26 3.97
CA THR A 191 -45.69 51.20 4.78
C THR A 191 -45.90 50.34 6.01
N HIS A 192 -47.12 50.33 6.56
CA HIS A 192 -47.41 49.43 7.66
C HIS A 192 -47.52 47.99 7.19
N SER A 193 -48.03 47.77 5.99
CA SER A 193 -48.17 46.41 5.48
C SER A 193 -46.87 45.89 4.84
N LEU A 194 -45.87 46.74 4.69
CA LEU A 194 -44.60 46.39 4.09
C LEU A 194 -43.49 46.26 5.13
N LEU A 195 -43.80 46.53 6.40
CA LEU A 195 -42.76 46.63 7.42
C LEU A 195 -41.96 45.34 7.56
N GLU A 196 -42.62 44.19 7.47
CA GLU A 196 -41.97 42.92 7.75
C GLU A 196 -41.84 42.01 6.54
N HIS A 197 -42.81 42.01 5.62
CA HIS A 197 -42.77 41.06 4.51
C HIS A 197 -41.68 41.35 3.51
N THR A 198 -41.10 42.55 3.52
CA THR A 198 -40.06 42.92 2.58
C THR A 198 -38.74 43.03 3.33
N ASP A 199 -37.69 42.47 2.74
CA ASP A 199 -36.37 42.48 3.39
C ASP A 199 -35.59 43.75 3.11
N VAL A 200 -35.75 44.34 1.94
CA VAL A 200 -35.01 45.55 1.56
C VAL A 200 -35.95 46.50 0.84
N ALA A 201 -36.05 47.73 1.33
CA ALA A 201 -36.82 48.78 0.69
C ALA A 201 -35.86 49.88 0.25
N VAL A 202 -35.92 50.22 -1.03
CA VAL A 202 -35.02 51.20 -1.64
C VAL A 202 -35.87 52.40 -2.02
N MET A 203 -35.87 53.42 -1.18
CA MET A 203 -36.78 54.54 -1.36
C MET A 203 -36.34 55.42 -2.51
N LEU A 204 -37.16 55.50 -3.55
CA LEU A 204 -36.94 56.37 -4.69
C LEU A 204 -37.94 57.51 -4.64
N ASP A 205 -37.51 58.71 -5.01
CA ASP A 205 -38.37 59.88 -4.95
C ASP A 205 -38.19 60.72 -6.20
N ASN A 206 -39.30 61.09 -6.83
CA ASN A 206 -39.29 61.80 -8.10
C ASN A 206 -38.91 63.26 -7.97
N GLU A 207 -38.53 63.71 -6.77
CA GLU A 207 -38.12 65.09 -6.60
C GLU A 207 -36.62 65.28 -6.75
N ALA A 208 -35.83 64.38 -6.16
CA ALA A 208 -34.38 64.51 -6.26
C ALA A 208 -33.90 64.24 -7.68
N ILE A 209 -34.55 63.31 -8.37
CA ILE A 209 -34.13 62.97 -9.73
C ILE A 209 -34.49 64.09 -10.69
N TYR A 210 -35.61 64.78 -10.44
CA TYR A 210 -35.90 66.00 -11.20
C TYR A 210 -34.80 67.02 -11.02
N ASP A 211 -34.38 67.24 -9.77
CA ASP A 211 -33.25 68.12 -9.50
C ASP A 211 -32.03 67.72 -10.33
N ILE A 212 -31.64 66.45 -10.24
CA ILE A 212 -30.45 65.98 -10.95
C ILE A 212 -30.57 66.24 -12.44
N CYS A 213 -31.64 65.72 -13.07
CA CYS A 213 -31.84 65.96 -14.49
C CYS A 213 -31.84 67.44 -14.83
N ARG A 214 -32.21 68.30 -13.89
CA ARG A 214 -32.16 69.73 -14.15
C ARG A 214 -30.74 70.26 -14.12
N ARG A 215 -29.92 69.80 -13.18
CA ARG A 215 -28.59 70.36 -13.00
C ARG A 215 -27.52 69.58 -13.76
N ASN A 216 -27.35 68.29 -13.45
CA ASN A 216 -26.23 67.54 -14.00
C ASN A 216 -26.43 67.20 -15.47
N LEU A 217 -27.57 66.61 -15.81
CA LEU A 217 -27.80 66.19 -17.19
C LEU A 217 -28.18 67.36 -18.10
N ASP A 218 -28.35 68.55 -17.55
CA ASP A 218 -28.58 69.80 -18.29
C ASP A 218 -29.90 69.81 -19.07
N ILE A 219 -30.72 68.77 -18.97
CA ILE A 219 -32.03 68.80 -19.59
C ILE A 219 -32.97 69.60 -18.70
N GLU A 220 -33.47 70.72 -19.22
CA GLU A 220 -34.26 71.64 -18.40
C GLU A 220 -35.71 71.18 -18.25
N ARG A 221 -36.24 70.43 -19.21
CA ARG A 221 -37.64 70.03 -19.24
C ARG A 221 -37.74 68.51 -19.23
N PRO A 222 -37.43 67.88 -18.11
CA PRO A 222 -37.40 66.43 -18.04
C PRO A 222 -38.81 65.85 -18.03
N THR A 223 -38.88 64.52 -18.05
CA THR A 223 -40.14 63.81 -18.11
C THR A 223 -39.88 62.39 -17.63
N TYR A 224 -40.94 61.72 -17.15
CA TYR A 224 -40.81 60.40 -16.57
C TYR A 224 -40.03 59.43 -17.45
N THR A 225 -39.92 59.71 -18.75
CA THR A 225 -39.10 58.87 -19.62
C THR A 225 -37.65 58.86 -19.16
N ASN A 226 -37.05 60.04 -18.99
CA ASN A 226 -35.65 60.11 -18.60
C ASN A 226 -35.44 59.60 -17.18
N LEU A 227 -36.32 60.00 -16.26
CA LEU A 227 -36.33 59.45 -14.91
C LEU A 227 -36.29 57.93 -14.91
N ASN A 228 -37.15 57.31 -15.71
CA ASN A 228 -37.19 55.85 -15.74
C ASN A 228 -35.96 55.26 -16.42
N ARG A 229 -35.41 55.95 -17.42
CA ARG A 229 -34.12 55.54 -17.96
C ARG A 229 -33.08 55.45 -16.85
N LEU A 230 -33.04 56.46 -15.99
CA LEU A 230 -32.05 56.48 -14.92
C LEU A 230 -32.32 55.35 -13.91
N ILE A 231 -33.59 55.11 -13.59
CA ILE A 231 -33.91 54.01 -12.68
C ILE A 231 -33.48 52.67 -13.27
N ALA A 232 -33.72 52.48 -14.56
CA ALA A 232 -33.27 51.26 -15.22
C ALA A 232 -31.77 51.12 -15.16
N GLN A 233 -31.05 52.22 -15.37
CA GLN A 233 -29.59 52.17 -15.27
C GLN A 233 -29.15 51.75 -13.88
N VAL A 234 -29.79 52.30 -12.84
CA VAL A 234 -29.43 51.93 -11.48
C VAL A 234 -29.65 50.44 -11.25
N ILE A 235 -30.81 49.93 -11.66
CA ILE A 235 -31.11 48.53 -11.39
C ILE A 235 -30.19 47.60 -12.19
N SER A 236 -29.83 48.00 -13.41
CA SER A 236 -28.91 47.16 -14.17
C SER A 236 -27.52 47.17 -13.56
N SER A 237 -27.08 48.33 -13.06
CA SER A 237 -25.81 48.38 -12.36
C SER A 237 -25.85 47.58 -11.07
N LEU A 238 -27.03 47.41 -10.50
CA LEU A 238 -27.17 46.55 -9.32
C LEU A 238 -27.06 45.08 -9.69
N THR A 239 -27.75 44.68 -10.76
CA THR A 239 -27.84 43.26 -11.11
C THR A 239 -26.66 42.76 -11.93
N ALA A 240 -25.78 43.67 -12.39
CA ALA A 240 -24.61 43.25 -13.13
C ALA A 240 -23.78 42.21 -12.38
N SER A 241 -23.87 42.20 -11.04
CA SER A 241 -23.15 41.22 -10.24
C SER A 241 -23.56 39.80 -10.62
N LEU A 242 -24.86 39.51 -10.48
CA LEU A 242 -25.37 38.21 -10.92
C LEU A 242 -25.13 38.00 -12.40
N ARG A 243 -25.50 38.98 -13.23
CA ARG A 243 -25.59 38.75 -14.66
C ARG A 243 -24.23 38.41 -15.26
N PHE A 244 -23.29 39.35 -15.22
CA PHE A 244 -22.03 39.21 -15.92
C PHE A 244 -20.88 38.96 -14.94
N ASP A 245 -19.67 38.92 -15.50
CA ASP A 245 -18.47 38.62 -14.72
C ASP A 245 -18.14 39.75 -13.77
N GLY A 246 -17.37 39.42 -12.73
CA GLY A 246 -16.89 40.39 -11.78
C GLY A 246 -15.80 39.85 -10.87
N ALA A 247 -14.72 40.62 -10.71
CA ALA A 247 -13.61 40.17 -9.87
C ALA A 247 -14.04 39.94 -8.43
N LEU A 248 -15.10 40.62 -8.00
CA LEU A 248 -15.63 40.45 -6.64
C LEU A 248 -17.14 40.60 -6.73
N ASN A 249 -17.84 39.48 -6.88
CA ASN A 249 -19.27 39.48 -7.12
C ASN A 249 -20.03 39.38 -5.81
N VAL A 250 -21.29 39.83 -5.84
CA VAL A 250 -22.21 39.72 -4.73
C VAL A 250 -23.47 39.01 -5.21
N ASP A 251 -23.97 38.08 -4.41
CA ASP A 251 -25.25 37.44 -4.67
C ASP A 251 -26.33 38.19 -3.93
N ILE A 252 -27.48 38.40 -4.60
CA ILE A 252 -28.50 39.32 -4.11
C ILE A 252 -28.79 39.11 -2.64
N THR A 253 -28.69 37.87 -2.15
CA THR A 253 -28.84 37.59 -0.74
C THR A 253 -27.77 38.28 0.10
N GLU A 254 -26.78 38.91 -0.54
CA GLU A 254 -25.87 39.79 0.19
C GLU A 254 -26.65 40.92 0.86
N PHE A 255 -27.46 41.63 0.09
CA PHE A 255 -28.12 42.82 0.62
C PHE A 255 -29.02 42.48 1.80
N GLN A 256 -29.66 41.32 1.75
CA GLN A 256 -30.56 40.91 2.82
C GLN A 256 -29.86 40.71 4.15
N THR A 257 -28.53 40.64 4.18
CA THR A 257 -27.86 40.38 5.44
C THR A 257 -26.80 41.41 5.77
N ASN A 258 -26.47 42.28 4.82
CA ASN A 258 -25.47 43.31 5.08
C ASN A 258 -26.11 44.63 5.50
N LEU A 259 -27.37 44.86 5.18
CA LEU A 259 -27.96 46.18 5.37
C LEU A 259 -29.20 46.16 6.27
N VAL A 260 -29.50 45.04 6.91
CA VAL A 260 -30.68 44.94 7.76
C VAL A 260 -30.23 44.62 9.18
N PRO A 261 -29.67 45.57 9.92
CA PRO A 261 -29.16 45.28 11.27
C PRO A 261 -30.24 44.73 12.19
N TYR A 262 -31.29 45.49 12.35
CA TYR A 262 -32.38 45.07 13.20
C TYR A 262 -33.57 44.65 12.34
N PRO A 263 -34.39 43.70 12.82
CA PRO A 263 -35.34 43.04 11.89
C PRO A 263 -36.34 43.98 11.27
N ARG A 264 -36.69 45.07 11.95
CA ARG A 264 -37.73 45.94 11.43
C ARG A 264 -37.19 47.03 10.50
N ILE A 265 -36.03 47.60 10.82
CA ILE A 265 -35.50 48.74 10.08
C ILE A 265 -34.73 48.21 8.87
N HIS A 266 -35.28 48.41 7.67
CA HIS A 266 -34.58 48.04 6.45
C HIS A 266 -34.82 49.02 5.31
N PHE A 267 -35.11 50.28 5.63
CA PHE A 267 -35.46 51.27 4.62
C PHE A 267 -34.22 52.08 4.27
N MET A 268 -33.63 51.79 3.12
CA MET A 268 -32.41 52.45 2.68
C MET A 268 -32.65 53.27 1.43
N LEU A 269 -31.66 54.08 1.08
CA LEU A 269 -31.74 54.95 -0.09
C LEU A 269 -30.58 54.69 -1.04
N SER A 270 -30.82 54.87 -2.33
CA SER A 270 -29.86 54.54 -3.35
C SER A 270 -29.23 55.79 -3.95
N SER A 271 -28.14 55.57 -4.69
CA SER A 271 -27.44 56.64 -5.38
C SER A 271 -26.58 56.02 -6.48
N TYR A 272 -26.24 56.86 -7.45
CA TYR A 272 -25.54 56.40 -8.65
C TYR A 272 -24.54 57.47 -9.06
N ALA A 273 -23.46 57.03 -9.71
CA ALA A 273 -22.50 57.97 -10.25
C ALA A 273 -21.73 57.29 -11.37
N PRO A 274 -21.27 58.02 -12.38
CA PRO A 274 -21.48 59.45 -12.58
C PRO A 274 -22.58 59.74 -13.60
N ILE A 275 -23.61 60.48 -13.18
CA ILE A 275 -24.69 60.88 -14.06
C ILE A 275 -24.36 62.27 -14.57
N ILE A 276 -23.60 62.33 -15.65
CA ILE A 276 -23.16 63.58 -16.27
C ILE A 276 -23.45 63.50 -17.76
N SER A 277 -23.93 64.60 -18.33
CA SER A 277 -24.16 64.65 -19.76
C SER A 277 -22.83 64.51 -20.51
N ALA A 278 -22.94 64.35 -21.83
CA ALA A 278 -21.77 64.08 -22.65
C ALA A 278 -20.76 65.23 -22.59
N GLU A 279 -21.16 66.40 -23.07
CA GLU A 279 -20.21 67.50 -23.20
C GLU A 279 -19.75 68.00 -21.83
N LYS A 280 -20.59 67.85 -20.81
CA LYS A 280 -20.16 68.25 -19.47
C LYS A 280 -19.14 67.29 -18.88
N ALA A 281 -19.14 66.02 -19.30
CA ALA A 281 -18.16 65.06 -18.82
C ALA A 281 -16.93 64.97 -19.71
N TYR A 282 -17.01 65.52 -20.92
CA TYR A 282 -15.85 65.54 -21.81
C TYR A 282 -14.69 66.29 -21.17
N HIS A 283 -14.98 67.28 -20.34
CA HIS A 283 -13.95 68.01 -19.59
C HIS A 283 -13.70 67.38 -18.23
N GLU A 284 -13.45 66.08 -18.18
CA GLU A 284 -13.33 65.41 -16.89
C GLU A 284 -12.64 64.07 -17.07
N GLN A 285 -11.79 63.73 -16.10
CA GLN A 285 -11.07 62.45 -16.14
C GLN A 285 -11.83 61.32 -15.46
N LEU A 286 -12.58 61.64 -14.39
CA LEU A 286 -13.49 60.69 -13.74
C LEU A 286 -12.75 59.45 -13.24
N SER A 287 -11.86 59.66 -12.28
CA SER A 287 -11.20 58.54 -11.63
C SER A 287 -12.01 58.05 -10.43
N VAL A 288 -11.54 56.95 -9.83
CA VAL A 288 -12.27 56.35 -8.72
C VAL A 288 -12.40 57.33 -7.56
N ALA A 289 -11.35 58.14 -7.32
CA ALA A 289 -11.36 59.07 -6.21
C ALA A 289 -12.52 60.06 -6.33
N GLU A 290 -12.52 60.84 -7.41
CA GLU A 290 -13.57 61.85 -7.57
C GLU A 290 -14.95 61.22 -7.75
N ILE A 291 -15.02 60.05 -8.39
CA ILE A 291 -16.32 59.44 -8.64
C ILE A 291 -16.94 58.96 -7.32
N THR A 292 -16.13 58.41 -6.42
CA THR A 292 -16.69 57.98 -5.15
C THR A 292 -16.87 59.14 -4.19
N ASN A 293 -16.09 60.21 -4.34
CA ASN A 293 -16.33 61.40 -3.53
C ASN A 293 -17.62 62.09 -3.94
N SER A 294 -17.97 61.99 -5.22
CA SER A 294 -19.27 62.48 -5.66
C SER A 294 -20.39 61.51 -5.29
N ALA A 295 -20.07 60.22 -5.18
CA ALA A 295 -21.11 59.24 -4.86
C ALA A 295 -21.79 59.53 -3.53
N PHE A 296 -21.01 59.86 -2.51
CA PHE A 296 -21.55 60.14 -1.19
C PHE A 296 -22.24 61.49 -1.09
N GLU A 297 -22.22 62.30 -2.15
CA GLU A 297 -22.73 63.65 -2.09
C GLU A 297 -24.23 63.63 -1.77
N PRO A 298 -24.66 64.21 -0.65
CA PRO A 298 -26.10 64.22 -0.34
C PRO A 298 -26.95 64.88 -1.40
N ALA A 299 -26.38 65.73 -2.24
CA ALA A 299 -27.17 66.46 -3.23
C ALA A 299 -27.78 65.51 -4.26
N ASN A 300 -26.99 64.59 -4.80
CA ASN A 300 -27.42 63.75 -5.90
C ASN A 300 -27.87 62.37 -5.45
N MET A 301 -28.47 62.26 -4.26
CA MET A 301 -29.06 61.01 -3.83
C MET A 301 -30.40 60.81 -4.52
N MET A 302 -30.70 59.56 -4.90
CA MET A 302 -31.97 59.26 -5.54
C MET A 302 -33.13 59.64 -4.63
N ALA A 303 -33.08 59.22 -3.38
CA ALA A 303 -34.09 59.64 -2.42
C ALA A 303 -33.86 61.10 -2.05
N LYS A 304 -34.65 61.60 -1.10
CA LYS A 304 -34.55 62.99 -0.66
C LYS A 304 -34.37 63.00 0.84
N CYS A 305 -33.21 63.50 1.29
CA CYS A 305 -32.89 63.61 2.70
C CYS A 305 -31.61 64.43 2.83
N ASP A 306 -31.13 64.59 4.06
CA ASP A 306 -29.90 65.33 4.34
C ASP A 306 -28.96 64.44 5.14
N PRO A 307 -28.28 63.50 4.49
CA PRO A 307 -27.39 62.59 5.21
C PRO A 307 -26.35 63.30 6.05
N ARG A 308 -26.00 64.54 5.72
CA ARG A 308 -25.07 65.29 6.57
C ARG A 308 -25.66 65.55 7.95
N HIS A 309 -26.98 65.45 8.09
CA HIS A 309 -27.64 65.66 9.36
C HIS A 309 -27.98 64.36 10.08
N GLY A 310 -27.46 63.22 9.60
CA GLY A 310 -27.72 61.95 10.22
C GLY A 310 -26.48 61.06 10.19
N LYS A 311 -26.59 59.92 10.84
CA LYS A 311 -25.52 58.93 10.89
C LYS A 311 -25.76 57.85 9.84
N TYR A 312 -24.68 57.24 9.38
CA TYR A 312 -24.79 56.14 8.45
C TYR A 312 -24.73 54.81 9.20
N MET A 313 -25.25 53.78 8.56
CA MET A 313 -25.24 52.47 9.21
C MET A 313 -24.63 51.38 8.34
N ALA A 314 -24.86 51.42 7.03
CA ALA A 314 -24.22 50.47 6.13
C ALA A 314 -24.25 51.02 4.72
N CYS A 315 -23.21 50.71 3.95
CA CYS A 315 -23.07 51.22 2.59
C CYS A 315 -22.59 50.12 1.68
N SER A 316 -23.47 49.60 0.84
CA SER A 316 -23.06 48.73 -0.25
C SER A 316 -22.67 49.60 -1.44
N MET A 317 -21.59 49.21 -2.11
CA MET A 317 -21.06 49.97 -3.24
C MET A 317 -20.62 48.98 -4.32
N MET A 318 -21.40 48.89 -5.39
CA MET A 318 -21.07 48.03 -6.51
C MET A 318 -20.42 48.88 -7.60
N TYR A 319 -19.17 48.57 -7.92
CA TYR A 319 -18.48 49.24 -9.02
C TYR A 319 -18.61 48.41 -10.29
N ARG A 320 -18.62 49.09 -11.42
CA ARG A 320 -18.69 48.42 -12.70
C ARG A 320 -17.82 49.17 -13.70
N GLY A 321 -17.22 48.42 -14.60
CA GLY A 321 -16.27 48.95 -15.56
C GLY A 321 -14.84 48.58 -15.17
N ASP A 322 -13.92 49.06 -16.01
CA ASP A 322 -12.50 48.83 -15.76
C ASP A 322 -12.09 49.64 -14.53
N VAL A 323 -11.96 48.97 -13.39
CA VAL A 323 -11.67 49.62 -12.12
C VAL A 323 -10.42 49.00 -11.53
N VAL A 324 -9.55 49.85 -10.97
CA VAL A 324 -8.31 49.41 -10.33
C VAL A 324 -8.58 49.32 -8.83
N PRO A 325 -8.37 48.16 -8.21
CA PRO A 325 -8.82 47.97 -6.82
C PRO A 325 -8.05 48.80 -5.80
N LYS A 326 -6.75 49.00 -6.00
CA LYS A 326 -5.98 49.76 -5.03
C LYS A 326 -6.55 51.16 -4.85
N ASP A 327 -6.99 51.78 -5.93
CA ASP A 327 -7.59 53.11 -5.81
C ASP A 327 -8.96 53.02 -5.13
N VAL A 328 -9.67 51.91 -5.33
CA VAL A 328 -10.92 51.70 -4.60
C VAL A 328 -10.65 51.76 -3.10
N ASN A 329 -9.72 50.93 -2.62
CA ASN A 329 -9.50 50.87 -1.19
C ASN A 329 -8.95 52.20 -0.65
N ALA A 330 -8.04 52.83 -1.39
CA ALA A 330 -7.56 54.14 -0.97
C ALA A 330 -8.70 55.14 -0.84
N SER A 331 -9.59 55.17 -1.84
CA SER A 331 -10.67 56.13 -1.84
C SER A 331 -11.65 55.89 -0.70
N ILE A 332 -11.98 54.63 -0.43
CA ILE A 332 -12.90 54.35 0.67
C ILE A 332 -12.25 54.69 2.00
N ALA A 333 -10.94 54.47 2.13
CA ALA A 333 -10.26 54.89 3.35
C ALA A 333 -10.36 56.39 3.55
N THR A 334 -10.04 57.17 2.51
CA THR A 334 -10.11 58.63 2.66
C THR A 334 -11.53 59.12 2.87
N ILE A 335 -12.52 58.40 2.34
CA ILE A 335 -13.90 58.82 2.57
C ILE A 335 -14.39 58.44 3.96
N LYS A 336 -13.81 57.39 4.57
CA LYS A 336 -14.09 57.14 5.97
C LYS A 336 -13.31 58.09 6.87
N THR A 337 -12.26 58.72 6.33
CA THR A 337 -11.51 59.71 7.12
C THR A 337 -12.35 60.94 7.44
N LYS A 338 -13.28 61.30 6.55
CA LYS A 338 -14.03 62.54 6.73
C LYS A 338 -14.79 62.55 8.05
N ARG A 339 -14.89 63.74 8.64
CA ARG A 339 -15.58 63.88 9.93
C ARG A 339 -17.06 64.17 9.74
N THR A 340 -17.42 64.84 8.64
CA THR A 340 -18.83 65.13 8.38
C THR A 340 -19.63 63.85 8.14
N ILE A 341 -19.01 62.82 7.59
CA ILE A 341 -19.62 61.52 7.38
C ILE A 341 -19.17 60.62 8.51
N GLN A 342 -20.10 60.24 9.39
CA GLN A 342 -19.77 59.42 10.54
C GLN A 342 -20.76 58.28 10.65
N PHE A 343 -20.30 57.18 11.22
CA PHE A 343 -21.10 55.98 11.42
C PHE A 343 -21.50 55.85 12.88
N VAL A 344 -22.35 54.87 13.15
CA VAL A 344 -22.86 54.66 14.50
C VAL A 344 -21.86 53.76 15.22
N ASP A 345 -21.96 53.70 16.55
CA ASP A 345 -20.99 52.96 17.34
C ASP A 345 -21.01 51.47 16.99
N TRP A 346 -22.20 50.90 16.80
CA TRP A 346 -22.33 49.46 16.68
C TRP A 346 -22.01 48.93 15.29
N CYS A 347 -21.32 49.70 14.46
CA CYS A 347 -20.93 49.25 13.13
C CYS A 347 -19.63 49.94 12.75
N PRO A 348 -18.49 49.35 13.07
CA PRO A 348 -17.21 49.97 12.70
C PRO A 348 -16.82 49.70 11.26
N THR A 349 -17.18 48.52 10.74
CA THR A 349 -16.84 48.14 9.37
C THR A 349 -17.97 48.58 8.44
N GLY A 350 -18.07 49.89 8.27
CA GLY A 350 -19.18 50.49 7.56
C GLY A 350 -19.09 50.54 6.06
N PHE A 351 -18.60 49.49 5.41
CA PHE A 351 -18.57 49.43 3.96
C PHE A 351 -18.71 47.99 3.49
N LYS A 352 -19.25 47.84 2.28
CA LYS A 352 -19.35 46.54 1.63
C LYS A 352 -19.34 46.76 0.13
N VAL A 353 -18.26 46.37 -0.53
CA VAL A 353 -18.04 46.72 -1.92
C VAL A 353 -18.09 45.48 -2.79
N GLY A 354 -18.27 45.71 -4.08
CA GLY A 354 -18.28 44.65 -5.07
C GLY A 354 -17.78 45.20 -6.38
N ILE A 355 -17.31 44.30 -7.25
CA ILE A 355 -16.72 44.69 -8.52
C ILE A 355 -17.32 43.83 -9.63
N ASN A 356 -17.69 44.48 -10.74
CA ASN A 356 -18.10 43.79 -11.94
C ASN A 356 -17.30 44.36 -13.11
N TYR A 357 -16.80 43.49 -13.97
CA TYR A 357 -15.96 43.96 -15.07
C TYR A 357 -16.77 44.60 -16.18
N GLN A 358 -18.08 44.47 -16.17
CA GLN A 358 -18.89 44.98 -17.26
C GLN A 358 -19.04 46.49 -17.19
N PRO A 359 -18.48 47.25 -18.13
CA PRO A 359 -18.67 48.69 -18.12
C PRO A 359 -20.13 49.04 -18.35
N PRO A 360 -20.55 50.25 -17.98
CA PRO A 360 -21.95 50.62 -18.15
C PRO A 360 -22.34 50.65 -19.62
N THR A 361 -23.55 50.19 -19.89
CA THR A 361 -24.12 50.22 -21.22
C THR A 361 -24.97 51.48 -21.37
N VAL A 362 -24.83 52.14 -22.50
CA VAL A 362 -25.63 53.33 -22.77
C VAL A 362 -26.88 52.91 -23.52
N VAL A 363 -27.97 53.63 -23.29
CA VAL A 363 -29.22 53.41 -23.99
C VAL A 363 -29.21 54.28 -25.25
N PRO A 364 -29.35 53.69 -26.43
CA PRO A 364 -29.33 54.51 -27.66
C PRO A 364 -30.44 55.54 -27.63
N GLY A 365 -30.05 56.81 -27.71
CA GLY A 365 -30.99 57.89 -27.54
C GLY A 365 -31.16 58.34 -26.10
N GLY A 366 -30.25 57.95 -25.22
CA GLY A 366 -30.34 58.33 -23.83
C GLY A 366 -29.50 59.56 -23.51
N ASP A 367 -30.03 60.38 -22.59
CA ASP A 367 -29.32 61.60 -22.20
C ASP A 367 -28.01 61.28 -21.48
N LEU A 368 -27.93 60.13 -20.81
CA LEU A 368 -26.74 59.76 -20.07
C LEU A 368 -25.56 59.57 -21.01
N ALA A 369 -24.37 59.89 -20.52
CA ALA A 369 -23.15 59.77 -21.30
C ALA A 369 -22.46 58.44 -21.01
N LYS A 370 -21.65 57.99 -21.97
CA LYS A 370 -20.92 56.75 -21.85
C LYS A 370 -19.63 56.99 -21.09
N VAL A 371 -19.38 56.18 -20.06
CA VAL A 371 -18.19 56.30 -19.23
C VAL A 371 -17.80 54.91 -18.77
N MET A 372 -16.51 54.72 -18.50
CA MET A 372 -16.00 53.40 -18.21
C MET A 372 -16.27 52.98 -16.77
N ARG A 373 -15.98 53.84 -15.81
CA ARG A 373 -16.12 53.52 -14.39
C ARG A 373 -17.43 54.10 -13.87
N ALA A 374 -18.22 53.25 -13.21
CA ALA A 374 -19.45 53.70 -12.56
C ALA A 374 -19.60 53.02 -11.22
N VAL A 375 -20.24 53.71 -10.28
CA VAL A 375 -20.50 53.19 -8.95
C VAL A 375 -21.98 53.30 -8.65
N CYS A 376 -22.51 52.31 -7.96
CA CYS A 376 -23.90 52.33 -7.49
C CYS A 376 -23.89 52.03 -6.00
N MET A 377 -24.42 52.96 -5.22
CA MET A 377 -24.40 52.87 -3.77
C MET A 377 -25.80 52.66 -3.23
N ILE A 378 -25.90 51.78 -2.24
CA ILE A 378 -27.15 51.57 -1.50
C ILE A 378 -26.80 51.76 -0.03
N SER A 379 -27.33 52.80 0.58
CA SER A 379 -26.96 53.19 1.93
C SER A 379 -28.15 53.02 2.85
N ASN A 380 -28.00 52.13 3.84
CA ASN A 380 -28.88 52.10 4.98
C ASN A 380 -28.37 53.16 5.95
N SER A 381 -29.06 54.29 6.00
CA SER A 381 -28.73 55.39 6.89
C SER A 381 -29.83 55.56 7.92
N THR A 382 -29.65 56.54 8.79
CA THR A 382 -30.65 56.84 9.82
C THR A 382 -31.29 58.21 9.68
N ALA A 383 -30.81 59.05 8.76
CA ALA A 383 -31.46 60.35 8.55
C ALA A 383 -32.77 60.20 7.79
N ILE A 384 -32.86 59.20 6.91
CA ILE A 384 -34.08 58.95 6.15
C ILE A 384 -35.27 58.81 7.08
N ALA A 385 -35.02 58.44 8.35
CA ALA A 385 -36.07 58.38 9.35
C ALA A 385 -36.95 59.60 9.32
N GLU A 386 -36.34 60.79 9.31
CA GLU A 386 -37.12 62.02 9.40
C GLU A 386 -38.18 62.10 8.31
N VAL A 387 -37.89 61.52 7.13
CA VAL A 387 -38.87 61.51 6.05
C VAL A 387 -40.20 60.98 6.56
N PHE A 388 -40.19 59.79 7.14
CA PHE A 388 -41.43 59.22 7.70
C PHE A 388 -42.10 60.23 8.62
N SER A 389 -41.33 60.80 9.56
CA SER A 389 -41.87 61.84 10.43
C SER A 389 -42.58 62.89 9.62
N ARG A 390 -41.86 63.52 8.68
CA ARG A 390 -42.47 64.53 7.83
C ARG A 390 -43.73 63.99 7.18
N LEU A 391 -43.64 62.79 6.60
CA LEU A 391 -44.81 62.19 5.98
C LEU A 391 -45.90 61.97 7.02
N ASP A 392 -45.55 61.39 8.17
CA ASP A 392 -46.51 61.27 9.26
C ASP A 392 -47.12 62.61 9.58
N HIS A 393 -46.32 63.68 9.55
CA HIS A 393 -46.84 65.03 9.71
C HIS A 393 -48.10 65.22 8.89
N LYS A 394 -47.97 65.06 7.57
CA LYS A 394 -49.13 65.19 6.68
C LYS A 394 -50.30 64.36 7.20
N PHE A 395 -50.03 63.09 7.50
CA PHE A 395 -51.09 62.20 7.95
C PHE A 395 -51.89 62.82 9.08
N ASP A 396 -51.19 63.35 10.09
CA ASP A 396 -51.92 63.89 11.22
C ASP A 396 -52.83 65.03 10.79
N LEU A 397 -52.31 65.96 9.97
CA LEU A 397 -53.12 67.07 9.53
C LEU A 397 -54.32 66.65 8.71
N MET A 398 -54.44 65.37 8.36
CA MET A 398 -55.64 64.83 7.75
C MET A 398 -56.46 64.00 8.71
N TYR A 399 -55.83 63.25 9.60
CA TYR A 399 -56.59 62.43 10.53
C TYR A 399 -57.13 63.24 11.70
N ALA A 400 -56.70 64.49 11.85
CA ALA A 400 -57.25 65.34 12.91
C ALA A 400 -58.74 65.56 12.73
N LYS A 401 -59.26 65.41 11.51
CA LYS A 401 -60.67 65.63 11.25
C LYS A 401 -61.31 64.50 10.45
N ARG A 402 -60.65 63.34 10.38
CA ARG A 402 -61.17 62.17 9.67
C ARG A 402 -61.53 62.51 8.23
N ALA A 403 -60.66 63.27 7.58
CA ALA A 403 -60.88 63.63 6.19
C ALA A 403 -60.73 62.41 5.28
N PHE A 404 -61.55 62.36 4.24
CA PHE A 404 -61.49 61.36 3.18
C PHE A 404 -61.67 59.93 3.68
N VAL A 405 -62.07 59.74 4.93
CA VAL A 405 -62.12 58.38 5.46
C VAL A 405 -63.29 57.60 4.90
N HIS A 406 -64.36 58.26 4.47
CA HIS A 406 -65.55 57.52 4.05
C HIS A 406 -65.30 56.78 2.75
N TRP A 407 -64.46 57.33 1.86
CA TRP A 407 -64.06 56.58 0.67
C TRP A 407 -63.28 55.33 1.02
N TYR A 408 -62.79 55.21 2.25
CA TYR A 408 -62.10 54.01 2.70
C TYR A 408 -63.00 53.08 3.49
N VAL A 409 -63.81 53.61 4.41
CA VAL A 409 -64.72 52.78 5.17
C VAL A 409 -65.82 52.22 4.29
N GLY A 410 -66.05 52.81 3.11
CA GLY A 410 -67.04 52.28 2.20
C GLY A 410 -66.64 50.97 1.54
N GLU A 411 -65.34 50.68 1.47
CA GLU A 411 -64.83 49.49 0.81
C GLU A 411 -64.41 48.41 1.79
N GLY A 412 -65.15 48.25 2.89
CA GLY A 412 -64.91 47.19 3.83
C GLY A 412 -63.75 47.39 4.78
N MET A 413 -62.87 48.35 4.52
CA MET A 413 -61.73 48.58 5.38
C MET A 413 -62.19 49.07 6.75
N GLU A 414 -61.86 48.32 7.79
CA GLU A 414 -62.14 48.77 9.15
C GLU A 414 -61.38 50.06 9.42
N GLU A 415 -62.10 51.07 9.93
CA GLU A 415 -61.50 52.39 10.11
C GLU A 415 -60.31 52.31 11.06
N GLY A 416 -60.47 51.61 12.19
CA GLY A 416 -59.43 51.59 13.20
C GLY A 416 -58.05 51.29 12.67
N GLU A 417 -57.98 50.51 11.59
CA GLU A 417 -56.72 50.22 10.93
C GLU A 417 -55.84 51.46 10.82
N PHE A 418 -56.40 52.52 10.23
CA PHE A 418 -55.68 53.79 10.09
C PHE A 418 -54.93 54.10 11.36
N SER A 419 -55.69 54.29 12.45
CA SER A 419 -55.10 54.62 13.74
C SER A 419 -53.89 53.74 14.02
N GLU A 420 -54.14 52.42 14.06
CA GLU A 420 -53.07 51.48 14.38
C GLU A 420 -51.84 51.78 13.53
N ALA A 421 -52.02 51.78 12.21
CA ALA A 421 -50.90 52.02 11.31
C ALA A 421 -50.16 53.29 11.73
N ARG A 422 -50.88 54.41 11.77
CA ARG A 422 -50.21 55.68 12.03
C ARG A 422 -49.54 55.66 13.40
N GLU A 423 -50.12 54.95 14.36
CA GLU A 423 -49.46 54.83 15.64
C GLU A 423 -48.31 53.84 15.56
N ASP A 424 -48.55 52.67 14.95
CA ASP A 424 -47.51 51.66 14.91
C ASP A 424 -46.34 52.10 14.05
N LEU A 425 -46.63 52.77 12.94
CA LEU A 425 -45.55 53.36 12.15
C LEU A 425 -44.77 54.37 12.97
N ALA A 426 -45.46 55.12 13.83
CA ALA A 426 -44.75 56.05 14.70
C ALA A 426 -43.80 55.30 15.63
N ALA A 427 -44.12 54.05 15.97
CA ALA A 427 -43.21 53.25 16.78
C ALA A 427 -41.88 53.01 16.09
N LEU A 428 -41.84 53.15 14.75
CA LEU A 428 -40.57 53.11 14.05
C LEU A 428 -39.57 54.10 14.64
N GLU A 429 -40.07 55.28 15.06
CA GLU A 429 -39.19 56.24 15.70
C GLU A 429 -38.54 55.65 16.93
N LYS A 430 -39.33 54.93 17.75
CA LYS A 430 -38.79 54.24 18.91
C LYS A 430 -37.54 53.43 18.56
N ASP A 431 -37.48 52.91 17.33
CA ASP A 431 -36.26 52.27 16.86
C ASP A 431 -35.25 53.30 16.39
N TYR A 432 -35.66 54.14 15.43
CA TYR A 432 -34.73 55.06 14.76
C TYR A 432 -33.99 55.93 15.75
N GLU A 433 -34.72 56.81 16.45
CA GLU A 433 -34.08 57.71 17.40
C GLU A 433 -33.36 56.96 18.51
N GLU A 434 -33.57 55.65 18.63
CA GLU A 434 -32.77 54.86 19.56
C GLU A 434 -31.44 54.44 18.93
N VAL A 435 -31.47 53.90 17.71
CA VAL A 435 -30.25 53.39 17.10
C VAL A 435 -29.28 54.51 16.77
N GLY A 436 -29.77 55.74 16.61
CA GLY A 436 -28.88 56.87 16.43
C GLY A 436 -28.11 57.25 17.68
N ILE A 437 -28.45 56.66 18.81
CA ILE A 437 -27.75 56.93 20.07
C ILE A 437 -26.65 55.90 20.27
N GLU A 438 -25.45 56.37 20.59
CA GLU A 438 -24.33 55.49 20.80
C GLU A 438 -24.55 54.65 22.05
N THR A 439 -23.70 53.64 22.23
CA THR A 439 -23.78 52.75 23.38
C THR A 439 -23.56 53.50 24.68
N MET B 1 -66.05 48.11 -19.83
CA MET B 1 -64.74 48.66 -19.58
C MET B 1 -64.75 50.18 -19.47
N ARG B 2 -65.32 50.67 -18.37
CA ARG B 2 -65.38 52.10 -18.06
C ARG B 2 -66.10 52.87 -19.16
N GLU B 3 -67.39 52.56 -19.31
CA GLU B 3 -68.25 53.29 -20.21
C GLU B 3 -69.07 54.33 -19.45
N ILE B 4 -69.72 55.21 -20.20
CA ILE B 4 -70.42 56.35 -19.63
C ILE B 4 -71.71 56.59 -20.41
N VAL B 5 -72.84 56.52 -19.73
CA VAL B 5 -74.11 56.91 -20.34
C VAL B 5 -74.27 58.40 -20.12
N HIS B 6 -74.95 59.05 -21.06
CA HIS B 6 -75.03 60.52 -21.08
C HIS B 6 -76.50 60.91 -21.08
N ILE B 7 -77.08 61.00 -19.89
CA ILE B 7 -78.48 61.37 -19.77
C ILE B 7 -78.59 62.89 -19.88
N GLN B 8 -79.66 63.35 -20.52
CA GLN B 8 -79.92 64.77 -20.66
C GLN B 8 -81.25 65.12 -19.98
N GLY B 9 -81.68 66.35 -20.17
CA GLY B 9 -82.94 66.81 -19.61
C GLY B 9 -83.14 68.29 -19.81
N GLY B 10 -84.37 68.70 -20.13
CA GLY B 10 -84.65 70.10 -20.35
C GLY B 10 -84.04 70.67 -21.61
N GLN B 11 -84.46 71.88 -21.98
CA GLN B 11 -84.01 72.46 -23.23
C GLN B 11 -82.52 72.78 -23.20
N CYS B 12 -82.05 73.41 -22.11
CA CYS B 12 -80.62 73.73 -22.03
C CYS B 12 -79.78 72.46 -21.97
N GLY B 13 -80.21 71.48 -21.18
CA GLY B 13 -79.50 70.22 -21.16
C GLY B 13 -79.43 69.57 -22.52
N ASN B 14 -80.51 69.68 -23.30
CA ASN B 14 -80.51 69.07 -24.62
C ASN B 14 -79.59 69.80 -25.58
N GLN B 15 -79.59 71.13 -25.53
CA GLN B 15 -78.67 71.91 -26.35
C GLN B 15 -77.22 71.55 -26.02
N ILE B 16 -76.88 71.55 -24.74
CA ILE B 16 -75.53 71.21 -24.32
C ILE B 16 -75.16 69.81 -24.75
N GLY B 17 -76.12 68.88 -24.68
CA GLY B 17 -75.84 67.52 -25.09
C GLY B 17 -75.53 67.41 -26.56
N ALA B 18 -76.34 68.06 -27.40
CA ALA B 18 -76.08 68.05 -28.84
C ALA B 18 -74.70 68.64 -29.15
N LYS B 19 -74.38 69.77 -28.50
CA LYS B 19 -73.08 70.39 -28.74
C LYS B 19 -71.95 69.48 -28.30
N PHE B 20 -72.10 68.84 -27.13
CA PHE B 20 -71.06 67.95 -26.64
C PHE B 20 -70.86 66.76 -27.56
N TRP B 21 -71.95 66.20 -28.07
CA TRP B 21 -71.81 65.05 -28.95
C TRP B 21 -71.14 65.43 -30.25
N GLU B 22 -71.48 66.59 -30.81
CA GLU B 22 -70.79 66.96 -32.05
C GLU B 22 -69.32 67.28 -31.79
N VAL B 23 -68.99 67.86 -30.64
CA VAL B 23 -67.58 68.13 -30.35
C VAL B 23 -66.81 66.82 -30.18
N ILE B 24 -67.38 65.86 -29.46
CA ILE B 24 -66.71 64.57 -29.30
C ILE B 24 -66.55 63.87 -30.63
N SER B 25 -67.56 63.97 -31.50
CA SER B 25 -67.41 63.40 -32.83
C SER B 25 -66.28 64.08 -33.60
N ASP B 26 -66.12 65.38 -33.39
CA ASP B 26 -65.00 66.09 -34.03
C ASP B 26 -63.67 65.55 -33.52
N GLU B 27 -63.54 65.38 -32.21
CA GLU B 27 -62.28 64.89 -31.65
C GLU B 27 -62.01 63.45 -32.10
N HIS B 28 -62.97 62.57 -31.89
CA HIS B 28 -62.77 61.17 -32.28
C HIS B 28 -62.87 60.95 -33.77
N GLY B 29 -62.88 62.00 -34.58
CA GLY B 29 -62.80 61.84 -36.02
C GLY B 29 -63.99 61.19 -36.66
N ILE B 30 -65.18 61.36 -36.11
CA ILE B 30 -66.41 60.87 -36.72
C ILE B 30 -67.01 61.99 -37.55
N ASP B 31 -67.77 61.60 -38.57
CA ASP B 31 -68.49 62.56 -39.39
C ASP B 31 -69.97 62.51 -39.06
N PRO B 32 -70.76 63.52 -39.48
CA PRO B 32 -72.16 63.58 -39.03
C PRO B 32 -73.05 62.43 -39.47
N THR B 33 -72.50 61.41 -40.13
CA THR B 33 -73.26 60.20 -40.39
C THR B 33 -72.87 59.04 -39.49
N GLY B 34 -71.76 59.15 -38.77
CA GLY B 34 -71.35 58.09 -37.87
C GLY B 34 -70.41 57.07 -38.48
N THR B 35 -69.44 57.53 -39.26
CA THR B 35 -68.44 56.67 -39.86
C THR B 35 -67.05 57.29 -39.67
N TYR B 36 -66.07 56.44 -39.43
CA TYR B 36 -64.74 56.90 -39.07
C TYR B 36 -64.03 57.56 -40.25
N HIS B 37 -63.37 58.69 -39.98
CA HIS B 37 -62.59 59.38 -40.99
C HIS B 37 -61.30 59.97 -40.41
N ASN B 48 -65.29 52.68 -27.49
CA ASN B 48 -66.43 52.06 -26.82
C ASN B 48 -66.86 52.80 -25.57
N VAL B 49 -66.07 53.75 -25.09
CA VAL B 49 -66.40 54.40 -23.82
C VAL B 49 -67.62 55.30 -23.98
N TYR B 50 -67.69 56.06 -25.08
CA TYR B 50 -68.80 56.96 -25.33
C TYR B 50 -69.79 56.37 -26.33
N TYR B 51 -69.31 55.98 -27.50
CA TYR B 51 -70.18 55.52 -28.55
C TYR B 51 -70.48 54.03 -28.38
N ASN B 52 -71.33 53.51 -29.25
CA ASN B 52 -71.60 52.08 -29.34
C ASN B 52 -71.53 51.68 -30.80
N GLU B 53 -70.97 50.49 -31.05
CA GLU B 53 -70.90 49.96 -32.39
C GLU B 53 -72.29 49.59 -32.88
N ALA B 54 -72.47 49.66 -34.20
CA ALA B 54 -73.77 49.34 -34.79
C ALA B 54 -73.57 48.94 -36.24
N THR B 55 -74.57 48.26 -36.78
CA THR B 55 -74.48 47.61 -38.07
C THR B 55 -73.88 48.53 -39.13
N GLY B 56 -73.08 47.93 -40.02
CA GLY B 56 -72.43 48.70 -41.07
C GLY B 56 -71.35 49.63 -40.59
N GLY B 57 -70.66 49.26 -39.51
CA GLY B 57 -69.60 50.11 -38.99
C GLY B 57 -70.06 51.44 -38.46
N ARG B 58 -71.35 51.60 -38.20
CA ARG B 58 -71.86 52.87 -37.70
C ARG B 58 -71.61 52.98 -36.20
N TYR B 59 -71.60 54.21 -35.71
CA TYR B 59 -71.48 54.47 -34.28
C TYR B 59 -72.66 55.29 -33.81
N VAL B 60 -73.21 54.93 -32.67
CA VAL B 60 -74.32 55.71 -32.11
C VAL B 60 -73.99 56.11 -30.68
N PRO B 61 -74.21 57.36 -30.30
CA PRO B 61 -73.89 57.77 -28.94
C PRO B 61 -74.74 57.03 -27.91
N ARG B 62 -74.13 56.78 -26.76
CA ARG B 62 -74.80 56.08 -25.67
C ARG B 62 -75.51 57.07 -24.75
N ALA B 63 -76.50 57.76 -25.33
CA ALA B 63 -77.18 58.84 -24.64
C ALA B 63 -78.68 58.71 -24.83
N ILE B 64 -79.42 59.20 -23.83
CA ILE B 64 -80.88 59.28 -23.89
C ILE B 64 -81.26 60.74 -23.79
N LEU B 65 -82.39 61.10 -24.40
CA LEU B 65 -82.81 62.49 -24.53
C LEU B 65 -84.27 62.59 -24.11
N MET B 66 -84.52 63.31 -23.03
CA MET B 66 -85.86 63.44 -22.48
C MET B 66 -86.22 64.91 -22.30
N ASP B 67 -87.50 65.20 -22.51
CA ASP B 67 -88.06 66.54 -22.35
C ASP B 67 -89.56 66.45 -22.52
N LEU B 68 -90.29 67.33 -21.82
CA LEU B 68 -91.74 67.34 -21.90
C LEU B 68 -92.27 68.04 -23.13
N GLU B 69 -91.47 68.87 -23.79
CA GLU B 69 -91.92 69.53 -25.00
C GLU B 69 -91.22 68.97 -26.22
N PRO B 70 -91.93 68.76 -27.33
CA PRO B 70 -91.31 68.20 -28.53
C PRO B 70 -90.50 69.19 -29.34
N GLY B 71 -90.41 70.45 -28.90
CA GLY B 71 -89.60 71.41 -29.64
C GLY B 71 -88.14 71.02 -29.69
N THR B 72 -87.59 70.61 -28.54
CA THR B 72 -86.20 70.20 -28.51
C THR B 72 -85.92 68.99 -29.40
N MET B 73 -86.94 68.18 -29.69
CA MET B 73 -86.76 67.12 -30.67
C MET B 73 -86.37 67.69 -32.02
N ASP B 74 -87.15 68.67 -32.51
CA ASP B 74 -86.80 69.32 -33.76
C ASP B 74 -85.50 70.11 -33.65
N SER B 75 -85.17 70.57 -32.43
CA SER B 75 -83.89 71.25 -32.24
C SER B 75 -82.73 70.30 -32.51
N VAL B 76 -82.70 69.16 -31.82
CA VAL B 76 -81.58 68.24 -31.97
C VAL B 76 -81.64 67.51 -33.31
N ARG B 77 -82.79 67.50 -33.97
CA ARG B 77 -82.83 66.97 -35.32
C ARG B 77 -82.28 67.98 -36.32
N ALA B 78 -82.50 69.28 -36.07
CA ALA B 78 -82.11 70.31 -37.01
C ALA B 78 -80.61 70.57 -37.01
N GLY B 79 -79.98 70.61 -35.85
CA GLY B 79 -78.56 70.87 -35.78
C GLY B 79 -77.76 69.75 -36.40
N PRO B 80 -76.52 70.03 -36.79
CA PRO B 80 -75.67 68.99 -37.35
C PRO B 80 -75.40 67.89 -36.33
N PHE B 81 -75.00 66.73 -36.85
CA PHE B 81 -74.77 65.54 -36.03
C PHE B 81 -76.02 65.12 -35.28
N GLY B 82 -77.19 65.45 -35.81
CA GLY B 82 -78.43 65.02 -35.22
C GLY B 82 -78.84 63.61 -35.56
N GLN B 83 -78.24 63.02 -36.59
CA GLN B 83 -78.56 61.66 -37.00
C GLN B 83 -77.69 60.62 -36.30
N LEU B 84 -76.77 61.04 -35.43
CA LEU B 84 -75.99 60.07 -34.67
C LEU B 84 -76.86 59.31 -33.69
N PHE B 85 -77.87 59.95 -33.14
CA PHE B 85 -78.67 59.37 -32.07
C PHE B 85 -79.65 58.34 -32.64
N ARG B 86 -80.40 57.70 -31.75
CA ARG B 86 -81.33 56.66 -32.13
C ARG B 86 -82.71 56.97 -31.57
N PRO B 87 -83.78 56.78 -32.35
CA PRO B 87 -85.12 57.13 -31.87
C PRO B 87 -85.52 56.37 -30.61
N ASP B 88 -84.95 55.19 -30.37
CA ASP B 88 -85.21 54.48 -29.12
C ASP B 88 -84.81 55.30 -27.90
N ASN B 89 -83.99 56.33 -28.09
CA ASN B 89 -83.58 57.20 -27.00
C ASN B 89 -84.18 58.59 -27.13
N PHE B 90 -85.24 58.73 -27.92
CA PHE B 90 -85.97 59.99 -28.05
C PHE B 90 -87.32 59.81 -27.35
N VAL B 91 -87.33 60.04 -26.05
CA VAL B 91 -88.57 60.07 -25.28
C VAL B 91 -88.98 61.52 -25.08
N PHE B 92 -90.26 61.81 -25.25
CA PHE B 92 -90.72 63.19 -25.25
C PHE B 92 -92.19 63.24 -24.87
N GLY B 93 -92.54 64.19 -24.01
CA GLY B 93 -93.91 64.43 -23.63
C GLY B 93 -94.62 65.34 -24.61
N GLN B 94 -95.62 66.04 -24.10
CA GLN B 94 -96.36 66.98 -24.94
C GLN B 94 -96.50 68.37 -24.32
N THR B 95 -96.66 68.45 -22.99
CA THR B 95 -97.07 69.71 -22.38
C THR B 95 -95.92 70.70 -22.27
N GLY B 96 -94.81 70.29 -21.67
CA GLY B 96 -93.75 71.23 -21.36
C GLY B 96 -93.99 71.89 -20.03
N ALA B 97 -92.98 71.88 -19.15
CA ALA B 97 -93.18 72.33 -17.78
C ALA B 97 -93.44 73.83 -17.72
N GLY B 98 -92.84 74.60 -18.61
CA GLY B 98 -93.03 76.04 -18.60
C GLY B 98 -92.71 76.70 -17.28
N ASN B 99 -91.54 76.38 -16.71
CA ASN B 99 -91.06 76.96 -15.46
C ASN B 99 -91.93 76.58 -14.27
N ASN B 100 -92.51 75.38 -14.28
CA ASN B 100 -93.22 74.86 -13.13
C ASN B 100 -92.46 73.61 -12.67
N TRP B 101 -91.66 73.76 -11.62
CA TRP B 101 -90.84 72.63 -11.17
C TRP B 101 -91.70 71.42 -10.84
N ALA B 102 -92.84 71.63 -10.20
CA ALA B 102 -93.70 70.51 -9.84
C ALA B 102 -94.20 69.78 -11.07
N LYS B 103 -94.40 70.49 -12.19
CA LYS B 103 -94.80 69.83 -13.43
C LYS B 103 -93.72 68.93 -13.99
N GLY B 104 -92.59 68.81 -13.32
CA GLY B 104 -91.54 67.91 -13.77
C GLY B 104 -91.15 66.90 -12.72
N HIS B 105 -91.87 66.86 -11.60
CA HIS B 105 -91.49 66.00 -10.49
C HIS B 105 -92.62 65.20 -9.85
N TYR B 106 -93.87 65.66 -9.91
CA TYR B 106 -94.93 64.94 -9.21
C TYR B 106 -96.04 64.45 -10.12
N THR B 107 -96.61 65.31 -10.98
CA THR B 107 -97.76 64.89 -11.76
C THR B 107 -97.37 64.46 -13.18
N GLU B 108 -96.81 65.37 -13.96
CA GLU B 108 -96.60 65.10 -15.38
C GLU B 108 -95.28 64.40 -15.66
N GLY B 109 -94.20 64.85 -15.02
CA GLY B 109 -92.91 64.23 -15.26
C GLY B 109 -92.87 62.77 -14.89
N ALA B 110 -93.59 62.40 -13.82
CA ALA B 110 -93.55 61.03 -13.32
C ALA B 110 -93.91 60.02 -14.41
N GLU B 111 -95.04 60.26 -15.09
CA GLU B 111 -95.55 59.33 -16.10
C GLU B 111 -94.60 59.18 -17.27
N LEU B 112 -93.56 60.01 -17.32
CA LEU B 112 -92.47 59.83 -18.28
C LEU B 112 -91.28 59.09 -17.69
N ILE B 113 -90.89 59.44 -16.46
CA ILE B 113 -89.64 58.93 -15.90
C ILE B 113 -89.65 57.42 -15.85
N ASP B 114 -90.80 56.83 -15.51
CA ASP B 114 -90.94 55.37 -15.55
C ASP B 114 -90.39 54.81 -16.86
N SER B 115 -90.97 55.28 -17.98
CA SER B 115 -90.49 54.85 -19.29
C SER B 115 -89.00 55.07 -19.43
N VAL B 116 -88.53 56.25 -18.99
CA VAL B 116 -87.11 56.56 -19.10
C VAL B 116 -86.27 55.52 -18.37
N LEU B 117 -86.73 55.08 -17.20
CA LEU B 117 -86.01 54.02 -16.50
C LEU B 117 -85.73 52.85 -17.41
N ASP B 118 -86.74 52.39 -18.15
CA ASP B 118 -86.53 51.33 -19.12
C ASP B 118 -85.39 51.68 -20.06
N VAL B 119 -85.48 52.83 -20.73
CA VAL B 119 -84.45 53.16 -21.71
C VAL B 119 -83.10 53.38 -21.03
N VAL B 120 -83.08 53.62 -19.72
CA VAL B 120 -81.81 53.61 -19.01
C VAL B 120 -81.30 52.18 -18.88
N ARG B 121 -82.13 51.29 -18.34
CA ARG B 121 -81.74 49.90 -18.20
C ARG B 121 -81.70 49.17 -19.53
N LYS B 122 -82.36 49.72 -20.56
CA LYS B 122 -82.14 49.23 -21.93
C LYS B 122 -80.76 49.59 -22.44
N GLU B 123 -80.00 50.38 -21.69
CA GLU B 123 -78.68 50.84 -22.10
C GLU B 123 -77.61 50.56 -21.08
N ALA B 124 -77.93 50.59 -19.79
CA ALA B 124 -76.92 50.35 -18.76
C ALA B 124 -76.35 48.95 -18.88
N GLU B 125 -77.20 47.93 -18.77
CA GLU B 125 -76.75 46.55 -18.90
C GLU B 125 -76.09 46.27 -20.24
N GLY B 126 -76.31 47.13 -21.24
CA GLY B 126 -75.59 46.98 -22.50
C GLY B 126 -74.09 47.08 -22.32
N CYS B 127 -73.64 47.91 -21.39
CA CYS B 127 -72.25 47.96 -21.01
C CYS B 127 -71.90 46.79 -20.11
N ASP B 128 -70.61 46.66 -19.81
CA ASP B 128 -70.13 45.59 -18.93
C ASP B 128 -69.47 46.09 -17.66
N CYS B 129 -68.76 47.21 -17.71
CA CYS B 129 -68.18 47.84 -16.53
C CYS B 129 -68.49 49.34 -16.63
N LEU B 130 -69.65 49.72 -16.11
CA LEU B 130 -70.17 51.06 -16.31
C LEU B 130 -69.56 52.01 -15.28
N GLN B 131 -68.59 52.82 -15.71
CA GLN B 131 -67.87 53.69 -14.79
C GLN B 131 -68.78 54.71 -14.12
N GLY B 132 -69.98 54.93 -14.66
CA GLY B 132 -70.90 55.87 -14.05
C GLY B 132 -71.69 56.66 -15.06
N PHE B 133 -72.61 57.48 -14.58
CA PHE B 133 -73.47 58.26 -15.46
C PHE B 133 -72.92 59.67 -15.59
N GLN B 134 -73.65 60.50 -16.31
CA GLN B 134 -73.41 61.94 -16.33
C GLN B 134 -74.66 62.62 -16.87
N ILE B 135 -75.04 63.71 -16.24
CA ILE B 135 -76.30 64.39 -16.54
C ILE B 135 -76.00 65.79 -17.04
N THR B 136 -76.86 66.27 -17.94
CA THR B 136 -76.72 67.62 -18.51
C THR B 136 -78.10 68.25 -18.51
N HIS B 137 -78.30 69.26 -17.68
CA HIS B 137 -79.62 69.87 -17.51
C HIS B 137 -79.46 71.22 -16.82
N SER B 138 -80.57 71.93 -16.69
CA SER B 138 -80.62 73.17 -15.94
C SER B 138 -81.29 72.94 -14.60
N LEU B 139 -81.16 73.93 -13.71
CA LEU B 139 -81.75 73.87 -12.39
C LEU B 139 -82.85 74.88 -12.18
N GLY B 140 -83.16 75.69 -13.18
CA GLY B 140 -84.28 76.61 -13.06
C GLY B 140 -85.50 76.13 -13.81
N GLY B 141 -85.29 75.62 -15.02
CA GLY B 141 -86.38 75.11 -15.82
C GLY B 141 -87.07 73.95 -15.17
N GLY B 142 -88.40 73.98 -15.14
CA GLY B 142 -89.15 72.90 -14.51
C GLY B 142 -88.82 71.54 -15.11
N THR B 143 -88.76 71.46 -16.44
CA THR B 143 -88.52 70.19 -17.12
C THR B 143 -87.19 69.60 -16.70
N GLY B 144 -86.10 70.27 -17.07
CA GLY B 144 -84.78 69.80 -16.75
C GLY B 144 -84.61 69.50 -15.28
N SER B 145 -84.78 70.53 -14.44
CA SER B 145 -84.55 70.37 -13.02
C SER B 145 -85.38 69.24 -12.44
N GLY B 146 -86.71 69.31 -12.58
CA GLY B 146 -87.57 68.34 -11.93
C GLY B 146 -87.34 66.92 -12.42
N MET B 147 -87.36 66.73 -13.74
CA MET B 147 -87.19 65.39 -14.28
C MET B 147 -85.82 64.82 -13.93
N GLY B 148 -84.76 65.61 -14.09
CA GLY B 148 -83.44 65.14 -13.74
C GLY B 148 -83.31 64.82 -12.27
N THR B 149 -84.00 65.56 -11.41
CA THR B 149 -83.93 65.28 -9.98
C THR B 149 -84.61 63.96 -9.66
N LEU B 150 -85.81 63.75 -10.17
CA LEU B 150 -86.48 62.47 -9.95
C LEU B 150 -85.66 61.32 -10.52
N LEU B 151 -85.02 61.55 -11.67
CA LEU B 151 -84.22 60.50 -12.29
C LEU B 151 -82.98 60.19 -11.47
N ILE B 152 -82.32 61.23 -10.96
CA ILE B 152 -81.19 61.01 -10.05
C ILE B 152 -81.65 60.18 -8.86
N SER B 153 -82.81 60.50 -8.29
CA SER B 153 -83.34 59.69 -7.21
C SER B 153 -83.43 58.22 -7.61
N LYS B 154 -84.11 57.96 -8.73
CA LYS B 154 -84.33 56.58 -9.14
C LYS B 154 -83.01 55.85 -9.37
N VAL B 155 -82.09 56.46 -10.13
CA VAL B 155 -80.89 55.73 -10.51
C VAL B 155 -79.94 55.57 -9.34
N ARG B 156 -79.89 56.55 -8.44
CA ARG B 156 -79.09 56.35 -7.24
C ARG B 156 -79.69 55.30 -6.32
N GLU B 157 -81.00 55.12 -6.37
CA GLU B 157 -81.57 53.94 -5.73
C GLU B 157 -81.17 52.66 -6.45
N GLU B 158 -80.99 52.73 -7.77
CA GLU B 158 -80.75 51.53 -8.54
C GLU B 158 -79.29 51.08 -8.49
N TYR B 159 -78.37 51.93 -8.95
CA TYR B 159 -76.95 51.60 -9.03
C TYR B 159 -76.18 52.52 -8.11
N PRO B 160 -76.16 52.24 -6.81
CA PRO B 160 -75.43 53.12 -5.89
C PRO B 160 -73.92 53.01 -6.03
N ASP B 161 -73.42 51.98 -6.70
CA ASP B 161 -71.98 51.79 -6.75
C ASP B 161 -71.31 52.75 -7.73
N ARG B 162 -72.00 53.14 -8.79
CA ARG B 162 -71.40 54.00 -9.81
C ARG B 162 -71.59 55.46 -9.42
N ILE B 163 -70.86 56.35 -10.08
CA ILE B 163 -70.88 57.77 -9.74
C ILE B 163 -71.74 58.49 -10.77
N MET B 164 -72.37 59.58 -10.32
CA MET B 164 -73.40 60.28 -11.09
C MET B 164 -73.02 61.75 -11.19
N GLU B 165 -72.21 62.09 -12.18
CA GLU B 165 -71.89 63.48 -12.44
C GLU B 165 -73.12 64.22 -12.91
N THR B 166 -73.28 65.46 -12.46
CA THR B 166 -74.39 66.32 -12.87
C THR B 166 -73.81 67.63 -13.41
N PHE B 167 -73.64 67.70 -14.72
CA PHE B 167 -73.18 68.92 -15.40
C PHE B 167 -74.34 69.90 -15.44
N SER B 168 -74.57 70.55 -14.30
CA SER B 168 -75.72 71.42 -14.11
C SER B 168 -75.34 72.87 -14.39
N VAL B 169 -76.29 73.61 -14.94
CA VAL B 169 -76.16 75.04 -15.18
C VAL B 169 -77.09 75.76 -14.22
N VAL B 170 -76.51 76.32 -13.15
CA VAL B 170 -77.30 77.02 -12.13
C VAL B 170 -77.90 78.26 -12.76
N PRO B 171 -78.98 78.81 -12.20
CA PRO B 171 -79.60 79.99 -12.82
C PRO B 171 -78.66 81.18 -12.82
N SER B 172 -78.79 82.00 -13.86
CA SER B 172 -78.06 83.25 -13.93
C SER B 172 -78.43 84.10 -12.72
N PRO B 173 -77.48 84.36 -11.82
CA PRO B 173 -77.84 85.01 -10.55
C PRO B 173 -78.45 86.39 -10.72
N LYS B 174 -77.77 87.28 -11.42
CA LYS B 174 -78.27 88.64 -11.57
C LYS B 174 -79.08 88.83 -12.85
N VAL B 175 -78.60 88.31 -13.97
CA VAL B 175 -79.30 88.49 -15.26
C VAL B 175 -80.31 87.35 -15.37
N SER B 176 -81.44 87.55 -14.69
CA SER B 176 -82.49 86.54 -14.68
C SER B 176 -83.32 86.65 -15.95
N ASP B 177 -83.67 85.50 -16.53
CA ASP B 177 -84.55 85.47 -17.69
C ASP B 177 -85.95 84.99 -17.35
N THR B 178 -86.13 84.33 -16.22
CA THR B 178 -87.44 83.91 -15.74
C THR B 178 -87.65 84.47 -14.35
N VAL B 179 -88.89 84.41 -13.87
CA VAL B 179 -89.28 85.02 -12.61
C VAL B 179 -89.53 83.99 -11.52
N VAL B 180 -89.18 82.73 -11.77
CA VAL B 180 -89.48 81.67 -10.82
C VAL B 180 -88.23 80.83 -10.57
N GLU B 181 -87.07 81.36 -10.93
CA GLU B 181 -85.80 80.66 -10.75
C GLU B 181 -85.59 80.18 -9.32
N PRO B 182 -85.68 81.04 -8.30
CA PRO B 182 -85.30 80.60 -6.94
C PRO B 182 -86.04 79.38 -6.44
N TYR B 183 -87.36 79.31 -6.66
CA TYR B 183 -88.12 78.17 -6.17
C TYR B 183 -87.59 76.86 -6.75
N ASN B 184 -87.46 76.80 -8.07
CA ASN B 184 -87.01 75.57 -8.72
C ASN B 184 -85.57 75.26 -8.34
N ALA B 185 -84.71 76.27 -8.31
CA ALA B 185 -83.31 76.04 -7.96
C ALA B 185 -83.19 75.44 -6.56
N THR B 186 -83.93 76.00 -5.59
CA THR B 186 -83.84 75.51 -4.22
C THR B 186 -84.43 74.11 -4.10
N LEU B 187 -85.62 73.90 -4.66
CA LEU B 187 -86.23 72.57 -4.62
C LEU B 187 -85.34 71.52 -5.27
N SER B 188 -84.58 71.91 -6.29
CA SER B 188 -83.72 70.95 -6.96
C SER B 188 -82.47 70.66 -6.15
N VAL B 189 -81.82 71.71 -5.62
CA VAL B 189 -80.58 71.52 -4.88
C VAL B 189 -80.83 70.70 -3.62
N HIS B 190 -81.98 70.93 -2.96
CA HIS B 190 -82.31 70.17 -1.77
C HIS B 190 -82.20 68.67 -1.98
N GLN B 191 -82.57 68.19 -3.16
CA GLN B 191 -82.49 66.77 -3.47
C GLN B 191 -81.19 66.38 -4.15
N LEU B 192 -80.57 67.31 -4.90
CA LEU B 192 -79.32 67.00 -5.59
C LEU B 192 -78.20 66.78 -4.60
N VAL B 193 -78.20 67.52 -3.49
CA VAL B 193 -77.11 67.42 -2.53
C VAL B 193 -77.01 66.03 -1.91
N GLU B 194 -78.04 65.20 -2.05
CA GLU B 194 -78.02 63.88 -1.43
C GLU B 194 -77.50 62.82 -2.38
N ASN B 195 -78.11 62.69 -3.56
CA ASN B 195 -77.88 61.55 -4.43
C ASN B 195 -76.96 61.88 -5.61
N ALA B 196 -76.14 62.92 -5.51
CA ALA B 196 -75.20 63.27 -6.55
C ALA B 196 -73.78 63.17 -6.02
N ASP B 197 -72.81 63.25 -6.93
CA ASP B 197 -71.42 63.14 -6.54
C ASP B 197 -70.56 64.26 -7.12
N GLU B 198 -70.98 64.83 -8.25
CA GLU B 198 -70.22 65.90 -8.89
C GLU B 198 -71.19 66.92 -9.48
N CYS B 199 -71.50 67.95 -8.72
CA CYS B 199 -72.33 69.06 -9.18
C CYS B 199 -71.39 70.19 -9.59
N MET B 200 -70.95 70.15 -10.83
CA MET B 200 -70.11 71.20 -11.39
C MET B 200 -71.02 72.28 -11.94
N VAL B 201 -71.02 73.44 -11.31
CA VAL B 201 -72.00 74.48 -11.59
C VAL B 201 -71.51 75.37 -12.72
N ILE B 202 -72.45 75.83 -13.54
CA ILE B 202 -72.21 76.79 -14.60
C ILE B 202 -73.33 77.82 -14.57
N ASP B 203 -72.99 79.08 -14.79
CA ASP B 203 -73.98 80.14 -14.83
C ASP B 203 -73.63 81.14 -15.92
N ASN B 204 -74.63 81.50 -16.72
CA ASN B 204 -74.39 82.27 -17.94
C ASN B 204 -73.71 83.60 -17.68
N GLU B 205 -73.78 84.12 -16.46
CA GLU B 205 -73.04 85.34 -16.14
C GLU B 205 -71.55 85.16 -16.43
N ALA B 206 -70.96 84.09 -15.90
CA ALA B 206 -69.54 83.84 -16.12
C ALA B 206 -69.25 83.55 -17.58
N LEU B 207 -70.17 82.88 -18.28
CA LEU B 207 -69.93 82.56 -19.67
C LEU B 207 -69.91 83.81 -20.54
N TYR B 208 -70.88 84.72 -20.35
CA TYR B 208 -70.82 86.00 -21.04
C TYR B 208 -69.58 86.78 -20.65
N ASP B 209 -69.21 86.77 -19.36
CA ASP B 209 -68.01 87.48 -18.94
C ASP B 209 -66.80 86.99 -19.72
N ILE B 210 -66.62 85.68 -19.80
CA ILE B 210 -65.48 85.11 -20.52
C ILE B 210 -65.56 85.47 -22.00
N CYS B 211 -66.70 85.16 -22.63
CA CYS B 211 -66.81 85.35 -24.08
C CYS B 211 -66.74 86.82 -24.48
N PHE B 212 -66.93 87.74 -23.54
CA PHE B 212 -66.76 89.16 -23.83
C PHE B 212 -65.33 89.62 -23.59
N ARG B 213 -64.84 89.46 -22.36
CA ARG B 213 -63.59 90.06 -21.94
C ARG B 213 -62.40 89.13 -22.11
N THR B 214 -62.54 88.05 -22.87
CA THR B 214 -61.41 87.16 -23.15
C THR B 214 -61.31 86.78 -24.62
N LEU B 215 -62.32 87.05 -25.43
CA LEU B 215 -62.27 86.74 -26.84
C LEU B 215 -62.76 87.87 -27.73
N LYS B 216 -63.18 89.00 -27.14
CA LYS B 216 -63.59 90.20 -27.88
C LYS B 216 -64.67 89.90 -28.91
N LEU B 217 -65.42 88.81 -28.73
CA LEU B 217 -66.33 88.37 -29.78
C LEU B 217 -67.44 89.38 -30.02
N THR B 218 -68.07 89.27 -31.17
CA THR B 218 -69.04 90.25 -31.65
C THR B 218 -70.46 89.98 -31.14
N THR B 219 -71.03 88.83 -31.48
CA THR B 219 -72.41 88.50 -31.13
C THR B 219 -72.46 87.11 -30.51
N PRO B 220 -72.23 87.01 -29.21
CA PRO B 220 -72.22 85.69 -28.57
C PRO B 220 -73.62 85.10 -28.43
N THR B 221 -73.90 84.09 -29.24
CA THR B 221 -75.14 83.34 -29.14
C THR B 221 -74.94 82.12 -28.26
N TYR B 222 -76.04 81.45 -27.95
CA TYR B 222 -75.99 80.29 -27.07
C TYR B 222 -75.15 79.17 -27.65
N GLY B 223 -74.96 79.14 -28.97
CA GLY B 223 -74.09 78.15 -29.57
C GLY B 223 -72.67 78.24 -29.05
N ASP B 224 -72.17 79.45 -28.83
CA ASP B 224 -70.79 79.60 -28.40
C ASP B 224 -70.61 79.22 -26.94
N LEU B 225 -71.56 79.59 -26.08
CA LEU B 225 -71.50 79.15 -24.69
C LEU B 225 -71.59 77.63 -24.60
N ASN B 226 -72.49 77.03 -25.37
CA ASN B 226 -72.59 75.58 -25.38
C ASN B 226 -71.30 74.94 -25.88
N HIS B 227 -70.66 75.54 -26.88
CA HIS B 227 -69.41 74.99 -27.39
C HIS B 227 -68.31 75.08 -26.34
N LEU B 228 -68.27 76.17 -25.59
CA LEU B 228 -67.26 76.31 -24.54
C LEU B 228 -67.46 75.28 -23.44
N VAL B 229 -68.70 75.15 -22.95
CA VAL B 229 -68.98 74.14 -21.94
C VAL B 229 -68.71 72.74 -22.49
N SER B 230 -68.94 72.55 -23.79
CA SER B 230 -68.61 71.27 -24.42
C SER B 230 -67.13 70.97 -24.34
N ALA B 231 -66.30 71.96 -24.69
CA ALA B 231 -64.86 71.77 -24.60
C ALA B 231 -64.44 71.39 -23.19
N ALA B 232 -64.98 72.10 -22.19
CA ALA B 232 -64.63 71.78 -20.81
C ALA B 232 -65.08 70.37 -20.44
N MET B 233 -66.31 70.02 -20.81
CA MET B 233 -66.85 68.69 -20.55
C MET B 233 -65.95 67.61 -21.13
N SER B 234 -65.53 67.78 -22.38
CA SER B 234 -64.64 66.81 -23.00
C SER B 234 -63.33 66.70 -22.23
N GLY B 235 -62.66 67.84 -22.04
CA GLY B 235 -61.38 67.84 -21.37
C GLY B 235 -61.42 67.20 -20.00
N VAL B 236 -62.58 67.22 -19.35
CA VAL B 236 -62.69 66.62 -18.02
C VAL B 236 -62.31 65.15 -18.04
N THR B 237 -62.85 64.38 -18.98
CA THR B 237 -62.63 62.94 -19.01
C THR B 237 -61.73 62.48 -20.15
N CYS B 238 -61.17 63.43 -20.92
CA CYS B 238 -60.30 63.02 -22.01
C CYS B 238 -59.07 62.27 -21.52
N CYS B 239 -58.57 62.61 -20.33
CA CYS B 239 -57.43 61.88 -19.80
C CYS B 239 -57.72 60.41 -19.57
N LEU B 240 -59.00 60.05 -19.39
CA LEU B 240 -59.39 58.65 -19.38
C LEU B 240 -59.66 58.12 -20.78
N ARG B 241 -60.20 58.95 -21.67
CA ARG B 241 -60.45 58.50 -23.04
C ARG B 241 -59.17 58.11 -23.76
N PHE B 242 -58.01 58.54 -23.29
CA PHE B 242 -56.76 58.36 -24.00
C PHE B 242 -55.67 57.94 -23.00
N PRO B 243 -54.55 57.42 -23.50
CA PRO B 243 -53.43 57.13 -22.61
C PRO B 243 -52.74 58.40 -22.16
N GLY B 244 -51.87 58.26 -21.17
CA GLY B 244 -51.17 59.41 -20.62
C GLY B 244 -50.05 58.98 -19.72
N GLN B 245 -49.09 59.89 -19.53
CA GLN B 245 -47.95 59.62 -18.66
C GLN B 245 -48.38 59.44 -17.21
N LEU B 246 -49.50 60.05 -16.83
CA LEU B 246 -50.02 59.96 -15.47
C LEU B 246 -51.56 59.99 -15.59
N ASN B 247 -52.16 58.81 -15.61
CA ASN B 247 -53.56 58.69 -16.00
C ASN B 247 -54.48 58.87 -14.81
N SER B 248 -55.68 59.38 -15.09
CA SER B 248 -56.73 59.54 -14.10
C SER B 248 -58.02 58.95 -14.62
N ASP B 249 -59.14 59.21 -13.94
CA ASP B 249 -60.43 58.67 -14.34
C ASP B 249 -61.51 59.56 -13.77
N LEU B 250 -62.75 59.07 -13.76
CA LEU B 250 -63.83 59.78 -13.11
C LEU B 250 -63.86 59.55 -11.60
N ARG B 251 -63.13 58.55 -11.11
CA ARG B 251 -63.16 58.24 -9.68
C ARG B 251 -61.95 58.77 -8.92
N LYS B 252 -60.77 58.77 -9.55
CA LYS B 252 -59.62 59.45 -8.93
C LYS B 252 -59.96 60.91 -8.65
N LEU B 253 -60.64 61.56 -9.60
CA LEU B 253 -61.11 62.93 -9.38
C LEU B 253 -61.96 63.02 -8.13
N ALA B 254 -62.99 62.17 -8.05
CA ALA B 254 -63.87 62.20 -6.89
C ALA B 254 -63.10 62.01 -5.59
N VAL B 255 -62.17 61.06 -5.58
CA VAL B 255 -61.42 60.78 -4.34
C VAL B 255 -60.58 61.99 -3.96
N ASN B 256 -59.92 62.60 -4.93
CA ASN B 256 -59.03 63.72 -4.65
C ASN B 256 -59.75 65.07 -4.59
N LEU B 257 -61.07 65.10 -4.71
CA LEU B 257 -61.79 66.36 -4.72
C LEU B 257 -62.76 66.58 -3.58
N ILE B 258 -63.36 65.53 -3.01
CA ILE B 258 -64.31 65.70 -1.92
C ILE B 258 -63.69 65.12 -0.65
N PRO B 259 -63.65 65.87 0.45
CA PRO B 259 -63.21 65.30 1.73
C PRO B 259 -64.36 64.77 2.58
N PHE B 260 -65.60 65.08 2.24
CA PHE B 260 -66.75 64.67 3.03
C PHE B 260 -67.91 64.44 2.09
N PRO B 261 -68.88 63.60 2.47
CA PRO B 261 -69.87 63.13 1.49
C PRO B 261 -70.78 64.20 0.90
N ARG B 262 -70.63 65.47 1.31
CA ARG B 262 -71.53 66.48 0.77
C ARG B 262 -70.84 67.80 0.42
N LEU B 263 -69.52 67.89 0.49
CA LEU B 263 -68.81 69.05 -0.05
C LEU B 263 -68.32 68.78 -1.46
N HIS B 264 -69.22 68.38 -2.36
CA HIS B 264 -68.82 67.88 -3.67
C HIS B 264 -69.22 68.80 -4.81
N PHE B 265 -69.43 70.09 -4.54
CA PHE B 265 -69.85 71.04 -5.56
C PHE B 265 -68.62 71.78 -6.06
N PHE B 266 -68.40 71.73 -7.38
CA PHE B 266 -67.11 72.08 -7.95
C PHE B 266 -67.16 73.43 -8.67
N MET B 267 -66.03 73.77 -9.28
CA MET B 267 -65.92 74.85 -10.24
C MET B 267 -65.14 74.35 -11.44
N ILE B 268 -65.44 74.90 -12.61
CA ILE B 268 -64.86 74.44 -13.87
C ILE B 268 -64.07 75.57 -14.50
N GLY B 269 -62.96 75.23 -15.13
CA GLY B 269 -62.17 76.20 -15.85
C GLY B 269 -61.49 75.54 -17.04
N PHE B 270 -61.39 76.31 -18.12
CA PHE B 270 -60.78 75.84 -19.35
C PHE B 270 -59.61 76.73 -19.71
N ALA B 271 -58.66 76.15 -20.44
CA ALA B 271 -57.52 76.92 -20.95
C ALA B 271 -56.97 76.19 -22.17
N PRO B 272 -56.44 76.92 -23.16
CA PRO B 272 -56.32 78.38 -23.24
C PRO B 272 -57.43 79.03 -24.06
N LEU B 273 -57.66 80.32 -23.83
CA LEU B 273 -58.70 81.06 -24.53
C LEU B 273 -58.19 82.46 -24.81
N THR B 274 -58.07 82.81 -26.10
CA THR B 274 -57.65 84.14 -26.51
C THR B 274 -58.26 84.45 -27.87
N SER B 275 -58.22 85.72 -28.24
CA SER B 275 -58.71 86.16 -29.54
C SER B 275 -57.55 86.44 -30.48
N ARG B 276 -57.89 86.72 -31.74
CA ARG B 276 -56.90 86.81 -32.81
C ARG B 276 -55.79 87.79 -32.48
N GLY B 277 -56.16 89.04 -32.15
CA GLY B 277 -55.15 90.02 -31.77
C GLY B 277 -54.26 89.54 -30.66
N SER B 278 -54.85 89.03 -29.58
CA SER B 278 -54.04 88.43 -28.53
C SER B 278 -53.48 87.08 -28.94
N GLN B 279 -53.98 86.49 -30.02
CA GLN B 279 -53.45 85.19 -30.44
C GLN B 279 -52.08 85.34 -31.08
N GLN B 280 -51.87 86.40 -31.86
CA GLN B 280 -50.60 86.52 -32.56
C GLN B 280 -49.41 86.71 -31.60
N TYR B 281 -49.66 87.10 -30.36
CA TYR B 281 -48.64 87.17 -29.32
C TYR B 281 -48.70 85.93 -28.43
N ARG B 282 -48.00 85.98 -27.30
CA ARG B 282 -48.15 85.07 -26.16
C ARG B 282 -48.01 83.60 -26.58
N ALA B 283 -46.77 83.26 -26.94
CA ALA B 283 -46.42 81.87 -27.24
C ALA B 283 -46.89 80.94 -26.11
N LEU B 284 -47.25 79.71 -26.49
CA LEU B 284 -47.86 78.76 -25.58
C LEU B 284 -46.78 78.05 -24.75
N THR B 285 -46.91 78.12 -23.43
CA THR B 285 -45.98 77.45 -22.53
C THR B 285 -46.66 77.28 -21.18
N VAL B 286 -46.42 76.13 -20.56
CA VAL B 286 -47.17 75.65 -19.39
C VAL B 286 -47.37 76.71 -18.31
N PRO B 287 -46.35 77.51 -17.95
CA PRO B 287 -46.61 78.55 -16.94
C PRO B 287 -47.62 79.59 -17.39
N GLU B 288 -47.63 79.95 -18.67
CA GLU B 288 -48.65 80.85 -19.17
C GLU B 288 -50.03 80.22 -19.05
N LEU B 289 -50.14 78.93 -19.36
CA LEU B 289 -51.40 78.23 -19.17
C LEU B 289 -51.83 78.25 -17.71
N THR B 290 -50.89 78.10 -16.79
CA THR B 290 -51.22 78.17 -15.37
C THR B 290 -51.75 79.55 -15.00
N GLN B 291 -51.06 80.60 -15.44
CA GLN B 291 -51.50 81.95 -15.13
C GLN B 291 -52.87 82.24 -15.71
N GLN B 292 -53.18 81.66 -16.87
CA GLN B 292 -54.50 81.83 -17.45
C GLN B 292 -55.55 80.95 -16.79
N MET B 293 -55.14 79.86 -16.15
CA MET B 293 -56.10 78.94 -15.55
C MET B 293 -56.50 79.37 -14.15
N PHE B 294 -55.56 79.91 -13.38
CA PHE B 294 -55.84 80.30 -12.00
C PHE B 294 -56.26 81.75 -11.85
N ASP B 295 -56.48 82.46 -12.96
CA ASP B 295 -57.08 83.77 -12.86
C ASP B 295 -58.53 83.66 -12.42
N ALA B 296 -58.98 84.62 -11.62
CA ALA B 296 -60.29 84.52 -11.00
C ALA B 296 -61.41 84.49 -12.03
N LYS B 297 -61.41 85.42 -12.97
CA LYS B 297 -62.50 85.57 -13.92
C LYS B 297 -62.50 84.48 -14.99
N ASN B 298 -61.59 83.52 -14.93
CA ASN B 298 -61.44 82.51 -15.97
C ASN B 298 -62.11 81.19 -15.60
N MET B 299 -63.26 81.24 -14.92
CA MET B 299 -63.98 80.03 -14.55
C MET B 299 -65.47 80.21 -14.86
N MET B 300 -66.17 79.07 -14.87
CA MET B 300 -67.58 79.02 -15.24
C MET B 300 -68.51 79.36 -14.08
N CYS B 301 -68.04 80.04 -13.05
CA CYS B 301 -68.86 80.34 -11.88
C CYS B 301 -68.69 81.79 -11.49
N ALA B 302 -69.81 82.49 -11.35
CA ALA B 302 -69.81 83.91 -10.98
C ALA B 302 -69.52 84.07 -9.49
N ALA B 303 -68.34 83.60 -9.09
CA ALA B 303 -67.87 83.69 -7.72
C ALA B 303 -66.37 83.86 -7.75
N ASP B 304 -65.90 85.07 -7.43
CA ASP B 304 -64.47 85.34 -7.37
C ASP B 304 -63.84 84.37 -6.38
N PRO B 305 -63.04 83.42 -6.85
CA PRO B 305 -62.54 82.38 -5.96
C PRO B 305 -61.64 82.89 -4.86
N ARG B 306 -61.05 84.09 -5.03
CA ARG B 306 -60.27 84.69 -3.95
C ARG B 306 -61.13 84.93 -2.72
N HIS B 307 -62.43 85.17 -2.90
CA HIS B 307 -63.34 85.40 -1.79
C HIS B 307 -63.61 84.14 -1.00
N GLY B 308 -62.97 83.03 -1.35
CA GLY B 308 -63.03 81.82 -0.56
C GLY B 308 -61.72 81.10 -0.61
N ARG B 309 -61.65 79.90 -0.04
CA ARG B 309 -60.45 79.08 -0.11
C ARG B 309 -60.72 77.88 -1.01
N TYR B 310 -59.64 77.30 -1.52
CA TYR B 310 -59.72 76.10 -2.32
C TYR B 310 -59.53 74.91 -1.40
N LEU B 311 -60.59 74.17 -1.14
CA LEU B 311 -60.43 72.91 -0.42
C LEU B 311 -59.48 72.00 -1.19
N THR B 312 -59.70 71.83 -2.48
CA THR B 312 -58.78 71.08 -3.32
C THR B 312 -59.12 71.36 -4.78
N ALA B 313 -58.18 71.02 -5.65
CA ALA B 313 -58.34 71.34 -7.07
C ALA B 313 -57.45 70.44 -7.89
N SER B 314 -58.02 69.85 -8.94
CA SER B 314 -57.29 69.02 -9.87
C SER B 314 -57.18 69.72 -11.22
N ALA B 315 -56.11 69.40 -11.94
CA ALA B 315 -55.87 69.98 -13.25
C ALA B 315 -55.43 68.86 -14.19
N LEU B 316 -56.12 68.72 -15.31
CA LEU B 316 -55.80 67.72 -16.32
C LEU B 316 -55.25 68.43 -17.54
N PHE B 317 -54.03 68.05 -17.94
CA PHE B 317 -53.38 68.63 -19.10
C PHE B 317 -53.50 67.65 -20.26
N ARG B 318 -53.46 68.19 -21.47
CA ARG B 318 -53.62 67.39 -22.68
C ARG B 318 -52.62 67.88 -23.72
N GLY B 319 -51.72 67.01 -24.12
CA GLY B 319 -50.70 67.35 -25.10
C GLY B 319 -49.40 66.67 -24.74
N ARG B 320 -48.31 67.23 -25.26
CA ARG B 320 -46.97 66.77 -24.94
C ARG B 320 -46.24 67.88 -24.22
N MET B 321 -45.75 67.60 -23.02
CA MET B 321 -45.07 68.61 -22.22
C MET B 321 -44.01 67.93 -21.37
N SER B 322 -43.51 68.66 -20.38
CA SER B 322 -42.51 68.16 -19.44
C SER B 322 -43.16 68.10 -18.06
N THR B 323 -43.31 66.89 -17.53
CA THR B 323 -44.04 66.71 -16.28
C THR B 323 -43.40 67.48 -15.14
N LYS B 324 -42.07 67.56 -15.12
CA LYS B 324 -41.41 68.34 -14.07
C LYS B 324 -41.89 69.78 -14.09
N GLU B 325 -42.03 70.37 -15.27
CA GLU B 325 -42.51 71.74 -15.34
C GLU B 325 -43.93 71.85 -14.81
N VAL B 326 -44.79 70.89 -15.17
CA VAL B 326 -46.15 70.85 -14.64
C VAL B 326 -46.14 70.86 -13.12
N ASP B 327 -45.45 69.90 -12.52
CA ASP B 327 -45.50 69.76 -11.07
C ASP B 327 -44.83 70.94 -10.37
N GLU B 328 -43.78 71.52 -10.97
CA GLU B 328 -43.13 72.66 -10.35
C GLU B 328 -44.01 73.90 -10.42
N GLN B 329 -44.71 74.10 -11.54
CA GLN B 329 -45.66 75.20 -11.62
C GLN B 329 -46.77 75.03 -10.59
N MET B 330 -47.29 73.82 -10.44
CA MET B 330 -48.32 73.57 -9.43
C MET B 330 -47.79 73.89 -8.03
N LEU B 331 -46.58 73.43 -7.72
CA LEU B 331 -46.00 73.70 -6.41
C LEU B 331 -45.82 75.20 -6.18
N ASN B 332 -45.27 75.90 -7.18
CA ASN B 332 -45.06 77.34 -7.05
C ASN B 332 -46.38 78.06 -6.82
N VAL B 333 -47.43 77.67 -7.56
CA VAL B 333 -48.67 78.41 -7.48
C VAL B 333 -49.42 78.10 -6.20
N GLN B 334 -49.28 76.89 -5.65
CA GLN B 334 -49.94 76.62 -4.38
C GLN B 334 -49.14 77.22 -3.23
N ASN B 335 -47.83 77.38 -3.41
CA ASN B 335 -47.00 77.84 -2.30
C ASN B 335 -46.95 79.35 -2.20
N LYS B 336 -46.98 80.07 -3.33
CA LYS B 336 -46.88 81.51 -3.28
C LYS B 336 -48.15 82.14 -2.72
N ASN B 337 -49.31 81.70 -3.20
CA ASN B 337 -50.59 82.24 -2.73
C ASN B 337 -51.18 81.31 -1.67
N SER B 338 -50.46 81.21 -0.55
CA SER B 338 -50.86 80.28 0.51
C SER B 338 -52.15 80.72 1.20
N SER B 339 -52.46 82.02 1.17
CA SER B 339 -53.66 82.51 1.83
C SER B 339 -54.92 81.94 1.17
N TYR B 340 -55.01 82.07 -0.15
CA TYR B 340 -56.20 81.62 -0.86
C TYR B 340 -56.39 80.11 -0.78
N PHE B 341 -55.32 79.35 -0.57
CA PHE B 341 -55.46 77.93 -0.34
C PHE B 341 -55.66 77.66 1.14
N VAL B 342 -56.03 76.42 1.47
CA VAL B 342 -56.40 76.05 2.83
C VAL B 342 -55.25 75.28 3.46
N GLU B 343 -55.01 75.53 4.74
CA GLU B 343 -53.83 75.03 5.44
C GLU B 343 -54.00 73.62 6.00
N TRP B 344 -55.15 73.34 6.61
CA TRP B 344 -55.30 72.09 7.36
C TRP B 344 -55.20 70.87 6.47
N ILE B 345 -55.13 71.05 5.16
CA ILE B 345 -54.84 69.98 4.21
C ILE B 345 -53.58 70.38 3.46
N PRO B 346 -52.59 69.51 3.34
CA PRO B 346 -51.37 69.84 2.60
C PRO B 346 -51.46 69.39 1.15
N ASN B 347 -50.54 69.91 0.34
CA ASN B 347 -50.39 69.57 -1.07
C ASN B 347 -51.74 69.49 -1.79
N ASN B 348 -52.63 70.42 -1.50
CA ASN B 348 -54.04 70.29 -1.86
C ASN B 348 -54.29 70.43 -3.35
N ILE B 349 -53.27 70.46 -4.19
CA ILE B 349 -53.44 70.50 -5.63
C ILE B 349 -53.19 69.11 -6.19
N LYS B 350 -53.76 68.84 -7.36
CA LYS B 350 -53.62 67.54 -7.99
C LYS B 350 -53.44 67.73 -9.48
N SER B 351 -52.67 66.86 -10.11
CA SER B 351 -52.40 66.97 -11.53
C SER B 351 -52.68 65.65 -12.23
N SER B 352 -52.84 65.74 -13.55
CA SER B 352 -52.92 64.58 -14.42
C SER B 352 -52.58 65.02 -15.83
N ILE B 353 -52.11 64.08 -16.65
CA ILE B 353 -51.59 64.40 -17.97
C ILE B 353 -52.02 63.32 -18.96
N CYS B 354 -52.68 63.74 -20.05
CA CYS B 354 -53.05 62.85 -21.14
C CYS B 354 -51.98 62.89 -22.22
N ASP B 355 -52.27 62.33 -23.39
CA ASP B 355 -51.32 62.33 -24.49
C ASP B 355 -51.90 62.76 -25.83
N ILE B 356 -53.19 63.05 -25.92
CA ILE B 356 -53.74 63.54 -27.18
C ILE B 356 -54.54 64.82 -26.92
N PRO B 357 -54.01 65.96 -27.33
CA PRO B 357 -54.71 67.24 -27.15
C PRO B 357 -55.86 67.36 -28.13
N PRO B 358 -56.64 68.45 -28.09
CA PRO B 358 -57.78 68.57 -29.01
C PRO B 358 -57.35 68.83 -30.45
N LYS B 359 -58.32 69.20 -31.30
CA LYS B 359 -58.07 69.34 -32.73
C LYS B 359 -57.17 70.52 -33.06
N GLY B 360 -55.87 70.26 -33.18
CA GLY B 360 -54.95 71.31 -33.58
C GLY B 360 -54.53 72.24 -32.48
N LEU B 361 -54.66 71.84 -31.23
CA LEU B 361 -54.31 72.67 -30.09
C LEU B 361 -53.16 71.99 -29.33
N LYS B 362 -51.95 72.48 -29.51
CA LYS B 362 -50.76 71.84 -28.96
C LYS B 362 -50.73 71.81 -27.43
N MET B 363 -51.73 72.33 -26.74
CA MET B 363 -51.78 72.29 -25.28
C MET B 363 -53.20 72.59 -24.84
N ALA B 364 -53.61 71.96 -23.75
CA ALA B 364 -54.97 72.13 -23.26
C ALA B 364 -55.03 71.81 -21.78
N VAL B 365 -55.74 72.65 -21.03
CA VAL B 365 -55.86 72.53 -19.59
C VAL B 365 -57.32 72.53 -19.21
N THR B 366 -57.72 71.57 -18.37
CA THR B 366 -59.06 71.54 -17.80
C THR B 366 -58.93 71.46 -16.29
N PHE B 367 -59.49 72.43 -15.59
CA PHE B 367 -59.30 72.60 -14.16
C PHE B 367 -60.62 72.42 -13.44
N VAL B 368 -60.65 71.54 -12.44
CA VAL B 368 -61.86 71.30 -11.65
C VAL B 368 -61.52 71.52 -10.18
N GLY B 369 -62.24 72.42 -9.54
CA GLY B 369 -61.87 72.79 -8.18
C GLY B 369 -62.99 72.79 -7.17
N ASN B 370 -62.88 71.94 -6.15
CA ASN B 370 -63.79 71.99 -5.02
C ASN B 370 -63.32 73.10 -4.10
N SER B 371 -64.09 74.19 -4.03
CA SER B 371 -63.66 75.39 -3.34
C SER B 371 -64.84 76.01 -2.63
N THR B 372 -64.62 76.44 -1.39
CA THR B 372 -65.67 77.03 -0.58
C THR B 372 -65.99 78.45 -0.99
N ALA B 373 -65.48 78.91 -2.12
CA ALA B 373 -65.84 80.22 -2.66
C ALA B 373 -67.16 80.21 -3.41
N ILE B 374 -67.84 79.07 -3.47
CA ILE B 374 -69.08 78.95 -4.23
C ILE B 374 -70.30 78.89 -3.34
N GLN B 375 -70.14 78.94 -2.02
CA GLN B 375 -71.30 79.02 -1.15
C GLN B 375 -72.03 80.34 -1.30
N GLU B 376 -71.35 81.37 -1.84
CA GLU B 376 -72.01 82.65 -2.06
C GLU B 376 -73.14 82.54 -3.08
N MET B 377 -72.96 81.70 -4.11
CA MET B 377 -74.00 81.52 -5.11
C MET B 377 -75.27 80.98 -4.48
N PHE B 378 -75.14 79.92 -3.69
CA PHE B 378 -76.30 79.37 -2.99
C PHE B 378 -76.85 80.35 -1.97
N LYS B 379 -75.98 81.14 -1.33
CA LYS B 379 -76.44 82.14 -0.38
C LYS B 379 -77.36 83.15 -1.06
N ARG B 380 -76.95 83.65 -2.22
CA ARG B 380 -77.76 84.66 -2.90
C ARG B 380 -79.03 84.05 -3.52
N VAL B 381 -78.94 82.81 -4.00
CA VAL B 381 -80.15 82.16 -4.51
C VAL B 381 -81.15 81.95 -3.38
N ALA B 382 -80.69 81.50 -2.23
CA ALA B 382 -81.58 81.36 -1.08
C ALA B 382 -82.09 82.71 -0.60
N GLU B 383 -81.29 83.77 -0.78
CA GLU B 383 -81.78 85.11 -0.48
C GLU B 383 -82.99 85.45 -1.34
N GLN B 384 -82.85 85.30 -2.66
CA GLN B 384 -83.98 85.51 -3.55
C GLN B 384 -85.17 84.65 -3.14
N PHE B 385 -84.91 83.38 -2.82
CA PHE B 385 -85.98 82.48 -2.41
C PHE B 385 -86.74 83.01 -1.21
N THR B 386 -86.03 83.22 -0.10
CA THR B 386 -86.70 83.66 1.12
C THR B 386 -87.39 85.01 0.92
N ALA B 387 -86.82 85.88 0.08
CA ALA B 387 -87.48 87.15 -0.20
C ALA B 387 -88.77 86.93 -0.96
N MET B 388 -88.83 85.91 -1.82
CA MET B 388 -90.03 85.63 -2.58
C MET B 388 -90.99 84.69 -1.88
N PHE B 389 -90.63 84.13 -0.73
CA PHE B 389 -91.45 83.13 -0.09
C PHE B 389 -92.25 83.65 1.10
N ARG B 390 -91.68 84.57 1.88
CA ARG B 390 -92.41 85.10 3.03
C ARG B 390 -93.70 85.80 2.63
N ARG B 391 -93.87 86.13 1.35
CA ARG B 391 -95.11 86.66 0.82
C ARG B 391 -95.93 85.62 0.09
N LYS B 392 -95.47 84.36 0.07
CA LYS B 392 -96.16 83.27 -0.63
C LYS B 392 -96.40 83.61 -2.10
N ALA B 393 -95.49 84.38 -2.68
CA ALA B 393 -95.64 84.81 -4.07
C ALA B 393 -95.43 83.65 -5.02
N PHE B 394 -96.33 83.53 -6.00
CA PHE B 394 -96.27 82.48 -7.01
C PHE B 394 -96.18 81.11 -6.37
N LEU B 395 -96.90 80.93 -5.28
CA LEU B 395 -96.85 79.67 -4.53
C LEU B 395 -98.04 78.77 -4.82
N HIS B 396 -99.15 79.33 -5.31
CA HIS B 396 -100.29 78.51 -5.66
C HIS B 396 -99.98 77.58 -6.83
N TRP B 397 -99.15 78.03 -7.77
CA TRP B 397 -98.81 77.21 -8.92
C TRP B 397 -98.18 75.89 -8.50
N TYR B 398 -97.52 75.88 -7.34
CA TYR B 398 -96.91 74.66 -6.80
C TYR B 398 -97.83 73.97 -5.80
N THR B 399 -98.56 74.73 -5.00
CA THR B 399 -99.49 74.12 -4.05
C THR B 399 -100.55 73.31 -4.78
N GLY B 400 -100.86 73.66 -6.04
CA GLY B 400 -101.90 72.97 -6.76
C GLY B 400 -101.56 71.55 -7.16
N GLU B 401 -100.29 71.17 -7.07
CA GLU B 401 -99.82 69.88 -7.57
C GLU B 401 -99.53 68.88 -6.45
N GLY B 402 -100.33 68.89 -5.38
CA GLY B 402 -100.07 68.05 -4.24
C GLY B 402 -98.91 68.51 -3.38
N MET B 403 -98.04 69.37 -3.89
CA MET B 403 -96.96 69.92 -3.10
C MET B 403 -97.54 70.75 -1.95
N ASP B 404 -96.80 70.78 -0.84
CA ASP B 404 -97.20 71.50 0.35
C ASP B 404 -96.21 72.64 0.60
N GLU B 405 -96.38 73.32 1.73
CA GLU B 405 -95.47 74.38 2.12
C GLU B 405 -94.39 73.91 3.08
N MET B 406 -94.47 72.68 3.57
CA MET B 406 -93.41 72.16 4.42
C MET B 406 -92.18 71.80 3.61
N GLU B 407 -92.37 71.26 2.40
CA GLU B 407 -91.23 70.89 1.57
C GLU B 407 -90.34 72.09 1.27
N PHE B 408 -90.95 73.27 1.10
CA PHE B 408 -90.16 74.44 0.75
C PHE B 408 -89.26 74.87 1.89
N THR B 409 -89.81 74.96 3.10
CA THR B 409 -88.96 75.35 4.23
C THR B 409 -87.96 74.25 4.57
N GLU B 410 -88.31 72.98 4.36
CA GLU B 410 -87.32 71.91 4.53
C GLU B 410 -86.18 72.08 3.54
N ALA B 411 -86.50 72.38 2.28
CA ALA B 411 -85.47 72.56 1.27
C ALA B 411 -84.57 73.75 1.60
N GLU B 412 -85.17 74.85 2.04
CA GLU B 412 -84.37 76.01 2.38
C GLU B 412 -83.49 75.74 3.60
N SER B 413 -84.01 74.98 4.57
CA SER B 413 -83.20 74.65 5.74
C SER B 413 -82.06 73.71 5.36
N ASN B 414 -82.29 72.79 4.43
CA ASN B 414 -81.21 71.94 3.95
C ASN B 414 -80.16 72.77 3.22
N MET B 415 -80.59 73.72 2.41
CA MET B 415 -79.65 74.62 1.74
C MET B 415 -78.80 75.36 2.76
N ASN B 416 -79.42 75.89 3.81
CA ASN B 416 -78.67 76.61 4.82
C ASN B 416 -77.76 75.67 5.61
N ASP B 417 -78.16 74.42 5.80
CA ASP B 417 -77.28 73.46 6.44
C ASP B 417 -76.05 73.19 5.59
N LEU B 418 -76.24 73.12 4.28
CA LEU B 418 -75.10 72.90 3.37
C LEU B 418 -74.14 74.08 3.41
N VAL B 419 -74.68 75.30 3.31
CA VAL B 419 -73.79 76.46 3.34
C VAL B 419 -73.12 76.59 4.69
N SER B 420 -73.81 76.19 5.77
CA SER B 420 -73.19 76.20 7.08
C SER B 420 -72.08 75.17 7.18
N GLU B 421 -72.23 74.03 6.50
CA GLU B 421 -71.14 73.05 6.46
C GLU B 421 -69.92 73.64 5.76
N TYR B 422 -70.13 74.22 4.58
CA TYR B 422 -69.03 74.90 3.89
C TYR B 422 -68.33 75.89 4.79
N GLN B 423 -69.08 76.79 5.42
CA GLN B 423 -68.47 77.79 6.27
C GLN B 423 -67.73 77.16 7.44
N GLN B 424 -68.40 76.29 8.19
CA GLN B 424 -67.83 75.71 9.40
C GLN B 424 -66.52 74.99 9.11
N TYR B 425 -66.47 74.15 8.07
CA TYR B 425 -65.24 73.43 7.78
C TYR B 425 -64.37 74.16 6.77
N GLN B 426 -64.68 75.42 6.47
CA GLN B 426 -63.65 76.33 5.98
C GLN B 426 -62.89 76.97 7.14
N ASP B 427 -63.61 77.37 8.19
CA ASP B 427 -62.98 78.10 9.29
C ASP B 427 -62.07 77.21 10.13
N ALA B 428 -62.18 75.89 10.04
CA ALA B 428 -61.45 75.00 10.92
C ALA B 428 -59.94 75.12 10.67
N THR B 429 -59.17 74.66 11.66
CA THR B 429 -57.72 74.76 11.63
C THR B 429 -57.12 73.47 12.19
N ALA B 430 -55.82 73.50 12.44
CA ALA B 430 -55.13 72.34 12.99
C ALA B 430 -54.32 72.72 14.22
N MET C 1 39.60 -11.52 4.58
CA MET C 1 39.31 -11.84 5.97
C MET C 1 39.25 -10.58 6.84
N ARG C 2 39.01 -9.44 6.20
CA ARG C 2 38.80 -8.18 6.89
C ARG C 2 37.64 -7.46 6.22
N GLU C 3 36.77 -6.87 7.04
CA GLU C 3 35.62 -6.16 6.49
C GLU C 3 34.98 -5.33 7.59
N VAL C 4 34.27 -4.29 7.18
CA VAL C 4 33.49 -3.45 8.08
C VAL C 4 32.14 -3.17 7.44
N ILE C 5 31.12 -3.06 8.29
CA ILE C 5 29.78 -2.70 7.87
C ILE C 5 29.63 -1.19 8.02
N SER C 6 29.11 -0.53 6.99
CA SER C 6 28.97 0.91 6.98
C SER C 6 27.49 1.25 6.93
N ILE C 7 26.86 1.32 8.10
CA ILE C 7 25.45 1.68 8.19
C ILE C 7 25.34 3.20 8.11
N HIS C 8 24.50 3.69 7.19
CA HIS C 8 24.27 5.12 7.06
C HIS C 8 22.79 5.38 7.28
N VAL C 9 22.45 6.13 8.33
CA VAL C 9 21.08 6.45 8.66
C VAL C 9 20.88 7.95 8.63
N GLY C 10 19.63 8.37 8.75
CA GLY C 10 19.33 9.79 8.77
C GLY C 10 19.50 10.43 7.41
N GLN C 11 19.81 11.73 7.43
CA GLN C 11 20.00 12.51 6.22
C GLN C 11 21.45 12.91 6.00
N GLY C 12 22.06 13.56 7.00
CA GLY C 12 23.46 13.91 6.87
C GLY C 12 24.34 12.68 6.75
N GLY C 13 24.02 11.64 7.52
CA GLY C 13 24.77 10.40 7.41
C GLY C 13 24.80 9.85 6.00
N ILE C 14 23.65 9.89 5.30
CA ILE C 14 23.60 9.25 3.99
C ILE C 14 24.35 10.07 2.95
N GLN C 15 24.33 11.41 3.04
CA GLN C 15 25.10 12.19 2.08
C GLN C 15 26.60 12.06 2.34
N VAL C 16 26.99 12.10 3.61
CA VAL C 16 28.38 11.85 3.96
C VAL C 16 28.81 10.49 3.43
N GLY C 17 27.95 9.48 3.58
CA GLY C 17 28.27 8.16 3.06
C GLY C 17 28.34 8.12 1.55
N ASN C 18 27.50 8.90 0.87
CA ASN C 18 27.57 8.99 -0.58
C ASN C 18 28.95 9.50 -1.01
N ALA C 19 29.40 10.60 -0.39
CA ALA C 19 30.71 11.13 -0.73
C ALA C 19 31.82 10.14 -0.35
N CYS C 20 31.62 9.42 0.76
CA CYS C 20 32.61 8.44 1.19
C CYS C 20 32.73 7.31 0.20
N TRP C 21 31.61 6.82 -0.32
CA TRP C 21 31.67 5.76 -1.32
C TRP C 21 32.22 6.28 -2.64
N GLU C 22 31.98 7.55 -2.95
CA GLU C 22 32.66 8.17 -4.08
C GLU C 22 34.17 8.02 -3.93
N LEU C 23 34.70 8.49 -2.79
CA LEU C 23 36.14 8.43 -2.57
C LEU C 23 36.66 7.00 -2.62
N PHE C 24 35.94 6.07 -2.00
CA PHE C 24 36.40 4.68 -1.94
C PHE C 24 36.41 4.06 -3.33
N CYS C 25 35.25 4.03 -4.00
CA CYS C 25 35.18 3.50 -5.35
C CYS C 25 36.20 4.16 -6.26
N LEU C 26 36.58 5.40 -5.98
CA LEU C 26 37.62 6.03 -6.78
C LEU C 26 38.98 5.41 -6.51
N GLU C 27 39.43 5.43 -5.25
CA GLU C 27 40.82 5.09 -4.97
C GLU C 27 41.15 3.64 -5.26
N HIS C 28 40.16 2.75 -5.33
CA HIS C 28 40.40 1.34 -5.60
C HIS C 28 40.28 0.99 -7.08
N GLY C 29 40.31 1.98 -7.96
CA GLY C 29 40.15 1.74 -9.38
C GLY C 29 38.78 1.25 -9.79
N ILE C 30 37.82 1.19 -8.86
CA ILE C 30 36.48 0.73 -9.19
C ILE C 30 35.75 1.77 -10.03
N GLN C 31 34.99 1.30 -11.00
CA GLN C 31 34.23 2.31 -11.73
C GLN C 31 32.88 2.53 -11.07
N PRO C 32 32.37 3.77 -11.10
CA PRO C 32 31.13 4.06 -10.37
C PRO C 32 29.96 3.17 -10.77
N ASP C 33 29.93 2.66 -12.00
CA ASP C 33 28.86 1.74 -12.37
C ASP C 33 29.05 0.36 -11.77
N GLY C 34 30.17 0.10 -11.08
CA GLY C 34 30.38 -1.13 -10.36
C GLY C 34 31.53 -1.97 -10.84
N GLN C 35 31.85 -1.90 -12.13
CA GLN C 35 32.88 -2.78 -12.69
C GLN C 35 34.27 -2.25 -12.41
N MET C 36 35.27 -3.08 -12.73
CA MET C 36 36.67 -2.75 -12.55
C MET C 36 37.40 -3.05 -13.85
N PRO C 37 38.21 -2.12 -14.35
CA PRO C 37 38.90 -2.36 -15.63
C PRO C 37 39.91 -3.49 -15.50
N ALA C 48 42.92 -5.78 -2.34
CA ALA C 48 42.98 -4.58 -1.53
C ALA C 48 41.62 -3.95 -1.22
N PHE C 49 40.53 -4.59 -1.60
CA PHE C 49 39.20 -4.01 -1.41
C PHE C 49 38.29 -4.86 -0.54
N ASN C 50 38.75 -6.02 -0.06
CA ASN C 50 37.86 -6.90 0.69
C ASN C 50 37.32 -6.27 1.95
N THR C 51 37.84 -5.11 2.37
CA THR C 51 37.31 -4.45 3.54
C THR C 51 35.93 -3.87 3.27
N PHE C 52 35.82 -2.99 2.28
CA PHE C 52 34.57 -2.31 2.00
C PHE C 52 33.75 -3.03 0.92
N PHE C 53 34.31 -3.15 -0.28
CA PHE C 53 33.59 -3.73 -1.39
C PHE C 53 33.76 -5.23 -1.40
N SER C 54 32.74 -5.94 -1.88
CA SER C 54 32.77 -7.38 -1.97
C SER C 54 32.43 -7.82 -3.38
N GLU C 55 32.84 -9.04 -3.72
CA GLU C 55 32.51 -9.62 -5.01
C GLU C 55 31.03 -10.00 -5.04
N THR C 56 30.40 -9.81 -6.21
CA THR C 56 28.96 -9.98 -6.32
C THR C 56 28.59 -11.13 -7.25
N GLY C 57 29.50 -12.06 -7.49
CA GLY C 57 29.18 -13.21 -8.31
C GLY C 57 28.86 -12.92 -9.75
N ALA C 58 28.93 -11.67 -10.18
CA ALA C 58 28.77 -11.35 -11.61
C ALA C 58 29.62 -10.13 -11.91
N GLY C 59 30.89 -10.37 -12.23
CA GLY C 59 31.75 -9.36 -12.82
C GLY C 59 32.16 -8.23 -11.89
N LYS C 60 31.18 -7.51 -11.37
CA LYS C 60 31.41 -6.24 -10.68
C LYS C 60 31.56 -6.48 -9.19
N HIS C 61 31.50 -5.41 -8.39
CA HIS C 61 31.61 -5.49 -6.95
C HIS C 61 30.57 -4.56 -6.33
N VAL C 62 30.10 -4.93 -5.14
CA VAL C 62 29.09 -4.12 -4.46
C VAL C 62 29.61 -3.69 -3.09
N PRO C 63 29.26 -2.49 -2.63
CA PRO C 63 29.78 -2.01 -1.35
C PRO C 63 29.01 -2.57 -0.16
N ARG C 64 29.74 -2.84 0.91
CA ARG C 64 29.14 -3.25 2.18
C ARG C 64 28.52 -2.04 2.83
N ALA C 65 27.23 -1.81 2.61
CA ALA C 65 26.57 -0.65 3.17
C ALA C 65 25.06 -0.86 3.10
N VAL C 66 24.36 -0.19 4.00
CA VAL C 66 22.90 -0.16 3.99
C VAL C 66 22.46 1.26 4.28
N PHE C 67 21.52 1.77 3.49
CA PHE C 67 21.08 3.15 3.58
C PHE C 67 19.64 3.16 4.07
N LEU C 68 19.46 3.45 5.35
CA LEU C 68 18.12 3.65 5.88
C LEU C 68 17.72 5.10 5.76
N ASP C 69 16.49 5.34 5.34
CA ASP C 69 15.95 6.69 5.42
C ASP C 69 14.45 6.62 5.26
N LEU C 70 13.77 7.66 5.74
CA LEU C 70 12.33 7.76 5.61
C LEU C 70 11.91 8.72 4.50
N GLU C 71 12.59 9.85 4.33
CA GLU C 71 12.25 10.74 3.22
C GLU C 71 12.82 10.15 1.93
N PRO C 72 11.97 9.77 0.98
CA PRO C 72 12.46 9.08 -0.22
C PRO C 72 13.30 9.94 -1.14
N THR C 73 13.50 11.23 -0.84
CA THR C 73 14.15 12.12 -1.80
C THR C 73 15.63 11.77 -1.96
N VAL C 74 16.35 11.61 -0.85
CA VAL C 74 17.79 11.36 -0.94
C VAL C 74 18.06 9.97 -1.48
N ILE C 75 17.27 8.98 -1.06
CA ILE C 75 17.44 7.63 -1.59
C ILE C 75 17.11 7.61 -3.08
N ASP C 76 16.11 8.37 -3.49
CA ASP C 76 15.79 8.45 -4.92
C ASP C 76 16.93 9.12 -5.67
N GLU C 77 17.52 10.18 -5.10
CA GLU C 77 18.64 10.84 -5.74
C GLU C 77 19.83 9.89 -5.90
N VAL C 78 20.03 9.01 -4.92
CA VAL C 78 21.08 8.02 -5.05
C VAL C 78 20.72 6.99 -6.11
N ARG C 79 19.45 6.59 -6.18
CA ARG C 79 19.01 5.62 -7.16
C ARG C 79 19.03 6.17 -8.58
N THR C 80 19.05 7.49 -8.74
CA THR C 80 19.05 8.11 -10.06
C THR C 80 20.28 8.99 -10.25
N GLY C 81 21.22 8.98 -9.32
CA GLY C 81 22.44 9.74 -9.46
C GLY C 81 23.44 9.05 -10.37
N THR C 82 24.72 9.07 -9.98
CA THR C 82 25.74 8.47 -10.82
C THR C 82 25.94 6.99 -10.49
N TYR C 83 25.88 6.63 -9.22
CA TYR C 83 26.23 5.29 -8.78
C TYR C 83 25.03 4.36 -8.70
N ARG C 84 24.04 4.54 -9.58
CA ARG C 84 22.82 3.76 -9.50
C ARG C 84 23.09 2.26 -9.57
N GLN C 85 24.03 1.85 -10.43
CA GLN C 85 24.34 0.43 -10.58
C GLN C 85 25.29 -0.09 -9.51
N LEU C 86 25.85 0.78 -8.68
CA LEU C 86 26.84 0.34 -7.71
C LEU C 86 26.20 -0.49 -6.60
N PHE C 87 25.20 0.06 -5.93
CA PHE C 87 24.67 -0.56 -4.73
C PHE C 87 23.80 -1.77 -5.09
N HIS C 88 23.19 -2.36 -4.07
CA HIS C 88 22.23 -3.44 -4.22
C HIS C 88 20.85 -2.88 -3.96
N PRO C 89 19.88 -3.10 -4.86
CA PRO C 89 18.58 -2.44 -4.73
C PRO C 89 17.80 -2.83 -3.49
N GLU C 90 18.40 -3.66 -2.63
CA GLU C 90 17.82 -3.95 -1.32
C GLU C 90 18.42 -3.10 -0.20
N GLN C 91 19.72 -2.79 -0.27
CA GLN C 91 20.37 -1.99 0.75
C GLN C 91 19.74 -0.62 0.93
N LEU C 92 19.01 -0.12 -0.06
CA LEU C 92 18.43 1.21 -0.02
C LEU C 92 17.02 1.09 0.53
N ILE C 93 16.91 1.17 1.85
CA ILE C 93 15.61 1.04 2.52
C ILE C 93 15.03 2.44 2.68
N SER C 94 13.92 2.69 2.00
CA SER C 94 13.28 4.01 1.97
C SER C 94 11.93 3.92 2.66
N GLY C 95 11.67 4.86 3.57
CA GLY C 95 10.40 4.89 4.26
C GLY C 95 9.26 5.39 3.40
N LYS C 96 8.27 5.99 4.04
CA LYS C 96 7.09 6.49 3.34
C LYS C 96 6.78 7.95 3.65
N GLU C 97 7.30 8.51 4.73
CA GLU C 97 7.06 9.90 5.11
C GLU C 97 8.37 10.48 5.62
N ASP C 98 8.29 11.65 6.24
CA ASP C 98 9.47 12.33 6.75
C ASP C 98 9.60 12.06 8.26
N ALA C 99 10.67 12.60 8.84
CA ALA C 99 10.92 12.44 10.26
C ALA C 99 10.43 13.61 11.11
N ALA C 100 10.23 14.77 10.50
CA ALA C 100 9.61 15.93 11.13
C ALA C 100 10.43 16.46 12.31
N ASN C 101 11.70 16.08 12.40
CA ASN C 101 12.61 16.63 13.41
C ASN C 101 12.08 16.45 14.83
N ASN C 102 11.61 15.25 15.14
CA ASN C 102 11.35 14.86 16.52
C ASN C 102 11.89 13.46 16.72
N PHE C 103 11.74 12.95 17.94
CA PHE C 103 12.40 11.70 18.33
C PHE C 103 11.45 10.51 18.35
N ALA C 104 10.32 10.62 19.04
CA ALA C 104 9.42 9.48 19.15
C ALA C 104 8.92 9.01 17.79
N ARG C 105 8.96 9.87 16.78
CA ARG C 105 8.54 9.51 15.43
C ARG C 105 9.66 8.87 14.62
N GLY C 106 10.75 8.49 15.27
CA GLY C 106 11.79 7.72 14.61
C GLY C 106 12.32 6.65 15.55
N HIS C 107 11.78 6.61 16.76
CA HIS C 107 12.28 5.71 17.78
C HIS C 107 11.20 4.99 18.57
N TYR C 108 9.95 5.40 18.48
CA TYR C 108 8.93 4.75 19.29
C TYR C 108 7.73 4.26 18.49
N THR C 109 7.29 5.02 17.49
CA THR C 109 6.07 4.69 16.77
C THR C 109 6.32 4.22 15.35
N ILE C 110 7.16 4.93 14.59
CA ILE C 110 7.33 4.62 13.17
C ILE C 110 8.58 3.80 12.93
N GLY C 111 9.69 4.12 13.61
CA GLY C 111 10.92 3.38 13.43
C GLY C 111 10.77 1.88 13.62
N LYS C 112 9.74 1.46 14.36
CA LYS C 112 9.46 0.04 14.52
C LYS C 112 8.96 -0.60 13.22
N GLU C 113 8.63 0.19 12.20
CA GLU C 113 8.26 -0.39 10.92
C GLU C 113 9.50 -0.84 10.14
N ILE C 114 10.61 -0.13 10.31
CA ILE C 114 11.80 -0.37 9.49
C ILE C 114 12.92 -1.05 10.26
N VAL C 115 12.86 -1.08 11.59
CA VAL C 115 13.97 -1.63 12.36
C VAL C 115 14.17 -3.11 12.07
N ASP C 116 13.07 -3.87 11.96
CA ASP C 116 13.20 -5.32 11.76
C ASP C 116 13.74 -5.64 10.37
N LEU C 117 13.25 -4.95 9.35
CA LEU C 117 13.80 -5.14 8.02
C LEU C 117 15.27 -4.78 7.97
N CYS C 118 15.65 -3.68 8.62
CA CYS C 118 17.06 -3.32 8.70
C CYS C 118 17.88 -4.40 9.38
N LEU C 119 17.37 -4.96 10.48
CA LEU C 119 18.12 -5.99 11.18
C LEU C 119 18.28 -7.24 10.34
N ASP C 120 17.26 -7.61 9.56
CA ASP C 120 17.41 -8.74 8.65
C ASP C 120 18.48 -8.45 7.59
N ARG C 121 18.48 -7.22 7.05
CA ARG C 121 19.50 -6.90 6.04
C ARG C 121 20.89 -6.91 6.65
N ILE C 122 21.04 -6.41 7.88
CA ILE C 122 22.33 -6.40 8.54
C ILE C 122 22.78 -7.83 8.85
N ARG C 123 21.83 -8.70 9.21
CA ARG C 123 22.16 -10.11 9.40
C ARG C 123 22.68 -10.72 8.12
N LYS C 124 22.02 -10.44 7.00
CA LYS C 124 22.49 -10.93 5.71
C LYS C 124 23.91 -10.45 5.43
N LEU C 125 24.15 -9.16 5.62
CA LEU C 125 25.49 -8.62 5.39
C LEU C 125 26.52 -9.27 6.31
N ALA C 126 26.13 -9.58 7.55
CA ALA C 126 27.06 -10.17 8.49
C ALA C 126 27.42 -11.58 8.09
N ASP C 127 26.44 -12.38 7.68
CA ASP C 127 26.76 -13.74 7.24
C ASP C 127 27.54 -13.75 5.93
N ASN C 128 27.34 -12.75 5.09
CA ASN C 128 28.12 -12.71 3.85
C ASN C 128 29.59 -12.30 4.08
N CYS C 129 30.01 -12.16 5.34
CA CYS C 129 31.36 -11.72 5.68
C CYS C 129 31.95 -12.68 6.69
N THR C 130 33.29 -12.70 6.74
CA THR C 130 34.01 -13.65 7.59
C THR C 130 34.78 -12.97 8.71
N GLY C 131 35.70 -12.08 8.39
CA GLY C 131 36.55 -11.45 9.40
C GLY C 131 36.06 -10.10 9.86
N LEU C 132 34.89 -10.07 10.49
CA LEU C 132 34.29 -8.79 10.87
C LEU C 132 35.18 -8.07 11.87
N GLN C 133 35.18 -6.73 11.78
CA GLN C 133 36.07 -5.95 12.62
C GLN C 133 35.34 -4.77 13.28
N GLY C 134 34.23 -4.34 12.71
CA GLY C 134 33.47 -3.28 13.34
C GLY C 134 32.47 -2.67 12.39
N PHE C 135 31.77 -1.67 12.91
CA PHE C 135 30.74 -0.95 12.17
C PHE C 135 31.15 0.50 12.00
N LEU C 136 30.44 1.20 11.13
CA LEU C 136 30.69 2.62 10.88
C LEU C 136 29.34 3.28 10.59
N VAL C 137 28.71 3.80 11.64
CA VAL C 137 27.44 4.49 11.51
C VAL C 137 27.72 5.98 11.39
N PHE C 138 27.10 6.62 10.41
CA PHE C 138 27.21 8.06 10.20
C PHE C 138 25.83 8.67 10.35
N ASN C 139 25.74 9.75 11.13
CA ASN C 139 24.45 10.40 11.30
C ASN C 139 24.63 11.75 11.95
N SER C 140 23.62 12.59 11.82
CA SER C 140 23.50 13.76 12.67
C SER C 140 22.64 13.38 13.88
N VAL C 141 22.48 14.32 14.80
CA VAL C 141 21.52 14.15 15.88
C VAL C 141 20.51 15.28 15.96
N GLY C 142 20.82 16.45 15.42
CA GLY C 142 19.83 17.51 15.33
C GLY C 142 18.63 17.15 14.47
N GLY C 143 18.72 16.03 13.76
CA GLY C 143 17.62 15.59 12.92
C GLY C 143 16.63 14.74 13.67
N GLY C 144 15.66 14.22 12.91
CA GLY C 144 14.58 13.44 13.49
C GLY C 144 14.82 11.94 13.44
N THR C 145 15.28 11.44 12.30
CA THR C 145 15.56 10.02 12.16
C THR C 145 17.01 9.66 12.40
N GLY C 146 17.93 10.60 12.17
CA GLY C 146 19.34 10.33 12.44
C GLY C 146 19.62 10.06 13.89
N SER C 147 18.75 10.50 14.79
CA SER C 147 18.87 10.21 16.22
C SER C 147 17.97 9.06 16.63
N GLY C 148 16.68 9.19 16.38
CA GLY C 148 15.71 8.17 16.77
C GLY C 148 15.99 6.81 16.19
N LEU C 149 15.89 6.68 14.86
CA LEU C 149 16.18 5.41 14.22
C LEU C 149 17.60 4.97 14.51
N GLY C 150 18.54 5.92 14.60
CA GLY C 150 19.89 5.57 14.98
C GLY C 150 19.97 4.99 16.38
N SER C 151 19.23 5.58 17.32
CA SER C 151 19.22 5.04 18.68
C SER C 151 18.64 3.64 18.70
N LEU C 152 17.52 3.44 18.00
CA LEU C 152 16.92 2.11 17.97
C LEU C 152 17.86 1.09 17.34
N LEU C 153 18.55 1.47 16.27
CA LEU C 153 19.48 0.55 15.63
C LEU C 153 20.66 0.22 16.53
N LEU C 154 21.21 1.22 17.21
CA LEU C 154 22.28 0.96 18.16
C LEU C 154 21.82 0.01 19.25
N GLU C 155 20.61 0.21 19.76
CA GLU C 155 20.07 -0.68 20.78
C GLU C 155 19.99 -2.11 20.26
N ARG C 156 19.36 -2.29 19.10
CA ARG C 156 19.15 -3.62 18.56
C ARG C 156 20.48 -4.32 18.27
N LEU C 157 21.45 -3.58 17.76
CA LEU C 157 22.75 -4.18 17.47
C LEU C 157 23.47 -4.57 18.75
N SER C 158 23.53 -3.65 19.72
CA SER C 158 24.23 -3.96 20.97
C SER C 158 23.58 -5.14 21.69
N VAL C 159 22.27 -5.32 21.55
CA VAL C 159 21.64 -6.50 22.14
C VAL C 159 21.61 -7.69 21.20
N ASP C 160 22.10 -7.54 19.96
CA ASP C 160 22.08 -8.63 19.00
C ASP C 160 23.46 -9.19 18.68
N TYR C 161 24.45 -8.33 18.44
CA TYR C 161 25.79 -8.79 18.06
C TYR C 161 26.75 -8.84 19.25
N GLY C 162 26.84 -7.74 20.01
CA GLY C 162 27.66 -7.77 21.20
C GLY C 162 29.08 -7.29 21.00
N LYS C 163 30.01 -8.23 20.79
CA LYS C 163 31.43 -7.93 20.94
C LYS C 163 31.92 -6.91 19.92
N LYS C 164 31.30 -6.85 18.75
CA LYS C 164 31.79 -5.96 17.70
C LYS C 164 31.56 -4.50 18.07
N SER C 165 32.63 -3.71 17.98
CA SER C 165 32.62 -2.33 18.46
C SER C 165 32.11 -1.39 17.38
N LYS C 166 31.25 -0.46 17.76
CA LYS C 166 30.60 0.46 16.85
C LYS C 166 31.36 1.78 16.80
N LEU C 167 31.35 2.41 15.63
CA LEU C 167 32.06 3.67 15.39
C LEU C 167 31.05 4.73 14.96
N GLY C 168 30.52 5.47 15.93
CA GLY C 168 29.57 6.53 15.63
C GLY C 168 30.28 7.77 15.10
N PHE C 169 29.70 8.36 14.06
CA PHE C 169 30.16 9.62 13.50
C PHE C 169 28.98 10.56 13.50
N THR C 170 28.87 11.34 14.57
CA THR C 170 27.71 12.17 14.80
C THR C 170 28.02 13.63 14.51
N ILE C 171 27.17 14.25 13.70
CA ILE C 171 27.28 15.66 13.36
C ILE C 171 26.45 16.43 14.39
N TYR C 172 27.10 16.99 15.38
CA TYR C 172 26.41 17.70 16.45
C TYR C 172 25.99 19.10 16.00
N PRO C 173 25.22 19.81 16.82
CA PRO C 173 24.95 21.23 16.54
C PRO C 173 26.14 22.10 16.92
N SER C 174 26.55 22.96 16.00
CA SER C 174 27.59 23.94 16.24
C SER C 174 27.05 25.07 17.12
N PRO C 175 27.94 25.89 17.71
CA PRO C 175 27.46 26.92 18.66
C PRO C 175 26.44 27.89 18.07
N GLN C 176 26.78 28.52 16.96
CA GLN C 176 25.97 29.63 16.45
C GLN C 176 25.16 29.25 15.21
N VAL C 177 25.78 28.58 14.23
CA VAL C 177 25.04 28.22 13.02
C VAL C 177 23.98 27.20 13.38
N SER C 178 22.75 27.44 12.92
CA SER C 178 21.61 26.62 13.30
C SER C 178 20.74 26.37 12.08
N THR C 179 20.34 25.11 11.89
CA THR C 179 19.43 24.72 10.83
C THR C 179 18.17 24.07 11.38
N ALA C 180 17.93 24.22 12.68
CA ALA C 180 16.72 23.74 13.32
C ALA C 180 16.62 24.42 14.67
N VAL C 181 15.41 24.43 15.23
CA VAL C 181 15.18 25.15 16.47
C VAL C 181 14.97 24.14 17.59
N VAL C 182 14.65 22.91 17.22
CA VAL C 182 14.40 21.85 18.20
C VAL C 182 15.56 20.87 18.27
N GLU C 183 16.70 21.20 17.66
CA GLU C 183 17.82 20.26 17.66
C GLU C 183 18.37 19.95 19.05
N PRO C 184 18.43 20.87 20.03
CA PRO C 184 18.90 20.46 21.36
C PRO C 184 18.07 19.35 21.96
N TYR C 185 16.75 19.39 21.78
CA TYR C 185 15.87 18.39 22.38
C TYR C 185 16.24 16.99 21.90
N ASN C 186 16.12 16.74 20.60
CA ASN C 186 16.40 15.40 20.11
C ASN C 186 17.87 15.02 20.19
N SER C 187 18.79 15.99 20.22
CA SER C 187 20.19 15.63 20.43
C SER C 187 20.40 15.10 21.85
N ILE C 188 19.83 15.77 22.84
CA ILE C 188 19.88 15.23 24.21
C ILE C 188 19.16 13.91 24.28
N LEU C 189 18.09 13.73 23.49
CA LEU C 189 17.37 12.47 23.49
C LEU C 189 18.20 11.31 22.97
N SER C 190 19.40 11.55 22.47
CA SER C 190 20.24 10.49 21.92
C SER C 190 21.37 10.07 22.87
N THR C 191 21.66 10.86 23.90
CA THR C 191 22.75 10.53 24.81
C THR C 191 22.38 9.32 25.67
N HIS C 192 21.11 9.19 26.03
CA HIS C 192 20.62 8.04 26.79
C HIS C 192 20.98 6.72 26.13
N SER C 193 21.28 6.72 24.83
CA SER C 193 21.66 5.51 24.12
C SER C 193 23.03 5.59 23.47
N LEU C 194 23.67 6.77 23.43
CA LEU C 194 25.01 6.84 22.88
C LEU C 194 26.03 6.25 23.84
N LEU C 195 25.86 6.47 25.14
CA LEU C 195 26.76 5.88 26.13
C LEU C 195 26.69 4.36 26.09
N GLU C 196 25.49 3.80 26.28
CA GLU C 196 25.36 2.38 26.50
C GLU C 196 25.85 1.56 25.32
N HIS C 197 25.27 1.79 24.14
CA HIS C 197 25.44 0.87 23.03
C HIS C 197 26.62 1.20 22.12
N THR C 198 27.19 2.41 22.23
CA THR C 198 28.21 2.83 21.29
C THR C 198 29.58 2.82 21.96
N ASP C 199 30.58 2.38 21.21
CA ASP C 199 31.96 2.31 21.70
C ASP C 199 32.78 3.56 21.41
N VAL C 200 32.79 4.04 20.18
CA VAL C 200 33.60 5.20 19.80
C VAL C 200 32.69 6.22 19.12
N ALA C 201 32.83 7.47 19.51
CA ALA C 201 31.97 8.54 19.00
C ALA C 201 32.87 9.71 18.60
N VAL C 202 32.97 9.97 17.30
CA VAL C 202 33.83 11.01 16.77
C VAL C 202 32.97 12.26 16.59
N MET C 203 33.02 13.16 17.57
CA MET C 203 32.27 14.41 17.51
C MET C 203 32.69 15.23 16.30
N LEU C 204 31.75 15.50 15.40
CA LEU C 204 31.98 16.35 14.25
C LEU C 204 30.93 17.45 14.26
N ASP C 205 31.37 18.69 14.14
CA ASP C 205 30.49 19.84 14.02
C ASP C 205 30.49 20.32 12.57
N ASN C 206 29.87 21.47 12.32
CA ASN C 206 29.85 22.07 11.00
C ASN C 206 30.58 23.41 10.94
N GLU C 207 30.33 24.30 11.89
CA GLU C 207 30.93 25.63 11.85
C GLU C 207 32.45 25.56 11.74
N ALA C 208 33.07 24.66 12.49
CA ALA C 208 34.53 24.54 12.42
C ALA C 208 34.98 24.15 11.02
N ILE C 209 34.24 23.24 10.37
CA ILE C 209 34.65 22.83 9.04
C ILE C 209 34.34 23.92 8.01
N TYR C 210 33.27 24.70 8.22
CA TYR C 210 33.04 25.86 7.38
C TYR C 210 34.21 26.84 7.45
N ASP C 211 34.65 27.15 8.67
CA ASP C 211 35.80 28.04 8.82
C ASP C 211 37.05 27.43 8.19
N ILE C 212 37.22 26.12 8.34
CA ILE C 212 38.36 25.43 7.73
C ILE C 212 38.35 25.61 6.23
N CYS C 213 37.20 25.38 5.59
CA CYS C 213 37.08 25.59 4.16
C CYS C 213 37.31 27.05 3.80
N ARG C 214 36.97 27.97 4.69
CA ARG C 214 37.15 29.38 4.39
C ARG C 214 38.63 29.76 4.38
N ARG C 215 39.36 29.43 5.45
CA ARG C 215 40.72 29.94 5.58
C ARG C 215 41.71 29.19 4.70
N ASN C 216 41.77 27.87 4.83
CA ASN C 216 42.78 27.09 4.12
C ASN C 216 42.44 26.95 2.64
N LEU C 217 41.26 26.41 2.34
CA LEU C 217 40.90 26.14 0.95
C LEU C 217 40.52 27.39 0.18
N ASP C 218 40.48 28.56 0.84
CA ASP C 218 40.36 29.86 0.18
C ASP C 218 39.01 30.05 -0.50
N ILE C 219 38.15 29.04 -0.47
CA ILE C 219 36.82 29.18 -1.04
C ILE C 219 35.98 30.07 -0.12
N GLU C 220 35.13 30.90 -0.73
CA GLU C 220 34.24 31.77 0.03
C GLU C 220 32.78 31.41 -0.17
N ARG C 221 32.47 30.36 -0.90
CA ARG C 221 31.12 29.84 -1.05
C ARG C 221 31.09 28.34 -0.81
N PRO C 222 31.51 27.88 0.37
CA PRO C 222 31.56 26.44 0.62
C PRO C 222 30.16 25.84 0.66
N THR C 223 30.10 24.51 0.59
CA THR C 223 28.82 23.83 0.48
C THR C 223 28.92 22.48 1.18
N TYR C 224 27.76 21.91 1.48
CA TYR C 224 27.69 20.61 2.14
C TYR C 224 28.48 19.54 1.40
N THR C 225 28.62 19.69 0.08
CA THR C 225 29.37 18.71 -0.69
C THR C 225 30.84 18.71 -0.31
N ASN C 226 31.43 19.90 -0.14
CA ASN C 226 32.84 19.97 0.29
C ASN C 226 32.99 19.46 1.71
N LEU C 227 32.06 19.82 2.59
CA LEU C 227 31.93 19.23 3.91
C LEU C 227 32.10 17.72 3.84
N ASN C 228 31.24 17.07 3.07
CA ASN C 228 31.26 15.62 3.00
C ASN C 228 32.52 15.11 2.35
N ARG C 229 33.10 15.85 1.41
CA ARG C 229 34.37 15.44 0.81
C ARG C 229 35.44 15.35 1.88
N LEU C 230 35.53 16.36 2.73
CA LEU C 230 36.54 16.34 3.79
C LEU C 230 36.29 15.20 4.77
N ILE C 231 35.03 14.98 5.15
CA ILE C 231 34.75 13.89 6.08
C ILE C 231 35.13 12.54 5.46
N ALA C 232 34.83 12.37 4.17
CA ALA C 232 35.21 11.15 3.47
C ALA C 232 36.71 10.97 3.46
N GLN C 233 37.45 12.07 3.24
CA GLN C 233 38.90 11.99 3.27
C GLN C 233 39.39 11.49 4.63
N VAL C 234 38.83 12.05 5.71
CA VAL C 234 39.26 11.65 7.04
C VAL C 234 38.97 10.17 7.27
N ILE C 235 37.79 9.70 6.86
CA ILE C 235 37.47 8.29 7.13
C ILE C 235 38.31 7.35 6.27
N SER C 236 38.63 7.75 5.03
CA SER C 236 39.51 6.92 4.22
C SER C 236 40.90 6.85 4.83
N SER C 237 41.40 7.97 5.35
CA SER C 237 42.69 7.93 6.02
C SER C 237 42.62 7.11 7.30
N LEU C 238 41.44 7.02 7.90
CA LEU C 238 41.25 6.17 9.07
C LEU C 238 41.36 4.70 8.70
N THR C 239 40.75 4.30 7.59
CA THR C 239 40.66 2.88 7.24
C THR C 239 41.79 2.41 6.32
N ALA C 240 42.68 3.31 5.90
CA ALA C 240 43.82 2.91 5.08
C ALA C 240 44.62 1.78 5.72
N SER C 241 44.71 1.76 7.04
CA SER C 241 45.52 0.73 7.70
C SER C 241 44.93 -0.66 7.47
N LEU C 242 43.60 -0.78 7.58
CA LEU C 242 42.95 -2.03 7.22
C LEU C 242 43.16 -2.35 5.75
N ARG C 243 42.99 -1.35 4.88
CA ARG C 243 42.89 -1.64 3.46
C ARG C 243 44.26 -1.83 2.80
N PHE C 244 45.34 -1.27 3.36
CA PHE C 244 46.57 -1.18 2.58
C PHE C 244 47.83 -1.55 3.34
N ASP C 245 48.97 -1.29 2.71
CA ASP C 245 50.28 -1.56 3.28
C ASP C 245 50.61 -0.53 4.36
N GLY C 246 51.69 -0.80 5.10
CA GLY C 246 52.16 0.13 6.10
C GLY C 246 53.26 -0.43 6.97
N ALA C 247 54.26 0.40 7.29
CA ALA C 247 55.36 -0.06 8.13
C ALA C 247 54.86 -0.45 9.52
N LEU C 248 53.90 0.30 10.06
CA LEU C 248 53.36 0.05 11.39
C LEU C 248 51.84 0.07 11.29
N ASN C 249 51.25 -1.07 10.95
CA ASN C 249 49.80 -1.15 10.77
C ASN C 249 49.08 -1.00 12.10
N VAL C 250 47.83 -0.59 12.03
CA VAL C 250 46.98 -0.37 13.19
C VAL C 250 45.57 -0.82 12.88
N ASP C 251 45.14 -1.92 13.50
CA ASP C 251 43.81 -2.48 13.26
C ASP C 251 42.74 -1.57 13.86
N ILE C 252 41.48 -1.97 13.70
CA ILE C 252 40.38 -1.27 14.35
C ILE C 252 40.07 -1.82 15.73
N THR C 253 40.78 -2.86 16.16
CA THR C 253 40.76 -3.27 17.56
C THR C 253 41.92 -2.66 18.34
N GLU C 254 42.67 -1.76 17.74
CA GLU C 254 43.72 -1.04 18.45
C GLU C 254 43.16 0.18 19.16
N PHE C 255 42.12 0.78 18.60
CA PHE C 255 41.53 1.99 19.16
C PHE C 255 41.00 1.73 20.57
N GLN C 256 40.27 0.64 20.74
CA GLN C 256 39.71 0.29 22.04
C GLN C 256 40.79 0.16 23.10
N THR C 257 41.95 -0.38 22.75
CA THR C 257 43.04 -0.51 23.71
C THR C 257 43.86 0.77 23.85
N ASN C 258 43.75 1.68 22.91
CA ASN C 258 44.60 2.87 22.92
C ASN C 258 43.86 4.16 23.22
N LEU C 259 42.53 4.18 23.14
CA LEU C 259 41.78 5.42 23.24
C LEU C 259 40.69 5.40 24.31
N VAL C 260 40.45 4.26 24.94
CA VAL C 260 39.33 4.15 25.87
C VAL C 260 39.87 3.85 27.27
N PRO C 261 40.18 4.86 28.06
CA PRO C 261 40.58 4.61 29.45
C PRO C 261 39.50 3.89 30.23
N TYR C 262 38.31 4.48 30.27
CA TYR C 262 37.16 3.88 30.92
C TYR C 262 36.00 3.89 29.94
N PRO C 263 35.32 2.77 29.76
CA PRO C 263 34.36 2.66 28.65
C PRO C 263 33.19 3.61 28.72
N ARG C 264 33.16 4.46 29.75
CA ARG C 264 32.11 5.46 29.85
C ARG C 264 32.54 6.83 29.37
N ILE C 265 33.82 7.02 29.03
CA ILE C 265 34.32 8.29 28.50
C ILE C 265 35.09 7.96 27.21
N HIS C 266 34.40 8.02 26.09
CA HIS C 266 34.93 7.59 24.80
C HIS C 266 34.50 8.52 23.68
N PHE C 267 34.50 9.82 23.93
CA PHE C 267 33.98 10.81 22.99
C PHE C 267 35.16 11.57 22.39
N MET C 268 35.64 11.08 21.26
CA MET C 268 36.84 11.60 20.63
C MET C 268 36.50 12.72 19.66
N LEU C 269 37.53 13.45 19.24
CA LEU C 269 37.39 14.48 18.23
C LEU C 269 38.54 14.40 17.23
N SER C 270 38.27 14.78 15.99
CA SER C 270 39.16 14.52 14.87
C SER C 270 40.06 15.71 14.57
N SER C 271 41.00 15.49 13.65
CA SER C 271 41.85 16.51 13.06
C SER C 271 42.59 15.90 11.88
N TYR C 272 42.85 16.73 10.88
CA TYR C 272 43.43 16.24 9.63
C TYR C 272 44.40 17.27 9.08
N ALA C 273 45.40 16.78 8.35
CA ALA C 273 46.36 17.66 7.69
C ALA C 273 47.04 16.87 6.58
N PRO C 274 47.50 17.53 5.51
CA PRO C 274 47.38 18.95 5.26
C PRO C 274 46.17 19.29 4.41
N ILE C 275 45.39 20.26 4.88
CA ILE C 275 44.26 20.78 4.14
C ILE C 275 44.66 22.08 3.47
N ILE C 276 45.16 22.00 2.25
CA ILE C 276 45.73 23.14 1.54
C ILE C 276 45.10 23.22 0.16
N SER C 277 44.92 24.45 -0.32
CA SER C 277 44.44 24.66 -1.68
C SER C 277 45.59 24.42 -2.65
N ALA C 278 45.38 24.77 -3.92
CA ALA C 278 46.42 24.56 -4.92
C ALA C 278 47.57 25.54 -4.73
N GLU C 279 47.28 26.84 -4.82
CA GLU C 279 48.34 27.84 -4.84
C GLU C 279 49.04 27.99 -3.50
N LYS C 280 48.40 27.60 -2.40
CA LYS C 280 49.00 27.75 -1.09
C LYS C 280 49.91 26.60 -0.71
N ALA C 281 50.15 25.66 -1.63
CA ALA C 281 51.16 24.64 -1.43
C ALA C 281 52.42 24.93 -2.23
N TYR C 282 52.27 25.61 -3.37
CA TYR C 282 53.41 26.08 -4.13
C TYR C 282 54.36 26.88 -3.25
N HIS C 283 53.83 27.85 -2.53
CA HIS C 283 54.64 28.76 -1.71
C HIS C 283 54.89 28.21 -0.31
N GLU C 284 55.40 26.98 -0.20
CA GLU C 284 55.58 26.39 1.12
C GLU C 284 56.59 25.25 1.02
N GLN C 285 56.80 24.58 2.15
CA GLN C 285 57.66 23.41 2.25
C GLN C 285 56.89 22.15 2.63
N LEU C 286 56.12 22.21 3.71
CA LEU C 286 55.18 21.14 4.08
C LEU C 286 55.90 19.84 4.40
N SER C 287 56.90 19.92 5.28
CA SER C 287 57.57 18.72 5.76
C SER C 287 56.71 18.03 6.81
N VAL C 288 57.30 17.02 7.46
CA VAL C 288 56.57 16.28 8.48
C VAL C 288 56.48 17.08 9.77
N ALA C 289 57.54 17.81 10.10
CA ALA C 289 57.53 18.59 11.33
C ALA C 289 56.45 19.67 11.29
N GLU C 290 56.43 20.46 10.22
CA GLU C 290 55.42 21.51 10.10
C GLU C 290 54.02 20.91 10.07
N ILE C 291 53.86 19.72 9.48
CA ILE C 291 52.54 19.13 9.36
C ILE C 291 52.06 18.65 10.73
N THR C 292 52.97 18.12 11.55
CA THR C 292 52.55 17.70 12.88
C THR C 292 52.45 18.85 13.86
N ASN C 293 53.01 20.02 13.54
CA ASN C 293 52.65 21.22 14.29
C ASN C 293 51.25 21.70 13.89
N SER C 294 50.98 21.75 12.59
CA SER C 294 49.68 22.20 12.12
C SER C 294 48.55 21.29 12.57
N ALA C 295 48.84 20.00 12.77
CA ALA C 295 47.79 19.06 13.15
C ALA C 295 47.14 19.44 14.47
N PHE C 296 47.94 19.85 15.45
CA PHE C 296 47.42 20.13 16.79
C PHE C 296 46.79 21.51 16.91
N GLU C 297 47.00 22.39 15.95
CA GLU C 297 46.47 23.74 16.01
C GLU C 297 44.95 23.69 16.12
N PRO C 298 44.35 24.17 17.20
CA PRO C 298 42.88 24.14 17.30
C PRO C 298 42.16 24.92 16.21
N ALA C 299 42.87 25.77 15.47
CA ALA C 299 42.22 26.52 14.39
C ALA C 299 41.69 25.58 13.33
N ASN C 300 42.49 24.58 12.93
CA ASN C 300 42.06 23.61 11.92
C ASN C 300 41.71 22.26 12.52
N MET C 301 41.25 22.25 13.77
CA MET C 301 40.62 21.05 14.32
C MET C 301 39.21 20.91 13.76
N MET C 302 38.78 19.68 13.58
CA MET C 302 37.51 19.39 12.92
C MET C 302 36.31 19.46 13.85
N ALA C 303 36.48 19.99 15.06
CA ALA C 303 35.38 20.17 15.99
C ALA C 303 35.49 21.53 16.65
N LYS C 304 34.37 22.01 17.20
CA LYS C 304 34.35 23.29 17.89
C LYS C 304 34.79 23.07 19.33
N CYS C 305 36.09 23.24 19.57
CA CYS C 305 36.64 23.18 20.92
C CYS C 305 38.04 23.75 20.87
N ASP C 306 38.45 24.35 21.99
CA ASP C 306 39.77 24.99 22.12
C ASP C 306 40.54 24.22 23.17
N PRO C 307 41.25 23.16 22.77
CA PRO C 307 41.90 22.28 23.75
C PRO C 307 42.85 23.00 24.71
N ARG C 308 43.21 24.25 24.41
CA ARG C 308 43.96 25.04 25.38
C ARG C 308 43.23 25.10 26.72
N HIS C 309 41.91 25.01 26.71
CA HIS C 309 41.10 24.90 27.92
C HIS C 309 40.76 23.46 28.25
N GLY C 310 41.65 22.53 27.93
CA GLY C 310 41.45 21.14 28.26
C GLY C 310 42.78 20.42 28.25
N LYS C 311 42.70 19.10 28.42
CA LYS C 311 43.86 18.23 28.39
C LYS C 311 43.65 17.13 27.36
N TYR C 312 44.70 16.36 27.11
CA TYR C 312 44.66 15.29 26.13
C TYR C 312 44.87 13.96 26.85
N MET C 313 43.92 13.04 26.68
CA MET C 313 44.09 11.70 27.23
C MET C 313 44.93 10.83 26.30
N ALA C 314 44.60 10.83 25.01
CA ALA C 314 45.36 10.02 24.07
C ALA C 314 45.18 10.58 22.66
N CYS C 315 46.14 10.26 21.80
CA CYS C 315 46.12 10.74 20.41
C CYS C 315 46.59 9.60 19.52
N SER C 316 45.69 9.11 18.67
CA SER C 316 46.07 8.16 17.63
C SER C 316 46.33 8.93 16.34
N MET C 317 47.57 8.93 15.89
CA MET C 317 47.97 9.58 14.66
C MET C 317 48.25 8.51 13.61
N MET C 318 47.74 8.72 12.41
CA MET C 318 47.98 7.82 11.29
C MET C 318 48.58 8.64 10.16
N TYR C 319 49.83 8.37 9.84
CA TYR C 319 50.54 9.07 8.78
C TYR C 319 50.49 8.22 7.51
N ARG C 320 49.73 8.66 6.54
CA ARG C 320 49.70 7.98 5.25
C ARG C 320 50.60 8.74 4.29
N GLY C 321 51.21 7.99 3.39
CA GLY C 321 52.13 8.56 2.43
C GLY C 321 53.58 8.29 2.80
N ASP C 322 54.47 8.76 1.93
CA ASP C 322 55.88 8.48 2.10
C ASP C 322 56.43 9.24 3.29
N VAL C 323 56.45 8.59 4.46
CA VAL C 323 56.90 9.21 5.70
C VAL C 323 57.77 8.21 6.44
N VAL C 324 58.94 8.68 6.89
CA VAL C 324 59.89 7.83 7.61
C VAL C 324 59.58 7.93 9.11
N PRO C 325 59.83 6.88 9.88
CA PRO C 325 59.36 6.87 11.28
C PRO C 325 60.18 7.74 12.22
N LYS C 326 61.50 7.83 12.00
CA LYS C 326 62.34 8.57 12.94
C LYS C 326 61.95 10.04 13.00
N ASP C 327 61.55 10.62 11.87
CA ASP C 327 61.10 12.00 11.85
C ASP C 327 59.83 12.15 12.67
N VAL C 328 58.93 11.17 12.58
CA VAL C 328 57.72 11.19 13.38
C VAL C 328 58.07 11.15 14.86
N ASN C 329 59.01 10.28 15.23
CA ASN C 329 59.40 10.19 16.64
C ASN C 329 59.98 11.50 17.14
N ALA C 330 60.86 12.12 16.36
CA ALA C 330 61.48 13.37 16.79
C ALA C 330 60.44 14.47 16.92
N SER C 331 59.58 14.62 15.91
CA SER C 331 58.56 15.65 15.95
C SER C 331 57.57 15.41 17.09
N ILE C 332 57.27 14.15 17.38
CA ILE C 332 56.44 13.82 18.53
C ILE C 332 57.10 14.28 19.82
N ALA C 333 58.39 14.02 19.97
CA ALA C 333 59.10 14.49 21.14
C ALA C 333 58.98 16.00 21.28
N THR C 334 59.18 16.73 20.18
CA THR C 334 59.06 18.18 20.22
C THR C 334 57.66 18.62 20.64
N ILE C 335 56.63 18.09 19.95
CA ILE C 335 55.27 18.53 20.23
C ILE C 335 54.87 18.21 21.67
N LYS C 336 55.34 17.08 22.21
CA LYS C 336 55.06 16.77 23.60
C LYS C 336 55.85 17.66 24.55
N THR C 337 56.98 18.22 24.08
CA THR C 337 57.78 19.08 24.95
C THR C 337 57.26 20.51 25.00
N LYS C 338 56.35 20.88 24.11
CA LYS C 338 55.79 22.22 24.13
C LYS C 338 55.04 22.48 25.43
N ARG C 339 54.91 23.76 25.79
CA ARG C 339 54.34 24.11 27.08
C ARG C 339 52.83 24.28 27.01
N THR C 340 52.30 24.83 25.92
CA THR C 340 50.88 25.13 25.84
C THR C 340 50.03 23.91 25.51
N ILE C 341 50.64 22.77 25.20
CA ILE C 341 49.89 21.54 24.95
C ILE C 341 50.24 20.53 26.03
N GLN C 342 49.44 20.48 27.09
CA GLN C 342 49.77 19.71 28.28
C GLN C 342 48.94 18.45 28.36
N PHE C 343 49.59 17.33 28.67
CA PHE C 343 48.93 16.07 28.88
C PHE C 343 48.50 15.92 30.33
N VAL C 344 47.69 14.90 30.59
CA VAL C 344 47.36 14.55 31.97
C VAL C 344 48.53 13.78 32.59
N ASP C 345 48.58 13.79 33.91
CA ASP C 345 49.65 13.10 34.61
C ASP C 345 49.48 11.59 34.54
N TRP C 346 48.25 11.11 34.68
CA TRP C 346 47.97 9.68 34.73
C TRP C 346 48.08 9.01 33.37
N CYS C 347 48.62 9.66 32.34
CA CYS C 347 48.87 9.01 31.05
C CYS C 347 50.05 9.71 30.39
N PRO C 348 51.27 9.35 30.79
CA PRO C 348 52.45 10.06 30.28
C PRO C 348 52.79 9.75 28.83
N THR C 349 52.70 8.49 28.43
CA THR C 349 52.99 8.09 27.05
C THR C 349 51.67 8.04 26.30
N GLY C 350 51.34 9.11 25.60
CA GLY C 350 50.02 9.22 25.01
C GLY C 350 49.93 9.08 23.51
N PHE C 351 50.99 9.42 22.79
CA PHE C 351 50.93 9.47 21.34
C PHE C 351 51.12 8.08 20.76
N LYS C 352 50.05 7.48 20.26
CA LYS C 352 50.18 6.29 19.45
C LYS C 352 50.23 6.70 17.99
N VAL C 353 51.10 6.06 17.22
CA VAL C 353 51.37 6.45 15.85
C VAL C 353 51.41 5.22 14.96
N GLY C 354 50.82 5.35 13.77
CA GLY C 354 50.92 4.31 12.77
C GLY C 354 51.25 4.93 11.42
N ILE C 355 51.79 4.11 10.53
CA ILE C 355 52.28 4.57 9.24
C ILE C 355 51.72 3.68 8.13
N ASN C 356 51.28 4.29 7.04
CA ASN C 356 50.92 3.58 5.84
C ASN C 356 51.67 4.19 4.66
N TYR C 357 52.08 3.33 3.73
CA TYR C 357 52.92 3.76 2.61
C TYR C 357 52.10 4.21 1.41
N GLN C 358 50.90 4.72 1.63
CA GLN C 358 50.10 5.24 0.54
C GLN C 358 49.73 6.70 0.80
N PRO C 359 49.88 7.57 -0.19
CA PRO C 359 49.53 8.97 -0.01
C PRO C 359 48.02 9.17 -0.17
N PRO C 360 47.53 10.39 0.00
CA PRO C 360 46.12 10.65 -0.32
C PRO C 360 45.85 10.47 -1.80
N THR C 361 44.59 10.20 -2.11
CA THR C 361 44.12 10.02 -3.48
C THR C 361 43.01 11.03 -3.70
N VAL C 362 43.36 12.19 -4.26
CA VAL C 362 42.41 13.28 -4.39
C VAL C 362 41.24 12.87 -5.27
N VAL C 363 40.03 13.17 -4.79
CA VAL C 363 38.81 12.99 -5.55
C VAL C 363 38.82 13.96 -6.73
N PRO C 364 38.46 13.54 -7.94
CA PRO C 364 38.47 14.46 -9.07
C PRO C 364 37.46 15.57 -8.89
N GLY C 365 37.86 16.78 -9.23
CA GLY C 365 37.02 17.94 -9.05
C GLY C 365 37.05 18.55 -7.67
N GLY C 366 37.95 18.10 -6.81
CA GLY C 366 38.04 18.65 -5.48
C GLY C 366 38.92 19.90 -5.42
N ASP C 367 38.84 20.62 -4.31
CA ASP C 367 39.63 21.83 -4.14
C ASP C 367 40.98 21.56 -3.51
N LEU C 368 41.16 20.38 -2.90
CA LEU C 368 42.44 20.04 -2.28
C LEU C 368 43.52 19.89 -3.35
N ALA C 369 44.75 19.66 -2.88
CA ALA C 369 45.89 19.46 -3.76
C ALA C 369 46.51 18.10 -3.46
N LYS C 370 47.12 17.49 -4.48
CA LYS C 370 47.83 16.24 -4.28
C LYS C 370 49.03 16.46 -3.37
N VAL C 371 49.16 15.63 -2.36
CA VAL C 371 50.24 15.76 -1.38
C VAL C 371 50.90 14.41 -1.19
N MET C 372 52.23 14.41 -1.10
CA MET C 372 52.95 13.18 -0.88
C MET C 372 52.75 12.61 0.52
N ARG C 373 52.24 13.41 1.46
CA ARG C 373 52.11 12.99 2.84
C ARG C 373 50.80 13.47 3.41
N ALA C 374 50.37 12.84 4.49
CA ALA C 374 49.18 13.29 5.21
C ALA C 374 49.16 12.65 6.58
N VAL C 375 48.61 13.38 7.55
CA VAL C 375 48.50 12.89 8.92
C VAL C 375 47.08 13.12 9.40
N CYS C 376 46.46 12.06 9.93
CA CYS C 376 45.12 12.13 10.48
C CYS C 376 45.19 11.79 11.96
N MET C 377 44.80 12.74 12.80
CA MET C 377 44.83 12.56 14.24
C MET C 377 43.41 12.40 14.77
N ILE C 378 43.23 11.46 15.68
CA ILE C 378 42.00 11.33 16.45
C ILE C 378 42.39 11.41 17.91
N SER C 379 41.87 12.40 18.61
CA SER C 379 42.28 12.68 19.98
C SER C 379 41.12 12.44 20.93
N ASN C 380 41.37 11.60 21.94
CA ASN C 380 40.51 11.52 23.11
C ASN C 380 41.02 12.58 24.08
N SER C 381 40.27 13.65 24.21
CA SER C 381 40.61 14.79 25.05
C SER C 381 39.55 14.99 26.12
N THR C 382 39.82 15.94 27.03
CA THR C 382 38.90 16.26 28.10
C THR C 382 38.19 17.60 27.92
N ALA C 383 38.58 18.38 26.91
CA ALA C 383 37.95 19.68 26.71
C ALA C 383 36.56 19.53 26.08
N ILE C 384 36.35 18.49 25.29
CA ILE C 384 35.09 18.29 24.57
C ILE C 384 33.92 18.31 25.55
N ALA C 385 34.22 17.99 26.82
CA ALA C 385 33.18 17.99 27.85
C ALA C 385 32.40 19.29 27.86
N GLU C 386 33.11 20.43 27.78
CA GLU C 386 32.41 21.71 27.87
C GLU C 386 31.33 21.82 26.81
N VAL C 387 31.56 21.26 25.62
CA VAL C 387 30.54 21.24 24.58
C VAL C 387 29.22 20.74 25.16
N PHE C 388 29.25 19.53 25.71
CA PHE C 388 28.06 18.97 26.35
C PHE C 388 27.44 19.96 27.31
N SER C 389 28.27 20.53 28.20
CA SER C 389 27.76 21.51 29.15
C SER C 389 27.02 22.62 28.41
N ARG C 390 27.69 23.25 27.44
CA ARG C 390 27.06 24.30 26.66
C ARG C 390 25.69 23.87 26.18
N LEU C 391 25.61 22.67 25.61
CA LEU C 391 24.36 22.22 25.01
C LEU C 391 23.27 22.16 26.06
N ASP C 392 23.59 21.61 27.24
CA ASP C 392 22.62 21.56 28.33
C ASP C 392 22.03 22.94 28.58
N HIS C 393 22.89 23.96 28.60
CA HIS C 393 22.42 25.34 28.73
C HIS C 393 21.23 25.59 27.82
N LYS C 394 21.45 25.43 26.51
CA LYS C 394 20.37 25.57 25.55
C LYS C 394 19.15 24.77 25.98
N PHE C 395 19.36 23.46 26.20
CA PHE C 395 18.28 22.58 26.62
C PHE C 395 17.46 23.20 27.72
N ASP C 396 18.13 23.63 28.79
CA ASP C 396 17.40 24.15 29.95
C ASP C 396 16.53 25.33 29.54
N LEU C 397 17.08 26.25 28.78
CA LEU C 397 16.37 27.48 28.45
C LEU C 397 15.14 27.21 27.62
N MET C 398 15.00 25.97 27.13
CA MET C 398 13.75 25.54 26.53
C MET C 398 12.89 24.78 27.52
N TYR C 399 13.44 23.77 28.18
CA TYR C 399 12.62 22.94 29.04
C TYR C 399 12.17 23.66 30.29
N ALA C 400 12.74 24.82 30.60
CA ALA C 400 12.23 25.63 31.68
C ALA C 400 10.82 26.11 31.40
N LYS C 401 10.39 26.11 30.14
CA LYS C 401 9.06 26.60 29.77
C LYS C 401 8.29 25.58 28.95
N ARG C 402 8.68 24.30 29.06
CA ARG C 402 7.94 23.19 28.44
C ARG C 402 7.75 23.39 26.94
N ALA C 403 8.70 24.04 26.30
CA ALA C 403 8.60 24.28 24.87
C ALA C 403 8.60 22.97 24.10
N PHE C 404 7.65 22.84 23.18
CA PHE C 404 7.57 21.75 22.21
C PHE C 404 7.45 20.37 22.84
N VAL C 405 7.15 20.30 24.14
CA VAL C 405 6.99 18.99 24.76
C VAL C 405 5.77 18.27 24.20
N HIS C 406 4.79 19.04 23.69
CA HIS C 406 3.58 18.40 23.18
C HIS C 406 3.87 17.55 21.95
N TRP C 407 4.77 18.01 21.07
CA TRP C 407 5.10 17.25 19.87
C TRP C 407 5.81 15.93 20.17
N TYR C 408 6.28 15.74 21.40
CA TYR C 408 6.87 14.47 21.82
C TYR C 408 5.91 13.63 22.65
N VAL C 409 5.16 14.25 23.57
CA VAL C 409 4.19 13.50 24.35
C VAL C 409 3.06 12.99 23.47
N GLY C 410 2.83 13.62 22.32
CA GLY C 410 1.79 13.14 21.41
C GLY C 410 2.07 11.77 20.83
N GLU C 411 3.29 11.27 21.00
CA GLU C 411 3.73 10.03 20.37
C GLU C 411 4.24 9.04 21.40
N GLY C 412 3.52 8.93 22.53
CA GLY C 412 3.82 7.94 23.54
C GLY C 412 5.11 8.15 24.31
N MET C 413 5.92 9.13 23.94
CA MET C 413 7.17 9.38 24.64
C MET C 413 6.87 9.88 26.05
N GLU C 414 7.14 9.04 27.05
CA GLU C 414 6.95 9.44 28.43
C GLU C 414 7.89 10.61 28.73
N GLU C 415 7.31 11.77 29.05
CA GLU C 415 8.10 12.99 29.18
C GLU C 415 9.18 12.86 30.25
N GLY C 416 8.97 12.01 31.25
CA GLY C 416 9.92 11.84 32.33
C GLY C 416 11.30 11.39 31.89
N GLU C 417 11.46 11.00 30.62
CA GLU C 417 12.78 10.65 30.12
C GLU C 417 13.66 11.90 29.98
N PHE C 418 13.05 13.02 29.60
CA PHE C 418 13.79 14.23 29.24
C PHE C 418 14.77 14.64 30.31
N SER C 419 14.26 15.04 31.48
CA SER C 419 15.15 15.41 32.58
C SER C 419 16.14 14.29 32.87
N GLU C 420 15.68 13.04 32.80
CA GLU C 420 16.58 11.90 32.98
C GLU C 420 17.80 12.02 32.08
N ALA C 421 17.57 12.24 30.78
CA ALA C 421 18.69 12.48 29.88
C ALA C 421 19.52 13.65 30.36
N ARG C 422 18.86 14.79 30.63
CA ARG C 422 19.60 15.95 31.12
C ARG C 422 20.17 15.70 32.51
N GLU C 423 19.68 14.67 33.19
CA GLU C 423 20.39 14.17 34.37
C GLU C 423 21.59 13.33 33.94
N ASP C 424 21.36 12.31 33.12
CA ASP C 424 22.41 11.36 32.77
C ASP C 424 23.57 12.06 32.09
N LEU C 425 23.29 12.82 31.03
CA LEU C 425 24.34 13.57 30.37
C LEU C 425 25.05 14.49 31.37
N ALA C 426 24.30 15.07 32.31
CA ALA C 426 24.93 15.90 33.33
C ALA C 426 26.00 15.12 34.07
N ALA C 427 25.70 13.88 34.46
CA ALA C 427 26.68 13.05 35.13
C ALA C 427 27.98 12.96 34.33
N LEU C 428 27.86 12.86 33.00
CA LEU C 428 29.04 12.84 32.13
C LEU C 428 30.01 13.95 32.50
N GLU C 429 29.51 15.17 32.63
CA GLU C 429 30.38 16.29 32.97
C GLU C 429 31.16 15.99 34.25
N LYS C 430 30.45 15.56 35.29
CA LYS C 430 31.12 15.18 36.54
C LYS C 430 32.21 14.16 36.27
N ASP C 431 31.91 13.15 35.45
CA ASP C 431 32.92 12.13 35.16
C ASP C 431 34.15 12.74 34.52
N TYR C 432 33.98 13.73 33.64
CA TYR C 432 35.14 14.41 33.10
C TYR C 432 35.87 15.18 34.19
N GLU C 433 35.12 15.85 35.07
CA GLU C 433 35.72 16.46 36.25
C GLU C 433 36.30 15.45 37.20
N GLU C 434 36.12 14.15 36.94
CA GLU C 434 36.78 13.09 37.69
C GLU C 434 38.09 12.66 37.07
N VAL C 435 38.30 12.92 35.77
CA VAL C 435 39.53 12.51 35.11
C VAL C 435 40.44 13.69 34.79
N GLY C 436 39.98 14.92 34.97
CA GLY C 436 40.85 16.06 34.91
C GLY C 436 41.59 16.33 36.21
N ILE C 437 41.46 15.44 37.19
CA ILE C 437 42.05 15.62 38.51
C ILE C 437 43.54 15.37 38.39
N GLU C 438 44.34 16.43 38.49
CA GLU C 438 45.79 16.28 38.54
C GLU C 438 46.18 15.66 39.88
N THR C 439 46.50 14.36 39.84
CA THR C 439 46.73 13.62 41.07
C THR C 439 48.14 13.87 41.62
N MET D 1 3.56 9.23 -3.03
CA MET D 1 4.08 9.30 -1.67
C MET D 1 3.95 10.71 -1.11
N ARG D 2 3.31 10.83 0.05
CA ARG D 2 3.08 12.12 0.71
C ARG D 2 2.29 13.06 -0.20
N GLU D 3 1.06 12.66 -0.49
CA GLU D 3 0.22 13.41 -1.41
C GLU D 3 -0.44 14.59 -0.70
N ILE D 4 -1.25 15.34 -1.44
CA ILE D 4 -1.95 16.50 -0.92
C ILE D 4 -3.28 16.62 -1.66
N VAL D 5 -4.37 16.76 -0.89
CA VAL D 5 -5.68 17.03 -1.45
C VAL D 5 -6.01 18.49 -1.19
N HIS D 6 -6.03 19.29 -2.24
CA HIS D 6 -6.33 20.70 -2.14
C HIS D 6 -7.83 20.92 -2.20
N ILE D 7 -8.32 21.86 -1.39
CA ILE D 7 -9.74 22.18 -1.32
C ILE D 7 -9.88 23.70 -1.49
N GLN D 8 -11.04 24.12 -1.96
CA GLN D 8 -11.37 25.54 -1.93
C GLN D 8 -12.68 25.77 -1.20
N GLY D 9 -13.15 27.01 -1.22
CA GLY D 9 -14.43 27.35 -0.64
C GLY D 9 -14.65 28.84 -0.75
N GLY D 10 -15.83 29.25 -1.21
CA GLY D 10 -16.06 30.65 -1.46
C GLY D 10 -15.30 31.16 -2.66
N GLN D 11 -15.64 32.36 -3.14
CA GLN D 11 -15.01 32.85 -4.35
C GLN D 11 -13.54 33.20 -4.13
N CYS D 12 -13.18 33.65 -2.93
CA CYS D 12 -11.77 33.88 -2.63
C CYS D 12 -10.96 32.60 -2.80
N GLY D 13 -11.38 31.55 -2.09
CA GLY D 13 -10.68 30.27 -2.20
C GLY D 13 -10.64 29.78 -3.64
N ASN D 14 -11.74 29.90 -4.36
CA ASN D 14 -11.78 29.39 -5.72
C ASN D 14 -10.82 30.15 -6.63
N GLN D 15 -10.78 31.48 -6.53
CA GLN D 15 -9.91 32.26 -7.40
C GLN D 15 -8.44 32.01 -7.06
N ILE D 16 -8.10 32.00 -5.77
CA ILE D 16 -6.74 31.73 -5.37
C ILE D 16 -6.33 30.33 -5.83
N GLY D 17 -7.24 29.36 -5.75
CA GLY D 17 -6.94 28.03 -6.22
C GLY D 17 -6.73 27.97 -7.72
N ALA D 18 -7.54 28.71 -8.47
CA ALA D 18 -7.35 28.78 -9.91
C ALA D 18 -5.94 29.26 -10.24
N LYS D 19 -5.56 30.41 -9.70
CA LYS D 19 -4.21 30.92 -9.99
C LYS D 19 -3.13 30.00 -9.45
N PHE D 20 -3.41 29.30 -8.35
CA PHE D 20 -2.42 28.42 -7.76
C PHE D 20 -2.15 27.20 -8.64
N TRP D 21 -3.21 26.57 -9.13
CA TRP D 21 -3.02 25.48 -10.07
C TRP D 21 -2.39 25.96 -11.36
N GLU D 22 -2.67 27.21 -11.77
CA GLU D 22 -1.95 27.76 -12.91
C GLU D 22 -0.45 27.79 -12.66
N VAL D 23 -0.04 28.32 -11.50
CA VAL D 23 1.38 28.43 -11.22
C VAL D 23 2.02 27.04 -11.11
N ILE D 24 1.33 26.10 -10.48
CA ILE D 24 1.87 24.75 -10.34
C ILE D 24 2.04 24.10 -11.71
N SER D 25 1.03 24.22 -12.57
CA SER D 25 1.13 23.70 -13.92
C SER D 25 2.28 24.35 -14.68
N ASP D 26 2.52 25.65 -14.42
CA ASP D 26 3.68 26.30 -15.02
C ASP D 26 4.97 25.66 -14.54
N GLU D 27 5.06 25.34 -13.25
CA GLU D 27 6.30 24.81 -12.70
C GLU D 27 6.66 23.47 -13.32
N HIS D 28 5.73 22.53 -13.30
CA HIS D 28 5.99 21.19 -13.82
C HIS D 28 5.92 21.12 -15.33
N GLY D 29 5.90 22.26 -16.02
CA GLY D 29 5.96 22.28 -17.47
C GLY D 29 4.77 21.65 -18.16
N ILE D 30 3.57 21.97 -17.71
CA ILE D 30 2.34 21.44 -18.29
C ILE D 30 1.66 22.54 -19.08
N ASP D 31 0.77 22.14 -19.98
CA ASP D 31 -0.07 23.04 -20.75
C ASP D 31 -1.53 22.79 -20.38
N PRO D 32 -2.44 23.73 -20.68
CA PRO D 32 -3.83 23.58 -20.23
C PRO D 32 -4.50 22.29 -20.68
N THR D 33 -3.94 21.56 -21.63
CA THR D 33 -4.48 20.25 -21.99
C THR D 33 -4.34 19.24 -20.86
N GLY D 34 -3.36 19.41 -19.98
CA GLY D 34 -3.13 18.46 -18.92
C GLY D 34 -2.19 17.34 -19.28
N THR D 35 -1.28 17.58 -20.22
CA THR D 35 -0.27 16.61 -20.60
C THR D 35 1.11 17.21 -20.39
N TYR D 36 2.06 16.37 -20.00
CA TYR D 36 3.40 16.85 -19.70
C TYR D 36 4.16 17.20 -20.96
N HIS D 37 4.83 18.35 -20.94
CA HIS D 37 5.68 18.74 -22.06
C HIS D 37 6.98 19.39 -21.61
N ASN D 48 3.27 12.91 -8.34
CA ASN D 48 2.21 12.30 -7.54
C ASN D 48 1.71 13.22 -6.44
N VAL D 49 2.52 14.20 -6.03
CA VAL D 49 2.18 14.97 -4.84
C VAL D 49 0.96 15.86 -5.10
N TYR D 50 0.85 16.45 -6.28
CA TYR D 50 -0.26 17.35 -6.60
C TYR D 50 -1.23 16.71 -7.57
N TYR D 51 -0.73 16.14 -8.66
CA TYR D 51 -1.57 15.68 -9.74
C TYR D 51 -1.81 14.18 -9.60
N ASN D 52 -2.62 13.65 -10.50
CA ASN D 52 -2.89 12.24 -10.61
C ASN D 52 -2.77 11.83 -12.07
N GLU D 53 -2.07 10.73 -12.30
CA GLU D 53 -1.93 10.22 -13.66
C GLU D 53 -3.31 9.80 -14.18
N ALA D 54 -3.44 9.84 -15.50
CA ALA D 54 -4.72 9.58 -16.12
C ALA D 54 -4.49 8.96 -17.49
N THR D 55 -5.47 8.17 -17.92
CA THR D 55 -5.38 7.42 -19.17
C THR D 55 -4.92 8.32 -20.31
N GLY D 56 -4.04 7.79 -21.14
CA GLY D 56 -3.45 8.57 -22.21
C GLY D 56 -2.45 9.60 -21.75
N GLY D 57 -1.76 9.34 -20.65
CA GLY D 57 -0.74 10.26 -20.16
C GLY D 57 -1.24 11.58 -19.66
N ARG D 58 -2.52 11.69 -19.34
CA ARG D 58 -3.03 12.95 -18.83
C ARG D 58 -2.66 13.13 -17.36
N TYR D 59 -2.80 14.35 -16.87
CA TYR D 59 -2.56 14.67 -15.47
C TYR D 59 -3.72 15.52 -14.97
N VAL D 60 -4.49 15.00 -14.03
CA VAL D 60 -5.64 15.69 -13.48
C VAL D 60 -5.30 16.19 -12.09
N PRO D 61 -5.59 17.43 -11.74
CA PRO D 61 -5.31 17.90 -10.39
C PRO D 61 -6.16 17.17 -9.36
N ARG D 62 -5.62 17.03 -8.16
CA ARG D 62 -6.31 16.38 -7.06
C ARG D 62 -7.04 17.40 -6.19
N ALA D 63 -7.91 18.20 -6.80
CA ALA D 63 -8.53 19.33 -6.11
C ALA D 63 -10.05 19.20 -6.13
N ILE D 64 -10.64 19.27 -4.95
CA ILE D 64 -12.09 19.33 -4.79
C ILE D 64 -12.50 20.79 -4.64
N LEU D 65 -13.38 21.25 -5.52
CA LEU D 65 -13.93 22.59 -5.46
C LEU D 65 -15.36 22.52 -4.99
N MET D 66 -15.74 23.42 -4.08
CA MET D 66 -17.05 23.36 -3.45
C MET D 66 -17.61 24.76 -3.27
N ASP D 67 -18.93 24.88 -3.42
CA ASP D 67 -19.63 26.13 -3.12
C ASP D 67 -21.12 25.90 -3.26
N LEU D 68 -21.90 26.91 -2.87
CA LEU D 68 -23.33 26.96 -3.13
C LEU D 68 -23.71 27.99 -4.17
N GLU D 69 -22.76 28.73 -4.71
CA GLU D 69 -23.01 29.70 -5.77
C GLU D 69 -22.37 29.21 -7.06
N PRO D 70 -23.14 28.61 -7.95
CA PRO D 70 -22.54 27.96 -9.12
C PRO D 70 -22.04 28.93 -10.18
N GLY D 71 -22.01 30.23 -9.86
CA GLY D 71 -21.42 31.19 -10.77
C GLY D 71 -19.91 31.19 -10.71
N THR D 72 -19.36 30.94 -9.52
CA THR D 72 -17.91 30.92 -9.38
C THR D 72 -17.29 29.77 -10.17
N MET D 73 -18.03 28.67 -10.35
CA MET D 73 -17.58 27.60 -11.24
C MET D 73 -17.32 28.13 -12.63
N ASP D 74 -18.36 28.70 -13.25
CA ASP D 74 -18.19 29.29 -14.58
C ASP D 74 -17.18 30.43 -14.58
N SER D 75 -16.85 30.98 -13.42
CA SER D 75 -15.76 31.95 -13.34
C SER D 75 -14.41 31.26 -13.48
N VAL D 76 -14.20 30.17 -12.75
CA VAL D 76 -12.91 29.48 -12.78
C VAL D 76 -12.79 28.50 -13.94
N ARG D 77 -13.87 27.82 -14.32
CA ARG D 77 -13.77 26.81 -15.36
C ARG D 77 -13.49 27.43 -16.72
N ALA D 78 -14.12 28.57 -17.00
CA ALA D 78 -13.97 29.18 -18.32
C ALA D 78 -12.58 29.78 -18.51
N GLY D 79 -11.93 30.19 -17.43
CA GLY D 79 -10.61 30.81 -17.52
C GLY D 79 -9.55 29.84 -17.99
N PRO D 80 -8.39 30.36 -18.38
CA PRO D 80 -7.32 29.49 -18.85
C PRO D 80 -6.82 28.57 -17.75
N PHE D 81 -6.17 27.48 -18.18
CA PHE D 81 -5.76 26.41 -17.28
C PHE D 81 -6.94 25.92 -16.45
N GLY D 82 -8.09 25.82 -17.11
CA GLY D 82 -9.32 25.50 -16.41
C GLY D 82 -9.83 24.10 -16.66
N GLN D 83 -9.66 23.59 -17.87
CA GLN D 83 -10.20 22.28 -18.22
C GLN D 83 -9.56 21.14 -17.45
N LEU D 84 -8.57 21.41 -16.59
CA LEU D 84 -7.90 20.35 -15.86
C LEU D 84 -8.86 19.67 -14.88
N PHE D 85 -9.39 20.44 -13.94
CA PHE D 85 -10.17 19.90 -12.84
C PHE D 85 -11.29 18.99 -13.34
N ARG D 86 -11.39 17.82 -12.76
CA ARG D 86 -12.38 16.85 -13.22
C ARG D 86 -13.76 17.24 -12.73
N PRO D 87 -14.77 17.24 -13.61
CA PRO D 87 -16.12 17.68 -13.20
C PRO D 87 -16.76 16.81 -12.14
N ASP D 88 -16.19 15.65 -11.83
CA ASP D 88 -16.70 14.84 -10.74
C ASP D 88 -16.37 15.42 -9.37
N ASN D 89 -15.78 16.62 -9.32
CA ASN D 89 -15.39 17.24 -8.06
C ASN D 89 -16.03 18.59 -7.81
N PHE D 90 -16.64 19.21 -8.82
CA PHE D 90 -17.24 20.53 -8.66
C PHE D 90 -18.55 20.38 -7.89
N VAL D 91 -18.44 20.32 -6.56
CA VAL D 91 -19.61 20.21 -5.70
C VAL D 91 -20.22 21.60 -5.57
N PHE D 92 -21.23 21.89 -6.38
CA PHE D 92 -21.81 23.24 -6.45
C PHE D 92 -23.31 23.12 -6.17
N GLY D 93 -23.71 23.41 -4.94
CA GLY D 93 -25.12 23.48 -4.64
C GLY D 93 -25.79 24.58 -5.43
N GLN D 94 -27.01 24.30 -5.91
CA GLN D 94 -27.71 25.17 -6.84
C GLN D 94 -28.69 26.11 -6.15
N THR D 95 -28.38 26.53 -4.92
CA THR D 95 -29.28 27.42 -4.19
C THR D 95 -28.66 28.78 -3.90
N GLY D 96 -27.52 28.83 -3.22
CA GLY D 96 -26.94 30.10 -2.82
C GLY D 96 -26.40 30.09 -1.41
N ALA D 97 -25.56 31.07 -1.07
CA ALA D 97 -24.98 31.16 0.28
C ALA D 97 -25.30 32.45 0.99
N GLY D 98 -25.17 33.59 0.32
CA GLY D 98 -25.67 34.83 0.85
C GLY D 98 -24.85 35.49 1.93
N ASN D 99 -23.58 35.12 2.07
CA ASN D 99 -22.66 35.81 2.99
C ASN D 99 -23.19 35.78 4.43
N ASN D 100 -23.27 34.58 4.98
CA ASN D 100 -23.76 34.40 6.34
C ASN D 100 -23.20 33.08 6.86
N TRP D 101 -22.72 33.08 8.10
CA TRP D 101 -22.06 31.89 8.61
C TRP D 101 -23.05 30.77 8.86
N ALA D 102 -24.07 31.01 9.70
CA ALA D 102 -25.01 29.97 10.06
C ALA D 102 -25.66 29.34 8.84
N LYS D 103 -25.86 30.14 7.77
CA LYS D 103 -26.40 29.59 6.54
C LYS D 103 -25.47 28.52 5.96
N GLY D 104 -24.18 28.82 5.86
CA GLY D 104 -23.20 27.92 5.31
C GLY D 104 -22.58 26.96 6.29
N HIS D 105 -23.10 26.88 7.51
CA HIS D 105 -22.56 25.96 8.51
C HIS D 105 -23.61 25.16 9.26
N TYR D 106 -24.87 25.60 9.30
CA TYR D 106 -25.91 24.87 10.02
C TYR D 106 -27.04 24.39 9.13
N THR D 107 -27.65 25.27 8.35
CA THR D 107 -28.86 24.92 7.60
C THR D 107 -28.61 24.65 6.12
N GLU D 108 -28.12 25.64 5.39
CA GLU D 108 -28.05 25.51 3.93
C GLU D 108 -26.71 24.92 3.48
N GLY D 109 -25.61 25.58 3.82
CA GLY D 109 -24.30 25.08 3.52
C GLY D 109 -23.83 23.94 4.39
N ALA D 110 -24.75 23.27 5.10
CA ALA D 110 -24.39 22.17 5.97
C ALA D 110 -25.03 20.84 5.58
N GLU D 111 -26.27 20.84 5.12
CA GLU D 111 -26.92 19.63 4.67
C GLU D 111 -26.43 19.18 3.29
N LEU D 112 -25.37 19.81 2.80
CA LEU D 112 -24.68 19.38 1.59
C LEU D 112 -23.32 18.75 1.88
N ILE D 113 -22.76 18.98 3.06
CA ILE D 113 -21.42 18.53 3.41
C ILE D 113 -21.26 17.03 3.25
N ASP D 114 -22.34 16.27 3.28
CA ASP D 114 -22.21 14.82 3.18
C ASP D 114 -21.62 14.41 1.83
N SER D 115 -22.08 15.02 0.75
CA SER D 115 -21.50 14.74 -0.56
C SER D 115 -20.03 15.14 -0.61
N VAL D 116 -19.69 16.26 0.03
CA VAL D 116 -18.29 16.70 0.04
C VAL D 116 -17.43 15.71 0.80
N LEU D 117 -17.92 15.20 1.93
CA LEU D 117 -17.19 14.15 2.64
C LEU D 117 -17.03 12.92 1.77
N ASP D 118 -18.08 12.54 1.04
CA ASP D 118 -17.98 11.34 0.21
C ASP D 118 -16.92 11.49 -0.87
N VAL D 119 -16.87 12.67 -1.49
CA VAL D 119 -15.88 12.83 -2.55
C VAL D 119 -14.47 13.01 -1.99
N VAL D 120 -14.33 13.66 -0.83
CA VAL D 120 -13.02 13.73 -0.18
C VAL D 120 -12.55 12.34 0.20
N ARG D 121 -13.45 11.48 0.66
CA ARG D 121 -13.07 10.11 1.00
C ARG D 121 -12.66 9.35 -0.26
N LYS D 122 -13.39 9.54 -1.35
CA LYS D 122 -12.98 8.90 -2.61
C LYS D 122 -11.60 9.37 -3.03
N GLU D 123 -11.28 10.64 -2.81
CA GLU D 123 -9.97 11.15 -3.18
C GLU D 123 -8.87 10.73 -2.20
N ALA D 124 -9.23 10.40 -0.96
CA ALA D 124 -8.24 10.07 0.06
C ALA D 124 -7.91 8.59 0.10
N GLU D 125 -8.93 7.73 0.17
CA GLU D 125 -8.68 6.30 0.23
C GLU D 125 -8.02 5.77 -1.04
N GLY D 126 -8.00 6.56 -2.10
CA GLY D 126 -7.30 6.19 -3.31
C GLY D 126 -5.82 6.49 -3.32
N CYS D 127 -5.30 7.09 -2.25
CA CYS D 127 -3.89 7.41 -2.13
C CYS D 127 -3.16 6.33 -1.33
N ASP D 128 -1.83 6.41 -1.34
CA ASP D 128 -1.01 5.45 -0.63
C ASP D 128 -0.65 5.94 0.78
N CYS D 129 0.03 7.08 0.89
CA CYS D 129 0.36 7.68 2.17
C CYS D 129 0.00 9.16 2.10
N LEU D 130 -1.25 9.48 2.42
CA LEU D 130 -1.67 10.87 2.45
C LEU D 130 -1.02 11.56 3.64
N GLN D 131 -0.58 12.81 3.44
CA GLN D 131 0.14 13.53 4.48
C GLN D 131 -0.70 14.61 5.15
N GLY D 132 -1.27 15.52 4.36
CA GLY D 132 -2.01 16.62 4.95
C GLY D 132 -2.96 17.24 3.95
N PHE D 133 -3.95 17.93 4.50
CA PHE D 133 -4.91 18.67 3.71
C PHE D 133 -4.46 20.12 3.59
N GLN D 134 -4.75 20.72 2.44
CA GLN D 134 -4.29 22.07 2.11
C GLN D 134 -5.48 22.85 1.56
N ILE D 135 -6.09 23.66 2.41
CA ILE D 135 -7.31 24.37 2.10
C ILE D 135 -7.01 25.83 1.84
N THR D 136 -7.83 26.47 1.00
CA THR D 136 -7.76 27.90 0.74
C THR D 136 -9.17 28.47 0.79
N HIS D 137 -9.38 29.48 1.62
CA HIS D 137 -10.72 30.01 1.82
C HIS D 137 -10.63 31.37 2.51
N SER D 138 -11.74 32.09 2.50
CA SER D 138 -11.86 33.36 3.18
C SER D 138 -12.42 33.13 4.59
N LEU D 139 -12.63 34.21 5.34
CA LEU D 139 -13.11 34.14 6.72
C LEU D 139 -14.41 34.87 6.98
N GLY D 140 -14.79 35.83 6.14
CA GLY D 140 -16.08 36.47 6.30
C GLY D 140 -17.08 35.93 5.32
N GLY D 141 -16.58 35.35 4.24
CA GLY D 141 -17.44 34.72 3.26
C GLY D 141 -18.28 33.62 3.86
N GLY D 142 -19.59 33.73 3.69
CA GLY D 142 -20.50 32.74 4.23
C GLY D 142 -20.15 31.34 3.84
N THR D 143 -20.28 31.02 2.54
CA THR D 143 -19.93 29.69 2.07
C THR D 143 -18.49 29.34 2.40
N GLY D 144 -17.56 30.23 2.10
CA GLY D 144 -16.15 29.98 2.34
C GLY D 144 -15.86 29.59 3.77
N SER D 145 -16.04 30.53 4.71
CA SER D 145 -15.68 30.27 6.09
C SER D 145 -16.53 29.15 6.68
N GLY D 146 -17.85 29.21 6.46
CA GLY D 146 -18.74 28.21 7.02
C GLY D 146 -18.39 26.80 6.61
N MET D 147 -18.43 26.52 5.30
CA MET D 147 -18.12 25.19 4.83
C MET D 147 -16.68 24.81 5.14
N GLY D 148 -15.75 25.78 5.14
CA GLY D 148 -14.38 25.45 5.48
C GLY D 148 -14.26 24.92 6.89
N THR D 149 -14.84 25.62 7.87
CA THR D 149 -14.75 25.16 9.25
C THR D 149 -15.54 23.89 9.47
N LEU D 150 -16.67 23.72 8.79
CA LEU D 150 -17.41 22.47 8.94
C LEU D 150 -16.59 21.29 8.41
N LEU D 151 -16.02 21.44 7.22
CA LEU D 151 -15.14 20.43 6.67
C LEU D 151 -13.96 20.17 7.59
N ILE D 152 -13.41 21.23 8.18
CA ILE D 152 -12.31 21.06 9.12
C ILE D 152 -12.71 20.17 10.27
N SER D 153 -13.82 20.52 10.93
CA SER D 153 -14.30 19.70 12.04
C SER D 153 -14.46 18.25 11.61
N LYS D 154 -15.15 18.03 10.50
CA LYS D 154 -15.44 16.67 10.06
C LYS D 154 -14.16 15.89 9.80
N VAL D 155 -13.32 16.37 8.88
CA VAL D 155 -12.16 15.58 8.48
C VAL D 155 -11.14 15.46 9.60
N ARG D 156 -11.01 16.47 10.47
CA ARG D 156 -10.05 16.34 11.55
C ARG D 156 -10.56 15.42 12.64
N GLU D 157 -11.87 15.33 12.81
CA GLU D 157 -12.41 14.25 13.63
C GLU D 157 -12.32 12.91 12.94
N GLU D 158 -12.11 12.91 11.62
CA GLU D 158 -12.08 11.69 10.83
C GLU D 158 -10.68 11.14 10.59
N TYR D 159 -9.77 11.98 10.09
CA TYR D 159 -8.39 11.56 9.80
C TYR D 159 -7.43 12.34 10.70
N PRO D 160 -7.21 11.88 11.94
CA PRO D 160 -6.22 12.55 12.79
C PRO D 160 -4.79 12.21 12.44
N ASP D 161 -4.55 11.09 11.74
CA ASP D 161 -3.20 10.71 11.39
C ASP D 161 -2.53 11.76 10.50
N ARG D 162 -3.29 12.38 9.62
CA ARG D 162 -2.75 13.36 8.69
C ARG D 162 -2.64 14.71 9.39
N ILE D 163 -2.31 15.77 8.63
CA ILE D 163 -2.20 17.11 9.19
C ILE D 163 -3.13 18.04 8.41
N MET D 164 -3.24 19.27 8.90
CA MET D 164 -4.13 20.27 8.33
C MET D 164 -3.38 21.58 8.11
N GLU D 165 -3.68 22.23 7.00
CA GLU D 165 -3.03 23.50 6.68
C GLU D 165 -3.99 24.34 5.87
N THR D 166 -4.24 25.57 6.33
CA THR D 166 -5.23 26.45 5.73
C THR D 166 -4.59 27.78 5.39
N PHE D 167 -4.72 28.20 4.14
CA PHE D 167 -4.21 29.48 3.68
C PHE D 167 -5.33 30.52 3.69
N SER D 168 -5.67 30.95 4.90
CA SER D 168 -6.79 31.84 5.08
C SER D 168 -6.46 33.26 4.63
N VAL D 169 -7.51 34.05 4.40
CA VAL D 169 -7.37 35.48 4.23
C VAL D 169 -8.15 36.16 5.35
N VAL D 170 -7.65 37.33 5.77
CA VAL D 170 -8.21 38.00 6.94
C VAL D 170 -8.97 39.25 6.49
N PRO D 171 -9.74 39.88 7.36
CA PRO D 171 -10.34 41.17 7.00
C PRO D 171 -9.27 42.21 6.75
N SER D 172 -9.33 42.86 5.58
CA SER D 172 -8.47 43.98 5.28
C SER D 172 -8.64 45.03 6.38
N PRO D 173 -7.63 45.24 7.21
CA PRO D 173 -7.88 45.91 8.50
C PRO D 173 -8.38 47.34 8.39
N LYS D 174 -7.78 48.16 7.53
CA LYS D 174 -8.14 49.57 7.54
C LYS D 174 -9.52 49.81 6.94
N VAL D 175 -9.70 49.46 5.67
CA VAL D 175 -10.96 49.61 4.97
C VAL D 175 -11.60 48.25 4.79
N SER D 176 -12.82 48.10 5.30
CA SER D 176 -13.46 46.80 5.26
C SER D 176 -13.94 46.48 3.86
N ASP D 177 -14.25 45.20 3.63
CA ASP D 177 -14.84 44.73 2.40
C ASP D 177 -16.25 44.20 2.56
N THR D 178 -16.62 43.76 3.76
CA THR D 178 -18.01 43.45 4.11
C THR D 178 -18.30 44.12 5.44
N VAL D 179 -19.59 44.23 5.77
CA VAL D 179 -20.00 44.88 7.01
C VAL D 179 -20.21 43.90 8.15
N VAL D 180 -20.24 42.60 7.87
CA VAL D 180 -20.41 41.58 8.89
C VAL D 180 -19.16 40.69 9.01
N GLU D 181 -18.02 41.23 8.58
CA GLU D 181 -16.78 40.46 8.62
C GLU D 181 -16.35 40.06 10.02
N PRO D 182 -16.42 40.93 11.05
CA PRO D 182 -15.98 40.48 12.39
C PRO D 182 -16.71 39.26 12.89
N TYR D 183 -18.04 39.21 12.71
CA TYR D 183 -18.83 38.10 13.21
C TYR D 183 -18.31 36.76 12.68
N ASN D 184 -18.34 36.60 11.36
CA ASN D 184 -17.92 35.34 10.76
C ASN D 184 -16.44 35.09 10.96
N ALA D 185 -15.62 36.15 11.00
CA ALA D 185 -14.20 35.97 11.23
C ALA D 185 -13.94 35.32 12.57
N THR D 186 -14.54 35.86 13.64
CA THR D 186 -14.30 35.28 14.95
C THR D 186 -14.99 33.92 15.10
N LEU D 187 -16.14 33.72 14.43
CA LEU D 187 -16.75 32.39 14.45
C LEU D 187 -15.83 31.35 13.83
N SER D 188 -15.13 31.72 12.76
CA SER D 188 -14.18 30.80 12.15
C SER D 188 -12.95 30.61 13.04
N VAL D 189 -12.47 31.69 13.64
CA VAL D 189 -11.33 31.58 14.54
C VAL D 189 -11.61 30.59 15.66
N HIS D 190 -12.82 30.64 16.21
CA HIS D 190 -13.14 29.70 17.29
C HIS D 190 -13.20 28.25 16.80
N GLN D 191 -13.34 28.03 15.50
CA GLN D 191 -13.32 26.67 14.97
C GLN D 191 -11.94 26.25 14.49
N LEU D 192 -11.02 27.20 14.31
CA LEU D 192 -9.69 26.85 13.81
C LEU D 192 -8.77 26.38 14.92
N VAL D 193 -8.68 27.13 16.03
CA VAL D 193 -7.71 26.83 17.06
C VAL D 193 -7.99 25.47 17.69
N GLU D 194 -9.20 24.96 17.55
CA GLU D 194 -9.54 23.68 18.15
C GLU D 194 -9.34 22.50 17.22
N ASN D 195 -9.33 22.70 15.89
CA ASN D 195 -9.36 21.57 14.98
C ASN D 195 -8.36 21.71 13.83
N ALA D 196 -7.30 22.50 14.00
CA ALA D 196 -6.36 22.71 12.91
C ALA D 196 -4.95 22.39 13.39
N ASP D 197 -4.01 22.43 12.44
CA ASP D 197 -2.59 22.27 12.76
C ASP D 197 -1.69 23.28 12.05
N GLU D 198 -2.17 23.99 11.03
CA GLU D 198 -1.43 25.09 10.43
C GLU D 198 -2.43 26.04 9.81
N CYS D 199 -2.29 27.33 10.09
CA CYS D 199 -3.22 28.32 9.57
C CYS D 199 -2.44 29.59 9.24
N MET D 200 -2.06 29.74 7.98
CA MET D 200 -1.41 30.97 7.56
C MET D 200 -2.46 32.01 7.21
N VAL D 201 -2.13 33.28 7.49
CA VAL D 201 -3.06 34.38 7.31
C VAL D 201 -2.51 35.33 6.26
N ILE D 202 -3.41 35.89 5.46
CA ILE D 202 -3.07 36.83 4.40
C ILE D 202 -4.12 37.93 4.38
N ASP D 203 -3.68 39.17 4.18
CA ASP D 203 -4.59 40.30 4.08
C ASP D 203 -4.56 40.87 2.67
N ASN D 204 -5.72 41.37 2.23
CA ASN D 204 -5.82 42.05 0.95
C ASN D 204 -5.34 43.49 1.02
N GLU D 205 -4.80 43.92 2.16
CA GLU D 205 -4.28 45.27 2.32
C GLU D 205 -2.78 45.33 2.07
N ALA D 206 -1.99 44.55 2.81
CA ALA D 206 -0.55 44.56 2.60
C ALA D 206 -0.18 44.12 1.19
N LEU D 207 -1.02 43.31 0.56
CA LEU D 207 -0.81 42.97 -0.84
C LEU D 207 -0.84 44.21 -1.71
N TYR D 208 -1.73 45.15 -1.39
CA TYR D 208 -1.80 46.39 -2.17
C TYR D 208 -0.56 47.23 -1.97
N ASP D 209 -0.14 47.40 -0.70
CA ASP D 209 1.08 48.17 -0.43
C ASP D 209 2.29 47.54 -1.10
N ILE D 210 2.32 46.20 -1.21
CA ILE D 210 3.42 45.54 -1.91
C ILE D 210 3.34 45.81 -3.41
N CYS D 211 2.21 45.47 -4.02
CA CYS D 211 2.05 45.69 -5.46
C CYS D 211 2.16 47.15 -5.85
N PHE D 212 2.12 48.07 -4.90
CA PHE D 212 2.22 49.50 -5.18
C PHE D 212 3.59 50.08 -4.87
N ARG D 213 4.30 49.56 -3.87
CA ARG D 213 5.59 50.10 -3.47
C ARG D 213 6.73 49.11 -3.66
N THR D 214 6.46 47.90 -4.15
CA THR D 214 7.50 46.93 -4.41
C THR D 214 7.61 46.54 -5.87
N LEU D 215 6.53 46.68 -6.64
CA LEU D 215 6.54 46.34 -8.04
C LEU D 215 6.10 47.49 -8.94
N LYS D 216 5.73 48.64 -8.36
CA LYS D 216 5.34 49.83 -9.11
C LYS D 216 4.25 49.51 -10.14
N LEU D 217 3.23 48.79 -9.71
CA LEU D 217 2.09 48.50 -10.56
C LEU D 217 1.09 49.65 -10.51
N THR D 218 0.22 49.68 -11.52
CA THR D 218 -0.78 50.75 -11.62
C THR D 218 -2.17 50.17 -11.80
N THR D 219 -2.26 49.00 -12.42
CA THR D 219 -3.52 48.29 -12.63
C THR D 219 -3.42 46.89 -12.02
N PRO D 220 -3.32 46.78 -10.70
CA PRO D 220 -3.26 45.46 -10.09
C PRO D 220 -4.64 44.85 -9.98
N THR D 221 -4.96 43.90 -10.85
CA THR D 221 -6.21 43.17 -10.73
C THR D 221 -6.04 42.06 -9.70
N TYR D 222 -7.15 41.58 -9.17
CA TYR D 222 -7.10 40.50 -8.18
C TYR D 222 -6.37 39.28 -8.71
N GLY D 223 -6.27 39.15 -10.04
CA GLY D 223 -5.48 38.07 -10.61
C GLY D 223 -4.03 38.12 -10.18
N ASP D 224 -3.42 39.31 -10.21
CA ASP D 224 -1.99 39.41 -9.88
C ASP D 224 -1.75 39.21 -8.39
N LEU D 225 -2.64 39.71 -7.55
CA LEU D 225 -2.52 39.50 -6.12
C LEU D 225 -2.66 38.02 -5.78
N ASN D 226 -3.66 37.36 -6.37
CA ASN D 226 -3.78 35.92 -6.22
C ASN D 226 -2.54 35.21 -6.74
N HIS D 227 -1.92 35.74 -7.80
CA HIS D 227 -0.71 35.13 -8.32
C HIS D 227 0.41 35.21 -7.30
N LEU D 228 0.55 36.36 -6.65
CA LEU D 228 1.57 36.50 -5.61
C LEU D 228 1.32 35.53 -4.46
N VAL D 229 0.08 35.46 -4.00
CA VAL D 229 -0.24 34.56 -2.90
C VAL D 229 0.04 33.12 -3.29
N SER D 230 -0.34 32.74 -4.50
CA SER D 230 -0.14 31.37 -4.95
C SER D 230 1.34 31.04 -5.12
N ALA D 231 2.14 32.00 -5.60
CA ALA D 231 3.57 31.79 -5.66
C ALA D 231 4.13 31.52 -4.27
N ALA D 232 3.67 32.28 -3.27
CA ALA D 232 4.10 32.02 -1.91
C ALA D 232 3.70 30.62 -1.46
N MET D 233 2.48 30.21 -1.79
CA MET D 233 1.99 28.89 -1.39
C MET D 233 2.83 27.79 -2.02
N SER D 234 3.22 27.96 -3.28
CA SER D 234 4.04 26.96 -3.94
C SER D 234 5.45 26.93 -3.34
N GLY D 235 6.02 28.10 -3.09
CA GLY D 235 7.34 28.15 -2.49
C GLY D 235 7.38 27.53 -1.11
N VAL D 236 6.26 27.57 -0.38
CA VAL D 236 6.20 26.97 0.96
C VAL D 236 6.56 25.49 0.89
N THR D 237 5.87 24.75 0.02
CA THR D 237 6.03 23.31 -0.07
C THR D 237 6.92 22.86 -1.22
N CYS D 238 7.64 23.78 -1.87
CA CYS D 238 8.54 23.39 -2.96
C CYS D 238 9.68 22.50 -2.50
N CYS D 239 10.04 22.52 -1.22
CA CYS D 239 11.16 21.71 -0.74
C CYS D 239 10.78 20.26 -0.50
N LEU D 240 9.66 19.82 -1.03
CA LEU D 240 9.17 18.45 -0.85
C LEU D 240 9.06 17.69 -2.16
N ARG D 241 8.56 18.33 -3.22
CA ARG D 241 8.44 17.68 -4.52
C ARG D 241 9.73 17.76 -5.33
N PHE D 242 10.78 18.36 -4.78
CA PHE D 242 12.02 18.53 -5.51
C PHE D 242 13.22 18.10 -4.66
N PRO D 243 14.32 17.70 -5.29
CA PRO D 243 15.54 17.40 -4.53
C PRO D 243 16.00 18.62 -3.75
N GLY D 244 16.91 18.37 -2.80
CA GLY D 244 17.42 19.45 -1.99
C GLY D 244 18.57 19.05 -1.09
N GLN D 245 19.54 19.96 -0.93
CA GLN D 245 20.64 19.72 -0.02
C GLN D 245 20.14 19.50 1.40
N LEU D 246 19.00 20.07 1.75
CA LEU D 246 18.37 19.81 3.04
C LEU D 246 16.86 19.95 2.83
N ASN D 247 16.19 18.82 2.59
CA ASN D 247 14.79 18.83 2.23
C ASN D 247 13.90 18.95 3.45
N SER D 248 12.83 19.71 3.32
CA SER D 248 11.82 19.88 4.35
C SER D 248 10.47 19.41 3.82
N ASP D 249 9.44 19.53 4.65
CA ASP D 249 8.12 19.04 4.29
C ASP D 249 7.07 19.94 4.95
N LEU D 250 5.84 19.44 5.02
CA LEU D 250 4.79 20.14 5.75
C LEU D 250 4.95 19.96 7.25
N ARG D 251 5.39 18.79 7.70
CA ARG D 251 5.42 18.54 9.14
C ARG D 251 6.68 19.07 9.80
N LYS D 252 7.80 19.13 9.08
CA LYS D 252 9.00 19.71 9.67
C LYS D 252 8.75 21.14 10.09
N LEU D 253 7.97 21.89 9.31
CA LEU D 253 7.50 23.19 9.77
C LEU D 253 6.61 23.04 10.99
N ALA D 254 5.60 22.17 10.91
CA ALA D 254 4.64 22.01 11.98
C ALA D 254 5.28 21.60 13.30
N VAL D 255 6.54 21.18 13.30
CA VAL D 255 7.25 20.84 14.52
C VAL D 255 8.29 21.91 14.89
N ASN D 256 9.03 22.40 13.90
CA ASN D 256 10.01 23.44 14.19
C ASN D 256 9.39 24.81 14.38
N LEU D 257 8.08 24.95 14.33
CA LEU D 257 7.48 26.27 14.47
C LEU D 257 6.63 26.42 15.72
N ILE D 258 5.59 25.61 15.90
CA ILE D 258 4.57 25.86 16.91
C ILE D 258 5.06 25.30 18.24
N PRO D 259 5.38 26.15 19.22
CA PRO D 259 5.82 25.62 20.52
C PRO D 259 4.68 25.02 21.31
N PHE D 260 3.44 25.47 21.08
CA PHE D 260 2.30 25.04 21.86
C PHE D 260 1.09 24.91 20.94
N PRO D 261 0.17 24.01 21.25
CA PRO D 261 -0.81 23.57 20.24
C PRO D 261 -1.70 24.67 19.67
N ARG D 262 -1.58 25.91 20.17
CA ARG D 262 -2.46 26.97 19.69
C ARG D 262 -1.73 28.17 19.11
N LEU D 263 -0.45 28.38 19.38
CA LEU D 263 0.29 29.48 18.78
C LEU D 263 0.72 29.12 17.36
N HIS D 264 -0.28 28.88 16.51
CA HIS D 264 -0.05 28.27 15.21
C HIS D 264 -0.59 29.14 14.06
N PHE D 265 -0.54 30.45 14.21
CA PHE D 265 -0.98 31.37 13.16
C PHE D 265 0.23 32.11 12.63
N PHE D 266 0.61 31.83 11.39
CA PHE D 266 1.91 32.23 10.88
C PHE D 266 1.78 33.50 10.03
N MET D 267 2.89 33.91 9.43
CA MET D 267 2.92 34.97 8.43
C MET D 267 3.71 34.49 7.24
N ILE D 268 3.37 35.02 6.06
CA ILE D 268 3.97 34.59 4.81
C ILE D 268 4.67 35.76 4.14
N GLY D 269 5.86 35.50 3.61
CA GLY D 269 6.58 36.48 2.81
C GLY D 269 7.27 35.83 1.62
N PHE D 270 7.25 36.49 0.47
CA PHE D 270 7.93 35.99 -0.71
C PHE D 270 9.04 36.96 -1.10
N ALA D 271 10.10 36.42 -1.68
CA ALA D 271 11.20 37.24 -2.17
C ALA D 271 11.90 36.48 -3.29
N PRO D 272 12.46 37.19 -4.27
CA PRO D 272 12.47 38.64 -4.42
C PRO D 272 11.33 39.16 -5.27
N LEU D 273 11.02 40.45 -5.12
CA LEU D 273 9.95 41.10 -5.87
C LEU D 273 10.44 42.49 -6.23
N THR D 274 10.61 42.76 -7.54
CA THR D 274 11.15 44.04 -7.95
C THR D 274 10.51 44.50 -9.25
N SER D 275 10.43 45.82 -9.40
CA SER D 275 9.85 46.46 -10.56
C SER D 275 10.88 46.56 -11.68
N ARG D 276 10.60 47.37 -12.69
CA ARG D 276 11.46 47.52 -13.85
C ARG D 276 12.84 48.07 -13.50
N GLY D 277 12.89 49.33 -13.07
CA GLY D 277 14.18 49.95 -12.79
C GLY D 277 14.88 49.34 -11.59
N SER D 278 14.12 49.09 -10.53
CA SER D 278 14.69 48.46 -9.35
C SER D 278 15.35 47.13 -9.69
N GLN D 279 14.79 46.37 -10.62
CA GLN D 279 15.46 45.16 -11.09
C GLN D 279 16.68 45.52 -11.92
N GLN D 280 16.59 46.59 -12.72
CA GLN D 280 17.74 46.99 -13.52
C GLN D 280 18.95 47.30 -12.64
N TYR D 281 18.73 47.77 -11.42
CA TYR D 281 19.85 48.22 -10.59
C TYR D 281 20.39 47.18 -9.62
N ARG D 282 19.54 46.40 -8.97
CA ARG D 282 19.97 45.53 -7.88
C ARG D 282 20.37 44.15 -8.38
N ALA D 283 21.37 43.56 -7.73
CA ALA D 283 21.88 42.25 -8.08
C ALA D 283 21.14 41.16 -7.30
N LEU D 284 21.47 39.91 -7.62
CA LEU D 284 20.83 38.75 -7.01
C LEU D 284 21.86 38.01 -6.16
N THR D 285 21.97 38.43 -4.90
CA THR D 285 22.91 37.82 -3.97
C THR D 285 22.24 37.72 -2.62
N VAL D 286 22.36 36.55 -1.99
CA VAL D 286 21.50 36.16 -0.87
C VAL D 286 21.50 37.13 0.31
N PRO D 287 22.55 37.93 0.56
CA PRO D 287 22.37 39.03 1.52
C PRO D 287 21.25 39.98 1.13
N GLU D 288 21.11 40.27 -0.17
CA GLU D 288 20.02 41.15 -0.59
C GLU D 288 18.67 40.50 -0.40
N LEU D 289 18.55 39.21 -0.74
CA LEU D 289 17.30 38.51 -0.51
C LEU D 289 16.92 38.52 0.95
N THR D 290 17.91 38.37 1.85
CA THR D 290 17.61 38.46 3.27
C THR D 290 17.18 39.87 3.64
N GLN D 291 17.88 40.89 3.14
CA GLN D 291 17.52 42.27 3.44
C GLN D 291 16.09 42.57 3.00
N GLN D 292 15.62 41.92 1.94
CA GLN D 292 14.26 42.12 1.50
C GLN D 292 13.27 41.22 2.22
N MET D 293 13.72 40.10 2.76
CA MET D 293 12.79 39.12 3.32
C MET D 293 12.18 39.61 4.62
N PHE D 294 13.01 40.07 5.55
CA PHE D 294 12.54 40.45 6.87
C PHE D 294 11.81 41.78 6.90
N ASP D 295 11.86 42.56 5.82
CA ASP D 295 11.24 43.88 5.83
C ASP D 295 9.75 43.79 6.12
N ALA D 296 9.27 44.66 7.02
CA ALA D 296 7.88 44.65 7.39
C ALA D 296 6.96 44.94 6.20
N LYS D 297 7.43 45.77 5.27
CA LYS D 297 6.66 46.08 4.08
C LYS D 297 6.74 44.99 3.01
N ASN D 298 7.20 43.80 3.38
CA ASN D 298 7.35 42.70 2.43
C ASN D 298 6.54 41.47 2.84
N MET D 299 5.61 41.61 3.77
CA MET D 299 4.84 40.48 4.27
C MET D 299 3.39 40.57 3.84
N MET D 300 2.73 39.41 3.79
CA MET D 300 1.34 39.31 3.38
C MET D 300 0.38 39.38 4.56
N CYS D 301 0.78 40.04 5.63
CA CYS D 301 -0.06 40.17 6.82
C CYS D 301 0.05 41.59 7.34
N ALA D 302 -1.08 42.29 7.40
CA ALA D 302 -1.06 43.68 7.83
C ALA D 302 -0.82 43.77 9.33
N ALA D 303 0.37 43.37 9.76
CA ALA D 303 0.76 43.46 11.16
C ALA D 303 2.28 43.64 11.18
N ASP D 304 2.72 44.89 11.32
CA ASP D 304 4.14 45.23 11.33
C ASP D 304 4.85 44.42 12.40
N PRO D 305 5.68 43.45 12.02
CA PRO D 305 6.35 42.62 13.03
C PRO D 305 7.23 43.41 13.97
N ARG D 306 7.63 44.62 13.58
CA ARG D 306 8.41 45.47 14.48
C ARG D 306 7.69 45.70 15.80
N HIS D 307 6.36 45.63 15.79
CA HIS D 307 5.57 45.76 17.01
C HIS D 307 5.57 44.48 17.84
N GLY D 308 6.39 43.52 17.50
CA GLY D 308 6.45 42.26 18.23
C GLY D 308 7.76 41.56 17.97
N ARG D 309 7.76 40.24 18.12
CA ARG D 309 8.94 39.44 17.93
C ARG D 309 8.55 38.20 17.14
N TYR D 310 9.54 37.34 16.88
CA TYR D 310 9.32 36.10 16.15
C TYR D 310 9.56 34.94 17.10
N LEU D 311 8.50 34.22 17.45
CA LEU D 311 8.70 32.96 18.15
C LEU D 311 9.50 32.00 17.29
N THR D 312 9.36 32.07 15.97
CA THR D 312 10.18 31.27 15.07
C THR D 312 9.90 31.69 13.65
N ALA D 313 10.80 31.31 12.74
CA ALA D 313 10.66 31.69 11.35
C ALA D 313 11.49 30.75 10.50
N SER D 314 10.85 30.08 9.55
CA SER D 314 11.52 29.16 8.65
C SER D 314 11.74 29.84 7.30
N ALA D 315 12.98 29.88 6.87
CA ALA D 315 13.37 30.46 5.59
C ALA D 315 13.69 29.33 4.64
N LEU D 316 12.81 29.11 3.67
CA LEU D 316 12.99 28.07 2.67
C LEU D 316 13.54 28.72 1.41
N PHE D 317 14.77 28.37 1.06
CA PHE D 317 15.39 28.88 -0.15
C PHE D 317 15.16 27.91 -1.30
N ARG D 318 15.51 28.35 -2.50
CA ARG D 318 15.31 27.56 -3.70
C ARG D 318 16.35 27.99 -4.72
N GLY D 319 16.69 27.08 -5.63
CA GLY D 319 17.70 27.36 -6.61
C GLY D 319 18.99 26.62 -6.34
N ARG D 320 20.10 27.36 -6.22
CA ARG D 320 21.38 26.75 -5.92
C ARG D 320 22.28 27.82 -5.32
N MET D 321 22.73 27.60 -4.08
CA MET D 321 23.57 28.58 -3.42
C MET D 321 24.36 27.89 -2.32
N SER D 322 25.53 28.45 -2.03
CA SER D 322 26.38 27.95 -0.96
C SER D 322 25.64 28.06 0.37
N THR D 323 25.41 26.92 1.03
CA THR D 323 24.68 26.94 2.29
C THR D 323 25.40 27.76 3.35
N LYS D 324 26.72 27.94 3.21
CA LYS D 324 27.44 28.78 4.16
C LYS D 324 26.95 30.23 4.08
N GLU D 325 26.63 30.71 2.88
CA GLU D 325 26.05 32.04 2.77
C GLU D 325 24.71 32.12 3.48
N VAL D 326 23.85 31.13 3.28
CA VAL D 326 22.55 31.11 3.97
C VAL D 326 22.76 31.17 5.47
N ASP D 327 23.66 30.34 5.99
CA ASP D 327 23.83 30.26 7.44
C ASP D 327 24.45 31.52 8.00
N GLU D 328 25.40 32.13 7.27
CA GLU D 328 25.97 33.39 7.72
C GLU D 328 24.92 34.50 7.72
N GLN D 329 24.06 34.54 6.71
CA GLN D 329 23.01 35.55 6.70
C GLN D 329 22.03 35.34 7.84
N MET D 330 21.64 34.10 8.09
CA MET D 330 20.75 33.81 9.21
C MET D 330 21.38 34.24 10.53
N LEU D 331 22.65 33.88 10.75
CA LEU D 331 23.31 34.23 12.01
C LEU D 331 23.45 35.73 12.16
N ASN D 332 23.77 36.44 11.07
CA ASN D 332 23.94 37.88 11.17
C ASN D 332 22.62 38.58 11.43
N VAL D 333 21.56 38.16 10.73
CA VAL D 333 20.28 38.83 10.93
C VAL D 333 19.71 38.49 12.31
N GLN D 334 20.10 37.35 12.87
CA GLN D 334 19.58 36.99 14.19
C GLN D 334 20.37 37.68 15.30
N ASN D 335 21.69 37.75 15.18
CA ASN D 335 22.49 38.40 16.21
C ASN D 335 22.45 39.92 16.11
N LYS D 336 22.10 40.48 14.96
CA LYS D 336 22.07 41.93 14.82
C LYS D 336 20.74 42.52 15.24
N ASN D 337 19.64 41.88 14.85
CA ASN D 337 18.32 42.27 15.35
C ASN D 337 17.95 41.50 16.60
N SER D 338 18.85 41.50 17.58
CA SER D 338 18.67 40.69 18.78
C SER D 338 17.42 41.06 19.55
N SER D 339 16.83 42.22 19.28
CA SER D 339 15.61 42.61 19.98
C SER D 339 14.38 42.00 19.34
N TYR D 340 14.30 42.04 18.01
CA TYR D 340 13.09 41.56 17.33
C TYR D 340 12.92 40.06 17.39
N PHE D 341 13.82 39.35 18.06
CA PHE D 341 13.66 37.92 18.32
C PHE D 341 13.52 37.68 19.81
N VAL D 342 12.84 36.60 20.15
CA VAL D 342 12.65 36.20 21.54
C VAL D 342 13.81 35.29 21.93
N GLU D 343 14.10 35.22 23.22
CA GLU D 343 15.34 34.64 23.72
C GLU D 343 15.19 33.22 24.26
N TRP D 344 14.09 32.91 24.94
CA TRP D 344 13.98 31.61 25.59
C TRP D 344 13.90 30.45 24.60
N ILE D 345 13.98 30.72 23.31
CA ILE D 345 14.14 29.68 22.30
C ILE D 345 15.38 30.01 21.49
N PRO D 346 16.56 29.51 21.89
CA PRO D 346 17.79 29.89 21.19
C PRO D 346 17.74 29.51 19.73
N ASN D 347 18.43 30.32 18.92
CA ASN D 347 18.46 30.21 17.46
C ASN D 347 17.06 29.93 16.92
N ASN D 348 16.15 30.86 17.19
CA ASN D 348 14.75 30.68 16.87
C ASN D 348 14.47 30.76 15.37
N ILE D 349 15.47 30.83 14.52
CA ILE D 349 15.25 30.85 13.08
C ILE D 349 15.73 29.54 12.47
N LYS D 350 14.88 28.97 11.62
CA LYS D 350 15.16 27.70 10.96
C LYS D 350 15.37 27.96 9.48
N SER D 351 16.22 27.16 8.86
CA SER D 351 16.52 27.31 7.44
C SER D 351 16.24 26.01 6.71
N SER D 352 16.11 26.12 5.39
CA SER D 352 15.96 24.95 4.55
C SER D 352 16.33 25.33 3.13
N ILE D 353 16.88 24.38 2.39
CA ILE D 353 17.39 24.63 1.04
C ILE D 353 16.92 23.52 0.12
N CYS D 354 16.03 23.85 -0.81
CA CYS D 354 15.71 22.95 -1.92
C CYS D 354 16.72 23.19 -3.04
N ASP D 355 16.47 22.62 -4.22
CA ASP D 355 17.44 22.74 -5.30
C ASP D 355 16.75 23.00 -6.63
N ILE D 356 15.72 23.83 -6.63
CA ILE D 356 15.07 24.23 -7.88
C ILE D 356 14.67 25.70 -7.79
N PRO D 357 15.18 26.56 -8.67
CA PRO D 357 14.77 27.96 -8.68
C PRO D 357 13.41 28.09 -9.34
N PRO D 358 12.76 29.25 -9.23
CA PRO D 358 11.48 29.44 -9.94
C PRO D 358 11.70 29.45 -11.43
N LYS D 359 10.62 29.58 -12.20
CA LYS D 359 10.72 29.61 -13.65
C LYS D 359 11.10 31.02 -14.08
N GLY D 360 12.40 31.28 -14.14
CA GLY D 360 12.89 32.54 -14.66
C GLY D 360 13.75 33.38 -13.73
N LEU D 361 14.39 32.75 -12.76
CA LEU D 361 15.30 33.44 -11.85
C LEU D 361 16.46 32.52 -11.54
N LYS D 362 17.25 32.90 -10.54
CA LYS D 362 18.30 32.05 -10.00
C LYS D 362 18.30 31.97 -8.48
N MET D 363 17.37 32.67 -7.82
CA MET D 363 17.20 32.61 -6.38
C MET D 363 15.72 32.60 -6.07
N ALA D 364 15.40 32.32 -4.81
CA ALA D 364 14.02 32.33 -4.33
C ALA D 364 14.05 32.19 -2.82
N VAL D 365 13.08 32.81 -2.16
CA VAL D 365 12.97 32.77 -0.71
C VAL D 365 11.50 32.80 -0.32
N THR D 366 11.08 31.82 0.46
CA THR D 366 9.79 31.83 1.11
C THR D 366 10.01 31.91 2.61
N PHE D 367 9.32 32.83 3.26
CA PHE D 367 9.48 33.09 4.68
C PHE D 367 8.18 32.74 5.37
N VAL D 368 8.21 31.72 6.22
CA VAL D 368 7.04 31.31 6.99
C VAL D 368 7.35 31.57 8.44
N GLY D 369 6.77 32.63 8.99
CA GLY D 369 7.16 33.07 10.31
C GLY D 369 6.07 33.10 11.36
N ASN D 370 6.19 32.25 12.36
CA ASN D 370 5.31 32.33 13.52
C ASN D 370 5.83 33.47 14.38
N SER D 371 5.21 34.64 14.23
CA SER D 371 5.53 35.81 15.02
C SER D 371 4.48 36.00 16.10
N THR D 372 4.86 36.78 17.11
CA THR D 372 3.94 37.18 18.17
C THR D 372 3.42 38.59 17.96
N ALA D 373 3.50 39.08 16.72
CA ALA D 373 3.01 40.41 16.40
C ALA D 373 1.64 40.42 15.74
N ILE D 374 1.19 39.29 15.20
CA ILE D 374 -0.12 39.27 14.57
C ILE D 374 -1.24 39.31 15.60
N GLN D 375 -0.92 39.04 16.87
CA GLN D 375 -1.92 39.15 17.92
C GLN D 375 -2.64 40.50 17.85
N GLU D 376 -1.90 41.57 17.54
CA GLU D 376 -2.50 42.89 17.43
C GLU D 376 -3.69 42.88 16.50
N MET D 377 -3.55 42.24 15.34
CA MET D 377 -4.67 42.11 14.42
C MET D 377 -5.90 41.56 15.14
N PHE D 378 -5.75 40.42 15.81
CA PHE D 378 -6.88 39.83 16.51
C PHE D 378 -7.45 40.80 17.54
N LYS D 379 -6.59 41.59 18.17
CA LYS D 379 -7.05 42.60 19.11
C LYS D 379 -8.14 43.46 18.47
N ARG D 380 -7.89 43.95 17.26
CA ARG D 380 -8.87 44.83 16.63
C ARG D 380 -10.19 44.10 16.40
N VAL D 381 -10.13 42.81 16.04
CA VAL D 381 -11.36 42.05 15.92
C VAL D 381 -12.04 41.96 17.28
N ALA D 382 -11.27 41.67 18.32
CA ALA D 382 -11.81 41.66 19.68
C ALA D 382 -12.48 42.98 20.02
N GLU D 383 -12.09 44.06 19.35
CA GLU D 383 -12.84 45.31 19.49
C GLU D 383 -14.13 45.25 18.70
N GLN D 384 -14.03 45.05 17.38
CA GLN D 384 -15.17 45.24 16.49
C GLN D 384 -16.32 44.35 16.90
N PHE D 385 -16.07 43.04 16.99
CA PHE D 385 -17.11 42.11 17.45
C PHE D 385 -17.72 42.58 18.76
N THR D 386 -16.89 42.99 19.71
CA THR D 386 -17.42 43.43 20.99
C THR D 386 -18.30 44.67 20.83
N ALA D 387 -17.91 45.58 19.94
CA ALA D 387 -18.73 46.75 19.70
C ALA D 387 -19.92 46.46 18.79
N MET D 388 -20.08 45.21 18.35
CA MET D 388 -21.23 44.81 17.55
C MET D 388 -22.07 43.76 18.25
N PHE D 389 -21.85 43.55 19.55
CA PHE D 389 -22.60 42.54 20.30
C PHE D 389 -23.45 43.11 21.41
N ARG D 390 -22.98 44.17 22.08
CA ARG D 390 -23.80 44.75 23.14
C ARG D 390 -25.04 45.42 22.57
N ARG D 391 -25.00 45.82 21.31
CA ARG D 391 -26.19 46.32 20.62
C ARG D 391 -26.90 45.22 19.84
N LYS D 392 -26.43 43.97 19.93
CA LYS D 392 -27.05 42.84 19.23
C LYS D 392 -27.20 43.10 17.74
N ALA D 393 -26.29 43.89 17.17
CA ALA D 393 -26.39 44.26 15.78
C ALA D 393 -26.30 43.04 14.87
N PHE D 394 -27.18 42.98 13.88
CA PHE D 394 -27.18 41.96 12.84
C PHE D 394 -27.28 40.54 13.41
N LEU D 395 -27.64 40.41 14.68
CA LEU D 395 -27.62 39.09 15.30
C LEU D 395 -28.79 38.22 14.85
N HIS D 396 -29.91 38.84 14.47
CA HIS D 396 -31.11 38.04 14.20
C HIS D 396 -30.98 37.22 12.92
N TRP D 397 -30.13 37.59 11.98
CA TRP D 397 -29.91 36.74 10.82
C TRP D 397 -29.26 35.43 11.23
N TYR D 398 -28.19 35.50 12.02
CA TYR D 398 -27.56 34.29 12.51
C TYR D 398 -28.49 33.51 13.44
N THR D 399 -29.28 34.20 14.25
CA THR D 399 -30.24 33.52 15.11
C THR D 399 -31.32 32.82 14.31
N GLY D 400 -31.63 33.34 13.12
CA GLY D 400 -32.67 32.77 12.28
C GLY D 400 -32.36 31.40 11.72
N GLU D 401 -31.18 30.86 11.98
CA GLU D 401 -30.80 29.54 11.52
C GLU D 401 -30.52 28.58 12.67
N GLY D 402 -31.04 28.88 13.86
CA GLY D 402 -30.84 28.02 15.02
C GLY D 402 -29.58 28.28 15.80
N MET D 403 -28.76 29.25 15.40
CA MET D 403 -27.53 29.54 16.11
C MET D 403 -27.84 29.99 17.54
N ASP D 404 -27.22 29.33 18.52
CA ASP D 404 -27.37 29.69 19.92
C ASP D 404 -26.29 30.70 20.27
N GLU D 405 -26.72 31.90 20.68
CA GLU D 405 -25.78 32.98 20.96
C GLU D 405 -24.72 32.58 21.96
N MET D 406 -25.03 31.63 22.84
CA MET D 406 -24.05 31.16 23.82
C MET D 406 -22.74 30.81 23.12
N GLU D 407 -22.82 30.02 22.05
CA GLU D 407 -21.62 29.68 21.29
C GLU D 407 -20.83 30.93 20.93
N PHE D 408 -21.50 31.91 20.33
CA PHE D 408 -20.88 33.20 20.03
C PHE D 408 -20.04 33.68 21.20
N THR D 409 -20.65 33.75 22.38
CA THR D 409 -19.94 34.20 23.57
C THR D 409 -18.61 33.47 23.72
N GLU D 410 -18.67 32.13 23.83
CA GLU D 410 -17.44 31.40 24.10
C GLU D 410 -16.42 31.65 23.01
N ALA D 411 -16.90 31.80 21.76
CA ALA D 411 -16.00 32.11 20.66
C ALA D 411 -15.12 33.31 21.00
N GLU D 412 -15.76 34.42 21.36
CA GLU D 412 -15.01 35.60 21.78
C GLU D 412 -14.07 35.24 22.92
N SER D 413 -14.58 34.54 23.93
CA SER D 413 -13.74 34.12 25.04
C SER D 413 -12.53 33.36 24.53
N ASN D 414 -12.77 32.40 23.63
CA ASN D 414 -11.66 31.67 23.03
C ASN D 414 -10.67 32.63 22.43
N MET D 415 -11.14 33.52 21.56
CA MET D 415 -10.27 34.51 20.95
C MET D 415 -9.45 35.23 22.01
N ASN D 416 -10.10 35.61 23.10
CA ASN D 416 -9.38 36.25 24.21
C ASN D 416 -8.13 35.45 24.56
N ASP D 417 -8.33 34.21 24.99
CA ASP D 417 -7.19 33.39 25.39
C ASP D 417 -6.11 33.43 24.32
N LEU D 418 -6.51 33.29 23.06
CA LEU D 418 -5.56 33.30 21.96
C LEU D 418 -4.66 34.52 22.05
N VAL D 419 -5.25 35.72 21.95
CA VAL D 419 -4.41 36.91 22.00
C VAL D 419 -3.71 36.99 23.35
N SER D 420 -4.41 36.63 24.42
CA SER D 420 -3.79 36.64 25.74
C SER D 420 -2.55 35.77 25.74
N GLU D 421 -2.64 34.61 25.09
CA GLU D 421 -1.49 33.72 24.98
C GLU D 421 -0.28 34.49 24.49
N TYR D 422 -0.42 35.16 23.33
CA TYR D 422 0.71 35.88 22.78
C TYR D 422 1.18 36.96 23.73
N GLN D 423 0.24 37.63 24.40
CA GLN D 423 0.62 38.70 25.31
C GLN D 423 1.44 38.17 26.46
N GLN D 424 1.31 36.89 26.79
CA GLN D 424 2.10 36.31 27.86
C GLN D 424 3.53 36.01 27.42
N TYR D 425 3.81 35.95 26.13
CA TYR D 425 5.08 35.42 25.67
C TYR D 425 6.05 36.47 25.16
N GLN D 426 5.59 37.49 24.43
CA GLN D 426 6.54 38.51 24.00
C GLN D 426 7.13 39.27 25.18
N ASP D 427 6.53 39.15 26.35
CA ASP D 427 7.07 39.74 27.57
C ASP D 427 7.92 38.77 28.37
N ALA D 428 7.85 37.48 28.07
CA ALA D 428 8.56 36.48 28.86
C ALA D 428 10.06 36.69 28.77
N THR D 429 10.74 36.57 29.91
CA THR D 429 12.18 36.74 29.99
C THR D 429 12.80 35.50 30.63
N ALA D 430 14.08 35.30 30.36
CA ALA D 430 14.81 34.16 30.90
C ALA D 430 16.30 34.47 30.99
N MET E 1 110.55 -51.45 24.87
CA MET E 1 110.36 -51.84 26.26
C MET E 1 110.46 -50.63 27.19
N ARG E 2 110.27 -49.45 26.61
CA ARG E 2 110.29 -48.21 27.38
C ARG E 2 109.34 -47.23 26.69
N GLU E 3 108.10 -47.17 27.15
CA GLU E 3 107.08 -46.44 26.42
C GLU E 3 106.20 -45.66 27.39
N VAL E 4 105.50 -44.67 26.85
CA VAL E 4 104.61 -43.81 27.63
C VAL E 4 103.27 -43.72 26.93
N ILE E 5 102.26 -43.33 27.72
CA ILE E 5 100.90 -43.11 27.22
C ILE E 5 100.55 -41.65 27.47
N SER E 6 100.12 -40.95 26.43
CA SER E 6 99.87 -39.51 26.51
C SER E 6 98.37 -39.26 26.29
N ILE E 7 97.62 -39.19 27.39
CA ILE E 7 96.21 -38.83 27.32
C ILE E 7 96.08 -37.33 27.09
N HIS E 8 95.01 -36.94 26.39
CA HIS E 8 94.72 -35.53 26.16
C HIS E 8 93.25 -35.31 26.41
N VAL E 9 92.93 -34.50 27.42
CA VAL E 9 91.54 -34.15 27.72
C VAL E 9 91.40 -32.64 27.61
N GLY E 10 90.15 -32.19 27.68
CA GLY E 10 89.87 -30.78 27.63
C GLY E 10 90.28 -30.14 26.31
N GLN E 11 90.25 -28.81 26.32
CA GLN E 11 90.49 -28.02 25.12
C GLN E 11 91.97 -27.72 24.92
N GLY E 12 92.60 -27.05 25.89
CA GLY E 12 93.99 -26.67 25.74
C GLY E 12 94.90 -27.88 25.55
N GLY E 13 94.64 -28.94 26.31
CA GLY E 13 95.43 -30.15 26.16
C GLY E 13 95.40 -30.68 24.74
N ILE E 14 94.26 -30.55 24.06
CA ILE E 14 94.15 -31.10 22.72
C ILE E 14 95.04 -30.35 21.74
N GLN E 15 95.04 -29.02 21.79
CA GLN E 15 95.89 -28.26 20.88
C GLN E 15 97.36 -28.44 21.23
N VAL E 16 97.68 -28.50 22.53
CA VAL E 16 99.04 -28.77 22.94
C VAL E 16 99.50 -30.11 22.38
N GLY E 17 98.61 -31.11 22.41
CA GLY E 17 98.95 -32.40 21.86
C GLY E 17 99.08 -32.38 20.35
N ASN E 18 98.26 -31.57 19.69
CA ASN E 18 98.41 -31.38 18.25
C ASN E 18 99.82 -30.93 17.92
N ALA E 19 100.27 -29.86 18.57
CA ALA E 19 101.62 -29.36 18.32
C ALA E 19 102.68 -30.39 18.72
N CYS E 20 102.45 -31.09 19.84
CA CYS E 20 103.42 -32.05 20.34
C CYS E 20 103.60 -33.21 19.36
N TRP E 21 102.50 -33.75 18.86
CA TRP E 21 102.62 -34.84 17.90
C TRP E 21 103.14 -34.36 16.56
N GLU E 22 102.85 -33.12 16.19
CA GLU E 22 103.53 -32.56 15.02
C GLU E 22 105.04 -32.63 15.19
N LEU E 23 105.53 -32.13 16.33
CA LEU E 23 106.97 -32.16 16.58
C LEU E 23 107.51 -33.58 16.61
N PHE E 24 106.77 -34.51 17.24
CA PHE E 24 107.26 -35.88 17.37
C PHE E 24 107.34 -36.57 16.03
N CYS E 25 106.25 -36.54 15.24
CA CYS E 25 106.32 -37.07 13.90
C CYS E 25 107.43 -36.41 13.09
N LEU E 26 107.68 -35.13 13.33
CA LEU E 26 108.76 -34.45 12.61
C LEU E 26 110.11 -35.09 12.93
N GLU E 27 110.52 -35.06 14.19
CA GLU E 27 111.91 -35.42 14.52
C GLU E 27 112.21 -36.86 14.14
N HIS E 28 111.23 -37.75 14.19
CA HIS E 28 111.43 -39.16 13.86
C HIS E 28 111.26 -39.44 12.38
N GLY E 29 111.17 -38.41 11.54
CA GLY E 29 110.94 -38.64 10.14
C GLY E 29 109.58 -39.20 9.78
N ILE E 30 108.66 -39.26 10.73
CA ILE E 30 107.31 -39.72 10.47
C ILE E 30 106.58 -38.61 9.72
N GLN E 31 106.33 -38.82 8.43
CA GLN E 31 105.58 -37.83 7.66
C GLN E 31 104.21 -37.61 8.29
N PRO E 32 103.64 -36.41 8.15
CA PRO E 32 102.30 -36.16 8.70
C PRO E 32 101.23 -37.07 8.14
N ASP E 33 101.51 -37.82 7.07
CA ASP E 33 100.58 -38.86 6.65
C ASP E 33 100.44 -39.94 7.70
N GLY E 34 101.49 -40.19 8.48
CA GLY E 34 101.55 -41.30 9.38
C GLY E 34 102.46 -42.42 8.92
N GLN E 35 103.10 -42.28 7.78
CA GLN E 35 104.02 -43.26 7.23
C GLN E 35 105.43 -42.69 7.22
N MET E 36 106.36 -43.44 6.63
CA MET E 36 107.74 -43.01 6.48
C MET E 36 108.18 -43.19 5.04
N PRO E 37 109.14 -42.38 4.58
CA PRO E 37 109.61 -42.52 3.20
C PRO E 37 110.40 -43.80 3.00
N ALA E 48 113.48 -46.27 16.70
CA ALA E 48 113.45 -45.50 17.93
C ALA E 48 112.07 -45.01 18.33
N PHE E 49 111.09 -45.02 17.43
CA PHE E 49 109.78 -44.46 17.73
C PHE E 49 108.95 -45.35 18.65
N ASN E 50 109.40 -46.59 18.91
CA ASN E 50 108.62 -47.51 19.72
C ASN E 50 108.23 -46.90 21.06
N THR E 51 109.00 -45.94 21.57
CA THR E 51 108.66 -45.33 22.85
C THR E 51 107.30 -44.66 22.82
N PHE E 52 106.92 -44.08 21.68
CA PHE E 52 105.68 -43.35 21.57
C PHE E 52 104.67 -44.02 20.65
N PHE E 53 105.06 -44.30 19.42
CA PHE E 53 104.14 -44.81 18.42
C PHE E 53 104.09 -46.34 18.46
N SER E 54 103.45 -46.93 17.47
CA SER E 54 103.43 -48.37 17.30
C SER E 54 103.25 -48.68 15.82
N GLU E 55 104.17 -49.46 15.27
CA GLU E 55 104.09 -49.85 13.86
C GLU E 55 102.98 -50.87 13.69
N THR E 56 102.00 -50.54 12.84
CA THR E 56 100.90 -51.45 12.60
C THR E 56 101.28 -52.49 11.56
N GLY E 57 102.39 -53.17 11.78
CA GLY E 57 102.85 -54.20 10.86
C GLY E 57 103.40 -53.72 9.54
N ALA E 58 102.63 -52.95 8.78
CA ALA E 58 103.00 -52.52 7.43
C ALA E 58 102.85 -51.02 7.32
N GLY E 59 103.98 -50.30 7.38
CA GLY E 59 104.01 -48.90 7.03
C GLY E 59 103.59 -47.91 8.10
N LYS E 60 102.30 -47.79 8.33
CA LYS E 60 101.77 -46.74 9.19
C LYS E 60 102.27 -46.90 10.62
N HIS E 61 102.37 -45.78 11.33
CA HIS E 61 102.73 -45.76 12.75
C HIS E 61 101.57 -45.12 13.50
N VAL E 62 100.77 -45.94 14.18
CA VAL E 62 99.66 -45.39 14.96
C VAL E 62 100.23 -44.81 16.26
N PRO E 63 99.93 -43.55 16.58
CA PRO E 63 100.46 -42.96 17.80
C PRO E 63 99.67 -43.40 19.02
N ARG E 64 100.41 -43.79 20.07
CA ARG E 64 99.79 -44.14 21.34
C ARG E 64 99.36 -42.85 22.03
N ALA E 65 98.08 -42.50 21.87
CA ALA E 65 97.50 -41.33 22.53
C ALA E 65 95.99 -41.39 22.32
N VAL E 66 95.25 -41.02 23.37
CA VAL E 66 93.80 -40.97 23.31
C VAL E 66 93.37 -39.52 23.50
N PHE E 67 92.41 -39.08 22.69
CA PHE E 67 91.97 -37.69 22.68
C PHE E 67 90.51 -37.64 23.14
N LEU E 68 90.31 -37.46 24.43
CA LEU E 68 88.95 -37.28 24.93
C LEU E 68 88.54 -35.82 24.86
N ASP E 69 87.24 -35.61 24.65
CA ASP E 69 86.66 -34.28 24.86
C ASP E 69 85.15 -34.37 24.73
N LEU E 70 84.48 -33.29 25.13
CA LEU E 70 83.04 -33.15 24.98
C LEU E 70 82.65 -32.18 23.89
N GLU E 71 83.33 -31.03 23.79
CA GLU E 71 83.06 -30.12 22.69
C GLU E 71 83.74 -30.65 21.43
N PRO E 72 82.96 -31.10 20.45
CA PRO E 72 83.56 -31.78 19.30
C PRO E 72 84.29 -30.85 18.35
N THR E 73 84.41 -29.58 18.70
CA THR E 73 84.96 -28.58 17.78
C THR E 73 86.40 -28.89 17.39
N VAL E 74 87.33 -28.83 18.36
CA VAL E 74 88.73 -29.02 18.03
C VAL E 74 89.00 -30.47 17.66
N ILE E 75 88.27 -31.41 18.25
CA ILE E 75 88.55 -32.81 17.95
C ILE E 75 88.09 -33.17 16.55
N ASP E 76 87.04 -32.52 16.04
CA ASP E 76 86.67 -32.74 14.65
C ASP E 76 87.55 -31.93 13.70
N GLU E 77 88.02 -30.76 14.15
CA GLU E 77 89.03 -30.05 13.37
C GLU E 77 90.24 -30.95 13.15
N VAL E 78 90.71 -31.61 14.20
CA VAL E 78 91.80 -32.58 14.07
C VAL E 78 91.36 -33.76 13.21
N ARG E 79 90.11 -34.21 13.37
CA ARG E 79 89.60 -35.31 12.56
C ARG E 79 89.67 -35.04 11.08
N THR E 80 89.75 -33.77 10.67
CA THR E 80 89.88 -33.43 9.26
C THR E 80 90.97 -32.39 9.02
N GLY E 81 91.93 -32.28 9.92
CA GLY E 81 93.01 -31.31 9.75
C GLY E 81 94.09 -31.83 8.83
N THR E 82 95.35 -31.70 9.26
CA THR E 82 96.48 -32.16 8.47
C THR E 82 96.88 -33.59 8.79
N TYR E 83 96.53 -34.09 9.96
CA TYR E 83 96.90 -35.43 10.40
C TYR E 83 95.68 -36.34 10.47
N ARG E 84 94.78 -36.20 9.49
CA ARG E 84 93.60 -37.07 9.43
C ARG E 84 93.99 -38.54 9.42
N GLN E 85 95.09 -38.87 8.73
CA GLN E 85 95.53 -40.25 8.57
C GLN E 85 96.57 -40.65 9.60
N LEU E 86 96.59 -40.01 10.77
CA LEU E 86 97.61 -40.30 11.77
C LEU E 86 97.07 -41.21 12.87
N PHE E 87 96.00 -40.81 13.54
CA PHE E 87 95.49 -41.55 14.70
C PHE E 87 94.60 -42.69 14.24
N HIS E 88 94.07 -43.44 15.20
CA HIS E 88 93.09 -44.51 15.02
C HIS E 88 91.71 -43.95 15.28
N PRO E 89 90.70 -44.30 14.47
CA PRO E 89 89.41 -43.59 14.54
C PRO E 89 88.66 -43.77 15.84
N GLU E 90 89.22 -44.51 16.80
CA GLU E 90 88.62 -44.66 18.12
C GLU E 90 89.45 -44.03 19.22
N GLN E 91 90.45 -43.22 18.86
CA GLN E 91 91.21 -42.44 19.83
C GLN E 91 90.81 -40.97 19.83
N LEU E 92 89.72 -40.64 19.14
CA LEU E 92 89.23 -39.26 19.06
C LEU E 92 87.77 -39.29 19.54
N ILE E 93 87.58 -39.19 20.85
CA ILE E 93 86.28 -39.38 21.47
C ILE E 93 85.63 -38.02 21.69
N SER E 94 84.44 -37.84 21.13
CA SER E 94 83.68 -36.60 21.22
C SER E 94 82.28 -36.93 21.69
N GLY E 95 81.87 -36.32 22.80
CA GLY E 95 80.53 -36.53 23.32
C GLY E 95 79.48 -35.80 22.52
N LYS E 96 78.42 -35.34 23.19
CA LYS E 96 77.33 -34.65 22.52
C LYS E 96 77.31 -33.16 22.85
N GLU E 97 77.23 -32.82 24.13
CA GLU E 97 77.33 -31.44 24.56
C GLU E 97 78.77 -31.12 24.95
N ASP E 98 79.00 -29.87 25.35
CA ASP E 98 80.29 -29.46 25.87
C ASP E 98 80.23 -29.41 27.39
N ALA E 99 81.28 -28.90 28.02
CA ALA E 99 81.32 -28.85 29.47
C ALA E 99 80.76 -27.56 30.03
N ALA E 100 81.17 -26.42 29.49
CA ALA E 100 80.71 -25.09 29.92
C ALA E 100 81.14 -24.80 31.36
N ASN E 101 82.36 -25.22 31.71
CA ASN E 101 83.14 -24.74 32.84
C ASN E 101 82.57 -25.13 34.21
N ASN E 102 81.42 -25.77 34.29
CA ASN E 102 80.91 -26.22 35.59
C ASN E 102 81.44 -27.63 35.84
N PHE E 103 82.49 -27.71 36.66
CA PHE E 103 83.25 -28.94 36.90
C PHE E 103 82.36 -30.16 37.07
N ALA E 104 81.34 -30.05 37.92
CA ALA E 104 80.52 -31.22 38.23
C ALA E 104 79.85 -31.79 36.98
N ARG E 105 79.44 -30.91 36.06
CA ARG E 105 78.71 -31.39 34.89
C ARG E 105 79.58 -32.25 33.99
N GLY E 106 80.91 -32.09 34.04
CA GLY E 106 81.78 -32.99 33.32
C GLY E 106 82.23 -34.15 34.17
N HIS E 107 82.22 -33.95 35.49
CA HIS E 107 82.74 -34.94 36.43
C HIS E 107 81.66 -35.75 37.12
N TYR E 108 80.40 -35.31 37.07
CA TYR E 108 79.32 -36.03 37.73
C TYR E 108 78.24 -36.52 36.78
N THR E 109 77.85 -35.72 35.79
CA THR E 109 76.77 -36.07 34.88
C THR E 109 77.29 -36.69 33.57
N ILE E 110 78.10 -35.94 32.83
CA ILE E 110 78.50 -36.37 31.50
C ILE E 110 79.54 -37.48 31.58
N GLY E 111 80.57 -37.28 32.40
CA GLY E 111 81.70 -38.20 32.40
C GLY E 111 81.31 -39.64 32.69
N LYS E 112 80.33 -39.84 33.56
CA LYS E 112 80.05 -41.16 34.10
C LYS E 112 79.48 -42.14 33.07
N GLU E 113 79.38 -41.73 31.81
CA GLU E 113 79.13 -42.67 30.73
C GLU E 113 80.28 -42.79 29.74
N ILE E 114 81.01 -41.70 29.49
CA ILE E 114 82.09 -41.75 28.51
C ILE E 114 83.35 -42.37 29.09
N VAL E 115 83.58 -42.22 30.40
CA VAL E 115 84.81 -42.72 30.99
C VAL E 115 84.94 -44.22 30.83
N ASP E 116 83.83 -44.94 30.66
CA ASP E 116 83.91 -46.38 30.43
C ASP E 116 84.61 -46.68 29.11
N LEU E 117 84.16 -46.06 28.03
CA LEU E 117 84.83 -46.22 26.74
C LEU E 117 86.27 -45.72 26.82
N CYS E 118 86.50 -44.60 27.50
CA CYS E 118 87.85 -44.06 27.59
C CYS E 118 88.79 -45.04 28.30
N LEU E 119 88.33 -45.65 29.38
CA LEU E 119 89.17 -46.61 30.10
C LEU E 119 89.36 -47.89 29.29
N ASP E 120 88.34 -48.31 28.54
CA ASP E 120 88.54 -49.45 27.66
C ASP E 120 89.62 -49.17 26.64
N ARG E 121 89.62 -47.97 26.08
CA ARG E 121 90.69 -47.61 25.14
C ARG E 121 92.04 -47.54 25.83
N ILE E 122 92.09 -47.00 27.04
CA ILE E 122 93.35 -46.97 27.79
C ILE E 122 93.89 -48.37 27.97
N ARG E 123 93.03 -49.31 28.37
CA ARG E 123 93.50 -50.69 28.59
C ARG E 123 93.93 -51.33 27.27
N LYS E 124 93.17 -51.11 26.20
CA LYS E 124 93.53 -51.71 24.92
C LYS E 124 94.82 -51.11 24.37
N LEU E 125 95.18 -49.91 24.82
CA LEU E 125 96.51 -49.39 24.49
C LEU E 125 97.57 -49.97 25.39
N ALA E 126 97.27 -50.11 26.68
CA ALA E 126 98.29 -50.53 27.64
C ALA E 126 98.73 -51.96 27.39
N ASP E 127 97.78 -52.88 27.23
CA ASP E 127 98.14 -54.29 27.07
C ASP E 127 98.98 -54.53 25.83
N ASN E 128 98.93 -53.62 24.85
CA ASN E 128 99.76 -53.72 23.65
C ASN E 128 101.21 -53.36 23.92
N CYS E 129 101.50 -52.73 25.04
CA CYS E 129 102.86 -52.31 25.37
C CYS E 129 103.52 -53.29 26.32
N THR E 130 104.85 -53.39 26.23
CA THR E 130 105.62 -54.25 27.11
C THR E 130 106.19 -53.49 28.31
N GLY E 131 106.99 -52.47 28.04
CA GLY E 131 107.64 -51.73 29.11
C GLY E 131 107.03 -50.37 29.39
N LEU E 132 105.70 -50.30 29.40
CA LEU E 132 105.02 -49.03 29.66
C LEU E 132 105.44 -48.47 31.01
N GLN E 133 105.75 -47.17 31.02
CA GLN E 133 106.31 -46.55 32.22
C GLN E 133 105.43 -45.46 32.79
N GLY E 134 105.03 -44.46 31.99
CA GLY E 134 104.38 -43.31 32.56
C GLY E 134 103.23 -42.79 31.73
N PHE E 135 102.43 -41.96 32.37
CA PHE E 135 101.29 -41.29 31.75
C PHE E 135 101.56 -39.79 31.66
N LEU E 136 101.19 -39.19 30.54
CA LEU E 136 101.39 -37.76 30.29
C LEU E 136 100.04 -37.15 29.91
N VAL E 137 99.25 -36.77 30.89
CA VAL E 137 97.95 -36.17 30.63
C VAL E 137 98.14 -34.70 30.31
N PHE E 138 97.10 -34.06 29.78
CA PHE E 138 97.15 -32.64 29.43
C PHE E 138 95.78 -32.04 29.76
N ASN E 139 95.69 -31.36 30.90
CA ASN E 139 94.41 -30.89 31.41
C ASN E 139 94.54 -29.43 31.85
N SER E 140 94.10 -28.51 31.01
CA SER E 140 93.96 -27.13 31.44
C SER E 140 92.83 -27.04 32.47
N VAL E 141 93.21 -26.87 33.72
CA VAL E 141 92.24 -27.03 34.82
C VAL E 141 91.20 -25.93 34.83
N GLY E 142 91.48 -24.78 34.21
CA GLY E 142 90.51 -23.70 34.21
C GLY E 142 89.21 -24.08 33.54
N GLY E 143 89.28 -24.93 32.52
CA GLY E 143 88.09 -25.34 31.80
C GLY E 143 87.20 -26.25 32.62
N GLY E 144 86.10 -26.63 31.99
CA GLY E 144 85.16 -27.55 32.61
C GLY E 144 85.55 -29.00 32.47
N THR E 145 85.61 -29.50 31.23
CA THR E 145 85.89 -30.92 31.07
C THR E 145 87.36 -31.22 31.31
N GLY E 146 88.26 -30.34 30.89
CA GLY E 146 89.68 -30.53 31.16
C GLY E 146 89.97 -30.74 32.62
N SER E 147 89.14 -30.17 33.49
CA SER E 147 89.30 -30.39 34.93
C SER E 147 88.51 -31.62 35.38
N GLY E 148 87.20 -31.64 35.10
CA GLY E 148 86.37 -32.70 35.64
C GLY E 148 86.71 -34.07 35.09
N LEU E 149 86.72 -34.21 33.77
CA LEU E 149 86.99 -35.50 33.16
C LEU E 149 88.40 -35.97 33.47
N GLY E 150 89.36 -35.04 33.48
CA GLY E 150 90.71 -35.40 33.86
C GLY E 150 90.80 -35.88 35.29
N SER E 151 90.08 -35.20 36.20
CA SER E 151 90.01 -35.66 37.58
C SER E 151 89.49 -37.08 37.66
N LEU E 152 88.38 -37.35 36.99
CA LEU E 152 87.78 -38.68 37.06
C LEU E 152 88.71 -39.73 36.48
N LEU E 153 89.37 -39.41 35.37
CA LEU E 153 90.31 -40.36 34.78
C LEU E 153 91.48 -40.62 35.71
N LEU E 154 92.00 -39.60 36.37
CA LEU E 154 93.11 -39.83 37.29
C LEU E 154 92.67 -40.66 38.48
N GLU E 155 91.45 -40.42 38.98
CA GLU E 155 90.94 -41.27 40.05
C GLU E 155 90.88 -42.72 39.60
N ARG E 156 90.35 -42.97 38.40
CA ARG E 156 90.23 -44.35 37.94
C ARG E 156 91.60 -44.99 37.73
N LEU E 157 92.51 -44.27 37.08
CA LEU E 157 93.83 -44.82 36.82
C LEU E 157 94.65 -45.02 38.09
N SER E 158 94.35 -44.29 39.16
CA SER E 158 95.03 -44.53 40.42
C SER E 158 94.35 -45.61 41.26
N VAL E 159 93.06 -45.88 41.03
CA VAL E 159 92.43 -47.00 41.71
C VAL E 159 92.54 -48.30 40.91
N ASP E 160 93.14 -48.27 39.72
CA ASP E 160 93.34 -49.49 38.95
C ASP E 160 94.82 -49.85 38.80
N TYR E 161 95.63 -48.95 38.25
CA TYR E 161 97.02 -49.32 37.92
C TYR E 161 97.94 -49.15 39.13
N GLY E 162 98.09 -47.94 39.63
CA GLY E 162 98.93 -47.72 40.79
C GLY E 162 100.35 -47.32 40.46
N LYS E 163 101.24 -48.31 40.43
CA LYS E 163 102.69 -48.06 40.36
C LYS E 163 103.06 -47.09 39.23
N LYS E 164 102.33 -47.14 38.12
CA LYS E 164 102.68 -46.32 36.97
C LYS E 164 102.62 -44.84 37.33
N SER E 165 103.74 -44.14 37.09
CA SER E 165 103.82 -42.73 37.40
C SER E 165 103.06 -41.90 36.38
N LYS E 166 102.63 -40.71 36.81
CA LYS E 166 101.85 -39.82 35.97
C LYS E 166 102.41 -38.41 36.08
N LEU E 167 102.20 -37.62 35.03
CA LEU E 167 102.70 -36.25 34.98
C LEU E 167 101.67 -35.36 34.29
N GLY E 168 100.98 -34.54 35.08
CA GLY E 168 100.02 -33.60 34.54
C GLY E 168 100.68 -32.30 34.18
N PHE E 169 100.58 -31.94 32.90
CA PHE E 169 101.19 -30.72 32.38
C PHE E 169 100.10 -29.66 32.33
N THR E 170 99.85 -29.03 33.47
CA THR E 170 98.61 -28.30 33.69
C THR E 170 98.81 -26.81 33.46
N ILE E 171 98.01 -26.25 32.56
CA ILE E 171 97.98 -24.81 32.32
C ILE E 171 96.99 -24.23 33.33
N TYR E 172 97.50 -23.88 34.52
CA TYR E 172 96.65 -23.25 35.52
C TYR E 172 96.13 -21.90 35.04
N PRO E 173 95.08 -21.38 35.69
CA PRO E 173 94.70 -19.99 35.46
C PRO E 173 95.84 -19.05 35.79
N SER E 174 96.30 -18.33 34.77
CA SER E 174 97.39 -17.39 34.95
C SER E 174 97.04 -16.35 36.00
N PRO E 175 98.05 -15.76 36.66
CA PRO E 175 97.75 -14.80 37.73
C PRO E 175 96.90 -13.62 37.30
N GLN E 176 97.37 -12.84 36.32
CA GLN E 176 96.70 -11.61 35.92
C GLN E 176 95.79 -11.82 34.72
N VAL E 177 96.35 -12.24 33.60
CA VAL E 177 95.55 -12.47 32.40
C VAL E 177 94.55 -13.58 32.64
N SER E 178 93.28 -13.30 32.34
CA SER E 178 92.19 -14.23 32.64
C SER E 178 91.41 -14.55 31.38
N THR E 179 90.73 -15.70 31.41
CA THR E 179 89.89 -16.13 30.30
C THR E 179 88.57 -16.74 30.75
N ALA E 180 88.23 -16.64 32.02
CA ALA E 180 86.97 -17.14 32.56
C ALA E 180 86.83 -16.61 33.98
N VAL E 181 85.59 -16.41 34.40
CA VAL E 181 85.31 -15.87 35.73
C VAL E 181 85.10 -16.98 36.76
N VAL E 182 84.65 -18.14 36.32
CA VAL E 182 84.37 -19.23 37.26
C VAL E 182 85.60 -20.10 37.52
N GLU E 183 86.68 -19.89 36.77
CA GLU E 183 87.77 -20.87 36.80
C GLU E 183 88.32 -21.16 38.20
N PRO E 184 88.59 -20.17 39.08
CA PRO E 184 89.10 -20.54 40.40
C PRO E 184 88.30 -21.66 41.04
N TYR E 185 86.97 -21.59 40.93
CA TYR E 185 86.12 -22.64 41.46
C TYR E 185 86.56 -23.97 40.88
N ASN E 186 86.39 -24.16 39.57
CA ASN E 186 86.74 -25.46 39.01
C ASN E 186 88.25 -25.62 38.86
N SER E 187 89.04 -24.68 39.38
CA SER E 187 90.45 -24.96 39.54
C SER E 187 90.72 -25.61 40.89
N ILE E 188 90.10 -25.09 41.94
CA ILE E 188 90.32 -25.63 43.28
C ILE E 188 90.00 -27.12 43.30
N LEU E 189 88.82 -27.47 42.81
CA LEU E 189 88.42 -28.88 42.71
C LEU E 189 89.52 -29.71 42.05
N SER E 190 90.08 -29.21 40.95
CA SER E 190 91.12 -29.95 40.25
C SER E 190 92.24 -30.34 41.19
N THR E 191 92.69 -29.39 42.02
CA THR E 191 93.72 -29.70 43.00
C THR E 191 93.27 -30.82 43.93
N HIS E 192 92.07 -30.69 44.49
CA HIS E 192 91.54 -31.71 45.38
C HIS E 192 91.36 -33.05 44.67
N SER E 193 91.53 -33.09 43.36
CA SER E 193 91.54 -34.32 42.61
C SER E 193 92.95 -34.83 42.32
N LEU E 194 93.88 -33.92 42.04
CA LEU E 194 95.25 -34.29 41.71
C LEU E 194 96.18 -34.16 42.90
N LEU E 195 95.65 -34.02 44.11
CA LEU E 195 96.50 -34.00 45.30
C LEU E 195 97.09 -35.38 45.54
N GLU E 196 96.30 -36.43 45.37
CA GLU E 196 96.74 -37.78 45.68
C GLU E 196 97.10 -38.58 44.44
N HIS E 197 96.27 -38.53 43.40
CA HIS E 197 96.30 -39.48 42.30
C HIS E 197 97.22 -39.05 41.17
N THR E 198 98.22 -38.22 41.44
CA THR E 198 99.26 -37.94 40.45
C THR E 198 100.51 -37.50 41.19
N ASP E 199 101.62 -38.18 40.91
CA ASP E 199 102.84 -37.97 41.67
C ASP E 199 103.69 -36.81 41.16
N VAL E 200 103.44 -36.33 39.95
CA VAL E 200 104.18 -35.20 39.38
C VAL E 200 103.19 -34.33 38.62
N ALA E 201 103.31 -33.01 38.79
CA ALA E 201 102.47 -32.07 38.07
C ALA E 201 103.24 -30.80 37.82
N VAL E 202 103.47 -30.48 36.56
CA VAL E 202 104.21 -29.29 36.17
C VAL E 202 103.20 -28.20 35.80
N MET E 203 103.35 -27.04 36.44
CA MET E 203 102.41 -25.94 36.29
C MET E 203 102.94 -24.98 35.23
N LEU E 204 102.28 -24.95 34.07
CA LEU E 204 102.70 -24.13 32.95
C LEU E 204 101.68 -23.02 32.74
N ASP E 205 101.88 -21.91 33.44
CA ASP E 205 100.96 -20.79 33.31
C ASP E 205 101.11 -20.13 31.95
N ASN E 206 100.21 -19.19 31.67
CA ASN E 206 100.16 -18.58 30.34
C ASN E 206 100.94 -17.28 30.26
N GLU E 207 100.76 -16.37 31.22
CA GLU E 207 101.37 -15.05 31.10
C GLU E 207 102.89 -15.12 31.07
N ALA E 208 103.48 -16.08 31.80
CA ALA E 208 104.93 -16.20 31.78
C ALA E 208 105.44 -16.50 30.37
N ILE E 209 104.79 -17.43 29.67
CA ILE E 209 105.26 -17.82 28.35
C ILE E 209 104.98 -16.73 27.33
N TYR E 210 103.86 -16.02 27.47
CA TYR E 210 103.60 -14.88 26.61
C TYR E 210 104.65 -13.80 26.79
N ASP E 211 105.03 -13.53 28.04
CA ASP E 211 106.07 -12.53 28.28
C ASP E 211 107.41 -13.01 27.74
N ILE E 212 107.69 -14.31 27.84
CA ILE E 212 108.91 -14.85 27.26
C ILE E 212 108.95 -14.60 25.76
N CYS E 213 107.89 -15.02 25.06
CA CYS E 213 107.80 -14.75 23.62
C CYS E 213 107.91 -13.26 23.32
N ARG E 214 107.46 -12.42 24.25
CA ARG E 214 107.57 -10.99 24.05
C ARG E 214 109.00 -10.51 24.19
N ARG E 215 109.80 -11.15 25.04
CA ARG E 215 111.13 -10.63 25.35
C ARG E 215 112.26 -11.36 24.63
N ASN E 216 112.21 -12.69 24.51
CA ASN E 216 113.31 -13.40 23.88
C ASN E 216 113.17 -13.42 22.36
N LEU E 217 112.09 -14.02 21.86
CA LEU E 217 111.85 -14.02 20.42
C LEU E 217 111.39 -12.67 19.89
N ASP E 218 111.11 -11.72 20.77
CA ASP E 218 110.72 -10.35 20.44
C ASP E 218 109.48 -10.28 19.56
N ILE E 219 108.69 -11.35 19.48
CA ILE E 219 107.42 -11.26 18.76
C ILE E 219 106.36 -10.66 19.69
N GLU E 220 105.75 -9.56 19.25
CA GLU E 220 104.71 -8.89 20.01
C GLU E 220 103.31 -9.36 19.63
N ARG E 221 103.21 -10.42 18.85
CA ARG E 221 101.94 -10.91 18.32
C ARG E 221 101.86 -12.44 18.51
N PRO E 222 101.99 -12.92 19.73
CA PRO E 222 102.00 -14.37 19.93
C PRO E 222 100.59 -14.95 19.88
N THR E 223 100.55 -16.26 19.72
CA THR E 223 99.29 -16.99 19.56
C THR E 223 99.46 -18.36 20.19
N TYR E 224 98.34 -19.00 20.52
CA TYR E 224 98.38 -20.31 21.15
C TYR E 224 99.23 -21.30 20.35
N THR E 225 99.41 -21.08 19.05
CA THR E 225 100.27 -21.97 18.27
C THR E 225 101.71 -21.88 18.75
N ASN E 226 102.20 -20.68 19.06
CA ASN E 226 103.58 -20.56 19.53
C ASN E 226 103.73 -21.07 20.95
N LEU E 227 102.75 -20.78 21.80
CA LEU E 227 102.68 -21.36 23.13
C LEU E 227 102.82 -22.88 23.07
N ASN E 228 102.00 -23.52 22.23
CA ASN E 228 102.04 -24.98 22.16
C ASN E 228 103.32 -25.49 21.52
N ARG E 229 103.87 -24.77 20.55
CA ARG E 229 105.19 -25.12 20.03
C ARG E 229 106.21 -25.18 21.14
N LEU E 230 106.21 -24.17 22.02
CA LEU E 230 107.20 -24.14 23.09
C LEU E 230 106.96 -25.27 24.09
N ILE E 231 105.70 -25.56 24.39
CA ILE E 231 105.42 -26.66 25.32
C ILE E 231 105.87 -27.99 24.73
N ALA E 232 105.62 -28.20 23.44
CA ALA E 232 106.08 -29.41 22.78
C ALA E 232 107.60 -29.49 22.81
N GLN E 233 108.28 -28.37 22.62
CA GLN E 233 109.74 -28.38 22.73
C GLN E 233 110.18 -28.85 24.10
N VAL E 234 109.56 -28.32 25.17
CA VAL E 234 109.93 -28.73 26.51
C VAL E 234 109.72 -30.23 26.70
N ILE E 235 108.56 -30.72 26.26
CA ILE E 235 108.24 -32.13 26.52
C ILE E 235 109.16 -33.05 25.73
N SER E 236 109.51 -32.69 24.50
CA SER E 236 110.46 -33.50 23.75
C SER E 236 111.84 -33.45 24.38
N SER E 237 112.27 -32.27 24.84
CA SER E 237 113.55 -32.16 25.50
C SER E 237 113.59 -32.98 26.78
N LEU E 238 112.42 -33.21 27.39
CA LEU E 238 112.39 -34.04 28.59
C LEU E 238 112.42 -35.53 28.24
N THR E 239 111.62 -35.95 27.26
CA THR E 239 111.49 -37.37 26.97
C THR E 239 112.57 -37.90 26.04
N ALA E 240 113.45 -37.04 25.53
CA ALA E 240 114.54 -37.51 24.68
C ALA E 240 115.39 -38.57 25.38
N SER E 241 115.50 -38.50 26.70
CA SER E 241 116.30 -39.49 27.42
C SER E 241 115.77 -40.89 27.23
N LEU E 242 114.44 -41.06 27.23
CA LEU E 242 113.86 -42.34 26.87
C LEU E 242 114.02 -42.61 25.38
N ARG E 243 113.77 -41.59 24.55
CA ARG E 243 113.73 -41.81 23.12
C ARG E 243 115.12 -42.10 22.55
N PHE E 244 116.04 -41.15 22.70
CA PHE E 244 117.28 -41.15 21.95
C PHE E 244 118.47 -41.55 22.83
N ASP E 245 119.66 -41.45 22.26
CA ASP E 245 120.90 -41.78 22.95
C ASP E 245 121.15 -40.79 24.08
N GLY E 246 122.20 -41.06 24.85
CA GLY E 246 122.58 -40.16 25.92
C GLY E 246 123.73 -40.66 26.77
N ALA E 247 124.59 -39.74 27.21
CA ALA E 247 125.68 -40.10 28.11
C ALA E 247 125.15 -40.62 29.43
N LEU E 248 124.42 -39.77 30.16
CA LEU E 248 123.84 -40.13 31.45
C LEU E 248 122.34 -39.96 31.35
N ASN E 249 121.60 -41.06 31.38
CA ASN E 249 120.17 -41.07 31.13
C ASN E 249 119.39 -41.28 32.42
N VAL E 250 118.22 -40.64 32.48
CA VAL E 250 117.29 -40.79 33.59
C VAL E 250 115.95 -41.24 33.04
N ASP E 251 115.30 -42.15 33.76
CA ASP E 251 114.01 -42.70 33.34
C ASP E 251 112.86 -41.94 33.97
N ILE E 252 111.70 -41.99 33.31
CA ILE E 252 110.52 -41.32 33.83
C ILE E 252 110.00 -41.99 35.09
N THR E 253 110.32 -43.27 35.31
CA THR E 253 109.78 -43.96 36.48
C THR E 253 110.45 -43.49 37.76
N GLU E 254 111.78 -43.45 37.79
CA GLU E 254 112.49 -42.90 38.94
C GLU E 254 112.63 -41.39 38.85
N PHE E 255 112.01 -40.75 37.86
CA PHE E 255 112.04 -39.29 37.77
C PHE E 255 111.34 -38.65 38.94
N GLN E 256 110.43 -39.37 39.60
CA GLN E 256 109.66 -38.77 40.69
C GLN E 256 110.44 -38.76 41.99
N THR E 257 111.27 -39.78 42.23
CA THR E 257 111.91 -39.93 43.55
C THR E 257 112.83 -38.76 43.86
N ASN E 258 113.46 -38.20 42.84
CA ASN E 258 114.30 -37.01 43.05
C ASN E 258 113.50 -35.78 43.43
N LEU E 259 112.16 -35.82 43.29
CA LEU E 259 111.38 -34.60 43.31
C LEU E 259 110.21 -34.57 44.30
N VAL E 260 109.91 -35.66 44.99
CA VAL E 260 108.76 -35.65 45.90
C VAL E 260 109.23 -35.90 47.32
N PRO E 261 109.73 -34.88 48.02
CA PRO E 261 110.16 -35.07 49.41
C PRO E 261 109.05 -35.59 50.29
N TYR E 262 107.96 -34.84 50.36
CA TYR E 262 106.84 -35.22 51.19
C TYR E 262 105.61 -35.45 50.33
N PRO E 263 104.92 -36.59 50.52
CA PRO E 263 103.94 -37.06 49.53
C PRO E 263 102.96 -36.00 49.03
N ARG E 264 102.62 -35.01 49.84
CA ARG E 264 101.62 -34.04 49.41
C ARG E 264 102.22 -33.03 48.43
N ILE E 265 103.33 -32.39 48.79
CA ILE E 265 103.90 -31.33 47.96
C ILE E 265 104.64 -31.98 46.79
N HIS E 266 103.98 -32.01 45.63
CA HIS E 266 104.60 -32.53 44.42
C HIS E 266 104.24 -31.67 43.21
N PHE E 267 104.30 -30.34 43.36
CA PHE E 267 103.90 -29.41 42.31
C PHE E 267 105.13 -28.69 41.79
N MET E 268 105.61 -29.11 40.62
CA MET E 268 106.83 -28.57 40.05
C MET E 268 106.53 -27.49 39.02
N LEU E 269 107.56 -26.69 38.75
CA LEU E 269 107.51 -25.66 37.73
C LEU E 269 108.73 -25.79 36.85
N SER E 270 108.55 -25.60 35.55
CA SER E 270 109.59 -25.91 34.57
C SER E 270 110.27 -24.65 34.09
N SER E 271 111.29 -24.85 33.25
CA SER E 271 112.03 -23.79 32.59
C SER E 271 112.84 -24.40 31.46
N TYR E 272 113.10 -23.60 30.44
CA TYR E 272 113.73 -24.09 29.23
C TYR E 272 114.75 -23.07 28.75
N ALA E 273 115.80 -23.56 28.09
CA ALA E 273 116.79 -22.68 27.51
C ALA E 273 117.54 -23.44 26.43
N PRO E 274 118.06 -22.76 25.40
CA PRO E 274 117.88 -21.35 25.12
C PRO E 274 116.81 -21.12 24.06
N ILE E 275 116.10 -20.01 24.17
CA ILE E 275 115.03 -19.66 23.26
C ILE E 275 115.38 -18.31 22.66
N ILE E 276 115.86 -18.32 21.42
CA ILE E 276 116.41 -17.13 20.77
C ILE E 276 116.01 -17.17 19.30
N SER E 277 115.64 -16.02 18.76
CA SER E 277 115.19 -15.93 17.39
C SER E 277 116.30 -16.36 16.42
N ALA E 278 115.91 -16.52 15.15
CA ALA E 278 116.86 -16.95 14.12
C ALA E 278 117.91 -15.87 13.87
N GLU E 279 117.47 -14.64 13.61
CA GLU E 279 118.37 -13.54 13.32
C GLU E 279 118.89 -12.85 14.59
N LYS E 280 118.86 -13.55 15.72
CA LYS E 280 119.38 -13.05 16.99
C LYS E 280 120.55 -13.85 17.53
N ALA E 281 120.48 -15.18 17.46
CA ALA E 281 121.55 -16.02 17.98
C ALA E 281 122.88 -15.77 17.28
N TYR E 282 122.85 -15.11 16.11
CA TYR E 282 124.08 -14.81 15.39
C TYR E 282 125.08 -14.09 16.28
N HIS E 283 124.59 -13.26 17.19
CA HIS E 283 125.44 -12.57 18.17
C HIS E 283 125.41 -13.27 19.52
N GLU E 284 125.85 -14.53 19.55
CA GLU E 284 125.81 -15.31 20.78
C GLU E 284 126.62 -16.57 20.60
N GLN E 285 127.35 -16.95 21.66
CA GLN E 285 128.18 -18.15 21.63
C GLN E 285 127.57 -19.33 22.39
N LEU E 286 126.67 -19.09 23.35
CA LEU E 286 125.91 -20.13 24.02
C LEU E 286 126.83 -21.13 24.73
N SER E 287 127.55 -20.63 25.72
CA SER E 287 128.34 -21.51 26.58
C SER E 287 127.43 -22.28 27.52
N VAL E 288 127.90 -23.46 27.94
CA VAL E 288 127.16 -24.23 28.92
C VAL E 288 127.00 -23.43 30.20
N ALA E 289 128.07 -22.72 30.61
CA ALA E 289 128.02 -21.90 31.81
C ALA E 289 126.92 -20.85 31.69
N GLU E 290 126.95 -20.05 30.62
CA GLU E 290 125.97 -18.98 30.48
C GLU E 290 124.56 -19.54 30.30
N ILE E 291 124.44 -20.68 29.61
CA ILE E 291 123.11 -21.21 29.34
C ILE E 291 122.47 -21.72 30.61
N THR E 292 123.24 -22.40 31.47
CA THR E 292 122.65 -22.85 32.73
C THR E 292 122.61 -21.75 33.78
N ASN E 293 123.32 -20.64 33.56
CA ASN E 293 123.09 -19.46 34.38
C ASN E 293 121.75 -18.83 34.04
N SER E 294 121.48 -18.66 32.75
CA SER E 294 120.20 -18.08 32.33
C SER E 294 119.03 -19.01 32.65
N ALA E 295 119.27 -20.32 32.66
CA ALA E 295 118.18 -21.26 32.94
C ALA E 295 117.54 -21.02 34.30
N PHE E 296 118.33 -20.58 35.29
CA PHE E 296 117.79 -20.32 36.61
C PHE E 296 117.26 -18.91 36.79
N GLU E 297 117.42 -18.05 35.80
CA GLU E 297 116.92 -16.69 35.93
C GLU E 297 115.41 -16.71 36.11
N PRO E 298 114.87 -16.02 37.12
CA PRO E 298 113.41 -16.03 37.32
C PRO E 298 112.65 -15.33 36.22
N ALA E 299 113.34 -14.69 35.28
CA ALA E 299 112.66 -14.00 34.18
C ALA E 299 111.93 -15.00 33.29
N ASN E 300 112.61 -16.07 32.90
CA ASN E 300 112.05 -17.04 31.95
C ASN E 300 111.58 -18.31 32.62
N MET E 301 111.01 -18.22 33.82
CA MET E 301 110.35 -19.37 34.41
C MET E 301 109.03 -19.62 33.68
N MET E 302 108.80 -20.87 33.27
CA MET E 302 107.60 -21.17 32.51
C MET E 302 106.34 -20.89 33.32
N ALA E 303 106.40 -21.07 34.63
CA ALA E 303 105.34 -20.61 35.52
C ALA E 303 105.66 -19.21 36.00
N LYS E 304 104.65 -18.54 36.56
CA LYS E 304 104.80 -17.17 37.05
C LYS E 304 104.98 -17.22 38.56
N CYS E 305 106.25 -17.37 38.95
CA CYS E 305 106.68 -17.19 40.33
C CYS E 305 108.09 -16.64 40.29
N ASP E 306 108.47 -15.88 41.33
CA ASP E 306 109.81 -15.35 41.47
C ASP E 306 110.53 -16.17 42.54
N PRO E 307 111.22 -17.25 42.15
CA PRO E 307 111.78 -18.16 43.17
C PRO E 307 112.78 -17.51 44.10
N ARG E 308 113.30 -16.32 43.76
CA ARG E 308 114.17 -15.62 44.68
C ARG E 308 113.48 -15.29 45.99
N HIS E 309 112.15 -15.29 46.02
CA HIS E 309 111.42 -15.17 47.28
C HIS E 309 111.71 -16.35 48.18
N GLY E 310 111.33 -17.55 47.75
CA GLY E 310 111.49 -18.75 48.53
C GLY E 310 112.81 -19.43 48.31
N LYS E 311 112.87 -20.69 48.75
CA LYS E 311 114.07 -21.49 48.64
C LYS E 311 113.80 -22.68 47.73
N TYR E 312 114.80 -23.05 46.94
CA TYR E 312 114.67 -24.21 46.08
C TYR E 312 114.75 -25.49 46.92
N MET E 313 114.16 -26.55 46.38
CA MET E 313 114.22 -27.84 47.06
C MET E 313 114.81 -28.93 46.20
N ALA E 314 114.47 -28.97 44.91
CA ALA E 314 115.03 -30.01 44.05
C ALA E 314 114.97 -29.53 42.61
N CYS E 315 115.94 -29.98 41.81
CA CYS E 315 116.04 -29.58 40.42
C CYS E 315 116.53 -30.74 39.59
N SER E 316 115.70 -31.20 38.64
CA SER E 316 116.12 -32.17 37.64
C SER E 316 116.45 -31.41 36.36
N MET E 317 117.70 -31.51 35.93
CA MET E 317 118.20 -30.71 34.81
C MET E 317 118.66 -31.65 33.70
N MET E 318 117.91 -31.69 32.60
CA MET E 318 118.27 -32.53 31.47
C MET E 318 118.87 -31.66 30.37
N TYR E 319 120.13 -31.91 30.05
CA TYR E 319 120.77 -31.25 28.93
C TYR E 319 120.53 -32.03 27.65
N ARG E 320 120.98 -31.46 26.54
CA ARG E 320 121.03 -32.17 25.27
C ARG E 320 121.85 -31.35 24.30
N GLY E 321 122.34 -32.02 23.27
CA GLY E 321 123.28 -31.42 22.35
C GLY E 321 124.70 -31.69 22.80
N ASP E 322 125.64 -31.12 22.05
CA ASP E 322 127.06 -31.28 22.36
C ASP E 322 127.35 -30.67 23.73
N VAL E 323 127.67 -31.52 24.71
CA VAL E 323 127.79 -31.12 26.10
C VAL E 323 129.01 -31.80 26.71
N VAL E 324 129.80 -31.04 27.44
CA VAL E 324 130.99 -31.54 28.12
C VAL E 324 130.65 -31.77 29.59
N PRO E 325 130.77 -32.99 30.11
CA PRO E 325 130.28 -33.26 31.47
C PRO E 325 131.04 -32.54 32.56
N LYS E 326 132.37 -32.59 32.53
CA LYS E 326 133.16 -32.00 33.60
C LYS E 326 132.87 -30.52 33.76
N ASP E 327 132.76 -29.79 32.66
CA ASP E 327 132.50 -28.37 32.76
C ASP E 327 131.05 -28.09 33.12
N VAL E 328 130.13 -28.98 32.77
CA VAL E 328 128.77 -28.89 33.30
C VAL E 328 128.78 -28.95 34.81
N ASN E 329 129.49 -29.95 35.37
CA ASN E 329 129.58 -30.07 36.82
C ASN E 329 130.22 -28.84 37.43
N ALA E 330 131.30 -28.35 36.81
CA ALA E 330 131.97 -27.15 37.33
C ALA E 330 131.03 -25.96 37.33
N SER E 331 130.28 -25.78 36.25
CA SER E 331 129.40 -24.62 36.14
C SER E 331 128.25 -24.71 37.14
N ILE E 332 127.66 -25.89 37.30
CA ILE E 332 126.56 -26.03 38.25
C ILE E 332 127.07 -25.85 39.68
N ALA E 333 128.34 -26.22 39.92
CA ALA E 333 128.91 -25.96 41.24
C ALA E 333 129.10 -24.48 41.48
N THR E 334 129.61 -23.75 40.48
CA THR E 334 129.69 -22.29 40.62
C THR E 334 128.33 -21.66 40.76
N ILE E 335 127.29 -22.30 40.22
CA ILE E 335 125.93 -21.77 40.39
C ILE E 335 125.45 -21.99 41.82
N LYS E 336 125.72 -23.16 42.40
CA LYS E 336 125.19 -23.46 43.72
C LYS E 336 125.73 -22.54 44.80
N THR E 337 126.77 -21.76 44.52
CA THR E 337 127.27 -20.79 45.49
C THR E 337 126.70 -19.39 45.28
N LYS E 338 125.83 -19.21 44.29
CA LYS E 338 125.21 -17.92 44.06
C LYS E 338 124.34 -17.54 45.24
N ARG E 339 124.48 -16.28 45.70
CA ARG E 339 123.80 -15.84 46.90
C ARG E 339 122.29 -15.73 46.71
N THR E 340 121.81 -15.70 45.48
CA THR E 340 120.38 -15.54 45.23
C THR E 340 119.64 -16.86 45.06
N ILE E 341 120.34 -17.98 45.08
CA ILE E 341 119.72 -19.30 44.92
C ILE E 341 120.05 -20.09 46.18
N GLN E 342 119.16 -20.05 47.16
CA GLN E 342 119.35 -20.75 48.42
C GLN E 342 118.48 -21.99 48.46
N PHE E 343 119.09 -23.13 48.75
CA PHE E 343 118.36 -24.38 48.91
C PHE E 343 117.82 -24.45 50.33
N VAL E 344 117.25 -25.60 50.69
CA VAL E 344 116.80 -25.83 52.06
C VAL E 344 117.82 -26.72 52.74
N ASP E 345 117.81 -26.70 54.08
CA ASP E 345 118.87 -27.35 54.84
C ASP E 345 118.86 -28.86 54.65
N TRP E 346 117.68 -29.47 54.59
CA TRP E 346 117.57 -30.93 54.57
C TRP E 346 117.68 -31.51 53.16
N CYS E 347 118.04 -30.70 52.18
CA CYS E 347 118.25 -31.17 50.80
C CYS E 347 119.62 -30.72 50.33
N PRO E 348 120.69 -31.22 50.97
CA PRO E 348 122.02 -30.66 50.71
C PRO E 348 122.51 -30.89 49.29
N THR E 349 122.06 -31.95 48.63
CA THR E 349 122.48 -32.22 47.25
C THR E 349 121.24 -32.14 46.35
N GLY E 350 121.00 -30.94 45.84
CA GLY E 350 119.82 -30.68 45.05
C GLY E 350 119.81 -31.27 43.65
N PHE E 351 120.68 -30.78 42.78
CA PHE E 351 120.54 -31.03 41.36
C PHE E 351 120.77 -32.50 41.03
N LYS E 352 119.80 -33.10 40.37
CA LYS E 352 119.98 -34.37 39.68
C LYS E 352 119.96 -34.08 38.18
N VAL E 353 121.04 -34.43 37.49
CA VAL E 353 121.24 -34.01 36.13
C VAL E 353 121.06 -35.20 35.19
N GLY E 354 121.04 -34.89 33.90
CA GLY E 354 120.98 -35.91 32.87
C GLY E 354 121.50 -35.34 31.58
N ILE E 355 122.10 -36.21 30.76
CA ILE E 355 122.74 -35.78 29.53
C ILE E 355 122.15 -36.58 28.38
N ASN E 356 122.17 -35.99 27.19
CA ASN E 356 121.74 -36.66 25.98
C ASN E 356 122.73 -36.32 24.88
N TYR E 357 122.39 -36.68 23.63
CA TYR E 357 123.25 -36.39 22.50
C TYR E 357 122.51 -35.84 21.30
N GLN E 358 121.33 -35.26 21.46
CA GLN E 358 120.72 -34.65 20.29
C GLN E 358 120.35 -33.21 20.59
N PRO E 359 120.79 -32.27 19.75
CA PRO E 359 120.37 -30.88 19.91
C PRO E 359 118.87 -30.73 19.72
N PRO E 360 118.31 -29.54 19.97
CA PRO E 360 116.89 -29.34 19.71
C PRO E 360 116.53 -29.63 18.26
N THR E 361 115.44 -30.36 18.08
CA THR E 361 114.94 -30.69 16.74
C THR E 361 113.98 -29.58 16.33
N VAL E 362 114.49 -28.62 15.56
CA VAL E 362 113.67 -27.46 15.20
C VAL E 362 112.49 -27.89 14.35
N VAL E 363 111.31 -27.37 14.71
CA VAL E 363 110.10 -27.59 13.94
C VAL E 363 110.07 -26.57 12.81
N PRO E 364 109.76 -26.97 11.58
CA PRO E 364 109.85 -26.04 10.45
C PRO E 364 108.89 -24.87 10.60
N GLY E 365 109.40 -23.68 10.35
CA GLY E 365 108.60 -22.46 10.44
C GLY E 365 108.68 -21.73 11.77
N GLY E 366 108.56 -22.47 12.87
CA GLY E 366 108.61 -21.88 14.20
C GLY E 366 109.86 -21.04 14.43
N ASP E 367 109.67 -19.85 15.02
CA ASP E 367 110.76 -18.89 15.15
C ASP E 367 111.90 -19.37 16.03
N LEU E 368 111.77 -20.53 16.67
CA LEU E 368 112.86 -21.06 17.48
C LEU E 368 114.03 -21.46 16.58
N ALA E 369 115.21 -20.97 16.91
CA ALA E 369 116.38 -21.09 16.05
C ALA E 369 117.17 -22.36 16.35
N LYS E 370 117.81 -22.90 15.33
CA LYS E 370 118.63 -24.09 15.49
C LYS E 370 119.82 -23.78 16.38
N VAL E 371 119.90 -24.47 17.51
CA VAL E 371 120.90 -24.18 18.54
C VAL E 371 121.52 -25.49 18.98
N MET E 372 122.85 -25.49 19.15
CA MET E 372 123.55 -26.72 19.49
C MET E 372 123.12 -27.26 20.84
N ARG E 373 123.39 -26.52 21.91
CA ARG E 373 123.07 -26.99 23.24
C ARG E 373 121.63 -26.71 23.60
N ALA E 374 121.17 -27.34 24.67
CA ALA E 374 119.86 -27.07 25.22
C ALA E 374 119.79 -27.64 26.62
N VAL E 375 119.02 -27.01 27.48
CA VAL E 375 118.85 -27.42 28.87
C VAL E 375 117.42 -27.19 29.29
N CYS E 376 116.77 -28.26 29.77
CA CYS E 376 115.42 -28.18 30.30
C CYS E 376 115.48 -28.49 31.78
N MET E 377 115.03 -27.55 32.60
CA MET E 377 115.08 -27.68 34.05
C MET E 377 113.67 -27.84 34.59
N ILE E 378 113.52 -28.69 35.60
CA ILE E 378 112.27 -28.85 36.32
C ILE E 378 112.58 -28.71 37.80
N SER E 379 111.96 -27.72 38.44
CA SER E 379 112.29 -27.40 39.82
C SER E 379 111.07 -27.54 40.71
N ASN E 380 111.29 -28.17 41.85
CA ASN E 380 110.36 -28.13 42.97
C ASN E 380 110.92 -27.14 43.98
N SER E 381 110.20 -26.05 44.18
CA SER E 381 110.56 -25.00 45.13
C SER E 381 109.40 -24.77 46.09
N THR E 382 109.60 -23.86 47.03
CA THR E 382 108.58 -23.50 48.00
C THR E 382 108.00 -22.12 47.77
N ALA E 383 108.28 -21.50 46.62
CA ALA E 383 107.69 -20.20 46.32
C ALA E 383 106.35 -20.34 45.62
N ILE E 384 106.18 -21.39 44.82
CA ILE E 384 104.95 -21.62 44.07
C ILE E 384 103.78 -21.68 45.04
N ALA E 385 104.07 -21.98 46.31
CA ALA E 385 103.03 -21.97 47.34
C ALA E 385 102.19 -20.72 47.27
N GLU E 386 102.82 -19.56 47.15
CA GLU E 386 102.08 -18.30 47.17
C GLU E 386 100.98 -18.31 46.13
N VAL E 387 101.25 -18.89 44.95
CA VAL E 387 100.25 -18.97 43.90
C VAL E 387 98.95 -19.51 44.47
N PHE E 388 99.02 -20.69 45.09
CA PHE E 388 97.84 -21.28 45.70
C PHE E 388 97.15 -20.28 46.61
N SER E 389 97.89 -19.71 47.56
CA SER E 389 97.33 -18.69 48.43
C SER E 389 96.62 -17.63 47.60
N ARG E 390 97.36 -17.02 46.67
CA ARG E 390 96.76 -15.99 45.83
C ARG E 390 95.55 -16.53 45.10
N LEU E 391 95.67 -17.73 44.54
CA LEU E 391 94.53 -18.33 43.86
C LEU E 391 93.38 -18.52 44.83
N ASP E 392 93.67 -19.03 46.03
CA ASP E 392 92.67 -19.12 47.07
C ASP E 392 91.98 -17.77 47.27
N HIS E 393 92.78 -16.70 47.29
CA HIS E 393 92.24 -15.36 47.40
C HIS E 393 91.07 -15.18 46.44
N LYS E 394 91.32 -15.42 45.16
CA LYS E 394 90.26 -15.34 44.16
C LYS E 394 89.05 -16.16 44.61
N PHE E 395 89.27 -17.46 44.85
CA PHE E 395 88.22 -18.35 45.32
C PHE E 395 87.44 -17.69 46.45
N ASP E 396 88.15 -17.18 47.46
CA ASP E 396 87.46 -16.64 48.62
C ASP E 396 86.49 -15.54 48.22
N LEU E 397 86.92 -14.61 47.37
CA LEU E 397 86.07 -13.48 47.06
C LEU E 397 84.91 -13.85 46.14
N MET E 398 84.81 -15.10 45.71
CA MET E 398 83.60 -15.60 45.07
C MET E 398 82.80 -16.51 45.97
N TYR E 399 83.42 -17.09 46.99
CA TYR E 399 82.74 -18.01 47.89
C TYR E 399 82.23 -17.34 49.15
N ALA E 400 82.62 -16.09 49.40
CA ALA E 400 82.07 -15.36 50.53
C ALA E 400 80.57 -15.17 50.41
N LYS E 401 80.04 -15.14 49.18
CA LYS E 401 78.62 -14.89 48.95
C LYS E 401 77.93 -16.08 48.27
N ARG E 402 78.61 -17.23 48.20
CA ARG E 402 78.08 -18.41 47.53
C ARG E 402 77.71 -18.12 46.08
N ALA E 403 78.54 -17.33 45.41
CA ALA E 403 78.29 -17.00 44.02
C ALA E 403 78.51 -18.19 43.12
N PHE E 404 77.66 -18.33 42.10
CA PHE E 404 77.80 -19.35 41.07
C PHE E 404 77.68 -20.76 41.59
N VAL E 405 77.36 -20.93 42.87
CA VAL E 405 77.30 -22.28 43.44
C VAL E 405 76.06 -23.02 42.99
N HIS E 406 74.99 -22.32 42.59
CA HIS E 406 73.81 -23.05 42.11
C HIS E 406 74.10 -23.78 40.81
N TRP E 407 74.92 -23.19 39.93
CA TRP E 407 75.28 -23.86 38.69
C TRP E 407 76.10 -25.12 38.91
N TYR E 408 76.74 -25.26 40.07
CA TYR E 408 77.45 -26.49 40.39
C TYR E 408 76.58 -27.48 41.16
N VAL E 409 75.74 -26.98 42.07
CA VAL E 409 74.88 -27.87 42.84
C VAL E 409 73.73 -28.42 42.02
N GLY E 410 73.45 -27.83 40.85
CA GLY E 410 72.43 -28.37 39.98
C GLY E 410 72.69 -29.80 39.57
N GLU E 411 73.96 -30.20 39.47
CA GLU E 411 74.36 -31.52 38.99
C GLU E 411 74.79 -32.43 40.14
N GLY E 412 74.11 -32.36 41.28
CA GLY E 412 74.39 -33.24 42.38
C GLY E 412 75.61 -32.88 43.22
N MET E 413 76.47 -31.99 42.73
CA MET E 413 77.65 -31.60 43.50
C MET E 413 77.22 -30.81 44.73
N GLU E 414 77.29 -31.45 45.89
CA GLU E 414 76.88 -30.80 47.12
C GLU E 414 77.79 -29.63 47.44
N GLU E 415 77.21 -28.57 48.02
CA GLU E 415 77.98 -27.38 48.32
C GLU E 415 79.18 -27.69 49.20
N GLY E 416 78.96 -28.45 50.28
CA GLY E 416 79.98 -28.76 51.25
C GLY E 416 81.32 -29.14 50.65
N GLU E 417 81.27 -29.88 49.54
CA GLU E 417 82.50 -30.30 48.87
C GLU E 417 83.47 -29.13 48.70
N PHE E 418 82.99 -28.04 48.11
CA PHE E 418 83.79 -26.83 47.97
C PHE E 418 84.53 -26.53 49.26
N SER E 419 83.77 -26.29 50.34
CA SER E 419 84.37 -26.08 51.65
C SER E 419 85.44 -27.11 51.92
N GLU E 420 85.05 -28.39 51.89
CA GLU E 420 86.02 -29.47 52.07
C GLU E 420 87.21 -29.28 51.13
N ALA E 421 86.94 -29.22 49.83
CA ALA E 421 88.01 -29.01 48.87
C ALA E 421 88.87 -27.81 49.28
N ARG E 422 88.20 -26.70 49.61
CA ARG E 422 88.94 -25.51 50.01
C ARG E 422 89.90 -25.83 51.14
N GLU E 423 89.40 -26.38 52.24
CA GLU E 423 90.29 -26.63 53.36
C GLU E 423 91.35 -27.67 53.00
N ASP E 424 91.01 -28.59 52.10
CA ASP E 424 92.00 -29.57 51.67
C ASP E 424 93.19 -28.85 51.02
N LEU E 425 92.92 -27.77 50.28
CA LEU E 425 94.03 -27.02 49.73
C LEU E 425 94.68 -26.14 50.80
N ALA E 426 93.89 -25.66 51.77
CA ALA E 426 94.45 -24.80 52.81
C ALA E 426 95.58 -25.50 53.55
N ALA E 427 95.35 -26.77 53.92
CA ALA E 427 96.41 -27.54 54.56
C ALA E 427 97.66 -27.59 53.69
N LEU E 428 97.47 -27.76 52.38
CA LEU E 428 98.59 -27.68 51.45
C LEU E 428 99.42 -26.44 51.70
N GLU E 429 98.76 -25.29 51.81
CA GLU E 429 99.47 -24.05 52.12
C GLU E 429 100.29 -24.22 53.40
N LYS E 430 99.64 -24.66 54.47
CA LYS E 430 100.36 -24.98 55.71
C LYS E 430 101.58 -25.85 55.41
N ASP E 431 101.37 -26.91 54.63
CA ASP E 431 102.46 -27.80 54.23
C ASP E 431 103.69 -27.03 53.82
N TYR E 432 103.54 -26.08 52.90
CA TYR E 432 104.71 -25.34 52.42
C TYR E 432 105.30 -24.50 53.54
N GLU E 433 104.47 -23.78 54.28
CA GLU E 433 104.99 -23.01 55.41
C GLU E 433 105.55 -23.92 56.49
N GLU E 434 105.35 -25.23 56.38
CA GLU E 434 105.99 -26.17 57.28
C GLU E 434 107.35 -26.61 56.75
N VAL E 435 107.50 -26.76 55.44
CA VAL E 435 108.76 -27.26 54.91
C VAL E 435 109.82 -26.17 54.83
N GLY E 436 109.41 -24.90 54.74
CA GLY E 436 110.38 -23.83 54.83
C GLY E 436 110.96 -23.65 56.22
N ILE E 437 110.32 -24.21 57.24
CA ILE E 437 110.81 -24.10 58.60
C ILE E 437 112.12 -24.87 58.72
N GLU E 438 113.21 -24.17 59.00
CA GLU E 438 114.50 -24.81 59.18
C GLU E 438 114.46 -25.74 60.39
N THR E 439 115.30 -26.77 60.35
CA THR E 439 115.37 -27.73 61.45
C THR E 439 116.07 -27.13 62.66
N MET F 1 74.33 -31.65 16.07
CA MET F 1 75.07 -31.45 17.31
C MET F 1 74.87 -30.03 17.84
N ARG F 2 74.26 -29.94 19.02
CA ARG F 2 73.97 -28.66 19.67
C ARG F 2 73.12 -27.76 18.77
N GLU F 3 71.91 -28.24 18.49
CA GLU F 3 71.02 -27.52 17.61
C GLU F 3 70.21 -26.48 18.37
N ILE F 4 69.64 -25.55 17.61
CA ILE F 4 68.86 -24.44 18.16
C ILE F 4 67.61 -24.27 17.32
N VAL F 5 66.49 -23.94 17.96
CA VAL F 5 65.26 -23.63 17.25
C VAL F 5 65.02 -22.12 17.35
N HIS F 6 64.19 -21.60 16.46
CA HIS F 6 64.01 -20.17 16.29
C HIS F 6 62.52 -19.82 16.36
N ILE F 7 62.02 -19.58 17.56
CA ILE F 7 60.64 -19.14 17.73
C ILE F 7 60.57 -17.64 17.55
N GLN F 8 59.63 -17.18 16.72
CA GLN F 8 59.43 -15.76 16.49
C GLN F 8 57.97 -15.43 16.70
N GLY F 9 57.70 -14.41 17.52
CA GLY F 9 56.36 -13.98 17.78
C GLY F 9 56.18 -12.48 17.68
N GLY F 10 55.01 -12.04 17.25
CA GLY F 10 54.75 -10.62 17.09
C GLY F 10 55.42 -10.04 15.86
N GLN F 11 54.97 -8.84 15.48
CA GLN F 11 55.47 -8.20 14.28
C GLN F 11 56.96 -7.89 14.38
N CYS F 12 57.39 -7.28 15.47
CA CYS F 12 58.81 -6.95 15.63
C CYS F 12 59.68 -8.19 15.58
N GLY F 13 59.31 -9.20 16.37
CA GLY F 13 60.08 -10.43 16.37
C GLY F 13 60.14 -11.09 15.01
N ASN F 14 59.03 -11.09 14.29
CA ASN F 14 59.00 -11.76 12.99
C ASN F 14 59.85 -11.00 11.97
N GLN F 15 59.78 -9.68 11.97
CA GLN F 15 60.59 -8.92 11.02
C GLN F 15 62.08 -9.06 11.34
N ILE F 16 62.43 -9.00 12.62
CA ILE F 16 63.82 -9.20 13.01
C ILE F 16 64.29 -10.60 12.64
N GLY F 17 63.40 -11.59 12.77
CA GLY F 17 63.77 -12.94 12.38
C GLY F 17 63.99 -13.07 10.89
N ALA F 18 63.18 -12.40 10.09
CA ALA F 18 63.42 -12.36 8.66
C ALA F 18 64.78 -11.77 8.35
N LYS F 19 65.08 -10.61 8.93
CA LYS F 19 66.39 -10.00 8.70
C LYS F 19 67.52 -10.89 9.19
N PHE F 20 67.30 -11.62 10.28
CA PHE F 20 68.35 -12.45 10.84
C PHE F 20 68.62 -13.67 9.98
N TRP F 21 67.56 -14.29 9.45
CA TRP F 21 67.79 -15.38 8.51
C TRP F 21 68.45 -14.87 7.24
N GLU F 22 68.15 -13.64 6.84
CA GLU F 22 68.87 -13.05 5.72
C GLU F 22 70.35 -12.94 6.01
N VAL F 23 70.71 -12.48 7.21
CA VAL F 23 72.13 -12.32 7.55
C VAL F 23 72.80 -13.69 7.68
N ILE F 24 72.11 -14.67 8.25
CA ILE F 24 72.68 -16.00 8.38
C ILE F 24 72.93 -16.63 7.02
N SER F 25 71.97 -16.47 6.10
CA SER F 25 72.19 -16.94 4.74
C SER F 25 73.35 -16.21 4.08
N ASP F 26 73.48 -14.91 4.35
CA ASP F 26 74.63 -14.16 3.85
C ASP F 26 75.94 -14.76 4.34
N GLU F 27 75.98 -15.16 5.61
CA GLU F 27 77.22 -15.69 6.17
C GLU F 27 77.51 -17.10 5.65
N HIS F 28 76.60 -18.04 5.88
CA HIS F 28 76.81 -19.40 5.43
C HIS F 28 76.71 -19.55 3.92
N GLY F 29 76.34 -18.49 3.20
CA GLY F 29 76.34 -18.53 1.75
C GLY F 29 75.24 -19.38 1.16
N ILE F 30 73.99 -19.05 1.47
CA ILE F 30 72.82 -19.75 0.92
C ILE F 30 71.94 -18.72 0.23
N ASP F 31 71.77 -18.89 -1.08
CA ASP F 31 70.86 -18.05 -1.83
C ASP F 31 69.42 -18.38 -1.45
N PRO F 32 68.44 -17.53 -1.79
CA PRO F 32 67.07 -17.76 -1.33
C PRO F 32 66.46 -19.06 -1.82
N THR F 33 66.99 -19.66 -2.86
CA THR F 33 66.42 -20.96 -3.23
C THR F 33 66.83 -22.08 -2.29
N GLY F 34 67.51 -21.77 -1.18
CA GLY F 34 67.84 -22.76 -0.18
C GLY F 34 68.82 -23.83 -0.63
N THR F 35 69.77 -23.46 -1.48
CA THR F 35 70.81 -24.36 -1.93
C THR F 35 72.17 -23.75 -1.61
N TYR F 36 73.15 -24.60 -1.38
CA TYR F 36 74.48 -24.13 -1.02
C TYR F 36 75.12 -23.42 -2.21
N HIS F 37 75.68 -22.24 -1.95
CA HIS F 37 76.30 -21.45 -3.02
C HIS F 37 77.60 -20.81 -2.55
N ASN F 48 74.24 -27.98 10.10
CA ASN F 48 73.14 -28.64 10.79
C ASN F 48 72.74 -27.97 12.09
N VAL F 49 73.43 -26.91 12.51
CA VAL F 49 73.08 -26.27 13.77
C VAL F 49 71.81 -25.44 13.62
N TYR F 50 71.70 -24.69 12.52
CA TYR F 50 70.53 -23.85 12.25
C TYR F 50 69.61 -24.47 11.22
N TYR F 51 70.12 -24.77 10.03
CA TYR F 51 69.28 -25.24 8.95
C TYR F 51 68.97 -26.72 9.14
N ASN F 52 68.21 -27.27 8.18
CA ASN F 52 67.91 -28.69 8.15
C ASN F 52 67.75 -29.10 6.69
N GLU F 53 68.08 -30.36 6.40
CA GLU F 53 68.11 -30.80 5.02
C GLU F 53 66.71 -31.18 4.55
N ALA F 54 66.57 -31.23 3.23
CA ALA F 54 65.32 -31.63 2.59
C ALA F 54 65.63 -32.14 1.19
N THR F 55 64.73 -32.97 0.68
CA THR F 55 64.95 -33.70 -0.56
C THR F 55 65.45 -32.79 -1.68
N GLY F 56 66.57 -33.19 -2.27
CA GLY F 56 67.20 -32.39 -3.30
C GLY F 56 68.27 -31.45 -2.79
N GLY F 57 68.86 -31.74 -1.64
CA GLY F 57 69.86 -30.85 -1.08
C GLY F 57 69.34 -29.51 -0.64
N ARG F 58 68.03 -29.38 -0.47
CA ARG F 58 67.45 -28.10 -0.06
C ARG F 58 67.69 -27.88 1.42
N TYR F 59 67.78 -26.61 1.81
CA TYR F 59 67.94 -26.23 3.20
C TYR F 59 66.70 -25.47 3.65
N VAL F 60 66.12 -25.90 4.76
CA VAL F 60 65.01 -25.17 5.37
C VAL F 60 65.45 -24.77 6.78
N PRO F 61 65.30 -23.51 7.15
CA PRO F 61 65.74 -23.11 8.49
C PRO F 61 64.85 -23.72 9.56
N ARG F 62 65.48 -24.16 10.64
CA ARG F 62 64.74 -24.72 11.78
C ARG F 62 64.11 -23.58 12.57
N ALA F 63 63.25 -22.84 11.87
CA ALA F 63 62.55 -21.70 12.42
C ALA F 63 61.07 -22.00 12.51
N ILE F 64 60.36 -21.16 13.26
CA ILE F 64 58.94 -21.30 13.47
C ILE F 64 58.31 -19.93 13.66
N LEU F 65 57.33 -19.61 12.83
CA LEU F 65 56.73 -18.29 12.80
C LEU F 65 55.30 -18.35 13.33
N MET F 66 55.00 -17.46 14.26
CA MET F 66 53.67 -17.38 14.85
C MET F 66 53.29 -15.92 15.00
N ASP F 67 51.99 -15.66 14.88
CA ASP F 67 51.44 -14.33 15.09
C ASP F 67 49.93 -14.43 15.04
N LEU F 68 49.28 -13.44 15.63
CA LEU F 68 47.82 -13.42 15.68
C LEU F 68 47.19 -12.76 14.48
N GLU F 69 47.87 -11.77 13.87
CA GLU F 69 47.37 -11.15 12.66
C GLU F 69 48.06 -11.76 11.46
N PRO F 70 47.33 -12.23 10.45
CA PRO F 70 47.96 -12.91 9.32
C PRO F 70 48.74 -11.99 8.40
N GLY F 71 48.57 -10.67 8.52
CA GLY F 71 49.23 -9.75 7.60
C GLY F 71 50.73 -9.93 7.56
N THR F 72 51.34 -10.23 8.71
CA THR F 72 52.78 -10.40 8.76
C THR F 72 53.29 -11.52 7.87
N MET F 73 52.42 -12.41 7.40
CA MET F 73 52.84 -13.39 6.40
C MET F 73 53.39 -12.68 5.17
N ASP F 74 52.64 -11.71 4.66
CA ASP F 74 53.07 -10.95 3.48
C ASP F 74 54.25 -10.06 3.84
N SER F 75 54.73 -10.18 5.07
CA SER F 75 55.95 -9.52 5.51
C SER F 75 57.16 -10.46 5.43
N VAL F 76 56.96 -11.74 5.73
CA VAL F 76 58.09 -12.66 5.81
C VAL F 76 58.24 -13.44 4.51
N ARG F 77 57.15 -13.75 3.83
CA ARG F 77 57.25 -14.45 2.55
C ARG F 77 57.63 -13.50 1.42
N ALA F 78 57.23 -12.23 1.51
CA ALA F 78 57.50 -11.30 0.42
C ALA F 78 58.96 -10.91 0.37
N GLY F 79 59.55 -10.61 1.53
CA GLY F 79 60.93 -10.19 1.59
C GLY F 79 61.87 -11.22 1.01
N PRO F 80 63.06 -10.78 0.60
CA PRO F 80 64.05 -11.72 0.06
C PRO F 80 64.39 -12.79 1.08
N PHE F 81 64.90 -13.90 0.58
CA PHE F 81 65.22 -15.07 1.40
C PHE F 81 64.00 -15.61 2.14
N GLY F 82 62.81 -15.17 1.75
CA GLY F 82 61.60 -15.66 2.39
C GLY F 82 61.12 -17.00 1.93
N GLN F 83 61.77 -17.57 0.91
CA GLN F 83 61.37 -18.87 0.40
C GLN F 83 62.08 -20.01 1.09
N LEU F 84 62.90 -19.73 2.11
CA LEU F 84 63.60 -20.79 2.81
C LEU F 84 62.67 -21.54 3.75
N PHE F 85 61.73 -20.83 4.37
CA PHE F 85 60.89 -21.41 5.40
C PHE F 85 59.92 -22.41 4.80
N ARG F 86 59.20 -23.12 5.67
CA ARG F 86 58.21 -24.09 5.27
C ARG F 86 56.82 -23.65 5.70
N PRO F 87 55.82 -23.78 4.83
CA PRO F 87 54.48 -23.31 5.19
C PRO F 87 53.92 -23.99 6.43
N ASP F 88 54.35 -25.22 6.72
CA ASP F 88 53.87 -25.90 7.92
C ASP F 88 54.37 -25.26 9.20
N ASN F 89 55.35 -24.37 9.12
CA ASN F 89 55.86 -23.67 10.29
C ASN F 89 55.22 -22.31 10.51
N PHE F 90 54.22 -21.96 9.70
CA PHE F 90 53.51 -20.69 9.86
C PHE F 90 52.20 -20.98 10.59
N VAL F 91 52.22 -20.77 11.90
CA VAL F 91 51.01 -20.92 12.70
C VAL F 91 50.42 -19.52 12.93
N PHE F 92 49.46 -19.16 12.09
CA PHE F 92 48.93 -17.80 12.01
C PHE F 92 47.44 -17.82 12.32
N GLY F 93 47.04 -17.04 13.32
CA GLY F 93 45.63 -16.88 13.64
C GLY F 93 44.91 -16.02 12.63
N GLN F 94 43.86 -15.32 13.06
CA GLN F 94 43.11 -14.48 12.13
C GLN F 94 42.71 -13.12 12.68
N THR F 95 42.80 -12.88 13.99
CA THR F 95 42.26 -11.65 14.57
C THR F 95 43.32 -10.61 14.89
N GLY F 96 44.41 -11.01 15.54
CA GLY F 96 45.38 -10.04 16.01
C GLY F 96 45.06 -9.62 17.42
N ALA F 97 45.95 -9.89 18.37
CA ALA F 97 45.66 -9.61 19.76
C ALA F 97 45.40 -8.14 20.03
N GLY F 98 45.77 -7.26 19.09
CA GLY F 98 45.43 -5.85 19.21
C GLY F 98 46.03 -5.17 20.42
N ASN F 99 47.33 -5.34 20.64
CA ASN F 99 48.05 -4.61 21.69
C ASN F 99 47.53 -4.94 23.08
N ASN F 100 46.61 -5.90 23.19
CA ASN F 100 46.03 -6.29 24.45
C ASN F 100 46.71 -7.59 24.90
N TRP F 101 47.48 -7.51 25.99
CA TRP F 101 48.22 -8.67 26.45
C TRP F 101 47.31 -9.86 26.75
N ALA F 102 46.23 -9.61 27.50
CA ALA F 102 45.35 -10.70 27.90
C ALA F 102 44.81 -11.49 26.72
N LYS F 103 44.76 -10.88 25.54
CA LYS F 103 44.33 -11.62 24.35
C LYS F 103 45.29 -12.75 24.04
N GLY F 104 46.59 -12.46 24.00
CA GLY F 104 47.57 -13.46 23.66
C GLY F 104 48.02 -14.34 24.80
N HIS F 105 47.35 -14.30 25.94
CA HIS F 105 47.75 -15.10 27.09
C HIS F 105 46.60 -15.77 27.83
N TYR F 106 45.36 -15.34 27.64
CA TYR F 106 44.25 -15.95 28.37
C TYR F 106 43.09 -16.34 27.47
N THR F 107 42.90 -15.60 26.37
CA THR F 107 41.72 -15.77 25.55
C THR F 107 42.05 -16.30 24.16
N GLU F 108 42.90 -15.61 23.41
CA GLU F 108 43.30 -16.08 22.09
C GLU F 108 44.56 -16.93 22.15
N GLY F 109 45.47 -16.62 23.09
CA GLY F 109 46.67 -17.40 23.25
C GLY F 109 46.39 -18.88 23.31
N ALA F 110 45.54 -19.30 24.24
CA ALA F 110 45.27 -20.71 24.46
C ALA F 110 44.56 -21.37 23.29
N GLU F 111 44.34 -20.70 22.16
CA GLU F 111 43.80 -21.34 20.98
C GLU F 111 44.86 -21.69 19.95
N LEU F 112 45.97 -20.95 19.94
CA LEU F 112 47.10 -21.25 19.06
C LEU F 112 48.28 -21.87 19.78
N ILE F 113 48.34 -21.76 21.12
CA ILE F 113 49.46 -22.33 21.86
C ILE F 113 49.50 -23.84 21.69
N ASP F 114 48.35 -24.48 21.60
CA ASP F 114 48.34 -25.93 21.41
C ASP F 114 49.06 -26.32 20.12
N SER F 115 48.65 -25.73 19.00
CA SER F 115 49.25 -26.05 17.72
C SER F 115 50.72 -25.66 17.68
N VAL F 116 51.05 -24.49 18.24
CA VAL F 116 52.45 -24.07 18.14
C VAL F 116 53.33 -24.95 19.01
N LEU F 117 52.82 -25.41 20.15
CA LEU F 117 53.57 -26.36 20.95
C LEU F 117 53.74 -27.68 20.22
N ASP F 118 52.71 -28.12 19.51
CA ASP F 118 52.83 -29.34 18.71
C ASP F 118 53.95 -29.20 17.69
N VAL F 119 53.98 -28.09 16.97
CA VAL F 119 54.99 -27.97 15.91
C VAL F 119 56.38 -27.72 16.49
N VAL F 120 56.48 -27.05 17.64
CA VAL F 120 57.78 -26.97 18.32
C VAL F 120 58.27 -28.35 18.69
N ARG F 121 57.38 -29.19 19.24
CA ARG F 121 57.78 -30.55 19.60
C ARG F 121 58.19 -31.34 18.37
N LYS F 122 57.49 -31.15 17.26
CA LYS F 122 57.86 -31.81 16.01
C LYS F 122 59.27 -31.41 15.59
N GLU F 123 59.55 -30.11 15.58
CA GLU F 123 60.87 -29.65 15.13
C GLU F 123 61.95 -29.92 16.17
N ALA F 124 61.58 -30.21 17.41
CA ALA F 124 62.55 -30.48 18.47
C ALA F 124 62.96 -31.95 18.49
N GLU F 125 61.99 -32.86 18.47
CA GLU F 125 62.32 -34.27 18.45
C GLU F 125 63.12 -34.65 17.21
N GLY F 126 62.99 -33.88 16.14
CA GLY F 126 63.75 -34.12 14.92
C GLY F 126 65.25 -33.94 15.06
N CYS F 127 65.73 -33.49 16.20
CA CYS F 127 67.15 -33.33 16.47
C CYS F 127 67.62 -34.38 17.47
N ASP F 128 68.93 -34.40 17.71
CA ASP F 128 69.54 -35.31 18.67
C ASP F 128 70.11 -34.60 19.89
N CYS F 129 70.69 -33.42 19.72
CA CYS F 129 71.25 -32.64 20.82
C CYS F 129 70.66 -31.25 20.74
N LEU F 130 69.67 -30.98 21.58
CA LEU F 130 68.91 -29.73 21.54
C LEU F 130 69.58 -28.74 22.48
N GLN F 131 70.49 -27.93 21.92
CA GLN F 131 71.27 -27.02 22.76
C GLN F 131 70.41 -25.98 23.46
N GLY F 132 69.28 -25.60 22.88
CA GLY F 132 68.39 -24.68 23.55
C GLY F 132 67.57 -23.89 22.55
N PHE F 133 66.56 -23.22 23.08
CA PHE F 133 65.65 -22.40 22.30
C PHE F 133 66.14 -20.96 22.30
N GLN F 134 65.76 -20.22 21.27
CA GLN F 134 66.04 -18.79 21.27
C GLN F 134 64.92 -18.07 20.52
N ILE F 135 64.35 -17.08 21.21
CA ILE F 135 63.11 -16.43 20.78
C ILE F 135 63.44 -15.03 20.30
N THR F 136 62.56 -14.48 19.47
CA THR F 136 62.66 -13.09 19.01
C THR F 136 61.27 -12.49 19.09
N HIS F 137 61.07 -11.55 20.02
CA HIS F 137 59.77 -10.92 20.19
C HIS F 137 59.96 -9.60 20.93
N SER F 138 58.84 -8.97 21.27
CA SER F 138 58.83 -7.71 21.99
C SER F 138 58.11 -7.85 23.32
N LEU F 139 58.28 -6.85 24.17
CA LEU F 139 57.61 -6.80 25.47
C LEU F 139 56.55 -5.70 25.56
N GLY F 140 56.27 -5.01 24.46
CA GLY F 140 55.24 -3.99 24.49
C GLY F 140 53.97 -4.39 23.76
N GLY F 141 54.13 -5.09 22.64
CA GLY F 141 52.97 -5.49 21.86
C GLY F 141 52.25 -6.66 22.52
N GLY F 142 50.92 -6.63 22.46
CA GLY F 142 50.14 -7.68 23.09
C GLY F 142 50.42 -9.06 22.52
N THR F 143 50.40 -9.18 21.20
CA THR F 143 50.62 -10.47 20.55
C THR F 143 51.95 -11.07 20.98
N GLY F 144 53.05 -10.36 20.67
CA GLY F 144 54.38 -10.81 21.02
C GLY F 144 54.51 -11.12 22.49
N SER F 145 54.27 -10.14 23.35
CA SER F 145 54.39 -10.33 24.79
C SER F 145 53.64 -11.57 25.25
N GLY F 146 52.33 -11.57 25.08
CA GLY F 146 51.49 -12.64 25.58
C GLY F 146 51.84 -14.00 25.04
N MET F 147 51.85 -14.14 23.71
CA MET F 147 52.12 -15.45 23.13
C MET F 147 53.51 -15.94 23.50
N GLY F 148 54.52 -15.07 23.41
CA GLY F 148 55.86 -15.49 23.72
C GLY F 148 56.03 -15.91 25.18
N THR F 149 55.43 -15.17 26.11
CA THR F 149 55.61 -15.53 27.51
C THR F 149 54.86 -16.82 27.83
N LEU F 150 53.67 -17.02 27.26
CA LEU F 150 52.98 -18.27 27.48
C LEU F 150 53.76 -19.44 26.89
N LEU F 151 54.37 -19.23 25.74
CA LEU F 151 55.15 -20.29 25.10
C LEU F 151 56.38 -20.61 25.92
N ILE F 152 57.07 -19.59 26.43
CA ILE F 152 58.22 -19.82 27.31
C ILE F 152 57.79 -20.59 28.54
N SER F 153 56.65 -20.21 29.13
CA SER F 153 56.11 -20.95 30.25
C SER F 153 55.98 -22.42 29.91
N LYS F 154 55.34 -22.72 28.79
CA LYS F 154 55.08 -24.12 28.45
C LYS F 154 56.36 -24.88 28.17
N VAL F 155 57.33 -24.25 27.50
CA VAL F 155 58.53 -24.99 27.13
C VAL F 155 59.45 -25.20 28.34
N ARG F 156 59.55 -24.21 29.22
CA ARG F 156 60.33 -24.46 30.43
C ARG F 156 59.57 -25.34 31.42
N GLU F 157 58.28 -25.54 31.22
CA GLU F 157 57.60 -26.63 31.91
C GLU F 157 57.80 -27.96 31.21
N GLU F 158 58.24 -27.93 29.95
CA GLU F 158 58.45 -29.15 29.18
C GLU F 158 59.89 -29.65 29.25
N TYR F 159 60.86 -28.82 28.83
CA TYR F 159 62.27 -29.21 28.88
C TYR F 159 63.03 -28.40 29.91
N PRO F 160 62.98 -28.75 31.18
CA PRO F 160 63.62 -27.94 32.21
C PRO F 160 65.14 -27.98 32.18
N ASP F 161 65.75 -28.76 31.30
CA ASP F 161 67.19 -28.90 31.26
C ASP F 161 67.87 -28.00 30.25
N ARG F 162 67.22 -27.71 29.14
CA ARG F 162 67.82 -26.85 28.11
C ARG F 162 67.69 -25.39 28.51
N ILE F 163 68.24 -24.50 27.70
CA ILE F 163 68.22 -23.08 27.99
C ILE F 163 67.29 -22.39 26.99
N MET F 164 66.79 -21.22 27.39
CA MET F 164 65.90 -20.40 26.57
C MET F 164 66.48 -18.99 26.48
N GLU F 165 67.24 -18.73 25.42
CA GLU F 165 67.66 -17.37 25.13
C GLU F 165 66.50 -16.61 24.47
N THR F 166 66.39 -15.32 24.77
CA THR F 166 65.38 -14.47 24.14
C THR F 166 66.02 -13.16 23.74
N PHE F 167 66.08 -12.88 22.43
CA PHE F 167 66.50 -11.59 21.93
C PHE F 167 65.31 -10.63 21.90
N SER F 168 64.71 -10.46 23.06
CA SER F 168 63.47 -9.71 23.20
C SER F 168 63.75 -8.24 23.44
N VAL F 169 63.17 -7.37 22.61
CA VAL F 169 63.32 -5.93 22.77
C VAL F 169 62.54 -5.49 23.99
N VAL F 170 62.76 -4.27 24.45
CA VAL F 170 62.03 -3.72 25.59
C VAL F 170 61.28 -2.48 25.15
N PRO F 171 60.35 -1.97 25.95
CA PRO F 171 59.72 -0.69 25.63
C PRO F 171 60.75 0.43 25.58
N SER F 172 60.69 1.21 24.51
CA SER F 172 61.57 2.36 24.35
C SER F 172 61.42 3.30 25.54
N PRO F 173 62.52 3.74 26.14
CA PRO F 173 62.41 4.61 27.33
C PRO F 173 61.64 5.89 27.08
N LYS F 174 62.10 6.68 26.09
CA LYS F 174 61.53 8.00 25.86
C LYS F 174 60.54 8.00 24.70
N VAL F 175 60.97 7.51 23.54
CA VAL F 175 60.15 7.57 22.33
C VAL F 175 59.10 6.46 22.33
N SER F 176 57.92 6.78 22.84
CA SER F 176 56.84 5.81 22.93
C SER F 176 55.97 5.86 21.67
N ASP F 177 55.52 4.68 21.23
CA ASP F 177 54.62 4.56 20.10
C ASP F 177 53.31 3.89 20.47
N THR F 178 53.18 3.38 21.69
CA THR F 178 51.95 2.79 22.18
C THR F 178 51.62 3.41 23.53
N VAL F 179 50.39 3.19 23.99
CA VAL F 179 49.93 3.78 25.24
C VAL F 179 49.71 2.74 26.33
N VAL F 180 49.57 1.46 25.97
CA VAL F 180 49.33 0.41 26.95
C VAL F 180 50.66 -0.31 27.17
N GLU F 181 51.75 0.40 26.91
CA GLU F 181 53.08 -0.20 26.97
C GLU F 181 53.45 -0.71 28.35
N PRO F 182 53.47 0.12 29.41
CA PRO F 182 53.98 -0.37 30.70
C PRO F 182 53.23 -1.57 31.23
N TYR F 183 51.92 -1.66 31.00
CA TYR F 183 51.17 -2.84 31.41
C TYR F 183 51.76 -4.10 30.78
N ASN F 184 51.97 -4.07 29.47
CA ASN F 184 52.51 -5.23 28.78
C ASN F 184 53.92 -5.54 29.26
N ALA F 185 54.75 -4.51 29.40
CA ALA F 185 56.12 -4.71 29.85
C ALA F 185 56.16 -5.41 31.19
N THR F 186 55.41 -4.91 32.16
CA THR F 186 55.43 -5.52 33.49
C THR F 186 54.83 -6.91 33.48
N LEU F 187 53.70 -7.09 32.78
CA LEU F 187 53.05 -8.39 32.74
C LEU F 187 53.83 -9.45 31.98
N SER F 188 54.85 -9.05 31.21
CA SER F 188 55.75 -10.04 30.63
C SER F 188 57.04 -10.21 31.40
N VAL F 189 57.55 -9.14 32.04
CA VAL F 189 58.74 -9.29 32.86
C VAL F 189 58.46 -10.18 34.06
N HIS F 190 57.23 -10.11 34.60
CA HIS F 190 56.89 -10.93 35.76
C HIS F 190 57.11 -12.42 35.52
N GLN F 191 57.15 -12.83 34.26
CA GLN F 191 57.44 -14.22 33.90
C GLN F 191 58.86 -14.40 33.39
N LEU F 192 59.33 -13.51 32.51
CA LEU F 192 60.68 -13.64 31.99
C LEU F 192 61.73 -13.56 33.08
N VAL F 193 61.41 -12.96 34.23
CA VAL F 193 62.34 -13.02 35.35
C VAL F 193 62.40 -14.44 35.91
N GLU F 194 61.33 -15.20 35.76
CA GLU F 194 61.22 -16.52 36.39
C GLU F 194 61.77 -17.63 35.50
N ASN F 195 61.34 -17.70 34.25
CA ASN F 195 61.63 -18.88 33.43
C ASN F 195 62.41 -18.55 32.17
N ALA F 196 63.46 -17.72 32.29
CA ALA F 196 64.35 -17.42 31.18
C ALA F 196 65.79 -17.56 31.66
N ASP F 197 66.71 -17.60 30.71
CA ASP F 197 68.12 -17.73 31.02
C ASP F 197 68.99 -16.61 30.47
N GLU F 198 68.77 -16.19 29.23
CA GLU F 198 69.50 -15.07 28.64
C GLU F 198 68.47 -14.17 27.98
N CYS F 199 67.91 -13.25 28.75
CA CYS F 199 66.91 -12.34 28.22
C CYS F 199 67.63 -11.08 27.74
N MET F 200 68.26 -11.20 26.57
CA MET F 200 68.96 -10.06 26.01
C MET F 200 67.95 -9.00 25.61
N VAL F 201 68.14 -7.78 26.12
CA VAL F 201 67.16 -6.71 25.96
C VAL F 201 67.70 -5.67 25.00
N ILE F 202 66.80 -5.15 24.16
CA ILE F 202 67.15 -4.17 23.13
C ILE F 202 66.07 -3.09 23.13
N ASP F 203 66.51 -1.84 22.99
CA ASP F 203 65.60 -0.70 23.07
C ASP F 203 65.78 0.20 21.86
N ASN F 204 64.66 0.63 21.27
CA ASN F 204 64.71 1.37 20.02
C ASN F 204 65.44 2.70 20.18
N GLU F 205 65.37 3.31 21.36
CA GLU F 205 66.01 4.60 21.56
C GLU F 205 67.52 4.50 21.38
N ALA F 206 68.14 3.50 22.01
CA ALA F 206 69.58 3.32 21.85
C ALA F 206 69.93 2.92 20.42
N LEU F 207 69.04 2.22 19.73
CA LEU F 207 69.31 1.86 18.35
C LEU F 207 69.32 3.11 17.46
N TYR F 208 68.39 4.03 17.69
CA TYR F 208 68.45 5.31 16.99
C TYR F 208 69.69 6.09 17.39
N ASP F 209 70.08 6.01 18.65
CA ASP F 209 71.30 6.70 19.09
C ASP F 209 72.51 6.20 18.32
N ILE F 210 72.65 4.88 18.19
CA ILE F 210 73.75 4.31 17.41
C ILE F 210 73.64 4.74 15.96
N CYS F 211 72.48 4.53 15.34
CA CYS F 211 72.31 4.83 13.93
C CYS F 211 72.45 6.32 13.63
N PHE F 212 72.42 7.18 14.66
CA PHE F 212 72.56 8.61 14.45
C PHE F 212 73.88 9.18 14.94
N ARG F 213 74.66 8.42 15.68
CA ARG F 213 75.91 8.94 16.23
C ARG F 213 77.11 8.06 15.95
N THR F 214 76.91 6.78 15.71
CA THR F 214 78.02 5.88 15.40
C THR F 214 78.14 5.58 13.92
N LEU F 215 77.05 5.75 13.16
CA LEU F 215 77.08 5.52 11.74
C LEU F 215 76.72 6.76 10.92
N LYS F 216 76.28 7.84 11.56
CA LYS F 216 75.95 9.08 10.87
C LYS F 216 74.97 8.86 9.73
N LEU F 217 74.08 7.89 9.91
CA LEU F 217 73.02 7.65 8.93
C LEU F 217 72.08 8.84 8.87
N THR F 218 71.17 8.82 7.91
CA THR F 218 70.24 9.92 7.75
C THR F 218 68.81 9.49 7.47
N THR F 219 68.51 8.19 7.37
CA THR F 219 67.14 7.71 7.15
C THR F 219 67.04 6.29 7.68
N PRO F 220 66.90 6.13 9.00
CA PRO F 220 66.81 4.77 9.56
C PRO F 220 65.38 4.25 9.48
N THR F 221 65.22 3.17 8.72
CA THR F 221 63.97 2.44 8.68
C THR F 221 64.11 1.19 9.54
N TYR F 222 62.99 0.67 10.00
CA TYR F 222 63.00 -0.49 10.90
C TYR F 222 63.84 -1.62 10.34
N GLY F 223 63.94 -1.70 9.01
CA GLY F 223 64.83 -2.69 8.41
C GLY F 223 66.26 -2.57 8.89
N ASP F 224 66.74 -1.33 9.08
CA ASP F 224 68.14 -1.14 9.43
C ASP F 224 68.41 -1.45 10.90
N LEU F 225 67.51 -1.03 11.79
CA LEU F 225 67.61 -1.44 13.18
C LEU F 225 67.60 -2.95 13.30
N ASN F 226 66.71 -3.60 12.55
CA ASN F 226 66.66 -5.05 12.58
C ASN F 226 67.93 -5.67 12.03
N HIS F 227 68.50 -5.07 10.98
CA HIS F 227 69.77 -5.55 10.46
C HIS F 227 70.85 -5.50 11.55
N LEU F 228 70.93 -4.38 12.27
CA LEU F 228 71.93 -4.24 13.32
C LEU F 228 71.75 -5.29 14.41
N VAL F 229 70.52 -5.39 14.93
CA VAL F 229 70.30 -6.32 16.04
C VAL F 229 70.49 -7.76 15.57
N SER F 230 70.19 -8.06 14.31
CA SER F 230 70.37 -9.41 13.82
C SER F 230 71.85 -9.74 13.63
N ALA F 231 72.64 -8.77 13.17
CA ALA F 231 74.08 -8.99 13.09
C ALA F 231 74.66 -9.27 14.46
N ALA F 232 74.25 -8.50 15.47
CA ALA F 232 74.71 -8.78 16.83
C ALA F 232 74.25 -10.15 17.29
N MET F 233 73.02 -10.54 16.93
CA MET F 233 72.51 -11.85 17.26
C MET F 233 73.41 -12.94 16.69
N SER F 234 73.75 -12.82 15.41
CA SER F 234 74.66 -13.77 14.80
C SER F 234 75.98 -13.84 15.56
N GLY F 235 76.59 -12.68 15.78
CA GLY F 235 77.88 -12.63 16.45
C GLY F 235 77.86 -13.26 17.83
N VAL F 236 76.73 -13.20 18.52
CA VAL F 236 76.65 -13.76 19.87
C VAL F 236 76.99 -15.25 19.86
N THR F 237 76.41 -16.00 18.92
CA THR F 237 76.56 -17.45 18.90
C THR F 237 77.47 -17.94 17.79
N CYS F 238 78.13 -17.03 17.06
CA CYS F 238 79.02 -17.47 15.99
C CYS F 238 80.35 -18.03 16.49
N CYS F 239 80.51 -18.23 17.80
CA CYS F 239 81.65 -18.96 18.32
C CYS F 239 81.37 -20.46 18.43
N LEU F 240 80.22 -20.90 17.93
CA LEU F 240 79.81 -22.29 17.96
C LEU F 240 79.79 -22.93 16.58
N ARG F 241 79.28 -22.21 15.57
CA ARG F 241 79.21 -22.77 14.23
C ARG F 241 80.60 -22.99 13.64
N PHE F 242 81.59 -22.30 14.15
CA PHE F 242 82.92 -22.31 13.56
C PHE F 242 83.96 -22.76 14.58
N PRO F 243 85.13 -23.21 14.11
CA PRO F 243 86.21 -23.53 15.04
C PRO F 243 86.66 -22.30 15.81
N GLY F 244 87.41 -22.54 16.88
CA GLY F 244 87.92 -21.46 17.69
C GLY F 244 89.17 -21.83 18.44
N GLN F 245 90.18 -20.95 18.40
CA GLN F 245 91.36 -21.14 19.24
C GLN F 245 90.96 -21.40 20.67
N LEU F 246 89.87 -20.77 21.12
CA LEU F 246 89.22 -21.07 22.40
C LEU F 246 87.72 -20.98 22.13
N ASN F 247 87.11 -22.12 21.82
CA ASN F 247 85.71 -22.12 21.41
C ASN F 247 84.80 -21.77 22.59
N SER F 248 83.51 -21.67 22.31
CA SER F 248 82.51 -21.42 23.33
C SER F 248 81.14 -21.75 22.74
N ASP F 249 80.11 -21.63 23.57
CA ASP F 249 78.75 -21.88 23.14
C ASP F 249 77.81 -21.16 24.10
N LEU F 250 76.53 -21.53 24.07
CA LEU F 250 75.53 -20.84 24.89
C LEU F 250 75.74 -21.11 26.38
N ARG F 251 75.98 -22.36 26.74
CA ARG F 251 76.05 -22.70 28.16
C ARG F 251 77.31 -22.12 28.82
N LYS F 252 78.39 -21.93 28.06
CA LYS F 252 79.54 -21.24 28.62
C LYS F 252 79.17 -19.82 29.02
N LEU F 253 78.47 -19.10 28.14
CA LEU F 253 77.94 -17.79 28.51
C LEU F 253 77.05 -17.90 29.73
N ALA F 254 76.13 -18.86 29.73
CA ALA F 254 75.18 -18.99 30.83
C ALA F 254 75.88 -19.26 32.16
N VAL F 255 77.06 -19.88 32.13
CA VAL F 255 77.78 -20.15 33.36
C VAL F 255 78.59 -18.93 33.79
N ASN F 256 79.22 -18.25 32.83
CA ASN F 256 80.12 -17.16 33.16
C ASN F 256 79.42 -15.81 33.30
N LEU F 257 78.10 -15.75 33.15
CA LEU F 257 77.47 -14.44 33.05
C LEU F 257 76.39 -14.17 34.08
N ILE F 258 75.87 -15.18 34.78
CA ILE F 258 74.85 -14.95 35.79
C ILE F 258 75.37 -15.47 37.13
N PRO F 259 75.76 -14.58 38.05
CA PRO F 259 76.15 -15.07 39.38
C PRO F 259 74.99 -15.63 40.17
N PHE F 260 73.89 -14.93 40.22
CA PHE F 260 72.72 -15.39 40.93
C PHE F 260 71.60 -15.69 39.95
N PRO F 261 70.77 -16.69 40.22
CA PRO F 261 69.94 -17.26 39.16
C PRO F 261 68.89 -16.33 38.56
N ARG F 262 68.88 -15.05 38.96
CA ARG F 262 67.87 -14.14 38.46
C ARG F 262 68.41 -12.87 37.80
N LEU F 263 69.71 -12.59 37.91
CA LEU F 263 70.29 -11.42 37.24
C LEU F 263 70.71 -11.80 35.82
N HIS F 264 69.71 -12.15 35.02
CA HIS F 264 69.99 -12.68 33.69
C HIS F 264 69.38 -11.83 32.58
N PHE F 265 69.56 -10.51 32.67
CA PHE F 265 69.15 -9.58 31.63
C PHE F 265 70.38 -8.80 31.18
N PHE F 266 70.77 -8.98 29.92
CA PHE F 266 72.10 -8.59 29.46
C PHE F 266 72.04 -7.28 28.68
N MET F 267 73.22 -6.82 28.26
CA MET F 267 73.37 -5.73 27.30
C MET F 267 74.17 -6.25 26.12
N ILE F 268 73.90 -5.69 24.95
CA ILE F 268 74.48 -6.16 23.70
C ILE F 268 75.18 -5.01 23.00
N GLY F 269 76.36 -5.29 22.46
CA GLY F 269 77.08 -4.31 21.66
C GLY F 269 77.81 -5.00 20.53
N PHE F 270 78.08 -4.24 19.48
CA PHE F 270 78.71 -4.78 18.28
C PHE F 270 79.88 -3.88 17.88
N ALA F 271 80.79 -4.43 17.10
CA ALA F 271 81.88 -3.65 16.54
C ALA F 271 82.46 -4.42 15.36
N PRO F 272 82.98 -3.71 14.34
CA PRO F 272 83.11 -2.27 14.23
C PRO F 272 81.95 -1.62 13.50
N LEU F 273 81.79 -0.30 13.67
CA LEU F 273 80.73 0.45 13.02
C LEU F 273 81.31 1.76 12.54
N THR F 274 81.12 2.06 11.26
CA THR F 274 81.73 3.24 10.66
C THR F 274 80.88 3.75 9.51
N SER F 275 80.88 5.08 9.35
CA SER F 275 80.20 5.73 8.25
C SER F 275 81.11 5.70 7.01
N ARG F 276 80.77 6.50 6.00
CA ARG F 276 81.62 6.56 4.81
C ARG F 276 83.00 7.13 5.14
N GLY F 277 83.03 8.33 5.72
CA GLY F 277 84.28 9.00 6.02
C GLY F 277 85.23 8.19 6.89
N SER F 278 84.77 7.83 8.09
CA SER F 278 85.64 7.09 9.01
C SER F 278 86.11 5.78 8.38
N GLN F 279 85.23 5.11 7.64
CA GLN F 279 85.64 3.91 6.92
C GLN F 279 86.74 4.22 5.92
N GLN F 280 86.72 5.42 5.35
CA GLN F 280 87.78 5.81 4.44
C GLN F 280 89.03 6.27 5.17
N TYR F 281 88.95 6.53 6.47
CA TYR F 281 90.06 7.07 7.23
C TYR F 281 90.63 6.12 8.27
N ARG F 282 89.80 5.58 9.15
CA ARG F 282 90.31 4.83 10.30
C ARG F 282 90.90 3.49 9.87
N ALA F 283 91.39 2.74 10.85
CA ALA F 283 92.02 1.45 10.62
C ALA F 283 91.63 0.48 11.73
N LEU F 284 91.36 -0.76 11.36
CA LEU F 284 90.86 -1.77 12.29
C LEU F 284 92.02 -2.50 12.94
N THR F 285 92.23 -2.26 14.23
CA THR F 285 93.15 -3.01 15.06
C THR F 285 92.49 -3.25 16.41
N VAL F 286 92.91 -4.33 17.07
CA VAL F 286 92.33 -4.75 18.34
C VAL F 286 92.25 -3.60 19.35
N PRO F 287 93.25 -2.72 19.45
CA PRO F 287 93.07 -1.55 20.33
C PRO F 287 91.85 -0.72 19.99
N GLU F 288 91.69 -0.36 18.71
CA GLU F 288 90.58 0.50 18.33
C GLU F 288 89.24 -0.21 18.53
N LEU F 289 89.17 -1.49 18.19
CA LEU F 289 87.94 -2.23 18.39
C LEU F 289 87.58 -2.29 19.87
N THR F 290 88.57 -2.53 20.73
CA THR F 290 88.30 -2.56 22.16
C THR F 290 87.80 -1.22 22.66
N GLN F 291 88.49 -0.14 22.28
CA GLN F 291 88.08 1.19 22.74
C GLN F 291 86.71 1.57 22.22
N GLN F 292 86.34 1.09 21.02
CA GLN F 292 85.02 1.35 20.48
C GLN F 292 83.94 0.50 21.13
N MET F 293 84.28 -0.69 21.60
CA MET F 293 83.30 -1.60 22.17
C MET F 293 82.86 -1.20 23.57
N PHE F 294 83.83 -0.92 24.45
CA PHE F 294 83.55 -0.68 25.86
C PHE F 294 83.12 0.76 26.14
N ASP F 295 82.68 1.50 25.13
CA ASP F 295 82.19 2.85 25.35
C ASP F 295 80.74 2.77 25.83
N ALA F 296 80.06 3.92 25.91
CA ALA F 296 78.69 3.94 26.39
C ALA F 296 77.69 3.75 25.25
N LYS F 297 77.82 4.55 24.20
CA LYS F 297 76.85 4.58 23.11
C LYS F 297 77.30 3.74 21.93
N ASN F 298 77.95 2.61 22.21
CA ASN F 298 78.15 1.55 21.23
C ASN F 298 77.29 0.34 21.54
N MET F 299 76.32 0.47 22.45
CA MET F 299 75.49 -0.63 22.90
C MET F 299 74.02 -0.35 22.59
N MET F 300 73.17 -1.31 22.95
CA MET F 300 71.77 -1.33 22.57
C MET F 300 70.88 -1.35 23.80
N CYS F 301 71.20 -0.49 24.77
CA CYS F 301 70.42 -0.36 25.99
C CYS F 301 70.58 1.05 26.52
N ALA F 302 69.47 1.74 26.73
CA ALA F 302 69.53 3.13 27.20
C ALA F 302 69.79 3.16 28.70
N ALA F 303 70.87 2.49 29.12
CA ALA F 303 71.36 2.56 30.49
C ALA F 303 72.86 2.83 30.39
N ASP F 304 73.25 4.09 30.59
CA ASP F 304 74.65 4.48 30.49
C ASP F 304 75.48 3.64 31.44
N PRO F 305 76.32 2.74 30.93
CA PRO F 305 76.97 1.76 31.80
C PRO F 305 77.80 2.37 32.90
N ARG F 306 78.27 3.61 32.72
CA ARG F 306 78.99 4.27 33.80
C ARG F 306 78.10 4.53 35.00
N HIS F 307 76.79 4.66 34.78
CA HIS F 307 75.85 4.78 35.89
C HIS F 307 75.69 3.48 36.66
N GLY F 308 76.36 2.42 36.25
CA GLY F 308 76.38 1.18 37.00
C GLY F 308 77.74 0.51 36.89
N ARG F 309 77.79 -0.79 37.17
CA ARG F 309 78.99 -1.57 36.97
C ARG F 309 78.62 -2.83 36.21
N TYR F 310 79.62 -3.57 35.77
CA TYR F 310 79.40 -4.84 35.09
C TYR F 310 79.65 -5.96 36.10
N LEU F 311 78.57 -6.63 36.50
CA LEU F 311 78.74 -7.89 37.23
C LEU F 311 79.69 -8.80 36.48
N THR F 312 79.50 -8.90 35.16
CA THR F 312 80.41 -9.65 34.31
C THR F 312 80.11 -9.29 32.87
N ALA F 313 81.05 -9.61 31.98
CA ALA F 313 80.89 -9.24 30.59
C ALA F 313 81.80 -10.10 29.74
N SER F 314 81.22 -10.74 28.71
CA SER F 314 81.98 -11.53 27.76
C SER F 314 82.23 -10.74 26.49
N ALA F 315 83.39 -10.98 25.89
CA ALA F 315 83.76 -10.37 24.63
C ALA F 315 84.12 -11.48 23.65
N LEU F 316 83.31 -11.65 22.63
CA LEU F 316 83.55 -12.63 21.58
C LEU F 316 84.25 -11.94 20.42
N PHE F 317 85.41 -12.46 20.05
CA PHE F 317 86.16 -11.92 18.92
C PHE F 317 86.05 -12.87 17.74
N ARG F 318 86.15 -12.32 16.54
CA ARG F 318 86.00 -13.11 15.33
C ARG F 318 86.98 -12.59 14.29
N GLY F 319 87.65 -13.52 13.61
CA GLY F 319 88.70 -13.17 12.67
C GLY F 319 90.00 -13.83 13.05
N ARG F 320 91.11 -13.39 12.45
CA ARG F 320 92.43 -13.89 12.78
C ARG F 320 93.20 -12.80 13.50
N MET F 321 93.25 -12.88 14.82
CA MET F 321 93.95 -11.89 15.63
C MET F 321 95.03 -12.56 16.48
N SER F 322 95.63 -11.80 17.37
CA SER F 322 96.68 -12.30 18.26
C SER F 322 96.07 -12.45 19.65
N THR F 323 95.86 -13.70 20.07
CA THR F 323 95.18 -13.94 21.34
C THR F 323 95.83 -13.21 22.50
N LYS F 324 97.16 -13.03 22.46
CA LYS F 324 97.81 -12.29 23.52
C LYS F 324 97.35 -10.85 23.55
N GLU F 325 97.18 -10.24 22.37
CA GLU F 325 96.68 -8.87 22.32
C GLU F 325 95.27 -8.80 22.91
N VAL F 326 94.41 -9.75 22.54
CA VAL F 326 93.05 -9.77 23.07
C VAL F 326 93.06 -9.84 24.59
N ASP F 327 93.76 -10.83 25.14
CA ASP F 327 93.69 -11.05 26.59
C ASP F 327 94.41 -9.94 27.35
N GLU F 328 95.54 -9.47 26.82
CA GLU F 328 96.23 -8.35 27.46
C GLU F 328 95.38 -7.10 27.46
N GLN F 329 94.63 -6.85 26.39
CA GLN F 329 93.78 -5.66 26.39
C GLN F 329 92.55 -5.84 27.26
N MET F 330 92.08 -7.08 27.43
CA MET F 330 91.05 -7.33 28.43
C MET F 330 91.55 -6.97 29.83
N LEU F 331 92.73 -7.47 30.20
CA LEU F 331 93.31 -7.10 31.49
C LEU F 331 93.52 -5.59 31.58
N ASN F 332 93.96 -4.96 30.49
CA ASN F 332 94.26 -3.53 30.52
C ASN F 332 92.99 -2.72 30.72
N VAL F 333 91.92 -3.06 30.01
CA VAL F 333 90.69 -2.30 30.15
C VAL F 333 90.02 -2.59 31.49
N GLN F 334 90.28 -3.75 32.08
CA GLN F 334 89.77 -3.99 33.43
C GLN F 334 90.54 -3.18 34.46
N ASN F 335 91.85 -3.08 34.31
CA ASN F 335 92.65 -2.32 35.27
C ASN F 335 92.54 -0.82 35.08
N LYS F 336 92.22 -0.37 33.88
CA LYS F 336 92.16 1.07 33.61
C LYS F 336 90.90 1.68 34.22
N ASN F 337 89.74 1.23 33.76
CA ASN F 337 88.46 1.68 34.32
C ASN F 337 88.04 0.76 35.47
N SER F 338 88.90 0.71 36.49
CA SER F 338 88.69 -0.22 37.59
C SER F 338 87.43 0.12 38.38
N SER F 339 87.10 1.41 38.48
CA SER F 339 85.93 1.80 39.25
C SER F 339 84.64 1.34 38.58
N TYR F 340 84.57 1.45 37.25
CA TYR F 340 83.34 1.10 36.55
C TYR F 340 83.04 -0.39 36.61
N PHE F 341 84.01 -1.22 36.99
CA PHE F 341 83.75 -2.64 37.16
C PHE F 341 83.39 -2.91 38.61
N VAL F 342 83.23 -4.19 38.95
CA VAL F 342 82.86 -4.60 40.30
C VAL F 342 84.00 -5.43 40.88
N GLU F 343 84.25 -5.28 42.17
CA GLU F 343 85.45 -5.82 42.79
C GLU F 343 85.26 -7.20 43.40
N TRP F 344 84.08 -7.50 43.92
CA TRP F 344 83.94 -8.79 44.59
C TRP F 344 83.81 -9.96 43.64
N ILE F 345 84.10 -9.75 42.36
CA ILE F 345 84.32 -10.84 41.41
C ILE F 345 85.61 -10.51 40.67
N PRO F 346 86.74 -11.11 41.03
CA PRO F 346 87.99 -10.79 40.36
C PRO F 346 87.96 -11.27 38.92
N ASN F 347 88.79 -10.62 38.10
CA ASN F 347 88.88 -10.86 36.66
C ASN F 347 87.49 -10.98 36.03
N ASN F 348 86.62 -10.05 36.41
CA ASN F 348 85.19 -10.11 36.06
C ASN F 348 84.93 -10.00 34.58
N ILE F 349 85.94 -9.91 33.71
CA ILE F 349 85.74 -9.86 32.28
C ILE F 349 86.16 -11.18 31.66
N LYS F 350 85.36 -11.67 30.73
CA LYS F 350 85.58 -12.96 30.10
C LYS F 350 85.77 -12.75 28.61
N SER F 351 86.61 -13.59 28.00
CA SER F 351 86.90 -13.48 26.58
C SER F 351 86.63 -14.81 25.89
N SER F 352 86.43 -14.72 24.58
CA SER F 352 86.29 -15.91 23.74
C SER F 352 86.66 -15.53 22.32
N ILE F 353 87.21 -16.48 21.58
CA ILE F 353 87.79 -16.19 20.27
C ILE F 353 87.33 -17.24 19.27
N CYS F 354 86.74 -16.80 18.18
CA CYS F 354 86.49 -17.64 17.01
C CYS F 354 87.57 -17.38 15.97
N ASP F 355 87.71 -18.34 15.05
CA ASP F 355 88.80 -18.30 14.07
C ASP F 355 88.33 -17.88 12.68
N ILE F 356 87.11 -17.39 12.54
CA ILE F 356 86.61 -16.96 11.24
C ILE F 356 85.79 -15.69 11.36
N PRO F 357 86.11 -14.65 10.59
CA PRO F 357 85.40 -13.39 10.70
C PRO F 357 84.07 -13.46 9.96
N PRO F 358 83.28 -12.37 9.94
CA PRO F 358 82.07 -12.37 9.14
C PRO F 358 82.34 -12.28 7.65
N LYS F 359 81.29 -12.20 6.84
CA LYS F 359 81.43 -12.08 5.40
C LYS F 359 81.75 -10.64 5.04
N GLY F 360 82.85 -10.44 4.32
CA GLY F 360 83.25 -9.11 3.89
C GLY F 360 84.06 -8.33 4.89
N LEU F 361 84.47 -8.94 6.00
CA LEU F 361 85.27 -8.28 7.03
C LEU F 361 86.56 -9.05 7.25
N LYS F 362 87.40 -8.51 8.14
CA LYS F 362 88.61 -9.19 8.58
C LYS F 362 88.74 -9.31 10.08
N MET F 363 87.87 -8.66 10.85
CA MET F 363 87.77 -8.87 12.29
C MET F 363 86.49 -8.22 12.78
N ALA F 364 85.96 -8.74 13.88
CA ALA F 364 84.70 -8.25 14.42
C ALA F 364 84.62 -8.65 15.88
N VAL F 365 83.74 -7.96 16.61
CA VAL F 365 83.64 -8.12 18.06
C VAL F 365 82.18 -8.02 18.48
N THR F 366 81.74 -8.96 19.31
CA THR F 366 80.40 -8.95 19.90
C THR F 366 80.55 -8.91 21.41
N PHE F 367 79.98 -7.90 22.03
CA PHE F 367 80.13 -7.65 23.46
C PHE F 367 78.81 -7.97 24.14
N VAL F 368 78.86 -8.79 25.19
CA VAL F 368 77.66 -9.23 25.90
C VAL F 368 77.90 -8.98 27.37
N GLY F 369 77.29 -7.92 27.92
CA GLY F 369 77.57 -7.55 29.28
C GLY F 369 76.41 -7.66 30.25
N ASN F 370 76.50 -8.58 31.19
CA ASN F 370 75.56 -8.63 32.31
C ASN F 370 76.03 -7.57 33.30
N SER F 371 75.45 -6.38 33.21
CA SER F 371 75.81 -5.24 34.03
C SER F 371 74.67 -4.89 34.96
N THR F 372 75.02 -4.23 36.07
CA THR F 372 74.04 -3.73 37.01
C THR F 372 73.55 -2.33 36.65
N ALA F 373 73.75 -1.91 35.40
CA ALA F 373 73.30 -0.60 34.96
C ALA F 373 71.89 -0.61 34.39
N ILE F 374 71.41 -1.76 33.90
CA ILE F 374 70.08 -1.83 33.33
C ILE F 374 69.00 -1.57 34.37
N GLN F 375 69.36 -1.62 35.65
CA GLN F 375 68.36 -1.43 36.70
C GLN F 375 67.60 -0.12 36.50
N GLU F 376 68.30 0.93 36.09
CA GLU F 376 67.66 2.22 35.83
C GLU F 376 66.45 2.04 34.91
N MET F 377 66.64 1.29 33.82
CA MET F 377 65.52 1.05 32.91
C MET F 377 64.35 0.42 33.65
N PHE F 378 64.61 -0.65 34.40
CA PHE F 378 63.54 -1.37 35.08
C PHE F 378 62.91 -0.50 36.16
N LYS F 379 63.41 0.72 36.33
CA LYS F 379 62.71 1.71 37.13
C LYS F 379 61.80 2.57 36.28
N ARG F 380 62.35 3.22 35.25
CA ARG F 380 61.59 4.23 34.52
C ARG F 380 60.30 3.65 33.96
N VAL F 381 60.41 2.57 33.17
CA VAL F 381 59.21 1.89 32.67
C VAL F 381 58.29 1.54 33.83
N ALA F 382 58.85 0.93 34.88
CA ALA F 382 58.05 0.60 36.05
C ALA F 382 57.37 1.84 36.61
N GLU F 383 58.12 2.94 36.70
CA GLU F 383 57.54 4.18 37.19
C GLU F 383 56.31 4.56 36.37
N GLN F 384 56.39 4.40 35.05
CA GLN F 384 55.24 4.65 34.19
C GLN F 384 54.02 3.89 34.68
N PHE F 385 54.19 2.59 34.92
CA PHE F 385 53.10 1.78 35.45
C PHE F 385 52.50 2.42 36.69
N THR F 386 53.36 2.90 37.60
CA THR F 386 52.86 3.45 38.85
C THR F 386 51.96 4.66 38.61
N ALA F 387 52.20 5.41 37.54
CA ALA F 387 51.36 6.56 37.25
C ALA F 387 50.20 6.23 36.34
N MET F 388 50.13 5.01 35.79
CA MET F 388 49.02 4.61 34.95
C MET F 388 48.15 3.55 35.59
N PHE F 389 48.53 3.03 36.75
CA PHE F 389 47.73 2.07 37.48
C PHE F 389 47.03 2.66 38.69
N ARG F 390 47.54 3.77 39.24
CA ARG F 390 46.89 4.41 40.36
C ARG F 390 45.53 5.00 39.99
N ARG F 391 45.21 5.07 38.70
CA ARG F 391 43.91 5.57 38.25
C ARG F 391 43.15 4.55 37.41
N LYS F 392 43.59 3.28 37.40
CA LYS F 392 42.97 2.24 36.59
C LYS F 392 42.89 2.63 35.12
N ALA F 393 43.84 3.43 34.66
CA ALA F 393 43.88 3.85 33.27
C ALA F 393 43.96 2.65 32.35
N PHE F 394 42.99 2.54 31.44
CA PHE F 394 42.90 1.46 30.47
C PHE F 394 42.85 0.08 31.12
N LEU F 395 42.60 0.03 32.43
CA LEU F 395 42.67 -1.22 33.15
C LEU F 395 41.45 -2.10 32.92
N HIS F 396 40.32 -1.52 32.52
CA HIS F 396 39.11 -2.31 32.37
C HIS F 396 39.22 -3.32 31.22
N TRP F 397 40.09 -3.07 30.25
CA TRP F 397 40.28 -4.03 29.17
C TRP F 397 40.84 -5.35 29.71
N TYR F 398 42.00 -5.29 30.35
CA TYR F 398 42.57 -6.49 30.97
C TYR F 398 41.66 -7.03 32.05
N THR F 399 40.95 -6.16 32.76
CA THR F 399 40.01 -6.64 33.78
C THR F 399 38.88 -7.44 33.15
N GLY F 400 38.55 -7.14 31.88
CA GLY F 400 37.44 -7.82 31.24
C GLY F 400 37.75 -9.20 30.70
N GLU F 401 39.01 -9.47 30.38
CA GLU F 401 39.38 -10.73 29.74
C GLU F 401 39.73 -11.82 30.74
N GLY F 402 39.57 -11.56 32.03
CA GLY F 402 39.76 -12.62 33.02
C GLY F 402 40.89 -12.38 33.99
N MET F 403 41.54 -11.22 33.91
CA MET F 403 42.63 -10.91 34.82
C MET F 403 42.09 -10.63 36.22
N ASP F 404 43.01 -10.40 37.15
CA ASP F 404 42.67 -9.99 38.50
C ASP F 404 43.69 -8.96 38.95
N GLU F 405 43.26 -8.05 39.82
CA GLU F 405 44.12 -6.95 40.23
C GLU F 405 45.40 -7.45 40.90
N MET F 406 45.30 -8.53 41.68
CA MET F 406 46.49 -9.09 42.30
C MET F 406 47.54 -9.43 41.25
N GLU F 407 47.10 -10.12 40.17
CA GLU F 407 48.01 -10.46 39.08
C GLU F 407 48.81 -9.24 38.62
N PHE F 408 48.23 -8.05 38.68
CA PHE F 408 48.99 -6.85 38.39
C PHE F 408 49.93 -6.50 39.54
N THR F 409 49.36 -6.26 40.72
CA THR F 409 50.11 -5.65 41.81
C THR F 409 51.37 -6.45 42.13
N GLU F 410 51.19 -7.74 42.46
CA GLU F 410 52.34 -8.58 42.78
C GLU F 410 53.37 -8.54 41.66
N ALA F 411 52.92 -8.59 40.41
CA ALA F 411 53.85 -8.50 39.28
C ALA F 411 54.72 -7.25 39.41
N GLU F 412 54.06 -6.10 39.59
CA GLU F 412 54.81 -4.87 39.83
C GLU F 412 55.82 -5.05 40.95
N SER F 413 55.35 -5.55 42.10
CA SER F 413 56.25 -5.76 43.22
C SER F 413 57.41 -6.64 42.80
N ASN F 414 57.10 -7.74 42.09
CA ASN F 414 58.16 -8.61 41.57
C ASN F 414 59.18 -7.80 40.80
N MET F 415 58.71 -7.00 39.84
CA MET F 415 59.60 -6.10 39.12
C MET F 415 60.46 -5.31 40.09
N ASN F 416 59.81 -4.62 41.04
CA ASN F 416 60.55 -3.91 42.08
C ASN F 416 61.58 -4.84 42.71
N ASP F 417 61.13 -5.98 43.25
CA ASP F 417 62.04 -6.93 43.84
C ASP F 417 63.26 -7.13 42.95
N LEU F 418 63.00 -7.47 41.68
CA LEU F 418 64.08 -7.72 40.74
C LEU F 418 65.09 -6.58 40.75
N VAL F 419 64.63 -5.37 40.47
CA VAL F 419 65.57 -4.26 40.38
C VAL F 419 66.28 -4.07 41.70
N SER F 420 65.55 -4.18 42.81
CA SER F 420 66.17 -4.00 44.11
C SER F 420 67.30 -4.98 44.30
N GLU F 421 67.11 -6.22 43.81
CA GLU F 421 68.14 -7.24 43.92
C GLU F 421 69.48 -6.69 43.45
N TYR F 422 69.50 -6.07 42.27
CA TYR F 422 70.74 -5.50 41.75
C TYR F 422 71.40 -4.64 42.82
N GLN F 423 70.67 -3.62 43.28
CA GLN F 423 71.19 -2.77 44.35
C GLN F 423 71.69 -3.61 45.51
N GLN F 424 70.83 -4.49 46.04
CA GLN F 424 71.17 -5.26 47.22
C GLN F 424 72.49 -6.00 47.05
N TYR F 425 72.82 -6.41 45.84
CA TYR F 425 74.09 -7.07 45.58
C TYR F 425 74.79 -6.43 44.40
N GLN F 426 74.84 -5.10 44.40
CA GLN F 426 75.78 -4.38 43.55
C GLN F 426 76.95 -3.82 44.35
N ASP F 427 76.65 -3.10 45.42
CA ASP F 427 77.67 -2.46 46.25
C ASP F 427 78.15 -3.34 47.40
N ALA F 428 77.84 -4.63 47.38
CA ALA F 428 78.25 -5.49 48.48
C ALA F 428 79.68 -6.00 48.28
N THR F 429 80.32 -6.34 49.39
CA THR F 429 81.67 -6.88 49.39
C THR F 429 81.91 -7.55 50.74
N ALA F 430 83.17 -7.90 51.01
CA ALA F 430 83.54 -8.51 52.29
C ALA F 430 84.93 -8.08 52.73
N MET G 1 -56.24 -7.06 -32.18
CA MET G 1 -56.94 -8.16 -31.53
C MET G 1 -57.26 -7.82 -30.07
N ARG G 2 -57.38 -6.53 -29.80
CA ARG G 2 -57.81 -6.04 -28.50
C ARG G 2 -58.59 -4.75 -28.76
N GLU G 3 -59.91 -4.85 -28.77
CA GLU G 3 -60.77 -3.85 -29.36
C GLU G 3 -61.72 -3.27 -28.32
N VAL G 4 -62.35 -2.15 -28.68
CA VAL G 4 -63.34 -1.51 -27.82
C VAL G 4 -64.63 -1.37 -28.61
N ILE G 5 -65.73 -1.31 -27.86
CA ILE G 5 -67.06 -1.02 -28.40
C ILE G 5 -67.51 0.31 -27.84
N SER G 6 -67.98 1.20 -28.72
CA SER G 6 -68.46 2.50 -28.30
C SER G 6 -69.94 2.64 -28.65
N ILE G 7 -70.72 3.17 -27.72
CA ILE G 7 -72.15 3.40 -27.92
C ILE G 7 -72.43 4.88 -27.70
N HIS G 8 -73.32 5.43 -28.53
CA HIS G 8 -73.65 6.85 -28.48
C HIS G 8 -75.16 6.97 -28.36
N VAL G 9 -75.65 6.95 -27.15
CA VAL G 9 -77.09 7.02 -26.87
C VAL G 9 -77.47 8.47 -26.62
N GLY G 10 -78.59 8.89 -27.19
CA GLY G 10 -79.13 10.20 -26.92
C GLY G 10 -78.62 11.26 -27.88
N GLN G 11 -78.80 12.51 -27.47
CA GLN G 11 -78.40 13.63 -28.30
C GLN G 11 -76.97 14.07 -28.04
N GLY G 12 -76.58 14.20 -26.77
CA GLY G 12 -75.18 14.54 -26.48
C GLY G 12 -74.24 13.48 -26.98
N GLY G 13 -74.57 12.21 -26.70
CA GLY G 13 -73.73 11.12 -27.14
C GLY G 13 -73.49 11.11 -28.63
N ILE G 14 -74.54 11.31 -29.42
CA ILE G 14 -74.39 11.18 -30.86
C ILE G 14 -73.56 12.33 -31.42
N GLN G 15 -73.71 13.53 -30.86
CA GLN G 15 -72.91 14.66 -31.31
C GLN G 15 -71.43 14.45 -30.98
N VAL G 16 -71.13 14.12 -29.71
CA VAL G 16 -69.74 13.95 -29.33
C VAL G 16 -69.14 12.77 -30.08
N GLY G 17 -69.95 11.75 -30.38
CA GLY G 17 -69.44 10.62 -31.14
C GLY G 17 -69.21 10.96 -32.60
N ASN G 18 -70.04 11.83 -33.16
CA ASN G 18 -69.79 12.35 -34.50
C ASN G 18 -68.42 12.98 -34.56
N ALA G 19 -68.15 13.93 -33.66
CA ALA G 19 -66.85 14.59 -33.66
C ALA G 19 -65.72 13.59 -33.37
N CYS G 20 -65.96 12.64 -32.48
CA CYS G 20 -64.91 11.71 -32.09
C CYS G 20 -64.55 10.75 -33.22
N TRP G 21 -65.55 10.26 -33.95
CA TRP G 21 -65.24 9.42 -35.09
C TRP G 21 -64.60 10.23 -36.21
N GLU G 22 -64.95 11.52 -36.34
CA GLU G 22 -64.21 12.36 -37.27
C GLU G 22 -62.73 12.36 -36.91
N LEU G 23 -62.42 12.57 -35.63
CA LEU G 23 -61.03 12.56 -35.19
C LEU G 23 -60.37 11.20 -35.44
N PHE G 24 -61.07 10.11 -35.15
CA PHE G 24 -60.48 8.79 -35.32
C PHE G 24 -60.18 8.49 -36.79
N CYS G 25 -61.12 8.80 -37.67
CA CYS G 25 -60.83 8.68 -39.10
C CYS G 25 -59.64 9.54 -39.48
N LEU G 26 -59.52 10.72 -38.88
CA LEU G 26 -58.37 11.57 -39.18
C LEU G 26 -57.07 10.89 -38.77
N GLU G 27 -57.06 10.20 -37.63
CA GLU G 27 -55.82 9.67 -37.10
C GLU G 27 -55.36 8.42 -37.84
N HIS G 28 -56.21 7.41 -37.90
CA HIS G 28 -55.78 6.16 -38.52
C HIS G 28 -55.68 6.24 -40.02
N GLY G 29 -55.74 7.42 -40.62
CA GLY G 29 -55.64 7.55 -42.06
C GLY G 29 -56.86 7.09 -42.83
N ILE G 30 -57.89 6.59 -42.14
CA ILE G 30 -59.09 6.12 -42.83
C ILE G 30 -59.85 7.31 -43.38
N GLN G 31 -60.22 7.21 -44.65
CA GLN G 31 -60.86 8.29 -45.37
C GLN G 31 -62.37 8.22 -45.23
N PRO G 32 -63.06 9.34 -45.42
CA PRO G 32 -64.53 9.31 -45.43
C PRO G 32 -65.11 8.25 -46.35
N ASP G 33 -64.40 7.90 -47.41
CA ASP G 33 -64.82 6.79 -48.28
C ASP G 33 -64.84 5.46 -47.55
N GLY G 34 -64.21 5.36 -46.39
CA GLY G 34 -64.04 4.09 -45.71
C GLY G 34 -62.87 3.28 -46.18
N GLN G 35 -62.10 3.78 -47.14
CA GLN G 35 -60.90 3.13 -47.62
C GLN G 35 -59.66 3.84 -47.08
N MET G 36 -58.56 3.09 -47.01
CA MET G 36 -57.29 3.65 -46.59
C MET G 36 -56.28 3.43 -47.69
N PRO G 37 -55.57 4.47 -48.12
CA PRO G 37 -54.57 4.31 -49.19
C PRO G 37 -53.47 3.36 -48.76
N ALA G 48 -53.35 -0.89 -37.20
CA ALA G 48 -53.60 -0.08 -35.99
C ALA G 48 -55.06 0.08 -35.64
N PHE G 49 -55.99 -0.08 -36.58
CA PHE G 49 -57.39 0.26 -36.39
C PHE G 49 -58.19 -0.81 -35.67
N ASN G 50 -57.59 -1.96 -35.37
CA ASN G 50 -58.38 -3.07 -34.86
C ASN G 50 -59.06 -2.75 -33.54
N THR G 51 -58.64 -1.70 -32.86
CA THR G 51 -59.33 -1.30 -31.64
C THR G 51 -60.71 -0.74 -31.95
N PHE G 52 -60.79 0.23 -32.85
CA PHE G 52 -62.06 0.86 -33.21
C PHE G 52 -62.67 0.26 -34.47
N PHE G 53 -61.94 0.30 -35.58
CA PHE G 53 -62.52 -0.07 -36.86
C PHE G 53 -62.48 -1.58 -37.07
N SER G 54 -63.04 -2.02 -38.19
CA SER G 54 -62.94 -3.41 -38.60
C SER G 54 -62.95 -3.44 -40.12
N GLU G 55 -62.31 -4.47 -40.68
CA GLU G 55 -62.10 -4.56 -42.11
C GLU G 55 -63.13 -5.47 -42.75
N THR G 56 -63.76 -4.99 -43.81
CA THR G 56 -64.70 -5.80 -44.59
C THR G 56 -64.02 -6.43 -45.79
N GLY G 57 -62.93 -7.14 -45.55
CA GLY G 57 -62.25 -7.84 -46.63
C GLY G 57 -61.36 -7.03 -47.54
N ALA G 58 -61.90 -5.97 -48.15
CA ALA G 58 -61.15 -5.19 -49.14
C ALA G 58 -61.32 -3.70 -48.85
N GLY G 59 -60.45 -3.16 -48.00
CA GLY G 59 -60.32 -1.73 -47.84
C GLY G 59 -61.47 -1.04 -47.12
N LYS G 60 -62.69 -1.21 -47.64
CA LYS G 60 -63.82 -0.49 -47.09
C LYS G 60 -64.10 -0.96 -45.67
N HIS G 61 -63.74 -0.12 -44.70
CA HIS G 61 -63.83 -0.48 -43.29
C HIS G 61 -65.14 0.03 -42.70
N VAL G 62 -65.47 -0.51 -41.53
CA VAL G 62 -66.66 -0.07 -40.80
C VAL G 62 -66.29 0.10 -39.34
N PRO G 63 -66.78 1.14 -38.67
CA PRO G 63 -66.42 1.35 -37.26
C PRO G 63 -67.32 0.56 -36.31
N ARG G 64 -66.74 0.17 -35.19
CA ARG G 64 -67.44 -0.54 -34.12
C ARG G 64 -68.19 0.48 -33.27
N ALA G 65 -69.45 0.71 -33.60
CA ALA G 65 -70.27 1.61 -32.79
C ALA G 65 -71.72 1.46 -33.20
N VAL G 66 -72.61 1.78 -32.26
CA VAL G 66 -74.03 1.90 -32.53
C VAL G 66 -74.45 3.32 -32.19
N PHE G 67 -75.48 3.80 -32.89
CA PHE G 67 -75.93 5.17 -32.78
C PHE G 67 -77.41 5.17 -32.46
N LEU G 68 -77.77 5.61 -31.26
CA LEU G 68 -79.15 5.59 -30.81
C LEU G 68 -79.58 6.99 -30.38
N ASP G 69 -80.64 7.50 -31.01
CA ASP G 69 -81.32 8.71 -30.57
C ASP G 69 -82.67 8.69 -31.23
N LEU G 70 -83.74 8.57 -30.43
CA LEU G 70 -85.05 8.37 -31.03
C LEU G 70 -85.56 9.59 -31.77
N GLU G 71 -85.05 10.78 -31.46
CA GLU G 71 -85.36 11.92 -32.32
C GLU G 71 -84.61 11.74 -33.63
N PRO G 72 -85.32 11.55 -34.74
CA PRO G 72 -84.66 11.24 -36.01
C PRO G 72 -83.95 12.41 -36.65
N THR G 73 -83.78 13.53 -35.96
CA THR G 73 -83.19 14.71 -36.57
C THR G 73 -81.68 14.63 -36.63
N VAL G 74 -81.03 14.44 -35.47
CA VAL G 74 -79.58 14.48 -35.42
C VAL G 74 -78.98 13.27 -36.12
N ILE G 75 -79.62 12.11 -36.00
CA ILE G 75 -79.09 10.95 -36.72
C ILE G 75 -79.31 11.14 -38.22
N ASP G 76 -80.28 11.97 -38.61
CA ASP G 76 -80.41 12.31 -40.02
C ASP G 76 -79.29 13.25 -40.45
N GLU G 77 -78.98 14.23 -39.60
CA GLU G 77 -77.83 15.10 -39.85
C GLU G 77 -76.55 14.29 -40.03
N VAL G 78 -76.45 13.16 -39.35
CA VAL G 78 -75.34 12.24 -39.59
C VAL G 78 -75.51 11.53 -40.93
N ARG G 79 -76.70 10.98 -41.17
CA ARG G 79 -76.96 10.19 -42.37
C ARG G 79 -76.77 10.98 -43.65
N THR G 80 -76.82 12.31 -43.58
CA THR G 80 -76.60 13.13 -44.77
C THR G 80 -75.29 13.89 -44.69
N GLY G 81 -74.52 13.72 -43.62
CA GLY G 81 -73.29 14.46 -43.43
C GLY G 81 -72.16 13.97 -44.32
N THR G 82 -70.97 14.46 -44.02
CA THR G 82 -69.79 14.12 -44.81
C THR G 82 -69.33 12.69 -44.61
N TYR G 83 -69.96 11.94 -43.71
CA TYR G 83 -69.59 10.56 -43.42
C TYR G 83 -70.77 9.62 -43.67
N ARG G 84 -71.45 9.81 -44.79
CA ARG G 84 -72.57 8.93 -45.12
C ARG G 84 -72.10 7.54 -45.50
N GLN G 85 -70.90 7.41 -46.06
CA GLN G 85 -70.41 6.14 -46.58
C GLN G 85 -69.81 5.25 -45.51
N LEU G 86 -69.52 5.78 -44.32
CA LEU G 86 -68.70 5.04 -43.36
C LEU G 86 -69.53 4.14 -42.47
N PHE G 87 -70.45 4.70 -41.70
CA PHE G 87 -71.13 3.96 -40.67
C PHE G 87 -72.06 2.90 -41.28
N HIS G 88 -72.14 1.76 -40.60
CA HIS G 88 -72.97 0.66 -41.06
C HIS G 88 -74.43 1.08 -41.09
N PRO G 89 -75.10 1.03 -42.25
CA PRO G 89 -76.47 1.56 -42.34
C PRO G 89 -77.46 0.89 -41.40
N GLU G 90 -77.05 -0.17 -40.71
CA GLU G 90 -77.90 -0.81 -39.72
C GLU G 90 -77.58 -0.36 -38.30
N GLN G 91 -76.43 0.25 -38.07
CA GLN G 91 -76.10 0.79 -36.76
C GLN G 91 -76.55 2.22 -36.57
N LEU G 92 -77.56 2.65 -37.33
CA LEU G 92 -78.17 3.96 -37.18
C LEU G 92 -79.65 3.73 -36.88
N ILE G 93 -79.95 3.52 -35.60
CA ILE G 93 -81.30 3.23 -35.14
C ILE G 93 -81.89 4.51 -34.56
N SER G 94 -83.17 4.75 -34.86
CA SER G 94 -83.86 5.90 -34.28
C SER G 94 -85.36 5.66 -34.33
N GLY G 95 -86.03 5.94 -33.22
CA GLY G 95 -87.46 5.84 -33.16
C GLY G 95 -88.13 6.95 -33.95
N LYS G 96 -89.45 6.95 -33.89
CA LYS G 96 -90.26 7.89 -34.67
C LYS G 96 -90.80 9.03 -33.82
N GLU G 97 -90.31 9.20 -32.59
CA GLU G 97 -90.77 10.25 -31.70
C GLU G 97 -89.62 10.73 -30.83
N ASP G 98 -89.88 11.63 -29.90
CA ASP G 98 -88.86 12.12 -28.97
C ASP G 98 -89.22 11.69 -27.56
N ALA G 99 -88.33 12.01 -26.63
CA ALA G 99 -88.51 11.63 -25.23
C ALA G 99 -88.98 12.80 -24.36
N ALA G 100 -88.54 14.02 -24.63
CA ALA G 100 -88.97 15.22 -23.93
C ALA G 100 -88.55 15.20 -22.45
N ASN G 101 -87.29 14.84 -22.22
CA ASN G 101 -86.56 15.14 -20.99
C ASN G 101 -87.13 14.48 -19.75
N ASN G 102 -88.15 13.63 -19.87
CA ASN G 102 -88.62 12.86 -18.72
C ASN G 102 -88.17 11.42 -18.86
N PHE G 103 -87.94 10.77 -17.72
CA PHE G 103 -87.31 9.46 -17.71
C PHE G 103 -88.24 8.38 -18.26
N ALA G 104 -89.48 8.36 -17.78
CA ALA G 104 -90.41 7.28 -18.15
C ALA G 104 -90.61 7.19 -19.66
N ARG G 105 -90.46 8.31 -20.37
CA ARG G 105 -90.61 8.31 -21.81
C ARG G 105 -89.46 7.62 -22.54
N GLY G 106 -88.45 7.14 -21.82
CA GLY G 106 -87.34 6.49 -22.47
C GLY G 106 -86.88 5.25 -21.74
N HIS G 107 -87.64 4.83 -20.73
CA HIS G 107 -87.26 3.70 -19.90
C HIS G 107 -88.39 2.73 -19.61
N TYR G 108 -89.65 3.11 -19.77
CA TYR G 108 -90.76 2.21 -19.49
C TYR G 108 -91.61 1.93 -20.72
N THR G 109 -92.11 2.96 -21.41
CA THR G 109 -93.07 2.75 -22.49
C THR G 109 -92.45 2.86 -23.88
N ILE G 110 -91.88 4.02 -24.21
CA ILE G 110 -91.36 4.23 -25.54
C ILE G 110 -90.10 3.38 -25.76
N GLY G 111 -89.13 3.50 -24.85
CA GLY G 111 -87.89 2.76 -24.97
C GLY G 111 -88.06 1.26 -25.06
N LYS G 112 -89.20 0.74 -24.59
CA LYS G 112 -89.44 -0.70 -24.59
C LYS G 112 -89.41 -1.30 -25.99
N GLU G 113 -89.32 -0.46 -27.01
CA GLU G 113 -89.39 -0.90 -28.41
C GLU G 113 -88.01 -1.25 -28.98
N ILE G 114 -87.08 -0.28 -28.97
CA ILE G 114 -85.85 -0.44 -29.74
C ILE G 114 -84.66 -0.91 -28.91
N VAL G 115 -84.78 -0.96 -27.57
CA VAL G 115 -83.65 -1.45 -26.79
C VAL G 115 -83.34 -2.89 -27.13
N ASP G 116 -84.35 -3.68 -27.49
CA ASP G 116 -84.09 -5.04 -27.92
C ASP G 116 -83.36 -5.06 -29.25
N LEU G 117 -83.70 -4.12 -30.16
CA LEU G 117 -82.95 -4.00 -31.40
C LEU G 117 -81.49 -3.64 -31.13
N CYS G 118 -81.26 -2.74 -30.17
CA CYS G 118 -79.90 -2.39 -29.79
C CYS G 118 -79.16 -3.60 -29.23
N LEU G 119 -79.84 -4.41 -28.42
CA LEU G 119 -79.19 -5.61 -27.89
C LEU G 119 -78.83 -6.58 -29.00
N ASP G 120 -79.73 -6.77 -29.97
CA ASP G 120 -79.42 -7.65 -31.08
C ASP G 120 -78.22 -7.14 -31.85
N ARG G 121 -78.20 -5.84 -32.15
CA ARG G 121 -77.09 -5.26 -32.90
C ARG G 121 -75.78 -5.39 -32.12
N ILE G 122 -75.83 -5.22 -30.80
CA ILE G 122 -74.63 -5.31 -29.99
C ILE G 122 -74.11 -6.74 -29.95
N ARG G 123 -75.01 -7.71 -29.83
CA ARG G 123 -74.57 -9.10 -29.86
C ARG G 123 -73.96 -9.46 -31.21
N LYS G 124 -74.57 -8.98 -32.29
CA LYS G 124 -74.05 -9.26 -33.62
C LYS G 124 -72.83 -8.43 -33.96
N LEU G 125 -72.48 -7.44 -33.14
CA LEU G 125 -71.16 -6.83 -33.22
C LEU G 125 -70.14 -7.60 -32.38
N ALA G 126 -70.54 -8.05 -31.20
CA ALA G 126 -69.60 -8.67 -30.27
C ALA G 126 -69.18 -10.05 -30.72
N ASP G 127 -70.08 -10.81 -31.36
CA ASP G 127 -69.68 -12.11 -31.87
C ASP G 127 -68.54 -12.01 -32.87
N ASN G 128 -68.39 -10.86 -33.53
CA ASN G 128 -67.27 -10.64 -34.44
C ASN G 128 -66.01 -10.21 -33.71
N CYS G 129 -66.16 -9.64 -32.51
CA CYS G 129 -65.01 -9.22 -31.73
C CYS G 129 -64.19 -10.44 -31.29
N THR G 130 -62.91 -10.21 -31.04
CA THR G 130 -61.99 -11.29 -30.66
C THR G 130 -61.58 -11.23 -29.20
N GLY G 131 -61.18 -10.07 -28.70
CA GLY G 131 -60.78 -9.92 -27.32
C GLY G 131 -61.34 -8.66 -26.70
N LEU G 132 -62.56 -8.30 -27.11
CA LEU G 132 -63.23 -7.07 -26.68
C LEU G 132 -62.99 -6.79 -25.21
N GLN G 133 -62.51 -5.58 -24.92
CA GLN G 133 -62.07 -5.23 -23.57
C GLN G 133 -63.14 -4.48 -22.79
N GLY G 134 -63.62 -3.35 -23.30
CA GLY G 134 -64.51 -2.51 -22.54
C GLY G 134 -65.56 -1.86 -23.43
N PHE G 135 -66.60 -1.36 -22.77
CA PHE G 135 -67.66 -0.59 -23.40
C PHE G 135 -67.43 0.89 -23.16
N LEU G 136 -67.94 1.71 -24.07
CA LEU G 136 -67.80 3.16 -23.98
C LEU G 136 -69.12 3.78 -24.45
N VAL G 137 -70.00 4.01 -23.52
CA VAL G 137 -71.28 4.66 -23.84
C VAL G 137 -71.08 6.16 -23.77
N PHE G 138 -71.84 6.88 -24.57
CA PHE G 138 -71.81 8.34 -24.60
C PHE G 138 -73.25 8.83 -24.52
N ASN G 139 -73.57 9.57 -23.46
CA ASN G 139 -74.93 10.01 -23.26
C ASN G 139 -74.97 11.05 -22.16
N SER G 140 -75.91 11.99 -22.29
CA SER G 140 -76.22 12.90 -21.22
C SER G 140 -77.13 12.19 -20.22
N VAL G 141 -77.37 12.84 -19.08
CA VAL G 141 -78.33 12.32 -18.13
C VAL G 141 -79.50 13.27 -18.09
N GLY G 142 -79.25 14.54 -18.41
CA GLY G 142 -80.32 15.51 -18.53
C GLY G 142 -81.22 15.26 -19.71
N GLY G 143 -80.79 14.40 -20.63
CA GLY G 143 -81.61 14.04 -21.76
C GLY G 143 -82.74 13.11 -21.36
N GLY G 144 -83.58 12.82 -22.35
CA GLY G 144 -84.71 11.95 -22.13
C GLY G 144 -84.49 10.56 -22.69
N THR G 145 -83.82 10.47 -23.84
CA THR G 145 -83.52 9.18 -24.45
C THR G 145 -82.09 8.72 -24.18
N GLY G 146 -81.20 9.63 -23.81
CA GLY G 146 -79.88 9.22 -23.35
C GLY G 146 -79.83 8.85 -21.89
N SER G 147 -80.91 9.08 -21.16
CA SER G 147 -80.99 8.73 -19.74
C SER G 147 -81.74 7.44 -19.50
N GLY G 148 -82.98 7.36 -19.96
CA GLY G 148 -83.80 6.17 -19.79
C GLY G 148 -83.29 4.99 -20.59
N LEU G 149 -83.32 5.12 -21.92
CA LEU G 149 -82.83 4.06 -22.79
C LEU G 149 -81.40 3.66 -22.42
N GLY G 150 -80.56 4.66 -22.10
CA GLY G 150 -79.21 4.34 -21.69
C GLY G 150 -79.16 3.52 -20.43
N SER G 151 -80.03 3.84 -19.47
CA SER G 151 -80.06 3.07 -18.23
C SER G 151 -80.52 1.64 -18.48
N LEU G 152 -81.53 1.46 -19.34
CA LEU G 152 -82.00 0.12 -19.63
C LEU G 152 -80.94 -0.69 -20.36
N LEU G 153 -80.22 -0.05 -21.29
CA LEU G 153 -79.14 -0.73 -21.98
C LEU G 153 -78.01 -1.10 -21.02
N LEU G 154 -77.69 -0.20 -20.09
CA LEU G 154 -76.71 -0.53 -19.06
C LEU G 154 -77.14 -1.73 -18.24
N GLU G 155 -78.42 -1.79 -17.90
CA GLU G 155 -78.95 -2.96 -17.21
C GLU G 155 -78.72 -4.23 -18.03
N ARG G 156 -79.09 -4.19 -19.31
CA ARG G 156 -78.97 -5.39 -20.15
C ARG G 156 -77.52 -5.82 -20.27
N LEU G 157 -76.61 -4.87 -20.44
CA LEU G 157 -75.19 -5.23 -20.55
C LEU G 157 -74.67 -5.82 -19.25
N SER G 158 -74.92 -5.14 -18.13
CA SER G 158 -74.42 -5.63 -16.85
C SER G 158 -75.06 -6.95 -16.44
N VAL G 159 -76.21 -7.31 -17.01
CA VAL G 159 -76.81 -8.59 -16.68
C VAL G 159 -76.36 -9.70 -17.63
N ASP G 160 -75.96 -9.37 -18.86
CA ASP G 160 -75.60 -10.43 -19.80
C ASP G 160 -74.11 -10.80 -19.73
N TYR G 161 -73.23 -9.84 -19.99
CA TYR G 161 -71.83 -10.16 -20.27
C TYR G 161 -70.99 -10.26 -19.00
N GLY G 162 -71.00 -9.22 -18.18
CA GLY G 162 -70.32 -9.31 -16.90
C GLY G 162 -68.93 -8.73 -16.85
N LYS G 163 -67.92 -9.60 -16.97
CA LYS G 163 -66.53 -9.24 -16.67
C LYS G 163 -66.09 -7.94 -17.33
N LYS G 164 -66.66 -7.61 -18.49
CA LYS G 164 -66.21 -6.44 -19.24
C LYS G 164 -66.44 -5.15 -18.45
N SER G 165 -65.47 -4.26 -18.51
CA SER G 165 -65.61 -2.95 -17.88
C SER G 165 -66.67 -2.13 -18.62
N LYS G 166 -67.20 -1.13 -17.93
CA LYS G 166 -68.26 -0.29 -18.49
C LYS G 166 -67.94 1.17 -18.13
N LEU G 167 -67.19 1.83 -19.00
CA LEU G 167 -66.76 3.21 -18.79
C LEU G 167 -67.71 4.14 -19.53
N GLY G 168 -68.67 4.71 -18.80
CA GLY G 168 -69.57 5.69 -19.35
C GLY G 168 -68.99 7.08 -19.24
N PHE G 169 -69.41 7.95 -20.16
CA PHE G 169 -68.97 9.35 -20.18
C PHE G 169 -70.22 10.22 -20.24
N THR G 170 -70.74 10.58 -19.08
CA THR G 170 -71.99 11.32 -18.99
C THR G 170 -71.71 12.82 -18.95
N ILE G 171 -72.40 13.56 -19.82
CA ILE G 171 -72.30 15.02 -19.85
C ILE G 171 -73.33 15.55 -18.86
N TYR G 172 -72.93 15.62 -17.60
CA TYR G 172 -73.81 16.19 -16.58
C TYR G 172 -74.06 17.67 -16.87
N PRO G 173 -75.17 18.22 -16.40
CA PRO G 173 -75.38 19.67 -16.51
C PRO G 173 -74.67 20.40 -15.39
N SER G 174 -74.15 21.57 -15.72
CA SER G 174 -73.48 22.37 -14.70
C SER G 174 -74.49 22.76 -13.62
N PRO G 175 -74.02 22.99 -12.40
CA PRO G 175 -74.94 23.45 -11.35
C PRO G 175 -75.52 24.82 -11.62
N GLN G 176 -74.90 25.64 -12.46
CA GLN G 176 -75.37 26.99 -12.73
C GLN G 176 -76.25 27.06 -13.99
N VAL G 177 -75.70 26.70 -15.14
CA VAL G 177 -76.39 26.88 -16.41
C VAL G 177 -77.39 25.72 -16.57
N SER G 178 -78.31 25.86 -17.52
CA SER G 178 -79.34 24.84 -17.71
C SER G 178 -79.85 24.91 -19.14
N THR G 179 -79.92 23.75 -19.79
CA THR G 179 -80.57 23.59 -21.08
C THR G 179 -81.99 23.06 -20.95
N ALA G 180 -82.40 22.68 -19.75
CA ALA G 180 -83.76 22.23 -19.49
C ALA G 180 -84.06 22.46 -18.02
N VAL G 181 -85.34 22.46 -17.68
CA VAL G 181 -85.78 22.79 -16.33
C VAL G 181 -86.18 21.55 -15.55
N VAL G 182 -86.10 20.37 -16.15
CA VAL G 182 -86.43 19.12 -15.48
C VAL G 182 -85.21 18.20 -15.42
N GLU G 183 -84.02 18.77 -15.49
CA GLU G 183 -82.78 18.03 -15.44
C GLU G 183 -82.58 17.31 -14.11
N PRO G 184 -82.82 17.93 -12.95
CA PRO G 184 -82.62 17.22 -11.68
C PRO G 184 -83.34 15.88 -11.61
N TYR G 185 -84.59 15.80 -12.07
CA TYR G 185 -85.35 14.56 -11.96
C TYR G 185 -84.68 13.43 -12.72
N ASN G 186 -84.59 13.58 -14.05
CA ASN G 186 -84.05 12.55 -14.91
C ASN G 186 -82.53 12.46 -14.83
N SER G 187 -81.89 13.25 -13.97
CA SER G 187 -80.49 13.02 -13.65
C SER G 187 -80.32 12.22 -12.37
N ILE G 188 -81.09 12.54 -11.33
CA ILE G 188 -81.15 11.67 -10.16
C ILE G 188 -81.53 10.26 -10.56
N LEU G 189 -82.53 10.14 -11.44
CA LEU G 189 -82.95 8.82 -11.87
C LEU G 189 -81.84 8.08 -12.60
N SER G 190 -81.14 8.77 -13.50
CA SER G 190 -80.05 8.14 -14.24
C SER G 190 -78.95 7.70 -13.29
N THR G 191 -78.56 8.59 -12.36
CA THR G 191 -77.51 8.24 -11.40
C THR G 191 -77.88 7.01 -10.60
N HIS G 192 -79.11 6.98 -10.05
CA HIS G 192 -79.49 5.86 -9.21
C HIS G 192 -79.67 4.58 -10.01
N SER G 193 -80.01 4.69 -11.30
CA SER G 193 -80.18 3.50 -12.10
C SER G 193 -78.87 2.98 -12.69
N LEU G 194 -77.84 3.80 -12.76
CA LEU G 194 -76.54 3.33 -13.25
C LEU G 194 -75.59 2.94 -12.14
N LEU G 195 -75.71 3.57 -10.96
CA LEU G 195 -74.76 3.34 -9.88
C LEU G 195 -74.66 1.86 -9.49
N GLU G 196 -75.66 1.07 -9.83
CA GLU G 196 -75.63 -0.36 -9.53
C GLU G 196 -75.16 -1.22 -10.71
N HIS G 197 -74.93 -0.62 -11.88
CA HIS G 197 -74.55 -1.38 -13.06
C HIS G 197 -73.36 -0.77 -13.81
N THR G 198 -72.66 0.17 -13.21
CA THR G 198 -71.48 0.75 -13.81
C THR G 198 -70.27 0.51 -12.91
N ASP G 199 -69.09 0.76 -13.46
CA ASP G 199 -67.86 0.76 -12.69
C ASP G 199 -67.06 2.04 -12.86
N VAL G 200 -67.41 2.87 -13.84
CA VAL G 200 -66.76 4.14 -14.08
C VAL G 200 -67.83 5.11 -14.55
N ALA G 201 -67.73 6.36 -14.10
CA ALA G 201 -68.64 7.40 -14.58
C ALA G 201 -67.91 8.73 -14.43
N VAL G 202 -67.31 9.18 -15.53
CA VAL G 202 -66.53 10.41 -15.51
C VAL G 202 -67.44 11.57 -15.89
N MET G 203 -67.64 12.49 -14.95
CA MET G 203 -68.48 13.65 -15.17
C MET G 203 -67.77 14.60 -16.14
N LEU G 204 -68.50 15.02 -17.17
CA LEU G 204 -68.00 15.98 -18.16
C LEU G 204 -69.00 17.13 -18.21
N ASP G 205 -68.79 18.13 -17.36
CA ASP G 205 -69.70 19.27 -17.34
C ASP G 205 -69.64 20.00 -18.67
N ASN G 206 -70.76 20.63 -19.03
CA ASN G 206 -70.88 21.37 -20.28
C ASN G 206 -70.54 22.86 -20.11
N GLU G 207 -69.98 23.25 -18.98
CA GLU G 207 -69.66 24.65 -18.74
C GLU G 207 -68.17 24.89 -18.54
N ALA G 208 -67.50 24.04 -17.77
CA ALA G 208 -66.07 24.25 -17.52
C ALA G 208 -65.30 24.34 -18.82
N ILE G 209 -65.73 23.61 -19.84
CA ILE G 209 -65.08 23.70 -21.14
C ILE G 209 -65.30 25.07 -21.76
N TYR G 210 -66.45 25.70 -21.48
CA TYR G 210 -66.69 27.06 -21.96
C TYR G 210 -65.68 28.03 -21.36
N ASP G 211 -65.49 27.97 -20.05
CA ASP G 211 -64.50 28.84 -19.42
C ASP G 211 -63.10 28.54 -19.94
N ILE G 212 -62.81 27.27 -20.18
CA ILE G 212 -61.51 26.90 -20.76
C ILE G 212 -61.32 27.60 -22.10
N CYS G 213 -62.24 27.38 -23.04
CA CYS G 213 -62.17 28.05 -24.34
C CYS G 213 -62.16 29.56 -24.21
N ARG G 214 -62.68 30.10 -23.11
CA ARG G 214 -62.67 31.53 -22.91
C ARG G 214 -61.30 32.03 -22.46
N ARG G 215 -60.55 31.21 -21.73
CA ARG G 215 -59.26 31.64 -21.21
C ARG G 215 -58.09 31.12 -22.04
N ASN G 216 -58.01 29.82 -22.28
CA ASN G 216 -56.84 29.29 -22.99
C ASN G 216 -56.89 29.56 -24.49
N LEU G 217 -58.06 29.85 -25.04
CA LEU G 217 -58.23 29.90 -26.49
C LEU G 217 -58.79 31.20 -27.03
N ASP G 218 -59.25 32.12 -26.16
CA ASP G 218 -59.67 33.47 -26.50
C ASP G 218 -60.94 33.52 -27.33
N ILE G 219 -61.54 32.38 -27.66
CA ILE G 219 -62.81 32.39 -28.40
C ILE G 219 -63.93 32.63 -27.39
N GLU G 220 -64.39 33.88 -27.30
CA GLU G 220 -65.49 34.20 -26.41
C GLU G 220 -66.80 33.57 -26.85
N ARG G 221 -66.88 33.08 -28.08
CA ARG G 221 -68.11 32.53 -28.65
C ARG G 221 -67.86 31.12 -29.15
N PRO G 222 -67.71 30.16 -28.24
CA PRO G 222 -67.55 28.77 -28.66
C PRO G 222 -68.90 28.09 -28.83
N THR G 223 -68.89 27.00 -29.59
CA THR G 223 -70.10 26.27 -29.90
C THR G 223 -69.85 24.79 -29.61
N TYR G 224 -70.93 24.03 -29.50
CA TYR G 224 -70.89 22.60 -29.21
C TYR G 224 -69.85 21.86 -30.03
N THR G 225 -69.57 22.35 -31.24
CA THR G 225 -68.57 21.70 -32.09
C THR G 225 -67.21 21.68 -31.42
N ASN G 226 -66.78 22.81 -30.87
CA ASN G 226 -65.44 22.87 -30.27
C ASN G 226 -65.37 22.05 -28.99
N LEU G 227 -66.43 22.09 -28.17
CA LEU G 227 -66.47 21.25 -26.98
C LEU G 227 -66.37 19.77 -27.35
N ASN G 228 -67.08 19.37 -28.40
CA ASN G 228 -67.03 17.98 -28.81
C ASN G 228 -65.66 17.61 -29.37
N ARG G 229 -65.02 18.54 -30.09
CA ARG G 229 -63.66 18.30 -30.53
C ARG G 229 -62.74 18.06 -29.34
N LEU G 230 -62.91 18.84 -28.26
CA LEU G 230 -62.08 18.66 -27.09
C LEU G 230 -62.34 17.32 -26.41
N ILE G 231 -63.60 16.92 -26.30
CA ILE G 231 -63.92 15.62 -25.71
C ILE G 231 -63.32 14.50 -26.55
N ALA G 232 -63.40 14.64 -27.87
CA ALA G 232 -62.78 13.66 -28.76
C ALA G 232 -61.28 13.61 -28.52
N GLN G 233 -60.65 14.76 -28.31
CA GLN G 233 -59.22 14.77 -28.03
C GLN G 233 -58.92 14.01 -26.73
N VAL G 234 -59.74 14.22 -25.71
CA VAL G 234 -59.52 13.52 -24.44
C VAL G 234 -59.62 12.01 -24.65
N ILE G 235 -60.68 11.56 -25.33
CA ILE G 235 -60.88 10.12 -25.49
C ILE G 235 -59.82 9.51 -26.39
N SER G 236 -59.32 10.27 -27.37
CA SER G 236 -58.22 9.78 -28.19
C SER G 236 -56.94 9.65 -27.38
N SER G 237 -56.64 10.66 -26.56
CA SER G 237 -55.50 10.56 -25.66
C SER G 237 -55.63 9.36 -24.74
N LEU G 238 -56.86 9.01 -24.38
CA LEU G 238 -57.07 7.83 -23.55
C LEU G 238 -56.77 6.55 -24.32
N THR G 239 -57.41 6.36 -25.47
CA THR G 239 -57.22 5.14 -26.23
C THR G 239 -55.85 5.02 -26.86
N ALA G 240 -55.02 6.08 -26.79
CA ALA G 240 -53.68 6.03 -27.37
C ALA G 240 -52.89 4.82 -26.90
N SER G 241 -53.24 4.27 -25.73
CA SER G 241 -52.58 3.06 -25.26
C SER G 241 -52.80 1.90 -26.23
N LEU G 242 -54.06 1.49 -26.39
CA LEU G 242 -54.36 0.37 -27.28
C LEU G 242 -54.06 0.71 -28.73
N ARG G 243 -54.25 1.97 -29.13
CA ARG G 243 -54.13 2.33 -30.53
C ARG G 243 -52.72 2.05 -31.05
N PHE G 244 -51.72 2.71 -30.47
CA PHE G 244 -50.34 2.49 -30.89
C PHE G 244 -49.47 2.29 -29.65
N ASP G 245 -48.24 1.84 -29.89
CA ASP G 245 -47.40 1.33 -28.82
C ASP G 245 -46.85 2.46 -27.97
N GLY G 246 -45.94 2.09 -27.06
CA GLY G 246 -45.37 3.03 -26.12
C GLY G 246 -44.68 2.28 -25.00
N ALA G 247 -43.83 2.98 -24.24
CA ALA G 247 -43.04 2.31 -23.21
C ALA G 247 -43.91 1.73 -22.11
N LEU G 248 -45.08 2.32 -21.85
CA LEU G 248 -46.00 1.84 -20.82
C LEU G 248 -47.37 1.64 -21.45
N ASN G 249 -47.58 0.48 -22.05
CA ASN G 249 -48.89 0.13 -22.58
C ASN G 249 -49.75 -0.39 -21.43
N VAL G 250 -50.91 0.22 -21.23
CA VAL G 250 -51.78 -0.10 -20.11
C VAL G 250 -53.12 -0.58 -20.65
N ASP G 251 -53.63 -1.66 -20.05
CA ASP G 251 -54.93 -2.17 -20.44
C ASP G 251 -56.02 -1.15 -20.12
N ILE G 252 -57.17 -1.30 -20.77
CA ILE G 252 -58.31 -0.52 -20.32
C ILE G 252 -58.83 -1.08 -19.01
N THR G 253 -58.64 -2.38 -18.78
CA THR G 253 -59.01 -2.98 -17.50
C THR G 253 -58.14 -2.47 -16.36
N GLU G 254 -56.99 -1.86 -16.70
CA GLU G 254 -56.24 -1.12 -15.68
C GLU G 254 -57.10 -0.05 -15.04
N PHE G 255 -57.95 0.61 -15.84
CA PHE G 255 -58.69 1.76 -15.34
C PHE G 255 -59.65 1.37 -14.23
N GLN G 256 -60.39 0.27 -14.41
CA GLN G 256 -61.28 -0.15 -13.34
C GLN G 256 -60.54 -0.78 -12.17
N THR G 257 -59.22 -0.95 -12.27
CA THR G 257 -58.47 -1.51 -11.14
C THR G 257 -57.86 -0.41 -10.28
N ASN G 258 -57.17 0.54 -10.90
CA ASN G 258 -56.57 1.62 -10.14
C ASN G 258 -57.61 2.54 -9.53
N LEU G 259 -58.78 2.65 -10.15
CA LEU G 259 -59.71 3.74 -9.85
C LEU G 259 -61.03 3.26 -9.25
N VAL G 260 -61.03 2.12 -8.56
CA VAL G 260 -62.24 1.67 -7.90
C VAL G 260 -61.88 1.23 -6.49
N PRO G 261 -61.82 2.14 -5.53
CA PRO G 261 -61.53 1.74 -4.14
C PRO G 261 -62.61 0.86 -3.56
N TYR G 262 -63.84 1.36 -3.54
CA TYR G 262 -64.93 0.64 -2.94
C TYR G 262 -66.05 0.43 -3.96
N PRO G 263 -66.86 -0.62 -3.81
CA PRO G 263 -67.79 -0.96 -4.89
C PRO G 263 -68.77 0.14 -5.24
N ARG G 264 -68.97 1.13 -4.38
CA ARG G 264 -69.98 2.14 -4.61
C ARG G 264 -69.41 3.50 -5.01
N ILE G 265 -68.17 3.80 -4.68
CA ILE G 265 -67.59 5.10 -5.00
C ILE G 265 -66.67 5.00 -6.21
N HIS G 266 -67.20 5.27 -7.40
CA HIS G 266 -66.48 5.07 -8.65
C HIS G 266 -66.78 6.20 -9.63
N PHE G 267 -66.78 7.44 -9.15
CA PHE G 267 -67.22 8.58 -9.94
C PHE G 267 -66.04 9.50 -10.19
N MET G 268 -65.31 9.25 -11.27
CA MET G 268 -64.10 9.99 -11.58
C MET G 268 -64.42 11.28 -12.33
N LEU G 269 -63.40 12.14 -12.43
CA LEU G 269 -63.45 13.35 -13.23
C LEU G 269 -62.11 13.50 -13.95
N SER G 270 -62.15 14.06 -15.14
CA SER G 270 -60.99 14.05 -16.02
C SER G 270 -60.44 15.46 -16.24
N SER G 271 -59.25 15.49 -16.83
CA SER G 271 -58.60 16.75 -17.22
C SER G 271 -57.62 16.46 -18.34
N TYR G 272 -57.38 17.47 -19.17
CA TYR G 272 -56.51 17.35 -20.33
C TYR G 272 -55.56 18.52 -20.36
N ALA G 273 -54.33 18.29 -20.84
CA ALA G 273 -53.38 19.37 -20.95
C ALA G 273 -52.31 18.97 -21.94
N PRO G 274 -51.74 19.91 -22.70
CA PRO G 274 -52.12 21.32 -22.78
C PRO G 274 -53.12 21.57 -23.90
N ILE G 275 -53.91 22.62 -23.74
CA ILE G 275 -54.89 23.02 -24.74
C ILE G 275 -54.68 24.51 -24.97
N ILE G 276 -54.03 24.86 -26.08
CA ILE G 276 -53.62 26.23 -26.37
C ILE G 276 -53.81 26.51 -27.85
N SER G 277 -53.85 27.81 -28.18
CA SER G 277 -53.93 28.25 -29.55
C SER G 277 -52.54 28.27 -30.17
N ALA G 278 -52.46 28.73 -31.41
CA ALA G 278 -51.18 28.76 -32.12
C ALA G 278 -50.22 29.77 -31.48
N GLU G 279 -50.71 30.97 -31.19
CA GLU G 279 -49.83 32.02 -30.67
C GLU G 279 -49.24 31.64 -29.32
N LYS G 280 -50.07 31.13 -28.42
CA LYS G 280 -49.56 30.74 -27.10
C LYS G 280 -48.51 29.65 -27.21
N ALA G 281 -48.75 28.64 -28.06
CA ALA G 281 -47.74 27.63 -28.30
C ALA G 281 -46.46 28.25 -28.84
N TYR G 282 -46.59 29.29 -29.65
CA TYR G 282 -45.40 30.00 -30.11
C TYR G 282 -44.68 30.69 -28.96
N HIS G 283 -45.42 31.10 -27.93
CA HIS G 283 -44.86 31.82 -26.79
C HIS G 283 -44.50 30.92 -25.61
N GLU G 284 -44.75 29.62 -25.69
CA GLU G 284 -44.70 28.79 -24.50
C GLU G 284 -43.61 27.74 -24.62
N GLN G 285 -43.22 27.19 -23.47
CA GLN G 285 -42.17 26.19 -23.37
C GLN G 285 -42.71 24.76 -23.46
N LEU G 286 -43.73 24.43 -22.67
CA LEU G 286 -44.37 23.12 -22.70
C LEU G 286 -43.39 22.00 -22.36
N SER G 287 -42.74 22.13 -21.20
CA SER G 287 -41.92 21.05 -20.70
C SER G 287 -42.78 20.07 -19.90
N VAL G 288 -42.19 18.91 -19.60
CA VAL G 288 -42.93 17.86 -18.89
C VAL G 288 -43.35 18.36 -17.51
N ALA G 289 -42.42 18.97 -16.78
CA ALA G 289 -42.76 19.49 -15.45
C ALA G 289 -43.86 20.53 -15.55
N GLU G 290 -43.72 21.47 -16.49
CA GLU G 290 -44.72 22.52 -16.63
C GLU G 290 -46.09 21.95 -16.98
N ILE G 291 -46.12 20.92 -17.82
CA ILE G 291 -47.40 20.41 -18.28
C ILE G 291 -48.07 19.57 -17.20
N THR G 292 -47.32 18.73 -16.50
CA THR G 292 -47.92 17.98 -15.40
C THR G 292 -48.23 18.86 -14.20
N ASN G 293 -47.64 20.06 -14.14
CA ASN G 293 -48.04 21.01 -13.12
C ASN G 293 -49.34 21.70 -13.50
N SER G 294 -49.47 22.11 -14.77
CA SER G 294 -50.69 22.75 -15.22
C SER G 294 -51.87 21.79 -15.21
N ALA G 295 -51.61 20.49 -15.38
CA ALA G 295 -52.71 19.53 -15.42
C ALA G 295 -53.47 19.47 -14.10
N PHE G 296 -52.82 19.89 -13.00
CA PHE G 296 -53.47 19.83 -11.69
C PHE G 296 -54.26 21.09 -11.36
N GLU G 297 -54.05 22.18 -12.09
CA GLU G 297 -54.77 23.41 -11.82
C GLU G 297 -56.28 23.16 -11.88
N PRO G 298 -57.05 23.84 -11.04
CA PRO G 298 -58.51 23.62 -11.07
C PRO G 298 -59.17 24.20 -12.30
N ALA G 299 -58.53 25.16 -12.97
CA ALA G 299 -59.19 25.87 -14.06
C ALA G 299 -59.52 24.95 -15.22
N ASN G 300 -58.88 23.79 -15.31
CA ASN G 300 -59.11 22.86 -16.41
C ASN G 300 -59.61 21.50 -15.91
N MET G 301 -60.56 21.51 -15.00
CA MET G 301 -61.29 20.31 -14.61
C MET G 301 -62.59 20.25 -15.41
N MET G 302 -62.74 19.21 -16.24
CA MET G 302 -63.94 19.08 -17.05
C MET G 302 -65.20 19.17 -16.20
N ALA G 303 -65.26 18.39 -15.12
CA ALA G 303 -66.31 18.57 -14.14
C ALA G 303 -66.05 19.85 -13.36
N LYS G 304 -67.02 20.75 -13.34
CA LYS G 304 -66.87 22.04 -12.68
C LYS G 304 -66.85 21.83 -11.17
N CYS G 305 -65.64 21.74 -10.61
CA CYS G 305 -65.47 21.56 -9.17
C CYS G 305 -64.23 22.31 -8.73
N ASP G 306 -64.02 22.36 -7.42
CA ASP G 306 -62.78 22.85 -6.85
C ASP G 306 -62.14 21.72 -6.07
N PRO G 307 -61.19 20.98 -6.66
CA PRO G 307 -60.67 19.78 -5.99
C PRO G 307 -60.08 20.04 -4.62
N ARG G 308 -59.67 21.28 -4.33
CA ARG G 308 -59.17 21.60 -3.00
C ARG G 308 -60.24 21.39 -1.93
N HIS G 309 -61.52 21.47 -2.31
CA HIS G 309 -62.60 21.17 -1.37
C HIS G 309 -62.52 19.75 -0.83
N GLY G 310 -61.80 18.86 -1.50
CA GLY G 310 -61.68 17.49 -1.05
C GLY G 310 -60.28 16.94 -1.18
N LYS G 311 -60.12 15.64 -0.95
CA LYS G 311 -58.84 14.97 -1.06
C LYS G 311 -58.95 13.84 -2.07
N TYR G 312 -57.94 13.72 -2.93
CA TYR G 312 -57.96 12.71 -3.98
C TYR G 312 -58.00 11.31 -3.39
N MET G 313 -58.33 10.35 -4.23
CA MET G 313 -58.24 8.94 -3.90
C MET G 313 -57.38 8.16 -4.88
N ALA G 314 -57.48 8.46 -6.18
CA ALA G 314 -56.65 7.80 -7.17
C ALA G 314 -56.49 8.71 -8.36
N CYS G 315 -55.45 8.48 -9.14
CA CYS G 315 -55.13 9.35 -10.26
C CYS G 315 -54.33 8.58 -11.29
N SER G 316 -54.74 8.65 -12.55
CA SER G 316 -54.05 7.99 -13.65
C SER G 316 -53.74 9.00 -14.73
N MET G 317 -52.55 8.89 -15.32
CA MET G 317 -52.01 9.88 -16.23
C MET G 317 -51.50 9.21 -17.49
N MET G 318 -52.11 9.50 -18.61
CA MET G 318 -51.65 9.02 -19.90
C MET G 318 -50.88 10.12 -20.60
N TYR G 319 -49.58 9.90 -20.79
CA TYR G 319 -48.70 10.82 -21.50
C TYR G 319 -48.56 10.38 -22.96
N ARG G 320 -48.37 11.36 -23.83
CA ARG G 320 -48.02 11.05 -25.20
C ARG G 320 -47.14 12.15 -25.74
N GLY G 321 -46.25 11.77 -26.67
CA GLY G 321 -45.35 12.69 -27.32
C GLY G 321 -43.91 12.51 -26.84
N ASP G 322 -43.10 13.53 -27.11
CA ASP G 322 -41.69 13.52 -26.73
C ASP G 322 -41.61 13.70 -25.23
N VAL G 323 -41.68 12.59 -24.50
CA VAL G 323 -41.80 12.62 -23.05
C VAL G 323 -40.76 11.68 -22.45
N VAL G 324 -39.79 12.24 -21.73
CA VAL G 324 -38.70 11.48 -21.15
C VAL G 324 -39.14 10.97 -19.78
N PRO G 325 -38.99 9.68 -19.49
CA PRO G 325 -39.53 9.14 -18.23
C PRO G 325 -38.85 9.66 -16.97
N LYS G 326 -37.56 10.01 -17.03
CA LYS G 326 -36.89 10.49 -15.83
C LYS G 326 -37.49 11.80 -15.34
N ASP G 327 -37.72 12.74 -16.26
CA ASP G 327 -38.39 13.97 -15.87
C ASP G 327 -39.83 13.72 -15.45
N VAL G 328 -40.47 12.70 -16.03
CA VAL G 328 -41.79 12.29 -15.56
C VAL G 328 -41.74 11.96 -14.07
N ASN G 329 -40.86 11.04 -13.70
CA ASN G 329 -40.76 10.64 -12.30
C ASN G 329 -40.42 11.83 -11.41
N ALA G 330 -39.48 12.68 -11.84
CA ALA G 330 -39.10 13.84 -11.04
C ALA G 330 -40.29 14.78 -10.83
N SER G 331 -41.04 15.05 -11.89
CA SER G 331 -42.13 15.99 -11.81
C SER G 331 -43.28 15.45 -10.96
N ILE G 332 -43.60 14.16 -11.11
CA ILE G 332 -44.65 13.58 -10.28
C ILE G 332 -44.22 13.53 -8.82
N ALA G 333 -42.93 13.28 -8.56
CA ALA G 333 -42.44 13.35 -7.19
C ALA G 333 -42.65 14.74 -6.61
N THR G 334 -42.21 15.77 -7.34
CA THR G 334 -42.41 17.14 -6.87
C THR G 334 -43.88 17.44 -6.65
N ILE G 335 -44.76 16.88 -7.49
CA ILE G 335 -46.19 17.05 -7.31
C ILE G 335 -46.62 16.45 -5.98
N LYS G 336 -46.20 15.21 -5.72
CA LYS G 336 -46.58 14.56 -4.47
C LYS G 336 -46.03 15.31 -3.26
N THR G 337 -44.94 16.04 -3.43
CA THR G 337 -44.44 16.88 -2.35
C THR G 337 -45.05 18.28 -2.35
N LYS G 338 -45.76 18.66 -3.40
CA LYS G 338 -46.44 19.95 -3.42
C LYS G 338 -47.44 20.03 -2.28
N ARG G 339 -47.80 21.26 -1.90
CA ARG G 339 -48.52 21.45 -0.65
C ARG G 339 -50.03 21.57 -0.82
N THR G 340 -50.50 22.24 -1.89
CA THR G 340 -51.92 22.56 -1.98
C THR G 340 -52.78 21.32 -2.15
N ILE G 341 -52.27 20.30 -2.86
CA ILE G 341 -53.02 19.06 -3.06
C ILE G 341 -53.02 18.28 -1.76
N GLN G 342 -53.88 17.27 -1.67
CA GLN G 342 -53.90 16.43 -0.48
C GLN G 342 -54.53 15.09 -0.83
N PHE G 343 -53.81 14.01 -0.51
CA PHE G 343 -54.33 12.66 -0.68
C PHE G 343 -54.98 12.22 0.63
N VAL G 344 -55.28 10.93 0.75
CA VAL G 344 -55.82 10.39 1.97
C VAL G 344 -54.92 9.27 2.46
N ASP G 345 -55.11 8.88 3.73
CA ASP G 345 -54.21 7.92 4.37
C ASP G 345 -54.25 6.56 3.68
N TRP G 346 -55.42 6.15 3.20
CA TRP G 346 -55.59 4.80 2.69
C TRP G 346 -55.15 4.63 1.24
N CYS G 347 -54.35 5.57 0.71
CA CYS G 347 -53.76 5.42 -0.61
C CYS G 347 -52.40 6.10 -0.62
N PRO G 348 -51.39 5.49 0.01
CA PRO G 348 -50.03 6.03 -0.11
C PRO G 348 -49.50 5.92 -1.52
N THR G 349 -49.92 4.90 -2.27
CA THR G 349 -49.62 4.80 -3.68
C THR G 349 -50.78 5.44 -4.44
N GLY G 350 -50.56 6.66 -4.94
CA GLY G 350 -51.65 7.43 -5.50
C GLY G 350 -51.61 7.61 -7.00
N PHE G 351 -50.41 7.61 -7.59
CA PHE G 351 -50.29 7.88 -9.00
C PHE G 351 -50.29 6.60 -9.82
N LYS G 352 -50.72 6.74 -11.06
CA LYS G 352 -50.59 5.70 -12.08
C LYS G 352 -50.19 6.41 -13.37
N VAL G 353 -49.27 5.81 -14.12
CA VAL G 353 -48.73 6.46 -15.31
C VAL G 353 -48.82 5.50 -16.49
N GLY G 354 -48.83 6.06 -17.68
CA GLY G 354 -48.72 5.26 -18.89
C GLY G 354 -48.33 6.14 -20.06
N ILE G 355 -47.23 5.77 -20.72
CA ILE G 355 -46.65 6.58 -21.78
C ILE G 355 -47.04 5.99 -23.13
N ASN G 356 -47.08 6.84 -24.15
CA ASN G 356 -47.25 6.40 -25.52
C ASN G 356 -46.46 7.29 -26.45
N TYR G 357 -46.06 6.74 -27.60
CA TYR G 357 -45.27 7.47 -28.57
C TYR G 357 -46.12 8.02 -29.72
N GLN G 358 -47.40 8.25 -29.50
CA GLN G 358 -48.26 8.83 -30.52
C GLN G 358 -48.59 10.25 -30.11
N PRO G 359 -47.84 11.25 -30.55
CA PRO G 359 -48.13 12.62 -30.15
C PRO G 359 -49.49 13.06 -30.67
N PRO G 360 -50.11 14.07 -30.06
CA PRO G 360 -51.46 14.46 -30.46
C PRO G 360 -51.53 14.93 -31.91
N THR G 361 -52.77 14.99 -32.40
CA THR G 361 -53.05 15.32 -33.78
C THR G 361 -53.54 16.77 -33.88
N VAL G 362 -53.13 17.44 -34.94
CA VAL G 362 -53.58 18.80 -35.22
C VAL G 362 -54.71 18.67 -36.25
N VAL G 363 -55.93 18.57 -35.74
CA VAL G 363 -57.11 18.50 -36.60
C VAL G 363 -57.25 19.83 -37.33
N PRO G 364 -57.31 19.83 -38.66
CA PRO G 364 -57.35 21.09 -39.41
C PRO G 364 -58.56 21.92 -39.03
N GLY G 365 -58.33 23.21 -38.78
CA GLY G 365 -59.36 24.11 -38.34
C GLY G 365 -59.69 24.03 -36.86
N GLY G 366 -59.33 22.94 -36.19
CA GLY G 366 -59.52 22.85 -34.76
C GLY G 366 -58.72 23.91 -34.04
N ASP G 367 -59.36 24.63 -33.10
CA ASP G 367 -58.67 25.72 -32.42
C ASP G 367 -57.41 25.24 -31.73
N LEU G 368 -57.35 23.97 -31.36
CA LEU G 368 -56.14 23.41 -30.78
C LEU G 368 -54.97 23.53 -31.75
N ALA G 369 -53.78 23.76 -31.22
CA ALA G 369 -52.58 23.92 -32.03
C ALA G 369 -51.70 22.69 -31.94
N LYS G 370 -50.82 22.55 -32.92
CA LYS G 370 -49.87 21.44 -32.92
C LYS G 370 -49.02 21.49 -31.66
N VAL G 371 -48.97 20.36 -30.95
CA VAL G 371 -48.34 20.29 -29.64
C VAL G 371 -47.60 18.97 -29.50
N MET G 372 -46.36 19.05 -29.01
CA MET G 372 -45.51 17.87 -28.97
C MET G 372 -45.85 16.93 -27.82
N ARG G 373 -46.32 17.47 -26.69
CA ARG G 373 -46.55 16.68 -25.50
C ARG G 373 -48.01 16.78 -25.07
N ALA G 374 -48.47 15.78 -24.33
CA ALA G 374 -49.82 15.82 -23.81
C ALA G 374 -49.97 14.86 -22.66
N VAL G 375 -50.89 15.17 -21.77
CA VAL G 375 -51.20 14.37 -20.59
C VAL G 375 -52.69 14.45 -20.32
N CYS G 376 -53.30 13.28 -20.10
CA CYS G 376 -54.69 13.17 -19.72
C CYS G 376 -54.76 12.56 -18.32
N MET G 377 -55.44 13.23 -17.40
CA MET G 377 -55.44 12.89 -15.99
C MET G 377 -56.86 12.56 -15.56
N ILE G 378 -57.11 11.29 -15.26
CA ILE G 378 -58.40 10.86 -14.73
C ILE G 378 -58.23 10.60 -13.24
N SER G 379 -59.09 11.22 -12.42
CA SER G 379 -58.93 11.15 -10.98
C SER G 379 -60.23 10.70 -10.32
N ASN G 380 -60.08 9.80 -9.36
CA ASN G 380 -61.13 9.51 -8.39
C ASN G 380 -60.86 10.39 -7.18
N SER G 381 -61.69 11.43 -7.02
CA SER G 381 -61.48 12.43 -5.98
C SER G 381 -62.69 12.52 -5.06
N THR G 382 -62.68 13.52 -4.17
CA THR G 382 -63.77 13.71 -3.22
C THR G 382 -64.53 15.01 -3.41
N ALA G 383 -64.00 15.97 -4.18
CA ALA G 383 -64.75 17.19 -4.43
C ALA G 383 -66.03 16.91 -5.18
N ILE G 384 -66.02 15.93 -6.10
CA ILE G 384 -67.19 15.60 -6.88
C ILE G 384 -68.40 15.36 -5.98
N ALA G 385 -68.15 14.85 -4.77
CA ALA G 385 -69.24 14.61 -3.83
C ALA G 385 -70.13 15.84 -3.67
N GLU G 386 -69.51 17.00 -3.44
CA GLU G 386 -70.32 18.19 -3.15
C GLU G 386 -71.25 18.52 -4.31
N VAL G 387 -70.86 18.15 -5.54
CA VAL G 387 -71.74 18.34 -6.69
C VAL G 387 -73.13 17.77 -6.38
N PHE G 388 -73.16 16.49 -5.99
CA PHE G 388 -74.42 15.87 -5.62
C PHE G 388 -75.20 16.74 -4.65
N SER G 389 -74.52 17.21 -3.60
CA SER G 389 -75.16 18.11 -2.63
C SER G 389 -75.91 19.21 -3.36
N ARG G 390 -75.17 20.02 -4.13
CA ARG G 390 -75.83 21.14 -4.80
C ARG G 390 -76.90 20.62 -5.75
N LEU G 391 -76.62 19.52 -6.46
CA LEU G 391 -77.65 18.96 -7.31
C LEU G 391 -78.83 18.48 -6.47
N ASP G 392 -78.56 17.77 -5.38
CA ASP G 392 -79.62 17.40 -4.46
C ASP G 392 -80.41 18.62 -4.03
N HIS G 393 -79.70 19.74 -3.82
CA HIS G 393 -80.33 21.03 -3.55
C HIS G 393 -81.54 21.24 -4.45
N LYS G 394 -81.29 21.22 -5.76
CA LYS G 394 -82.36 21.40 -6.73
C LYS G 394 -83.52 20.46 -6.44
N PHE G 395 -83.22 19.16 -6.34
CA PHE G 395 -84.27 18.17 -6.10
C PHE G 395 -85.15 18.57 -4.94
N ASP G 396 -84.55 19.05 -3.86
CA ASP G 396 -85.32 19.51 -2.71
C ASP G 396 -86.44 20.45 -3.15
N LEU G 397 -86.05 21.59 -3.71
CA LEU G 397 -87.02 22.61 -4.07
C LEU G 397 -88.01 22.10 -5.11
N MET G 398 -87.66 21.02 -5.82
CA MET G 398 -88.58 20.50 -6.82
C MET G 398 -89.53 19.47 -6.23
N TYR G 399 -89.08 18.69 -5.26
CA TYR G 399 -89.95 17.67 -4.68
C TYR G 399 -90.65 18.16 -3.43
N ALA G 400 -90.23 19.29 -2.86
CA ALA G 400 -90.97 19.91 -1.77
C ALA G 400 -92.31 20.46 -2.22
N LYS G 401 -92.62 20.40 -3.53
CA LYS G 401 -93.91 20.84 -4.02
C LYS G 401 -94.57 19.80 -4.90
N ARG G 402 -94.00 18.60 -5.02
CA ARG G 402 -94.55 17.53 -5.85
C ARG G 402 -94.79 18.01 -7.28
N ALA G 403 -93.78 18.69 -7.83
CA ALA G 403 -93.90 19.26 -9.16
C ALA G 403 -93.52 18.24 -10.23
N PHE G 404 -94.25 18.28 -11.34
CA PHE G 404 -94.01 17.48 -12.54
C PHE G 404 -94.22 15.99 -12.34
N VAL G 405 -94.58 15.55 -11.13
CA VAL G 405 -94.80 14.14 -10.88
C VAL G 405 -95.82 13.57 -11.85
N HIS G 406 -96.86 14.34 -12.17
CA HIS G 406 -97.91 13.84 -13.05
C HIS G 406 -97.37 13.57 -14.44
N TRP G 407 -96.42 14.39 -14.91
CA TRP G 407 -95.80 14.11 -16.20
C TRP G 407 -95.09 12.76 -16.22
N TYR G 408 -94.68 12.26 -15.07
CA TYR G 408 -94.03 10.96 -15.01
C TYR G 408 -95.04 9.83 -14.84
N VAL G 409 -96.03 10.02 -13.96
CA VAL G 409 -97.05 9.01 -13.79
C VAL G 409 -97.93 8.87 -15.02
N GLY G 410 -97.91 9.86 -15.91
CA GLY G 410 -98.67 9.77 -17.14
C GLY G 410 -98.06 8.87 -18.18
N GLU G 411 -97.11 8.04 -17.76
CA GLU G 411 -96.52 7.02 -18.63
C GLU G 411 -96.60 5.61 -18.06
N GLY G 412 -96.41 5.43 -16.75
CA GLY G 412 -96.43 4.12 -16.15
C GLY G 412 -95.33 3.85 -15.15
N MET G 413 -94.39 4.78 -14.97
CA MET G 413 -93.35 4.63 -13.96
C MET G 413 -93.92 4.98 -12.59
N GLU G 414 -93.85 4.03 -11.67
CA GLU G 414 -94.33 4.24 -10.31
C GLU G 414 -93.63 5.44 -9.68
N GLU G 415 -94.36 6.15 -8.81
CA GLU G 415 -93.85 7.40 -8.26
C GLU G 415 -92.85 7.15 -7.14
N GLY G 416 -93.18 6.25 -6.21
CA GLY G 416 -92.33 6.04 -5.04
C GLY G 416 -90.87 5.84 -5.37
N GLU G 417 -90.58 5.35 -6.58
CA GLU G 417 -89.20 5.20 -7.03
C GLU G 417 -88.37 6.44 -6.73
N PHE G 418 -88.96 7.62 -6.97
CA PHE G 418 -88.29 8.88 -6.67
C PHE G 418 -87.59 8.83 -5.33
N SER G 419 -88.38 8.61 -4.27
CA SER G 419 -87.84 8.51 -2.93
C SER G 419 -86.61 7.62 -2.90
N GLU G 420 -86.78 6.37 -3.33
CA GLU G 420 -85.68 5.42 -3.38
C GLU G 420 -84.46 6.05 -4.02
N ALA G 421 -84.62 6.51 -5.28
CA ALA G 421 -83.51 7.15 -5.97
C ALA G 421 -82.91 8.25 -5.12
N ARG G 422 -83.76 9.19 -4.69
CA ARG G 422 -83.29 10.27 -3.82
C ARG G 422 -82.60 9.69 -2.59
N GLU G 423 -83.28 8.76 -1.92
CA GLU G 423 -82.70 8.12 -0.75
C GLU G 423 -81.28 7.63 -1.05
N ASP G 424 -81.12 6.97 -2.19
CA ASP G 424 -79.81 6.43 -2.54
C ASP G 424 -78.77 7.53 -2.53
N LEU G 425 -79.03 8.64 -3.23
CA LEU G 425 -78.05 9.71 -3.30
C LEU G 425 -77.73 10.25 -1.91
N ALA G 426 -78.73 10.25 -1.02
CA ALA G 426 -78.45 10.64 0.37
C ALA G 426 -77.35 9.77 0.95
N ALA G 427 -77.54 8.44 0.88
CA ALA G 427 -76.48 7.53 1.30
C ALA G 427 -75.20 7.80 0.54
N LEU G 428 -75.31 8.18 -0.74
CA LEU G 428 -74.13 8.54 -1.52
C LEU G 428 -73.30 9.59 -0.81
N GLU G 429 -73.95 10.64 -0.31
CA GLU G 429 -73.22 11.64 0.46
C GLU G 429 -72.57 11.01 1.68
N LYS G 430 -73.33 10.20 2.40
CA LYS G 430 -72.77 9.42 3.51
C LYS G 430 -71.51 8.69 3.07
N ASP G 431 -71.52 8.13 1.86
CA ASP G 431 -70.33 7.45 1.34
C ASP G 431 -69.10 8.34 1.46
N TYR G 432 -69.16 9.54 0.89
CA TYR G 432 -67.99 10.41 0.91
C TYR G 432 -67.79 11.09 2.26
N GLU G 433 -68.60 10.77 3.25
CA GLU G 433 -68.30 11.12 4.63
C GLU G 433 -67.90 9.91 5.46
N GLU G 434 -67.94 8.71 4.88
CA GLU G 434 -67.46 7.50 5.53
C GLU G 434 -66.09 7.08 5.00
N VAL G 435 -65.82 7.33 3.71
CA VAL G 435 -64.52 6.99 3.16
C VAL G 435 -63.56 8.17 3.25
N GLY G 436 -64.06 9.40 3.06
CA GLY G 436 -63.20 10.56 3.11
C GLY G 436 -62.62 10.85 4.49
N ILE G 437 -63.14 10.22 5.53
CA ILE G 437 -62.67 10.46 6.88
C ILE G 437 -61.46 9.58 7.16
N GLU G 438 -60.39 10.18 7.69
CA GLU G 438 -59.20 9.43 8.05
C GLU G 438 -59.51 8.47 9.20
N THR G 439 -58.56 7.58 9.47
CA THR G 439 -58.73 6.61 10.55
C THR G 439 -57.50 6.54 11.43
N MET H 1 -93.23 12.35 -40.45
CA MET H 1 -92.30 12.50 -39.34
C MET H 1 -92.86 13.48 -38.30
N ARG H 2 -93.52 12.93 -37.29
CA ARG H 2 -94.19 13.72 -36.26
C ARG H 2 -95.14 14.74 -36.89
N GLU H 3 -96.03 14.21 -37.73
CA GLU H 3 -96.95 15.05 -38.49
C GLU H 3 -97.88 15.80 -37.55
N ILE H 4 -98.51 16.84 -38.11
CA ILE H 4 -99.37 17.75 -37.37
C ILE H 4 -100.64 18.00 -38.17
N VAL H 5 -101.79 17.88 -37.52
CA VAL H 5 -103.06 18.25 -38.13
C VAL H 5 -103.32 19.73 -37.82
N HIS H 6 -104.01 20.41 -38.72
CA HIS H 6 -104.17 21.85 -38.64
C HIS H 6 -105.65 22.20 -38.75
N ILE H 7 -106.28 22.46 -37.61
CA ILE H 7 -107.68 22.84 -37.55
C ILE H 7 -107.77 24.36 -37.51
N GLN H 8 -108.74 24.91 -38.23
CA GLN H 8 -109.02 26.34 -38.19
C GLN H 8 -110.53 26.53 -38.07
N GLY H 9 -110.97 27.09 -36.97
CA GLY H 9 -112.38 27.36 -36.74
C GLY H 9 -112.63 28.85 -36.66
N GLY H 10 -113.85 29.25 -37.00
CA GLY H 10 -114.25 30.64 -36.91
C GLY H 10 -113.56 31.52 -37.93
N GLN H 11 -114.13 32.71 -38.13
CA GLN H 11 -113.60 33.63 -39.13
C GLN H 11 -112.22 34.13 -38.74
N CYS H 12 -112.03 34.49 -37.47
CA CYS H 12 -110.72 34.93 -36.99
C CYS H 12 -109.69 33.84 -37.15
N GLY H 13 -109.96 32.66 -36.60
CA GLY H 13 -109.04 31.55 -36.73
C GLY H 13 -108.73 31.25 -38.19
N ASN H 14 -109.72 31.38 -39.06
CA ASN H 14 -109.50 31.04 -40.46
C ASN H 14 -108.63 32.06 -41.17
N GLN H 15 -108.86 33.36 -40.91
CA GLN H 15 -107.98 34.36 -41.49
C GLN H 15 -106.56 34.19 -41.00
N ILE H 16 -106.39 33.97 -39.68
CA ILE H 16 -105.04 33.78 -39.14
C ILE H 16 -104.40 32.53 -39.73
N GLY H 17 -105.18 31.47 -39.93
CA GLY H 17 -104.63 30.26 -40.50
C GLY H 17 -104.21 30.43 -41.95
N ALA H 18 -104.99 31.18 -42.72
CA ALA H 18 -104.59 31.49 -44.09
C ALA H 18 -103.27 32.24 -44.08
N LYS H 19 -103.16 33.26 -43.23
CA LYS H 19 -101.90 33.98 -43.08
C LYS H 19 -100.76 33.03 -42.73
N PHE H 20 -101.03 32.08 -41.84
CA PHE H 20 -99.97 31.21 -41.37
C PHE H 20 -99.53 30.24 -42.46
N TRP H 21 -100.48 29.72 -43.22
CA TRP H 21 -100.11 28.81 -44.30
C TRP H 21 -99.33 29.55 -45.37
N GLU H 22 -99.67 30.81 -45.63
CA GLU H 22 -98.89 31.54 -46.63
C GLU H 22 -97.51 31.89 -46.10
N VAL H 23 -97.37 32.14 -44.79
CA VAL H 23 -96.05 32.36 -44.23
C VAL H 23 -95.21 31.09 -44.33
N ILE H 24 -95.79 29.94 -44.01
CA ILE H 24 -95.07 28.67 -44.11
C ILE H 24 -94.63 28.44 -45.55
N SER H 25 -95.52 28.68 -46.51
CA SER H 25 -95.15 28.55 -47.90
C SER H 25 -94.02 29.49 -48.25
N ASP H 26 -94.02 30.69 -47.68
CA ASP H 26 -92.89 31.60 -47.86
C ASP H 26 -91.62 31.01 -47.26
N GLU H 27 -91.74 30.17 -46.24
CA GLU H 27 -90.56 29.60 -45.60
C GLU H 27 -89.97 28.47 -46.43
N HIS H 28 -90.76 27.46 -46.74
CA HIS H 28 -90.28 26.34 -47.53
C HIS H 28 -90.32 26.60 -49.03
N GLY H 29 -90.51 27.85 -49.44
CA GLY H 29 -90.48 28.22 -50.84
C GLY H 29 -91.41 27.43 -51.71
N ILE H 30 -92.69 27.42 -51.38
CA ILE H 30 -93.71 26.72 -52.16
C ILE H 30 -94.59 27.77 -52.79
N ASP H 31 -94.45 27.95 -54.11
CA ASP H 31 -95.24 28.95 -54.83
C ASP H 31 -96.73 28.62 -54.71
N PRO H 32 -97.62 29.57 -55.02
CA PRO H 32 -99.03 29.41 -54.64
C PRO H 32 -99.79 28.37 -55.46
N THR H 33 -99.09 27.52 -56.19
CA THR H 33 -99.72 26.39 -56.87
C THR H 33 -99.37 25.05 -56.23
N GLY H 34 -98.54 25.05 -55.20
CA GLY H 34 -98.20 23.81 -54.52
C GLY H 34 -97.04 23.06 -55.15
N THR H 35 -96.12 23.80 -55.77
CA THR H 35 -94.91 23.21 -56.35
C THR H 35 -93.70 23.81 -55.68
N TYR H 36 -92.60 23.06 -55.68
CA TYR H 36 -91.39 23.53 -55.02
C TYR H 36 -90.80 24.71 -55.79
N HIS H 37 -90.33 25.71 -55.04
CA HIS H 37 -89.77 26.91 -55.63
C HIS H 37 -88.53 27.40 -54.90
N ASN H 48 -93.17 17.16 -45.10
CA ASN H 48 -94.30 16.29 -44.79
C ASN H 48 -94.80 16.44 -43.36
N VAL H 49 -94.21 17.33 -42.58
CA VAL H 49 -94.77 17.60 -41.26
C VAL H 49 -96.03 18.45 -41.36
N TYR H 50 -96.07 19.35 -42.34
CA TYR H 50 -97.21 20.22 -42.58
C TYR H 50 -97.97 19.86 -43.84
N TYR H 51 -97.27 19.47 -44.90
CA TYR H 51 -97.88 19.23 -46.19
C TYR H 51 -98.04 17.73 -46.44
N ASN H 52 -98.99 17.41 -47.31
CA ASN H 52 -99.21 16.05 -47.77
C ASN H 52 -99.01 16.04 -49.29
N GLU H 53 -98.31 15.03 -49.78
CA GLU H 53 -98.04 14.93 -51.20
C GLU H 53 -99.29 14.51 -51.96
N ALA H 54 -99.59 15.23 -53.03
CA ALA H 54 -100.64 14.88 -53.96
C ALA H 54 -99.99 14.53 -55.30
N THR H 55 -100.56 13.51 -55.96
CA THR H 55 -99.98 12.93 -57.17
C THR H 55 -99.65 14.00 -58.20
N GLY H 56 -98.37 14.10 -58.54
CA GLY H 56 -97.88 15.14 -59.41
C GLY H 56 -96.87 16.00 -58.69
N GLY H 57 -96.41 15.53 -57.54
CA GLY H 57 -95.49 16.32 -56.74
C GLY H 57 -96.10 17.54 -56.11
N ARG H 58 -97.43 17.64 -56.10
CA ARG H 58 -98.08 18.78 -55.47
C ARG H 58 -98.05 18.61 -53.95
N TYR H 59 -98.14 19.72 -53.23
CA TYR H 59 -98.16 19.69 -51.78
C TYR H 59 -99.41 20.41 -51.29
N VAL H 60 -100.34 19.68 -50.72
CA VAL H 60 -101.56 20.25 -50.15
C VAL H 60 -101.40 20.29 -48.64
N PRO H 61 -101.61 21.44 -48.00
CA PRO H 61 -101.36 21.53 -46.56
C PRO H 61 -102.32 20.64 -45.77
N ARG H 62 -101.76 19.87 -44.85
CA ARG H 62 -102.56 18.95 -44.05
C ARG H 62 -103.37 19.72 -43.04
N ALA H 63 -104.35 20.48 -43.50
CA ALA H 63 -105.16 21.34 -42.66
C ALA H 63 -106.62 20.98 -42.80
N ILE H 64 -107.46 21.73 -42.08
CA ILE H 64 -108.90 21.57 -42.15
C ILE H 64 -109.56 22.85 -41.65
N LEU H 65 -110.53 23.35 -42.41
CA LEU H 65 -111.16 24.64 -42.13
C LEU H 65 -112.64 24.43 -41.88
N MET H 66 -113.24 25.28 -41.07
CA MET H 66 -114.64 25.11 -40.74
C MET H 66 -115.24 26.42 -40.28
N ASP H 67 -116.51 26.63 -40.62
CA ASP H 67 -117.30 27.79 -40.24
C ASP H 67 -118.73 27.56 -40.73
N LEU H 68 -119.66 28.30 -40.14
CA LEU H 68 -121.07 28.15 -40.46
C LEU H 68 -121.59 29.21 -41.41
N GLU H 69 -120.75 30.14 -41.84
CA GLU H 69 -121.13 31.14 -42.84
C GLU H 69 -120.23 30.98 -44.05
N PRO H 70 -120.72 30.37 -45.14
CA PRO H 70 -119.84 30.09 -46.28
C PRO H 70 -119.14 31.31 -46.86
N GLY H 71 -119.53 32.52 -46.45
CA GLY H 71 -118.83 33.70 -46.91
C GLY H 71 -117.34 33.63 -46.66
N THR H 72 -116.94 33.20 -45.46
CA THR H 72 -115.52 33.07 -45.15
C THR H 72 -114.81 32.17 -46.15
N MET H 73 -115.52 31.21 -46.73
CA MET H 73 -114.97 30.41 -47.83
C MET H 73 -114.33 31.32 -48.87
N ASP H 74 -115.13 32.21 -49.46
CA ASP H 74 -114.60 33.13 -50.46
C ASP H 74 -113.40 33.89 -49.94
N SER H 75 -113.41 34.21 -48.64
CA SER H 75 -112.27 34.91 -48.05
C SER H 75 -110.98 34.14 -48.26
N VAL H 76 -110.95 32.86 -47.88
CA VAL H 76 -109.73 32.09 -48.05
C VAL H 76 -109.42 31.77 -49.50
N ARG H 77 -110.31 32.15 -50.42
CA ARG H 77 -110.02 32.05 -51.84
C ARG H 77 -109.59 33.37 -52.45
N ALA H 78 -109.45 34.42 -51.63
CA ALA H 78 -109.13 35.74 -52.17
C ALA H 78 -107.63 36.00 -52.17
N GLY H 79 -107.00 36.00 -51.00
CA GLY H 79 -105.59 36.27 -50.89
C GLY H 79 -104.75 35.22 -51.56
N PRO H 80 -103.48 35.53 -51.83
CA PRO H 80 -102.58 34.54 -52.44
C PRO H 80 -102.37 33.36 -51.50
N PHE H 81 -101.79 32.30 -52.06
CA PHE H 81 -101.59 31.04 -51.34
C PHE H 81 -102.91 30.51 -50.79
N GLY H 82 -104.03 30.97 -51.34
CA GLY H 82 -105.33 30.44 -50.98
C GLY H 82 -105.67 29.24 -51.83
N GLN H 83 -105.00 29.13 -52.97
CA GLN H 83 -105.24 28.03 -53.89
C GLN H 83 -104.66 26.71 -53.41
N LEU H 84 -104.03 26.68 -52.23
CA LEU H 84 -103.34 25.47 -51.80
C LEU H 84 -104.28 24.49 -51.12
N PHE H 85 -105.16 24.98 -50.25
CA PHE H 85 -105.97 24.10 -49.43
C PHE H 85 -106.88 23.22 -50.28
N ARG H 86 -107.25 22.05 -49.74
CA ARG H 86 -108.01 21.08 -50.51
C ARG H 86 -109.50 21.24 -50.28
N PRO H 87 -110.29 21.18 -51.35
CA PRO H 87 -111.75 21.28 -51.19
C PRO H 87 -112.38 20.09 -50.50
N ASP H 88 -111.67 18.97 -50.39
CA ASP H 88 -112.24 17.81 -49.71
C ASP H 88 -112.21 17.95 -48.19
N ASN H 89 -111.70 19.07 -47.68
CA ASN H 89 -111.72 19.36 -46.26
C ASN H 89 -112.59 20.56 -45.89
N PHE H 90 -113.12 21.26 -46.89
CA PHE H 90 -113.92 22.46 -46.68
C PHE H 90 -115.31 22.06 -46.16
N VAL H 91 -115.39 21.83 -44.86
CA VAL H 91 -116.66 21.57 -44.21
C VAL H 91 -117.22 22.89 -43.71
N PHE H 92 -118.43 23.23 -44.16
CA PHE H 92 -119.01 24.54 -43.90
C PHE H 92 -120.51 24.42 -43.65
N GLY H 93 -121.05 25.41 -42.96
CA GLY H 93 -122.48 25.48 -42.69
C GLY H 93 -123.18 26.50 -43.57
N GLN H 94 -124.37 26.89 -43.14
CA GLN H 94 -125.19 27.85 -43.88
C GLN H 94 -125.51 29.11 -43.08
N THR H 95 -125.98 28.96 -41.84
CA THR H 95 -126.48 30.11 -41.10
C THR H 95 -125.35 31.05 -40.69
N GLY H 96 -124.33 30.51 -40.04
CA GLY H 96 -123.36 31.34 -39.35
C GLY H 96 -123.78 31.51 -37.91
N ALA H 97 -122.89 31.17 -36.97
CA ALA H 97 -123.26 31.11 -35.57
C ALA H 97 -123.71 32.45 -35.01
N GLY H 98 -123.57 33.53 -35.76
CA GLY H 98 -124.11 34.82 -35.38
C GLY H 98 -123.74 35.29 -33.98
N ASN H 99 -122.46 35.14 -33.62
CA ASN H 99 -121.87 35.69 -32.40
C ASN H 99 -122.37 35.01 -31.13
N ASN H 100 -123.26 34.03 -31.23
CA ASN H 100 -123.81 33.35 -30.05
C ASN H 100 -123.12 32.02 -29.84
N TRP H 101 -122.88 31.67 -28.58
CA TRP H 101 -122.21 30.41 -28.27
C TRP H 101 -123.18 29.24 -28.26
N ALA H 102 -124.47 29.50 -28.10
CA ALA H 102 -125.44 28.41 -28.08
C ALA H 102 -125.51 27.71 -29.42
N LYS H 103 -125.66 28.48 -30.50
CA LYS H 103 -125.81 27.91 -31.84
C LYS H 103 -124.68 26.94 -32.16
N GLY H 104 -123.44 27.43 -32.11
CA GLY H 104 -122.31 26.63 -32.53
C GLY H 104 -121.87 25.57 -31.55
N HIS H 105 -122.72 25.24 -30.58
CA HIS H 105 -122.37 24.20 -29.62
C HIS H 105 -123.47 23.18 -29.33
N TYR H 106 -124.74 23.51 -29.54
CA TYR H 106 -125.79 22.57 -29.16
C TYR H 106 -126.75 22.22 -30.29
N THR H 107 -127.10 23.17 -31.15
CA THR H 107 -128.08 22.91 -32.21
C THR H 107 -127.43 22.81 -33.58
N GLU H 108 -126.69 23.82 -34.00
CA GLU H 108 -126.09 23.78 -35.33
C GLU H 108 -124.68 23.25 -35.30
N GLY H 109 -123.90 23.57 -34.27
CA GLY H 109 -122.56 23.04 -34.16
C GLY H 109 -122.53 21.53 -34.17
N ALA H 110 -123.37 20.91 -33.33
CA ALA H 110 -123.43 19.46 -33.25
C ALA H 110 -123.92 18.82 -34.56
N GLU H 111 -124.51 19.61 -35.46
CA GLU H 111 -124.91 19.08 -36.76
C GLU H 111 -123.75 19.00 -37.74
N LEU H 112 -122.62 19.67 -37.46
CA LEU H 112 -121.45 19.62 -38.31
C LEU H 112 -120.23 19.00 -37.64
N ILE H 113 -120.23 18.84 -36.31
CA ILE H 113 -119.11 18.17 -35.66
C ILE H 113 -118.94 16.76 -36.20
N ASP H 114 -120.05 16.11 -36.57
CA ASP H 114 -119.95 14.76 -37.12
C ASP H 114 -119.08 14.74 -38.38
N SER H 115 -119.43 15.57 -39.36
CA SER H 115 -118.66 15.58 -40.60
C SER H 115 -117.24 16.07 -40.38
N VAL H 116 -117.04 17.08 -39.53
CA VAL H 116 -115.68 17.59 -39.34
C VAL H 116 -114.82 16.54 -38.63
N LEU H 117 -115.40 15.79 -37.70
CA LEU H 117 -114.67 14.72 -37.04
C LEU H 117 -114.41 13.57 -38.00
N ASP H 118 -115.34 13.31 -38.92
CA ASP H 118 -115.11 12.28 -39.92
C ASP H 118 -113.90 12.62 -40.78
N VAL H 119 -113.84 13.86 -41.27
CA VAL H 119 -112.71 14.21 -42.13
C VAL H 119 -111.42 14.32 -41.31
N VAL H 120 -111.52 14.69 -40.02
CA VAL H 120 -110.32 14.66 -39.18
C VAL H 120 -109.81 13.22 -39.02
N ARG H 121 -110.72 12.27 -38.80
CA ARG H 121 -110.33 10.87 -38.75
C ARG H 121 -109.69 10.44 -40.06
N LYS H 122 -110.24 10.89 -41.18
CA LYS H 122 -109.65 10.59 -42.49
C LYS H 122 -108.22 11.13 -42.57
N GLU H 123 -107.98 12.30 -41.99
CA GLU H 123 -106.63 12.86 -41.99
C GLU H 123 -105.70 12.05 -41.08
N ALA H 124 -106.17 11.72 -39.88
CA ALA H 124 -105.29 11.14 -38.86
C ALA H 124 -105.02 9.67 -39.13
N GLU H 125 -106.06 8.86 -39.33
CA GLU H 125 -105.86 7.42 -39.50
C GLU H 125 -104.96 7.10 -40.68
N GLY H 126 -104.97 7.94 -41.72
CA GLY H 126 -104.00 7.78 -42.79
C GLY H 126 -102.59 8.08 -42.34
N CYS H 127 -102.43 9.12 -41.53
CA CYS H 127 -101.12 9.43 -40.96
C CYS H 127 -100.66 8.31 -40.04
N ASP H 128 -99.34 8.15 -39.96
CA ASP H 128 -98.73 7.19 -39.04
C ASP H 128 -97.93 7.85 -37.93
N CYS H 129 -97.16 8.89 -38.24
CA CYS H 129 -96.36 9.60 -37.25
C CYS H 129 -97.06 10.93 -36.92
N LEU H 130 -98.05 10.84 -36.05
CA LEU H 130 -98.79 12.03 -35.62
C LEU H 130 -98.32 12.41 -34.23
N GLN H 131 -97.85 13.65 -34.08
CA GLN H 131 -97.31 14.11 -32.80
C GLN H 131 -98.33 14.92 -32.01
N GLY H 132 -98.86 16.00 -32.58
CA GLY H 132 -99.76 16.84 -31.83
C GLY H 132 -100.68 17.61 -32.75
N PHE H 133 -101.66 18.26 -32.13
CA PHE H 133 -102.65 19.05 -32.84
C PHE H 133 -102.26 20.51 -32.81
N GLN H 134 -103.13 21.35 -33.38
CA GLN H 134 -102.98 22.79 -33.30
C GLN H 134 -104.30 23.41 -33.75
N ILE H 135 -104.76 24.41 -33.01
CA ILE H 135 -106.05 25.03 -33.26
C ILE H 135 -105.88 26.54 -33.29
N THR H 136 -106.66 27.21 -34.13
CA THR H 136 -106.69 28.66 -34.19
C THR H 136 -108.14 29.09 -34.23
N HIS H 137 -108.59 29.80 -33.20
CA HIS H 137 -110.00 30.15 -33.10
C HIS H 137 -110.19 31.26 -32.07
N SER H 138 -111.11 32.17 -32.37
CA SER H 138 -111.50 33.19 -31.40
C SER H 138 -112.28 32.53 -30.26
N LEU H 139 -112.69 33.34 -29.29
CA LEU H 139 -113.43 32.83 -28.15
C LEU H 139 -114.76 33.52 -27.91
N GLY H 140 -114.97 34.71 -28.45
CA GLY H 140 -116.27 35.35 -28.33
C GLY H 140 -117.17 35.01 -29.50
N GLY H 141 -116.57 34.87 -30.67
CA GLY H 141 -117.32 34.46 -31.83
C GLY H 141 -117.91 33.07 -31.64
N GLY H 142 -119.18 32.92 -31.96
CA GLY H 142 -119.86 31.66 -31.70
C GLY H 142 -119.26 30.50 -32.46
N THR H 143 -118.98 30.69 -33.75
CA THR H 143 -118.46 29.63 -34.59
C THR H 143 -117.15 29.09 -34.04
N GLY H 144 -116.13 29.94 -34.03
CA GLY H 144 -114.84 29.57 -33.49
C GLY H 144 -114.95 28.94 -32.12
N SER H 145 -115.36 29.73 -31.12
CA SER H 145 -115.39 29.25 -29.75
C SER H 145 -116.15 27.93 -29.64
N GLY H 146 -117.44 27.95 -29.95
CA GLY H 146 -118.28 26.79 -29.78
C GLY H 146 -117.87 25.56 -30.56
N MET H 147 -117.84 25.67 -31.89
CA MET H 147 -117.52 24.49 -32.70
C MET H 147 -116.10 24.01 -32.45
N GLY H 148 -115.16 24.92 -32.22
CA GLY H 148 -113.79 24.50 -31.95
C GLY H 148 -113.65 23.79 -30.61
N THR H 149 -114.32 24.29 -29.57
CA THR H 149 -114.20 23.59 -28.29
C THR H 149 -114.94 22.27 -28.31
N LEU H 150 -116.01 22.15 -29.09
CA LEU H 150 -116.66 20.86 -29.24
C LEU H 150 -115.74 19.88 -29.97
N LEU H 151 -115.12 20.33 -31.05
CA LEU H 151 -114.14 19.50 -31.75
C LEU H 151 -112.99 19.11 -30.84
N ILE H 152 -112.55 20.03 -29.98
CA ILE H 152 -111.47 19.75 -29.04
C ILE H 152 -111.89 18.64 -28.09
N SER H 153 -113.07 18.78 -27.49
CA SER H 153 -113.61 17.73 -26.63
C SER H 153 -113.60 16.39 -27.34
N LYS H 154 -114.13 16.35 -28.56
CA LYS H 154 -114.23 15.09 -29.29
C LYS H 154 -112.86 14.48 -29.54
N VAL H 155 -111.97 15.23 -30.18
CA VAL H 155 -110.68 14.66 -30.58
C VAL H 155 -109.83 14.33 -29.37
N ARG H 156 -110.04 15.01 -28.24
CA ARG H 156 -109.23 14.70 -27.08
C ARG H 156 -109.79 13.55 -26.26
N GLU H 157 -111.10 13.32 -26.32
CA GLU H 157 -111.59 12.06 -25.77
C GLU H 157 -111.31 10.89 -26.70
N GLU H 158 -110.97 11.17 -27.96
CA GLU H 158 -110.63 10.10 -28.90
C GLU H 158 -109.13 9.92 -29.07
N TYR H 159 -108.36 11.00 -29.05
CA TYR H 159 -106.90 10.95 -29.08
C TYR H 159 -106.34 11.48 -27.77
N PRO H 160 -106.28 10.67 -26.73
CA PRO H 160 -105.89 11.19 -25.41
C PRO H 160 -104.42 11.54 -25.30
N ASP H 161 -103.55 10.65 -25.79
CA ASP H 161 -102.12 10.79 -25.51
C ASP H 161 -101.55 12.07 -26.11
N ARG H 162 -101.84 12.34 -27.38
CA ARG H 162 -101.25 13.48 -28.05
C ARG H 162 -101.67 14.78 -27.39
N ILE H 163 -100.90 15.83 -27.66
CA ILE H 163 -101.09 17.10 -26.99
C ILE H 163 -101.90 18.03 -27.89
N MET H 164 -102.37 19.14 -27.34
CA MET H 164 -103.20 20.09 -28.06
C MET H 164 -102.50 21.45 -28.09
N GLU H 165 -103.00 22.31 -28.97
CA GLU H 165 -102.47 23.66 -29.11
C GLU H 165 -103.61 24.55 -29.60
N THR H 166 -104.07 25.45 -28.74
CA THR H 166 -105.20 26.32 -29.06
C THR H 166 -104.75 27.77 -28.95
N PHE H 167 -104.33 28.36 -30.07
CA PHE H 167 -103.93 29.76 -30.07
C PHE H 167 -105.16 30.64 -29.95
N SER H 168 -105.79 30.61 -28.78
CA SER H 168 -107.02 31.36 -28.56
C SER H 168 -106.71 32.85 -28.48
N VAL H 169 -107.40 33.64 -29.29
CA VAL H 169 -107.20 35.09 -29.33
C VAL H 169 -108.26 35.72 -28.42
N VAL H 170 -107.91 35.86 -27.15
CA VAL H 170 -108.85 36.31 -26.13
C VAL H 170 -109.29 37.75 -26.41
N PRO H 171 -110.50 38.13 -26.04
CA PRO H 171 -110.94 39.51 -26.26
C PRO H 171 -110.52 40.46 -25.15
N SER H 172 -109.78 41.49 -25.50
CA SER H 172 -109.45 42.45 -24.46
C SER H 172 -110.43 43.61 -24.49
N PRO H 173 -110.73 44.20 -23.32
CA PRO H 173 -111.84 45.16 -23.25
C PRO H 173 -111.51 46.52 -23.86
N LYS H 174 -110.25 46.93 -23.77
CA LYS H 174 -109.87 48.24 -24.30
C LYS H 174 -110.05 48.31 -25.81
N VAL H 175 -110.17 47.17 -26.48
CA VAL H 175 -110.51 47.10 -27.90
C VAL H 175 -111.90 46.49 -27.99
N SER H 176 -112.90 47.33 -28.24
CA SER H 176 -114.30 46.91 -28.22
C SER H 176 -114.75 46.51 -29.61
N ASP H 177 -115.19 45.27 -29.76
CA ASP H 177 -115.79 44.80 -31.00
C ASP H 177 -117.26 44.43 -30.83
N THR H 178 -117.59 43.55 -29.89
CA THR H 178 -118.97 43.25 -29.56
C THR H 178 -119.14 43.43 -28.06
N VAL H 179 -120.36 43.19 -27.56
CA VAL H 179 -120.67 43.33 -26.16
C VAL H 179 -121.09 42.02 -25.51
N VAL H 180 -121.13 40.93 -26.27
CA VAL H 180 -121.41 39.61 -25.73
C VAL H 180 -120.13 38.78 -25.61
N GLU H 181 -118.98 39.42 -25.72
CA GLU H 181 -117.70 38.71 -25.61
C GLU H 181 -117.53 37.94 -24.30
N PRO H 182 -117.85 38.49 -23.12
CA PRO H 182 -117.53 37.76 -21.88
C PRO H 182 -118.23 36.41 -21.77
N TYR H 183 -119.50 36.33 -22.15
CA TYR H 183 -120.24 35.07 -22.03
C TYR H 183 -119.58 33.96 -22.82
N ASN H 184 -119.35 34.19 -24.12
CA ASN H 184 -118.71 33.17 -24.94
C ASN H 184 -117.30 32.89 -24.46
N ALA H 185 -116.59 33.94 -24.04
CA ALA H 185 -115.23 33.75 -23.55
C ALA H 185 -115.19 32.77 -22.38
N THR H 186 -116.03 33.01 -21.37
CA THR H 186 -116.00 32.14 -20.20
C THR H 186 -116.53 30.76 -20.52
N LEU H 187 -117.55 30.67 -21.38
CA LEU H 187 -118.07 29.37 -21.76
C LEU H 187 -117.02 28.54 -22.48
N SER H 188 -116.11 29.19 -23.20
CA SER H 188 -115.03 28.46 -23.84
C SER H 188 -113.95 28.09 -22.82
N VAL H 189 -113.53 29.06 -21.99
CA VAL H 189 -112.39 28.82 -21.11
C VAL H 189 -112.70 27.75 -20.09
N HIS H 190 -113.97 27.60 -19.69
CA HIS H 190 -114.29 26.53 -18.75
C HIS H 190 -114.02 25.16 -19.36
N GLN H 191 -114.26 25.01 -20.67
CA GLN H 191 -114.03 23.75 -21.34
C GLN H 191 -112.62 23.58 -21.86
N LEU H 192 -111.84 24.66 -21.94
CA LEU H 192 -110.47 24.52 -22.42
C LEU H 192 -109.54 23.89 -21.38
N VAL H 193 -109.80 24.11 -20.09
CA VAL H 193 -108.82 23.74 -19.09
C VAL H 193 -108.65 22.23 -18.95
N GLU H 194 -109.56 21.44 -19.52
CA GLU H 194 -109.50 19.98 -19.38
C GLU H 194 -108.91 19.30 -20.61
N ASN H 195 -109.50 19.53 -21.77
CA ASN H 195 -109.18 18.75 -22.96
C ASN H 195 -108.07 19.38 -23.80
N ALA H 196 -107.44 20.45 -23.32
CA ALA H 196 -106.38 21.10 -24.08
C ALA H 196 -105.22 21.42 -23.13
N ASP H 197 -104.04 20.98 -23.52
CA ASP H 197 -102.87 21.05 -22.64
C ASP H 197 -102.04 22.30 -22.80
N GLU H 198 -102.20 23.04 -23.91
CA GLU H 198 -101.39 24.25 -24.13
C GLU H 198 -102.29 25.29 -24.79
N CYS H 199 -102.91 26.13 -23.98
CA CYS H 199 -103.78 27.20 -24.47
C CYS H 199 -102.97 28.50 -24.47
N MET H 200 -102.20 28.69 -25.52
CA MET H 200 -101.36 29.87 -25.65
C MET H 200 -102.20 31.04 -26.16
N VAL H 201 -102.35 32.07 -25.33
CA VAL H 201 -103.32 33.12 -25.59
C VAL H 201 -102.67 34.27 -26.35
N ILE H 202 -103.49 34.98 -27.12
CA ILE H 202 -103.11 36.20 -27.82
C ILE H 202 -104.33 37.13 -27.73
N ASP H 203 -104.09 38.43 -27.88
CA ASP H 203 -105.19 39.39 -27.83
C ASP H 203 -104.82 40.64 -28.62
N ASN H 204 -105.81 41.16 -29.36
CA ASN H 204 -105.55 42.26 -30.29
C ASN H 204 -105.08 43.53 -29.59
N GLU H 205 -105.33 43.68 -28.30
CA GLU H 205 -104.85 44.85 -27.60
C GLU H 205 -103.33 44.91 -27.63
N ALA H 206 -102.67 43.81 -27.25
CA ALA H 206 -101.21 43.79 -27.23
C ALA H 206 -100.64 43.95 -28.62
N LEU H 207 -101.31 43.39 -29.64
CA LEU H 207 -100.82 43.53 -31.00
C LEU H 207 -100.95 44.96 -31.49
N TYR H 208 -102.07 45.62 -31.23
CA TYR H 208 -102.19 47.03 -31.55
C TYR H 208 -101.10 47.83 -30.87
N ASP H 209 -100.87 47.59 -29.57
CA ASP H 209 -99.84 48.34 -28.87
C ASP H 209 -98.46 48.13 -29.48
N ILE H 210 -98.12 46.87 -29.78
CA ILE H 210 -96.82 46.56 -30.35
C ILE H 210 -96.66 47.24 -31.71
N CYS H 211 -97.62 47.01 -32.60
CA CYS H 211 -97.49 47.52 -33.96
C CYS H 211 -97.58 49.05 -34.01
N PHE H 212 -98.14 49.68 -32.96
CA PHE H 212 -98.07 51.14 -32.89
C PHE H 212 -96.70 51.60 -32.40
N ARG H 213 -96.33 51.24 -31.18
CA ARG H 213 -95.20 51.86 -30.51
C ARG H 213 -93.94 51.02 -30.53
N THR H 214 -93.80 50.12 -31.50
CA THR H 214 -92.57 49.35 -31.62
C THR H 214 -92.04 49.40 -33.04
N LEU H 215 -92.94 49.52 -34.01
CA LEU H 215 -92.54 49.55 -35.41
C LEU H 215 -93.04 50.78 -36.16
N LYS H 216 -93.70 51.71 -35.47
CA LYS H 216 -94.12 52.98 -36.06
C LYS H 216 -95.00 52.79 -37.29
N LEU H 217 -95.77 51.70 -37.35
CA LEU H 217 -96.67 51.48 -38.47
C LEU H 217 -97.73 52.58 -38.53
N THR H 218 -97.94 53.10 -39.74
CA THR H 218 -98.88 54.19 -39.94
C THR H 218 -100.33 53.72 -39.82
N THR H 219 -100.76 52.81 -40.70
CA THR H 219 -102.14 52.35 -40.77
C THR H 219 -102.19 50.83 -40.60
N PRO H 220 -102.02 50.34 -39.38
CA PRO H 220 -102.08 48.88 -39.17
C PRO H 220 -103.48 48.35 -39.36
N THR H 221 -103.59 47.28 -40.14
CA THR H 221 -104.81 46.53 -40.30
C THR H 221 -104.61 45.12 -39.80
N TYR H 222 -105.69 44.33 -39.79
CA TYR H 222 -105.61 42.97 -39.29
C TYR H 222 -104.59 42.13 -40.04
N GLY H 223 -104.22 42.54 -41.26
CA GLY H 223 -103.26 41.77 -42.03
C GLY H 223 -101.93 41.59 -41.32
N ASP H 224 -101.33 42.68 -40.86
CA ASP H 224 -100.01 42.57 -40.24
C ASP H 224 -100.09 41.95 -38.85
N LEU H 225 -101.21 42.12 -38.15
CA LEU H 225 -101.38 41.43 -36.88
C LEU H 225 -101.38 39.92 -37.09
N ASN H 226 -102.20 39.44 -38.02
CA ASN H 226 -102.15 38.03 -38.36
C ASN H 226 -100.76 37.63 -38.84
N HIS H 227 -100.05 38.54 -39.51
CA HIS H 227 -98.68 38.24 -39.91
C HIS H 227 -97.79 37.96 -38.71
N LEU H 228 -97.89 38.80 -37.67
CA LEU H 228 -97.09 38.60 -36.47
C LEU H 228 -97.45 37.31 -35.76
N VAL H 229 -98.75 36.99 -35.70
CA VAL H 229 -99.16 35.76 -35.04
C VAL H 229 -98.69 34.55 -35.82
N SER H 230 -98.73 34.61 -37.14
CA SER H 230 -98.23 33.51 -37.96
C SER H 230 -96.72 33.36 -37.79
N ALA H 231 -96.00 34.48 -37.69
CA ALA H 231 -94.57 34.41 -37.43
C ALA H 231 -94.29 33.69 -36.12
N ALA H 232 -95.00 34.07 -35.06
CA ALA H 232 -94.83 33.40 -33.78
C ALA H 232 -95.14 31.91 -33.88
N MET H 233 -96.24 31.56 -34.56
CA MET H 233 -96.64 30.17 -34.64
C MET H 233 -95.62 29.33 -35.41
N SER H 234 -95.06 29.90 -36.48
CA SER H 234 -94.03 29.18 -37.22
C SER H 234 -92.77 29.02 -36.38
N GLY H 235 -92.29 30.12 -35.79
CA GLY H 235 -91.11 30.07 -34.97
C GLY H 235 -91.22 29.12 -33.78
N VAL H 236 -92.44 28.86 -33.32
CA VAL H 236 -92.63 27.88 -32.23
C VAL H 236 -92.01 26.55 -32.60
N THR H 237 -92.45 25.96 -33.71
CA THR H 237 -92.02 24.62 -34.09
C THR H 237 -90.88 24.62 -35.10
N CYS H 238 -90.33 25.78 -35.45
CA CYS H 238 -89.21 25.81 -36.38
C CYS H 238 -88.04 24.95 -35.93
N CYS H 239 -87.95 24.63 -34.64
CA CYS H 239 -86.87 23.77 -34.16
C CYS H 239 -87.17 22.29 -34.36
N LEU H 240 -88.18 21.96 -35.15
CA LEU H 240 -88.55 20.59 -35.46
C LEU H 240 -88.39 20.23 -36.93
N ARG H 241 -88.80 21.11 -37.83
CA ARG H 241 -88.66 20.86 -39.25
C ARG H 241 -87.27 21.13 -39.78
N PHE H 242 -86.35 21.60 -38.93
CA PHE H 242 -85.03 21.98 -39.38
C PHE H 242 -84.00 21.55 -38.35
N PRO H 243 -82.82 21.11 -38.78
CA PRO H 243 -81.80 20.66 -37.82
C PRO H 243 -81.38 21.78 -36.90
N GLY H 244 -80.70 21.39 -35.83
CA GLY H 244 -80.23 22.34 -34.85
C GLY H 244 -79.31 21.72 -33.81
N GLN H 245 -78.35 22.50 -33.33
CA GLN H 245 -77.36 21.97 -32.39
C GLN H 245 -77.99 21.45 -31.11
N LEU H 246 -79.22 21.87 -30.80
CA LEU H 246 -79.92 21.41 -29.61
C LEU H 246 -81.41 21.42 -29.96
N ASN H 247 -81.90 20.25 -30.38
CA ASN H 247 -83.22 20.17 -30.97
C ASN H 247 -84.31 20.16 -29.90
N SER H 248 -85.51 20.55 -30.33
CA SER H 248 -86.69 20.58 -29.47
C SER H 248 -87.92 20.34 -30.33
N ASP H 249 -89.02 20.04 -29.66
CA ASP H 249 -90.27 19.77 -30.37
C ASP H 249 -91.42 20.24 -29.48
N LEU H 250 -92.63 19.78 -29.81
CA LEU H 250 -93.81 20.21 -29.06
C LEU H 250 -93.74 19.75 -27.60
N ARG H 251 -93.36 18.49 -27.36
CA ARG H 251 -93.40 17.99 -26.00
C ARG H 251 -92.25 18.53 -25.16
N LYS H 252 -91.05 18.63 -25.72
CA LYS H 252 -89.95 19.28 -25.00
C LYS H 252 -90.33 20.68 -24.54
N LEU H 253 -91.16 21.36 -25.32
CA LEU H 253 -91.83 22.56 -24.82
C LEU H 253 -92.84 22.18 -23.73
N ALA H 254 -93.63 21.15 -23.97
CA ALA H 254 -94.75 20.84 -23.11
C ALA H 254 -94.37 20.08 -21.85
N VAL H 255 -93.09 19.92 -21.55
CA VAL H 255 -92.64 19.37 -20.27
C VAL H 255 -91.92 20.42 -19.44
N ASN H 256 -91.07 21.22 -20.07
CA ASN H 256 -90.38 22.27 -19.33
C ASN H 256 -91.28 23.45 -18.98
N LEU H 257 -92.51 23.48 -19.48
CA LEU H 257 -93.35 24.66 -19.31
C LEU H 257 -94.59 24.45 -18.44
N ILE H 258 -94.95 23.22 -18.10
CA ILE H 258 -96.19 23.01 -17.37
C ILE H 258 -96.00 21.97 -16.28
N PRO H 259 -95.82 22.38 -15.03
CA PRO H 259 -95.65 21.44 -13.92
C PRO H 259 -96.95 20.90 -13.33
N PHE H 260 -98.10 21.17 -13.93
CA PHE H 260 -99.36 20.80 -13.32
C PHE H 260 -100.38 20.57 -14.42
N PRO H 261 -101.47 19.85 -14.14
CA PRO H 261 -102.51 19.64 -15.15
C PRO H 261 -103.45 20.82 -15.32
N ARG H 262 -103.19 21.94 -14.63
CA ARG H 262 -104.02 23.12 -14.78
C ARG H 262 -103.25 24.38 -15.13
N LEU H 263 -101.98 24.49 -14.73
CA LEU H 263 -101.19 25.69 -14.97
C LEU H 263 -100.54 25.61 -16.35
N HIS H 264 -101.39 25.70 -17.37
CA HIS H 264 -100.97 25.50 -18.76
C HIS H 264 -101.51 26.60 -19.66
N PHE H 265 -101.33 27.85 -19.23
CA PHE H 265 -101.73 29.00 -20.02
C PHE H 265 -100.52 29.91 -20.19
N PHE H 266 -100.19 30.25 -21.43
CA PHE H 266 -98.87 30.74 -21.79
C PHE H 266 -98.91 32.21 -22.20
N MET H 267 -97.74 32.69 -22.61
CA MET H 267 -97.57 33.97 -23.30
C MET H 267 -96.60 33.77 -24.45
N ILE H 268 -96.75 34.61 -25.47
CA ILE H 268 -95.95 34.47 -26.69
C ILE H 268 -95.08 35.71 -26.84
N GLY H 269 -94.04 35.57 -27.65
CA GLY H 269 -93.18 36.69 -27.99
C GLY H 269 -92.32 36.36 -29.19
N PHE H 270 -91.94 37.39 -29.93
CA PHE H 270 -91.10 37.22 -31.11
C PHE H 270 -90.16 38.40 -31.23
N ALA H 271 -88.97 38.14 -31.74
CA ALA H 271 -87.96 39.18 -31.90
C ALA H 271 -87.06 38.82 -33.08
N PRO H 272 -86.47 39.83 -33.77
CA PRO H 272 -86.51 41.27 -33.53
C PRO H 272 -87.44 42.04 -34.46
N LEU H 273 -87.77 43.27 -34.10
CA LEU H 273 -88.74 44.07 -34.83
C LEU H 273 -88.33 45.53 -34.81
N THR H 274 -88.15 46.13 -35.99
CA THR H 274 -87.83 47.55 -36.11
C THR H 274 -88.22 48.05 -37.49
N SER H 275 -88.26 49.39 -37.62
CA SER H 275 -88.69 50.07 -38.83
C SER H 275 -87.50 50.54 -39.65
N ARG H 276 -87.79 51.09 -40.83
CA ARG H 276 -86.74 51.56 -41.73
C ARG H 276 -85.89 52.64 -41.08
N GLY H 277 -86.53 53.73 -40.66
CA GLY H 277 -85.80 54.85 -40.09
C GLY H 277 -85.17 54.57 -38.74
N SER H 278 -85.19 53.30 -38.31
CA SER H 278 -84.62 52.91 -37.03
C SER H 278 -83.72 51.69 -37.09
N GLN H 279 -83.66 50.98 -38.21
CA GLN H 279 -82.89 49.74 -38.24
C GLN H 279 -81.41 49.95 -38.51
N GLN H 280 -80.97 51.19 -38.75
CA GLN H 280 -79.55 51.41 -38.98
C GLN H 280 -78.74 51.44 -37.68
N TYR H 281 -79.40 51.39 -36.53
CA TYR H 281 -78.74 51.67 -35.26
C TYR H 281 -78.55 50.46 -34.35
N ARG H 282 -79.22 49.35 -34.60
CA ARG H 282 -79.16 48.20 -33.70
C ARG H 282 -78.38 47.06 -34.33
N ALA H 283 -77.55 46.40 -33.52
CA ALA H 283 -76.80 45.24 -33.96
C ALA H 283 -77.71 44.00 -33.89
N LEU H 284 -77.13 42.82 -34.04
CA LEU H 284 -77.87 41.56 -33.95
C LEU H 284 -77.01 40.53 -33.24
N THR H 285 -77.12 40.48 -31.91
CA THR H 285 -76.43 39.51 -31.08
C THR H 285 -77.36 39.13 -29.93
N VAL H 286 -77.10 37.97 -29.33
CA VAL H 286 -78.01 37.44 -28.32
C VAL H 286 -78.11 38.37 -27.11
N PRO H 287 -77.11 39.17 -26.74
CA PRO H 287 -77.38 40.19 -25.72
C PRO H 287 -78.52 41.12 -26.09
N GLU H 288 -78.51 41.63 -27.33
CA GLU H 288 -79.55 42.57 -27.74
C GLU H 288 -80.90 41.89 -27.89
N LEU H 289 -80.93 40.70 -28.50
CA LEU H 289 -82.19 39.99 -28.64
C LEU H 289 -82.76 39.61 -27.28
N THR H 290 -81.90 39.28 -26.32
CA THR H 290 -82.37 38.97 -24.98
C THR H 290 -82.89 40.23 -24.28
N GLN H 291 -82.18 41.34 -24.44
CA GLN H 291 -82.62 42.60 -23.86
C GLN H 291 -83.91 43.09 -24.48
N GLN H 292 -84.24 42.61 -25.67
CA GLN H 292 -85.51 42.98 -26.31
C GLN H 292 -86.64 42.01 -26.00
N MET H 293 -86.36 40.71 -25.88
CA MET H 293 -87.45 39.73 -25.84
C MET H 293 -88.11 39.63 -24.47
N PHE H 294 -87.40 39.93 -23.39
CA PHE H 294 -88.01 39.80 -22.07
C PHE H 294 -88.80 41.02 -21.64
N ASP H 295 -88.98 42.01 -22.49
CA ASP H 295 -89.63 43.24 -22.04
C ASP H 295 -91.14 43.03 -22.01
N ALA H 296 -91.89 44.12 -21.79
CA ALA H 296 -93.34 44.06 -21.71
C ALA H 296 -93.98 44.36 -23.06
N LYS H 297 -93.54 45.41 -23.72
CA LYS H 297 -94.09 45.77 -25.02
C LYS H 297 -93.61 44.88 -26.11
N ASN H 298 -92.97 43.75 -25.80
CA ASN H 298 -92.50 42.80 -26.81
C ASN H 298 -93.21 41.45 -26.69
N MET H 299 -94.28 41.37 -25.92
CA MET H 299 -95.09 40.17 -25.80
C MET H 299 -96.51 40.48 -26.25
N MET H 300 -97.28 39.43 -26.52
CA MET H 300 -98.56 39.55 -27.19
C MET H 300 -99.71 39.16 -26.27
N CYS H 301 -99.65 39.62 -25.02
CA CYS H 301 -100.74 39.43 -24.07
C CYS H 301 -100.86 40.68 -23.22
N ALA H 302 -102.11 41.09 -22.95
CA ALA H 302 -102.34 42.30 -22.16
C ALA H 302 -102.22 41.99 -20.68
N ALA H 303 -101.10 41.38 -20.30
CA ALA H 303 -100.80 41.06 -18.90
C ALA H 303 -99.36 41.46 -18.65
N ASP H 304 -99.17 42.61 -18.01
CA ASP H 304 -97.84 43.15 -17.75
C ASP H 304 -97.02 42.11 -17.00
N PRO H 305 -96.02 41.53 -17.65
CA PRO H 305 -95.28 40.42 -17.02
C PRO H 305 -94.56 40.83 -15.75
N ARG H 306 -94.05 42.06 -15.68
CA ARG H 306 -93.38 42.53 -14.48
C ARG H 306 -94.33 42.67 -13.30
N HIS H 307 -95.64 42.54 -13.51
CA HIS H 307 -96.61 42.50 -12.43
C HIS H 307 -96.73 41.12 -11.81
N GLY H 308 -95.77 40.26 -12.06
CA GLY H 308 -95.76 38.93 -11.47
C GLY H 308 -94.41 38.32 -11.69
N ARG H 309 -94.39 36.99 -11.82
CA ARG H 309 -93.16 36.25 -12.07
C ARG H 309 -93.41 35.27 -13.20
N TYR H 310 -92.36 34.52 -13.54
CA TYR H 310 -92.45 33.45 -14.54
C TYR H 310 -92.26 32.13 -13.82
N LEU H 311 -93.29 31.30 -13.79
CA LEU H 311 -93.08 29.92 -13.35
C LEU H 311 -92.07 29.23 -14.24
N THR H 312 -92.10 29.51 -15.54
CA THR H 312 -91.14 28.91 -16.46
C THR H 312 -91.23 29.62 -17.80
N ALA H 313 -90.24 29.38 -18.64
CA ALA H 313 -90.20 30.01 -19.95
C ALA H 313 -89.20 29.28 -20.83
N SER H 314 -89.55 29.11 -22.10
CA SER H 314 -88.65 28.54 -23.09
C SER H 314 -88.44 29.53 -24.22
N ALA H 315 -87.34 29.36 -24.92
CA ALA H 315 -86.98 30.28 -26.00
C ALA H 315 -86.30 29.50 -27.11
N LEU H 316 -86.89 29.52 -28.30
CA LEU H 316 -86.34 28.85 -29.46
C LEU H 316 -85.64 29.87 -30.33
N PHE H 317 -84.33 29.71 -30.49
CA PHE H 317 -83.55 30.58 -31.35
C PHE H 317 -83.48 29.99 -32.75
N ARG H 318 -83.26 30.87 -33.72
CA ARG H 318 -83.16 30.46 -35.12
C ARG H 318 -82.06 31.28 -35.76
N GLY H 319 -81.20 30.62 -36.51
CA GLY H 319 -79.98 31.22 -37.00
C GLY H 319 -78.81 30.34 -36.62
N ARG H 320 -77.63 30.90 -36.42
CA ARG H 320 -76.52 30.10 -35.89
C ARG H 320 -75.66 30.97 -35.01
N MET H 321 -75.59 30.62 -33.73
CA MET H 321 -74.82 31.35 -32.76
C MET H 321 -74.01 30.36 -31.94
N SER H 322 -73.26 30.89 -30.98
CA SER H 322 -72.36 30.08 -30.17
C SER H 322 -73.04 29.79 -28.83
N THR H 323 -73.48 28.55 -28.66
CA THR H 323 -74.32 28.17 -27.52
C THR H 323 -73.88 28.79 -26.21
N LYS H 324 -72.57 29.06 -26.08
CA LYS H 324 -72.08 29.72 -24.87
C LYS H 324 -72.74 31.09 -24.67
N GLU H 325 -72.80 31.91 -25.72
CA GLU H 325 -73.40 33.23 -25.54
C GLU H 325 -74.86 33.12 -25.16
N VAL H 326 -75.60 32.21 -25.80
CA VAL H 326 -77.01 32.02 -25.47
C VAL H 326 -77.18 31.60 -24.01
N ASP H 327 -76.45 30.57 -23.60
CA ASP H 327 -76.68 30.03 -22.27
C ASP H 327 -76.20 31.01 -21.19
N GLU H 328 -75.11 31.72 -21.44
CA GLU H 328 -74.67 32.73 -20.49
C GLU H 328 -75.66 33.87 -20.40
N GLN H 329 -76.26 34.26 -21.54
CA GLN H 329 -77.27 35.31 -21.51
C GLN H 329 -78.50 34.86 -20.72
N MET H 330 -78.89 33.60 -20.88
CA MET H 330 -79.99 33.07 -20.10
C MET H 330 -79.68 33.10 -18.61
N LEU H 331 -78.50 32.59 -18.23
CA LEU H 331 -78.10 32.60 -16.82
C LEU H 331 -78.06 34.01 -16.27
N ASN H 332 -77.57 34.97 -17.06
CA ASN H 332 -77.46 36.35 -16.61
C ASN H 332 -78.83 36.96 -16.39
N VAL H 333 -79.72 36.82 -17.38
CA VAL H 333 -81.05 37.40 -17.24
C VAL H 333 -81.84 36.70 -16.14
N GLN H 334 -81.50 35.46 -15.82
CA GLN H 334 -82.19 34.78 -14.71
C GLN H 334 -81.64 35.22 -13.36
N ASN H 335 -80.35 35.54 -13.29
CA ASN H 335 -79.74 35.99 -12.05
C ASN H 335 -79.81 37.51 -11.86
N LYS H 336 -80.38 38.22 -12.84
CA LYS H 336 -80.56 39.66 -12.71
C LYS H 336 -81.98 40.02 -12.27
N ASN H 337 -82.99 39.55 -13.01
CA ASN H 337 -84.39 39.79 -12.65
C ASN H 337 -84.95 38.65 -11.81
N SER H 338 -84.25 38.30 -10.72
CA SER H 338 -84.70 37.20 -9.90
C SER H 338 -85.99 37.53 -9.17
N SER H 339 -86.23 38.82 -8.88
CA SER H 339 -87.48 39.22 -8.26
C SER H 339 -88.67 38.88 -9.16
N TYR H 340 -88.54 39.14 -10.45
CA TYR H 340 -89.58 38.79 -11.41
C TYR H 340 -89.57 37.33 -11.76
N PHE H 341 -88.84 36.51 -11.02
CA PHE H 341 -88.84 35.06 -11.21
C PHE H 341 -89.22 34.39 -9.91
N VAL H 342 -89.54 33.10 -10.01
CA VAL H 342 -89.97 32.31 -8.87
C VAL H 342 -88.81 31.42 -8.43
N GLU H 343 -88.76 31.14 -7.12
CA GLU H 343 -87.60 30.51 -6.52
C GLU H 343 -87.74 29.01 -6.26
N TRP H 344 -88.94 28.49 -6.05
CA TRP H 344 -89.05 27.08 -5.67
C TRP H 344 -88.76 26.13 -6.83
N ILE H 345 -88.62 26.62 -8.05
CA ILE H 345 -88.22 25.80 -9.19
C ILE H 345 -86.89 26.35 -9.70
N PRO H 346 -85.79 25.63 -9.54
CA PRO H 346 -84.50 26.14 -10.01
C PRO H 346 -84.41 26.11 -11.52
N ASN H 347 -83.52 26.96 -12.05
CA ASN H 347 -83.25 27.08 -13.48
C ASN H 347 -84.53 27.07 -14.30
N ASN H 348 -85.38 28.05 -14.05
CA ASN H 348 -86.74 28.08 -14.60
C ASN H 348 -86.79 28.58 -16.04
N ILE H 349 -85.68 28.59 -16.77
CA ILE H 349 -85.69 28.98 -18.17
C ILE H 349 -85.10 27.84 -18.99
N LYS H 350 -85.41 27.86 -20.29
CA LYS H 350 -84.94 26.83 -21.20
C LYS H 350 -84.71 27.44 -22.57
N SER H 351 -83.70 26.93 -23.27
CA SER H 351 -83.38 27.40 -24.61
C SER H 351 -83.41 26.25 -25.59
N SER H 352 -83.43 26.60 -26.87
CA SER H 352 -83.36 25.59 -27.93
C SER H 352 -82.78 26.25 -29.17
N ILE H 353 -81.55 25.93 -29.50
CA ILE H 353 -80.87 26.50 -30.66
C ILE H 353 -81.26 25.71 -31.90
N CYS H 354 -81.61 26.41 -32.96
CA CYS H 354 -81.92 25.79 -34.24
C CYS H 354 -81.10 26.47 -35.34
N ASP H 355 -80.56 25.66 -36.25
CA ASP H 355 -79.59 26.13 -37.22
C ASP H 355 -80.20 26.63 -38.52
N ILE H 356 -81.43 27.14 -38.47
CA ILE H 356 -82.04 27.72 -39.66
C ILE H 356 -82.70 29.04 -39.30
N PRO H 357 -82.25 30.15 -39.86
CA PRO H 357 -82.89 31.43 -39.60
C PRO H 357 -84.04 31.66 -40.55
N PRO H 358 -84.93 32.62 -40.26
CA PRO H 358 -86.01 32.91 -41.21
C PRO H 358 -85.50 33.48 -42.52
N LYS H 359 -86.41 33.69 -43.47
CA LYS H 359 -86.05 34.22 -44.78
C LYS H 359 -85.70 35.70 -44.65
N GLY H 360 -84.42 36.03 -44.77
CA GLY H 360 -84.01 37.41 -44.82
C GLY H 360 -83.38 37.97 -43.56
N LEU H 361 -83.12 37.13 -42.56
CA LEU H 361 -82.48 37.60 -41.33
C LEU H 361 -81.29 36.72 -40.99
N LYS H 362 -80.71 36.92 -39.81
CA LYS H 362 -79.62 36.09 -39.33
C LYS H 362 -79.91 35.45 -37.99
N MET H 363 -80.56 36.18 -37.07
CA MET H 363 -80.97 35.64 -35.80
C MET H 363 -82.42 36.04 -35.52
N ALA H 364 -83.18 35.10 -34.95
CA ALA H 364 -84.56 35.36 -34.59
C ALA H 364 -84.89 34.54 -33.36
N VAL H 365 -85.82 35.03 -32.57
CA VAL H 365 -86.18 34.41 -31.29
C VAL H 365 -87.69 34.28 -31.20
N THR H 366 -88.16 33.08 -30.90
CA THR H 366 -89.56 32.84 -30.58
C THR H 366 -89.64 32.38 -29.14
N PHE H 367 -90.32 33.16 -28.31
CA PHE H 367 -90.31 32.99 -26.87
C PHE H 367 -91.68 32.59 -26.38
N VAL H 368 -91.72 31.64 -25.44
CA VAL H 368 -92.95 31.19 -24.81
C VAL H 368 -92.76 31.26 -23.30
N GLY H 369 -93.78 31.70 -22.59
CA GLY H 369 -93.63 31.84 -21.15
C GLY H 369 -94.84 31.56 -20.30
N ASN H 370 -94.73 30.60 -19.38
CA ASN H 370 -95.78 30.34 -18.41
C ASN H 370 -95.49 31.21 -17.20
N SER H 371 -96.27 32.29 -17.07
CA SER H 371 -96.10 33.27 -16.02
C SER H 371 -97.29 33.26 -15.09
N THR H 372 -97.08 33.78 -13.87
CA THR H 372 -98.15 33.99 -12.90
C THR H 372 -98.73 35.39 -13.00
N ALA H 373 -98.64 36.01 -14.17
CA ALA H 373 -99.16 37.35 -14.39
C ALA H 373 -100.31 37.42 -15.38
N ILE H 374 -100.62 36.32 -16.09
CA ILE H 374 -101.74 36.35 -17.03
C ILE H 374 -103.06 36.04 -16.36
N GLN H 375 -103.04 35.52 -15.12
CA GLN H 375 -104.27 35.37 -14.36
C GLN H 375 -105.06 36.67 -14.36
N GLU H 376 -104.37 37.80 -14.13
CA GLU H 376 -104.95 39.13 -14.24
C GLU H 376 -105.88 39.22 -15.44
N MET H 377 -105.37 38.83 -16.62
CA MET H 377 -106.18 38.84 -17.83
C MET H 377 -107.53 38.16 -17.60
N PHE H 378 -107.50 36.86 -17.29
CA PHE H 378 -108.75 36.15 -17.06
C PHE H 378 -109.59 36.87 -16.03
N LYS H 379 -108.94 37.37 -14.97
CA LYS H 379 -109.63 38.13 -13.94
C LYS H 379 -110.58 39.14 -14.56
N ARG H 380 -110.03 40.07 -15.36
CA ARG H 380 -110.86 41.15 -15.86
C ARG H 380 -112.03 40.60 -16.67
N VAL H 381 -111.79 39.54 -17.46
CA VAL H 381 -112.88 38.96 -18.23
C VAL H 381 -113.98 38.47 -17.29
N ALA H 382 -113.60 37.65 -16.31
CA ALA H 382 -114.56 37.21 -15.32
C ALA H 382 -115.23 38.40 -14.65
N GLU H 383 -114.47 39.47 -14.44
CA GLU H 383 -115.02 40.69 -13.89
C GLU H 383 -116.26 41.11 -14.68
N GLN H 384 -116.08 41.31 -16.00
CA GLN H 384 -117.21 41.69 -16.84
C GLN H 384 -118.37 40.73 -16.66
N PHE H 385 -118.06 39.43 -16.58
CA PHE H 385 -119.11 38.42 -16.42
C PHE H 385 -120.04 38.78 -15.29
N THR H 386 -119.48 39.16 -14.13
CA THR H 386 -120.31 39.55 -13.00
C THR H 386 -121.30 40.63 -13.41
N ALA H 387 -120.78 41.75 -13.94
CA ALA H 387 -121.63 42.87 -14.30
C ALA H 387 -122.51 42.58 -15.51
N MET H 388 -122.49 41.34 -16.02
CA MET H 388 -123.40 40.93 -17.08
C MET H 388 -124.14 39.66 -16.72
N PHE H 389 -123.94 39.11 -15.53
CA PHE H 389 -124.65 37.90 -15.13
C PHE H 389 -125.64 38.14 -14.00
N ARG H 390 -125.29 39.00 -13.05
CA ARG H 390 -126.22 39.30 -11.97
C ARG H 390 -127.51 39.90 -12.50
N ARG H 391 -127.44 40.61 -13.63
CA ARG H 391 -128.64 41.13 -14.28
C ARG H 391 -129.26 40.14 -15.24
N LYS H 392 -128.61 39.00 -15.47
CA LYS H 392 -129.12 37.96 -16.37
C LYS H 392 -129.39 38.50 -17.75
N ALA H 393 -128.63 39.51 -18.16
CA ALA H 393 -128.83 40.12 -19.46
C ALA H 393 -128.43 39.17 -20.58
N PHE H 394 -129.15 39.25 -21.70
CA PHE H 394 -128.84 38.47 -22.89
C PHE H 394 -128.84 36.98 -22.61
N LEU H 395 -129.67 36.55 -21.65
CA LEU H 395 -129.67 35.15 -21.26
C LEU H 395 -130.56 34.30 -22.15
N HIS H 396 -131.67 34.85 -22.64
CA HIS H 396 -132.65 34.03 -23.35
C HIS H 396 -132.10 33.49 -24.66
N TRP H 397 -131.12 34.18 -25.26
CA TRP H 397 -130.48 33.64 -26.45
C TRP H 397 -129.71 32.36 -26.16
N TYR H 398 -129.40 32.10 -24.89
CA TYR H 398 -128.73 30.86 -24.50
C TYR H 398 -129.71 29.82 -23.99
N THR H 399 -130.62 30.21 -23.09
CA THR H 399 -131.58 29.28 -22.51
C THR H 399 -132.52 28.67 -23.54
N GLY H 400 -132.48 29.12 -24.78
CA GLY H 400 -133.32 28.57 -25.81
C GLY H 400 -132.76 27.36 -26.53
N GLU H 401 -131.55 26.93 -26.19
CA GLU H 401 -130.90 25.80 -26.85
C GLU H 401 -130.34 24.83 -25.81
N GLY H 402 -131.16 24.50 -24.81
CA GLY H 402 -130.77 23.54 -23.79
C GLY H 402 -129.81 24.05 -22.75
N MET H 403 -129.21 25.22 -22.96
CA MET H 403 -128.29 25.77 -21.97
C MET H 403 -129.05 26.13 -20.69
N ASP H 404 -128.54 25.67 -19.55
CA ASP H 404 -129.11 25.98 -18.25
C ASP H 404 -128.13 26.82 -17.44
N GLU H 405 -128.62 27.36 -16.33
CA GLU H 405 -127.87 28.36 -15.58
C GLU H 405 -126.65 27.76 -14.88
N MET H 406 -126.64 26.46 -14.65
CA MET H 406 -125.50 25.85 -13.95
C MET H 406 -124.19 26.07 -14.70
N GLU H 407 -124.26 26.14 -16.03
CA GLU H 407 -123.06 26.33 -16.84
C GLU H 407 -122.33 27.60 -16.44
N PHE H 408 -123.03 28.72 -16.41
CA PHE H 408 -122.37 30.00 -16.15
C PHE H 408 -121.79 30.06 -14.75
N THR H 409 -122.55 29.61 -13.74
CA THR H 409 -122.06 29.69 -12.37
C THR H 409 -120.85 28.78 -12.17
N GLU H 410 -120.91 27.55 -12.70
CA GLU H 410 -119.77 26.67 -12.51
C GLU H 410 -118.57 27.15 -13.32
N ALA H 411 -118.79 27.79 -14.47
CA ALA H 411 -117.69 28.31 -15.26
C ALA H 411 -117.01 29.48 -14.54
N GLU H 412 -117.80 30.36 -13.93
CA GLU H 412 -117.20 31.42 -13.14
C GLU H 412 -116.48 30.85 -11.93
N SER H 413 -117.02 29.78 -11.35
CA SER H 413 -116.33 29.09 -10.26
C SER H 413 -114.96 28.60 -10.71
N ASN H 414 -114.88 28.01 -11.90
CA ASN H 414 -113.62 27.47 -12.38
C ASN H 414 -112.65 28.58 -12.74
N MET H 415 -113.16 29.68 -13.28
CA MET H 415 -112.31 30.85 -13.51
C MET H 415 -111.68 31.33 -12.22
N ASN H 416 -112.50 31.48 -11.18
CA ASN H 416 -111.99 31.90 -9.87
C ASN H 416 -110.97 30.89 -9.35
N ASP H 417 -111.22 29.60 -9.52
CA ASP H 417 -110.28 28.59 -9.07
C ASP H 417 -108.94 28.74 -9.77
N LEU H 418 -108.96 28.91 -11.10
CA LEU H 418 -107.73 29.08 -11.86
C LEU H 418 -106.96 30.30 -11.40
N VAL H 419 -107.64 31.44 -11.26
CA VAL H 419 -106.94 32.66 -10.90
C VAL H 419 -106.40 32.55 -9.48
N SER H 420 -107.10 31.84 -8.59
CA SER H 420 -106.57 31.64 -7.24
C SER H 420 -105.38 30.70 -7.25
N GLU H 421 -105.36 29.72 -8.16
CA GLU H 421 -104.18 28.88 -8.33
C GLU H 421 -102.97 29.73 -8.67
N TYR H 422 -103.09 30.54 -9.73
CA TYR H 422 -101.94 31.35 -10.13
C TYR H 422 -101.56 32.35 -9.04
N GLN H 423 -102.55 32.87 -8.31
CA GLN H 423 -102.25 33.80 -7.22
C GLN H 423 -101.46 33.12 -6.12
N GLN H 424 -101.90 31.95 -5.66
CA GLN H 424 -101.18 31.28 -4.58
C GLN H 424 -99.82 30.80 -5.03
N TYR H 425 -99.64 30.55 -6.33
CA TYR H 425 -98.31 30.17 -6.79
C TYR H 425 -97.38 31.38 -6.88
N GLN H 426 -97.92 32.56 -7.20
CA GLN H 426 -97.18 33.78 -6.96
C GLN H 426 -96.83 33.93 -5.48
N ASP H 427 -97.72 33.46 -4.61
CA ASP H 427 -97.43 33.42 -3.18
C ASP H 427 -96.49 32.28 -2.83
N ALA H 428 -96.68 31.11 -3.47
CA ALA H 428 -95.89 29.93 -3.14
C ALA H 428 -94.40 30.18 -3.36
N THR H 429 -93.63 30.05 -2.29
CA THR H 429 -92.18 30.23 -2.33
C THR H 429 -91.53 29.13 -1.49
N ALA H 430 -90.22 29.24 -1.30
CA ALA H 430 -89.47 28.26 -0.52
C ALA H 430 -88.20 28.87 0.04
N MET I 1 11.93 -48.63 -13.54
CA MET I 1 12.09 -49.34 -12.28
C MET I 1 11.55 -48.52 -11.11
N ARG I 2 11.26 -47.25 -11.37
CA ARG I 2 10.71 -46.36 -10.36
C ARG I 2 10.07 -45.17 -11.08
N GLU I 3 8.94 -44.72 -10.56
CA GLU I 3 8.18 -43.63 -11.16
C GLU I 3 7.22 -43.09 -10.10
N VAL I 4 6.56 -41.98 -10.43
CA VAL I 4 5.57 -41.40 -9.55
C VAL I 4 4.29 -41.17 -10.33
N ILE I 5 3.16 -41.32 -9.66
CA ILE I 5 1.85 -40.95 -10.18
C ILE I 5 1.46 -39.63 -9.54
N SER I 6 0.86 -38.74 -10.33
CA SER I 6 0.44 -37.45 -9.83
C SER I 6 -1.00 -37.20 -10.24
N ILE I 7 -1.86 -36.97 -9.25
CA ILE I 7 -3.28 -36.71 -9.48
C ILE I 7 -3.52 -35.22 -9.25
N HIS I 8 -4.37 -34.63 -10.09
CA HIS I 8 -4.69 -33.21 -10.00
C HIS I 8 -6.22 -33.08 -10.00
N VAL I 9 -6.82 -33.19 -8.82
CA VAL I 9 -8.26 -33.06 -8.69
C VAL I 9 -8.59 -31.67 -8.19
N GLY I 10 -9.73 -31.15 -8.63
CA GLY I 10 -10.13 -29.80 -8.30
C GLY I 10 -9.77 -28.82 -9.40
N GLN I 11 -9.96 -27.54 -9.09
CA GLN I 11 -9.56 -26.48 -10.00
C GLN I 11 -8.24 -25.83 -9.64
N GLY I 12 -7.81 -25.92 -8.39
CA GLY I 12 -6.53 -25.36 -8.01
C GLY I 12 -5.38 -26.28 -8.37
N GLY I 13 -5.44 -27.50 -7.84
CA GLY I 13 -4.44 -28.48 -8.17
C GLY I 13 -4.29 -28.71 -9.66
N ILE I 14 -5.36 -28.53 -10.42
CA ILE I 14 -5.28 -28.80 -11.85
C ILE I 14 -4.52 -27.69 -12.56
N GLN I 15 -4.68 -26.44 -12.12
CA GLN I 15 -3.87 -25.36 -12.68
C GLN I 15 -2.41 -25.53 -12.29
N VAL I 16 -2.17 -25.88 -11.02
CA VAL I 16 -0.81 -26.15 -10.57
C VAL I 16 -0.19 -27.26 -11.42
N GLY I 17 -0.97 -28.30 -11.73
CA GLY I 17 -0.46 -29.38 -12.54
C GLY I 17 -0.26 -28.99 -13.99
N ASN I 18 -1.11 -28.11 -14.52
CA ASN I 18 -0.87 -27.57 -15.84
C ASN I 18 0.52 -26.94 -15.92
N ALA I 19 0.79 -26.01 -15.00
CA ALA I 19 2.12 -25.38 -14.98
C ALA I 19 3.21 -26.41 -14.71
N CYS I 20 2.92 -27.42 -13.89
CA CYS I 20 3.92 -28.39 -13.49
C CYS I 20 4.34 -29.26 -14.67
N TRP I 21 3.37 -29.82 -15.39
CA TRP I 21 3.69 -30.58 -16.58
C TRP I 21 4.32 -29.70 -17.64
N GLU I 22 3.91 -28.43 -17.72
CA GLU I 22 4.60 -27.50 -18.61
C GLU I 22 6.09 -27.51 -18.33
N LEU I 23 6.46 -27.22 -17.07
CA LEU I 23 7.87 -27.17 -16.72
C LEU I 23 8.56 -28.51 -16.94
N PHE I 24 7.90 -29.62 -16.59
CA PHE I 24 8.52 -30.93 -16.74
C PHE I 24 8.86 -31.22 -18.19
N CYS I 25 7.84 -31.14 -19.06
CA CYS I 25 8.10 -31.32 -20.49
C CYS I 25 9.20 -30.38 -20.98
N LEU I 26 9.26 -29.17 -20.43
CA LEU I 26 10.31 -28.25 -20.85
C LEU I 26 11.69 -28.74 -20.47
N GLU I 27 11.83 -29.30 -19.26
CA GLU I 27 13.17 -29.63 -18.79
C GLU I 27 13.69 -30.91 -19.44
N HIS I 28 12.81 -31.88 -19.68
CA HIS I 28 13.25 -33.16 -20.26
C HIS I 28 13.35 -33.10 -21.76
N GLY I 29 13.28 -31.92 -22.36
CA GLY I 29 13.33 -31.78 -23.80
C GLY I 29 12.08 -32.20 -24.54
N ILE I 30 11.11 -32.80 -23.84
CA ILE I 30 9.87 -33.21 -24.49
C ILE I 30 9.15 -31.97 -24.98
N GLN I 31 9.06 -31.81 -26.30
CA GLN I 31 8.28 -30.73 -26.84
C GLN I 31 6.81 -30.93 -26.50
N PRO I 32 6.03 -29.84 -26.47
CA PRO I 32 4.59 -29.97 -26.22
C PRO I 32 3.89 -30.92 -27.18
N ASP I 33 4.49 -31.15 -28.33
CA ASP I 33 3.98 -32.09 -29.32
C ASP I 33 4.13 -33.55 -28.88
N GLY I 34 4.57 -33.85 -27.66
CA GLY I 34 4.76 -35.23 -27.26
C GLY I 34 6.05 -35.82 -27.82
N GLN I 35 6.17 -35.83 -29.15
CA GLN I 35 7.39 -36.28 -29.80
C GLN I 35 8.54 -35.33 -29.43
N MET I 36 9.50 -35.83 -28.66
CA MET I 36 10.75 -35.11 -28.51
C MET I 36 11.36 -34.90 -29.89
N PRO I 37 12.07 -33.79 -30.14
CA PRO I 37 12.73 -33.65 -31.44
C PRO I 37 13.72 -34.78 -31.63
N ALA I 48 16.39 -40.67 -18.27
CA ALA I 48 16.18 -40.24 -16.89
C ALA I 48 14.73 -39.90 -16.58
N PHE I 49 13.82 -39.97 -17.55
CA PHE I 49 12.47 -39.44 -17.40
C PHE I 49 11.43 -40.50 -17.07
N ASN I 50 11.85 -41.77 -16.91
CA ASN I 50 10.88 -42.84 -16.67
C ASN I 50 10.14 -42.60 -15.37
N THR I 51 10.67 -41.72 -14.52
CA THR I 51 9.96 -41.39 -13.30
C THR I 51 8.63 -40.71 -13.57
N PHE I 52 8.50 -40.03 -14.71
CA PHE I 52 7.29 -39.30 -15.02
C PHE I 52 6.59 -39.81 -16.27
N PHE I 53 7.28 -39.91 -17.40
CA PHE I 53 6.62 -40.17 -18.67
C PHE I 53 6.87 -41.60 -19.12
N SER I 54 5.82 -42.22 -19.65
CA SER I 54 5.91 -43.56 -20.25
C SER I 54 5.81 -43.42 -21.77
N GLU I 55 5.93 -44.56 -22.46
CA GLU I 55 6.00 -44.57 -23.91
C GLU I 55 4.80 -45.31 -24.48
N THR I 56 4.07 -44.63 -25.37
CA THR I 56 2.99 -45.28 -26.11
C THR I 56 3.49 -45.85 -27.44
N GLY I 57 4.62 -46.55 -27.36
CA GLY I 57 5.12 -47.35 -28.46
C GLY I 57 5.54 -46.59 -29.71
N ALA I 58 5.29 -45.28 -29.76
CA ALA I 58 5.60 -44.54 -30.99
C ALA I 58 5.80 -43.06 -30.64
N GLY I 59 7.05 -42.64 -30.57
CA GLY I 59 7.40 -41.23 -30.68
C GLY I 59 6.99 -40.33 -29.53
N LYS I 60 5.70 -40.25 -29.25
CA LYS I 60 5.20 -39.34 -28.22
C LYS I 60 5.25 -40.02 -26.86
N HIS I 61 5.71 -39.27 -25.86
CA HIS I 61 5.84 -39.76 -24.51
C HIS I 61 4.65 -39.26 -23.71
N VAL I 62 3.86 -40.19 -23.18
CA VAL I 62 2.65 -39.81 -22.46
C VAL I 62 2.97 -39.62 -20.97
N PRO I 63 2.54 -38.53 -20.36
CA PRO I 63 2.82 -38.33 -18.94
C PRO I 63 1.87 -39.11 -18.05
N ARG I 64 2.39 -39.52 -16.90
CA ARG I 64 1.60 -40.24 -15.91
C ARG I 64 0.84 -39.22 -15.05
N ALA I 65 -0.48 -39.14 -15.22
CA ALA I 65 -1.32 -38.28 -14.42
C ALA I 65 -2.78 -38.52 -14.81
N VAL I 66 -3.68 -38.15 -13.91
CA VAL I 66 -5.09 -38.04 -14.22
C VAL I 66 -5.56 -36.65 -13.85
N PHE I 67 -6.36 -36.06 -14.73
CA PHE I 67 -6.89 -34.71 -14.55
C PHE I 67 -8.38 -34.84 -14.29
N LEU I 68 -8.76 -34.80 -13.02
CA LEU I 68 -10.17 -34.88 -12.64
C LEU I 68 -10.70 -33.50 -12.32
N ASP I 69 -11.88 -33.19 -12.86
CA ASP I 69 -12.62 -32.04 -12.37
C ASP I 69 -14.05 -32.15 -12.83
N LEU I 70 -14.98 -31.88 -11.92
CA LEU I 70 -16.39 -31.92 -12.29
C LEU I 70 -16.76 -30.75 -13.19
N GLU I 71 -16.18 -29.58 -12.95
CA GLU I 71 -16.40 -28.44 -13.84
C GLU I 71 -15.48 -28.55 -15.05
N PRO I 72 -16.01 -28.74 -16.25
CA PRO I 72 -15.16 -29.06 -17.39
C PRO I 72 -14.51 -27.86 -18.06
N THR I 73 -14.49 -26.71 -17.38
CA THR I 73 -13.98 -25.50 -18.03
C THR I 73 -12.46 -25.56 -18.22
N VAL I 74 -11.71 -25.80 -17.16
CA VAL I 74 -10.25 -25.77 -17.26
C VAL I 74 -9.74 -26.95 -18.10
N ILE I 75 -10.39 -28.10 -17.97
CA ILE I 75 -10.01 -29.23 -18.82
C ILE I 75 -10.21 -28.87 -20.28
N ASP I 76 -11.28 -28.13 -20.58
CA ASP I 76 -11.45 -27.64 -21.95
C ASP I 76 -10.43 -26.58 -22.30
N GLU I 77 -9.87 -25.89 -21.29
CA GLU I 77 -8.72 -25.04 -21.57
C GLU I 77 -7.53 -25.86 -22.03
N VAL I 78 -7.34 -27.05 -21.45
CA VAL I 78 -6.21 -27.86 -21.85
C VAL I 78 -6.59 -28.87 -22.93
N ARG I 79 -7.86 -29.28 -22.98
CA ARG I 79 -8.29 -30.24 -24.01
C ARG I 79 -8.21 -29.66 -25.42
N THR I 80 -8.14 -28.33 -25.55
CA THR I 80 -7.97 -27.71 -26.85
C THR I 80 -6.88 -26.64 -26.85
N GLY I 81 -6.19 -26.46 -25.73
CA GLY I 81 -5.14 -25.45 -25.67
C GLY I 81 -3.87 -25.85 -26.37
N THR I 82 -2.74 -25.39 -25.83
CA THR I 82 -1.46 -25.58 -26.50
C THR I 82 -0.93 -27.01 -26.35
N TYR I 83 -1.38 -27.77 -25.35
CA TYR I 83 -0.76 -29.04 -25.01
C TYR I 83 -1.66 -30.24 -25.22
N ARG I 84 -2.80 -30.07 -25.89
CA ARG I 84 -3.73 -31.19 -26.05
C ARG I 84 -3.10 -32.39 -26.74
N GLN I 85 -2.00 -32.18 -27.48
CA GLN I 85 -1.33 -33.29 -28.16
C GLN I 85 -0.70 -34.28 -27.19
N LEU I 86 -0.52 -33.87 -25.93
CA LEU I 86 0.34 -34.61 -25.01
C LEU I 86 -0.39 -35.73 -24.29
N PHE I 87 -1.43 -35.39 -23.53
CA PHE I 87 -2.03 -36.32 -22.58
C PHE I 87 -2.78 -37.43 -23.30
N HIS I 88 -3.40 -38.30 -22.51
CA HIS I 88 -4.23 -39.37 -23.01
C HIS I 88 -5.69 -38.96 -22.89
N PRO I 89 -6.45 -38.93 -23.98
CA PRO I 89 -7.85 -38.43 -23.89
C PRO I 89 -8.72 -39.14 -22.88
N GLU I 90 -8.27 -40.25 -22.30
CA GLU I 90 -8.99 -40.89 -21.20
C GLU I 90 -8.51 -40.39 -19.84
N GLN I 91 -7.32 -39.81 -19.77
CA GLN I 91 -6.79 -39.27 -18.54
C GLN I 91 -7.24 -37.83 -18.28
N LEU I 92 -8.37 -37.43 -18.87
CA LEU I 92 -8.94 -36.11 -18.66
C LEU I 92 -10.42 -36.32 -18.38
N ILE I 93 -10.76 -36.49 -17.10
CA ILE I 93 -12.12 -36.81 -16.69
C ILE I 93 -12.81 -35.54 -16.22
N SER I 94 -13.97 -35.26 -16.81
CA SER I 94 -14.74 -34.07 -16.52
C SER I 94 -16.18 -34.44 -16.24
N GLY I 95 -16.80 -33.71 -15.31
CA GLY I 95 -18.20 -33.87 -15.01
C GLY I 95 -19.05 -32.83 -15.73
N LYS I 96 -20.32 -32.80 -15.38
CA LYS I 96 -21.26 -31.88 -16.00
C LYS I 96 -21.82 -30.85 -15.04
N GLU I 97 -21.31 -30.76 -13.82
CA GLU I 97 -21.72 -29.74 -12.88
C GLU I 97 -20.54 -29.44 -11.97
N ASP I 98 -20.79 -28.71 -10.88
CA ASP I 98 -19.77 -28.39 -9.90
C ASP I 98 -20.14 -29.03 -8.57
N ALA I 99 -19.28 -28.82 -7.57
CA ALA I 99 -19.61 -29.17 -6.21
C ALA I 99 -20.16 -27.99 -5.43
N ALA I 100 -20.14 -26.79 -6.00
CA ALA I 100 -20.66 -25.59 -5.36
C ALA I 100 -20.06 -25.37 -3.97
N ASN I 101 -18.79 -25.76 -3.83
CA ASN I 101 -17.95 -25.50 -2.66
C ASN I 101 -18.39 -26.24 -1.40
N ASN I 102 -19.50 -26.96 -1.42
CA ASN I 102 -19.88 -27.75 -0.25
C ASN I 102 -19.30 -29.15 -0.38
N PHE I 103 -19.28 -29.87 0.74
CA PHE I 103 -18.54 -31.13 0.78
C PHE I 103 -19.36 -32.27 0.19
N ALA I 104 -20.51 -32.56 0.80
CA ALA I 104 -21.22 -33.80 0.50
C ALA I 104 -21.54 -33.94 -1.00
N ARG I 105 -21.79 -32.82 -1.68
CA ARG I 105 -22.11 -32.91 -3.10
C ARG I 105 -20.91 -33.34 -3.94
N GLY I 106 -19.70 -33.18 -3.43
CA GLY I 106 -18.52 -33.76 -4.04
C GLY I 106 -18.02 -35.00 -3.35
N HIS I 107 -18.73 -35.51 -2.34
CA HIS I 107 -18.28 -36.67 -1.59
C HIS I 107 -19.37 -37.72 -1.38
N TYR I 108 -20.65 -37.39 -1.54
CA TYR I 108 -21.73 -38.32 -1.33
C TYR I 108 -22.57 -38.58 -2.57
N THR I 109 -23.03 -37.53 -3.25
CA THR I 109 -23.99 -37.71 -4.33
C THR I 109 -23.31 -37.80 -5.71
N ILE I 110 -22.59 -36.76 -6.10
CA ILE I 110 -22.03 -36.74 -7.45
C ILE I 110 -20.75 -37.55 -7.53
N GLY I 111 -19.95 -37.53 -6.46
CA GLY I 111 -18.74 -38.32 -6.45
C GLY I 111 -18.99 -39.80 -6.69
N LYS I 112 -20.14 -40.30 -6.20
CA LYS I 112 -20.47 -41.71 -6.31
C LYS I 112 -20.28 -42.24 -7.73
N GLU I 113 -20.57 -41.41 -8.74
CA GLU I 113 -20.44 -41.86 -10.12
C GLU I 113 -19.00 -41.78 -10.61
N ILE I 114 -18.32 -40.67 -10.32
CA ILE I 114 -17.05 -40.39 -10.99
C ILE I 114 -15.87 -41.08 -10.30
N VAL I 115 -15.91 -41.23 -8.98
CA VAL I 115 -14.74 -41.78 -8.29
C VAL I 115 -14.51 -43.23 -8.68
N ASP I 116 -15.56 -43.96 -9.07
CA ASP I 116 -15.36 -45.34 -9.52
C ASP I 116 -14.57 -45.37 -10.82
N LEU I 117 -14.92 -44.49 -11.77
CA LEU I 117 -14.17 -44.38 -13.01
C LEU I 117 -12.74 -43.95 -12.74
N CYS I 118 -12.55 -43.01 -11.82
CA CYS I 118 -11.20 -42.62 -11.43
C CYS I 118 -10.42 -43.80 -10.87
N LEU I 119 -11.06 -44.62 -10.05
CA LEU I 119 -10.40 -45.80 -9.50
C LEU I 119 -9.97 -46.75 -10.60
N ASP I 120 -10.84 -47.00 -11.56
CA ASP I 120 -10.48 -47.88 -12.66
C ASP I 120 -9.29 -47.33 -13.44
N ARG I 121 -9.31 -46.03 -13.74
CA ARG I 121 -8.22 -45.44 -14.52
C ARG I 121 -6.91 -45.48 -13.76
N ILE I 122 -6.94 -45.18 -12.46
CA ILE I 122 -5.73 -45.24 -11.65
C ILE I 122 -5.23 -46.68 -11.55
N ARG I 123 -6.15 -47.64 -11.47
CA ARG I 123 -5.75 -49.04 -11.49
C ARG I 123 -5.01 -49.39 -12.78
N LYS I 124 -5.52 -48.90 -13.92
CA LYS I 124 -4.84 -49.14 -15.18
C LYS I 124 -3.45 -48.52 -15.19
N LEU I 125 -3.36 -47.25 -14.77
CA LEU I 125 -2.04 -46.60 -14.72
C LEU I 125 -1.09 -47.33 -13.78
N ALA I 126 -1.62 -47.94 -12.72
CA ALA I 126 -0.76 -48.69 -11.80
C ALA I 126 -0.24 -49.95 -12.45
N ASP I 127 -1.13 -50.76 -13.02
CA ASP I 127 -0.67 -51.97 -13.70
C ASP I 127 0.17 -51.68 -14.93
N ASN I 128 0.15 -50.45 -15.45
CA ASN I 128 1.03 -50.11 -16.56
C ASN I 128 2.46 -49.91 -16.08
N CYS I 129 2.64 -49.22 -14.95
CA CYS I 129 3.95 -48.93 -14.40
C CYS I 129 4.42 -50.06 -13.49
N THR I 130 5.74 -50.15 -13.33
CA THR I 130 6.36 -51.28 -12.65
C THR I 130 6.89 -50.94 -11.25
N GLY I 131 7.66 -49.87 -11.11
CA GLY I 131 8.26 -49.57 -9.83
C GLY I 131 7.71 -48.32 -9.18
N LEU I 132 6.39 -48.13 -9.28
CA LEU I 132 5.75 -46.96 -8.70
C LEU I 132 6.17 -46.78 -7.25
N GLN I 133 6.54 -45.55 -6.89
CA GLN I 133 7.10 -45.27 -5.58
C GLN I 133 6.24 -44.34 -4.73
N GLY I 134 5.39 -43.51 -5.35
CA GLY I 134 4.59 -42.61 -4.55
C GLY I 134 3.52 -41.93 -5.36
N PHE I 135 2.56 -41.38 -4.65
CA PHE I 135 1.49 -40.57 -5.21
C PHE I 135 1.73 -39.11 -4.91
N LEU I 136 1.10 -38.25 -5.71
CA LEU I 136 1.17 -36.80 -5.52
C LEU I 136 -0.19 -36.25 -5.94
N VAL I 137 -1.08 -36.09 -4.98
CA VAL I 137 -2.36 -35.48 -5.28
C VAL I 137 -2.20 -33.96 -5.26
N PHE I 138 -2.98 -33.28 -6.09
CA PHE I 138 -2.92 -31.84 -6.25
C PHE I 138 -4.33 -31.31 -6.10
N ASN I 139 -4.66 -30.80 -4.93
CA ASN I 139 -6.02 -30.34 -4.68
C ASN I 139 -6.02 -29.25 -3.62
N SER I 140 -6.62 -28.12 -3.95
CA SER I 140 -7.00 -27.19 -2.91
C SER I 140 -8.14 -27.80 -2.10
N VAL I 141 -8.24 -27.40 -0.84
CA VAL I 141 -9.37 -27.77 -0.02
C VAL I 141 -10.47 -26.73 -0.05
N GLY I 142 -10.28 -25.64 -0.80
CA GLY I 142 -11.30 -24.60 -0.84
C GLY I 142 -12.55 -25.02 -1.59
N GLY I 143 -12.39 -25.69 -2.72
CA GLY I 143 -13.53 -26.12 -3.48
C GLY I 143 -14.12 -27.42 -2.96
N GLY I 144 -15.41 -27.60 -3.23
CA GLY I 144 -16.05 -28.85 -2.83
C GLY I 144 -15.47 -30.04 -3.54
N THR I 145 -14.98 -29.85 -4.77
CA THR I 145 -14.32 -30.93 -5.49
C THR I 145 -13.06 -31.39 -4.76
N GLY I 146 -12.06 -30.51 -4.62
CA GLY I 146 -10.81 -30.89 -4.01
C GLY I 146 -10.94 -31.39 -2.60
N SER I 147 -12.05 -31.08 -1.93
CA SER I 147 -12.27 -31.54 -0.56
C SER I 147 -13.00 -32.88 -0.54
N GLY I 148 -14.21 -32.94 -1.10
CA GLY I 148 -14.98 -34.17 -1.06
C GLY I 148 -14.40 -35.24 -1.96
N LEU I 149 -14.22 -34.92 -3.25
CA LEU I 149 -13.55 -35.84 -4.15
C LEU I 149 -12.19 -36.24 -3.62
N GLY I 150 -11.46 -35.27 -3.04
CA GLY I 150 -10.17 -35.58 -2.46
C GLY I 150 -10.27 -36.64 -1.38
N SER I 151 -11.18 -36.45 -0.43
CA SER I 151 -11.36 -37.42 0.65
C SER I 151 -11.74 -38.78 0.10
N LEU I 152 -12.70 -38.81 -0.83
CA LEU I 152 -13.20 -40.10 -1.30
C LEU I 152 -12.12 -40.85 -2.07
N LEU I 153 -11.43 -40.17 -2.98
CA LEU I 153 -10.36 -40.80 -3.73
C LEU I 153 -9.22 -41.22 -2.80
N LEU I 154 -8.93 -40.42 -1.78
CA LEU I 154 -7.86 -40.77 -0.85
C LEU I 154 -8.21 -42.04 -0.10
N GLU I 155 -9.44 -42.16 0.38
CA GLU I 155 -9.85 -43.39 1.05
C GLU I 155 -9.79 -44.57 0.09
N ARG I 156 -10.30 -44.37 -1.13
CA ARG I 156 -10.31 -45.46 -2.10
C ARG I 156 -8.91 -45.95 -2.41
N LEU I 157 -7.94 -45.04 -2.50
CA LEU I 157 -6.57 -45.45 -2.78
C LEU I 157 -5.91 -46.07 -1.56
N SER I 158 -6.12 -45.48 -0.38
CA SER I 158 -5.52 -46.02 0.83
C SER I 158 -6.06 -47.39 1.19
N VAL I 159 -7.24 -47.75 0.68
CA VAL I 159 -7.73 -49.12 0.86
C VAL I 159 -7.43 -50.00 -0.35
N ASP I 160 -7.17 -49.41 -1.52
CA ASP I 160 -6.82 -50.21 -2.69
C ASP I 160 -5.33 -50.54 -2.70
N TYR I 161 -4.47 -49.51 -2.79
CA TYR I 161 -3.04 -49.75 -2.83
C TYR I 161 -2.47 -49.90 -1.43
N GLY I 162 -2.63 -48.86 -0.60
CA GLY I 162 -2.18 -48.99 0.77
C GLY I 162 -0.74 -48.60 0.99
N LYS I 163 0.14 -49.61 0.95
CA LYS I 163 1.54 -49.50 1.31
C LYS I 163 2.20 -48.23 0.77
N LYS I 164 1.80 -47.79 -0.41
CA LYS I 164 2.48 -46.68 -1.06
C LYS I 164 2.25 -45.37 -0.31
N SER I 165 3.30 -44.55 -0.23
CA SER I 165 3.23 -43.27 0.44
C SER I 165 2.34 -42.30 -0.33
N LYS I 166 2.02 -41.18 0.31
CA LYS I 166 1.18 -40.15 -0.29
C LYS I 166 1.69 -38.79 0.15
N LEU I 167 1.62 -37.82 -0.77
CA LEU I 167 2.16 -36.48 -0.53
C LEU I 167 1.23 -35.48 -1.23
N GLY I 168 0.35 -34.84 -0.47
CA GLY I 168 -0.59 -33.91 -1.03
C GLY I 168 -0.17 -32.46 -0.98
N PHE I 169 0.08 -31.86 -2.15
CA PHE I 169 0.42 -30.45 -2.24
C PHE I 169 -0.87 -29.64 -2.16
N THR I 170 -1.44 -29.60 -0.95
CA THR I 170 -2.77 -29.02 -0.74
C THR I 170 -2.68 -27.54 -0.42
N ILE I 171 -3.49 -26.75 -1.12
CA ILE I 171 -3.60 -25.32 -0.88
C ILE I 171 -4.70 -25.07 0.13
N TYR I 172 -4.36 -24.46 1.25
CA TYR I 172 -5.32 -24.05 2.27
C TYR I 172 -5.85 -22.66 1.97
N PRO I 173 -6.84 -22.20 2.74
CA PRO I 173 -7.21 -20.78 2.70
C PRO I 173 -6.17 -19.95 3.45
N SER I 174 -5.86 -18.78 2.89
CA SER I 174 -4.87 -17.90 3.46
C SER I 174 -5.31 -17.42 4.84
N PRO I 175 -4.40 -16.77 5.59
CA PRO I 175 -4.81 -16.12 6.83
C PRO I 175 -6.01 -15.19 6.68
N GLN I 176 -5.90 -14.19 5.81
CA GLN I 176 -6.93 -13.15 5.77
C GLN I 176 -7.70 -13.09 4.46
N VAL I 177 -7.10 -13.43 3.32
CA VAL I 177 -7.77 -13.29 2.04
C VAL I 177 -8.38 -14.63 1.65
N SER I 178 -9.44 -14.58 0.85
CA SER I 178 -10.15 -15.78 0.44
C SER I 178 -10.90 -15.49 -0.85
N THR I 179 -11.12 -16.54 -1.64
CA THR I 179 -11.96 -16.47 -2.82
C THR I 179 -13.27 -17.23 -2.64
N ALA I 180 -13.58 -17.64 -1.41
CA ALA I 180 -14.85 -18.24 -1.08
C ALA I 180 -15.12 -17.98 0.39
N VAL I 181 -16.41 -17.82 0.72
CA VAL I 181 -16.80 -17.43 2.08
C VAL I 181 -17.15 -18.63 2.93
N VAL I 182 -17.20 -19.83 2.36
CA VAL I 182 -17.55 -21.02 3.12
C VAL I 182 -16.33 -21.93 3.20
N GLU I 183 -15.16 -21.30 3.22
CA GLU I 183 -13.91 -22.07 3.32
C GLU I 183 -13.77 -22.86 4.61
N PRO I 184 -13.98 -22.30 5.81
CA PRO I 184 -13.74 -23.08 7.03
C PRO I 184 -14.55 -24.36 7.11
N TYR I 185 -15.68 -24.44 6.42
CA TYR I 185 -16.48 -25.66 6.48
C TYR I 185 -15.88 -26.77 5.62
N ASN I 186 -15.74 -26.53 4.33
CA ASN I 186 -15.29 -27.60 3.44
C ASN I 186 -13.78 -27.80 3.47
N SER I 187 -13.12 -27.30 4.51
CA SER I 187 -11.74 -27.64 4.79
C SER I 187 -11.58 -28.52 6.01
N ILE I 188 -12.38 -28.26 7.06
CA ILE I 188 -12.32 -29.06 8.28
C ILE I 188 -12.74 -30.50 8.01
N LEU I 189 -13.71 -30.70 7.12
CA LEU I 189 -14.17 -32.05 6.83
C LEU I 189 -13.13 -32.87 6.09
N SER I 190 -12.17 -32.23 5.42
CA SER I 190 -11.09 -32.94 4.75
C SER I 190 -9.91 -33.21 5.68
N THR I 191 -9.88 -32.61 6.87
CA THR I 191 -8.79 -32.88 7.79
C THR I 191 -8.81 -34.32 8.27
N HIS I 192 -10.00 -34.87 8.51
CA HIS I 192 -10.10 -36.28 8.89
C HIS I 192 -9.48 -37.18 7.83
N SER I 193 -9.79 -36.91 6.56
CA SER I 193 -9.19 -37.69 5.48
C SER I 193 -7.69 -37.47 5.43
N LEU I 194 -7.25 -36.23 5.63
CA LEU I 194 -5.84 -35.91 5.45
C LEU I 194 -4.97 -36.57 6.52
N LEU I 195 -5.51 -36.76 7.73
CA LEU I 195 -4.72 -37.34 8.80
C LEU I 195 -4.45 -38.82 8.57
N GLU I 196 -5.50 -39.61 8.38
CA GLU I 196 -5.33 -41.06 8.35
C GLU I 196 -4.73 -41.54 7.04
N HIS I 197 -5.42 -41.27 5.92
CA HIS I 197 -5.00 -41.84 4.64
C HIS I 197 -3.81 -41.13 4.03
N THR I 198 -3.67 -39.82 4.24
CA THR I 198 -2.62 -39.03 3.62
C THR I 198 -1.44 -39.02 4.59
N ASP I 199 -0.52 -39.97 4.40
CA ASP I 199 0.57 -40.17 5.36
C ASP I 199 1.31 -38.88 5.67
N VAL I 200 1.60 -38.07 4.66
CA VAL I 200 2.25 -36.80 4.85
C VAL I 200 1.37 -35.73 4.19
N ALA I 201 1.73 -34.47 4.37
CA ALA I 201 0.97 -33.39 3.77
C ALA I 201 1.87 -32.16 3.66
N VAL I 202 2.16 -31.75 2.43
CA VAL I 202 2.99 -30.57 2.21
C VAL I 202 2.07 -29.36 2.12
N MET I 203 1.79 -28.75 3.27
CA MET I 203 0.84 -27.66 3.33
C MET I 203 1.35 -26.46 2.54
N LEU I 204 0.54 -26.00 1.60
CA LEU I 204 0.85 -24.80 0.83
C LEU I 204 -0.24 -23.76 1.04
N ASP I 205 0.14 -22.49 0.93
CA ASP I 205 -0.81 -21.40 1.02
C ASP I 205 -0.57 -20.44 -0.13
N ASN I 206 -1.34 -19.36 -0.19
CA ASN I 206 -1.26 -18.39 -1.27
C ASN I 206 -0.63 -17.08 -0.82
N GLU I 207 -1.12 -16.48 0.26
CA GLU I 207 -0.58 -15.20 0.71
C GLU I 207 0.92 -15.25 0.93
N ALA I 208 1.48 -16.40 1.30
CA ALA I 208 2.92 -16.50 1.42
C ALA I 208 3.58 -16.29 0.07
N ILE I 209 3.11 -17.01 -0.95
CA ILE I 209 3.70 -16.87 -2.27
C ILE I 209 3.36 -15.50 -2.84
N TYR I 210 2.20 -14.94 -2.48
CA TYR I 210 1.88 -13.56 -2.83
C TYR I 210 2.95 -12.60 -2.34
N ASP I 211 3.27 -12.65 -1.04
CA ASP I 211 4.29 -11.76 -0.50
C ASP I 211 5.64 -12.02 -1.13
N ILE I 212 5.97 -13.30 -1.37
CA ILE I 212 7.22 -13.63 -2.03
C ILE I 212 7.32 -12.93 -3.38
N CYS I 213 6.25 -13.01 -4.18
CA CYS I 213 6.24 -12.34 -5.47
C CYS I 213 6.29 -10.83 -5.31
N ARG I 214 5.62 -10.30 -4.29
CA ARG I 214 5.52 -8.85 -4.15
C ARG I 214 6.82 -8.22 -3.70
N ARG I 215 7.70 -8.97 -3.02
CA ARG I 215 8.94 -8.38 -2.55
C ARG I 215 10.20 -8.95 -3.18
N ASN I 216 10.22 -10.23 -3.55
CA ASN I 216 11.44 -10.81 -4.12
C ASN I 216 11.54 -10.54 -5.61
N LEU I 217 10.59 -11.04 -6.38
CA LEU I 217 10.66 -10.98 -7.83
C LEU I 217 10.19 -9.65 -8.41
N ASP I 218 9.86 -8.67 -7.56
CA ASP I 218 9.51 -7.32 -7.97
C ASP I 218 8.24 -7.28 -8.83
N ILE I 219 7.60 -8.42 -9.04
CA ILE I 219 6.35 -8.45 -9.79
C ILE I 219 5.26 -7.82 -8.93
N GLU I 220 4.81 -6.63 -9.33
CA GLU I 220 3.88 -5.87 -8.49
C GLU I 220 2.47 -6.41 -8.53
N ARG I 221 2.03 -6.93 -9.68
CA ARG I 221 0.67 -7.43 -9.87
C ARG I 221 0.73 -8.90 -10.23
N PRO I 222 1.06 -9.77 -9.28
CA PRO I 222 1.20 -11.19 -9.58
C PRO I 222 -0.15 -11.81 -9.93
N THR I 223 -0.08 -13.07 -10.34
CA THR I 223 -1.28 -13.79 -10.77
C THR I 223 -1.07 -15.27 -10.47
N TYR I 224 -2.15 -16.04 -10.62
CA TYR I 224 -2.11 -17.46 -10.30
C TYR I 224 -1.07 -18.21 -11.14
N THR I 225 -0.80 -17.75 -12.36
CA THR I 225 0.15 -18.46 -13.21
C THR I 225 1.57 -18.33 -12.69
N ASN I 226 1.92 -17.18 -12.13
CA ASN I 226 3.25 -17.03 -11.53
C ASN I 226 3.42 -17.98 -10.35
N LEU I 227 2.42 -18.00 -9.46
CA LEU I 227 2.46 -18.88 -8.31
C LEU I 227 2.59 -20.32 -8.75
N ASN I 228 1.88 -20.69 -9.81
CA ASN I 228 1.91 -22.06 -10.29
C ASN I 228 3.25 -22.40 -10.91
N ARG I 229 3.85 -21.49 -11.66
CA ARG I 229 5.20 -21.72 -12.17
C ARG I 229 6.18 -21.97 -11.03
N LEU I 230 6.06 -21.18 -9.96
CA LEU I 230 6.97 -21.35 -8.83
C LEU I 230 6.76 -22.70 -8.15
N ILE I 231 5.49 -23.10 -7.96
CA ILE I 231 5.22 -24.41 -7.36
C ILE I 231 5.75 -25.53 -8.24
N ALA I 232 5.63 -25.36 -9.56
CA ALA I 232 6.20 -26.34 -10.48
C ALA I 232 7.70 -26.47 -10.29
N GLN I 233 8.39 -25.33 -10.14
CA GLN I 233 9.82 -25.37 -9.88
C GLN I 233 10.12 -26.11 -8.59
N VAL I 234 9.31 -25.87 -7.56
CA VAL I 234 9.53 -26.54 -6.27
C VAL I 234 9.41 -28.04 -6.43
N ILE I 235 8.38 -28.49 -7.13
CA ILE I 235 8.16 -29.93 -7.25
C ILE I 235 9.22 -30.59 -8.12
N SER I 236 9.66 -29.90 -9.16
CA SER I 236 10.80 -30.40 -9.94
C SER I 236 12.03 -30.54 -9.06
N SER I 237 12.28 -29.55 -8.20
CA SER I 237 13.40 -29.65 -7.27
C SER I 237 13.23 -30.83 -6.32
N LEU I 238 11.99 -31.11 -5.93
CA LEU I 238 11.74 -32.24 -5.04
C LEU I 238 12.09 -33.56 -5.71
N THR I 239 11.57 -33.79 -6.92
CA THR I 239 11.77 -35.05 -7.61
C THR I 239 13.06 -35.09 -8.42
N ALA I 240 13.91 -34.06 -8.29
CA ALA I 240 15.20 -34.06 -8.97
C ALA I 240 15.98 -35.36 -8.77
N SER I 241 16.16 -35.77 -7.52
CA SER I 241 17.03 -36.91 -7.24
C SER I 241 16.55 -38.17 -7.94
N LEU I 242 15.24 -38.39 -7.96
CA LEU I 242 14.70 -39.54 -8.68
C LEU I 242 14.89 -39.39 -10.18
N ARG I 243 14.50 -38.25 -10.74
CA ARG I 243 14.62 -38.05 -12.18
C ARG I 243 16.06 -38.13 -12.63
N PHE I 244 16.89 -37.21 -12.16
CA PHE I 244 18.18 -36.91 -12.78
C PHE I 244 19.33 -37.57 -12.03
N ASP I 245 20.52 -37.35 -12.57
CA ASP I 245 21.77 -37.75 -11.96
C ASP I 245 21.88 -37.18 -10.54
N GLY I 246 22.79 -37.76 -9.76
CA GLY I 246 23.05 -37.21 -8.44
C GLY I 246 24.33 -37.72 -7.81
N ALA I 247 25.15 -36.80 -7.29
CA ALA I 247 26.34 -37.24 -6.56
C ALA I 247 25.97 -37.87 -5.22
N LEU I 248 24.82 -37.50 -4.67
CA LEU I 248 24.38 -38.02 -3.39
C LEU I 248 22.86 -37.91 -3.36
N ASN I 249 22.18 -39.03 -3.57
CA ASN I 249 20.75 -39.03 -3.86
C ASN I 249 19.92 -39.31 -2.61
N VAL I 250 18.61 -39.11 -2.76
CA VAL I 250 17.62 -39.43 -1.74
C VAL I 250 16.43 -40.04 -2.44
N ASP I 251 15.69 -40.88 -1.70
CA ASP I 251 14.58 -41.63 -2.25
C ASP I 251 13.26 -41.10 -1.68
N ILE I 252 12.18 -41.31 -2.44
CA ILE I 252 10.88 -40.84 -1.99
C ILE I 252 10.33 -41.66 -0.84
N THR I 253 10.93 -42.82 -0.55
CA THR I 253 10.65 -43.50 0.71
C THR I 253 11.49 -42.89 1.83
N GLU I 254 12.73 -42.49 1.52
CA GLU I 254 13.59 -41.91 2.54
C GLU I 254 13.05 -40.57 3.05
N PHE I 255 12.29 -39.85 2.22
CA PHE I 255 11.61 -38.65 2.71
C PHE I 255 10.80 -38.96 3.95
N GLN I 256 10.05 -40.06 3.91
CA GLN I 256 9.04 -40.30 4.92
C GLN I 256 9.65 -40.57 6.28
N THR I 257 10.52 -41.57 6.40
CA THR I 257 11.09 -41.94 7.69
C THR I 257 12.06 -40.90 8.23
N ASN I 258 12.63 -40.06 7.37
CA ASN I 258 13.44 -38.95 7.82
C ASN I 258 12.61 -37.76 8.26
N LEU I 259 11.30 -37.81 8.08
CA LEU I 259 10.46 -36.65 8.35
C LEU I 259 9.15 -36.98 9.06
N VAL I 260 8.89 -38.23 9.42
CA VAL I 260 7.65 -38.55 10.12
C VAL I 260 8.01 -39.11 11.49
N PRO I 261 8.24 -38.25 12.49
CA PRO I 261 8.59 -38.75 13.83
C PRO I 261 7.47 -39.51 14.51
N TYR I 262 6.22 -39.16 14.25
CA TYR I 262 5.09 -39.82 14.88
C TYR I 262 3.93 -39.87 13.88
N PRO I 263 3.13 -40.93 13.93
CA PRO I 263 2.05 -41.10 12.94
C PRO I 263 1.06 -39.94 12.89
N ARG I 264 1.10 -39.02 13.84
CA ARG I 264 0.11 -37.93 13.87
C ARG I 264 0.73 -36.55 13.90
N ILE I 265 2.04 -36.42 13.68
CA ILE I 265 2.67 -35.12 13.42
C ILE I 265 3.52 -35.25 12.16
N HIS I 266 2.91 -34.96 11.01
CA HIS I 266 3.58 -35.12 9.72
C HIS I 266 3.18 -34.01 8.76
N PHE I 267 2.73 -32.88 9.26
CA PHE I 267 2.27 -31.78 8.42
C PHE I 267 3.44 -30.84 8.14
N MET I 268 4.04 -30.98 6.97
CA MET I 268 5.31 -30.36 6.66
C MET I 268 5.11 -29.16 5.74
N LEU I 269 5.86 -28.10 5.98
CA LEU I 269 5.87 -26.93 5.09
C LEU I 269 7.14 -26.95 4.25
N SER I 270 7.27 -25.97 3.35
CA SER I 270 8.34 -26.00 2.36
C SER I 270 8.91 -24.60 2.15
N SER I 271 10.02 -24.55 1.42
CA SER I 271 10.69 -23.32 1.05
C SER I 271 11.64 -23.62 -0.11
N TYR I 272 11.98 -22.58 -0.86
CA TYR I 272 12.80 -22.75 -2.06
C TYR I 272 13.63 -21.49 -2.26
N ALA I 273 14.80 -21.66 -2.87
CA ALA I 273 15.71 -20.54 -3.09
C ALA I 273 16.65 -20.91 -4.22
N PRO I 274 17.18 -19.92 -4.96
CA PRO I 274 16.93 -18.49 -4.80
C PRO I 274 15.79 -17.97 -5.69
N ILE I 275 14.69 -17.54 -5.07
CA ILE I 275 13.62 -16.91 -5.82
C ILE I 275 14.00 -15.44 -5.99
N ILE I 276 14.68 -15.13 -7.08
CA ILE I 276 15.21 -13.79 -7.30
C ILE I 276 15.06 -13.43 -8.76
N SER I 277 14.58 -12.22 -9.03
CA SER I 277 14.35 -11.76 -10.38
C SER I 277 15.67 -11.58 -11.11
N ALA I 278 15.58 -11.14 -12.36
CA ALA I 278 16.78 -10.94 -13.17
C ALA I 278 17.64 -9.83 -12.59
N GLU I 279 17.02 -8.70 -12.23
CA GLU I 279 17.78 -7.54 -11.79
C GLU I 279 18.57 -7.85 -10.52
N LYS I 280 17.87 -8.29 -9.47
CA LYS I 280 18.54 -8.47 -8.18
C LYS I 280 19.60 -9.56 -8.24
N ALA I 281 19.48 -10.51 -9.17
CA ALA I 281 20.49 -11.55 -9.29
C ALA I 281 21.84 -10.98 -9.69
N TYR I 282 21.84 -9.81 -10.34
CA TYR I 282 23.07 -9.11 -10.65
C TYR I 282 23.85 -8.75 -9.40
N HIS I 283 23.21 -8.77 -8.22
CA HIS I 283 23.84 -8.45 -6.95
C HIS I 283 23.51 -9.56 -5.94
N GLU I 284 24.32 -10.61 -5.90
CA GLU I 284 24.17 -11.64 -4.90
C GLU I 284 25.45 -12.46 -4.84
N GLN I 285 25.86 -12.83 -3.62
CA GLN I 285 27.02 -13.69 -3.45
C GLN I 285 26.88 -14.98 -4.25
N LEU I 286 25.67 -15.54 -4.29
CA LEU I 286 25.28 -16.73 -5.04
C LEU I 286 25.89 -18.01 -4.49
N SER I 287 26.68 -17.94 -3.42
CA SER I 287 27.29 -19.14 -2.88
C SER I 287 26.26 -19.99 -2.17
N VAL I 288 26.71 -21.16 -1.70
CA VAL I 288 25.83 -22.04 -0.94
C VAL I 288 25.52 -21.43 0.42
N ALA I 289 26.45 -20.68 0.99
CA ALA I 289 26.24 -20.11 2.31
C ALA I 289 25.03 -19.19 2.34
N GLU I 290 25.03 -18.18 1.48
CA GLU I 290 23.94 -17.20 1.51
C GLU I 290 22.62 -17.82 1.06
N ILE I 291 22.67 -18.81 0.18
CA ILE I 291 21.41 -19.39 -0.30
C ILE I 291 20.78 -20.25 0.78
N THR I 292 21.57 -21.09 1.47
CA THR I 292 21.02 -21.85 2.57
C THR I 292 20.81 -21.00 3.81
N ASN I 293 21.28 -19.75 3.79
CA ASN I 293 20.94 -18.79 4.82
C ASN I 293 19.58 -18.14 4.57
N SER I 294 19.35 -17.69 3.34
CA SER I 294 18.06 -17.10 3.01
C SER I 294 16.96 -18.15 2.97
N ALA I 295 17.33 -19.41 2.74
CA ALA I 295 16.33 -20.48 2.77
C ALA I 295 15.79 -20.74 4.17
N PHE I 296 16.21 -19.97 5.18
CA PHE I 296 15.71 -20.13 6.53
C PHE I 296 14.96 -18.92 7.04
N GLU I 297 15.02 -17.79 6.34
CA GLU I 297 14.30 -16.61 6.78
C GLU I 297 12.79 -16.87 6.73
N PRO I 298 12.01 -16.23 7.59
CA PRO I 298 10.57 -16.48 7.59
C PRO I 298 9.87 -15.97 6.35
N ALA I 299 10.36 -14.89 5.74
CA ALA I 299 9.64 -14.26 4.65
C ALA I 299 9.36 -15.22 3.51
N ASN I 300 10.33 -16.07 3.16
CA ASN I 300 10.19 -16.98 2.04
C ASN I 300 9.80 -18.39 2.48
N MET I 301 8.97 -18.51 3.49
CA MET I 301 8.33 -19.77 3.84
C MET I 301 6.97 -19.82 3.16
N MET I 302 6.75 -20.83 2.33
CA MET I 302 5.60 -20.88 1.44
C MET I 302 4.32 -21.18 2.13
N ALA I 303 4.32 -21.21 3.45
CA ALA I 303 3.10 -21.19 4.24
C ALA I 303 3.21 -20.02 5.19
N LYS I 304 2.16 -19.18 5.26
CA LYS I 304 2.24 -17.97 6.05
C LYS I 304 2.19 -18.38 7.53
N CYS I 305 3.36 -18.72 8.05
CA CYS I 305 3.56 -19.03 9.45
C CYS I 305 4.81 -18.30 9.94
N ASP I 306 5.07 -18.40 11.24
CA ASP I 306 6.16 -17.68 11.89
C ASP I 306 7.15 -18.69 12.47
N PRO I 307 8.13 -19.13 11.67
CA PRO I 307 9.13 -20.07 12.19
C PRO I 307 9.93 -19.51 13.34
N ARG I 308 9.99 -18.19 13.50
CA ARG I 308 10.68 -17.60 14.63
C ARG I 308 10.06 -18.01 15.96
N HIS I 309 8.80 -18.45 15.93
CA HIS I 309 8.08 -18.77 17.16
C HIS I 309 8.12 -20.26 17.48
N GLY I 310 7.83 -21.11 16.51
CA GLY I 310 7.81 -22.54 16.74
C GLY I 310 9.20 -23.10 16.97
N LYS I 311 9.30 -24.41 16.79
CA LYS I 311 10.54 -25.15 16.99
C LYS I 311 10.61 -26.28 15.98
N TYR I 312 11.61 -26.22 15.10
CA TYR I 312 11.73 -27.21 14.04
C TYR I 312 11.91 -28.61 14.62
N MET I 313 11.53 -29.61 13.83
CA MET I 313 11.81 -31.00 14.16
C MET I 313 12.77 -31.63 13.17
N ALA I 314 12.47 -31.60 11.88
CA ALA I 314 13.34 -32.25 10.90
C ALA I 314 13.27 -31.52 9.57
N CYS I 315 14.44 -31.15 9.04
CA CYS I 315 14.53 -30.42 7.79
C CYS I 315 15.29 -31.25 6.77
N SER I 316 14.64 -31.53 5.64
CA SER I 316 15.31 -32.16 4.51
C SER I 316 15.62 -31.09 3.47
N MET I 317 16.75 -31.24 2.79
CA MET I 317 17.25 -30.22 1.87
C MET I 317 17.68 -30.88 0.57
N MET I 318 16.86 -30.75 -0.47
CA MET I 318 17.24 -31.21 -1.80
C MET I 318 17.90 -30.06 -2.54
N TYR I 319 19.17 -30.23 -2.89
CA TYR I 319 19.89 -29.23 -3.64
C TYR I 319 19.79 -29.52 -5.13
N ARG I 320 20.43 -28.67 -5.92
CA ARG I 320 20.67 -28.96 -7.32
C ARG I 320 21.60 -27.88 -7.87
N GLY I 321 22.31 -28.24 -8.92
CA GLY I 321 23.40 -27.42 -9.41
C GLY I 321 24.72 -27.79 -8.75
N ASP I 322 25.80 -27.33 -9.35
CA ASP I 322 27.12 -27.72 -8.87
C ASP I 322 27.31 -27.32 -7.41
N VAL I 323 27.69 -28.30 -6.60
CA VAL I 323 27.85 -28.12 -5.16
C VAL I 323 28.96 -29.02 -4.68
N VAL I 324 29.84 -28.48 -3.83
CA VAL I 324 30.84 -29.27 -3.11
C VAL I 324 30.22 -29.63 -1.76
N PRO I 325 30.12 -30.91 -1.41
CA PRO I 325 29.47 -31.27 -0.13
C PRO I 325 30.07 -30.58 1.09
N LYS I 326 31.37 -30.28 1.09
CA LYS I 326 31.93 -29.58 2.24
C LYS I 326 31.34 -28.18 2.37
N ASP I 327 30.93 -27.57 1.25
CA ASP I 327 30.21 -26.31 1.34
C ASP I 327 28.91 -26.47 2.10
N VAL I 328 28.17 -27.53 1.82
CA VAL I 328 26.92 -27.80 2.54
C VAL I 328 27.21 -28.02 4.02
N ASN I 329 28.27 -28.78 4.32
CA ASN I 329 28.58 -29.06 5.72
C ASN I 329 28.93 -27.78 6.48
N ALA I 330 29.76 -26.92 5.89
CA ALA I 330 30.15 -25.69 6.57
C ALA I 330 28.96 -24.74 6.71
N SER I 331 28.14 -24.64 5.66
CA SER I 331 26.98 -23.76 5.73
C SER I 331 25.98 -24.26 6.78
N ILE I 332 25.81 -25.57 6.90
CA ILE I 332 24.94 -26.10 7.93
C ILE I 332 25.54 -25.89 9.32
N ALA I 333 26.87 -25.94 9.43
CA ALA I 333 27.50 -25.55 10.69
C ALA I 333 27.14 -24.12 11.06
N THR I 334 27.26 -23.20 10.11
CA THR I 334 26.88 -21.81 10.38
C THR I 334 25.41 -21.71 10.76
N ILE I 335 24.55 -22.49 10.08
CA ILE I 335 23.12 -22.44 10.36
C ILE I 335 22.84 -22.88 11.79
N LYS I 336 23.29 -24.09 12.15
CA LYS I 336 23.11 -24.57 13.51
C LYS I 336 23.80 -23.67 14.54
N THR I 337 24.76 -22.86 14.10
CA THR I 337 25.40 -21.91 15.00
C THR I 337 24.48 -20.72 15.29
N LYS I 338 23.59 -20.38 14.36
CA LYS I 338 22.65 -19.29 14.60
C LYS I 338 21.78 -19.60 15.81
N ARG I 339 21.71 -18.63 16.73
CA ARG I 339 21.11 -18.89 18.03
C ARG I 339 19.58 -18.83 17.97
N THR I 340 19.03 -17.92 17.17
CA THR I 340 17.59 -17.68 17.19
C THR I 340 16.77 -18.88 16.73
N ILE I 341 17.40 -19.85 16.08
CA ILE I 341 16.72 -21.05 15.60
C ILE I 341 17.02 -22.20 16.55
N GLN I 342 16.00 -22.98 16.90
CA GLN I 342 16.14 -23.98 17.94
C GLN I 342 15.35 -25.22 17.57
N PHE I 343 15.84 -26.37 18.03
CA PHE I 343 15.27 -27.68 17.71
C PHE I 343 14.75 -28.34 18.98
N VAL I 344 14.02 -29.44 18.78
CA VAL I 344 13.47 -30.21 19.90
C VAL I 344 14.59 -31.10 20.44
N ASP I 345 14.36 -31.68 21.62
CA ASP I 345 15.40 -32.49 22.25
C ASP I 345 15.61 -33.81 21.51
N TRP I 346 14.53 -34.46 21.07
CA TRP I 346 14.62 -35.82 20.54
C TRP I 346 15.15 -35.88 19.12
N CYS I 347 15.71 -34.80 18.59
CA CYS I 347 16.26 -34.79 17.23
C CYS I 347 17.48 -33.90 17.19
N PRO I 348 18.64 -34.42 17.60
CA PRO I 348 19.87 -33.62 17.47
C PRO I 348 20.38 -33.58 16.04
N THR I 349 20.10 -34.60 15.24
CA THR I 349 20.41 -34.62 13.82
C THR I 349 19.11 -34.46 13.07
N GLY I 350 18.81 -33.24 12.63
CA GLY I 350 17.56 -32.97 11.96
C GLY I 350 17.74 -32.56 10.51
N PHE I 351 18.97 -32.24 10.13
CA PHE I 351 19.26 -31.76 8.79
C PHE I 351 19.67 -32.94 7.92
N LYS I 352 18.73 -33.44 7.12
CA LYS I 352 19.08 -34.37 6.05
C LYS I 352 19.35 -33.60 4.78
N VAL I 353 20.39 -34.01 4.06
CA VAL I 353 20.77 -33.36 2.82
C VAL I 353 20.52 -34.31 1.66
N GLY I 354 20.59 -33.77 0.46
CA GLY I 354 20.57 -34.57 -0.75
C GLY I 354 21.00 -33.72 -1.92
N ILE I 355 21.83 -34.24 -2.80
CA ILE I 355 22.43 -33.46 -3.87
C ILE I 355 21.99 -34.01 -5.22
N ASN I 356 21.95 -33.13 -6.22
CA ASN I 356 21.71 -33.52 -7.59
C ASN I 356 22.49 -32.58 -8.48
N TYR I 357 22.77 -33.03 -9.70
CA TYR I 357 23.61 -32.28 -10.62
C TYR I 357 22.83 -31.82 -11.85
N GLN I 358 21.63 -31.30 -11.64
CA GLN I 358 20.90 -30.61 -12.68
C GLN I 358 20.50 -29.23 -12.18
N PRO I 359 21.06 -28.16 -12.74
CA PRO I 359 20.70 -26.82 -12.29
C PRO I 359 19.24 -26.53 -12.57
N PRO I 360 18.71 -25.44 -12.03
CA PRO I 360 17.33 -25.06 -12.36
C PRO I 360 17.15 -24.91 -13.87
N THR I 361 15.91 -25.02 -14.30
CA THR I 361 15.54 -24.82 -15.69
C THR I 361 14.70 -23.55 -15.81
N VAL I 362 14.89 -22.83 -16.90
CA VAL I 362 14.23 -21.56 -17.15
C VAL I 362 13.05 -21.80 -18.06
N VAL I 363 11.94 -21.15 -17.76
CA VAL I 363 10.74 -21.19 -18.59
C VAL I 363 10.54 -19.81 -19.20
N PRO I 364 10.38 -19.70 -20.52
CA PRO I 364 10.21 -18.38 -21.13
C PRO I 364 9.03 -17.62 -20.57
N GLY I 365 9.31 -16.52 -19.88
CA GLY I 365 8.31 -15.80 -19.14
C GLY I 365 8.38 -15.98 -17.64
N GLY I 366 9.29 -16.83 -17.15
CA GLY I 366 9.43 -17.04 -15.72
C GLY I 366 10.34 -15.99 -15.11
N ASP I 367 9.82 -15.30 -14.10
CA ASP I 367 10.57 -14.24 -13.44
C ASP I 367 11.80 -14.74 -12.70
N LEU I 368 12.04 -16.04 -12.66
CA LEU I 368 13.21 -16.57 -11.97
C LEU I 368 14.45 -16.42 -12.84
N ALA I 369 15.48 -15.80 -12.27
CA ALA I 369 16.73 -15.62 -12.99
C ALA I 369 17.51 -16.94 -13.03
N LYS I 370 18.08 -17.24 -14.18
CA LYS I 370 18.85 -18.47 -14.34
C LYS I 370 20.09 -18.43 -13.46
N VAL I 371 20.33 -19.52 -12.73
CA VAL I 371 21.39 -19.57 -11.74
C VAL I 371 21.73 -21.03 -11.48
N MET I 372 23.02 -21.30 -11.31
CA MET I 372 23.47 -22.69 -11.18
C MET I 372 22.94 -23.34 -9.91
N ARG I 373 23.29 -22.78 -8.76
CA ARG I 373 22.95 -23.40 -7.50
C ARG I 373 21.49 -23.14 -7.14
N ALA I 374 20.90 -24.09 -6.43
CA ALA I 374 19.52 -23.94 -5.97
C ALA I 374 19.26 -24.91 -4.85
N VAL I 375 18.47 -24.48 -3.86
CA VAL I 375 18.13 -25.29 -2.70
C VAL I 375 16.61 -25.33 -2.55
N CYS I 376 16.12 -26.45 -2.03
CA CYS I 376 14.70 -26.58 -1.72
C CYS I 376 14.59 -27.35 -0.41
N MET I 377 14.02 -26.71 0.59
CA MET I 377 13.92 -27.26 1.93
C MET I 377 12.48 -27.66 2.22
N ILE I 378 12.31 -28.77 2.91
CA ILE I 378 11.01 -29.21 3.40
C ILE I 378 11.16 -29.53 4.88
N SER I 379 10.37 -28.86 5.70
CA SER I 379 10.54 -28.91 7.15
C SER I 379 9.29 -29.42 7.82
N ASN I 380 9.45 -30.47 8.61
CA ASN I 380 8.47 -30.87 9.61
C ASN I 380 8.79 -30.10 10.87
N SER I 381 7.95 -29.10 11.18
CA SER I 381 8.11 -28.25 12.35
C SER I 381 6.81 -28.18 13.12
N THR I 382 6.88 -27.64 14.34
CA THR I 382 5.72 -27.57 15.21
C THR I 382 5.05 -26.21 15.25
N ALA I 383 5.58 -25.21 14.53
CA ALA I 383 4.90 -23.93 14.47
C ALA I 383 3.59 -24.04 13.70
N ILE I 384 3.53 -24.94 12.72
CA ILE I 384 2.39 -25.06 11.83
C ILE I 384 1.09 -25.22 12.60
N ALA I 385 1.18 -25.71 13.84
CA ALA I 385 -0.01 -25.87 14.66
C ALA I 385 -0.82 -24.58 14.73
N GLU I 386 -0.15 -23.46 14.95
CA GLU I 386 -0.86 -22.19 15.05
C GLU I 386 -1.76 -21.98 13.84
N VAL I 387 -1.25 -22.31 12.65
CA VAL I 387 -2.07 -22.21 11.44
C VAL I 387 -3.41 -22.89 11.65
N PHE I 388 -3.38 -24.17 12.01
CA PHE I 388 -4.61 -24.89 12.31
C PHE I 388 -5.45 -24.13 13.31
N SER I 389 -4.85 -23.75 14.44
CA SER I 389 -5.59 -23.00 15.45
C SER I 389 -6.23 -21.77 14.83
N ARG I 390 -5.46 -21.03 14.05
CA ARG I 390 -5.98 -19.86 13.36
C ARG I 390 -7.26 -20.20 12.62
N LEU I 391 -7.21 -21.22 11.77
CA LEU I 391 -8.40 -21.61 11.01
C LEU I 391 -9.53 -21.99 11.95
N ASP I 392 -9.21 -22.71 13.02
CA ASP I 392 -10.23 -23.06 14.02
C ASP I 392 -11.09 -21.86 14.37
N HIS I 393 -10.46 -20.70 14.59
CA HIS I 393 -11.20 -19.52 15.00
C HIS I 393 -12.38 -19.27 14.07
N LYS I 394 -12.09 -19.24 12.76
CA LYS I 394 -13.14 -19.04 11.78
C LYS I 394 -14.32 -19.97 12.04
N PHE I 395 -14.04 -21.27 12.09
CA PHE I 395 -15.09 -22.26 12.27
C PHE I 395 -15.98 -21.91 13.44
N ASP I 396 -15.37 -21.50 14.56
CA ASP I 396 -16.15 -21.13 15.73
C ASP I 396 -17.25 -20.14 15.35
N LEU I 397 -16.83 -18.99 14.82
CA LEU I 397 -17.80 -17.92 14.58
C LEU I 397 -18.80 -18.27 13.49
N MET I 398 -18.75 -19.48 12.93
CA MET I 398 -19.84 -19.94 12.07
C MET I 398 -20.73 -20.93 12.78
N TYR I 399 -20.15 -21.91 13.47
CA TYR I 399 -20.95 -23.04 13.92
C TYR I 399 -21.96 -22.63 14.95
N ALA I 400 -21.70 -21.56 15.70
CA ALA I 400 -22.65 -21.08 16.68
C ALA I 400 -24.00 -20.75 16.06
N LYS I 401 -24.04 -20.43 14.78
CA LYS I 401 -25.29 -20.02 14.14
C LYS I 401 -25.74 -21.00 13.07
N ARG I 402 -25.17 -22.21 13.03
CA ARG I 402 -25.56 -23.24 12.07
C ARG I 402 -25.56 -22.71 10.64
N ALA I 403 -24.72 -21.71 10.37
CA ALA I 403 -24.72 -21.04 9.09
C ALA I 403 -24.41 -22.02 7.96
N PHE I 404 -25.12 -21.87 6.85
CA PHE I 404 -24.92 -22.63 5.63
C PHE I 404 -25.05 -24.14 5.83
N VAL I 405 -25.56 -24.58 6.98
CA VAL I 405 -25.52 -26.00 7.31
C VAL I 405 -26.54 -26.78 6.49
N HIS I 406 -27.68 -26.16 6.19
CA HIS I 406 -28.71 -26.86 5.42
C HIS I 406 -28.23 -27.21 4.02
N TRP I 407 -27.35 -26.38 3.45
CA TRP I 407 -26.75 -26.73 2.17
C TRP I 407 -25.98 -28.03 2.26
N TYR I 408 -25.48 -28.38 3.44
CA TYR I 408 -24.77 -29.64 3.61
C TYR I 408 -25.74 -30.78 3.90
N VAL I 409 -26.69 -30.56 4.81
CA VAL I 409 -27.66 -31.61 5.13
C VAL I 409 -28.53 -31.95 3.94
N GLY I 410 -28.59 -31.08 2.93
CA GLY I 410 -29.38 -31.37 1.75
C GLY I 410 -28.71 -32.30 0.76
N GLU I 411 -27.60 -32.91 1.16
CA GLU I 411 -26.91 -33.88 0.30
C GLU I 411 -26.54 -35.15 1.04
N GLY I 412 -27.22 -35.45 2.14
CA GLY I 412 -27.04 -36.71 2.82
C GLY I 412 -25.97 -36.73 3.90
N MET I 413 -25.47 -35.58 4.32
CA MET I 413 -24.41 -35.50 5.32
C MET I 413 -25.01 -35.16 6.68
N GLU I 414 -24.81 -36.05 7.65
CA GLU I 414 -25.32 -35.83 9.00
C GLU I 414 -24.69 -34.59 9.61
N GLU I 415 -25.47 -33.91 10.46
CA GLU I 415 -25.03 -32.62 11.00
C GLU I 415 -23.83 -32.76 11.91
N GLY I 416 -23.87 -33.75 12.81
CA GLY I 416 -22.84 -33.93 13.82
C GLY I 416 -21.43 -34.09 13.30
N GLU I 417 -21.28 -34.30 11.98
CA GLU I 417 -19.95 -34.44 11.40
C GLU I 417 -19.09 -33.20 11.65
N PHE I 418 -19.70 -32.03 11.72
CA PHE I 418 -18.94 -30.80 11.91
C PHE I 418 -18.23 -30.80 13.25
N SER I 419 -18.95 -31.09 14.34
CA SER I 419 -18.34 -31.15 15.66
C SER I 419 -17.29 -32.25 15.74
N GLU I 420 -17.53 -33.38 15.06
CA GLU I 420 -16.59 -34.48 15.10
C GLU I 420 -15.27 -34.10 14.42
N ALA I 421 -15.34 -33.53 13.22
CA ALA I 421 -14.12 -33.06 12.57
C ALA I 421 -13.47 -31.92 13.34
N ARG I 422 -14.27 -31.12 14.04
CA ARG I 422 -13.70 -30.05 14.86
C ARG I 422 -12.85 -30.63 15.99
N GLU I 423 -13.39 -31.61 16.72
CA GLU I 423 -12.58 -32.24 17.76
C GLU I 423 -11.42 -33.01 17.15
N ASP I 424 -11.59 -33.53 15.93
CA ASP I 424 -10.49 -34.22 15.27
C ASP I 424 -9.32 -33.27 15.01
N LEU I 425 -9.61 -32.04 14.61
CA LEU I 425 -8.53 -31.09 14.39
C LEU I 425 -8.02 -30.49 15.70
N ALA I 426 -8.88 -30.41 16.71
CA ALA I 426 -8.40 -30.06 18.04
C ALA I 426 -7.41 -31.09 18.55
N ALA I 427 -7.58 -32.35 18.14
CA ALA I 427 -6.58 -33.38 18.47
C ALA I 427 -5.21 -33.01 17.91
N LEU I 428 -5.16 -32.51 16.68
CA LEU I 428 -3.88 -32.07 16.12
C LEU I 428 -3.35 -30.86 16.87
N GLU I 429 -4.21 -29.90 17.16
CA GLU I 429 -3.77 -28.74 17.92
C GLU I 429 -3.28 -29.14 19.31
N LYS I 430 -3.70 -30.31 19.79
CA LYS I 430 -3.15 -30.84 21.03
C LYS I 430 -1.79 -31.48 20.80
N ASP I 431 -1.68 -32.33 19.77
CA ASP I 431 -0.43 -33.04 19.52
C ASP I 431 0.70 -32.08 19.19
N TYR I 432 0.54 -31.27 18.15
CA TYR I 432 1.62 -30.42 17.66
C TYR I 432 2.07 -29.38 18.68
N GLU I 433 1.35 -29.23 19.79
CA GLU I 433 1.84 -28.45 20.92
C GLU I 433 2.03 -29.32 22.16
N GLU I 434 2.06 -30.63 21.99
CA GLU I 434 2.47 -31.56 23.03
C GLU I 434 3.87 -32.11 22.81
N VAL I 435 4.26 -32.33 21.55
CA VAL I 435 5.57 -32.88 21.26
C VAL I 435 6.67 -31.85 21.48
N GLY I 436 6.41 -30.59 21.16
CA GLY I 436 7.42 -29.57 21.33
C GLY I 436 7.57 -29.12 22.76
N ILE I 437 7.65 -30.08 23.69
CA ILE I 437 7.76 -29.81 25.11
C ILE I 437 9.01 -30.51 25.62
N GLU I 438 9.65 -29.91 26.62
CA GLU I 438 10.89 -30.44 27.16
C GLU I 438 10.66 -31.79 27.82
N THR I 439 11.76 -32.40 28.25
CA THR I 439 11.73 -33.74 28.82
C THR I 439 11.19 -33.75 30.25
N MET J 1 -24.18 -27.88 -22.09
CA MET J 1 -23.79 -28.08 -20.69
C MET J 1 -24.15 -26.89 -19.82
N ARG J 2 -24.90 -27.14 -18.75
CA ARG J 2 -25.30 -26.12 -17.81
C ARG J 2 -26.06 -24.99 -18.50
N GLU J 3 -27.21 -25.34 -19.06
CA GLU J 3 -27.98 -24.42 -19.87
C GLU J 3 -28.81 -23.50 -18.98
N ILE J 4 -29.65 -22.67 -19.61
CA ILE J 4 -30.50 -21.73 -18.88
C ILE J 4 -31.79 -21.56 -19.66
N VAL J 5 -32.91 -21.85 -19.03
CA VAL J 5 -34.21 -21.60 -19.64
C VAL J 5 -34.61 -20.16 -19.37
N HIS J 6 -35.18 -19.52 -20.38
CA HIS J 6 -35.51 -18.10 -20.33
C HIS J 6 -37.02 -17.95 -20.29
N ILE J 7 -37.58 -17.99 -19.09
CA ILE J 7 -39.00 -17.74 -18.87
C ILE J 7 -39.21 -16.25 -18.72
N GLN J 8 -40.23 -15.73 -19.38
CA GLN J 8 -40.57 -14.32 -19.34
C GLN J 8 -41.96 -14.15 -18.73
N GLY J 9 -42.47 -12.92 -18.76
CA GLY J 9 -43.77 -12.64 -18.21
C GLY J 9 -43.93 -11.17 -17.87
N GLY J 10 -45.10 -10.62 -18.15
CA GLY J 10 -45.32 -9.20 -17.93
C GLY J 10 -44.62 -8.35 -18.98
N GLN J 11 -45.11 -7.13 -19.22
CA GLN J 11 -44.51 -6.32 -20.27
C GLN J 11 -43.09 -5.90 -19.90
N CYS J 12 -42.85 -5.62 -18.62
CA CYS J 12 -41.49 -5.31 -18.18
C CYS J 12 -40.57 -6.50 -18.41
N GLY J 13 -41.00 -7.68 -18.00
CA GLY J 13 -40.21 -8.86 -18.25
C GLY J 13 -39.89 -9.05 -19.71
N ASN J 14 -40.90 -8.82 -20.57
CA ASN J 14 -40.68 -9.03 -22.00
C ASN J 14 -39.70 -8.01 -22.57
N GLN J 15 -39.82 -6.75 -22.16
CA GLN J 15 -38.90 -5.74 -22.65
C GLN J 15 -37.47 -6.02 -22.20
N ILE J 16 -37.30 -6.30 -20.91
CA ILE J 16 -35.98 -6.60 -20.38
C ILE J 16 -35.40 -7.84 -21.05
N GLY J 17 -36.24 -8.83 -21.34
CA GLY J 17 -35.76 -10.01 -22.03
C GLY J 17 -35.31 -9.71 -23.44
N ALA J 18 -36.08 -8.90 -24.17
CA ALA J 18 -35.66 -8.50 -25.51
C ALA J 18 -34.30 -7.81 -25.46
N LYS J 19 -34.12 -6.88 -24.53
CA LYS J 19 -32.84 -6.19 -24.43
C LYS J 19 -31.73 -7.15 -24.01
N PHE J 20 -32.05 -8.13 -23.16
CA PHE J 20 -31.04 -9.07 -22.71
C PHE J 20 -30.56 -9.96 -23.84
N TRP J 21 -31.49 -10.42 -24.66
CA TRP J 21 -31.10 -11.19 -25.83
C TRP J 21 -30.34 -10.33 -26.82
N GLU J 22 -30.67 -9.04 -26.90
CA GLU J 22 -29.88 -8.13 -27.73
C GLU J 22 -28.42 -8.10 -27.27
N VAL J 23 -28.21 -7.95 -25.96
CA VAL J 23 -26.85 -7.85 -25.44
C VAL J 23 -26.11 -9.17 -25.63
N ILE J 24 -26.76 -10.29 -25.32
CA ILE J 24 -26.11 -11.59 -25.50
C ILE J 24 -25.79 -11.83 -26.96
N SER J 25 -26.61 -11.32 -27.88
CA SER J 25 -26.34 -11.48 -29.29
C SER J 25 -25.12 -10.67 -29.71
N ASP J 26 -25.16 -9.37 -29.47
CA ASP J 26 -23.95 -8.63 -29.89
C ASP J 26 -22.75 -8.87 -28.97
N GLU J 27 -22.81 -9.77 -27.99
CA GLU J 27 -21.59 -10.25 -27.34
C GLU J 27 -21.11 -11.57 -27.94
N HIS J 28 -21.99 -12.56 -28.03
CA HIS J 28 -21.66 -13.81 -28.72
C HIS J 28 -21.57 -13.65 -30.20
N GLY J 29 -21.66 -12.43 -30.73
CA GLY J 29 -21.52 -12.22 -32.15
C GLY J 29 -22.61 -12.86 -32.98
N ILE J 30 -23.86 -12.76 -32.55
CA ILE J 30 -25.00 -13.28 -33.29
C ILE J 30 -25.77 -12.10 -33.87
N ASP J 31 -25.75 -11.96 -35.16
CA ASP J 31 -26.49 -10.85 -35.74
C ASP J 31 -27.99 -11.13 -35.70
N PRO J 32 -28.82 -10.09 -35.70
CA PRO J 32 -30.26 -10.30 -35.50
C PRO J 32 -30.93 -11.16 -36.55
N THR J 33 -30.18 -11.65 -37.53
CA THR J 33 -30.72 -12.65 -38.45
C THR J 33 -30.58 -14.07 -37.93
N GLY J 34 -29.83 -14.27 -36.85
CA GLY J 34 -29.72 -15.56 -36.21
C GLY J 34 -28.55 -16.42 -36.62
N THR J 35 -27.48 -15.83 -37.16
CA THR J 35 -26.28 -16.56 -37.52
C THR J 35 -25.11 -16.03 -36.69
N TYR J 36 -23.93 -16.61 -36.90
CA TYR J 36 -22.72 -16.19 -36.21
C TYR J 36 -21.83 -15.43 -37.18
N HIS J 37 -21.73 -14.12 -37.00
CA HIS J 37 -20.77 -13.27 -37.69
C HIS J 37 -19.81 -12.61 -36.71
N ASN J 48 -23.92 -23.29 -26.52
CA ASN J 48 -25.05 -24.06 -26.02
C ASN J 48 -25.62 -23.53 -24.72
N VAL J 49 -24.88 -22.68 -23.99
CA VAL J 49 -25.34 -22.27 -22.67
C VAL J 49 -26.67 -21.53 -22.76
N TYR J 50 -26.87 -20.76 -23.82
CA TYR J 50 -28.10 -19.97 -23.97
C TYR J 50 -28.91 -20.41 -25.18
N TYR J 51 -28.31 -20.44 -26.35
CA TYR J 51 -29.06 -20.60 -27.58
C TYR J 51 -29.32 -22.08 -27.84
N ASN J 52 -29.88 -22.39 -29.01
CA ASN J 52 -30.06 -23.75 -29.47
C ASN J 52 -29.75 -23.76 -30.96
N GLU J 53 -28.84 -24.64 -31.37
CA GLU J 53 -28.57 -24.86 -32.77
C GLU J 53 -29.87 -25.22 -33.50
N ALA J 54 -30.00 -24.76 -34.74
CA ALA J 54 -31.18 -25.03 -35.53
C ALA J 54 -30.75 -25.29 -36.96
N THR J 55 -31.22 -26.42 -37.51
CA THR J 55 -30.86 -26.85 -38.85
C THR J 55 -31.09 -25.74 -39.85
N GLY J 56 -30.12 -25.55 -40.74
CA GLY J 56 -30.06 -24.38 -41.58
C GLY J 56 -29.05 -23.35 -41.14
N GLY J 57 -28.40 -23.57 -40.00
CA GLY J 57 -27.39 -22.64 -39.51
C GLY J 57 -27.93 -21.50 -38.69
N ARG J 58 -28.98 -21.72 -37.90
CA ARG J 58 -29.54 -20.66 -37.08
C ARG J 58 -29.29 -20.97 -35.62
N TYR J 59 -29.42 -19.95 -34.77
CA TYR J 59 -29.24 -20.09 -33.34
C TYR J 59 -30.49 -19.52 -32.66
N VAL J 60 -31.49 -20.37 -32.46
CA VAL J 60 -32.73 -19.90 -31.86
C VAL J 60 -32.53 -19.80 -30.35
N PRO J 61 -32.75 -18.65 -29.73
CA PRO J 61 -32.53 -18.52 -28.29
C PRO J 61 -33.58 -19.30 -27.51
N ARG J 62 -33.12 -20.11 -26.57
CA ARG J 62 -34.01 -20.89 -25.73
C ARG J 62 -34.75 -19.97 -24.77
N ALA J 63 -36.00 -19.65 -25.08
CA ALA J 63 -36.79 -18.73 -24.28
C ALA J 63 -38.25 -19.13 -24.33
N ILE J 64 -39.07 -18.37 -23.58
CA ILE J 64 -40.51 -18.54 -23.58
C ILE J 64 -41.12 -17.23 -23.07
N LEU J 65 -42.16 -16.78 -23.75
CA LEU J 65 -42.77 -15.49 -23.46
C LEU J 65 -44.25 -15.69 -23.17
N MET J 66 -44.67 -15.22 -21.99
CA MET J 66 -46.05 -15.40 -21.56
C MET J 66 -46.60 -14.06 -21.09
N ASP J 67 -47.84 -13.78 -21.48
CA ASP J 67 -48.56 -12.57 -21.11
C ASP J 67 -49.99 -12.67 -21.59
N LEU J 68 -50.92 -12.06 -20.87
CA LEU J 68 -52.33 -12.16 -21.23
C LEU J 68 -52.73 -11.21 -22.36
N GLU J 69 -51.77 -10.52 -22.96
CA GLU J 69 -52.05 -9.64 -24.08
C GLU J 69 -51.16 -10.03 -25.25
N PRO J 70 -51.72 -10.27 -26.41
CA PRO J 70 -50.88 -10.56 -27.58
C PRO J 70 -50.36 -9.32 -28.26
N GLY J 71 -50.45 -8.16 -27.61
CA GLY J 71 -49.88 -6.95 -28.15
C GLY J 71 -48.39 -6.87 -27.90
N THR J 72 -47.97 -7.28 -26.69
CA THR J 72 -46.55 -7.36 -26.39
C THR J 72 -45.83 -8.25 -27.38
N MET J 73 -46.51 -9.27 -27.89
CA MET J 73 -46.00 -10.09 -28.98
C MET J 73 -45.48 -9.22 -30.12
N ASP J 74 -46.36 -8.40 -30.69
CA ASP J 74 -45.97 -7.59 -31.83
C ASP J 74 -44.98 -6.50 -31.44
N SER J 75 -45.06 -5.99 -30.21
CA SER J 75 -44.10 -4.96 -29.81
C SER J 75 -42.69 -5.53 -29.72
N VAL J 76 -42.55 -6.76 -29.23
CA VAL J 76 -41.23 -7.34 -29.07
C VAL J 76 -40.73 -7.91 -30.39
N ARG J 77 -41.63 -8.38 -31.25
CA ARG J 77 -41.21 -8.83 -32.58
C ARG J 77 -40.91 -7.66 -33.50
N ALA J 78 -41.40 -6.46 -33.18
CA ALA J 78 -41.15 -5.32 -34.04
C ALA J 78 -39.71 -4.84 -33.94
N GLY J 79 -39.16 -4.79 -32.74
CA GLY J 79 -37.80 -4.35 -32.55
C GLY J 79 -36.79 -5.32 -33.11
N PRO J 80 -35.58 -4.84 -33.40
CA PRO J 80 -34.52 -5.73 -33.87
C PRO J 80 -34.24 -6.83 -32.85
N PHE J 81 -33.59 -7.89 -33.34
CA PHE J 81 -33.33 -9.10 -32.57
C PHE J 81 -34.61 -9.81 -32.17
N GLY J 82 -35.73 -9.42 -32.77
CA GLY J 82 -36.97 -10.15 -32.55
C GLY J 82 -37.07 -11.41 -33.39
N GLN J 83 -36.40 -11.43 -34.54
CA GLN J 83 -36.41 -12.62 -35.38
C GLN J 83 -35.74 -13.81 -34.72
N LEU J 84 -34.91 -13.57 -33.71
CA LEU J 84 -34.27 -14.68 -32.99
C LEU J 84 -35.32 -15.57 -32.34
N PHE J 85 -36.25 -14.98 -31.61
CA PHE J 85 -37.26 -15.76 -30.91
C PHE J 85 -38.09 -16.56 -31.90
N ARG J 86 -38.22 -17.85 -31.63
CA ARG J 86 -38.96 -18.71 -32.54
C ARG J 86 -40.45 -18.36 -32.50
N PRO J 87 -41.16 -18.50 -33.63
CA PRO J 87 -42.58 -18.15 -33.66
C PRO J 87 -43.46 -19.04 -32.81
N ASP J 88 -42.90 -20.06 -32.17
CA ASP J 88 -43.70 -21.01 -31.41
C ASP J 88 -43.76 -20.69 -29.93
N ASN J 89 -42.73 -20.05 -29.37
CA ASN J 89 -42.71 -19.76 -27.95
C ASN J 89 -43.69 -18.68 -27.54
N PHE J 90 -44.21 -17.90 -28.49
CA PHE J 90 -45.08 -16.79 -28.14
C PHE J 90 -46.47 -17.25 -27.76
N VAL J 91 -46.60 -17.98 -26.66
CA VAL J 91 -47.91 -18.35 -26.14
C VAL J 91 -48.45 -17.21 -25.28
N PHE J 92 -49.56 -16.62 -25.72
CA PHE J 92 -50.12 -15.45 -25.05
C PHE J 92 -51.61 -15.64 -24.83
N GLY J 93 -52.10 -15.13 -23.69
CA GLY J 93 -53.51 -15.16 -23.40
C GLY J 93 -54.27 -14.03 -24.07
N GLN J 94 -55.60 -14.08 -23.95
CA GLN J 94 -56.48 -13.18 -24.70
C GLN J 94 -57.07 -12.08 -23.84
N THR J 95 -57.78 -12.45 -22.76
CA THR J 95 -58.62 -11.50 -22.05
C THR J 95 -57.83 -10.39 -21.37
N GLY J 96 -56.61 -10.67 -20.91
CA GLY J 96 -55.87 -9.67 -20.18
C GLY J 96 -56.24 -9.61 -18.72
N ALA J 97 -55.26 -9.41 -17.84
CA ALA J 97 -55.50 -9.43 -16.41
C ALA J 97 -55.79 -8.05 -15.82
N GLY J 98 -55.44 -6.98 -16.52
CA GLY J 98 -55.74 -5.65 -16.05
C GLY J 98 -55.18 -5.34 -14.67
N ASN J 99 -54.03 -5.93 -14.33
CA ASN J 99 -53.38 -5.74 -13.03
C ASN J 99 -54.30 -6.19 -11.89
N ASN J 100 -54.61 -7.47 -11.88
CA ASN J 100 -55.40 -8.10 -10.83
C ASN J 100 -54.77 -9.44 -10.54
N TRP J 101 -54.20 -9.60 -9.34
CA TRP J 101 -53.43 -10.80 -9.04
C TRP J 101 -54.23 -12.06 -9.28
N ALA J 102 -55.51 -12.06 -8.88
CA ALA J 102 -56.34 -13.24 -9.10
C ALA J 102 -56.56 -13.50 -10.59
N LYS J 103 -56.62 -12.45 -11.41
CA LYS J 103 -56.78 -12.65 -12.84
C LYS J 103 -55.62 -13.43 -13.42
N GLY J 104 -54.39 -13.08 -13.06
CA GLY J 104 -53.22 -13.75 -13.55
C GLY J 104 -52.72 -14.90 -12.71
N HIS J 105 -53.47 -15.29 -11.67
CA HIS J 105 -53.04 -16.38 -10.81
C HIS J 105 -54.10 -17.44 -10.54
N TYR J 106 -55.38 -17.15 -10.75
CA TYR J 106 -56.41 -18.17 -10.52
C TYR J 106 -57.22 -18.52 -11.74
N THR J 107 -57.75 -17.52 -12.47
CA THR J 107 -58.62 -17.81 -13.61
C THR J 107 -57.83 -18.02 -14.89
N GLU J 108 -57.13 -16.99 -15.36
CA GLU J 108 -56.32 -17.14 -16.55
C GLU J 108 -55.13 -18.04 -16.33
N GLY J 109 -54.66 -18.15 -15.09
CA GLY J 109 -53.54 -19.04 -14.81
C GLY J 109 -53.88 -20.50 -15.06
N ALA J 110 -54.95 -20.98 -14.42
CA ALA J 110 -55.34 -22.39 -14.49
C ALA J 110 -55.91 -22.81 -15.83
N GLU J 111 -55.82 -21.97 -16.88
CA GLU J 111 -56.30 -22.35 -18.20
C GLU J 111 -55.28 -22.15 -19.31
N LEU J 112 -54.16 -21.48 -19.04
CA LEU J 112 -53.06 -21.40 -20.00
C LEU J 112 -51.74 -21.92 -19.43
N ILE J 113 -51.55 -21.83 -18.12
CA ILE J 113 -50.32 -22.32 -17.50
C ILE J 113 -50.13 -23.80 -17.75
N ASP J 114 -51.20 -24.53 -18.08
CA ASP J 114 -51.06 -25.90 -18.53
C ASP J 114 -50.14 -25.97 -19.76
N SER J 115 -50.51 -25.27 -20.82
CA SER J 115 -49.68 -25.27 -22.03
C SER J 115 -48.33 -24.63 -21.77
N VAL J 116 -48.27 -23.65 -20.87
CA VAL J 116 -46.97 -23.09 -20.49
C VAL J 116 -46.06 -24.17 -19.94
N LEU J 117 -46.54 -24.96 -18.98
CA LEU J 117 -45.74 -26.05 -18.44
C LEU J 117 -45.39 -27.07 -19.50
N ASP J 118 -46.32 -27.34 -20.41
CA ASP J 118 -46.04 -28.32 -21.46
C ASP J 118 -44.84 -27.88 -22.30
N VAL J 119 -44.87 -26.64 -22.78
CA VAL J 119 -43.77 -26.18 -23.62
C VAL J 119 -42.49 -25.99 -22.82
N VAL J 120 -42.61 -25.64 -21.52
CA VAL J 120 -41.42 -25.53 -20.68
C VAL J 120 -40.75 -26.88 -20.51
N ARG J 121 -41.54 -27.92 -20.26
CA ARG J 121 -40.97 -29.26 -20.19
C ARG J 121 -40.32 -29.64 -21.51
N LYS J 122 -40.99 -29.35 -22.62
CA LYS J 122 -40.40 -29.64 -23.93
C LYS J 122 -39.03 -28.99 -24.07
N GLU J 123 -38.91 -27.72 -23.67
CA GLU J 123 -37.60 -27.07 -23.70
C GLU J 123 -36.64 -27.70 -22.70
N ALA J 124 -37.16 -28.23 -21.59
CA ALA J 124 -36.29 -28.74 -20.53
C ALA J 124 -35.61 -30.03 -20.93
N GLU J 125 -36.41 -31.07 -21.26
CA GLU J 125 -35.82 -32.36 -21.59
C GLU J 125 -34.90 -32.27 -22.80
N GLY J 126 -35.16 -31.32 -23.70
CA GLY J 126 -34.31 -31.15 -24.86
C GLY J 126 -32.86 -30.87 -24.54
N CYS J 127 -32.58 -30.38 -23.34
CA CYS J 127 -31.21 -30.12 -22.90
C CYS J 127 -30.64 -31.37 -22.23
N ASP J 128 -29.34 -31.28 -21.90
CA ASP J 128 -28.64 -32.36 -21.22
C ASP J 128 -28.46 -32.09 -19.72
N CYS J 129 -28.11 -30.87 -19.36
CA CYS J 129 -27.99 -30.46 -17.95
C CYS J 129 -28.57 -29.05 -17.83
N LEU J 130 -29.86 -28.97 -17.55
CA LEU J 130 -30.52 -27.69 -17.30
C LEU J 130 -30.11 -27.23 -15.91
N GLN J 131 -29.04 -26.44 -15.85
CA GLN J 131 -28.49 -26.04 -14.57
C GLN J 131 -29.48 -25.24 -13.74
N GLY J 132 -30.03 -24.19 -14.32
CA GLY J 132 -30.93 -23.33 -13.57
C GLY J 132 -31.92 -22.62 -14.46
N PHE J 133 -32.89 -21.99 -13.80
CA PHE J 133 -33.94 -21.25 -14.47
C PHE J 133 -33.56 -19.77 -14.54
N GLN J 134 -34.43 -18.97 -15.14
CA GLN J 134 -34.19 -17.53 -15.29
C GLN J 134 -35.52 -16.87 -15.62
N ILE J 135 -35.95 -15.93 -14.79
CA ILE J 135 -37.26 -15.31 -14.92
C ILE J 135 -37.09 -13.80 -15.05
N THR J 136 -37.86 -13.20 -15.95
CA THR J 136 -37.90 -11.75 -16.13
C THR J 136 -39.36 -11.32 -16.04
N HIS J 137 -39.70 -10.59 -14.98
CA HIS J 137 -41.08 -10.21 -14.75
C HIS J 137 -41.11 -9.04 -13.77
N SER J 138 -42.29 -8.70 -13.30
CA SER J 138 -42.51 -7.59 -12.38
C SER J 138 -43.24 -8.07 -11.13
N LEU J 139 -43.25 -7.21 -10.12
CA LEU J 139 -44.02 -7.49 -8.91
C LEU J 139 -45.35 -6.74 -8.86
N GLY J 140 -45.56 -5.77 -9.75
CA GLY J 140 -46.77 -4.99 -9.73
C GLY J 140 -47.93 -5.53 -10.55
N GLY J 141 -47.70 -5.74 -11.84
CA GLY J 141 -48.81 -6.10 -12.72
C GLY J 141 -49.40 -7.45 -12.36
N GLY J 142 -50.70 -7.58 -12.62
CA GLY J 142 -51.36 -8.85 -12.38
C GLY J 142 -50.80 -9.97 -13.23
N THR J 143 -50.64 -9.73 -14.53
CA THR J 143 -50.07 -10.71 -15.44
C THR J 143 -48.70 -11.15 -14.97
N GLY J 144 -47.76 -10.22 -14.94
CA GLY J 144 -46.40 -10.50 -14.53
C GLY J 144 -46.32 -11.22 -13.20
N SER J 145 -46.69 -10.53 -12.11
CA SER J 145 -46.56 -11.08 -10.78
C SER J 145 -47.30 -12.41 -10.64
N GLY J 146 -48.59 -12.41 -10.95
CA GLY J 146 -49.42 -13.59 -10.78
C GLY J 146 -48.95 -14.80 -11.56
N MET J 147 -48.92 -14.69 -12.89
CA MET J 147 -48.51 -15.84 -13.68
C MET J 147 -47.07 -16.22 -13.39
N GLY J 148 -46.23 -15.27 -12.99
CA GLY J 148 -44.86 -15.60 -12.69
C GLY J 148 -44.72 -16.44 -11.43
N THR J 149 -45.35 -16.00 -10.34
CA THR J 149 -45.27 -16.80 -9.12
C THR J 149 -45.96 -18.14 -9.30
N LEU J 150 -47.03 -18.21 -10.09
CA LEU J 150 -47.67 -19.50 -10.30
C LEU J 150 -46.77 -20.43 -11.11
N LEU J 151 -46.15 -19.92 -12.16
CA LEU J 151 -45.22 -20.74 -12.94
C LEU J 151 -44.03 -21.18 -12.11
N ILE J 152 -43.57 -20.32 -11.20
CA ILE J 152 -42.44 -20.67 -10.36
C ILE J 152 -42.81 -21.77 -9.38
N SER J 153 -43.97 -21.64 -8.73
CA SER J 153 -44.44 -22.71 -7.87
C SER J 153 -44.57 -24.02 -8.65
N LYS J 154 -45.14 -23.96 -9.85
CA LYS J 154 -45.32 -25.16 -10.65
C LYS J 154 -44.00 -25.82 -10.99
N VAL J 155 -43.02 -25.03 -11.45
CA VAL J 155 -41.76 -25.63 -11.88
C VAL J 155 -40.94 -26.11 -10.69
N ARG J 156 -41.07 -25.46 -9.52
CA ARG J 156 -40.33 -25.94 -8.37
C ARG J 156 -40.99 -27.16 -7.75
N GLU J 157 -42.28 -27.37 -8.00
CA GLU J 157 -42.86 -28.69 -7.74
C GLU J 157 -42.42 -29.69 -8.81
N GLU J 158 -42.13 -29.20 -10.01
CA GLU J 158 -41.70 -30.06 -11.11
C GLU J 158 -40.25 -30.50 -10.93
N TYR J 159 -39.33 -29.55 -10.75
CA TYR J 159 -37.89 -29.81 -10.72
C TYR J 159 -37.33 -29.40 -9.36
N PRO J 160 -37.45 -30.26 -8.35
CA PRO J 160 -36.94 -29.90 -7.01
C PRO J 160 -35.43 -29.86 -6.91
N ASP J 161 -34.72 -30.28 -7.96
CA ASP J 161 -33.27 -30.32 -7.91
C ASP J 161 -32.62 -29.04 -8.43
N ARG J 162 -33.25 -28.38 -9.39
CA ARG J 162 -32.67 -27.20 -10.00
C ARG J 162 -32.71 -26.02 -9.02
N ILE J 163 -32.24 -24.87 -9.50
CA ILE J 163 -32.22 -23.65 -8.71
C ILE J 163 -33.26 -22.69 -9.26
N MET J 164 -33.48 -21.58 -8.57
CA MET J 164 -34.45 -20.58 -8.96
C MET J 164 -33.81 -19.21 -8.91
N GLU J 165 -34.28 -18.32 -9.79
CA GLU J 165 -33.81 -16.94 -9.78
C GLU J 165 -34.84 -16.09 -10.49
N THR J 166 -35.17 -14.94 -9.91
CA THR J 166 -36.14 -14.02 -10.49
C THR J 166 -35.55 -12.62 -10.44
N PHE J 167 -35.45 -11.98 -11.60
CA PHE J 167 -35.01 -10.58 -11.68
C PHE J 167 -36.27 -9.71 -11.64
N SER J 168 -36.68 -9.34 -10.43
CA SER J 168 -37.97 -8.72 -10.19
C SER J 168 -37.82 -7.23 -9.92
N VAL J 169 -38.64 -6.44 -10.58
CA VAL J 169 -38.74 -5.01 -10.30
C VAL J 169 -39.80 -4.81 -9.22
N VAL J 170 -39.51 -3.92 -8.29
CA VAL J 170 -40.33 -3.72 -7.10
C VAL J 170 -40.91 -2.30 -7.13
N PRO J 171 -41.87 -1.97 -6.27
CA PRO J 171 -42.42 -0.61 -6.29
C PRO J 171 -41.37 0.40 -5.84
N SER J 172 -41.22 1.46 -6.63
CA SER J 172 -40.36 2.56 -6.25
C SER J 172 -40.92 3.25 -5.01
N PRO J 173 -40.07 3.80 -4.14
CA PRO J 173 -40.60 4.44 -2.92
C PRO J 173 -41.32 5.75 -3.17
N LYS J 174 -40.79 6.60 -4.05
CA LYS J 174 -41.35 7.93 -4.22
C LYS J 174 -42.72 7.89 -4.88
N VAL J 175 -42.79 7.38 -6.11
CA VAL J 175 -44.04 7.29 -6.85
C VAL J 175 -44.31 5.82 -7.15
N SER J 176 -45.56 5.50 -7.44
CA SER J 176 -45.98 4.14 -7.73
C SER J 176 -46.60 4.09 -9.11
N ASP J 177 -46.42 2.94 -9.78
CA ASP J 177 -46.90 2.80 -11.15
C ASP J 177 -48.38 2.44 -11.19
N THR J 178 -48.82 1.52 -10.34
CA THR J 178 -50.20 1.07 -10.29
C THR J 178 -50.66 1.05 -8.85
N VAL J 179 -51.61 1.92 -8.49
CA VAL J 179 -51.88 2.26 -7.11
C VAL J 179 -52.18 1.04 -6.24
N VAL J 180 -52.38 -0.12 -6.83
CA VAL J 180 -52.56 -1.35 -6.07
C VAL J 180 -51.26 -2.15 -6.02
N GLU J 181 -50.12 -1.49 -6.24
CA GLU J 181 -48.81 -2.15 -6.14
C GLU J 181 -48.61 -2.94 -4.85
N PRO J 182 -48.94 -2.42 -3.66
CA PRO J 182 -48.68 -3.21 -2.44
C PRO J 182 -49.34 -4.56 -2.43
N TYR J 183 -50.60 -4.65 -2.89
CA TYR J 183 -51.30 -5.92 -2.83
C TYR J 183 -50.65 -6.98 -3.72
N ASN J 184 -50.39 -6.64 -4.98
CA ASN J 184 -49.76 -7.61 -5.87
C ASN J 184 -48.33 -7.92 -5.41
N ALA J 185 -47.64 -6.92 -4.88
CA ALA J 185 -46.29 -7.15 -4.38
C ALA J 185 -46.30 -8.18 -3.24
N THR J 186 -47.19 -8.00 -2.27
CA THR J 186 -47.19 -8.93 -1.14
C THR J 186 -47.70 -10.30 -1.57
N LEU J 187 -48.64 -10.35 -2.50
CA LEU J 187 -49.10 -11.65 -2.97
C LEU J 187 -48.05 -12.37 -3.78
N SER J 188 -47.11 -11.65 -4.40
CA SER J 188 -46.00 -12.29 -5.07
C SER J 188 -44.89 -12.70 -4.11
N VAL J 189 -44.66 -11.90 -3.06
CA VAL J 189 -43.59 -12.23 -2.13
C VAL J 189 -44.01 -13.32 -1.15
N HIS J 190 -45.31 -13.51 -0.91
CA HIS J 190 -45.75 -14.55 0.00
C HIS J 190 -45.55 -15.95 -0.58
N GLN J 191 -45.50 -16.06 -1.90
CA GLN J 191 -45.19 -17.33 -2.57
C GLN J 191 -43.79 -17.38 -3.15
N LEU J 192 -43.15 -16.23 -3.37
CA LEU J 192 -41.80 -16.23 -3.90
C LEU J 192 -40.78 -16.58 -2.83
N VAL J 193 -40.99 -16.09 -1.60
CA VAL J 193 -40.00 -16.29 -0.55
C VAL J 193 -39.83 -17.77 -0.21
N GLU J 194 -40.81 -18.60 -0.54
CA GLU J 194 -40.73 -20.02 -0.20
C GLU J 194 -40.07 -20.84 -1.30
N ASN J 195 -40.30 -20.51 -2.56
CA ASN J 195 -39.88 -21.34 -3.69
C ASN J 195 -38.99 -20.57 -4.67
N ALA J 196 -38.04 -19.80 -4.15
CA ALA J 196 -37.12 -19.06 -4.99
C ALA J 196 -35.84 -18.78 -4.23
N ASP J 197 -34.71 -18.91 -4.93
CA ASP J 197 -33.39 -18.81 -4.31
C ASP J 197 -32.70 -17.47 -4.54
N GLU J 198 -32.87 -16.86 -5.70
CA GLU J 198 -32.14 -15.63 -6.03
C GLU J 198 -33.14 -14.58 -6.51
N CYS J 199 -33.63 -13.77 -5.57
CA CYS J 199 -34.57 -12.71 -5.89
C CYS J 199 -33.78 -11.43 -6.10
N MET J 200 -33.30 -11.23 -7.33
CA MET J 200 -32.58 -10.02 -7.69
C MET J 200 -33.57 -8.88 -7.82
N VAL J 201 -33.58 -7.99 -6.83
CA VAL J 201 -34.54 -6.89 -6.78
C VAL J 201 -33.97 -5.71 -7.53
N ILE J 202 -34.84 -5.01 -8.27
CA ILE J 202 -34.50 -3.80 -8.99
C ILE J 202 -35.63 -2.81 -8.78
N ASP J 203 -35.33 -1.52 -8.88
CA ASP J 203 -36.34 -0.48 -8.79
C ASP J 203 -36.06 0.59 -9.85
N ASN J 204 -37.12 1.12 -10.44
CA ASN J 204 -36.95 2.06 -11.55
C ASN J 204 -36.28 3.35 -11.11
N GLU J 205 -36.48 3.75 -9.85
CA GLU J 205 -35.89 5.01 -9.38
C GLU J 205 -34.37 4.90 -9.31
N ALA J 206 -33.85 3.76 -8.85
CA ALA J 206 -32.40 3.59 -8.80
C ALA J 206 -31.78 3.67 -10.18
N LEU J 207 -32.41 3.02 -11.17
CA LEU J 207 -31.89 3.09 -12.53
C LEU J 207 -32.00 4.50 -13.09
N TYR J 208 -33.08 5.21 -12.77
CA TYR J 208 -33.20 6.62 -13.13
C TYR J 208 -32.02 7.42 -12.61
N ASP J 209 -31.77 7.31 -11.31
CA ASP J 209 -30.68 8.06 -10.70
C ASP J 209 -29.33 7.65 -11.26
N ILE J 210 -29.18 6.39 -11.65
CA ILE J 210 -27.92 5.94 -12.24
C ILE J 210 -27.72 6.58 -13.60
N CYS J 211 -28.71 6.46 -14.48
CA CYS J 211 -28.54 6.99 -15.84
C CYS J 211 -28.50 8.51 -15.86
N PHE J 212 -28.92 9.17 -14.78
CA PHE J 212 -28.78 10.63 -14.76
C PHE J 212 -27.49 11.07 -14.06
N ARG J 213 -27.32 10.70 -12.79
CA ARG J 213 -26.19 11.19 -12.01
C ARG J 213 -24.86 10.70 -12.57
N THR J 214 -24.73 9.39 -12.74
CA THR J 214 -23.43 8.80 -13.03
C THR J 214 -23.12 8.71 -14.52
N LEU J 215 -24.03 9.15 -15.39
CA LEU J 215 -23.79 9.13 -16.82
C LEU J 215 -24.15 10.43 -17.52
N LYS J 216 -24.76 11.39 -16.83
CA LYS J 216 -25.15 12.68 -17.38
C LYS J 216 -26.09 12.56 -18.57
N LEU J 217 -26.60 11.36 -18.86
CA LEU J 217 -27.58 11.20 -19.91
C LEU J 217 -28.88 11.89 -19.52
N THR J 218 -29.23 12.95 -20.24
CA THR J 218 -30.38 13.77 -19.90
C THR J 218 -31.71 13.17 -20.34
N THR J 219 -31.70 12.34 -21.38
CA THR J 219 -32.92 11.79 -21.97
C THR J 219 -32.92 10.26 -21.87
N PRO J 220 -33.13 9.72 -20.67
CA PRO J 220 -33.17 8.27 -20.53
C PRO J 220 -34.49 7.71 -21.03
N THR J 221 -34.40 6.55 -21.68
CA THR J 221 -35.57 5.82 -22.13
C THR J 221 -35.51 4.41 -21.57
N TYR J 222 -36.68 3.76 -21.51
CA TYR J 222 -36.75 2.41 -20.98
C TYR J 222 -35.84 1.45 -21.73
N GLY J 223 -35.50 1.76 -22.98
CA GLY J 223 -34.49 0.99 -23.68
C GLY J 223 -33.15 1.02 -22.97
N ASP J 224 -32.70 2.20 -22.54
CA ASP J 224 -31.41 2.31 -21.89
C ASP J 224 -31.41 1.65 -20.51
N LEU J 225 -32.47 1.85 -19.74
CA LEU J 225 -32.57 1.22 -18.44
C LEU J 225 -32.58 -0.30 -18.56
N ASN J 226 -33.35 -0.81 -19.52
CA ASN J 226 -33.34 -2.24 -19.78
C ASN J 226 -31.98 -2.70 -20.25
N HIS J 227 -31.24 -1.85 -20.97
CA HIS J 227 -29.89 -2.22 -21.36
C HIS J 227 -28.97 -2.34 -20.15
N LEU J 228 -29.14 -1.45 -19.18
CA LEU J 228 -28.32 -1.54 -17.97
C LEU J 228 -28.63 -2.82 -17.19
N VAL J 229 -29.92 -3.12 -17.02
CA VAL J 229 -30.25 -4.36 -16.30
C VAL J 229 -29.85 -5.58 -17.12
N SER J 230 -29.82 -5.45 -18.45
CA SER J 230 -29.29 -6.51 -19.29
C SER J 230 -27.82 -6.75 -19.02
N ALA J 231 -27.05 -5.68 -18.96
CA ALA J 231 -25.63 -5.81 -18.66
C ALA J 231 -25.43 -6.48 -17.31
N ALA J 232 -26.25 -6.12 -16.32
CA ALA J 232 -26.15 -6.77 -15.01
C ALA J 232 -26.44 -8.26 -15.12
N MET J 233 -27.56 -8.63 -15.75
CA MET J 233 -27.93 -10.03 -15.85
C MET J 233 -26.88 -10.84 -16.60
N SER J 234 -26.33 -10.28 -17.67
CA SER J 234 -25.28 -10.96 -18.42
C SER J 234 -24.05 -11.17 -17.55
N GLY J 235 -23.53 -10.07 -16.99
CA GLY J 235 -22.35 -10.18 -16.15
C GLY J 235 -22.50 -11.12 -14.98
N VAL J 236 -23.74 -11.37 -14.55
CA VAL J 236 -23.97 -12.33 -13.46
C VAL J 236 -23.28 -13.65 -13.75
N THR J 237 -23.54 -14.22 -14.92
CA THR J 237 -23.08 -15.57 -15.22
C THR J 237 -21.92 -15.61 -16.20
N CYS J 238 -21.44 -14.46 -16.68
CA CYS J 238 -20.46 -14.46 -17.75
C CYS J 238 -19.16 -15.17 -17.38
N CYS J 239 -18.92 -15.38 -16.08
CA CYS J 239 -17.74 -16.12 -15.66
C CYS J 239 -17.92 -17.62 -15.80
N LEU J 240 -19.04 -18.07 -16.38
CA LEU J 240 -19.29 -19.49 -16.60
C LEU J 240 -19.07 -19.91 -18.04
N ARG J 241 -19.67 -19.22 -19.00
CA ARG J 241 -19.53 -19.60 -20.40
C ARG J 241 -18.21 -19.14 -21.02
N PHE J 242 -17.29 -18.64 -20.22
CA PHE J 242 -15.98 -18.20 -20.67
C PHE J 242 -14.91 -18.81 -19.78
N PRO J 243 -13.69 -18.94 -20.28
CA PRO J 243 -12.58 -19.39 -19.42
C PRO J 243 -12.31 -18.36 -18.33
N GLY J 244 -11.48 -18.77 -17.38
CA GLY J 244 -11.15 -17.88 -16.29
C GLY J 244 -10.20 -18.48 -15.28
N GLN J 245 -9.30 -17.67 -14.73
CA GLN J 245 -8.36 -18.15 -13.74
C GLN J 245 -9.05 -18.66 -12.48
N LEU J 246 -10.32 -18.31 -12.28
CA LEU J 246 -11.08 -18.84 -11.16
C LEU J 246 -12.55 -18.76 -11.54
N ASN J 247 -13.13 -19.87 -11.95
CA ASN J 247 -14.49 -19.89 -12.46
C ASN J 247 -15.49 -20.21 -11.36
N SER J 248 -16.69 -19.69 -11.54
CA SER J 248 -17.81 -19.96 -10.66
C SER J 248 -19.02 -20.28 -11.52
N ASP J 249 -20.19 -20.33 -10.91
CA ASP J 249 -21.41 -20.68 -11.63
C ASP J 249 -22.60 -20.15 -10.85
N LEU J 250 -23.79 -20.59 -11.25
CA LEU J 250 -25.02 -20.14 -10.63
C LEU J 250 -25.37 -20.91 -9.37
N ARG J 251 -24.44 -21.73 -8.86
CA ARG J 251 -24.65 -22.44 -7.61
C ARG J 251 -23.59 -22.14 -6.57
N LYS J 252 -22.33 -21.97 -6.98
CA LYS J 252 -21.32 -21.45 -6.06
C LYS J 252 -21.75 -20.12 -5.50
N LEU J 253 -22.37 -19.28 -6.34
CA LEU J 253 -23.02 -18.07 -5.84
C LEU J 253 -24.00 -18.40 -4.73
N ALA J 254 -24.91 -19.35 -5.00
CA ALA J 254 -26.00 -19.63 -4.07
C ALA J 254 -25.51 -19.98 -2.68
N VAL J 255 -24.44 -20.77 -2.56
CA VAL J 255 -23.87 -21.11 -1.26
C VAL J 255 -23.04 -19.96 -0.69
N ASN J 256 -22.22 -19.33 -1.53
CA ASN J 256 -21.51 -18.14 -1.09
C ASN J 256 -22.42 -16.95 -0.84
N LEU J 257 -23.71 -17.08 -1.12
CA LEU J 257 -24.62 -15.94 -0.97
C LEU J 257 -25.70 -16.14 0.07
N ILE J 258 -26.33 -17.31 0.14
CA ILE J 258 -27.42 -17.47 1.08
C ILE J 258 -26.91 -18.30 2.25
N PRO J 259 -26.90 -17.75 3.47
CA PRO J 259 -26.58 -18.57 4.65
C PRO J 259 -27.80 -19.28 5.24
N PHE J 260 -28.98 -19.08 4.68
CA PHE J 260 -30.21 -19.53 5.33
C PHE J 260 -31.27 -19.72 4.26
N PRO J 261 -32.33 -20.47 4.55
CA PRO J 261 -33.36 -20.73 3.52
C PRO J 261 -34.15 -19.50 3.12
N ARG J 262 -34.08 -18.40 3.88
CA ARG J 262 -34.90 -17.23 3.61
C ARG J 262 -34.10 -16.03 3.16
N LEU J 263 -33.00 -15.71 3.82
CA LEU J 263 -32.27 -14.46 3.59
C LEU J 263 -31.49 -14.53 2.28
N HIS J 264 -32.24 -14.62 1.18
CA HIS J 264 -31.67 -14.88 -0.14
C HIS J 264 -32.14 -13.88 -1.17
N PHE J 265 -32.29 -12.61 -0.79
CA PHE J 265 -32.76 -11.57 -1.69
C PHE J 265 -31.61 -10.62 -1.97
N PHE J 266 -31.17 -10.57 -3.22
CA PHE J 266 -29.90 -9.97 -3.57
C PHE J 266 -30.08 -8.58 -4.19
N MET J 267 -29.19 -7.67 -3.84
CA MET J 267 -29.00 -6.41 -4.55
C MET J 267 -27.99 -6.59 -5.66
N ILE J 268 -28.06 -5.71 -6.66
CA ILE J 268 -27.29 -5.86 -7.89
C ILE J 268 -26.55 -4.56 -8.19
N GLY J 269 -25.35 -4.69 -8.72
CA GLY J 269 -24.59 -3.52 -9.15
C GLY J 269 -23.67 -3.86 -10.29
N PHE J 270 -23.33 -2.85 -11.09
CA PHE J 270 -22.49 -3.02 -12.26
C PHE J 270 -21.42 -1.94 -12.28
N ALA J 271 -20.28 -2.26 -12.91
CA ALA J 271 -19.22 -1.28 -13.08
C ALA J 271 -18.38 -1.70 -14.28
N PRO J 272 -17.77 -0.74 -14.99
CA PRO J 272 -17.74 0.69 -14.76
C PRO J 272 -18.75 1.47 -15.60
N LEU J 273 -19.15 2.63 -15.11
CA LEU J 273 -20.09 3.49 -15.82
C LEU J 273 -19.66 4.93 -15.63
N THR J 274 -19.47 5.65 -16.73
CA THR J 274 -19.11 7.06 -16.65
C THR J 274 -19.58 7.77 -17.92
N SER J 275 -19.74 9.09 -17.79
CA SER J 275 -20.35 9.90 -18.83
C SER J 275 -19.35 10.19 -19.94
N ARG J 276 -19.70 11.11 -20.84
CA ARG J 276 -18.76 11.53 -21.87
C ARG J 276 -17.66 12.39 -21.29
N GLY J 277 -18.03 13.40 -20.49
CA GLY J 277 -17.06 14.30 -19.91
C GLY J 277 -16.03 13.61 -19.06
N SER J 278 -16.47 13.00 -17.96
CA SER J 278 -15.57 12.41 -17.00
C SER J 278 -14.87 11.15 -17.50
N GLN J 279 -15.07 10.75 -18.75
CA GLN J 279 -14.42 9.55 -19.24
C GLN J 279 -12.99 9.80 -19.70
N GLN J 280 -12.69 11.03 -20.13
CA GLN J 280 -11.32 11.33 -20.57
C GLN J 280 -10.36 11.34 -19.39
N TYR J 281 -10.81 11.80 -18.22
CA TYR J 281 -9.92 11.99 -17.10
C TYR J 281 -9.67 10.70 -16.33
N ARG J 282 -10.72 10.12 -15.76
CA ARG J 282 -10.55 9.04 -14.80
C ARG J 282 -9.75 7.88 -15.39
N ALA J 283 -8.92 7.27 -14.57
CA ALA J 283 -8.16 6.09 -14.96
C ALA J 283 -9.08 4.88 -14.94
N LEU J 284 -8.54 3.69 -15.16
CA LEU J 284 -9.36 2.48 -15.11
C LEU J 284 -8.49 1.35 -14.57
N THR J 285 -8.56 1.14 -13.25
CA THR J 285 -7.86 0.05 -12.61
C THR J 285 -8.68 -0.41 -11.43
N VAL J 286 -8.32 -1.57 -10.89
CA VAL J 286 -9.07 -2.26 -9.84
C VAL J 286 -9.48 -1.32 -8.71
N PRO J 287 -8.67 -0.32 -8.33
CA PRO J 287 -9.19 0.69 -7.39
C PRO J 287 -10.49 1.34 -7.81
N GLU J 288 -10.54 1.89 -9.03
CA GLU J 288 -11.73 2.61 -9.47
C GLU J 288 -12.92 1.68 -9.63
N LEU J 289 -12.68 0.49 -10.18
CA LEU J 289 -13.76 -0.49 -10.29
C LEU J 289 -14.31 -0.84 -8.92
N THR J 290 -13.44 -0.98 -7.93
CA THR J 290 -13.91 -1.27 -6.58
C THR J 290 -14.73 -0.11 -6.01
N GLN J 291 -14.25 1.12 -6.21
CA GLN J 291 -14.97 2.28 -5.66
C GLN J 291 -16.34 2.42 -6.28
N GLN J 292 -16.47 2.19 -7.58
CA GLN J 292 -17.80 2.18 -8.18
C GLN J 292 -18.62 0.98 -7.72
N MET J 293 -17.96 -0.15 -7.47
CA MET J 293 -18.67 -1.34 -7.02
C MET J 293 -19.38 -1.08 -5.70
N PHE J 294 -18.64 -0.62 -4.70
CA PHE J 294 -19.22 -0.40 -3.37
C PHE J 294 -19.81 0.98 -3.21
N ASP J 295 -19.80 1.80 -4.25
CA ASP J 295 -20.50 3.07 -4.25
C ASP J 295 -21.95 2.88 -3.85
N ALA J 296 -22.47 3.78 -3.02
CA ALA J 296 -23.84 3.67 -2.55
C ALA J 296 -24.84 3.75 -3.69
N LYS J 297 -24.81 4.86 -4.43
CA LYS J 297 -25.80 5.09 -5.47
C LYS J 297 -25.60 4.21 -6.69
N ASN J 298 -24.42 3.59 -6.85
CA ASN J 298 -24.17 2.80 -8.05
C ASN J 298 -25.01 1.53 -8.08
N MET J 299 -25.48 1.04 -6.93
CA MET J 299 -26.30 -0.15 -6.93
C MET J 299 -27.69 0.17 -7.48
N MET J 300 -28.44 -0.88 -7.80
CA MET J 300 -29.74 -0.75 -8.46
C MET J 300 -30.87 -1.06 -7.49
N CYS J 301 -30.72 -0.61 -6.24
CA CYS J 301 -31.70 -0.89 -5.21
C CYS J 301 -32.05 0.41 -4.50
N ALA J 302 -33.33 0.59 -4.22
CA ALA J 302 -33.79 1.79 -3.52
C ALA J 302 -33.58 1.64 -2.03
N ALA J 303 -32.36 1.28 -1.64
CA ALA J 303 -32.00 1.15 -0.23
C ALA J 303 -30.49 1.32 -0.14
N ASP J 304 -30.06 2.48 0.36
CA ASP J 304 -28.64 2.75 0.53
C ASP J 304 -28.04 1.70 1.46
N PRO J 305 -27.21 0.80 0.95
CA PRO J 305 -26.70 -0.29 1.81
C PRO J 305 -25.93 0.20 3.02
N ARG J 306 -25.46 1.44 3.01
CA ARG J 306 -24.71 1.97 4.14
C ARG J 306 -25.53 2.01 5.42
N HIS J 307 -26.85 1.98 5.33
CA HIS J 307 -27.72 1.99 6.50
C HIS J 307 -28.06 0.60 6.98
N GLY J 308 -27.22 -0.37 6.71
CA GLY J 308 -27.38 -1.73 7.22
C GLY J 308 -26.06 -2.42 7.26
N ARG J 309 -26.06 -3.71 6.93
CA ARG J 309 -24.83 -4.48 6.80
C ARG J 309 -25.02 -5.48 5.67
N TYR J 310 -23.99 -6.28 5.42
CA TYR J 310 -24.06 -7.36 4.45
C TYR J 310 -23.88 -8.67 5.19
N LEU J 311 -24.82 -9.59 5.01
CA LEU J 311 -24.54 -10.97 5.38
C LEU J 311 -23.43 -11.53 4.52
N THR J 312 -23.46 -11.21 3.22
CA THR J 312 -22.35 -11.55 2.34
C THR J 312 -22.49 -10.78 1.03
N ALA J 313 -21.47 -10.89 0.19
CA ALA J 313 -21.46 -10.23 -1.10
C ALA J 313 -20.43 -10.89 -1.99
N SER J 314 -20.77 -11.05 -3.26
CA SER J 314 -19.88 -11.63 -4.24
C SER J 314 -19.60 -10.60 -5.33
N ALA J 315 -18.45 -10.77 -5.98
CA ALA J 315 -18.00 -9.84 -7.01
C ALA J 315 -17.39 -10.64 -8.15
N LEU J 316 -18.05 -10.65 -9.29
CA LEU J 316 -17.56 -11.37 -10.46
C LEU J 316 -16.92 -10.35 -11.38
N PHE J 317 -15.59 -10.36 -11.43
CA PHE J 317 -14.86 -9.47 -12.32
C PHE J 317 -14.83 -10.07 -13.72
N ARG J 318 -14.29 -9.30 -14.65
CA ARG J 318 -14.15 -9.74 -16.02
C ARG J 318 -13.01 -8.98 -16.67
N GLY J 319 -12.20 -9.71 -17.43
CA GLY J 319 -10.97 -9.20 -17.99
C GLY J 319 -9.75 -9.95 -17.48
N ARG J 320 -8.73 -10.00 -18.33
CA ARG J 320 -7.46 -10.61 -17.97
C ARG J 320 -6.65 -9.60 -17.17
N MET J 321 -6.72 -9.70 -15.85
CA MET J 321 -6.03 -8.75 -14.97
C MET J 321 -5.34 -9.53 -13.85
N SER J 322 -4.76 -8.81 -12.90
CA SER J 322 -4.05 -9.43 -11.80
C SER J 322 -5.02 -10.03 -10.80
N THR J 323 -4.49 -10.59 -9.71
CA THR J 323 -5.31 -11.17 -8.67
C THR J 323 -4.92 -10.65 -7.30
N LYS J 324 -3.63 -10.32 -7.11
CA LYS J 324 -3.22 -9.75 -5.83
C LYS J 324 -3.94 -8.42 -5.59
N GLU J 325 -4.12 -7.63 -6.63
CA GLU J 325 -4.91 -6.41 -6.48
C GLU J 325 -6.32 -6.74 -6.02
N VAL J 326 -6.93 -7.75 -6.63
CA VAL J 326 -8.27 -8.18 -6.24
C VAL J 326 -8.31 -8.52 -4.76
N ASP J 327 -7.42 -9.41 -4.33
CA ASP J 327 -7.47 -9.90 -2.95
C ASP J 327 -7.14 -8.81 -1.95
N GLU J 328 -6.11 -8.01 -2.22
CA GLU J 328 -5.75 -6.96 -1.28
C GLU J 328 -6.81 -5.88 -1.22
N GLN J 329 -7.55 -5.64 -2.32
CA GLN J 329 -8.60 -4.64 -2.23
C GLN J 329 -9.87 -5.19 -1.59
N MET J 330 -10.15 -6.48 -1.74
CA MET J 330 -11.17 -7.08 -0.90
C MET J 330 -10.81 -6.94 0.57
N LEU J 331 -9.56 -7.24 0.91
CA LEU J 331 -9.12 -7.12 2.30
C LEU J 331 -9.23 -5.67 2.78
N ASN J 332 -8.88 -4.71 1.93
CA ASN J 332 -8.95 -3.31 2.33
C ASN J 332 -10.39 -2.87 2.53
N VAL J 333 -11.27 -3.18 1.57
CA VAL J 333 -12.65 -2.76 1.67
C VAL J 333 -13.38 -3.51 2.77
N GLN J 334 -12.82 -4.61 3.27
CA GLN J 334 -13.41 -5.30 4.39
C GLN J 334 -12.84 -4.87 5.74
N ASN J 335 -11.58 -4.42 5.76
CA ASN J 335 -10.95 -4.00 7.01
C ASN J 335 -11.12 -2.51 7.27
N LYS J 336 -11.56 -1.73 6.29
CA LYS J 336 -11.86 -0.32 6.50
C LYS J 336 -13.35 -0.08 6.68
N ASN J 337 -14.18 -0.68 5.83
CA ASN J 337 -15.62 -0.64 6.02
C ASN J 337 -16.11 -1.86 6.80
N SER J 338 -15.48 -2.12 7.93
CA SER J 338 -15.83 -3.31 8.72
C SER J 338 -17.14 -3.09 9.48
N SER J 339 -17.36 -1.87 9.96
CA SER J 339 -18.60 -1.58 10.68
C SER J 339 -19.80 -1.80 9.79
N TYR J 340 -19.75 -1.33 8.55
CA TYR J 340 -20.86 -1.54 7.62
C TYR J 340 -20.94 -2.97 7.13
N PHE J 341 -19.92 -3.77 7.34
CA PHE J 341 -20.03 -5.21 7.17
C PHE J 341 -20.41 -5.86 8.50
N VAL J 342 -20.74 -7.12 8.45
CA VAL J 342 -21.07 -7.85 9.66
C VAL J 342 -19.89 -8.73 10.02
N GLU J 343 -19.64 -8.89 11.33
CA GLU J 343 -18.40 -9.47 11.80
C GLU J 343 -18.53 -10.91 12.29
N TRP J 344 -19.74 -11.38 12.57
CA TRP J 344 -19.84 -12.77 13.03
C TRP J 344 -19.56 -13.78 11.94
N ILE J 345 -19.18 -13.35 10.74
CA ILE J 345 -18.79 -14.24 9.65
C ILE J 345 -17.39 -13.85 9.20
N PRO J 346 -16.52 -14.79 8.88
CA PRO J 346 -15.19 -14.43 8.39
C PRO J 346 -15.13 -14.35 6.87
N ASN J 347 -14.30 -13.41 6.40
CA ASN J 347 -14.12 -13.10 4.98
C ASN J 347 -15.47 -13.08 4.25
N ASN J 348 -16.32 -12.16 4.68
CA ASN J 348 -17.71 -12.15 4.20
C ASN J 348 -17.84 -11.74 2.77
N ILE J 349 -16.77 -11.60 2.00
CA ILE J 349 -16.88 -11.30 0.58
C ILE J 349 -16.31 -12.47 -0.21
N LYS J 350 -16.80 -12.62 -1.43
CA LYS J 350 -16.32 -13.66 -2.33
C LYS J 350 -15.99 -13.02 -3.66
N SER J 351 -14.91 -13.48 -4.28
CA SER J 351 -14.48 -12.96 -5.56
C SER J 351 -14.52 -14.05 -6.61
N SER J 352 -14.64 -13.64 -7.87
CA SER J 352 -14.53 -14.55 -8.99
C SER J 352 -13.98 -13.77 -10.17
N ILE J 353 -13.25 -14.47 -11.04
CA ILE J 353 -12.56 -13.79 -12.15
C ILE J 353 -12.79 -14.58 -13.43
N CYS J 354 -12.96 -13.85 -14.53
CA CYS J 354 -13.09 -14.41 -15.87
C CYS J 354 -11.92 -13.95 -16.73
N ASP J 355 -12.00 -14.25 -18.03
CA ASP J 355 -10.90 -13.93 -18.94
C ASP J 355 -11.40 -13.15 -20.16
N ILE J 356 -12.60 -12.57 -20.09
CA ILE J 356 -13.11 -11.75 -21.20
C ILE J 356 -13.94 -10.59 -20.66
N PRO J 357 -13.51 -9.35 -20.86
CA PRO J 357 -14.33 -8.20 -20.51
C PRO J 357 -15.37 -7.95 -21.59
N PRO J 358 -16.34 -7.07 -21.35
CA PRO J 358 -17.37 -6.82 -22.37
C PRO J 358 -16.79 -6.11 -23.57
N LYS J 359 -17.51 -6.20 -24.69
CA LYS J 359 -17.03 -5.67 -25.95
C LYS J 359 -16.90 -4.16 -25.86
N GLY J 360 -15.67 -3.67 -25.81
CA GLY J 360 -15.43 -2.23 -25.85
C GLY J 360 -14.65 -1.69 -24.67
N LEU J 361 -14.20 -2.56 -23.78
CA LEU J 361 -13.46 -2.14 -22.60
C LEU J 361 -12.34 -3.14 -22.37
N LYS J 362 -11.73 -3.09 -21.18
CA LYS J 362 -10.76 -4.11 -20.79
C LYS J 362 -10.98 -4.57 -19.36
N MET J 363 -12.09 -4.22 -18.72
CA MET J 363 -12.37 -4.56 -17.33
C MET J 363 -13.87 -4.48 -17.12
N ALA J 364 -14.35 -5.22 -16.11
CA ALA J 364 -15.75 -5.13 -15.74
C ALA J 364 -15.94 -5.78 -14.38
N VAL J 365 -17.01 -5.36 -13.69
CA VAL J 365 -17.37 -5.88 -12.38
C VAL J 365 -18.88 -6.04 -12.31
N THR J 366 -19.35 -7.20 -11.88
CA THR J 366 -20.75 -7.40 -11.54
C THR J 366 -20.82 -7.78 -10.07
N PHE J 367 -21.47 -6.93 -9.28
CA PHE J 367 -21.53 -7.08 -7.83
C PHE J 367 -22.90 -7.57 -7.42
N VAL J 368 -22.93 -8.54 -6.51
CA VAL J 368 -24.18 -9.09 -5.99
C VAL J 368 -24.09 -9.08 -4.48
N GLY J 369 -25.14 -8.63 -3.81
CA GLY J 369 -25.06 -8.50 -2.37
C GLY J 369 -26.24 -9.05 -1.60
N ASN J 370 -25.99 -10.03 -0.73
CA ASN J 370 -27.00 -10.50 0.21
C ASN J 370 -26.81 -9.68 1.48
N SER J 371 -27.52 -8.56 1.54
CA SER J 371 -27.40 -7.59 2.61
C SER J 371 -28.65 -7.60 3.47
N THR J 372 -28.63 -6.80 4.53
CA THR J 372 -29.77 -6.57 5.40
C THR J 372 -30.27 -5.15 5.28
N ALA J 373 -30.12 -4.55 4.10
CA ALA J 373 -30.59 -3.21 3.84
C ALA J 373 -31.89 -3.15 3.06
N ILE J 374 -32.32 -4.27 2.47
CA ILE J 374 -33.61 -4.30 1.79
C ILE J 374 -34.75 -4.56 2.77
N GLN J 375 -34.42 -4.99 3.99
CA GLN J 375 -35.45 -5.11 5.01
C GLN J 375 -36.19 -3.79 5.20
N GLU J 376 -35.53 -2.66 4.93
CA GLU J 376 -36.24 -1.39 4.96
C GLU J 376 -37.27 -1.32 3.85
N MET J 377 -36.93 -1.80 2.65
CA MET J 377 -37.91 -1.87 1.58
C MET J 377 -39.10 -2.72 1.98
N PHE J 378 -38.85 -3.86 2.63
CA PHE J 378 -39.97 -4.69 3.04
C PHE J 378 -40.76 -4.02 4.17
N LYS J 379 -40.09 -3.22 4.99
CA LYS J 379 -40.80 -2.42 5.98
C LYS J 379 -41.79 -1.49 5.31
N ARG J 380 -41.35 -0.79 4.27
CA ARG J 380 -42.26 0.15 3.62
C ARG J 380 -43.38 -0.57 2.89
N VAL J 381 -43.11 -1.74 2.32
CA VAL J 381 -44.16 -2.50 1.65
C VAL J 381 -45.20 -2.98 2.66
N ALA J 382 -44.76 -3.52 3.79
CA ALA J 382 -45.70 -3.96 4.82
C ALA J 382 -46.48 -2.78 5.37
N GLU J 383 -45.84 -1.61 5.48
CA GLU J 383 -46.55 -0.41 5.92
C GLU J 383 -47.67 -0.05 4.95
N GLN J 384 -47.35 0.03 3.66
CA GLN J 384 -48.38 0.30 2.66
C GLN J 384 -49.50 -0.73 2.72
N PHE J 385 -49.15 -2.00 2.91
CA PHE J 385 -50.18 -3.03 2.96
C PHE J 385 -51.10 -2.82 4.16
N THR J 386 -50.53 -2.60 5.33
CA THR J 386 -51.35 -2.38 6.52
C THR J 386 -52.27 -1.18 6.34
N ALA J 387 -51.75 -0.09 5.80
CA ALA J 387 -52.57 1.09 5.57
C ALA J 387 -53.73 0.78 4.63
N MET J 388 -53.41 0.36 3.40
CA MET J 388 -54.45 0.07 2.42
C MET J 388 -55.28 -1.16 2.77
N PHE J 389 -54.97 -1.86 3.85
CA PHE J 389 -55.74 -3.03 4.25
C PHE J 389 -56.71 -2.75 5.37
N ARG J 390 -56.29 -1.99 6.40
CA ARG J 390 -57.22 -1.66 7.47
C ARG J 390 -58.47 -0.98 6.96
N ARG J 391 -58.40 -0.31 5.80
CA ARG J 391 -59.55 0.29 5.17
C ARG J 391 -60.16 -0.60 4.08
N LYS J 392 -59.71 -1.85 3.97
CA LYS J 392 -60.21 -2.80 2.97
C LYS J 392 -60.14 -2.25 1.56
N ALA J 393 -59.26 -1.27 1.33
CA ALA J 393 -59.23 -0.56 0.06
C ALA J 393 -58.94 -1.51 -1.09
N PHE J 394 -59.75 -1.41 -2.14
CA PHE J 394 -59.57 -2.20 -3.36
C PHE J 394 -59.55 -3.69 -3.06
N LEU J 395 -60.65 -4.17 -2.46
CA LEU J 395 -60.74 -5.57 -2.10
C LEU J 395 -61.73 -6.37 -2.93
N HIS J 396 -62.82 -5.74 -3.39
CA HIS J 396 -63.83 -6.50 -4.12
C HIS J 396 -63.33 -6.99 -5.47
N TRP J 397 -62.19 -6.49 -5.94
CA TRP J 397 -61.53 -7.13 -7.08
C TRP J 397 -60.85 -8.42 -6.65
N TYR J 398 -60.29 -8.43 -5.44
CA TYR J 398 -59.51 -9.55 -4.94
C TYR J 398 -60.36 -10.61 -4.25
N THR J 399 -61.66 -10.40 -4.14
CA THR J 399 -62.57 -11.43 -3.67
C THR J 399 -63.66 -11.78 -4.66
N GLY J 400 -63.90 -10.95 -5.68
CA GLY J 400 -64.84 -11.30 -6.73
C GLY J 400 -64.32 -12.34 -7.69
N GLU J 401 -63.10 -12.85 -7.46
CA GLU J 401 -62.51 -13.85 -8.33
C GLU J 401 -61.98 -15.05 -7.55
N GLY J 402 -62.77 -15.58 -6.62
CA GLY J 402 -62.40 -16.79 -5.92
C GLY J 402 -61.15 -16.67 -5.09
N MET J 403 -61.13 -15.71 -4.17
CA MET J 403 -60.04 -15.55 -3.22
C MET J 403 -60.55 -14.85 -1.98
N ASP J 404 -60.27 -15.42 -0.82
CA ASP J 404 -60.73 -14.90 0.45
C ASP J 404 -59.68 -13.95 1.03
N GLU J 405 -60.15 -13.02 1.87
CA GLU J 405 -59.22 -12.09 2.51
C GLU J 405 -58.22 -12.81 3.40
N MET J 406 -58.59 -13.97 3.94
CA MET J 406 -57.76 -14.69 4.89
C MET J 406 -56.32 -14.77 4.39
N GLU J 407 -56.13 -15.33 3.19
CA GLU J 407 -54.82 -15.41 2.56
C GLU J 407 -54.04 -14.12 2.72
N PHE J 408 -54.62 -13.02 2.22
CA PHE J 408 -53.99 -11.72 2.32
C PHE J 408 -53.39 -11.49 3.70
N THR J 409 -54.22 -11.62 4.73
CA THR J 409 -53.76 -11.42 6.09
C THR J 409 -52.50 -12.22 6.36
N GLU J 410 -52.59 -13.55 6.19
CA GLU J 410 -51.46 -14.40 6.53
C GLU J 410 -50.24 -14.03 5.71
N ALA J 411 -50.44 -13.57 4.46
CA ALA J 411 -49.31 -13.17 3.64
C ALA J 411 -48.49 -12.11 4.37
N GLU J 412 -49.16 -11.05 4.83
CA GLU J 412 -48.44 -10.02 5.58
C GLU J 412 -47.73 -10.62 6.78
N SER J 413 -48.39 -11.55 7.47
CA SER J 413 -47.75 -12.23 8.59
C SER J 413 -46.41 -12.79 8.17
N ASN J 414 -46.42 -13.57 7.08
CA ASN J 414 -45.18 -14.12 6.56
C ASN J 414 -44.15 -13.02 6.34
N MET J 415 -44.56 -11.94 5.68
CA MET J 415 -43.65 -10.82 5.44
C MET J 415 -43.00 -10.37 6.74
N ASN J 416 -43.81 -10.19 7.78
CA ASN J 416 -43.28 -9.83 9.08
C ASN J 416 -42.13 -10.75 9.47
N ASP J 417 -42.40 -12.05 9.51
CA ASP J 417 -41.38 -13.01 9.89
C ASP J 417 -40.11 -12.78 9.10
N LEU J 418 -40.24 -12.53 7.79
CA LEU J 418 -39.07 -12.27 6.96
C LEU J 418 -38.21 -11.18 7.57
N VAL J 419 -38.76 -9.98 7.72
CA VAL J 419 -37.95 -8.91 8.27
C VAL J 419 -37.58 -9.23 9.71
N SER J 420 -38.45 -9.95 10.42
CA SER J 420 -38.15 -10.33 11.79
C SER J 420 -36.84 -11.11 11.88
N GLU J 421 -36.46 -11.78 10.78
CA GLU J 421 -35.17 -12.44 10.77
C GLU J 421 -34.05 -11.45 10.50
N TYR J 422 -34.18 -10.64 9.45
CA TYR J 422 -33.07 -9.86 8.94
C TYR J 422 -32.48 -8.99 10.02
N GLN J 423 -33.26 -8.03 10.51
CA GLN J 423 -32.83 -7.14 11.58
C GLN J 423 -32.15 -7.93 12.70
N GLN J 424 -32.72 -9.09 13.05
CA GLN J 424 -32.15 -9.92 14.10
C GLN J 424 -30.67 -10.21 13.83
N TYR J 425 -30.37 -10.84 12.70
CA TYR J 425 -28.99 -11.20 12.44
C TYR J 425 -28.11 -9.98 12.24
N GLN J 426 -28.71 -8.80 12.04
CA GLN J 426 -27.92 -7.58 11.97
C GLN J 426 -27.17 -7.35 13.28
N ASP J 427 -27.75 -7.72 14.41
CA ASP J 427 -27.16 -7.36 15.70
C ASP J 427 -26.45 -8.53 16.38
N ALA J 428 -27.01 -9.74 16.30
CA ALA J 428 -26.47 -10.87 17.05
C ALA J 428 -25.01 -11.11 16.73
N THR J 429 -24.23 -11.38 17.78
CA THR J 429 -22.79 -11.56 17.66
C THR J 429 -22.36 -12.76 18.47
N ALA J 430 -21.09 -13.13 18.36
CA ALA J 430 -20.52 -14.22 19.13
C ALA J 430 -19.01 -14.06 19.25
N MET K 1 82.94 -87.05 5.65
CA MET K 1 82.20 -88.10 6.34
C MET K 1 81.89 -87.70 7.77
N ARG K 2 82.11 -86.43 8.09
CA ARG K 2 81.77 -85.86 9.39
C ARG K 2 80.69 -84.83 9.14
N GLU K 3 79.45 -85.29 9.07
CA GLU K 3 78.35 -84.49 8.55
C GLU K 3 77.49 -83.95 9.68
N VAL K 4 76.89 -82.79 9.43
CA VAL K 4 75.94 -82.16 10.34
C VAL K 4 74.64 -81.94 9.60
N ILE K 5 73.53 -82.01 10.34
CA ILE K 5 72.24 -81.64 9.76
C ILE K 5 72.01 -80.15 9.99
N SER K 6 71.10 -79.58 9.21
CA SER K 6 70.79 -78.16 9.33
C SER K 6 69.31 -77.98 9.03
N ILE K 7 68.50 -77.97 10.07
CA ILE K 7 67.06 -77.76 9.94
C ILE K 7 66.78 -76.27 10.12
N HIS K 8 65.91 -75.73 9.25
CA HIS K 8 65.55 -74.32 9.30
C HIS K 8 64.03 -74.22 9.39
N VAL K 9 63.51 -74.28 10.61
CA VAL K 9 62.09 -74.17 10.86
C VAL K 9 61.78 -72.76 11.29
N GLY K 10 60.68 -72.22 10.79
CA GLY K 10 60.28 -70.86 11.11
C GLY K 10 60.74 -69.86 10.07
N GLN K 11 60.67 -68.59 10.44
CA GLN K 11 60.98 -67.50 9.53
C GLN K 11 62.41 -67.01 9.66
N GLY K 12 62.87 -66.68 10.86
CA GLY K 12 64.20 -66.12 11.04
C GLY K 12 65.28 -67.10 10.67
N GLY K 13 65.13 -68.34 11.15
CA GLY K 13 66.10 -69.36 10.83
C GLY K 13 66.29 -69.54 9.33
N ILE K 14 65.21 -69.39 8.56
CA ILE K 14 65.32 -69.61 7.13
C ILE K 14 66.20 -68.56 6.48
N GLN K 15 66.02 -67.30 6.84
CA GLN K 15 66.85 -66.26 6.24
C GLN K 15 68.29 -66.35 6.72
N VAL K 16 68.48 -66.63 8.01
CA VAL K 16 69.82 -66.83 8.54
C VAL K 16 70.52 -67.95 7.78
N GLY K 17 69.82 -69.06 7.55
CA GLY K 17 70.38 -70.16 6.80
C GLY K 17 70.59 -69.84 5.33
N ASN K 18 69.76 -68.97 4.76
CA ASN K 18 70.00 -68.55 3.40
C ASN K 18 71.35 -67.85 3.28
N ALA K 19 71.59 -66.87 4.15
CA ALA K 19 72.90 -66.22 4.14
C ALA K 19 74.01 -67.21 4.45
N CYS K 20 73.74 -68.15 5.35
CA CYS K 20 74.77 -69.11 5.76
C CYS K 20 75.16 -70.04 4.61
N TRP K 21 74.17 -70.53 3.85
CA TRP K 21 74.48 -71.36 2.70
C TRP K 21 75.15 -70.56 1.60
N GLU K 22 74.81 -69.28 1.46
CA GLU K 22 75.58 -68.43 0.56
C GLU K 22 77.06 -68.47 0.95
N LEU K 23 77.34 -68.20 2.23
CA LEU K 23 78.72 -68.20 2.70
C LEU K 23 79.39 -69.54 2.46
N PHE K 24 78.68 -70.64 2.72
CA PHE K 24 79.30 -71.97 2.58
C PHE K 24 79.61 -72.28 1.13
N CYS K 25 78.64 -72.13 0.24
CA CYS K 25 78.92 -72.30 -1.19
C CYS K 25 80.03 -71.37 -1.65
N LEU K 26 80.22 -70.24 -0.96
CA LEU K 26 81.36 -69.38 -1.29
C LEU K 26 82.67 -70.06 -0.91
N GLU K 27 82.83 -70.43 0.36
CA GLU K 27 84.14 -70.87 0.83
C GLU K 27 84.52 -72.23 0.27
N HIS K 28 83.56 -73.09 -0.03
CA HIS K 28 83.84 -74.41 -0.56
C HIS K 28 83.90 -74.43 -2.09
N GLY K 29 83.86 -73.27 -2.72
CA GLY K 29 83.98 -73.20 -4.16
C GLY K 29 82.78 -73.71 -4.94
N ILE K 30 81.75 -74.21 -4.28
CA ILE K 30 80.57 -74.70 -5.00
C ILE K 30 79.83 -73.51 -5.61
N GLN K 31 79.64 -73.56 -6.93
CA GLN K 31 78.92 -72.51 -7.61
C GLN K 31 77.44 -72.59 -7.33
N PRO K 32 76.70 -71.49 -7.52
CA PRO K 32 75.24 -71.53 -7.35
C PRO K 32 74.56 -72.67 -8.08
N ASP K 33 75.09 -73.07 -9.24
CA ASP K 33 74.56 -74.22 -9.94
C ASP K 33 74.73 -75.50 -9.14
N GLY K 34 75.72 -75.56 -8.25
CA GLY K 34 76.04 -76.78 -7.55
C GLY K 34 77.01 -77.69 -8.26
N GLN K 35 77.12 -77.58 -9.59
CA GLN K 35 78.06 -78.40 -10.34
C GLN K 35 79.47 -77.88 -10.05
N MET K 36 80.24 -78.67 -9.31
CA MET K 36 81.48 -78.21 -8.71
C MET K 36 82.48 -77.77 -9.78
N PRO K 37 83.31 -76.77 -9.50
CA PRO K 37 84.47 -76.51 -10.37
C PRO K 37 85.42 -77.71 -10.33
N ALA K 48 86.13 -81.59 1.46
CA ALA K 48 85.61 -80.96 2.66
C ALA K 48 84.09 -80.91 2.72
N PHE K 49 83.38 -80.89 1.59
CA PHE K 49 81.96 -80.59 1.59
C PHE K 49 81.13 -81.65 2.29
N ASN K 50 81.67 -82.85 2.50
CA ASN K 50 80.89 -83.90 3.14
C ASN K 50 80.49 -83.56 4.55
N THR K 51 80.95 -82.45 5.11
CA THR K 51 80.36 -81.95 6.34
C THR K 51 78.97 -81.41 6.08
N PHE K 52 78.80 -80.65 4.99
CA PHE K 52 77.51 -80.03 4.67
C PHE K 52 76.88 -80.61 3.41
N PHE K 53 77.59 -80.57 2.30
CA PHE K 53 77.01 -80.94 1.02
C PHE K 53 77.35 -82.39 0.68
N SER K 54 76.40 -83.08 0.06
CA SER K 54 76.59 -84.47 -0.29
C SER K 54 76.63 -84.62 -1.81
N GLU K 55 77.67 -85.32 -2.27
CA GLU K 55 77.84 -85.68 -3.66
C GLU K 55 76.65 -86.47 -4.19
N THR K 56 76.06 -86.00 -5.27
CA THR K 56 74.97 -86.74 -5.92
C THR K 56 75.29 -86.93 -7.41
N GLY K 57 75.84 -88.09 -7.70
CA GLY K 57 76.07 -88.52 -9.07
C GLY K 57 77.26 -87.90 -9.78
N ALA K 58 77.11 -86.66 -10.23
CA ALA K 58 78.16 -86.00 -11.00
C ALA K 58 77.92 -84.49 -10.96
N GLY K 59 78.88 -83.76 -10.42
CA GLY K 59 78.82 -82.31 -10.43
C GLY K 59 78.02 -81.69 -9.29
N LYS K 60 76.69 -81.77 -9.36
CA LYS K 60 75.86 -81.12 -8.36
C LYS K 60 76.09 -81.77 -7.00
N HIS K 61 75.71 -81.03 -5.95
CA HIS K 61 75.82 -81.53 -4.58
C HIS K 61 74.60 -81.04 -3.84
N VAL K 62 73.81 -81.96 -3.31
CA VAL K 62 72.63 -81.54 -2.55
C VAL K 62 73.07 -81.18 -1.14
N PRO K 63 72.75 -79.99 -0.65
CA PRO K 63 73.15 -79.63 0.71
C PRO K 63 72.31 -80.37 1.74
N ARG K 64 72.93 -80.67 2.88
CA ARG K 64 72.22 -81.22 4.03
C ARG K 64 71.44 -80.09 4.69
N ALA K 65 70.17 -79.97 4.33
CA ALA K 65 69.31 -78.94 4.93
C ALA K 65 67.88 -79.26 4.58
N VAL K 66 66.99 -78.95 5.52
CA VAL K 66 65.55 -78.99 5.28
C VAL K 66 64.98 -77.64 5.68
N PHE K 67 64.11 -77.09 4.86
CA PHE K 67 63.62 -75.72 5.04
C PHE K 67 62.11 -75.78 5.23
N LEU K 68 61.68 -75.72 6.49
CA LEU K 68 60.26 -75.72 6.82
C LEU K 68 59.78 -74.31 7.13
N ASP K 69 58.62 -73.97 6.59
CA ASP K 69 57.84 -72.88 7.16
C ASP K 69 56.44 -72.93 6.58
N LEU K 70 55.44 -72.83 7.45
CA LEU K 70 54.05 -72.84 6.99
C LEU K 70 53.77 -71.67 6.07
N GLU K 71 54.22 -70.48 6.43
CA GLU K 71 54.08 -69.34 5.54
C GLU K 71 54.95 -69.57 4.31
N PRO K 72 54.37 -69.66 3.11
CA PRO K 72 55.17 -70.05 1.95
C PRO K 72 55.91 -68.89 1.31
N THR K 73 56.05 -67.77 2.01
CA THR K 73 56.60 -66.58 1.37
C THR K 73 58.12 -66.68 1.19
N VAL K 74 58.86 -67.04 2.24
CA VAL K 74 60.31 -67.03 2.13
C VAL K 74 60.81 -68.26 1.38
N ILE K 75 60.12 -69.39 1.54
CA ILE K 75 60.52 -70.59 0.81
C ILE K 75 60.25 -70.41 -0.68
N ASP K 76 59.12 -69.81 -1.02
CA ASP K 76 58.90 -69.47 -2.42
C ASP K 76 59.59 -68.17 -2.82
N GLU K 77 60.38 -67.59 -1.93
CA GLU K 77 61.36 -66.60 -2.37
C GLU K 77 62.67 -67.26 -2.76
N VAL K 78 63.20 -68.13 -1.90
CA VAL K 78 64.45 -68.82 -2.23
C VAL K 78 64.23 -69.79 -3.38
N ARG K 79 62.99 -70.24 -3.59
CA ARG K 79 62.68 -71.03 -4.77
C ARG K 79 62.77 -70.20 -6.05
N THR K 80 63.00 -68.90 -5.94
CA THR K 80 63.14 -68.03 -7.09
C THR K 80 64.44 -67.23 -7.06
N GLY K 81 65.13 -67.20 -5.93
CA GLY K 81 66.32 -66.38 -5.79
C GLY K 81 67.52 -66.93 -6.53
N THR K 82 68.70 -66.48 -6.12
CA THR K 82 69.95 -66.84 -6.79
C THR K 82 70.40 -68.26 -6.48
N TYR K 83 69.61 -69.04 -5.74
CA TYR K 83 69.98 -70.40 -5.37
C TYR K 83 68.84 -71.35 -5.65
N ARG K 84 68.13 -71.14 -6.76
CA ARG K 84 67.03 -72.03 -7.11
C ARG K 84 67.54 -73.43 -7.43
N GLN K 85 68.72 -73.52 -8.06
CA GLN K 85 69.24 -74.78 -8.58
C GLN K 85 69.76 -75.71 -7.50
N LEU K 86 70.06 -75.19 -6.31
CA LEU K 86 70.90 -75.92 -5.36
C LEU K 86 70.12 -76.99 -4.60
N PHE K 87 69.15 -76.56 -3.79
CA PHE K 87 68.53 -77.46 -2.82
C PHE K 87 67.73 -78.55 -3.52
N HIS K 88 67.41 -79.60 -2.77
CA HIS K 88 66.50 -80.62 -3.26
C HIS K 88 65.09 -80.03 -3.27
N PRO K 89 64.37 -80.10 -4.39
CA PRO K 89 63.03 -79.50 -4.43
C PRO K 89 62.04 -80.13 -3.45
N GLU K 90 62.50 -81.11 -2.67
CA GLU K 90 61.68 -81.70 -1.61
C GLU K 90 62.17 -81.37 -0.21
N GLN K 91 63.36 -80.80 -0.06
CA GLN K 91 63.81 -80.30 1.24
C GLN K 91 63.27 -78.92 1.54
N LEU K 92 62.28 -78.46 0.78
CA LEU K 92 61.65 -77.16 0.96
C LEU K 92 60.16 -77.41 1.17
N ILE K 93 59.73 -77.40 2.43
CA ILE K 93 58.35 -77.69 2.79
C ILE K 93 57.70 -76.39 3.26
N SER K 94 56.68 -75.96 2.53
CA SER K 94 55.91 -74.77 2.83
C SER K 94 54.44 -75.14 2.90
N GLY K 95 53.75 -74.69 3.94
CA GLY K 95 52.35 -75.00 4.10
C GLY K 95 51.46 -74.14 3.22
N LYS K 96 50.31 -73.75 3.76
CA LYS K 96 49.38 -72.89 3.04
C LYS K 96 48.89 -71.71 3.86
N GLU K 97 49.18 -71.67 5.16
CA GLU K 97 48.79 -70.56 5.99
C GLU K 97 49.98 -70.11 6.84
N ASP K 98 49.75 -69.24 7.81
CA ASP K 98 50.79 -68.79 8.71
C ASP K 98 50.49 -69.28 10.12
N ALA K 99 51.42 -69.02 11.02
CA ALA K 99 51.22 -69.35 12.42
C ALA K 99 50.72 -68.18 13.26
N ALA K 100 50.80 -66.97 12.73
CA ALA K 100 50.26 -65.76 13.38
C ALA K 100 50.93 -65.50 14.73
N ASN K 101 52.18 -65.93 14.87
CA ASN K 101 53.02 -65.61 16.02
C ASN K 101 52.45 -66.12 17.34
N ASN K 102 51.51 -67.05 17.33
CA ASN K 102 51.07 -67.74 18.53
C ASN K 102 51.46 -69.21 18.42
N PHE K 103 51.67 -69.84 19.58
CA PHE K 103 52.36 -71.13 19.60
C PHE K 103 51.47 -72.25 19.08
N ALA K 104 50.29 -72.43 19.70
CA ALA K 104 49.46 -73.60 19.42
C ALA K 104 49.19 -73.78 17.94
N ARG K 105 49.13 -72.69 17.18
CA ARG K 105 48.81 -72.78 15.76
C ARG K 105 49.81 -73.64 15.00
N GLY K 106 51.08 -73.59 15.40
CA GLY K 106 52.09 -74.32 14.66
C GLY K 106 52.61 -75.56 15.36
N HIS K 107 52.16 -75.79 16.60
CA HIS K 107 52.66 -76.90 17.38
C HIS K 107 51.60 -77.93 17.73
N TYR K 108 50.33 -77.53 17.83
CA TYR K 108 49.27 -78.44 18.24
C TYR K 108 48.37 -78.86 17.09
N THR K 109 47.80 -77.90 16.37
CA THR K 109 46.81 -78.25 15.36
C THR K 109 47.42 -78.41 13.97
N ILE K 110 48.02 -77.36 13.42
CA ILE K 110 48.50 -77.42 12.05
C ILE K 110 49.82 -78.15 11.97
N GLY K 111 50.73 -77.85 12.90
CA GLY K 111 51.98 -78.59 12.96
C GLY K 111 51.77 -80.09 12.99
N LYS K 112 50.77 -80.54 13.76
CA LYS K 112 50.48 -81.97 13.86
C LYS K 112 50.30 -82.63 12.52
N GLU K 113 50.01 -81.87 11.47
CA GLU K 113 49.88 -82.43 10.13
C GLU K 113 51.19 -82.43 9.37
N ILE K 114 51.96 -81.35 9.48
CA ILE K 114 53.11 -81.17 8.59
C ILE K 114 54.41 -81.68 9.20
N VAL K 115 54.58 -81.56 10.52
CA VAL K 115 55.84 -81.96 11.15
C VAL K 115 56.19 -83.39 10.79
N ASP K 116 55.19 -84.27 10.81
CA ASP K 116 55.42 -85.67 10.43
C ASP K 116 56.16 -85.77 9.12
N LEU K 117 55.69 -85.06 8.09
CA LEU K 117 56.35 -85.09 6.79
C LEU K 117 57.83 -84.76 6.93
N CYS K 118 58.14 -83.68 7.67
CA CYS K 118 59.53 -83.34 7.94
C CYS K 118 60.33 -84.55 8.38
N LEU K 119 59.82 -85.27 9.38
CA LEU K 119 60.50 -86.45 9.90
C LEU K 119 60.99 -87.33 8.76
N ASP K 120 60.09 -87.65 7.81
CA ASP K 120 60.45 -88.52 6.71
C ASP K 120 61.71 -88.04 6.01
N ARG K 121 61.71 -86.76 5.60
CA ARG K 121 62.87 -86.21 4.92
C ARG K 121 64.14 -86.42 5.73
N ILE K 122 64.07 -86.15 7.04
CA ILE K 122 65.25 -86.25 7.88
C ILE K 122 65.77 -87.68 7.88
N ARG K 123 64.86 -88.67 7.89
CA ARG K 123 65.31 -90.05 7.82
C ARG K 123 66.09 -90.30 6.54
N LYS K 124 65.63 -89.74 5.42
CA LYS K 124 66.42 -89.82 4.20
C LYS K 124 67.76 -89.13 4.39
N LEU K 125 67.76 -87.96 5.03
CA LEU K 125 69.01 -87.30 5.35
C LEU K 125 69.83 -88.10 6.36
N ALA K 126 69.18 -88.98 7.13
CA ALA K 126 69.91 -89.77 8.11
C ALA K 126 70.65 -90.93 7.45
N ASP K 127 69.91 -91.82 6.80
CA ASP K 127 70.50 -93.04 6.27
C ASP K 127 71.39 -92.80 5.06
N ASN K 128 71.32 -91.62 4.45
CA ASN K 128 72.23 -91.31 3.36
C ASN K 128 73.62 -90.91 3.85
N CYS K 129 73.76 -90.61 5.14
CA CYS K 129 75.02 -90.16 5.71
C CYS K 129 75.72 -91.30 6.43
N THR K 130 77.02 -91.12 6.67
CA THR K 130 77.88 -92.17 7.21
C THR K 130 78.17 -91.97 8.69
N GLY K 131 78.73 -90.81 9.06
CA GLY K 131 79.16 -90.58 10.42
C GLY K 131 78.43 -89.43 11.09
N LEU K 132 77.10 -89.38 10.93
CA LEU K 132 76.30 -88.27 11.41
C LEU K 132 76.60 -87.95 12.86
N GLN K 133 76.80 -86.66 13.15
CA GLN K 133 77.25 -86.21 14.46
C GLN K 133 76.22 -85.35 15.18
N GLY K 134 75.80 -84.24 14.59
CA GLY K 134 74.98 -83.30 15.32
C GLY K 134 73.95 -82.62 14.46
N PHE K 135 73.14 -81.79 15.10
CA PHE K 135 72.10 -81.02 14.45
C PHE K 135 72.41 -79.53 14.54
N LEU K 136 71.91 -78.77 13.56
CA LEU K 136 72.01 -77.31 13.54
C LEU K 136 70.62 -76.77 13.22
N VAL K 137 69.82 -76.56 14.25
CA VAL K 137 68.46 -76.06 14.08
C VAL K 137 68.49 -74.55 14.07
N PHE K 138 67.53 -73.96 13.36
CA PHE K 138 67.50 -72.50 13.13
C PHE K 138 66.07 -72.02 13.30
N ASN K 139 65.77 -71.43 14.46
CA ASN K 139 64.42 -70.94 14.71
C ASN K 139 64.45 -69.81 15.73
N SER K 140 63.45 -68.94 15.65
CA SER K 140 63.19 -67.98 16.71
C SER K 140 62.35 -68.67 17.79
N VAL K 141 61.83 -67.90 18.73
CA VAL K 141 60.93 -68.46 19.73
C VAL K 141 59.60 -67.75 19.82
N GLY K 142 59.50 -66.50 19.40
CA GLY K 142 58.18 -65.88 19.29
C GLY K 142 57.46 -66.33 18.04
N GLY K 143 58.21 -66.58 16.97
CA GLY K 143 57.64 -67.06 15.73
C GLY K 143 56.84 -68.33 15.91
N GLY K 144 55.52 -68.22 15.71
CA GLY K 144 54.67 -69.38 15.89
C GLY K 144 55.16 -70.59 15.10
N THR K 145 55.52 -70.36 13.84
CA THR K 145 56.08 -71.45 13.04
C THR K 145 57.41 -71.90 13.63
N GLY K 146 58.33 -70.96 13.87
CA GLY K 146 59.60 -71.28 14.47
C GLY K 146 59.45 -72.00 15.79
N SER K 147 58.89 -71.31 16.78
CA SER K 147 58.69 -71.91 18.10
C SER K 147 58.03 -73.28 17.99
N GLY K 148 56.82 -73.31 17.46
CA GLY K 148 56.06 -74.54 17.35
C GLY K 148 56.79 -75.67 16.67
N LEU K 149 57.11 -75.49 15.39
CA LEU K 149 57.69 -76.59 14.63
C LEU K 149 59.05 -76.99 15.18
N GLY K 150 59.87 -76.03 15.58
CA GLY K 150 61.19 -76.37 16.12
C GLY K 150 61.09 -77.16 17.40
N SER K 151 60.28 -76.68 18.35
CA SER K 151 60.12 -77.40 19.61
C SER K 151 59.57 -78.80 19.36
N LEU K 152 58.52 -78.90 18.55
CA LEU K 152 57.91 -80.20 18.30
C LEU K 152 58.88 -81.15 17.61
N LEU K 153 59.61 -80.64 16.60
CA LEU K 153 60.55 -81.47 15.87
C LEU K 153 61.67 -81.95 16.76
N LEU K 154 62.27 -81.05 17.54
CA LEU K 154 63.38 -81.44 18.41
C LEU K 154 62.93 -82.41 19.48
N GLU K 155 61.73 -82.21 20.03
CA GLU K 155 61.19 -83.17 20.97
C GLU K 155 61.03 -84.54 20.32
N ARG K 156 60.33 -84.59 19.18
CA ARG K 156 60.10 -85.86 18.52
C ARG K 156 61.38 -86.49 18.00
N LEU K 157 62.46 -85.73 17.90
CA LEU K 157 63.75 -86.29 17.49
C LEU K 157 64.58 -86.79 18.67
N SER K 158 64.44 -86.17 19.83
CA SER K 158 65.21 -86.58 21.00
C SER K 158 64.95 -88.02 21.40
N VAL K 159 63.93 -88.66 20.83
CA VAL K 159 63.62 -90.05 21.16
C VAL K 159 64.18 -91.04 20.12
N ASP K 160 64.48 -90.58 18.91
CA ASP K 160 64.76 -91.49 17.80
C ASP K 160 66.24 -91.75 17.60
N TYR K 161 67.08 -90.72 17.58
CA TYR K 161 68.47 -90.91 17.20
C TYR K 161 69.39 -91.11 18.39
N GLY K 162 69.08 -90.52 19.54
CA GLY K 162 69.79 -90.86 20.76
C GLY K 162 71.00 -89.98 21.06
N LYS K 163 72.15 -90.62 21.24
CA LYS K 163 73.34 -89.98 21.79
C LYS K 163 73.88 -88.84 20.94
N LYS K 164 73.39 -88.66 19.71
CA LYS K 164 73.86 -87.57 18.88
C LYS K 164 73.60 -86.22 19.55
N SER K 165 74.56 -85.31 19.39
CA SER K 165 74.48 -84.01 20.06
C SER K 165 73.46 -83.12 19.39
N LYS K 166 72.64 -82.46 20.20
CA LYS K 166 71.64 -81.51 19.72
C LYS K 166 72.12 -80.10 20.00
N LEU K 167 71.92 -79.21 19.02
CA LEU K 167 72.37 -77.83 19.11
C LEU K 167 71.20 -76.90 18.83
N GLY K 168 71.49 -75.61 18.65
CA GLY K 168 70.45 -74.66 18.34
C GLY K 168 71.03 -73.28 18.14
N PHE K 169 70.26 -72.44 17.45
CA PHE K 169 70.63 -71.06 17.21
C PHE K 169 69.33 -70.25 17.16
N THR K 170 68.97 -69.69 18.31
CA THR K 170 67.69 -69.03 18.49
C THR K 170 67.89 -67.52 18.60
N ILE K 171 67.11 -66.78 17.82
CA ILE K 171 67.14 -65.31 17.86
C ILE K 171 66.07 -64.89 18.86
N TYR K 172 66.44 -64.83 20.14
CA TYR K 172 65.49 -64.41 21.17
C TYR K 172 65.05 -62.97 20.98
N PRO K 173 63.97 -62.57 21.65
CA PRO K 173 63.61 -61.14 21.69
C PRO K 173 64.57 -60.36 22.58
N SER K 174 65.16 -59.32 22.01
CA SER K 174 65.93 -58.39 22.81
C SER K 174 65.02 -57.77 23.86
N PRO K 175 65.36 -57.85 25.14
CA PRO K 175 64.46 -57.36 26.19
C PRO K 175 64.08 -55.89 26.05
N GLN K 176 64.70 -55.16 25.11
CA GLN K 176 64.37 -53.76 24.89
C GLN K 176 63.58 -53.55 23.60
N VAL K 177 64.12 -54.00 22.47
CA VAL K 177 63.54 -53.64 21.18
C VAL K 177 62.25 -54.43 20.95
N SER K 178 61.43 -53.94 20.02
CA SER K 178 60.10 -54.46 19.77
C SER K 178 59.97 -54.98 18.36
N THR K 179 59.52 -56.23 18.22
CA THR K 179 59.14 -56.78 16.93
C THR K 179 57.83 -57.56 16.99
N ALA K 180 57.24 -57.72 18.17
CA ALA K 180 55.93 -58.33 18.35
C ALA K 180 55.52 -58.05 19.79
N VAL K 181 54.28 -58.41 20.12
CA VAL K 181 53.73 -58.11 21.43
C VAL K 181 53.46 -59.37 22.26
N VAL K 182 53.27 -60.52 21.63
CA VAL K 182 53.03 -61.76 22.33
C VAL K 182 54.31 -62.59 22.43
N GLU K 183 55.46 -61.96 22.20
CA GLU K 183 56.72 -62.69 22.26
C GLU K 183 57.00 -63.34 23.60
N PRO K 184 56.81 -62.69 24.76
CA PRO K 184 57.07 -63.38 26.03
C PRO K 184 56.36 -64.71 26.15
N TYR K 185 55.09 -64.80 25.74
CA TYR K 185 54.31 -66.02 25.89
C TYR K 185 54.96 -67.20 25.20
N ASN K 186 55.06 -67.13 23.88
CA ASN K 186 55.61 -68.26 23.13
C ASN K 186 57.11 -68.41 23.32
N SER K 187 57.82 -67.36 23.75
CA SER K 187 59.21 -67.54 24.12
C SER K 187 59.35 -68.41 25.36
N ILE K 188 58.54 -68.15 26.39
CA ILE K 188 58.48 -69.04 27.54
C ILE K 188 58.09 -70.43 27.10
N LEU K 189 57.11 -70.54 26.20
CA LEU K 189 56.65 -71.85 25.77
C LEU K 189 57.77 -72.64 25.11
N SER K 190 58.47 -72.03 24.15
CA SER K 190 59.57 -72.71 23.47
C SER K 190 60.70 -73.04 24.44
N THR K 191 60.99 -72.12 25.38
CA THR K 191 62.05 -72.37 26.35
C THR K 191 61.74 -73.62 27.18
N HIS K 192 60.55 -73.65 27.78
CA HIS K 192 60.22 -74.80 28.62
C HIS K 192 60.09 -76.07 27.80
N SER K 193 59.67 -75.98 26.55
CA SER K 193 59.52 -77.20 25.75
C SER K 193 60.88 -77.75 25.32
N LEU K 194 61.83 -76.87 24.99
CA LEU K 194 63.09 -77.33 24.44
C LEU K 194 64.10 -77.67 25.53
N LEU K 195 64.11 -76.90 26.62
CA LEU K 195 65.07 -77.05 27.71
C LEU K 195 65.33 -78.50 28.09
N GLU K 196 64.29 -79.32 28.11
CA GLU K 196 64.42 -80.72 28.47
C GLU K 196 64.80 -81.62 27.30
N HIS K 197 65.09 -81.03 26.12
CA HIS K 197 65.52 -81.83 24.98
C HIS K 197 66.62 -81.16 24.17
N THR K 198 67.15 -80.03 24.62
CA THR K 198 68.30 -79.39 23.98
C THR K 198 69.52 -79.55 24.87
N ASP K 199 70.69 -79.63 24.26
CA ASP K 199 71.93 -79.80 24.99
C ASP K 199 72.83 -78.57 24.92
N VAL K 200 72.85 -77.87 23.80
CA VAL K 200 73.61 -76.63 23.65
C VAL K 200 72.77 -75.63 22.88
N ALA K 201 72.15 -74.70 23.60
CA ALA K 201 71.35 -73.65 22.97
C ALA K 201 72.02 -72.31 23.23
N VAL K 202 72.55 -71.71 22.18
CA VAL K 202 73.26 -70.43 22.27
C VAL K 202 72.32 -69.32 21.85
N MET K 203 71.98 -68.44 22.78
CA MET K 203 71.10 -67.33 22.49
C MET K 203 71.83 -66.32 21.62
N LEU K 204 71.29 -66.05 20.44
CA LEU K 204 71.83 -65.04 19.53
C LEU K 204 70.81 -63.91 19.46
N ASP K 205 70.89 -62.98 20.40
CA ASP K 205 69.91 -61.91 20.47
C ASP K 205 70.06 -60.99 19.25
N ASN K 206 69.15 -60.01 19.15
CA ASN K 206 69.02 -59.26 17.91
C ASN K 206 69.33 -57.78 18.04
N GLU K 207 69.73 -57.31 19.22
CA GLU K 207 70.09 -55.91 19.36
C GLU K 207 71.58 -55.70 19.53
N ALA K 208 72.25 -56.61 20.24
CA ALA K 208 73.69 -56.49 20.41
C ALA K 208 74.40 -56.46 19.06
N ILE K 209 73.85 -57.14 18.07
CA ILE K 209 74.46 -57.12 16.74
C ILE K 209 74.23 -55.79 16.05
N TYR K 210 73.07 -55.19 16.25
CA TYR K 210 72.86 -53.80 15.85
C TYR K 210 73.94 -52.90 16.42
N ASP K 211 74.14 -52.99 17.74
CA ASP K 211 75.11 -52.12 18.39
C ASP K 211 76.52 -52.37 17.87
N ILE K 212 76.86 -53.65 17.63
CA ILE K 212 78.16 -53.97 17.04
C ILE K 212 78.31 -53.29 15.69
N CYS K 213 77.38 -53.56 14.77
CA CYS K 213 77.46 -52.95 13.44
C CYS K 213 77.53 -51.44 13.51
N ARG K 214 76.99 -50.84 14.58
CA ARG K 214 77.10 -49.40 14.71
C ARG K 214 78.45 -48.96 15.25
N ARG K 215 79.05 -49.73 16.15
CA ARG K 215 80.25 -49.28 16.86
C ARG K 215 81.55 -49.79 16.28
N ASN K 216 81.56 -50.95 15.62
CA ASN K 216 82.76 -51.47 15.01
C ASN K 216 82.77 -51.32 13.49
N LEU K 217 81.65 -51.60 12.84
CA LEU K 217 81.55 -51.50 11.40
C LEU K 217 81.17 -50.10 10.93
N ASP K 218 80.67 -49.26 11.83
CA ASP K 218 80.31 -47.87 11.57
C ASP K 218 79.18 -47.73 10.56
N ILE K 219 78.35 -48.76 10.39
CA ILE K 219 77.12 -48.61 9.63
C ILE K 219 75.98 -48.34 10.60
N GLU K 220 75.45 -47.12 10.56
CA GLU K 220 74.39 -46.75 11.49
C GLU K 220 73.07 -47.45 11.20
N ARG K 221 72.88 -47.94 9.98
CA ARG K 221 71.59 -48.44 9.50
C ARG K 221 71.79 -49.83 8.92
N PRO K 222 71.85 -50.85 9.78
CA PRO K 222 71.97 -52.23 9.29
C PRO K 222 70.62 -52.91 9.11
N THR K 223 70.56 -53.76 8.10
CA THR K 223 69.39 -54.56 7.79
C THR K 223 69.61 -55.99 8.28
N TYR K 224 68.57 -56.81 8.13
CA TYR K 224 68.67 -58.21 8.55
C TYR K 224 69.73 -58.97 7.78
N THR K 225 70.03 -58.53 6.55
CA THR K 225 71.04 -59.20 5.76
C THR K 225 72.39 -59.20 6.46
N ASN K 226 72.76 -58.07 7.06
CA ASN K 226 74.06 -57.99 7.72
C ASN K 226 74.09 -58.82 8.99
N LEU K 227 72.98 -58.83 9.73
CA LEU K 227 72.89 -59.67 10.92
C LEU K 227 73.09 -61.13 10.55
N ASN K 228 72.40 -61.58 9.50
CA ASN K 228 72.54 -62.97 9.09
C ASN K 228 73.94 -63.25 8.55
N ARG K 229 74.58 -62.26 7.92
CA ARG K 229 75.96 -62.43 7.50
C ARG K 229 76.86 -62.70 8.70
N LEU K 230 76.71 -61.92 9.76
CA LEU K 230 77.54 -62.11 10.95
C LEU K 230 77.25 -63.46 11.60
N ILE K 231 75.98 -63.86 11.65
CA ILE K 231 75.65 -65.16 12.24
C ILE K 231 76.27 -66.28 11.43
N ALA K 232 76.21 -66.18 10.10
CA ALA K 232 76.85 -67.18 9.26
C ALA K 232 78.35 -67.20 9.49
N GLN K 233 78.96 -66.04 9.66
CA GLN K 233 80.39 -65.99 9.95
C GLN K 233 80.70 -66.75 11.23
N VAL K 234 79.89 -66.54 12.27
CA VAL K 234 80.12 -67.23 13.53
C VAL K 234 80.01 -68.73 13.36
N ILE K 235 78.97 -69.18 12.66
CA ILE K 235 78.74 -70.62 12.54
C ILE K 235 79.83 -71.27 11.69
N SER K 236 80.31 -70.57 10.67
CA SER K 236 81.42 -71.11 9.89
C SER K 236 82.70 -71.16 10.72
N SER K 237 82.98 -70.11 11.49
CA SER K 237 84.12 -70.13 12.38
C SER K 237 84.04 -71.27 13.37
N LEU K 238 82.83 -71.67 13.73
CA LEU K 238 82.66 -72.77 14.68
C LEU K 238 82.90 -74.12 13.99
N THR K 239 82.23 -74.37 12.87
CA THR K 239 82.35 -75.65 12.19
C THR K 239 83.65 -75.80 11.41
N ALA K 240 84.52 -74.78 11.44
CA ALA K 240 85.82 -74.87 10.78
C ALA K 240 86.57 -76.16 11.11
N SER K 241 86.61 -76.54 12.39
CA SER K 241 87.44 -77.67 12.79
C SER K 241 87.00 -78.95 12.13
N LEU K 242 85.69 -79.14 11.96
CA LEU K 242 85.22 -80.30 11.21
C LEU K 242 85.50 -80.13 9.72
N ARG K 243 85.21 -78.95 9.18
CA ARG K 243 85.29 -78.77 7.73
C ARG K 243 86.74 -78.78 7.24
N PHE K 244 87.59 -77.94 7.83
CA PHE K 244 88.88 -77.62 7.25
C PHE K 244 89.99 -78.37 7.95
N ASP K 245 91.22 -78.10 7.50
CA ASP K 245 92.41 -78.62 8.15
C ASP K 245 92.64 -77.90 9.48
N GLY K 246 93.70 -78.28 10.16
CA GLY K 246 94.01 -77.64 11.42
C GLY K 246 95.10 -78.38 12.17
N ALA K 247 95.20 -78.05 13.46
CA ALA K 247 96.15 -78.68 14.36
C ALA K 247 95.46 -79.39 15.52
N LEU K 248 94.58 -78.70 16.22
CA LEU K 248 93.95 -79.21 17.43
C LEU K 248 92.44 -79.27 17.19
N ASN K 249 91.99 -80.41 16.67
CA ASN K 249 90.60 -80.57 16.25
C ASN K 249 89.70 -80.84 17.44
N VAL K 250 88.38 -80.80 17.18
CA VAL K 250 87.36 -81.07 18.18
C VAL K 250 86.30 -81.97 17.57
N ASP K 251 85.65 -82.75 18.43
CA ASP K 251 84.48 -83.49 18.03
C ASP K 251 83.25 -82.71 18.46
N ILE K 252 82.24 -82.68 17.59
CA ILE K 252 81.04 -81.93 17.96
C ILE K 252 80.38 -82.60 19.16
N THR K 253 80.51 -83.92 19.28
CA THR K 253 80.07 -84.58 20.50
C THR K 253 80.94 -84.21 21.69
N GLU K 254 82.15 -83.71 21.45
CA GLU K 254 82.97 -83.15 22.51
C GLU K 254 82.72 -81.66 22.71
N PHE K 255 81.65 -81.12 22.13
CA PHE K 255 81.11 -79.86 22.64
C PHE K 255 80.31 -80.08 23.91
N GLN K 256 79.38 -81.05 23.88
CA GLN K 256 78.55 -81.34 25.04
C GLN K 256 79.36 -81.41 26.32
N THR K 257 80.30 -82.36 26.40
CA THR K 257 81.08 -82.55 27.62
C THR K 257 81.83 -81.29 28.03
N ASN K 258 82.18 -80.43 27.09
CA ASN K 258 82.84 -79.19 27.44
C ASN K 258 81.87 -78.13 27.92
N LEU K 259 80.57 -78.29 27.64
CA LEU K 259 79.62 -77.21 27.84
C LEU K 259 78.37 -77.60 28.63
N VAL K 260 78.27 -78.81 29.13
CA VAL K 260 77.16 -79.14 30.02
C VAL K 260 77.73 -79.46 31.41
N PRO K 261 78.06 -78.43 32.18
CA PRO K 261 78.69 -78.68 33.49
C PRO K 261 77.81 -79.53 34.40
N TYR K 262 76.61 -79.05 34.67
CA TYR K 262 75.60 -79.89 35.29
C TYR K 262 74.56 -80.24 34.24
N PRO K 263 74.07 -81.48 34.22
CA PRO K 263 73.27 -81.96 33.08
C PRO K 263 72.16 -81.04 32.60
N ARG K 264 71.70 -80.14 33.46
CA ARG K 264 70.58 -79.25 33.12
C ARG K 264 71.05 -77.88 32.64
N ILE K 265 71.95 -77.24 33.37
CA ILE K 265 72.31 -75.85 33.10
C ILE K 265 73.14 -75.79 31.82
N HIS K 266 72.50 -75.42 30.71
CA HIS K 266 73.18 -75.48 29.42
C HIS K 266 72.82 -74.35 28.47
N PHE K 267 72.50 -73.17 28.98
CA PHE K 267 72.06 -72.06 28.12
C PHE K 267 73.24 -71.12 27.93
N MET K 268 73.85 -71.15 26.75
CA MET K 268 75.10 -70.47 26.49
C MET K 268 74.90 -69.24 25.62
N LEU K 269 75.96 -68.43 25.54
CA LEU K 269 76.00 -67.23 24.73
C LEU K 269 77.26 -67.25 23.88
N SER K 270 77.36 -66.31 22.93
CA SER K 270 78.40 -66.35 21.92
C SER K 270 79.13 -65.02 21.83
N SER K 271 80.30 -65.06 21.21
CA SER K 271 81.04 -63.86 20.85
C SER K 271 82.00 -64.21 19.73
N TYR K 272 82.41 -63.18 18.98
CA TYR K 272 83.22 -63.40 17.79
C TYR K 272 84.16 -62.22 17.60
N ALA K 273 85.29 -62.48 16.95
CA ALA K 273 86.27 -61.43 16.71
C ALA K 273 87.22 -61.92 15.64
N PRO K 274 87.85 -61.01 14.88
CA PRO K 274 87.61 -59.57 14.84
C PRO K 274 86.58 -59.20 13.80
N ILE K 275 85.81 -58.15 14.05
CA ILE K 275 84.75 -57.71 13.16
C ILE K 275 85.01 -56.24 12.88
N ILE K 276 85.79 -55.97 11.83
CA ILE K 276 86.24 -54.62 11.49
C ILE K 276 86.01 -54.41 10.00
N SER K 277 85.67 -53.18 9.63
CA SER K 277 85.65 -52.82 8.22
C SER K 277 87.08 -52.74 7.70
N ALA K 278 87.22 -52.35 6.44
CA ALA K 278 88.54 -52.30 5.84
C ALA K 278 89.30 -51.03 6.23
N GLU K 279 88.70 -49.87 5.95
CA GLU K 279 89.40 -48.61 6.14
C GLU K 279 89.71 -48.38 7.61
N LYS K 280 89.06 -49.10 8.51
CA LYS K 280 89.39 -49.00 9.92
C LYS K 280 90.49 -49.97 10.31
N ALA K 281 90.38 -51.23 9.87
CA ALA K 281 91.42 -52.22 10.17
C ALA K 281 92.76 -51.86 9.56
N TYR K 282 92.77 -50.94 8.58
CA TYR K 282 94.05 -50.43 8.09
C TYR K 282 94.88 -49.84 9.22
N HIS K 283 94.25 -49.18 10.20
CA HIS K 283 94.97 -48.58 11.33
C HIS K 283 94.97 -49.52 12.54
N GLU K 284 95.48 -50.73 12.37
CA GLU K 284 95.46 -51.66 13.49
C GLU K 284 96.39 -52.83 13.21
N GLN K 285 96.91 -53.42 14.28
CA GLN K 285 97.87 -54.50 14.18
C GLN K 285 97.23 -55.88 14.24
N LEU K 286 96.12 -56.03 14.99
CA LEU K 286 95.36 -57.28 15.02
C LEU K 286 96.23 -58.44 15.53
N SER K 287 96.86 -58.23 16.67
CA SER K 287 97.68 -59.26 17.28
C SER K 287 96.83 -60.31 17.96
N VAL K 288 97.36 -61.53 18.04
CA VAL K 288 96.65 -62.61 18.72
C VAL K 288 96.29 -62.22 20.15
N ALA K 289 97.23 -61.56 20.84
CA ALA K 289 96.95 -61.11 22.20
C ALA K 289 95.79 -60.14 22.23
N GLU K 290 95.79 -59.16 21.32
CA GLU K 290 94.72 -58.16 21.31
C GLU K 290 93.39 -58.79 20.90
N ILE K 291 93.42 -59.72 19.93
CA ILE K 291 92.17 -60.34 19.49
C ILE K 291 91.57 -61.19 20.59
N THR K 292 92.40 -61.96 21.30
CA THR K 292 91.89 -62.76 22.41
C THR K 292 91.61 -61.92 23.65
N ASN K 293 92.07 -60.68 23.69
CA ASN K 293 91.73 -59.75 24.75
C ASN K 293 90.54 -58.87 24.42
N SER K 294 90.05 -58.93 23.18
CA SER K 294 88.85 -58.17 22.82
C SER K 294 87.59 -59.00 22.97
N ALA K 295 87.67 -60.31 22.72
CA ALA K 295 86.48 -61.16 22.71
C ALA K 295 85.76 -61.15 24.04
N PHE K 296 86.49 -60.91 25.14
CA PHE K 296 85.86 -60.96 26.45
C PHE K 296 85.04 -59.70 26.75
N GLU K 297 85.29 -58.61 26.03
CA GLU K 297 84.61 -57.36 26.33
C GLU K 297 83.11 -57.50 26.05
N PRO K 298 82.26 -56.91 26.89
CA PRO K 298 80.82 -57.04 26.68
C PRO K 298 80.32 -56.34 25.43
N ALA K 299 81.12 -55.45 24.84
CA ALA K 299 80.66 -54.67 23.69
C ALA K 299 80.28 -55.58 22.53
N ASN K 300 80.99 -56.69 22.37
CA ASN K 300 80.71 -57.64 21.29
C ASN K 300 80.25 -58.99 21.84
N MET K 301 79.39 -58.97 22.84
CA MET K 301 78.69 -60.17 23.32
C MET K 301 77.36 -60.22 22.60
N MET K 302 77.30 -61.05 21.55
CA MET K 302 76.14 -61.02 20.64
C MET K 302 74.85 -61.30 21.39
N ALA K 303 74.88 -62.14 22.41
CA ALA K 303 73.74 -62.27 23.31
C ALA K 303 73.71 -61.05 24.23
N LYS K 304 72.73 -60.18 24.04
CA LYS K 304 72.66 -58.94 24.82
C LYS K 304 72.57 -59.24 26.31
N CYS K 305 73.65 -58.93 27.03
CA CYS K 305 73.76 -59.12 28.47
C CYS K 305 75.13 -58.61 28.89
N ASP K 306 75.27 -58.33 30.18
CA ASP K 306 76.56 -57.91 30.73
C ASP K 306 77.18 -59.08 31.49
N PRO K 307 78.19 -59.74 30.93
CA PRO K 307 78.73 -60.95 31.59
C PRO K 307 79.34 -60.69 32.96
N ARG K 308 79.69 -59.44 33.26
CA ARG K 308 80.33 -59.16 34.54
C ARG K 308 79.40 -59.40 35.72
N HIS K 309 78.09 -59.30 35.50
CA HIS K 309 77.12 -59.52 36.57
C HIS K 309 77.04 -60.98 37.02
N GLY K 310 77.74 -61.87 36.33
CA GLY K 310 77.84 -63.25 36.76
C GLY K 310 79.27 -63.74 36.63
N LYS K 311 79.46 -65.05 36.66
CA LYS K 311 80.77 -65.65 36.47
C LYS K 311 80.65 -66.84 35.54
N TYR K 312 81.57 -66.93 34.59
CA TYR K 312 81.52 -67.99 33.58
C TYR K 312 81.64 -69.36 34.24
N MET K 313 81.28 -70.37 33.46
CA MET K 313 81.52 -71.76 33.83
C MET K 313 82.40 -72.49 32.82
N ALA K 314 82.16 -72.29 31.53
CA ALA K 314 83.00 -72.92 30.51
C ALA K 314 83.12 -71.99 29.32
N CYS K 315 84.29 -71.97 28.70
CA CYS K 315 84.54 -71.10 27.55
C CYS K 315 85.32 -71.88 26.50
N SER K 316 84.76 -72.00 25.31
CA SER K 316 85.43 -72.63 24.18
C SER K 316 85.81 -71.55 23.18
N MET K 317 87.11 -71.35 23.00
CA MET K 317 87.63 -70.34 22.08
C MET K 317 88.09 -71.04 20.81
N MET K 318 87.15 -71.30 19.91
CA MET K 318 87.48 -71.93 18.65
C MET K 318 88.20 -70.92 17.77
N TYR K 319 89.48 -71.15 17.52
CA TYR K 319 90.28 -70.24 16.72
C TYR K 319 90.14 -70.57 15.25
N ARG K 320 90.79 -69.77 14.42
CA ARG K 320 91.01 -70.07 13.01
C ARG K 320 91.95 -69.00 12.47
N GLY K 321 92.61 -69.34 11.37
CA GLY K 321 93.71 -68.53 10.87
C GLY K 321 94.98 -68.79 11.65
N ASP K 322 96.10 -68.65 10.95
CA ASP K 322 97.39 -69.00 11.52
C ASP K 322 97.65 -68.22 12.81
N VAL K 323 98.03 -68.94 13.86
CA VAL K 323 98.37 -68.35 15.15
C VAL K 323 99.57 -69.10 15.73
N VAL K 324 100.22 -68.44 16.69
CA VAL K 324 101.36 -69.01 17.40
C VAL K 324 100.85 -69.66 18.68
N PRO K 325 100.80 -71.01 18.73
CA PRO K 325 100.08 -71.67 19.83
C PRO K 325 100.59 -71.38 21.23
N LYS K 326 101.91 -71.38 21.44
CA LYS K 326 102.41 -71.15 22.79
C LYS K 326 102.09 -69.73 23.26
N ASP K 327 102.19 -68.76 22.37
CA ASP K 327 101.74 -67.41 22.73
C ASP K 327 100.23 -67.34 22.88
N VAL K 328 99.48 -68.20 22.19
CA VAL K 328 98.06 -68.30 22.44
C VAL K 328 97.81 -68.73 23.89
N ASN K 329 98.54 -69.74 24.35
CA ASN K 329 98.38 -70.20 25.73
C ASN K 329 98.82 -69.14 26.72
N ALA K 330 99.89 -68.41 26.41
CA ALA K 330 100.30 -67.31 27.28
C ALA K 330 99.24 -66.24 27.37
N SER K 331 98.67 -65.85 26.23
CA SER K 331 97.61 -64.85 26.23
C SER K 331 96.37 -65.34 26.99
N ILE K 332 96.06 -66.63 26.90
CA ILE K 332 94.92 -67.16 27.64
C ILE K 332 95.19 -67.15 29.13
N ALA K 333 96.42 -67.48 29.54
CA ALA K 333 96.77 -67.35 30.95
C ALA K 333 96.60 -65.91 31.41
N THR K 334 97.02 -64.95 30.58
CA THR K 334 96.87 -63.54 30.94
C THR K 334 95.40 -63.16 31.10
N ILE K 335 94.57 -63.50 30.12
CA ILE K 335 93.16 -63.12 30.21
C ILE K 335 92.49 -63.82 31.39
N LYS K 336 92.95 -65.02 31.75
CA LYS K 336 92.40 -65.66 32.94
C LYS K 336 92.80 -64.92 34.19
N THR K 337 94.07 -64.54 34.32
CA THR K 337 94.51 -63.87 35.54
C THR K 337 94.11 -62.40 35.58
N LYS K 338 93.45 -61.89 34.54
CA LYS K 338 92.94 -60.53 34.59
C LYS K 338 91.95 -60.38 35.74
N ARG K 339 91.99 -59.23 36.40
CA ARG K 339 91.32 -59.10 37.70
C ARG K 339 89.81 -59.06 37.57
N THR K 340 89.26 -58.52 36.48
CA THR K 340 87.84 -58.26 36.40
C THR K 340 87.03 -59.40 35.80
N ILE K 341 87.68 -60.48 35.35
CA ILE K 341 87.01 -61.64 34.80
C ILE K 341 87.24 -62.81 35.75
N GLN K 342 86.16 -63.44 36.20
CA GLN K 342 86.26 -64.49 37.20
C GLN K 342 85.23 -65.59 36.91
N PHE K 343 85.48 -66.75 37.50
CA PHE K 343 84.69 -67.96 37.30
C PHE K 343 84.08 -68.40 38.62
N VAL K 344 83.49 -69.59 38.60
CA VAL K 344 83.11 -70.29 39.81
C VAL K 344 84.22 -71.28 40.13
N ASP K 345 84.21 -71.78 41.37
CA ASP K 345 85.39 -72.45 41.89
C ASP K 345 85.39 -73.95 41.60
N TRP K 346 84.24 -74.53 41.27
CA TRP K 346 84.20 -75.96 41.04
C TRP K 346 84.76 -76.37 39.68
N CYS K 347 85.04 -75.41 38.79
CA CYS K 347 85.59 -75.68 37.47
C CYS K 347 86.82 -74.80 37.27
N PRO K 348 88.00 -75.26 37.69
CA PRO K 348 89.21 -74.47 37.47
C PRO K 348 89.86 -74.68 36.12
N THR K 349 89.55 -75.78 35.43
CA THR K 349 90.04 -76.00 34.07
C THR K 349 89.03 -75.47 33.06
N GLY K 350 88.78 -74.16 33.16
CA GLY K 350 87.71 -73.54 32.41
C GLY K 350 87.89 -73.51 30.91
N PHE K 351 88.89 -72.75 30.45
CA PHE K 351 89.01 -72.48 29.02
C PHE K 351 89.31 -73.76 28.24
N LYS K 352 88.77 -73.81 27.03
CA LYS K 352 89.14 -74.81 26.04
C LYS K 352 89.63 -74.09 24.80
N VAL K 353 90.45 -74.77 24.00
CA VAL K 353 91.02 -74.14 22.81
C VAL K 353 90.75 -75.03 21.60
N GLY K 354 91.29 -74.62 20.46
CA GLY K 354 91.22 -75.39 19.23
C GLY K 354 91.63 -74.50 18.09
N ILE K 355 92.43 -75.00 17.15
CA ILE K 355 92.99 -74.17 16.10
C ILE K 355 92.60 -74.74 14.75
N ASN K 356 92.62 -73.88 13.75
CA ASN K 356 92.48 -74.29 12.35
C ASN K 356 93.37 -73.42 11.50
N TYR K 357 93.64 -73.87 10.29
CA TYR K 357 94.68 -73.26 9.45
C TYR K 357 94.13 -72.60 8.20
N GLN K 358 93.01 -71.88 8.33
CA GLN K 358 92.58 -71.00 7.26
C GLN K 358 91.96 -69.75 7.85
N PRO K 359 92.33 -68.58 7.34
CA PRO K 359 91.72 -67.33 7.81
C PRO K 359 90.27 -67.26 7.41
N PRO K 360 89.53 -66.28 7.92
CA PRO K 360 88.14 -66.08 7.48
C PRO K 360 88.03 -65.93 5.98
N THR K 361 86.81 -66.18 5.49
CA THR K 361 86.49 -66.10 4.07
C THR K 361 85.70 -64.83 3.83
N VAL K 362 86.35 -63.83 3.24
CA VAL K 362 85.64 -62.60 2.88
C VAL K 362 84.80 -62.85 1.64
N VAL K 363 83.61 -62.26 1.62
CA VAL K 363 82.68 -62.36 0.51
C VAL K 363 82.73 -61.04 -0.26
N PRO K 364 82.82 -61.07 -1.59
CA PRO K 364 82.91 -59.80 -2.34
C PRO K 364 81.71 -58.93 -2.07
N GLY K 365 81.97 -57.64 -1.85
CA GLY K 365 80.94 -56.73 -1.40
C GLY K 365 80.63 -56.80 0.07
N GLY K 366 81.28 -57.70 0.81
CA GLY K 366 81.03 -57.82 2.24
C GLY K 366 81.69 -56.70 3.00
N ASP K 367 80.93 -56.10 3.93
CA ASP K 367 81.48 -55.02 4.75
C ASP K 367 82.61 -55.50 5.65
N LEU K 368 82.65 -56.78 5.98
CA LEU K 368 83.72 -57.31 6.81
C LEU K 368 85.02 -57.35 6.02
N ALA K 369 86.12 -57.09 6.70
CA ALA K 369 87.42 -56.93 6.05
C ALA K 369 88.19 -58.24 6.05
N LYS K 370 89.14 -58.33 5.12
CA LYS K 370 90.03 -59.48 5.07
C LYS K 370 90.94 -59.47 6.28
N VAL K 371 91.03 -60.61 6.97
CA VAL K 371 91.75 -60.69 8.24
C VAL K 371 92.27 -62.11 8.41
N MET K 372 93.52 -62.23 8.86
CA MET K 372 94.13 -63.54 9.02
C MET K 372 93.58 -64.26 10.24
N ARG K 373 93.71 -63.67 11.41
CA ARG K 373 93.34 -64.33 12.66
C ARG K 373 91.85 -64.16 12.93
N ALA K 374 91.28 -65.13 13.64
CA ALA K 374 89.88 -65.04 14.03
C ALA K 374 89.62 -66.01 15.18
N VAL K 375 88.68 -65.63 16.04
CA VAL K 375 88.30 -66.42 17.20
C VAL K 375 86.79 -66.33 17.39
N CYS K 376 86.19 -67.43 17.84
CA CYS K 376 84.78 -67.46 18.22
C CYS K 376 84.69 -68.10 19.61
N MET K 377 84.21 -67.33 20.57
CA MET K 377 84.18 -67.75 21.97
C MET K 377 82.74 -68.06 22.37
N ILE K 378 82.46 -69.34 22.61
CA ILE K 378 81.17 -69.78 23.13
C ILE K 378 81.32 -69.92 24.64
N SER K 379 80.33 -69.45 25.38
CA SER K 379 80.45 -69.36 26.83
C SER K 379 79.19 -69.87 27.51
N ASN K 380 79.37 -70.87 28.39
CA ASN K 380 78.36 -71.24 29.38
C ASN K 380 78.66 -70.44 30.63
N SER K 381 77.84 -69.42 30.90
CA SER K 381 78.09 -68.48 31.99
C SER K 381 76.89 -68.38 32.92
N THR K 382 76.91 -67.40 33.83
CA THR K 382 75.85 -67.22 34.80
C THR K 382 75.08 -65.91 34.66
N ALA K 383 75.63 -64.92 33.95
CA ALA K 383 74.91 -63.67 33.81
C ALA K 383 73.65 -63.84 32.97
N ILE K 384 73.64 -64.81 32.07
CA ILE K 384 72.46 -65.06 31.25
C ILE K 384 71.24 -65.31 32.12
N ALA K 385 71.45 -65.80 33.34
CA ALA K 385 70.35 -66.00 34.27
C ALA K 385 69.50 -64.76 34.40
N GLU K 386 70.14 -63.60 34.62
CA GLU K 386 69.39 -62.38 34.85
C GLU K 386 68.47 -62.08 33.68
N VAL K 387 68.88 -62.44 32.46
CA VAL K 387 68.03 -62.24 31.29
C VAL K 387 66.66 -62.84 31.55
N PHE K 388 66.63 -64.11 31.94
CA PHE K 388 65.36 -64.76 32.25
C PHE K 388 64.55 -63.91 33.20
N SER K 389 65.16 -63.49 34.31
CA SER K 389 64.47 -62.64 35.28
C SER K 389 63.68 -61.56 34.57
N ARG K 390 64.39 -60.74 33.77
CA ARG K 390 63.72 -59.61 33.14
C ARG K 390 62.67 -60.10 32.17
N LEU K 391 62.99 -61.13 31.38
CA LEU K 391 61.96 -61.71 30.52
C LEU K 391 60.82 -62.27 31.35
N ASP K 392 61.15 -62.94 32.45
CA ASP K 392 60.13 -63.36 33.40
C ASP K 392 59.23 -62.19 33.76
N HIS K 393 59.85 -61.05 34.06
CA HIS K 393 59.12 -59.83 34.36
C HIS K 393 57.97 -59.63 33.38
N LYS K 394 58.31 -59.65 32.08
CA LYS K 394 57.31 -59.47 31.03
C LYS K 394 56.12 -60.41 31.24
N PHE K 395 56.39 -61.71 31.33
CA PHE K 395 55.32 -62.68 31.50
C PHE K 395 54.42 -62.27 32.65
N ASP K 396 55.02 -61.89 33.78
CA ASP K 396 54.23 -61.43 34.92
C ASP K 396 53.21 -60.39 34.49
N LEU K 397 53.71 -59.27 33.96
CA LEU K 397 52.89 -58.11 33.69
C LEU K 397 51.88 -58.40 32.58
N MET K 398 51.88 -59.62 32.06
CA MET K 398 50.82 -60.06 31.17
C MET K 398 49.88 -61.04 31.85
N TYR K 399 50.42 -62.09 32.48
CA TYR K 399 49.55 -63.11 33.05
C TYR K 399 48.85 -62.60 34.30
N ALA K 400 49.24 -61.45 34.81
CA ALA K 400 48.49 -60.77 35.85
C ALA K 400 47.18 -60.21 35.35
N LYS K 401 46.81 -60.46 34.10
CA LYS K 401 45.50 -60.11 33.59
C LYS K 401 44.75 -61.28 32.97
N ARG K 402 45.29 -62.50 33.06
CA ARG K 402 44.74 -63.66 32.35
C ARG K 402 44.54 -63.34 30.88
N ALA K 403 45.54 -62.70 30.28
CA ALA K 403 45.40 -62.12 28.96
C ALA K 403 45.74 -63.11 27.86
N PHE K 404 45.15 -62.90 26.69
CA PHE K 404 45.42 -63.63 25.46
C PHE K 404 45.17 -65.13 25.58
N VAL K 405 44.48 -65.57 26.63
CA VAL K 405 44.24 -67.00 26.81
C VAL K 405 43.29 -67.54 25.75
N HIS K 406 42.43 -66.69 25.18
CA HIS K 406 41.48 -67.15 24.18
C HIS K 406 42.17 -67.54 22.88
N TRP K 407 43.11 -66.70 22.42
CA TRP K 407 43.89 -67.01 21.23
C TRP K 407 44.69 -68.30 21.36
N TYR K 408 44.71 -68.90 22.54
CA TYR K 408 45.42 -70.15 22.79
C TYR K 408 44.47 -71.32 22.99
N VAL K 409 43.48 -71.17 23.86
CA VAL K 409 42.48 -72.22 24.05
C VAL K 409 41.62 -72.41 22.81
N GLY K 410 41.64 -71.46 21.88
CA GLY K 410 41.00 -71.68 20.60
C GLY K 410 41.86 -72.43 19.60
N GLU K 411 42.98 -72.98 20.04
CA GLU K 411 43.89 -73.72 19.16
C GLU K 411 44.39 -74.97 19.86
N GLY K 412 43.52 -75.64 20.63
CA GLY K 412 43.83 -76.92 21.21
C GLY K 412 44.62 -76.88 22.50
N MET K 413 45.48 -75.90 22.70
CA MET K 413 46.30 -75.86 23.91
C MET K 413 45.45 -75.59 25.15
N GLU K 414 45.81 -76.28 26.23
CA GLU K 414 45.19 -76.03 27.53
C GLU K 414 45.75 -74.73 28.09
N GLU K 415 45.40 -74.42 29.34
CA GLU K 415 45.90 -73.25 30.03
C GLU K 415 46.84 -73.56 31.19
N GLY K 416 46.69 -74.73 31.81
CA GLY K 416 47.59 -75.13 32.87
C GLY K 416 49.04 -75.15 32.42
N GLU K 417 49.25 -75.20 31.10
CA GLU K 417 50.59 -75.15 30.56
C GLU K 417 51.30 -73.85 30.93
N PHE K 418 50.57 -72.73 30.97
CA PHE K 418 51.18 -71.48 31.39
C PHE K 418 51.74 -71.59 32.80
N SER K 419 50.93 -72.12 33.72
CA SER K 419 51.39 -72.30 35.09
C SER K 419 52.59 -73.24 35.15
N GLU K 420 52.53 -74.36 34.42
CA GLU K 420 53.64 -75.30 34.43
C GLU K 420 54.92 -74.65 33.94
N ALA K 421 54.84 -73.93 32.83
CA ALA K 421 56.04 -73.34 32.23
C ALA K 421 56.62 -72.25 33.11
N ARG K 422 55.77 -71.39 33.69
CA ARG K 422 56.28 -70.38 34.61
C ARG K 422 56.91 -71.03 35.83
N GLU K 423 56.30 -72.10 36.34
CA GLU K 423 56.86 -72.81 37.49
C GLU K 423 58.23 -73.38 37.16
N ASP K 424 58.36 -74.03 36.01
CA ASP K 424 59.63 -74.65 35.67
C ASP K 424 60.70 -73.62 35.32
N LEU K 425 60.32 -72.47 34.76
CA LEU K 425 61.34 -71.46 34.52
C LEU K 425 61.75 -70.76 35.80
N ALA K 426 60.82 -70.63 36.77
CA ALA K 426 61.22 -70.18 38.09
C ALA K 426 62.19 -71.17 38.73
N ALA K 427 61.95 -72.46 38.54
CA ALA K 427 62.89 -73.47 39.00
C ALA K 427 64.24 -73.34 38.31
N LEU K 428 64.24 -72.99 37.02
CA LEU K 428 65.51 -72.75 36.33
C LEU K 428 66.23 -71.53 36.90
N GLU K 429 65.47 -70.48 37.23
CA GLU K 429 66.05 -69.32 37.90
C GLU K 429 66.70 -69.74 39.22
N LYS K 430 66.01 -70.56 39.99
CA LYS K 430 66.59 -71.12 41.20
C LYS K 430 67.88 -71.88 40.88
N ASP K 431 67.86 -72.68 39.81
CA ASP K 431 69.03 -73.46 39.42
C ASP K 431 70.24 -72.56 39.18
N TYR K 432 70.06 -71.53 38.36
CA TYR K 432 71.17 -70.64 38.05
C TYR K 432 71.65 -69.88 39.28
N GLU K 433 70.72 -69.40 40.10
CA GLU K 433 71.17 -68.67 41.29
C GLU K 433 71.77 -69.60 42.34
N GLU K 434 71.55 -70.90 42.23
CA GLU K 434 72.15 -71.86 43.15
C GLU K 434 73.52 -72.32 42.68
N VAL K 435 73.69 -72.56 41.38
CA VAL K 435 74.96 -73.08 40.89
C VAL K 435 76.07 -72.05 41.03
N GLY K 436 75.72 -70.76 40.96
CA GLY K 436 76.73 -69.73 41.13
C GLY K 436 77.25 -69.59 42.55
N ILE K 437 76.61 -70.24 43.51
CA ILE K 437 77.07 -70.19 44.89
C ILE K 437 78.42 -70.87 44.99
N GLU K 438 79.33 -70.26 45.76
CA GLU K 438 80.64 -70.85 45.99
C GLU K 438 80.51 -72.25 46.58
N THR K 439 81.27 -73.19 46.05
CA THR K 439 81.19 -74.57 46.52
C THR K 439 81.82 -74.70 47.90
N MET L 1 46.37 -69.82 -2.71
CA MET L 1 46.78 -69.72 -1.31
C MET L 1 46.57 -68.32 -0.74
N ARG L 2 46.02 -68.24 0.46
CA ARG L 2 45.99 -66.97 1.20
C ARG L 2 45.11 -65.94 0.50
N GLU L 3 43.93 -66.36 0.06
CA GLU L 3 43.05 -65.47 -0.69
C GLU L 3 42.24 -64.60 0.25
N ILE L 4 41.39 -63.75 -0.34
CA ILE L 4 40.52 -62.84 0.39
C ILE L 4 39.26 -62.61 -0.44
N VAL L 5 38.08 -62.74 0.20
CA VAL L 5 36.82 -62.31 -0.41
C VAL L 5 36.48 -60.94 0.14
N HIS L 6 35.84 -60.11 -0.69
CA HIS L 6 35.58 -58.71 -0.36
C HIS L 6 34.11 -58.41 -0.62
N ILE L 7 33.27 -58.66 0.37
CA ILE L 7 31.86 -58.36 0.25
C ILE L 7 31.65 -56.86 0.35
N GLN L 8 30.62 -56.36 -0.32
CA GLN L 8 30.25 -54.96 -0.26
C GLN L 8 28.87 -54.82 0.37
N GLY L 9 28.42 -53.57 0.51
CA GLY L 9 27.12 -53.31 1.08
C GLY L 9 26.82 -51.85 1.22
N GLY L 10 25.61 -51.43 0.82
CA GLY L 10 25.25 -50.03 0.85
C GLY L 10 25.98 -49.24 -0.23
N GLN L 11 25.40 -48.14 -0.70
CA GLN L 11 26.07 -47.40 -1.76
C GLN L 11 27.39 -46.80 -1.29
N CYS L 12 27.49 -46.48 0.00
CA CYS L 12 28.76 -46.02 0.57
C CYS L 12 29.85 -47.09 0.38
N GLY L 13 29.61 -48.28 0.93
CA GLY L 13 30.56 -49.35 0.78
C GLY L 13 30.82 -49.72 -0.67
N ASN L 14 29.80 -49.58 -1.52
CA ASN L 14 30.00 -49.90 -2.93
C ASN L 14 30.97 -48.92 -3.58
N GLN L 15 30.81 -47.64 -3.30
CA GLN L 15 31.75 -46.66 -3.85
C GLN L 15 33.15 -46.86 -3.27
N ILE L 16 33.24 -47.15 -1.97
CA ILE L 16 34.54 -47.38 -1.35
C ILE L 16 35.23 -48.57 -1.99
N GLY L 17 34.49 -49.66 -2.19
CA GLY L 17 35.07 -50.83 -2.82
C GLY L 17 35.45 -50.58 -4.27
N ALA L 18 34.65 -49.78 -4.98
CA ALA L 18 35.02 -49.40 -6.33
C ALA L 18 36.37 -48.71 -6.36
N LYS L 19 36.56 -47.73 -5.47
CA LYS L 19 37.83 -47.03 -5.44
C LYS L 19 38.95 -47.94 -4.93
N PHE L 20 38.63 -48.91 -4.08
CA PHE L 20 39.66 -49.82 -3.60
C PHE L 20 40.17 -50.72 -4.72
N TRP L 21 39.24 -51.26 -5.52
CA TRP L 21 39.67 -52.03 -6.68
C TRP L 21 40.39 -51.14 -7.69
N GLU L 22 40.00 -49.87 -7.76
CA GLU L 22 40.79 -48.90 -8.52
C GLU L 22 42.26 -48.93 -8.09
N VAL L 23 42.51 -48.71 -6.80
CA VAL L 23 43.87 -48.63 -6.30
C VAL L 23 44.59 -49.96 -6.46
N ILE L 24 43.87 -51.08 -6.31
CA ILE L 24 44.51 -52.39 -6.39
C ILE L 24 44.93 -52.70 -7.81
N SER L 25 44.02 -52.51 -8.77
CA SER L 25 44.39 -52.66 -10.17
C SER L 25 45.50 -51.71 -10.55
N ASP L 26 45.58 -50.56 -9.89
CA ASP L 26 46.68 -49.64 -10.15
C ASP L 26 48.00 -50.24 -9.66
N GLU L 27 48.02 -50.72 -8.41
CA GLU L 27 49.26 -51.23 -7.82
C GLU L 27 49.75 -52.47 -8.56
N HIS L 28 48.88 -53.47 -8.70
CA HIS L 28 49.27 -54.68 -9.44
C HIS L 28 49.36 -54.43 -10.94
N GLY L 29 48.97 -53.25 -11.42
CA GLY L 29 49.11 -52.92 -12.82
C GLY L 29 48.17 -53.69 -13.72
N ILE L 30 46.87 -53.53 -13.54
CA ILE L 30 45.85 -54.17 -14.35
C ILE L 30 44.99 -53.08 -14.97
N ASP L 31 45.01 -52.99 -16.30
CA ASP L 31 44.13 -52.06 -16.98
C ASP L 31 42.68 -52.52 -16.86
N PRO L 32 41.70 -51.62 -17.06
CA PRO L 32 40.32 -51.96 -16.72
C PRO L 32 39.71 -53.11 -17.52
N THR L 33 40.45 -53.69 -18.44
CA THR L 33 39.92 -54.85 -19.17
C THR L 33 40.27 -56.18 -18.52
N GLY L 34 41.12 -56.18 -17.50
CA GLY L 34 41.50 -57.39 -16.83
C GLY L 34 42.71 -58.10 -17.42
N THR L 35 43.45 -57.46 -18.31
CA THR L 35 44.70 -57.99 -18.82
C THR L 35 45.86 -57.48 -17.99
N TYR L 36 46.88 -58.32 -17.82
CA TYR L 36 48.04 -57.90 -17.04
C TYR L 36 48.77 -56.77 -17.76
N HIS L 37 49.08 -55.72 -17.00
CA HIS L 37 49.73 -54.54 -17.55
C HIS L 37 50.92 -54.09 -16.74
N ASN L 48 46.67 -64.12 -7.18
CA ASN L 48 45.58 -64.94 -6.69
C ASN L 48 44.95 -64.39 -5.42
N VAL L 49 45.69 -63.55 -4.68
CA VAL L 49 45.19 -63.08 -3.39
C VAL L 49 43.91 -62.25 -3.58
N TYR L 50 43.86 -61.45 -4.63
CA TYR L 50 42.71 -60.58 -4.89
C TYR L 50 41.92 -60.99 -6.12
N TYR L 51 42.59 -61.36 -7.19
CA TYR L 51 41.90 -61.65 -8.43
C TYR L 51 41.78 -63.15 -8.63
N ASN L 52 41.07 -63.54 -9.68
CA ASN L 52 40.99 -64.91 -10.17
C ASN L 52 41.34 -64.90 -11.65
N GLU L 53 42.10 -65.91 -12.07
CA GLU L 53 42.32 -66.11 -13.49
C GLU L 53 40.99 -66.35 -14.19
N ALA L 54 40.97 -66.07 -15.49
CA ALA L 54 39.76 -66.25 -16.28
C ALA L 54 40.14 -66.66 -17.70
N THR L 55 39.39 -67.63 -18.22
CA THR L 55 39.62 -68.24 -19.53
C THR L 55 39.99 -67.20 -20.58
N GLY L 56 41.11 -67.43 -21.25
CA GLY L 56 41.66 -66.48 -22.19
C GLY L 56 42.77 -65.62 -21.63
N GLY L 57 42.95 -65.60 -20.31
CA GLY L 57 43.97 -64.82 -19.67
C GLY L 57 43.48 -63.62 -18.89
N ARG L 58 42.16 -63.43 -18.78
CA ARG L 58 41.64 -62.29 -18.05
C ARG L 58 41.92 -62.44 -16.56
N TYR L 59 41.87 -61.32 -15.85
CA TYR L 59 42.04 -61.31 -14.40
C TYR L 59 40.84 -60.59 -13.81
N VAL L 60 39.92 -61.33 -13.22
CA VAL L 60 38.67 -60.77 -12.70
C VAL L 60 38.75 -60.69 -11.19
N PRO L 61 38.46 -59.54 -10.59
CA PRO L 61 38.55 -59.45 -9.13
C PRO L 61 37.48 -60.28 -8.44
N ARG L 62 37.84 -60.77 -7.25
CA ARG L 62 36.94 -61.58 -6.43
C ARG L 62 36.25 -60.65 -5.44
N ALA L 63 34.98 -60.35 -5.70
CA ALA L 63 34.18 -59.55 -4.79
C ALA L 63 32.72 -59.73 -5.14
N ILE L 64 31.87 -59.54 -4.13
CA ILE L 64 30.42 -59.66 -4.28
C ILE L 64 29.80 -58.33 -3.92
N LEU L 65 28.94 -57.82 -4.80
CA LEU L 65 28.33 -56.51 -4.64
C LEU L 65 26.85 -56.68 -4.34
N MET L 66 26.41 -56.21 -3.17
CA MET L 66 25.01 -56.32 -2.79
C MET L 66 24.48 -54.95 -2.41
N ASP L 67 23.23 -54.69 -2.82
CA ASP L 67 22.53 -53.45 -2.54
C ASP L 67 21.09 -53.61 -2.98
N LEU L 68 20.26 -52.64 -2.63
CA LEU L 68 18.84 -52.74 -2.91
C LEU L 68 18.30 -51.68 -3.85
N GLU L 69 19.02 -50.58 -4.05
CA GLU L 69 18.65 -49.59 -5.04
C GLU L 69 19.41 -49.89 -6.32
N PRO L 70 18.82 -50.56 -7.31
CA PRO L 70 19.58 -50.97 -8.50
C PRO L 70 20.22 -49.82 -9.24
N GLY L 71 19.76 -48.59 -8.96
CA GLY L 71 20.42 -47.42 -9.51
C GLY L 71 21.90 -47.39 -9.19
N THR L 72 22.28 -47.74 -7.97
CA THR L 72 23.68 -47.74 -7.59
C THR L 72 24.51 -48.64 -8.50
N MET L 73 23.88 -49.63 -9.14
CA MET L 73 24.56 -50.44 -10.13
C MET L 73 25.22 -49.55 -11.18
N ASP L 74 24.44 -48.67 -11.79
CA ASP L 74 24.96 -47.78 -12.83
C ASP L 74 26.13 -46.95 -12.32
N SER L 75 26.28 -46.80 -11.00
CA SER L 75 27.47 -46.16 -10.46
C SER L 75 28.71 -46.98 -10.80
N VAL L 76 28.79 -48.21 -10.30
CA VAL L 76 30.02 -48.99 -10.45
C VAL L 76 30.23 -49.37 -11.91
N ARG L 77 29.16 -49.57 -12.67
CA ARG L 77 29.29 -49.85 -14.09
C ARG L 77 29.78 -48.64 -14.88
N ALA L 78 29.80 -47.46 -14.27
CA ALA L 78 30.13 -46.22 -14.98
C ALA L 78 31.60 -45.90 -14.93
N GLY L 79 32.15 -45.70 -13.74
CA GLY L 79 33.54 -45.32 -13.58
C GLY L 79 34.49 -46.37 -14.12
N PRO L 80 35.70 -45.96 -14.46
CA PRO L 80 36.71 -46.93 -14.94
C PRO L 80 36.96 -48.00 -13.89
N PHE L 81 37.54 -49.10 -14.36
CA PHE L 81 37.73 -50.32 -13.58
C PHE L 81 36.42 -50.91 -13.10
N GLY L 82 35.31 -50.51 -13.71
CA GLY L 82 34.02 -51.13 -13.43
C GLY L 82 33.78 -52.29 -14.36
N GLN L 83 34.57 -52.36 -15.43
CA GLN L 83 34.51 -53.44 -16.40
C GLN L 83 34.98 -54.77 -15.83
N LEU L 84 35.36 -54.82 -14.56
CA LEU L 84 36.06 -55.96 -14.00
C LEU L 84 35.12 -57.02 -13.45
N PHE L 85 34.22 -56.64 -12.54
CA PHE L 85 33.38 -57.59 -11.85
C PHE L 85 32.58 -58.43 -12.83
N ARG L 86 32.47 -59.72 -12.56
CA ARG L 86 31.69 -60.57 -13.44
C ARG L 86 30.21 -60.23 -13.30
N PRO L 87 29.48 -60.10 -14.42
CA PRO L 87 28.06 -59.71 -14.34
C PRO L 87 27.19 -60.68 -13.53
N ASP L 88 27.70 -61.85 -13.15
CA ASP L 88 26.89 -62.80 -12.41
C ASP L 88 26.91 -62.54 -10.91
N ASN L 89 27.82 -61.69 -10.42
CA ASN L 89 27.91 -61.39 -9.00
C ASN L 89 26.99 -60.24 -8.57
N PHE L 90 26.43 -59.50 -9.52
CA PHE L 90 25.62 -58.33 -9.22
C PHE L 90 24.26 -58.78 -8.69
N VAL L 91 24.24 -59.17 -7.42
CA VAL L 91 23.00 -59.56 -6.75
C VAL L 91 22.38 -58.33 -6.10
N PHE L 92 21.24 -57.90 -6.61
CA PHE L 92 20.55 -56.72 -6.12
C PHE L 92 19.09 -57.01 -5.83
N GLY L 93 18.33 -55.97 -5.53
CA GLY L 93 16.90 -56.08 -5.30
C GLY L 93 16.15 -55.15 -6.23
N GLN L 94 14.94 -54.78 -5.81
CA GLN L 94 14.12 -53.87 -6.59
C GLN L 94 13.76 -52.59 -5.85
N THR L 95 13.26 -52.70 -4.62
CA THR L 95 12.66 -51.53 -3.98
C THR L 95 13.71 -50.49 -3.57
N GLY L 96 14.71 -50.90 -2.81
CA GLY L 96 15.68 -49.99 -2.26
C GLY L 96 15.73 -50.04 -0.75
N ALA L 97 16.78 -49.41 -0.22
CA ALA L 97 17.03 -49.46 1.22
C ALA L 97 16.01 -48.67 2.03
N GLY L 98 15.61 -47.50 1.54
CA GLY L 98 14.71 -46.66 2.31
C GLY L 98 15.30 -46.14 3.60
N ASN L 99 16.62 -46.20 3.76
CA ASN L 99 17.32 -45.62 4.91
C ASN L 99 16.78 -46.16 6.24
N ASN L 100 16.24 -47.37 6.23
CA ASN L 100 15.70 -47.99 7.42
C ASN L 100 16.45 -49.28 7.71
N TRP L 101 16.55 -49.62 8.99
CA TRP L 101 17.25 -50.85 9.37
C TRP L 101 16.34 -52.06 9.21
N ALA L 102 15.21 -52.07 9.91
CA ALA L 102 14.30 -53.20 9.84
C ALA L 102 13.82 -53.47 8.43
N LYS L 103 13.69 -52.40 7.61
CA LYS L 103 13.32 -52.59 6.21
C LYS L 103 14.32 -53.50 5.50
N GLY L 104 15.59 -53.11 5.50
CA GLY L 104 16.61 -53.88 4.83
C GLY L 104 17.16 -55.06 5.59
N HIS L 105 16.61 -55.39 6.76
CA HIS L 105 17.14 -56.49 7.56
C HIS L 105 16.10 -57.51 8.00
N TYR L 106 14.80 -57.21 7.92
CA TYR L 106 13.79 -58.15 8.39
C TYR L 106 12.72 -58.40 7.33
N THR L 107 12.53 -57.46 6.41
CA THR L 107 11.53 -57.61 5.36
C THR L 107 12.16 -57.92 4.00
N GLU L 108 13.09 -57.09 3.56
CA GLU L 108 13.73 -57.28 2.27
C GLU L 108 15.00 -58.11 2.39
N GLY L 109 15.81 -57.84 3.42
CA GLY L 109 17.00 -58.64 3.62
C GLY L 109 16.70 -60.13 3.70
N ALA L 110 15.66 -60.50 4.45
CA ALA L 110 15.29 -61.90 4.61
C ALA L 110 14.94 -62.58 3.30
N GLU L 111 14.85 -61.84 2.19
CA GLU L 111 14.60 -62.43 0.89
C GLU L 111 15.90 -62.73 0.15
N LEU L 112 16.73 -61.71 -0.05
CA LEU L 112 17.92 -61.87 -0.89
C LEU L 112 19.11 -62.43 -0.13
N ILE L 113 19.08 -62.47 1.20
CA ILE L 113 20.22 -62.96 1.97
C ILE L 113 20.57 -64.38 1.59
N ASP L 114 19.56 -65.21 1.31
CA ASP L 114 19.83 -66.59 0.91
C ASP L 114 20.62 -66.63 -0.39
N SER L 115 20.20 -65.84 -1.39
CA SER L 115 20.94 -65.78 -2.64
C SER L 115 22.36 -65.28 -2.43
N VAL L 116 22.53 -64.28 -1.57
CA VAL L 116 23.86 -63.77 -1.28
C VAL L 116 24.72 -64.86 -0.66
N LEU L 117 24.14 -65.63 0.25
CA LEU L 117 24.89 -66.73 0.87
C LEU L 117 25.29 -67.77 -0.16
N ASP L 118 24.39 -68.10 -1.08
CA ASP L 118 24.70 -69.13 -2.06
C ASP L 118 25.77 -68.67 -3.04
N VAL L 119 25.73 -67.41 -3.46
CA VAL L 119 26.78 -66.95 -4.37
C VAL L 119 28.10 -66.79 -3.63
N VAL L 120 28.06 -66.42 -2.34
CA VAL L 120 29.29 -66.39 -1.55
C VAL L 120 29.87 -67.79 -1.43
N ARG L 121 29.01 -68.79 -1.26
CA ARG L 121 29.50 -70.17 -1.21
C ARG L 121 30.08 -70.60 -2.54
N LYS L 122 29.48 -70.16 -3.64
CA LYS L 122 30.02 -70.48 -4.96
C LYS L 122 31.40 -69.86 -5.16
N GLU L 123 31.59 -68.63 -4.69
CA GLU L 123 32.87 -67.97 -4.88
C GLU L 123 33.90 -68.33 -3.82
N ALA L 124 33.48 -68.92 -2.70
CA ALA L 124 34.40 -69.15 -1.59
C ALA L 124 35.25 -70.38 -1.84
N GLU L 125 34.62 -71.54 -2.03
CA GLU L 125 35.35 -72.79 -2.25
C GLU L 125 36.19 -72.77 -3.52
N GLY L 126 36.04 -71.78 -4.38
CA GLY L 126 36.99 -71.56 -5.46
C GLY L 126 38.39 -71.25 -4.95
N CYS L 127 38.50 -70.87 -3.68
CA CYS L 127 39.77 -70.72 -3.00
C CYS L 127 40.22 -72.05 -2.40
N ASP L 128 41.48 -72.10 -2.00
CA ASP L 128 42.06 -73.26 -1.34
C ASP L 128 42.35 -72.99 0.13
N CYS L 129 43.03 -71.89 0.44
CA CYS L 129 43.27 -71.48 1.82
C CYS L 129 42.81 -70.02 1.95
N LEU L 130 41.58 -69.82 2.42
CA LEU L 130 41.00 -68.51 2.59
C LEU L 130 41.30 -68.03 4.01
N GLN L 131 42.02 -66.91 4.14
CA GLN L 131 42.38 -66.42 5.46
C GLN L 131 41.21 -65.69 6.13
N GLY L 132 40.63 -64.71 5.44
CA GLY L 132 39.58 -63.95 6.06
C GLY L 132 38.77 -63.17 5.06
N PHE L 133 37.82 -62.40 5.59
CA PHE L 133 36.93 -61.55 4.81
C PHE L 133 37.36 -60.11 4.98
N GLN L 134 36.61 -59.21 4.34
CA GLN L 134 36.62 -57.80 4.69
C GLN L 134 35.40 -57.17 4.04
N ILE L 135 34.71 -56.32 4.77
CA ILE L 135 33.46 -55.75 4.32
C ILE L 135 33.61 -54.23 4.20
N THR L 136 32.72 -53.64 3.41
CA THR L 136 32.71 -52.20 3.19
C THR L 136 31.27 -51.71 3.28
N HIS L 137 30.98 -50.87 4.26
CA HIS L 137 29.62 -50.37 4.47
C HIS L 137 29.65 -49.27 5.53
N SER L 138 28.54 -48.55 5.63
CA SER L 138 28.34 -47.61 6.72
C SER L 138 27.78 -48.34 7.92
N LEU L 139 27.33 -47.59 8.92
CA LEU L 139 26.69 -48.16 10.09
C LEU L 139 25.24 -47.73 10.24
N GLY L 140 24.80 -46.73 9.49
CA GLY L 140 23.42 -46.26 9.57
C GLY L 140 22.68 -46.41 8.27
N GLY L 141 23.41 -46.43 7.15
CA GLY L 141 22.82 -46.66 5.86
C GLY L 141 22.07 -47.97 5.81
N GLY L 142 20.78 -47.92 5.44
CA GLY L 142 19.91 -49.07 5.52
C GLY L 142 20.47 -50.35 4.92
N THR L 143 20.67 -50.36 3.59
CA THR L 143 21.24 -51.53 2.94
C THR L 143 22.54 -51.93 3.60
N GLY L 144 23.52 -51.02 3.60
CA GLY L 144 24.81 -51.29 4.17
C GLY L 144 24.71 -51.89 5.55
N SER L 145 24.25 -51.09 6.51
CA SER L 145 24.22 -51.54 7.90
C SER L 145 23.46 -52.85 8.06
N GLY L 146 22.19 -52.86 7.67
CA GLY L 146 21.33 -54.02 7.88
C GLY L 146 21.79 -55.28 7.18
N MET L 147 21.85 -55.25 5.85
CA MET L 147 22.23 -56.46 5.13
C MET L 147 23.66 -56.87 5.47
N GLY L 148 24.54 -55.92 5.80
CA GLY L 148 25.90 -56.29 6.15
C GLY L 148 25.98 -57.02 7.48
N THR L 149 25.27 -56.52 8.49
CA THR L 149 25.31 -57.21 9.78
C THR L 149 24.63 -58.57 9.68
N LEU L 150 23.57 -58.68 8.87
CA LEU L 150 22.95 -59.98 8.68
C LEU L 150 23.91 -60.96 8.00
N LEU L 151 24.57 -60.51 6.93
CA LEU L 151 25.51 -61.37 6.21
C LEU L 151 26.67 -61.77 7.12
N ILE L 152 27.16 -60.84 7.94
CA ILE L 152 28.23 -61.18 8.88
C ILE L 152 27.76 -62.22 9.88
N SER L 153 26.54 -62.07 10.39
CA SER L 153 25.99 -63.11 11.26
C SER L 153 26.04 -64.46 10.56
N LYS L 154 25.57 -64.52 9.32
CA LYS L 154 25.52 -65.80 8.61
C LYS L 154 26.91 -66.40 8.43
N VAL L 155 27.87 -65.59 7.97
CA VAL L 155 29.16 -66.16 7.63
C VAL L 155 29.97 -66.47 8.88
N ARG L 156 29.77 -65.71 9.97
CA ARG L 156 30.49 -66.02 11.21
C ARG L 156 29.86 -67.19 11.95
N GLU L 157 28.59 -67.49 11.70
CA GLU L 157 28.07 -68.78 12.14
C GLU L 157 28.37 -69.89 11.15
N GLU L 158 28.89 -69.56 9.97
CA GLU L 158 29.28 -70.56 8.98
C GLU L 158 30.78 -70.81 8.95
N TYR L 159 31.59 -69.75 8.94
CA TYR L 159 33.05 -69.89 8.83
C TYR L 159 33.74 -69.44 10.10
N PRO L 160 33.81 -70.29 11.14
CA PRO L 160 34.44 -69.84 12.39
C PRO L 160 35.95 -69.72 12.28
N ASP L 161 36.59 -70.54 11.46
CA ASP L 161 38.06 -70.55 11.41
C ASP L 161 38.60 -69.21 10.93
N ARG L 162 38.03 -68.67 9.86
CA ARG L 162 38.48 -67.41 9.28
C ARG L 162 38.18 -66.26 10.24
N ILE L 163 38.60 -65.06 9.86
CA ILE L 163 38.31 -63.87 10.63
C ILE L 163 37.51 -62.91 9.75
N MET L 164 36.77 -62.01 10.40
CA MET L 164 35.88 -61.08 9.71
C MET L 164 36.43 -59.67 9.88
N GLU L 165 37.35 -59.29 9.00
CA GLU L 165 37.73 -57.89 8.88
C GLU L 165 36.53 -57.08 8.40
N THR L 166 36.45 -55.84 8.84
CA THR L 166 35.31 -55.00 8.47
C THR L 166 35.76 -53.54 8.46
N PHE L 167 35.65 -52.90 7.30
CA PHE L 167 36.00 -51.49 7.16
C PHE L 167 34.76 -50.62 7.21
N SER L 168 34.16 -50.57 8.40
CA SER L 168 32.93 -49.81 8.59
C SER L 168 33.23 -48.32 8.70
N VAL L 169 32.56 -47.52 7.87
CA VAL L 169 32.67 -46.07 7.95
C VAL L 169 31.62 -45.56 8.94
N VAL L 170 32.08 -45.21 10.13
CA VAL L 170 31.15 -44.80 11.20
C VAL L 170 30.52 -43.47 10.83
N PRO L 171 29.28 -43.21 11.22
CA PRO L 171 28.74 -41.85 11.05
C PRO L 171 29.15 -40.93 12.18
N SER L 172 30.00 -39.97 11.88
CA SER L 172 30.41 -38.98 12.87
C SER L 172 29.37 -37.87 12.94
N PRO L 173 28.60 -37.72 14.03
CA PRO L 173 27.46 -36.81 14.01
C PRO L 173 27.82 -35.33 13.95
N LYS L 174 29.09 -34.98 13.79
CA LYS L 174 29.42 -33.59 13.51
C LYS L 174 28.92 -33.19 12.13
N VAL L 175 29.33 -33.93 11.11
CA VAL L 175 28.83 -33.71 9.76
C VAL L 175 27.60 -34.59 9.55
N SER L 176 26.49 -33.97 9.17
CA SER L 176 25.21 -34.65 9.09
C SER L 176 24.83 -34.92 7.65
N ASP L 177 24.35 -36.12 7.40
CA ASP L 177 23.78 -36.50 6.12
C ASP L 177 22.38 -37.08 6.27
N THR L 178 22.14 -37.91 7.27
CA THR L 178 20.83 -38.46 7.56
C THR L 178 20.39 -37.96 8.94
N VAL L 179 19.21 -38.40 9.37
CA VAL L 179 18.65 -37.94 10.63
C VAL L 179 18.33 -39.07 11.59
N VAL L 180 18.18 -40.31 11.13
CA VAL L 180 17.84 -41.41 12.02
C VAL L 180 19.02 -42.36 12.02
N GLU L 181 20.23 -41.80 11.87
CA GLU L 181 21.42 -42.64 11.83
C GLU L 181 21.71 -43.33 13.16
N PRO L 182 21.70 -42.65 14.31
CA PRO L 182 22.09 -43.33 15.57
C PRO L 182 21.39 -44.66 15.82
N TYR L 183 20.11 -44.76 15.47
CA TYR L 183 19.38 -46.01 15.64
C TYR L 183 20.08 -47.15 14.91
N ASN L 184 20.28 -46.99 13.59
CA ASN L 184 20.91 -48.05 12.81
C ASN L 184 22.37 -48.24 13.20
N ALA L 185 23.04 -47.18 13.65
CA ALA L 185 24.41 -47.33 14.12
C ALA L 185 24.47 -48.29 15.32
N THR L 186 23.58 -48.09 16.28
CA THR L 186 23.51 -49.01 17.42
C THR L 186 23.12 -50.41 16.97
N LEU L 187 22.15 -50.50 16.06
CA LEU L 187 21.71 -51.80 15.59
C LEU L 187 22.83 -52.57 14.91
N SER L 188 23.79 -51.86 14.31
CA SER L 188 24.91 -52.55 13.70
C SER L 188 26.02 -52.85 14.70
N VAL L 189 26.25 -51.94 15.65
CA VAL L 189 27.31 -52.15 16.63
C VAL L 189 27.01 -53.35 17.52
N HIS L 190 25.75 -53.46 17.99
CA HIS L 190 25.42 -54.54 18.93
C HIS L 190 25.73 -55.90 18.34
N GLN L 191 25.59 -56.06 17.03
CA GLN L 191 25.86 -57.34 16.40
C GLN L 191 27.30 -57.48 15.92
N LEU L 192 27.92 -56.38 15.49
CA LEU L 192 29.29 -56.48 15.00
C LEU L 192 30.27 -56.72 16.13
N VAL L 193 29.97 -56.22 17.33
CA VAL L 193 30.79 -56.59 18.48
C VAL L 193 30.62 -58.06 18.82
N GLU L 194 29.49 -58.65 18.43
CA GLU L 194 29.17 -60.02 18.80
C GLU L 194 29.69 -61.04 17.79
N ASN L 195 29.82 -60.66 16.51
CA ASN L 195 30.22 -61.63 15.51
C ASN L 195 31.29 -61.11 14.55
N ALA L 196 32.00 -60.04 14.89
CA ALA L 196 33.05 -59.53 14.03
C ALA L 196 34.26 -59.18 14.87
N ASP L 197 35.43 -59.56 14.36
CA ASP L 197 36.68 -59.47 15.12
C ASP L 197 37.45 -58.19 14.88
N GLU L 198 37.21 -57.47 13.80
CA GLU L 198 37.97 -56.25 13.53
C GLU L 198 37.04 -55.23 12.88
N CYS L 199 36.44 -54.37 13.71
CA CYS L 199 35.65 -53.26 13.23
C CYS L 199 36.56 -52.05 13.12
N MET L 200 37.30 -52.00 12.02
CA MET L 200 38.27 -50.92 11.79
C MET L 200 37.49 -49.66 11.36
N VAL L 201 36.90 -49.01 12.36
CA VAL L 201 35.97 -47.90 12.09
C VAL L 201 36.69 -46.76 11.38
N ILE L 202 35.92 -45.98 10.64
CA ILE L 202 36.41 -44.82 9.91
C ILE L 202 35.34 -43.75 9.94
N ASP L 203 35.73 -42.51 10.19
CA ASP L 203 34.81 -41.38 10.18
C ASP L 203 35.03 -40.54 8.94
N ASN L 204 34.16 -39.55 8.76
CA ASN L 204 34.29 -38.58 7.69
C ASN L 204 34.85 -37.24 8.15
N GLU L 205 34.62 -36.88 9.41
CA GLU L 205 35.17 -35.65 9.96
C GLU L 205 36.69 -35.62 9.81
N ALA L 206 37.37 -36.65 10.30
CA ALA L 206 38.83 -36.67 10.26
C ALA L 206 39.33 -36.70 8.83
N LEU L 207 38.59 -37.33 7.92
CA LEU L 207 39.03 -37.38 6.52
C LEU L 207 38.94 -36.00 5.88
N TYR L 208 37.82 -35.30 6.08
CA TYR L 208 37.72 -33.94 5.57
C TYR L 208 38.77 -33.05 6.19
N ASP L 209 39.12 -33.30 7.46
CA ASP L 209 40.16 -32.49 8.09
C ASP L 209 41.52 -32.75 7.45
N ILE L 210 41.89 -34.02 7.29
CA ILE L 210 43.15 -34.37 6.62
C ILE L 210 43.19 -33.77 5.23
N CYS L 211 42.04 -33.68 4.57
CA CYS L 211 42.03 -33.08 3.24
C CYS L 211 42.18 -31.57 3.30
N PHE L 212 41.66 -30.93 4.34
CA PHE L 212 41.66 -29.46 4.37
C PHE L 212 43.05 -28.92 4.69
N ARG L 213 43.80 -29.57 5.58
CA ARG L 213 45.04 -29.01 6.07
C ARG L 213 46.26 -29.82 5.65
N THR L 214 46.29 -31.12 5.95
CA THR L 214 47.48 -31.92 5.65
C THR L 214 47.80 -31.91 4.16
N LEU L 215 46.79 -31.78 3.30
CA LEU L 215 47.01 -31.72 1.86
C LEU L 215 46.55 -30.41 1.25
N LYS L 216 45.99 -29.49 2.04
CA LYS L 216 45.52 -28.19 1.55
C LYS L 216 44.50 -28.35 0.42
N LEU L 217 43.79 -29.47 0.39
CA LEU L 217 42.75 -29.65 -0.62
C LEU L 217 41.56 -28.73 -0.34
N THR L 218 41.00 -28.16 -1.40
CA THR L 218 39.90 -27.21 -1.26
C THR L 218 38.54 -27.86 -1.41
N THR L 219 38.36 -28.67 -2.45
CA THR L 219 37.07 -29.26 -2.79
C THR L 219 37.17 -30.77 -2.70
N PRO L 220 37.15 -31.33 -1.49
CA PRO L 220 37.22 -32.79 -1.36
C PRO L 220 35.86 -33.43 -1.62
N THR L 221 35.72 -34.09 -2.77
CA THR L 221 34.53 -34.83 -3.09
C THR L 221 34.65 -36.25 -2.53
N TYR L 222 33.50 -36.92 -2.40
CA TYR L 222 33.49 -38.28 -1.85
C TYR L 222 34.49 -39.19 -2.54
N GLY L 223 34.73 -38.99 -3.84
CA GLY L 223 35.71 -39.80 -4.53
C GLY L 223 37.10 -39.69 -3.93
N ASP L 224 37.48 -38.49 -3.48
CA ASP L 224 38.80 -38.29 -2.93
C ASP L 224 38.96 -39.01 -1.59
N LEU L 225 38.01 -38.83 -0.68
CA LEU L 225 38.07 -39.53 0.60
C LEU L 225 38.04 -41.03 0.39
N ASN L 226 37.24 -41.50 -0.57
CA ASN L 226 37.26 -42.92 -0.90
C ASN L 226 38.62 -43.35 -1.42
N HIS L 227 39.31 -42.47 -2.16
CA HIS L 227 40.66 -42.79 -2.63
C HIS L 227 41.61 -42.96 -1.46
N LEU L 228 41.51 -42.06 -0.47
CA LEU L 228 42.39 -42.14 0.68
C LEU L 228 42.13 -43.41 1.50
N VAL L 229 40.85 -43.74 1.69
CA VAL L 229 40.52 -44.98 2.39
C VAL L 229 40.96 -46.19 1.58
N SER L 230 40.87 -46.11 0.24
CA SER L 230 41.37 -47.20 -0.60
C SER L 230 42.86 -47.38 -0.40
N ALA L 231 43.60 -46.29 -0.29
CA ALA L 231 45.03 -46.37 0.00
C ALA L 231 45.28 -47.09 1.32
N ALA L 232 44.54 -46.72 2.36
CA ALA L 232 44.70 -47.38 3.65
C ALA L 232 44.37 -48.87 3.56
N MET L 233 43.32 -49.21 2.81
CA MET L 233 42.88 -50.61 2.72
C MET L 233 43.89 -51.44 1.95
N SER L 234 44.48 -50.89 0.90
CA SER L 234 45.56 -51.59 0.22
C SER L 234 46.75 -51.77 1.14
N GLY L 235 47.06 -50.73 1.93
CA GLY L 235 48.23 -50.80 2.79
C GLY L 235 48.09 -51.80 3.93
N VAL L 236 46.87 -52.00 4.42
CA VAL L 236 46.70 -52.81 5.63
C VAL L 236 47.13 -54.25 5.38
N THR L 237 47.36 -54.63 4.13
CA THR L 237 47.74 -56.00 3.80
C THR L 237 48.87 -56.04 2.77
N CYS L 238 49.87 -55.17 2.89
CA CYS L 238 50.95 -55.17 1.91
C CYS L 238 52.03 -56.20 2.22
N CYS L 239 52.25 -56.51 3.50
CA CYS L 239 53.26 -57.47 3.90
C CYS L 239 52.80 -58.90 3.70
N LEU L 240 51.76 -59.09 2.90
CA LEU L 240 51.14 -60.38 2.67
C LEU L 240 51.35 -60.90 1.26
N ARG L 241 51.03 -60.10 0.24
CA ARG L 241 51.20 -60.50 -1.15
C ARG L 241 52.53 -60.05 -1.73
N PHE L 242 53.39 -59.46 -0.92
CA PHE L 242 54.68 -58.94 -1.37
C PHE L 242 55.77 -59.42 -0.45
N PRO L 243 56.97 -59.66 -0.97
CA PRO L 243 58.09 -60.07 -0.10
C PRO L 243 58.44 -58.98 0.89
N GLY L 244 59.16 -59.37 1.94
CA GLY L 244 59.56 -58.43 2.96
C GLY L 244 60.44 -59.03 4.03
N GLN L 245 61.28 -58.20 4.66
CA GLN L 245 62.20 -58.68 5.68
C GLN L 245 61.48 -59.21 6.91
N LEU L 246 60.21 -58.87 7.09
CA LEU L 246 59.43 -59.41 8.21
C LEU L 246 57.97 -59.38 7.77
N ASN L 247 57.47 -60.53 7.30
CA ASN L 247 56.19 -60.56 6.64
C ASN L 247 55.05 -60.64 7.66
N SER L 248 53.89 -60.13 7.25
CA SER L 248 52.69 -60.10 8.07
C SER L 248 51.54 -60.70 7.28
N ASP L 249 50.42 -60.89 7.96
CA ASP L 249 49.25 -61.50 7.35
C ASP L 249 48.01 -60.87 7.95
N LEU L 250 46.86 -61.53 7.80
CA LEU L 250 45.64 -61.06 8.43
C LEU L 250 45.46 -61.58 9.85
N ARG L 251 46.22 -62.60 10.26
CA ARG L 251 46.06 -63.14 11.60
C ARG L 251 47.16 -62.75 12.56
N LYS L 252 48.38 -62.49 12.08
CA LYS L 252 49.35 -61.81 12.93
C LYS L 252 48.78 -60.49 13.41
N LEU L 253 48.09 -59.78 12.52
CA LEU L 253 47.28 -58.66 12.94
C LEU L 253 46.33 -59.06 14.05
N ALA L 254 45.63 -60.18 13.88
CA ALA L 254 44.60 -60.56 14.84
C ALA L 254 45.18 -60.88 16.22
N VAL L 255 46.39 -61.41 16.30
CA VAL L 255 46.99 -61.79 17.58
C VAL L 255 47.73 -60.63 18.22
N ASN L 256 48.57 -59.93 17.46
CA ASN L 256 49.32 -58.82 18.01
C ASN L 256 48.44 -57.66 18.43
N LEU L 257 47.15 -57.67 18.10
CA LEU L 257 46.32 -56.49 18.30
C LEU L 257 45.22 -56.68 19.34
N ILE L 258 44.33 -57.65 19.18
CA ILE L 258 43.19 -57.79 20.09
C ILE L 258 43.63 -58.64 21.28
N PRO L 259 43.55 -58.13 22.50
CA PRO L 259 43.88 -58.93 23.69
C PRO L 259 42.69 -59.57 24.39
N PHE L 260 41.50 -59.48 23.83
CA PHE L 260 40.29 -59.91 24.50
C PHE L 260 39.27 -60.28 23.45
N PRO L 261 38.18 -60.95 23.84
CA PRO L 261 37.12 -61.21 22.86
C PRO L 261 36.48 -59.94 22.31
N ARG L 262 36.42 -58.87 23.09
CA ARG L 262 35.62 -57.72 22.71
C ARG L 262 36.33 -56.38 22.87
N LEU L 263 37.64 -56.39 23.05
CA LEU L 263 38.43 -55.15 22.87
C LEU L 263 39.06 -55.10 21.49
N HIS L 264 38.25 -55.28 20.46
CA HIS L 264 38.73 -55.50 19.10
C HIS L 264 38.20 -54.44 18.14
N PHE L 265 38.14 -53.20 18.59
CA PHE L 265 37.72 -52.08 17.75
C PHE L 265 38.91 -51.15 17.57
N PHE L 266 39.11 -50.68 16.35
CA PHE L 266 40.43 -50.23 15.92
C PHE L 266 40.45 -48.74 15.55
N MET L 267 41.59 -48.32 15.04
CA MET L 267 41.85 -46.97 14.54
C MET L 267 42.87 -47.08 13.42
N ILE L 268 42.75 -46.21 12.41
CA ILE L 268 43.54 -46.35 11.20
C ILE L 268 44.36 -45.10 10.95
N GLY L 269 45.47 -45.27 10.22
CA GLY L 269 46.29 -44.14 9.81
C GLY L 269 47.18 -44.52 8.64
N PHE L 270 47.58 -43.49 7.89
CA PHE L 270 48.43 -43.68 6.72
C PHE L 270 49.43 -42.54 6.64
N ALA L 271 50.57 -42.81 6.01
CA ALA L 271 51.59 -41.80 5.80
C ALA L 271 52.47 -42.23 4.63
N PRO L 272 53.11 -41.29 3.93
CA PRO L 272 53.10 -39.84 4.11
C PRO L 272 52.18 -39.09 3.15
N LEU L 273 51.38 -38.17 3.69
CA LEU L 273 50.46 -37.36 2.89
C LEU L 273 50.92 -35.91 2.97
N THR L 274 51.23 -35.32 1.82
CA THR L 274 51.73 -33.96 1.75
C THR L 274 51.13 -33.24 0.56
N SER L 275 51.10 -31.92 0.65
CA SER L 275 50.59 -31.08 -0.43
C SER L 275 51.68 -30.92 -1.49
N ARG L 276 51.46 -29.98 -2.43
CA ARG L 276 52.50 -29.66 -3.40
C ARG L 276 53.49 -28.65 -2.82
N GLY L 277 52.96 -27.54 -2.29
CA GLY L 277 53.84 -26.51 -1.76
C GLY L 277 54.63 -26.95 -0.55
N SER L 278 54.26 -28.08 0.06
CA SER L 278 54.99 -28.58 1.21
C SER L 278 56.00 -29.65 0.85
N GLN L 279 55.81 -30.35 -0.25
CA GLN L 279 56.69 -31.47 -0.61
C GLN L 279 58.08 -31.02 -1.02
N GLN L 280 58.30 -29.73 -1.22
CA GLN L 280 59.62 -29.25 -1.55
C GLN L 280 60.49 -28.98 -0.32
N TYR L 281 59.91 -29.03 0.88
CA TYR L 281 60.59 -28.55 2.07
C TYR L 281 60.91 -29.64 3.09
N ARG L 282 60.43 -30.86 2.90
CA ARG L 282 60.59 -31.91 3.89
C ARG L 282 61.53 -32.99 3.36
N ALA L 283 61.70 -34.03 4.16
CA ALA L 283 62.48 -35.20 3.79
C ALA L 283 61.57 -36.43 3.80
N LEU L 284 62.11 -37.56 3.35
CA LEU L 284 61.35 -38.82 3.31
C LEU L 284 62.22 -39.88 3.98
N THR L 285 62.12 -39.97 5.30
CA THR L 285 62.89 -40.92 6.07
C THR L 285 62.03 -41.42 7.22
N VAL L 286 62.39 -42.61 7.71
CA VAL L 286 61.62 -43.29 8.75
C VAL L 286 61.41 -42.40 9.97
N PRO L 287 62.38 -41.55 10.37
CA PRO L 287 62.09 -40.56 11.41
C PRO L 287 60.84 -39.72 11.15
N GLU L 288 60.81 -39.03 10.01
CA GLU L 288 59.69 -38.14 9.73
C GLU L 288 58.43 -38.92 9.40
N LEU L 289 58.56 -40.07 8.73
CA LEU L 289 57.39 -40.89 8.50
C LEU L 289 56.75 -41.32 9.80
N THR L 290 57.57 -41.67 10.80
CA THR L 290 57.03 -42.03 12.10
C THR L 290 56.38 -40.84 12.80
N GLN L 291 57.07 -39.70 12.81
CA GLN L 291 56.50 -38.51 13.44
C GLN L 291 55.16 -38.15 12.82
N GLN L 292 55.04 -38.30 11.50
CA GLN L 292 53.78 -38.05 10.82
C GLN L 292 52.76 -39.15 11.08
N MET L 293 53.21 -40.36 11.42
CA MET L 293 52.28 -41.47 11.60
C MET L 293 51.47 -41.31 12.89
N PHE L 294 52.16 -41.04 14.01
CA PHE L 294 51.48 -40.94 15.29
C PHE L 294 50.69 -39.65 15.46
N ASP L 295 50.77 -38.73 14.50
CA ASP L 295 50.08 -37.46 14.63
C ASP L 295 48.57 -37.67 14.75
N ALA L 296 47.94 -36.88 15.62
CA ALA L 296 46.50 -36.99 15.79
C ALA L 296 45.76 -36.59 14.52
N LYS L 297 46.18 -35.50 13.89
CA LYS L 297 45.58 -35.02 12.66
C LYS L 297 45.92 -35.89 11.46
N ASN L 298 46.61 -37.01 11.67
CA ASN L 298 46.98 -37.93 10.59
C ASN L 298 46.33 -39.30 10.77
N MET L 299 45.22 -39.37 11.49
CA MET L 299 44.51 -40.62 11.68
C MET L 299 43.04 -40.44 11.31
N MET L 300 42.45 -41.50 10.76
CA MET L 300 41.13 -41.45 10.16
C MET L 300 40.04 -41.90 11.12
N CYS L 301 40.21 -41.60 12.40
CA CYS L 301 39.20 -41.90 13.41
C CYS L 301 39.00 -40.67 14.28
N ALA L 302 37.76 -40.19 14.35
CA ALA L 302 37.44 -39.01 15.14
C ALA L 302 37.44 -39.39 16.63
N ALA L 303 38.63 -39.65 17.13
CA ALA L 303 38.82 -39.96 18.55
C ALA L 303 40.25 -39.56 18.91
N ASP L 304 40.39 -38.41 19.57
CA ASP L 304 41.68 -37.85 19.95
C ASP L 304 42.52 -38.91 20.66
N PRO L 305 43.61 -39.36 20.05
CA PRO L 305 44.45 -40.36 20.72
C PRO L 305 45.05 -39.87 22.02
N ARG L 306 45.43 -38.59 22.08
CA ARG L 306 45.98 -38.05 23.32
C ARG L 306 44.98 -38.11 24.46
N HIS L 307 43.68 -38.16 24.14
CA HIS L 307 42.64 -38.30 25.15
C HIS L 307 42.40 -39.74 25.56
N GLY L 308 43.37 -40.62 25.34
CA GLY L 308 43.27 -42.00 25.74
C GLY L 308 44.63 -42.67 25.82
N ARG L 309 44.70 -43.91 25.36
CA ARG L 309 45.96 -44.64 25.31
C ARG L 309 45.93 -45.56 24.09
N TYR L 310 46.99 -46.35 23.96
CA TYR L 310 47.04 -47.43 22.98
C TYR L 310 47.21 -48.73 23.74
N LEU L 311 46.23 -49.62 23.65
CA LEU L 311 46.47 -50.98 24.10
C LEU L 311 47.55 -51.63 23.25
N THR L 312 47.53 -51.40 21.95
CA THR L 312 48.58 -51.89 21.06
C THR L 312 48.45 -51.21 19.71
N ALA L 313 49.43 -51.46 18.85
CA ALA L 313 49.43 -50.87 17.53
C ALA L 313 50.39 -51.65 16.64
N SER L 314 50.07 -51.69 15.35
CA SER L 314 50.91 -52.30 14.34
C SER L 314 51.25 -51.27 13.28
N ALA L 315 52.43 -51.41 12.69
CA ALA L 315 52.92 -50.44 11.71
C ALA L 315 53.60 -51.20 10.57
N LEU L 316 52.94 -51.24 9.42
CA LEU L 316 53.46 -51.92 8.24
C LEU L 316 54.17 -50.89 7.38
N PHE L 317 55.48 -51.01 7.25
CA PHE L 317 56.23 -50.17 6.33
C PHE L 317 56.39 -50.88 5.00
N ARG L 318 56.38 -50.10 3.94
CA ARG L 318 56.52 -50.64 2.60
C ARG L 318 57.60 -49.86 1.88
N GLY L 319 58.55 -50.58 1.28
CA GLY L 319 59.71 -49.96 0.69
C GLY L 319 60.95 -50.77 0.99
N ARG L 320 62.02 -50.09 1.42
CA ARG L 320 63.21 -50.81 1.87
C ARG L 320 64.04 -49.88 2.73
N MET L 321 64.28 -50.30 3.96
CA MET L 321 65.07 -49.52 4.90
C MET L 321 65.61 -50.45 5.96
N SER L 322 66.72 -50.03 6.58
CA SER L 322 67.34 -50.84 7.61
C SER L 322 66.35 -51.11 8.73
N THR L 323 66.11 -52.39 9.02
CA THR L 323 65.21 -52.75 10.12
C THR L 323 65.64 -52.10 11.42
N LYS L 324 66.92 -51.79 11.58
CA LYS L 324 67.40 -51.22 12.82
C LYS L 324 66.76 -49.86 13.08
N GLU L 325 66.81 -48.95 12.11
CA GLU L 325 66.21 -47.64 12.36
C GLU L 325 64.72 -47.76 12.63
N VAL L 326 64.06 -48.69 11.93
CA VAL L 326 62.63 -48.90 12.14
C VAL L 326 62.35 -49.28 13.58
N ASP L 327 62.91 -50.41 14.03
CA ASP L 327 62.52 -50.92 15.34
C ASP L 327 63.11 -50.08 16.48
N GLU L 328 64.29 -49.48 16.26
CA GLU L 328 64.82 -48.57 17.26
C GLU L 328 63.93 -47.36 17.42
N GLN L 329 63.48 -46.76 16.31
CA GLN L 329 62.59 -45.63 16.44
C GLN L 329 61.24 -46.03 17.00
N MET L 330 60.82 -47.28 16.78
CA MET L 330 59.63 -47.77 17.46
C MET L 330 59.82 -47.78 18.97
N LEU L 331 60.92 -48.38 19.43
CA LEU L 331 61.23 -48.37 20.86
C LEU L 331 61.32 -46.95 21.39
N ASN L 332 61.87 -46.04 20.60
CA ASN L 332 62.05 -44.66 21.04
C ASN L 332 60.71 -43.94 21.18
N VAL L 333 59.86 -44.05 20.16
CA VAL L 333 58.57 -43.37 20.21
C VAL L 333 57.67 -44.02 21.24
N GLN L 334 57.94 -45.26 21.64
CA GLN L 334 57.21 -45.81 22.78
C GLN L 334 57.74 -45.26 24.09
N ASN L 335 59.06 -45.26 24.27
CA ASN L 335 59.65 -44.83 25.53
C ASN L 335 59.41 -43.36 25.80
N LYS L 336 59.33 -42.54 24.76
CA LYS L 336 59.05 -41.13 24.95
C LYS L 336 57.65 -40.93 25.51
N ASN L 337 56.64 -41.36 24.76
CA ASN L 337 55.24 -41.22 25.18
C ASN L 337 54.73 -42.48 25.87
N SER L 338 55.47 -42.95 26.88
CA SER L 338 55.02 -44.11 27.62
C SER L 338 53.79 -43.83 28.46
N SER L 339 53.41 -42.56 28.62
CA SER L 339 52.18 -42.24 29.33
C SER L 339 50.96 -42.61 28.51
N TYR L 340 50.95 -42.23 27.22
CA TYR L 340 49.82 -42.54 26.35
C TYR L 340 49.88 -43.95 25.79
N PHE L 341 50.84 -44.76 26.22
CA PHE L 341 50.84 -46.19 25.93
C PHE L 341 50.55 -46.96 27.21
N VAL L 342 49.77 -48.03 27.08
CA VAL L 342 49.43 -48.84 28.23
C VAL L 342 50.71 -49.44 28.82
N GLU L 343 50.72 -49.62 30.15
CA GLU L 343 51.91 -50.07 30.84
C GLU L 343 51.87 -51.54 31.22
N TRP L 344 50.70 -52.13 31.41
CA TRP L 344 50.63 -53.57 31.70
C TRP L 344 50.75 -54.42 30.44
N ILE L 345 51.21 -53.84 29.34
CA ILE L 345 51.57 -54.60 28.15
C ILE L 345 52.97 -54.15 27.73
N PRO L 346 53.96 -55.03 27.76
CA PRO L 346 55.29 -54.66 27.27
C PRO L 346 55.33 -54.65 25.75
N ASN L 347 56.20 -53.80 25.23
CA ASN L 347 56.40 -53.54 23.80
C ASN L 347 55.09 -53.61 23.01
N ASN L 348 54.14 -52.78 23.45
CA ASN L 348 52.80 -52.78 22.90
C ASN L 348 52.78 -52.52 21.40
N ILE L 349 53.79 -51.86 20.87
CA ILE L 349 53.86 -51.60 19.44
C ILE L 349 54.39 -52.85 18.75
N LYS L 350 54.16 -52.93 17.45
CA LYS L 350 54.74 -53.97 16.62
C LYS L 350 54.97 -53.41 15.23
N SER L 351 56.16 -53.65 14.70
CA SER L 351 56.52 -53.20 13.37
C SER L 351 56.47 -54.37 12.40
N SER L 352 56.44 -54.03 11.11
CA SER L 352 56.62 -55.02 10.06
C SER L 352 57.15 -54.28 8.84
N ILE L 353 57.91 -54.99 8.01
CA ILE L 353 58.59 -54.39 6.87
C ILE L 353 58.29 -55.20 5.62
N CYS L 354 58.05 -54.50 4.52
CA CYS L 354 57.83 -55.13 3.22
C CYS L 354 58.87 -54.62 2.24
N ASP L 355 59.36 -55.51 1.40
CA ASP L 355 60.46 -55.20 0.48
C ASP L 355 60.00 -54.45 -0.76
N ILE L 356 58.74 -54.05 -0.86
CA ILE L 356 58.24 -53.37 -2.05
C ILE L 356 57.24 -52.29 -1.65
N PRO L 357 57.46 -51.03 -1.99
CA PRO L 357 56.52 -49.98 -1.66
C PRO L 357 55.45 -49.86 -2.73
N PRO L 358 54.46 -49.00 -2.55
CA PRO L 358 53.51 -48.73 -3.64
C PRO L 358 54.16 -47.99 -4.79
N LYS L 359 53.37 -47.66 -5.81
CA LYS L 359 53.89 -46.90 -6.93
C LYS L 359 54.21 -45.47 -6.48
N GLY L 360 55.10 -44.82 -7.24
CA GLY L 360 55.40 -43.43 -7.00
C GLY L 360 56.31 -43.16 -5.81
N LEU L 361 55.88 -43.53 -4.62
CA LEU L 361 56.65 -43.23 -3.41
C LEU L 361 57.80 -44.23 -3.25
N LYS L 362 58.53 -44.09 -2.16
CA LYS L 362 59.59 -45.01 -1.79
C LYS L 362 59.32 -45.73 -0.49
N MET L 363 58.72 -45.05 0.49
CA MET L 363 58.29 -45.67 1.72
C MET L 363 56.83 -45.36 1.96
N ALA L 364 56.17 -46.21 2.76
CA ALA L 364 54.76 -45.99 3.05
C ALA L 364 54.43 -46.67 4.37
N VAL L 365 53.82 -45.90 5.27
CA VAL L 365 53.51 -46.37 6.61
C VAL L 365 52.01 -46.56 6.71
N THR L 366 51.56 -47.81 6.83
CA THR L 366 50.17 -48.11 7.12
C THR L 366 50.07 -48.49 8.58
N PHE L 367 49.36 -47.68 9.36
CA PHE L 367 49.34 -47.81 10.81
C PHE L 367 47.95 -48.22 11.28
N VAL L 368 47.91 -49.16 12.22
CA VAL L 368 46.68 -49.64 12.82
C VAL L 368 46.86 -49.60 14.32
N GLY L 369 45.79 -49.27 15.03
CA GLY L 369 45.91 -49.19 16.47
C GLY L 369 44.67 -49.65 17.22
N ASN L 370 44.85 -50.60 18.13
CA ASN L 370 43.80 -50.97 19.08
C ASN L 370 44.01 -50.05 20.28
N SER L 371 43.20 -49.00 20.34
CA SER L 371 43.35 -47.93 21.32
C SER L 371 42.12 -47.86 22.20
N THR L 372 42.31 -47.36 23.42
CA THR L 372 41.22 -47.15 24.36
C THR L 372 40.63 -45.74 24.26
N ALA L 373 40.81 -45.07 23.11
CA ALA L 373 40.27 -43.75 22.91
C ALA L 373 39.04 -43.72 22.03
N ILE L 374 38.90 -44.68 21.11
CA ILE L 374 37.77 -44.69 20.17
C ILE L 374 36.48 -45.03 20.91
N GLN L 375 36.61 -45.37 22.19
CA GLN L 375 35.42 -45.46 23.04
C GLN L 375 34.56 -44.22 22.92
N GLU L 376 35.20 -43.04 22.87
CA GLU L 376 34.46 -41.79 22.70
C GLU L 376 33.61 -41.82 21.44
N MET L 377 34.15 -42.37 20.36
CA MET L 377 33.42 -42.45 19.09
C MET L 377 32.14 -43.27 19.20
N PHE L 378 31.91 -43.93 20.32
CA PHE L 378 30.62 -44.57 20.57
C PHE L 378 29.79 -43.81 21.59
N LYS L 379 30.43 -43.22 22.58
CA LYS L 379 29.73 -42.44 23.60
C LYS L 379 28.71 -41.50 22.96
N ARG L 380 29.17 -40.70 22.00
CA ARG L 380 28.28 -39.75 21.32
C ARG L 380 27.01 -40.44 20.85
N VAL L 381 27.15 -41.53 20.11
CA VAL L 381 25.98 -42.25 19.59
C VAL L 381 25.04 -42.57 20.75
N ALA L 382 25.59 -43.16 21.82
CA ALA L 382 24.80 -43.47 22.99
C ALA L 382 23.95 -42.28 23.40
N GLU L 383 24.58 -41.11 23.56
CA GLU L 383 23.86 -39.90 23.92
C GLU L 383 22.62 -39.73 23.05
N GLN L 384 22.82 -39.67 21.72
CA GLN L 384 21.71 -39.51 20.82
C GLN L 384 20.60 -40.50 21.13
N PHE L 385 20.97 -41.78 21.22
CA PHE L 385 19.99 -42.81 21.54
C PHE L 385 19.23 -42.45 22.82
N THR L 386 19.97 -42.22 23.90
CA THR L 386 19.34 -41.95 25.19
C THR L 386 18.34 -40.81 25.12
N ALA L 387 18.51 -39.89 24.17
CA ALA L 387 17.45 -38.91 23.95
C ALA L 387 16.35 -39.50 23.11
N MET L 388 16.66 -39.85 21.85
CA MET L 388 15.63 -40.19 20.88
C MET L 388 14.91 -41.48 21.22
N PHE L 389 15.31 -42.16 22.29
CA PHE L 389 14.59 -43.35 22.73
C PHE L 389 13.63 -43.07 23.87
N ARG L 390 13.95 -42.13 24.76
CA ARG L 390 13.02 -41.87 25.85
C ARG L 390 11.77 -41.15 25.35
N ARG L 391 11.92 -40.27 24.36
CA ARG L 391 10.77 -39.75 23.65
C ARG L 391 10.21 -40.74 22.65
N LYS L 392 10.91 -41.85 22.39
CA LYS L 392 10.49 -42.88 21.44
C LYS L 392 10.21 -42.28 20.07
N ALA L 393 11.07 -41.36 19.65
CA ALA L 393 10.90 -40.69 18.37
C ALA L 393 11.30 -41.62 17.23
N PHE L 394 10.66 -41.42 16.08
CA PHE L 394 10.94 -42.20 14.88
C PHE L 394 10.88 -43.69 15.16
N LEU L 395 10.01 -44.09 16.07
CA LEU L 395 9.93 -45.49 16.47
C LEU L 395 8.86 -46.25 15.73
N HIS L 396 7.81 -45.59 15.24
CA HIS L 396 6.69 -46.31 14.65
C HIS L 396 7.07 -46.95 13.32
N TRP L 397 8.20 -46.55 12.75
CA TRP L 397 8.70 -47.24 11.56
C TRP L 397 9.41 -48.54 11.96
N TYR L 398 10.24 -48.48 12.99
CA TYR L 398 11.02 -49.63 13.43
C TYR L 398 10.18 -50.69 14.14
N THR L 399 8.86 -50.54 14.22
CA THR L 399 8.03 -51.47 14.97
C THR L 399 7.16 -52.34 14.07
N GLY L 400 6.37 -51.73 13.19
CA GLY L 400 5.43 -52.51 12.40
C GLY L 400 6.03 -53.19 11.20
N GLU L 401 7.33 -53.43 11.21
CA GLU L 401 8.02 -54.02 10.07
C GLU L 401 8.81 -55.28 10.43
N GLY L 402 8.68 -55.78 11.65
CA GLY L 402 9.34 -57.01 12.01
C GLY L 402 10.14 -56.92 13.30
N MET L 403 10.80 -55.79 13.52
CA MET L 403 11.54 -55.55 14.76
C MET L 403 10.63 -54.89 15.78
N ASP L 404 10.83 -55.26 17.04
CA ASP L 404 10.14 -54.63 18.15
C ASP L 404 11.13 -53.81 18.98
N GLU L 405 10.57 -52.96 19.84
CA GLU L 405 11.40 -52.03 20.62
C GLU L 405 12.45 -52.76 21.44
N MET L 406 12.14 -53.99 21.88
CA MET L 406 12.96 -54.72 22.85
C MET L 406 14.46 -54.60 22.55
N GLU L 407 14.86 -55.06 21.36
CA GLU L 407 16.26 -55.01 20.96
C GLU L 407 16.92 -53.70 21.35
N PHE L 408 16.33 -52.60 20.90
CA PHE L 408 16.85 -51.26 21.18
C PHE L 408 17.35 -51.16 22.61
N THR L 409 16.45 -51.42 23.56
CA THR L 409 16.82 -51.33 24.97
C THR L 409 18.09 -52.09 25.23
N GLU L 410 18.05 -53.41 25.03
CA GLU L 410 19.22 -54.22 25.36
C GLU L 410 20.42 -53.80 24.53
N ALA L 411 20.18 -53.38 23.27
CA ALA L 411 21.27 -52.92 22.44
C ALA L 411 22.06 -51.84 23.17
N GLU L 412 21.36 -50.79 23.61
CA GLU L 412 22.06 -49.70 24.28
C GLU L 412 22.82 -50.22 25.48
N SER L 413 22.22 -51.16 26.22
CA SER L 413 22.90 -51.77 27.35
C SER L 413 24.30 -52.20 26.97
N ASN L 414 24.40 -53.06 25.96
CA ASN L 414 25.70 -53.59 25.57
C ASN L 414 26.67 -52.46 25.27
N MET L 415 26.18 -51.42 24.57
CA MET L 415 27.04 -50.28 24.24
C MET L 415 27.74 -49.77 25.50
N ASN L 416 26.97 -49.48 26.54
CA ASN L 416 27.55 -49.07 27.81
C ASN L 416 28.67 -50.02 28.21
N ASP L 417 28.32 -51.29 28.40
CA ASP L 417 29.31 -52.28 28.81
C ASP L 417 30.57 -52.13 27.98
N LEU L 418 30.40 -52.06 26.66
CA LEU L 418 31.54 -51.96 25.76
C LEU L 418 32.46 -50.82 26.19
N VAL L 419 31.95 -49.60 26.13
CA VAL L 419 32.81 -48.47 26.48
C VAL L 419 33.29 -48.62 27.91
N SER L 420 32.41 -49.11 28.79
CA SER L 420 32.79 -49.30 30.18
C SER L 420 34.07 -50.11 30.27
N GLU L 421 34.12 -51.24 29.57
CA GLU L 421 35.31 -52.07 29.61
C GLU L 421 36.54 -51.28 29.19
N TYR L 422 36.46 -50.61 28.04
CA TYR L 422 37.57 -49.77 27.61
C TYR L 422 38.01 -48.86 28.74
N GLN L 423 37.06 -48.14 29.35
CA GLN L 423 37.41 -47.14 30.34
C GLN L 423 38.22 -47.77 31.47
N GLN L 424 37.87 -48.99 31.89
CA GLN L 424 38.53 -49.55 33.06
C GLN L 424 40.02 -49.76 32.79
N TYR L 425 40.39 -50.09 31.55
CA TYR L 425 41.80 -50.30 31.27
C TYR L 425 42.53 -48.97 31.15
N GLN L 426 41.82 -47.90 30.83
CA GLN L 426 42.39 -46.57 30.97
C GLN L 426 42.71 -46.22 32.42
N ASP L 427 42.14 -46.97 33.37
CA ASP L 427 42.43 -46.80 34.79
C ASP L 427 42.99 -48.06 35.44
N ALA L 428 43.16 -49.14 34.68
CA ALA L 428 43.77 -50.35 35.21
C ALA L 428 45.29 -50.19 35.21
N THR L 429 45.87 -50.06 36.40
CA THR L 429 47.29 -49.84 36.56
C THR L 429 47.88 -50.92 37.46
N ALA L 430 48.87 -51.64 36.96
CA ALA L 430 49.50 -52.71 37.72
C ALA L 430 50.85 -53.10 37.11
N LYS M 5 18.17 -42.38 -10.57
CA LYS M 5 19.16 -42.21 -9.51
C LYS M 5 20.57 -42.12 -10.07
N GLU M 6 21.14 -43.27 -10.43
CA GLU M 6 22.48 -43.35 -11.00
C GLU M 6 23.50 -42.58 -10.16
N SER M 7 23.40 -42.78 -8.84
CA SER M 7 24.19 -42.01 -7.90
C SER M 7 25.68 -42.13 -8.19
N TYR M 8 26.42 -41.11 -7.78
CA TYR M 8 27.88 -41.08 -7.89
C TYR M 8 28.33 -41.31 -9.33
N PHE M 9 27.97 -40.37 -10.20
CA PHE M 9 28.24 -40.51 -11.62
C PHE M 9 28.93 -39.30 -12.24
N ARG M 10 28.91 -38.13 -11.60
CA ARG M 10 29.48 -36.94 -12.23
C ARG M 10 30.63 -36.33 -11.45
N GLU M 11 30.43 -35.99 -10.17
CA GLU M 11 31.39 -35.18 -9.41
C GLU M 11 31.73 -33.91 -10.18
N HIS M 12 30.70 -33.09 -10.38
CA HIS M 12 30.64 -31.98 -11.34
C HIS M 12 31.89 -31.12 -11.36
N PRO M 13 32.72 -31.18 -12.41
CA PRO M 13 32.87 -32.20 -13.46
C PRO M 13 34.13 -33.08 -13.27
N HIS M 14 34.01 -34.39 -13.42
CA HIS M 14 35.11 -35.28 -13.09
C HIS M 14 35.01 -36.57 -13.91
N TRP M 15 35.57 -37.66 -13.38
CA TRP M 15 35.78 -38.95 -14.04
C TRP M 15 36.84 -38.93 -15.14
N SER M 16 38.09 -38.71 -14.73
CA SER M 16 39.24 -38.87 -15.61
C SER M 16 39.34 -40.28 -16.15
N ASP M 17 40.26 -40.51 -17.08
CA ASP M 17 40.37 -41.78 -17.80
C ASP M 17 41.14 -42.79 -16.96
N ILE M 18 41.55 -43.88 -17.62
CA ILE M 18 42.29 -44.98 -16.99
C ILE M 18 43.43 -44.45 -16.13
N ASN M 19 44.16 -43.44 -16.63
CA ASN M 19 45.44 -43.05 -16.07
C ASN M 19 45.35 -42.75 -14.58
N GLY M 20 46.39 -43.14 -13.84
CA GLY M 20 46.42 -42.90 -12.42
C GLY M 20 47.71 -43.43 -11.80
N CYS M 21 47.76 -43.35 -10.48
CA CYS M 21 48.89 -43.84 -9.69
C CYS M 21 48.38 -44.50 -8.42
N SER M 22 49.21 -45.37 -7.83
CA SER M 22 48.77 -46.19 -6.71
C SER M 22 48.92 -45.48 -5.37
N GLY M 23 49.91 -44.60 -5.24
CA GLY M 23 50.13 -43.93 -3.98
C GLY M 23 49.20 -42.75 -3.79
N ALA M 24 49.73 -41.65 -3.24
CA ALA M 24 48.97 -40.42 -3.04
C ALA M 24 49.87 -39.27 -3.44
N LYS M 25 49.83 -38.90 -4.71
CA LYS M 25 50.55 -37.74 -5.24
C LYS M 25 49.61 -36.67 -5.75
N GLU M 26 48.73 -37.01 -6.69
CA GLU M 26 47.76 -36.09 -7.26
C GLU M 26 46.36 -36.53 -6.87
N PHE M 27 45.53 -35.57 -6.46
CA PHE M 27 44.15 -35.85 -6.08
C PHE M 27 43.16 -34.98 -6.84
N GLU M 28 43.62 -34.22 -7.83
CA GLU M 28 42.79 -33.23 -8.52
C GLU M 28 42.22 -32.19 -7.57
N GLY M 29 42.88 -32.01 -6.42
CA GLY M 29 42.49 -30.93 -5.53
C GLY M 29 42.73 -29.58 -6.19
N GLU M 30 41.74 -28.70 -6.08
CA GLU M 30 41.72 -27.38 -6.70
C GLU M 30 41.62 -27.49 -8.22
N ASP M 31 41.66 -28.73 -8.74
CA ASP M 31 41.54 -29.00 -10.16
C ASP M 31 42.64 -28.33 -10.98
N LEU M 32 43.56 -27.64 -10.30
CA LEU M 32 44.67 -26.92 -10.92
C LEU M 32 44.16 -25.82 -11.85
N ALA M 33 42.84 -25.63 -11.91
CA ALA M 33 42.24 -24.60 -12.74
C ALA M 33 41.06 -23.93 -12.04
N TYR M 34 40.90 -24.14 -10.74
CA TYR M 34 39.75 -23.62 -9.99
C TYR M 34 39.53 -22.13 -10.25
N ASP M 35 40.61 -21.36 -10.38
CA ASP M 35 40.45 -19.92 -10.52
C ASP M 35 39.87 -19.55 -11.88
N ALA M 36 40.44 -20.10 -12.95
CA ALA M 36 39.85 -19.90 -14.27
C ALA M 36 38.43 -20.44 -14.34
N ARG M 37 38.18 -21.55 -13.63
CA ARG M 37 36.82 -22.09 -13.57
C ARG M 37 35.85 -21.07 -12.99
N ILE M 38 36.21 -20.49 -11.83
CA ILE M 38 35.34 -19.50 -11.21
C ILE M 38 35.17 -18.29 -12.12
N LYS M 39 36.24 -17.84 -12.76
CA LYS M 39 36.13 -16.67 -13.63
C LYS M 39 35.17 -16.93 -14.78
N TYR M 40 35.32 -18.07 -15.45
CA TYR M 40 34.45 -18.37 -16.58
C TYR M 40 33.02 -18.59 -16.13
N GLN M 41 32.83 -19.23 -14.97
CA GLN M 41 31.48 -19.41 -14.43
C GLN M 41 30.81 -18.08 -14.18
N LYS M 42 31.54 -17.14 -13.57
CA LYS M 42 31.00 -15.82 -13.31
C LYS M 42 30.65 -15.10 -14.60
N GLU M 43 31.52 -15.20 -15.61
CA GLU M 43 31.22 -14.58 -16.89
C GLU M 43 29.96 -15.17 -17.51
N THR M 44 29.81 -16.50 -17.44
CA THR M 44 28.62 -17.14 -18.00
C THR M 44 27.36 -16.66 -17.29
N GLN M 45 27.41 -16.58 -15.97
CA GLN M 45 26.23 -16.10 -15.25
C GLN M 45 25.92 -14.66 -15.57
N LYS M 46 26.95 -13.82 -15.74
CA LYS M 46 26.71 -12.44 -16.13
C LYS M 46 26.05 -12.37 -17.50
N GLN M 47 26.49 -13.22 -18.43
CA GLN M 47 25.84 -13.27 -19.74
C GLN M 47 24.38 -13.67 -19.59
N TRP M 48 24.10 -14.69 -18.77
CA TRP M 48 22.72 -15.11 -18.55
C TRP M 48 21.87 -13.97 -18.03
N ILE M 49 22.36 -13.24 -17.04
CA ILE M 49 21.57 -12.17 -16.44
C ILE M 49 21.37 -11.04 -17.45
N GLU M 50 22.40 -10.73 -18.25
CA GLU M 50 22.24 -9.72 -19.28
C GLU M 50 21.16 -10.10 -20.26
N GLN M 51 21.13 -11.37 -20.68
CA GLN M 51 20.12 -11.81 -21.62
C GLN M 51 18.73 -11.74 -21.00
N GLN M 52 18.59 -12.18 -19.75
CA GLN M 52 17.29 -12.15 -19.09
C GLN M 52 16.78 -10.73 -18.96
N ILE M 53 17.66 -9.78 -18.62
CA ILE M 53 17.26 -8.38 -18.51
C ILE M 53 16.86 -7.84 -19.88
N ARG M 54 17.68 -8.12 -20.91
CA ARG M 54 17.38 -7.69 -22.27
C ARG M 54 16.03 -8.20 -22.75
N GLU M 55 15.59 -9.36 -22.28
CA GLU M 55 14.27 -9.88 -22.60
C GLU M 55 13.15 -9.24 -21.78
N LYS M 56 13.38 -9.09 -20.47
CA LYS M 56 12.34 -8.53 -19.60
C LYS M 56 12.02 -7.10 -19.98
N LYS M 57 13.03 -6.35 -20.45
CA LYS M 57 12.77 -4.97 -20.87
C LYS M 57 11.75 -4.93 -22.00
N MET M 58 11.90 -5.79 -23.00
CA MET M 58 10.96 -5.81 -24.12
C MET M 58 9.60 -6.33 -23.67
N ARG M 59 9.59 -7.37 -22.85
CA ARG M 59 8.31 -7.89 -22.35
C ARG M 59 7.54 -6.81 -21.60
N GLU M 60 8.25 -5.94 -20.88
CA GLU M 60 7.60 -4.81 -20.23
C GLU M 60 7.12 -3.78 -21.25
N GLU M 61 7.99 -3.40 -22.19
CA GLU M 61 7.60 -2.39 -23.19
C GLU M 61 6.33 -2.79 -23.92
N ALA M 62 6.10 -4.09 -24.10
CA ALA M 62 4.84 -4.54 -24.67
C ALA M 62 3.64 -4.00 -23.90
N GLU M 63 3.77 -3.86 -22.59
CA GLU M 63 2.66 -3.36 -21.78
C GLU M 63 2.37 -1.89 -22.08
N ARG M 64 3.41 -1.07 -22.17
CA ARG M 64 3.20 0.33 -22.51
C ARG M 64 2.59 0.46 -23.91
N ASN M 65 3.00 -0.41 -24.84
CA ASN M 65 2.40 -0.40 -26.16
C ASN M 65 0.90 -0.69 -26.08
N GLU M 66 0.54 -1.73 -25.32
CA GLU M 66 -0.86 -2.04 -25.12
C GLU M 66 -1.62 -0.88 -24.49
N GLU M 67 -0.96 -0.17 -23.57
CA GLU M 67 -1.62 0.96 -22.91
C GLU M 67 -1.89 2.09 -23.89
N ARG M 68 -0.91 2.41 -24.73
CA ARG M 68 -1.14 3.43 -25.76
C ARG M 68 -2.28 3.02 -26.68
N ALA M 69 -2.32 1.73 -27.06
CA ALA M 69 -3.41 1.25 -27.89
C ALA M 69 -4.75 1.44 -27.21
N TYR M 70 -4.83 1.13 -25.92
CA TYR M 70 -6.10 1.26 -25.21
C TYR M 70 -6.53 2.71 -25.09
N ALA M 71 -5.57 3.61 -24.87
CA ALA M 71 -5.91 5.03 -24.80
C ALA M 71 -6.45 5.53 -26.14
N THR M 72 -5.78 5.15 -27.23
CA THR M 72 -6.28 5.54 -28.55
C THR M 72 -7.67 4.98 -28.79
N GLN M 73 -7.93 3.76 -28.34
CA GLN M 73 -9.25 3.17 -28.50
C GLN M 73 -10.30 3.96 -27.72
N THR M 74 -9.99 4.31 -26.48
CA THR M 74 -10.98 5.02 -25.69
C THR M 74 -11.24 6.41 -26.25
N LEU M 75 -10.26 7.01 -26.91
CA LEU M 75 -10.53 8.29 -27.58
C LEU M 75 -11.37 8.09 -28.83
N GLU M 76 -11.07 7.07 -29.63
CA GLU M 76 -11.90 6.73 -30.77
C GLU M 76 -13.36 6.52 -30.35
N LEU M 77 -13.59 5.99 -29.15
CA LEU M 77 -14.94 5.74 -28.69
C LEU M 77 -15.60 6.98 -28.08
N ASN M 78 -14.83 7.79 -27.35
CA ASN M 78 -15.41 9.00 -26.80
C ASN M 78 -15.80 9.97 -27.90
N ARG M 79 -15.04 10.02 -28.99
CA ARG M 79 -15.44 10.85 -30.12
C ARG M 79 -16.72 10.31 -30.76
N MET M 80 -16.89 9.00 -30.78
CA MET M 80 -18.15 8.40 -31.21
C MET M 80 -19.31 8.92 -30.39
N ARG M 81 -19.20 8.80 -29.05
CA ARG M 81 -20.27 9.30 -28.19
C ARG M 81 -20.53 10.78 -28.44
N GLY M 82 -19.47 11.59 -28.50
CA GLY M 82 -19.64 13.01 -28.69
C GLY M 82 -20.31 13.38 -29.99
N MET M 83 -19.87 12.79 -31.10
CA MET M 83 -20.50 13.09 -32.38
C MET M 83 -21.96 12.65 -32.39
N LEU M 84 -22.25 11.45 -31.87
CA LEU M 84 -23.63 11.00 -31.88
C LEU M 84 -24.53 11.92 -31.06
N GLU M 85 -24.04 12.39 -29.91
CA GLU M 85 -24.88 13.25 -29.09
C GLU M 85 -25.04 14.64 -29.70
N ASP M 86 -23.95 15.22 -30.23
CA ASP M 86 -24.06 16.52 -30.86
C ASP M 86 -24.74 16.46 -32.22
N ASP M 87 -25.09 15.26 -32.69
CA ASP M 87 -26.02 15.16 -33.81
C ASP M 87 -27.45 14.99 -33.34
N PHE M 88 -27.65 14.16 -32.31
CA PHE M 88 -28.98 13.97 -31.73
C PHE M 88 -29.58 15.29 -31.28
N ASN M 89 -28.79 16.11 -30.61
CA ASN M 89 -29.34 17.35 -30.07
C ASN M 89 -29.71 18.34 -31.18
N ARG M 90 -28.84 18.46 -32.20
CA ARG M 90 -29.18 19.32 -33.33
C ARG M 90 -30.43 18.82 -34.04
N LYS M 91 -30.59 17.50 -34.15
CA LYS M 91 -31.78 16.96 -34.79
C LYS M 91 -33.03 17.33 -34.00
N LYS M 92 -32.98 17.17 -32.68
CA LYS M 92 -34.15 17.52 -31.86
C LYS M 92 -34.46 19.00 -31.96
N ALA M 93 -33.43 19.85 -31.94
CA ALA M 93 -33.66 21.28 -32.08
C ALA M 93 -34.27 21.61 -33.44
N SER M 94 -33.85 20.89 -34.49
CA SER M 94 -34.47 21.08 -35.79
C SER M 94 -35.94 20.70 -35.77
N ILE M 95 -36.27 19.60 -35.09
CA ILE M 95 -37.67 19.21 -34.95
C ILE M 95 -38.47 20.30 -34.26
N ARG M 96 -37.91 20.87 -33.19
CA ARG M 96 -38.61 21.92 -32.47
C ARG M 96 -38.80 23.16 -33.33
N GLN M 97 -37.79 23.50 -34.14
CA GLN M 97 -37.93 24.65 -35.02
C GLN M 97 -38.98 24.39 -36.09
N ALA M 98 -39.06 23.15 -36.58
CA ALA M 98 -40.09 22.82 -37.55
C ALA M 98 -41.48 22.94 -36.93
N VAL M 99 -41.62 22.54 -35.67
CA VAL M 99 -42.92 22.69 -34.99
C VAL M 99 -43.26 24.17 -34.81
N LYS M 100 -42.27 24.98 -34.47
CA LYS M 100 -42.50 26.42 -34.38
C LYS M 100 -42.97 26.99 -35.71
N GLU M 101 -42.36 26.54 -36.80
CA GLU M 101 -42.79 27.00 -38.12
C GLU M 101 -44.21 26.53 -38.43
N GLU M 102 -44.54 25.30 -38.03
CA GLU M 102 -45.89 24.80 -38.27
C GLU M 102 -46.93 25.62 -37.52
N ASN M 103 -46.62 26.04 -36.30
CA ASN M 103 -47.55 26.90 -35.56
C ASN M 103 -47.63 28.29 -36.19
N GLN M 104 -46.50 28.84 -36.62
CA GLN M 104 -46.52 30.11 -37.35
C GLN M 104 -47.43 30.01 -38.57
N GLN M 105 -47.38 28.88 -39.28
CA GLN M 105 -48.24 28.68 -40.44
C GLN M 105 -49.70 28.58 -40.03
N LEU M 106 -50.00 27.77 -39.01
CA LEU M 106 -51.38 27.66 -38.54
C LEU M 106 -51.94 29.01 -38.14
N ASP M 107 -51.10 29.93 -37.66
CA ASP M 107 -51.61 31.23 -37.26
C ASP M 107 -52.18 32.02 -38.44
N LYS M 108 -51.63 31.84 -39.64
CA LYS M 108 -52.11 32.60 -40.78
C LYS M 108 -53.56 32.26 -41.12
N GLN M 109 -53.99 31.02 -40.83
CA GLN M 109 -55.37 30.65 -41.12
C GLN M 109 -56.34 31.49 -40.28
N LYS M 110 -56.09 31.59 -38.98
CA LYS M 110 -56.94 32.42 -38.14
C LYS M 110 -56.68 33.90 -38.35
N ARG M 111 -55.55 34.24 -38.98
CA ARG M 111 -55.31 35.64 -39.34
C ARG M 111 -56.11 36.04 -40.57
N ASP M 112 -56.38 35.09 -41.47
CA ASP M 112 -57.01 35.41 -42.75
C ASP M 112 -58.49 35.09 -42.80
N LEU M 113 -58.93 33.98 -42.22
CA LEU M 113 -60.36 33.67 -42.22
C LEU M 113 -61.16 34.76 -41.51
N GLU M 114 -60.63 35.29 -40.41
CA GLU M 114 -61.32 36.35 -39.70
C GLU M 114 -61.38 37.62 -40.52
N LYS M 115 -60.30 37.94 -41.25
CA LYS M 115 -60.33 39.10 -42.13
C LYS M 115 -61.37 38.94 -43.22
N GLN M 116 -61.43 37.75 -43.82
CA GLN M 116 -62.40 37.49 -44.87
C GLN M 116 -63.82 37.62 -44.33
N SER M 117 -64.09 37.01 -43.17
CA SER M 117 -65.42 37.09 -42.60
C SER M 117 -65.79 38.51 -42.21
N ASN M 118 -64.82 39.30 -41.76
CA ASN M 118 -65.09 40.69 -41.41
C ASN M 118 -65.46 41.49 -42.66
N ASN M 119 -64.67 41.37 -43.72
CA ASN M 119 -64.99 42.09 -44.94
C ASN M 119 -66.34 41.63 -45.50
N GLU M 120 -66.64 40.34 -45.39
CA GLU M 120 -67.89 39.83 -45.93
C GLU M 120 -69.08 40.34 -45.13
N LYS M 121 -68.96 40.39 -43.80
CA LYS M 121 -70.01 40.98 -43.00
C LYS M 121 -70.20 42.45 -43.33
N LEU M 122 -69.10 43.17 -43.52
CA LEU M 122 -69.19 44.57 -43.93
C LEU M 122 -70.00 44.70 -45.21
N ASN M 123 -69.63 43.93 -46.24
CA ASN M 123 -70.34 44.03 -47.51
C ASN M 123 -71.82 43.68 -47.37
N TYR M 124 -72.11 42.56 -46.69
CA TYR M 124 -73.50 42.13 -46.58
C TYR M 124 -74.33 43.14 -45.81
N GLU M 125 -73.83 43.62 -44.68
CA GLU M 125 -74.62 44.55 -43.87
C GLU M 125 -74.74 45.91 -44.55
N ARG M 126 -73.73 46.32 -45.33
CA ARG M 126 -73.88 47.54 -46.11
C ARG M 126 -74.95 47.37 -47.18
N THR M 127 -74.97 46.23 -47.86
CA THR M 127 -76.02 45.97 -48.84
C THR M 127 -77.39 45.96 -48.17
N GLU M 128 -77.46 45.43 -46.94
CA GLU M 128 -78.73 45.42 -46.22
C GLU M 128 -79.19 46.84 -45.89
N ILE M 129 -78.27 47.67 -45.39
CA ILE M 129 -78.59 49.06 -45.13
C ILE M 129 -79.11 49.74 -46.39
N ASP M 130 -78.44 49.49 -47.52
CA ASP M 130 -78.87 50.08 -48.78
C ASP M 130 -80.29 49.64 -49.12
N MET M 131 -80.53 48.33 -49.11
CA MET M 131 -81.85 47.82 -49.49
C MET M 131 -82.94 48.36 -48.59
N VAL M 132 -82.64 48.55 -47.30
CA VAL M 132 -83.61 49.15 -46.40
C VAL M 132 -83.86 50.59 -46.78
N LYS M 133 -82.80 51.40 -46.85
CA LYS M 133 -82.95 52.82 -47.15
C LYS M 133 -83.63 53.06 -48.49
N THR M 134 -83.54 52.10 -49.41
CA THR M 134 -84.14 52.24 -50.73
C THR M 134 -85.63 51.92 -50.65
N ARG M 135 -86.33 52.72 -49.84
CA ARG M 135 -87.78 52.67 -49.73
C ARG M 135 -88.27 54.11 -49.61
N GLY M 136 -88.55 54.74 -50.76
CA GLY M 136 -89.03 56.10 -50.76
C GLY M 136 -90.53 56.18 -50.56
N GLN M 137 -91.21 56.96 -51.39
CA GLN M 137 -92.65 57.06 -51.36
C GLN M 137 -93.22 56.65 -52.71
N LYS M 138 -94.49 56.26 -52.70
CA LYS M 138 -95.15 55.77 -53.91
C LYS M 138 -95.84 56.88 -54.68
N ARG M 139 -96.69 57.66 -54.03
CA ARG M 139 -97.43 58.75 -54.66
C ARG M 139 -98.21 58.29 -55.90
N PRO M 140 -99.32 57.57 -55.71
CA PRO M 140 -100.13 57.08 -56.83
C PRO M 140 -100.98 58.19 -57.45
PG GTP N . -54.78 53.60 -10.66
O1G GTP N . -56.30 53.54 -10.58
O2G GTP N . -54.27 52.37 -11.37
O3G GTP N . -54.35 54.85 -11.41
O3B GTP N . -54.14 53.64 -9.13
PB GTP N . -52.51 53.70 -8.89
O1B GTP N . -51.81 53.08 -10.10
O2B GTP N . -52.15 52.94 -7.65
O3A GTP N . -52.03 55.28 -8.78
PA GTP N . -50.64 55.82 -9.53
O1A GTP N . -50.97 56.17 -10.98
O2A GTP N . -49.61 54.72 -9.48
O5' GTP N . -50.04 57.15 -8.76
C5' GTP N . -49.09 57.90 -9.43
C4' GTP N . -47.77 57.92 -8.60
O4' GTP N . -46.84 57.22 -9.20
C3' GTP N . -47.23 59.35 -8.53
O3' GTP N . -46.57 59.55 -7.35
C2' GTP N . -46.22 59.42 -9.70
O2' GTP N . -45.15 60.40 -9.39
C1' GTP N . -45.73 58.23 -9.79
N9 GTP N . -45.49 57.92 -11.19
C8 GTP N . -46.51 57.92 -12.09
N7 GTP N . -46.01 57.61 -13.31
C5 GTP N . -44.69 57.42 -13.18
C6 GTP N . -43.60 57.05 -14.19
O6 GTP N . -43.89 56.90 -15.34
N1 GTP N . -42.23 56.92 -13.78
C2 GTP N . -41.90 57.13 -12.39
N2 GTP N . -40.52 56.99 -11.97
N3 GTP N . -42.96 57.48 -11.41
C4 GTP N . -44.37 57.63 -11.84
MG MG O . -52.46 54.86 -10.83
PB GDP P . -86.96 73.67 -19.01
O1B GDP P . -85.81 72.75 -18.70
O2B GDP P . -87.47 73.38 -20.39
O3B GDP P . -88.04 73.44 -18.02
O3A GDP P . -86.44 75.24 -18.93
PA GDP P . -85.06 75.76 -19.68
O1A GDP P . -84.26 74.56 -20.19
O2A GDP P . -85.45 76.67 -20.86
O5' GDP P . -84.13 76.61 -18.59
C5' GDP P . -84.08 78.00 -18.73
C4' GDP P . -82.93 78.56 -17.92
O4' GDP P . -81.52 78.04 -18.53
C3' GDP P . -82.89 79.85 -18.04
O3' GDP P . -82.13 80.42 -16.93
C2' GDP P . -82.10 80.07 -19.38
O2' GDP P . -81.55 81.30 -19.37
C1' GDP P . -81.02 79.02 -19.28
N9 GDP P . -80.67 78.49 -20.63
C8 GDP P . -81.79 78.18 -21.30
N7 GDP P . -81.39 77.71 -22.50
C5 GDP P . -80.05 77.72 -22.54
C6 GDP P . -79.06 77.31 -23.61
O6 GDP P . -79.46 76.89 -24.63
N1 GDP P . -77.64 77.44 -23.37
C2 GDP P . -77.18 77.95 -22.12
N2 GDP P . -75.71 78.09 -21.87
N3 GDP P . -78.12 78.35 -21.11
C4 GDP P . -79.60 78.21 -21.37
PG GTP Q . 14.29 14.32 8.15
O1G GTP Q . 13.15 15.29 8.38
O2G GTP Q . 13.82 13.12 7.37
O3G GTP Q . 15.41 15.02 7.42
O3B GTP Q . 14.89 13.81 9.61
PB GTP Q . 16.51 13.80 9.87
O1B GTP Q . 17.20 13.13 8.70
O2B GTP Q . 16.83 13.07 11.15
O3A GTP Q . 16.97 15.38 9.94
PA GTP Q . 18.44 15.93 9.38
O1A GTP Q . 18.28 16.41 7.94
O2A GTP Q . 19.45 14.82 9.45
O5' GTP Q . 18.90 17.18 10.35
C5' GTP Q . 19.55 18.25 9.78
C4' GTP Q . 21.08 18.07 10.05
O4' GTP Q . 21.59 17.31 9.12
C3' GTP Q . 21.79 19.41 9.93
O3' GTP Q . 22.29 19.78 11.14
C2' GTP Q . 22.97 19.17 8.96
O2' GTP Q . 24.21 19.71 9.56
C1' GTP Q . 23.06 17.89 8.86
N9 GTP Q . 23.50 17.52 7.51
C8 GTP Q . 22.63 17.34 6.49
N7 GTP Q . 23.36 17.01 5.39
C5 GTP Q . 24.64 16.99 5.73
C6 GTP Q . 25.93 16.70 4.92
O6 GTP Q . 25.86 16.42 3.77
N1 GTP Q . 27.22 16.76 5.58
C2 GTP Q . 27.30 17.10 6.98
N2 GTP Q . 28.57 17.17 7.65
N3 GTP Q . 26.05 17.39 7.74
C4 GTP Q . 24.73 17.32 7.06
MG MG R . 14.73 12.12 8.87
PB GDP S . -18.50 34.50 -0.35
O1B GDP S . -17.54 33.83 -1.28
O2B GDP S . -19.75 34.88 -1.10
O3B GDP S . -18.86 33.56 0.75
O3A GDP S . -17.78 35.85 0.27
PA GDP S . -16.12 36.04 0.26
O1A GDP S . -15.49 34.68 0.56
O2A GDP S . -15.69 36.52 -1.13
O5' GDP S . -15.66 37.14 1.42
C5' GDP S . -15.28 38.41 1.00
C4' GDP S . -13.77 38.49 0.97
O4' GDP S . -13.20 37.63 -0.27
C3' GDP S . -13.40 39.72 0.75
O3' GDP S . -12.78 40.26 1.97
C2' GDP S . -12.32 39.66 -0.39
O2' GDP S . -11.20 40.31 0.01
C1' GDP S . -12.02 38.19 -0.54
N9 GDP S . -11.57 37.86 -1.91
C8 GDP S . -12.59 37.37 -2.62
N7 GDP S . -12.10 37.09 -3.85
C5 GDP S . -10.81 37.40 -3.87
C6 GDP S . -9.76 37.31 -4.96
O6 GDP S . -10.05 36.89 -6.02
N1 GDP S . -8.40 37.73 -4.71
C2 GDP S . -8.05 38.25 -3.41
N2 GDP S . -6.65 38.70 -3.14
N3 GDP S . -9.07 38.33 -2.37
C4 GDP S . -10.46 37.89 -2.66
PG GTP T . 84.36 -26.77 27.69
O1G GTP T . 83.43 -26.06 28.64
O2G GTP T . 83.55 -27.59 26.71
O3G GTP T . 85.20 -25.76 26.95
O3B GTP T . 85.35 -27.77 28.56
PB GTP T . 86.93 -27.42 28.86
O1B GTP T . 87.79 -27.95 27.72
O2B GTP T . 87.37 -28.06 30.16
O3A GTP T . 87.12 -25.78 28.94
PA GTP T . 88.42 -25.01 28.25
O1A GTP T . 88.05 -24.65 26.82
O2A GTP T . 89.60 -25.95 28.28
O5' GTP T . 88.80 -23.66 29.07
C5' GTP T . 89.84 -22.89 28.60
C4' GTP T . 91.05 -22.97 29.58
O4' GTP T . 92.02 -23.64 29.04
C3' GTP T . 91.60 -21.57 29.82
O3' GTP T . 92.19 -21.50 31.05
C2' GTP T . 92.66 -21.42 28.72
O2' GTP T . 93.74 -20.49 29.20
C1' GTP T . 93.15 -22.59 28.55
N9 GTP T . 93.44 -22.82 27.13
C8 GTP T . 92.48 -22.68 26.17
N7 GTP T . 93.05 -22.95 24.97
C5 GTP T . 94.33 -23.25 25.18
C6 GTP T . 95.47 -23.63 24.20
O6 GTP T . 95.26 -23.69 23.04
N1 GTP T . 96.80 -23.89 24.72
C2 GTP T . 97.03 -23.80 26.14
N2 GTP T . 98.35 -24.07 26.68
N3 GTP T . 95.93 -23.44 27.07
C4 GTP T . 94.57 -23.16 26.53
MG MG U . 86.25 -27.39 26.66
PB GDP V . 52.15 -6.50 18.60
O1B GDP V . 51.45 -7.20 19.71
O2B GDP V . 51.95 -5.01 18.71
O3B GDP V . 51.63 -6.97 17.29
O3A GDP V . 53.77 -6.83 18.71
PA GDP V . 54.89 -5.95 17.86
O1A GDP V . 55.88 -6.89 17.19
O2A GDP V . 54.14 -5.12 16.78
O5' GDP V . 55.69 -4.90 18.88
C5' GDP V . 55.31 -3.58 18.89
C4' GDP V . 56.48 -2.73 19.34
O4' GDP V . 57.82 -3.18 18.55
C3' GDP V . 56.27 -1.48 19.05
O3' GDP V . 56.82 -0.62 20.11
C2' GDP V . 57.07 -1.24 17.71
O2' GDP V . 57.43 0.05 17.60
C1' GDP V . 58.30 -2.09 17.95
N9 GDP V . 58.99 -2.46 16.67
C8 GDP V . 58.09 -2.85 15.77
N7 GDP V . 58.79 -3.17 14.66
C5 GDP V . 60.08 -2.97 14.89
C6 GDP V . 61.32 -3.15 14.04
O6 GDP V . 61.22 -3.54 12.94
N1 GDP V . 62.62 -2.84 14.58
C2 GDP V . 62.75 -2.36 15.92
N2 GDP V . 64.09 -2.04 16.49
N3 GDP V . 61.56 -2.19 16.74
C4 GDP V . 60.20 -2.52 16.16
PG GTP W . -85.12 14.43 -26.45
O1G GTP W . -86.40 14.80 -25.73
O2G GTP W . -85.42 13.83 -27.81
O3G GTP W . -84.25 15.66 -26.63
O3B GTP W . -84.29 13.33 -25.55
PB GTP W . -82.67 13.51 -25.24
O1B GTP W . -81.89 13.44 -26.55
O2B GTP W . -82.21 12.41 -24.31
O3A GTP W . -82.42 14.99 -24.56
PA GTP W . -81.06 15.88 -24.91
O1A GTP W . -81.23 16.56 -26.26
O2A GTP W . -79.87 14.94 -24.93
O5' GTP W . -80.79 17.03 -23.77
C5' GTP W . -79.93 18.04 -24.11
C4' GTP W . -78.53 17.76 -23.48
O4' GTP W . -77.71 17.28 -24.39
C3' GTP W . -77.92 19.07 -23.03
O3' GTP W . -77.33 18.91 -21.81
C2' GTP W . -76.83 19.35 -24.08
O2' GTP W . -75.77 20.24 -23.52
C1' GTP W . -76.37 18.17 -24.28
N9 GTP W . -75.60 18.12 -25.52
C8 GTP W . -76.17 17.76 -26.70
N7 GTP W . -75.20 17.82 -27.66
C5 GTP W . -74.06 18.20 -27.07
C6 GTP W . -72.64 18.45 -27.64
O6 GTP W . -72.43 18.28 -28.79
N1 GTP W . -71.58 18.88 -26.76
C2 GTP W . -71.86 19.08 -25.35
N2 GTP W . -70.80 19.50 -24.47
N3 GTP W . -73.23 18.83 -24.82
C4 GTP W . -74.32 18.40 -25.73
MG MG X . -83.37 13.84 -27.76
PB GDP Y . -117.36 33.62 -35.13
O1B GDP Y . -116.49 32.68 -34.37
O2B GDP Y . -117.31 33.31 -36.60
O3B GDP Y . -118.77 33.48 -34.64
O3A GDP Y . -116.83 35.17 -34.86
PA GDP Y . -115.36 35.74 -35.39
O1A GDP Y . -114.54 34.57 -35.96
O2A GDP Y . -115.58 36.80 -36.47
O5' GDP Y . -114.54 36.42 -34.10
C5' GDP Y . -114.74 37.77 -33.83
C4' GDP Y . -113.49 38.35 -33.18
O4' GDP Y . -112.17 37.90 -34.00
C3' GDP Y . -113.55 39.64 -33.23
O3' GDP Y . -113.09 40.19 -31.94
C2' GDP Y . -112.51 40.07 -34.34
O2' GDP Y . -112.00 41.28 -34.06
C1' GDP Y . -111.46 39.01 -34.17
N9 GDP Y . -110.55 38.90 -35.36
C8 GDP Y . -111.26 38.53 -36.43
N7 GDP Y . -110.37 38.45 -37.45
C5 GDP Y . -109.17 38.76 -36.99
C6 GDP Y . -107.80 38.84 -37.66
O6 GDP Y . -107.67 38.61 -38.80
N1 GDP Y . -106.64 39.23 -36.88
C2 GDP Y . -106.78 39.53 -35.49
N2 GDP Y . -105.59 39.93 -34.68
N3 GDP Y . -108.09 39.45 -34.86
C4 GDP Y . -109.28 39.05 -35.67
PG GTP Z . -16.40 -26.93 -7.17
O1G GTP Z . -17.52 -26.67 -6.18
O2G GTP Z . -16.29 -28.42 -7.41
O3G GTP Z . -16.71 -26.27 -8.49
O3B GTP Z . -14.98 -26.35 -6.56
PB GTP Z . -13.98 -25.36 -7.44
O1B GTP Z . -14.80 -24.38 -8.27
O2B GTP Z . -13.12 -26.20 -8.35
O3A GTP Z . -13.00 -24.49 -6.42
PA GTP Z . -11.46 -24.96 -6.02
O1A GTP Z . -10.49 -24.61 -7.15
O2A GTP Z . -11.43 -26.45 -5.75
O5' GTP Z . -11.00 -24.15 -4.67
C5' GTP Z . -10.85 -22.78 -4.83
C4' GTP Z . -9.35 -22.43 -4.55
O4' GTP Z . -8.61 -22.83 -5.55
C3' GTP Z . -9.19 -20.92 -4.48
O3' GTP Z . -8.83 -20.54 -3.22
C2' GTP Z . -8.03 -20.61 -5.46
O2' GTP Z . -7.12 -19.60 -4.87
C1' GTP Z . -7.42 -21.74 -5.58
N9 GTP Z . -6.67 -21.81 -6.82
C8 GTP Z . -7.26 -22.12 -8.01
N7 GTP Z . -6.28 -22.10 -8.96
C5 GTP Z . -5.14 -21.81 -8.37
C6 GTP Z . -3.70 -21.64 -8.92
O6 GTP Z . -3.47 -21.80 -10.09
N1 GTP Z . -2.61 -21.30 -8.03
C2 GTP Z . -2.89 -21.11 -6.61
N2 GTP Z . -1.81 -20.76 -5.69
N3 GTP Z . -4.27 -21.26 -6.11
C4 GTP Z . -5.38 -21.62 -7.03
MG MG AA . -14.91 -26.18 -9.35
PB GDP BA . -49.30 -5.62 -16.59
O1B GDP BA . -49.63 -6.82 -15.78
O2B GDP BA . -50.52 -4.75 -16.76
O3B GDP BA . -48.82 -6.06 -17.94
O3A GDP BA . -48.11 -4.76 -15.83
PA GDP BA . -46.67 -5.45 -15.37
O1A GDP BA . -46.90 -6.92 -15.02
O2A GDP BA . -45.65 -5.35 -16.53
O5' GDP BA . -46.10 -4.65 -14.04
C5' GDP BA . -46.18 -3.27 -14.04
C4' GDP BA . -44.81 -2.69 -13.74
O4' GDP BA . -43.78 -2.98 -14.96
C3' GDP BA . -44.88 -1.40 -13.62
O3' GDP BA . -44.44 -1.02 -12.26
C2' GDP BA . -43.86 -0.79 -14.65
O2' GDP BA . -43.18 0.22 -14.08
C1' GDP BA . -42.93 -1.96 -14.87
N9 GDP BA . -42.14 -1.81 -16.13
C8 GDP BA . -42.93 -1.99 -17.19
N7 GDP BA . -42.12 -1.86 -18.27
C5 GDP BA . -40.88 -1.61 -17.86
C6 GDP BA . -39.59 -1.37 -18.60
O6 GDP BA . -39.57 -1.39 -19.77
N1 GDP BA . -38.38 -1.12 -17.87
C2 GDP BA . -38.39 -1.09 -16.43
N2 GDP BA . -37.13 -0.83 -15.66
N3 GDP BA . -39.63 -1.32 -15.73
C4 GDP BA . -40.89 -1.58 -16.51
PG GTP CA . 54.49 -66.77 12.07
O1G GTP CA . 53.32 -66.76 13.04
O2G GTP CA . 54.30 -67.86 11.04
O3G GTP CA . 54.56 -65.42 11.37
O3B GTP CA . 55.90 -67.03 12.89
PB GTP CA . 57.31 -66.27 12.45
O1B GTP CA . 57.21 -65.85 11.00
O2B GTP CA . 58.47 -67.22 12.64
O3A GTP CA . 57.56 -64.95 13.41
PA GTP CA . 59.09 -64.36 13.69
O1A GTP CA . 59.73 -63.98 12.36
O2A GTP CA . 59.94 -65.41 14.37
O5' GTP CA . 58.99 -63.03 14.64
C5' GTP CA . 59.86 -62.00 14.34
C4' GTP CA . 61.30 -62.44 14.75
O4' GTP CA . 61.92 -62.98 13.72
C3' GTP CA . 62.09 -61.18 15.10
O3' GTP CA . 62.70 -61.33 16.31
C2' GTP CA . 63.15 -61.08 13.98
O2' GTP CA . 64.37 -60.40 14.48
C1' GTP CA . 63.38 -62.31 13.71
N9 GTP CA . 64.02 -62.43 12.41
C8 GTP CA . 63.34 -62.78 11.29
N7 GTP CA . 64.23 -62.81 10.26
C5 GTP CA . 65.44 -62.49 10.74
C6 GTP CA . 66.82 -62.35 10.06
O6 GTP CA . 66.94 -62.54 8.90
N1 GTP CA . 67.98 -61.97 10.85
C2 GTP CA . 67.82 -61.73 12.27
N2 GTP CA . 68.97 -61.35 13.07
N3 GTP CA . 66.48 -61.86 12.90
C4 GTP CA . 65.31 -62.25 12.09
MG MG DA . 55.97 -67.07 10.14
PB GDP EA . 21.73 -47.05 1.92
O1B GDP EA . 22.63 -47.44 0.79
O2B GDP EA . 20.48 -46.43 1.36
O3B GDP EA . 21.37 -48.25 2.72
O3A GDP EA . 22.48 -45.95 2.90
PA GDP EA . 23.98 -45.29 2.59
O1A GDP EA . 24.91 -46.36 2.00
O2A GDP EA . 23.82 -44.12 1.59
O5' GDP EA . 24.62 -44.70 3.99
C5' GDP EA . 24.50 -43.34 4.23
C4' GDP EA . 25.85 -42.75 4.57
O4' GDP EA . 26.97 -43.22 3.49
C3' GDP EA . 25.79 -41.46 4.49
O3' GDP EA . 25.77 -40.88 5.84
C2' GDP EA . 27.12 -41.01 3.76
O2' GDP EA . 27.79 -40.13 4.53
C1' GDP EA . 27.91 -42.29 3.64
N9 GDP EA . 28.84 -42.26 2.46
C8 GDP EA . 28.14 -42.55 1.35
N7 GDP EA . 29.04 -42.50 0.34
C5 GDP EA . 30.24 -42.20 0.82
C6 GDP EA . 31.61 -42.01 0.17
O6 GDP EA . 31.72 -42.14 -0.98
N1 GDP EA . 32.75 -41.67 0.99
C2 GDP EA . 32.60 -41.51 2.40
N2 GDP EA . 33.78 -41.17 3.26
N3 GDP EA . 31.30 -41.70 3.01
C4 GDP EA . 30.11 -42.05 2.17
#